data_2JJ2
#
_entry.id   2JJ2
#
_cell.length_a   106.399
_cell.length_b   282.019
_cell.length_c   138.093
_cell.angle_alpha   90.00
_cell.angle_beta   90.44
_cell.angle_gamma   90.00
#
_symmetry.space_group_name_H-M   'P 1 21 1'
#
loop_
_entity.id
_entity.type
_entity.pdbx_description
1 polymer 'ATP SYNTHASE SUBUNIT ALPHA HEART ISOFORM'
2 polymer 'ATP SYNTHASE SUBUNIT BETA'
3 polymer 'ATP SYNTHASE GAMMA CHAIN'
4 non-polymer 'PHOSPHOAMINOPHOSPHONIC ACID-ADENYLATE ESTER'
5 non-polymer 'MAGNESIUM ION'
6 non-polymer GLYCEROL
7 non-polymer "ADENOSINE-5'-DIPHOSPHATE"
8 non-polymer 'AZIDE ION'
9 non-polymer 'PHOSPHATE ION'
10 non-polymer "3,5,7,3',4'-PENTAHYDROXYFLAVONE"
11 water water
#
loop_
_entity_poly.entity_id
_entity_poly.type
_entity_poly.pdbx_seq_one_letter_code
_entity_poly.pdbx_strand_id
1 'polypeptide(L)'
;EKTGTAEVSSILEERILGADTSVDLEETGRVLSIGDGIARVHGLRNVQAEEMVEFSSGLKGMSLNLEPDNVGVVVFGNDK
LIKEGDIVKRTGAIVDVPVGEELLGRVVDALGNAIDGKGPIGSKARRRVGLKAPGIIPRISVREPMQTGIKAVDSLVPIG
RGQRELIIGDRQTGKTSIAIDTIINQKRFNDGTDEKKKLYCIYVAIGQKRSTVAQLVKRLTDADAMKYTIVVSATASDAA
PLQYLAPYSGCSMGEYFRDNGKHALIIYDDLSKQAVAYRQMSLLLRRPPGREAYPGDVFYLHSRLLERAAKMNDAFGGGS
LTALPVIETQAGDVSAYIPTNVISITDGQIFLETELFYKGIRPAINVGLSVSRVGSAAQTRAMKQVAGTMKLELAQYREV
AAFAQFGSDLDAATQQLLSRGVRLTELLKQGQYSPMAIEEQVAVIYAGVRGYLDKLEPSKITKFENAFLSHVISQHQALL
SKIRTDGKISEESDAKLKEIVTNFLAGFEA
;
A,B,C,H,I,J
2 'polypeptide(L)'
;AAQASPSPKAGATTGRIVAVIGAVVDVQFDEGLPPILNALEVQGRETRLVLEVAQHLGESTVRTIAMDGTEGLVRGQKVL
DSGAPIRIPVGPETLGRIMNVIGEPIDERGPIKTKQFAAIHAEAPEFVEMSVEQEILVTGIKVVDLLAPYAKGGKIGLFG
GAGVGKTVLIMELINNVAKAHGGYSVFAGVGERTREGNDLYHEMIESGVINLKDATSKVALVYGQMNEPPGARARVALTG
LTVAEYFRDQEGQDVLLFIDNIFRFTQAGSEVSALLGRIPSAVGYQPTLATDMGTMQERITTTKKGSITSVQAIYVPADD
LTDPAPATTFAHLDATTVLSRAIAELGIYPAVDPLDSTSRIMDPNIVGSEHYDVARGVQKILQDYKSLQDIIAILGMDEL
SEEDKLTVSRARKIQRFLSQPFQVAEVFTGHLGKLVPLKETIKGFQQILAGEYDHLPEQAFYMVGPIEEAVAKADKLAEE
HS
;
D,E,F,K,L,M
3 'polypeptide(L)'
;ATLKDITRRLKSIKNIQKITKSMKMVAAAKYARAERELKPARVYGVGSLALYEKADIKTPEDKKKHLIIGVSSDRGLCGA
IHSSVAKQMKSEAANLAAAGKEVKIIGVGDKIRSILHRTHSDQFLVTFKEVGRRPPTFGDASVIALELLNSGYEFDEGSI
IFNRFRSVISYKTEEKPIFSLDTISSAESMSIYDDIDADVLRNYQEYSLANIIYYSLKESTTSEQSARMTAMDNASKNAS
EMIDKLTLTFNRTRQAVITKELIEIISGAAAL
;
G,N
#
loop_
_chem_comp.id
_chem_comp.type
_chem_comp.name
_chem_comp.formula
ADP non-polymer ADENOSINE-5'-DIPHOSPHATE 'C10 H15 N5 O10 P2'
ANP non-polymer 'PHOSPHOAMINOPHOSPHONIC ACID-ADENYLATE ESTER' 'C10 H17 N6 O12 P3'
AZI non-polymer 'AZIDE ION' 'N3 -1'
GOL non-polymer GLYCEROL 'C3 H8 O3'
MG non-polymer 'MAGNESIUM ION' 'Mg 2'
PO4 non-polymer 'PHOSPHATE ION' 'O4 P -3'
QUE non-polymer 3,5,7,3',4'-PENTAHYDROXYFLAVONE 'C15 H10 O7'
#
# COMPACT_ATOMS: atom_id res chain seq x y z
N ASP A 24 45.85 6.43 53.67
CA ASP A 24 44.45 6.72 54.09
C ASP A 24 43.72 7.61 53.07
N LEU A 25 42.95 6.98 52.18
CA LEU A 25 42.20 7.70 51.14
C LEU A 25 40.80 8.13 51.60
N GLU A 26 40.58 8.10 52.90
CA GLU A 26 39.30 8.51 53.46
C GLU A 26 39.38 9.88 54.13
N GLU A 27 40.46 10.11 54.86
CA GLU A 27 40.67 11.37 55.57
C GLU A 27 41.64 12.26 54.81
N THR A 28 42.38 11.66 53.89
CA THR A 28 43.33 12.41 53.08
C THR A 28 43.11 12.10 51.59
N GLY A 29 43.79 12.86 50.75
CA GLY A 29 43.78 12.62 49.30
C GLY A 29 45.03 13.19 48.68
N ARG A 30 45.20 12.95 47.38
CA ARG A 30 46.32 13.53 46.63
C ARG A 30 45.78 14.34 45.46
N VAL A 31 46.51 15.37 45.05
CA VAL A 31 46.08 16.21 43.93
C VAL A 31 46.37 15.53 42.59
N LEU A 32 45.33 15.31 41.80
CA LEU A 32 45.46 14.79 40.44
C LEU A 32 45.87 15.90 39.47
N SER A 33 45.14 17.01 39.53
CA SER A 33 45.36 18.15 38.63
C SER A 33 45.05 19.45 39.34
N ILE A 34 45.78 20.49 38.96
CA ILE A 34 45.61 21.81 39.56
C ILE A 34 45.83 22.89 38.51
N GLY A 35 44.87 23.81 38.44
CA GLY A 35 44.98 25.00 37.59
C GLY A 35 43.83 25.96 37.81
N ASP A 36 44.08 27.25 37.60
CA ASP A 36 43.03 28.29 37.70
C ASP A 36 42.23 28.22 39.01
N GLY A 37 42.91 27.98 40.13
CA GLY A 37 42.27 27.93 41.44
C GLY A 37 41.43 26.69 41.72
N ILE A 38 41.56 25.67 40.85
CA ILE A 38 40.83 24.41 41.01
C ILE A 38 41.79 23.23 41.13
N ALA A 39 41.75 22.57 42.28
CA ALA A 39 42.48 21.33 42.49
C ALA A 39 41.51 20.16 42.38
N ARG A 40 41.81 19.23 41.48
CA ARG A 40 41.09 17.96 41.42
C ARG A 40 41.82 16.98 42.33
N VAL A 41 41.14 16.52 43.37
CA VAL A 41 41.78 15.68 44.39
C VAL A 41 41.21 14.27 44.39
N HIS A 42 42.12 13.29 44.36
CA HIS A 42 41.78 11.88 44.44
C HIS A 42 41.68 11.45 45.89
N GLY A 43 40.68 10.63 46.22
CA GLY A 43 40.48 10.19 47.59
C GLY A 43 39.58 11.14 48.35
N LEU A 44 39.96 11.43 49.60
CA LEU A 44 39.11 12.17 50.54
C LEU A 44 37.69 11.63 50.54
N ARG A 45 37.54 10.32 50.69
CA ARG A 45 36.23 9.68 50.59
C ARG A 45 35.23 10.16 51.64
N ASN A 46 35.75 10.67 52.76
CA ASN A 46 34.89 11.13 53.85
C ASN A 46 34.62 12.63 53.95
N VAL A 47 35.19 13.44 53.05
CA VAL A 47 34.89 14.88 53.05
C VAL A 47 33.42 15.14 52.85
N GLN A 48 32.97 16.21 53.50
CA GLN A 48 31.62 16.71 53.39
C GLN A 48 31.57 17.79 52.32
N ALA A 49 30.42 17.94 51.68
CA ALA A 49 30.20 19.04 50.75
C ALA A 49 30.47 20.37 51.44
N GLU A 50 31.33 21.19 50.84
CA GLU A 50 31.69 22.56 51.31
C GLU A 50 32.66 22.58 52.51
N GLU A 51 33.36 21.47 52.72
CA GLU A 51 34.30 21.33 53.83
C GLU A 51 35.65 21.94 53.49
N MET A 52 36.25 22.61 54.47
CA MET A 52 37.57 23.20 54.35
C MET A 52 38.70 22.20 54.52
N VAL A 53 39.35 21.87 53.41
CA VAL A 53 40.52 20.98 53.44
C VAL A 53 41.83 21.77 53.41
N GLU A 54 42.94 21.08 53.59
CA GLU A 54 44.25 21.73 53.67
C GLU A 54 45.29 21.03 52.83
N PHE A 55 45.96 21.82 51.98
CA PHE A 55 47.05 21.34 51.15
C PHE A 55 48.35 21.29 51.94
N SER A 56 49.30 20.49 51.46
CA SER A 56 50.56 20.23 52.18
C SER A 56 51.40 21.48 52.39
N SER A 57 51.18 22.49 51.57
CA SER A 57 51.90 23.75 51.70
C SER A 57 51.26 24.67 52.74
N GLY A 58 50.04 24.36 53.14
CA GLY A 58 49.36 25.16 54.17
C GLY A 58 48.24 26.02 53.64
N LEU A 59 48.05 26.02 52.32
CA LEU A 59 46.91 26.68 51.72
C LEU A 59 45.64 25.92 52.06
N LYS A 60 44.57 26.66 52.30
CA LYS A 60 43.25 26.06 52.53
C LYS A 60 42.53 25.84 51.20
N GLY A 61 41.44 25.08 51.26
CA GLY A 61 40.58 24.87 50.10
C GLY A 61 39.18 24.53 50.53
N MET A 62 38.21 24.70 49.63
CA MET A 62 36.83 24.34 49.91
C MET A 62 36.33 23.32 48.91
N SER A 63 35.73 22.26 49.44
CA SER A 63 35.27 21.12 48.65
C SER A 63 33.90 21.40 48.07
N LEU A 64 33.86 22.06 46.91
CA LEU A 64 32.59 22.46 46.30
C LEU A 64 31.97 21.38 45.42
N ASN A 65 32.80 20.65 44.68
CA ASN A 65 32.33 19.51 43.90
C ASN A 65 32.81 18.19 44.50
N LEU A 66 31.86 17.34 44.90
CA LEU A 66 32.20 15.96 45.25
C LEU A 66 31.73 15.08 44.11
N GLU A 67 32.68 14.51 43.39
CA GLU A 67 32.37 13.70 42.23
C GLU A 67 32.77 12.26 42.53
N PRO A 68 32.26 11.30 41.73
CA PRO A 68 32.59 9.89 41.97
C PRO A 68 34.08 9.62 42.14
N ASP A 69 34.92 10.19 41.27
CA ASP A 69 36.33 9.84 41.22
C ASP A 69 37.31 10.96 41.58
N ASN A 70 36.77 12.10 42.02
CA ASN A 70 37.58 13.23 42.49
C ASN A 70 36.78 14.23 43.31
N VAL A 71 37.49 15.01 44.12
CA VAL A 71 36.93 16.16 44.79
C VAL A 71 37.45 17.41 44.08
N GLY A 72 36.52 18.26 43.62
CA GLY A 72 36.87 19.54 43.03
C GLY A 72 37.02 20.56 44.14
N VAL A 73 38.26 20.91 44.44
CA VAL A 73 38.57 21.84 45.53
C VAL A 73 38.93 23.24 45.03
N VAL A 74 38.31 24.23 45.66
CA VAL A 74 38.49 25.62 45.32
C VAL A 74 39.59 26.24 46.21
N VAL A 75 40.64 26.77 45.57
CA VAL A 75 41.90 27.14 46.23
C VAL A 75 41.90 28.55 46.86
N PHE A 76 42.24 28.62 48.15
CA PHE A 76 42.29 29.87 48.90
C PHE A 76 43.70 30.48 48.89
N GLY A 77 44.20 30.80 47.70
CA GLY A 77 45.55 31.36 47.54
C GLY A 77 46.12 31.09 46.16
N ASN A 78 47.42 31.31 46.01
CA ASN A 78 48.13 31.13 44.74
C ASN A 78 48.32 29.66 44.41
N ASP A 79 48.12 29.33 43.14
CA ASP A 79 48.27 27.94 42.65
C ASP A 79 49.70 27.39 42.69
N LYS A 80 50.69 28.28 42.56
CA LYS A 80 52.10 27.86 42.49
C LYS A 80 52.48 26.93 43.63
N LEU A 81 51.80 27.08 44.77
CA LEU A 81 52.08 26.30 45.97
C LEU A 81 51.49 24.88 45.99
N ILE A 82 50.76 24.52 44.95
CA ILE A 82 50.14 23.20 44.84
C ILE A 82 50.59 22.50 43.55
N LYS A 83 51.07 21.26 43.71
CA LYS A 83 51.52 20.43 42.60
C LYS A 83 50.70 19.15 42.55
N GLU A 84 50.70 18.48 41.39
CA GLU A 84 50.13 17.15 41.24
C GLU A 84 50.77 16.21 42.27
N GLY A 85 49.94 15.41 42.94
CA GLY A 85 50.43 14.46 43.93
C GLY A 85 50.65 15.02 45.32
N ASP A 86 50.25 16.27 45.54
CA ASP A 86 50.32 16.88 46.87
C ASP A 86 49.23 16.33 47.78
N ILE A 87 49.58 16.17 49.05
CA ILE A 87 48.66 15.60 50.03
C ILE A 87 47.68 16.67 50.47
N VAL A 88 46.40 16.33 50.41
CA VAL A 88 45.33 17.19 50.90
C VAL A 88 44.67 16.50 52.10
N LYS A 89 44.50 17.25 53.20
CA LYS A 89 43.97 16.69 54.44
C LYS A 89 42.67 17.36 54.86
N ARG A 90 41.69 16.57 55.28
CA ARG A 90 40.60 17.08 56.09
C ARG A 90 41.25 17.45 57.42
N THR A 91 40.82 18.58 57.99
CA THR A 91 41.45 19.03 59.25
C THR A 91 40.53 19.04 60.47
N GLY A 92 39.25 18.67 60.25
CA GLY A 92 38.23 18.87 61.25
C GLY A 92 37.91 20.36 61.33
N ALA A 93 38.25 21.06 60.25
CA ALA A 93 38.03 22.49 60.12
C ALA A 93 36.56 22.81 59.94
N ILE A 94 36.21 24.05 60.24
CA ILE A 94 34.83 24.52 60.15
C ILE A 94 34.83 26.00 59.72
N VAL A 95 34.09 26.30 58.65
CA VAL A 95 34.06 27.64 58.05
C VAL A 95 33.31 28.61 58.94
N ASP A 96 34.04 29.18 59.88
CA ASP A 96 33.50 30.13 60.84
C ASP A 96 34.42 31.32 60.96
N VAL A 97 33.88 32.41 61.48
CA VAL A 97 34.66 33.63 61.61
C VAL A 97 34.69 34.08 63.07
N PRO A 98 35.79 34.74 63.49
CA PRO A 98 35.76 35.48 64.74
C PRO A 98 34.53 36.38 64.75
N VAL A 99 33.97 36.59 65.94
CA VAL A 99 32.72 37.32 66.07
C VAL A 99 32.73 38.10 67.40
N GLY A 100 32.21 39.32 67.38
CA GLY A 100 32.10 40.10 68.61
C GLY A 100 32.55 41.55 68.50
N GLU A 101 32.51 42.25 69.64
CA GLU A 101 32.78 43.69 69.72
C GLU A 101 34.27 44.03 69.62
N GLU A 102 35.12 43.02 69.71
CA GLU A 102 36.56 43.20 69.54
C GLU A 102 36.96 43.35 68.07
N LEU A 103 36.01 43.07 67.17
CA LEU A 103 36.18 43.34 65.74
C LEU A 103 35.95 44.80 65.42
N LEU A 104 35.29 45.52 66.33
CA LEU A 104 34.99 46.94 66.13
C LEU A 104 36.27 47.75 66.09
N GLY A 105 36.37 48.62 65.09
CA GLY A 105 37.57 49.43 64.87
C GLY A 105 38.66 48.70 64.10
N ARG A 106 38.37 47.46 63.70
CA ARG A 106 39.36 46.64 63.01
C ARG A 106 39.09 46.43 61.51
N VAL A 107 40.19 46.26 60.76
CA VAL A 107 40.10 45.85 59.37
C VAL A 107 40.57 44.40 59.28
N VAL A 108 39.66 43.54 58.80
CA VAL A 108 39.91 42.11 58.62
C VAL A 108 39.68 41.66 57.18
N ASP A 109 40.25 40.51 56.84
CA ASP A 109 40.06 39.89 55.53
C ASP A 109 38.77 39.03 55.55
N ALA A 110 38.54 38.26 54.50
CA ALA A 110 37.30 37.47 54.38
C ALA A 110 37.08 36.50 55.53
N LEU A 111 38.17 36.10 56.18
CA LEU A 111 38.12 35.05 57.20
C LEU A 111 38.19 35.58 58.62
N GLY A 112 38.33 36.89 58.75
CA GLY A 112 38.36 37.54 60.05
C GLY A 112 39.76 37.80 60.58
N ASN A 113 40.77 37.58 59.76
CA ASN A 113 42.13 37.91 60.14
C ASN A 113 42.39 39.41 60.06
N ALA A 114 43.14 39.93 61.04
CA ALA A 114 43.52 41.33 61.03
C ALA A 114 44.42 41.66 59.83
N ILE A 115 44.16 42.78 59.18
CA ILE A 115 45.01 43.27 58.09
C ILE A 115 45.40 44.75 58.29
N ASP A 116 44.92 45.34 59.38
CA ASP A 116 45.29 46.70 59.76
C ASP A 116 46.63 46.74 60.47
N GLY A 117 47.13 45.55 60.82
CA GLY A 117 48.42 45.41 61.48
C GLY A 117 48.45 45.88 62.92
N LYS A 118 47.33 45.75 63.63
CA LYS A 118 47.25 46.16 65.04
C LYS A 118 47.13 44.95 65.98
N GLY A 119 47.73 43.84 65.57
CA GLY A 119 47.74 42.60 66.34
C GLY A 119 46.51 41.74 66.20
N PRO A 120 46.44 40.63 66.96
CA PRO A 120 45.32 39.69 66.92
C PRO A 120 44.01 40.31 67.38
N ILE A 121 42.91 39.88 66.76
CA ILE A 121 41.57 40.19 67.25
C ILE A 121 41.43 39.47 68.59
N GLY A 122 40.82 40.13 69.56
CA GLY A 122 40.67 39.52 70.89
C GLY A 122 39.42 38.65 71.01
N SER A 123 39.00 38.07 69.89
CA SER A 123 37.70 37.38 69.78
C SER A 123 37.49 36.27 70.80
N LYS A 124 36.33 36.29 71.45
CA LYS A 124 35.99 35.27 72.44
C LYS A 124 34.91 34.31 71.93
N ALA A 125 34.22 34.72 70.88
CA ALA A 125 33.18 33.89 70.27
C ALA A 125 33.37 33.77 68.76
N ARG A 126 32.86 32.68 68.21
CA ARG A 126 32.95 32.43 66.77
C ARG A 126 31.58 32.05 66.22
N ARG A 127 31.37 32.30 64.94
CA ARG A 127 30.13 31.95 64.28
C ARG A 127 30.40 31.47 62.87
N ARG A 128 29.67 30.45 62.45
CA ARG A 128 29.73 29.91 61.08
C ARG A 128 29.36 31.00 60.07
N VAL A 129 29.99 30.96 58.90
CA VAL A 129 29.69 31.93 57.83
C VAL A 129 28.42 31.54 57.06
N GLY A 130 28.21 30.23 56.92
CA GLY A 130 27.01 29.71 56.29
C GLY A 130 26.01 29.21 57.31
N LEU A 131 24.95 29.98 57.49
CA LEU A 131 23.87 29.65 58.44
C LEU A 131 22.53 30.09 57.87
N LYS A 132 21.49 29.33 58.20
CA LYS A 132 20.12 29.66 57.78
C LYS A 132 19.66 30.99 58.39
N ALA A 133 18.93 31.77 57.61
CA ALA A 133 18.30 33.00 58.08
C ALA A 133 17.16 32.70 59.05
N PRO A 134 16.86 33.65 59.98
CA PRO A 134 15.67 33.51 60.80
C PRO A 134 14.47 33.12 59.94
N GLY A 135 13.70 32.15 60.41
CA GLY A 135 12.48 31.74 59.73
C GLY A 135 11.42 32.84 59.75
N ILE A 136 10.21 32.46 59.39
CA ILE A 136 9.10 33.38 59.31
C ILE A 136 8.61 33.89 60.69
N ILE A 137 8.71 33.05 61.72
CA ILE A 137 8.09 33.31 63.04
C ILE A 137 8.89 34.21 64.01
N PRO A 138 10.24 34.04 64.08
CA PRO A 138 11.07 34.88 64.97
C PRO A 138 11.08 36.39 64.66
N ARG A 139 10.26 36.82 63.71
CA ARG A 139 10.30 38.20 63.24
C ARG A 139 9.06 39.03 63.62
N ILE A 140 9.25 40.34 63.67
CA ILE A 140 8.15 41.28 63.69
C ILE A 140 8.38 42.32 62.57
N SER A 141 7.32 42.99 62.13
CA SER A 141 7.42 44.08 61.15
C SER A 141 8.57 45.03 61.41
N VAL A 142 9.14 45.60 60.36
CA VAL A 142 10.17 46.65 60.47
C VAL A 142 9.50 47.95 60.90
N ARG A 143 10.00 48.53 61.99
CA ARG A 143 9.36 49.68 62.65
C ARG A 143 10.37 50.78 63.01
N GLU A 144 11.55 50.36 63.47
CA GLU A 144 12.56 51.29 63.95
C GLU A 144 13.30 51.94 62.78
N PRO A 145 13.36 53.28 62.76
CA PRO A 145 14.13 54.00 61.74
C PRO A 145 15.59 53.63 61.71
N MET A 146 16.11 53.42 60.50
CA MET A 146 17.55 53.32 60.29
C MET A 146 17.88 54.61 59.56
N GLN A 147 18.52 55.52 60.29
CA GLN A 147 18.70 56.90 59.88
C GLN A 147 20.01 57.13 59.12
N THR A 148 19.90 57.50 57.85
CA THR A 148 21.06 57.71 57.00
C THR A 148 21.65 59.12 57.12
N GLY A 149 20.82 60.06 57.55
CA GLY A 149 21.23 61.47 57.63
C GLY A 149 21.25 62.15 56.28
N ILE A 150 20.83 61.43 55.24
CA ILE A 150 20.73 61.95 53.88
C ILE A 150 19.26 62.32 53.63
N LYS A 151 19.03 63.60 53.38
CA LYS A 151 17.67 64.14 53.26
C LYS A 151 16.83 63.37 52.24
N ALA A 152 17.38 63.16 51.04
CA ALA A 152 16.69 62.44 49.96
C ALA A 152 16.19 61.07 50.41
N VAL A 153 17.04 60.34 51.14
CA VAL A 153 16.75 58.98 51.57
C VAL A 153 15.77 58.95 52.73
N ASP A 154 16.14 59.59 53.85
CA ASP A 154 15.29 59.57 55.04
C ASP A 154 13.89 60.13 54.83
N SER A 155 13.74 61.03 53.87
CA SER A 155 12.47 61.67 53.57
C SER A 155 11.65 60.86 52.57
N LEU A 156 12.30 60.43 51.49
CA LEU A 156 11.60 59.86 50.34
C LEU A 156 11.82 58.38 50.09
N VAL A 157 12.94 57.85 50.58
CA VAL A 157 13.22 56.41 50.49
C VAL A 157 13.62 55.86 51.85
N PRO A 158 12.75 56.00 52.87
CA PRO A 158 13.15 55.76 54.26
C PRO A 158 13.46 54.29 54.60
N ILE A 159 14.53 54.08 55.38
CA ILE A 159 15.02 52.74 55.70
C ILE A 159 14.78 52.34 57.17
N GLY A 160 14.32 51.11 57.37
CA GLY A 160 14.05 50.62 58.71
C GLY A 160 15.01 49.52 59.12
N ARG A 161 15.11 49.31 60.42
CA ARG A 161 15.99 48.28 60.98
C ARG A 161 15.47 46.87 60.62
N GLY A 162 16.28 46.11 59.90
CA GLY A 162 15.89 44.79 59.40
C GLY A 162 15.66 44.78 57.91
N GLN A 163 15.50 45.97 57.34
CA GLN A 163 15.27 46.12 55.91
C GLN A 163 16.50 45.73 55.09
N ARG A 164 16.26 45.28 53.86
CA ARG A 164 17.32 45.21 52.87
C ARG A 164 16.98 46.23 51.79
N GLU A 165 17.82 47.26 51.68
CA GLU A 165 17.59 48.34 50.72
C GLU A 165 18.79 48.39 49.79
N LEU A 166 18.50 48.31 48.49
CA LEU A 166 19.52 48.23 47.48
C LEU A 166 19.96 49.62 47.06
N ILE A 167 21.27 49.83 47.04
CA ILE A 167 21.91 50.98 46.42
C ILE A 167 22.42 50.53 45.04
N ILE A 168 21.95 51.20 43.99
CA ILE A 168 22.23 50.74 42.65
C ILE A 168 22.43 51.91 41.67
N GLY A 169 23.36 51.73 40.73
CA GLY A 169 23.61 52.72 39.70
C GLY A 169 24.84 52.34 38.90
N ASP A 170 25.09 53.05 37.80
CA ASP A 170 26.31 52.80 37.02
C ASP A 170 27.52 53.16 37.89
N ARG A 171 28.71 52.96 37.33
CA ARG A 171 29.95 53.27 38.03
C ARG A 171 30.02 54.76 38.40
N GLN A 172 30.62 55.05 39.55
CA GLN A 172 30.99 56.43 39.91
C GLN A 172 29.76 57.34 39.94
N THR A 173 28.64 56.80 40.41
CA THR A 173 27.43 57.61 40.56
C THR A 173 27.17 58.06 42.00
N GLY A 174 27.96 57.57 42.96
CA GLY A 174 27.83 57.97 44.36
C GLY A 174 27.38 56.88 45.32
N LYS A 175 27.59 55.62 44.93
CA LYS A 175 27.01 54.47 45.64
C LYS A 175 27.61 54.26 47.05
N THR A 176 28.94 54.21 47.11
CA THR A 176 29.68 54.03 48.38
C THR A 176 29.39 55.20 49.32
N SER A 177 29.33 56.41 48.77
CA SER A 177 29.02 57.60 49.52
C SER A 177 27.71 57.51 50.33
N ILE A 178 26.64 57.03 49.71
CA ILE A 178 25.40 56.79 50.44
C ILE A 178 25.68 55.94 51.70
N ALA A 179 26.49 54.90 51.53
CA ALA A 179 26.84 53.98 52.61
C ALA A 179 27.75 54.63 53.64
N ILE A 180 28.76 55.37 53.20
CA ILE A 180 29.70 56.01 54.14
C ILE A 180 28.97 57.02 55.03
N ASP A 181 28.17 57.89 54.41
CA ASP A 181 27.41 58.88 55.16
C ASP A 181 26.44 58.24 56.18
N THR A 182 25.82 57.14 55.79
CA THR A 182 24.99 56.35 56.70
C THR A 182 25.81 55.89 57.91
N ILE A 183 27.01 55.39 57.66
CA ILE A 183 27.87 54.89 58.74
C ILE A 183 28.31 56.03 59.64
N ILE A 184 28.73 57.13 59.01
CA ILE A 184 29.17 58.33 59.72
C ILE A 184 28.02 58.87 60.58
N ASN A 185 26.79 58.80 60.05
CA ASN A 185 25.61 59.32 60.75
C ASN A 185 25.36 58.71 62.13
N GLN A 186 25.73 57.43 62.30
CA GLN A 186 25.35 56.69 63.52
C GLN A 186 26.03 57.20 64.79
N LYS A 187 27.06 58.03 64.61
CA LYS A 187 27.83 58.60 65.70
C LYS A 187 26.94 59.36 66.67
N ARG A 188 25.99 60.14 66.15
CA ARG A 188 25.07 60.94 66.95
C ARG A 188 24.23 60.09 67.91
N PHE A 189 24.04 58.82 67.57
CA PHE A 189 23.29 57.88 68.41
C PHE A 189 24.21 57.07 69.31
N ASN A 190 25.35 56.66 68.75
CA ASN A 190 26.32 55.85 69.46
C ASN A 190 27.04 56.58 70.60
N ASP A 191 27.25 57.87 70.42
CA ASP A 191 27.74 58.74 71.49
C ASP A 191 26.68 59.02 72.54
N GLY A 192 25.41 58.85 72.16
CA GLY A 192 24.29 59.07 73.06
C GLY A 192 24.22 58.03 74.16
N THR A 193 23.10 58.02 74.89
CA THR A 193 22.93 57.15 76.05
C THR A 193 21.67 56.29 75.94
N ASP A 194 20.91 56.50 74.87
CA ASP A 194 19.81 55.60 74.49
C ASP A 194 20.42 54.42 73.73
N GLU A 195 20.23 53.21 74.28
CA GLU A 195 20.81 51.99 73.71
C GLU A 195 20.04 51.49 72.49
N LYS A 196 18.71 51.58 72.59
CA LYS A 196 17.80 51.27 71.49
C LYS A 196 18.22 51.90 70.15
N LYS A 197 18.73 53.13 70.20
CA LYS A 197 19.02 53.89 68.98
C LYS A 197 20.40 53.61 68.37
N LYS A 198 21.24 52.86 69.08
CA LYS A 198 22.62 52.65 68.63
C LYS A 198 22.72 51.66 67.48
N LEU A 199 23.74 51.85 66.65
CA LEU A 199 23.90 51.01 65.45
C LEU A 199 25.36 50.69 65.17
N TYR A 200 25.68 49.40 65.22
CA TYR A 200 26.99 48.88 64.86
C TYR A 200 27.04 48.76 63.34
N CYS A 201 28.21 49.06 62.79
CA CYS A 201 28.37 49.11 61.35
C CYS A 201 29.37 48.10 60.83
N ILE A 202 29.03 47.48 59.70
CA ILE A 202 29.90 46.52 59.04
C ILE A 202 29.99 46.89 57.56
N TYR A 203 31.18 47.22 57.12
CA TYR A 203 31.39 47.54 55.73
C TYR A 203 32.17 46.40 55.07
N VAL A 204 31.54 45.74 54.09
CA VAL A 204 32.18 44.67 53.36
C VAL A 204 32.62 45.14 51.98
N ALA A 205 33.93 45.16 51.78
CA ALA A 205 34.51 45.54 50.50
C ALA A 205 34.84 44.27 49.71
N ILE A 206 34.20 44.10 48.56
CA ILE A 206 34.41 42.92 47.73
C ILE A 206 35.00 43.37 46.40
N GLY A 207 36.19 42.89 46.08
CA GLY A 207 36.76 43.05 44.75
C GLY A 207 37.36 44.41 44.47
N GLN A 208 37.36 45.29 45.46
CA GLN A 208 37.91 46.65 45.33
C GLN A 208 39.43 46.60 45.43
N LYS A 209 40.09 47.73 45.16
CA LYS A 209 41.54 47.80 45.34
C LYS A 209 41.90 48.25 46.76
N ARG A 210 43.03 47.76 47.26
CA ARG A 210 43.43 48.02 48.63
C ARG A 210 43.52 49.49 48.97
N SER A 211 44.05 50.30 48.05
CA SER A 211 44.20 51.75 48.30
C SER A 211 42.85 52.46 48.40
N THR A 212 41.86 52.00 47.65
CA THR A 212 40.49 52.49 47.78
C THR A 212 39.89 52.18 49.16
N VAL A 213 40.17 50.99 49.66
CA VAL A 213 39.70 50.59 50.98
C VAL A 213 40.42 51.42 52.03
N ALA A 214 41.74 51.58 51.88
CA ALA A 214 42.52 52.43 52.79
C ALA A 214 41.90 53.83 52.93
N GLN A 215 41.69 54.53 51.81
CA GLN A 215 41.01 55.85 51.81
C GLN A 215 39.67 55.80 52.52
N LEU A 216 39.00 54.64 52.41
CA LEU A 216 37.70 54.41 53.02
C LEU A 216 37.86 54.45 54.54
N VAL A 217 38.75 53.60 55.06
CA VAL A 217 38.96 53.54 56.50
C VAL A 217 39.52 54.84 57.06
N LYS A 218 40.28 55.57 56.24
CA LYS A 218 40.83 56.87 56.61
C LYS A 218 39.70 57.86 56.85
N ARG A 219 38.75 57.88 55.92
CA ARG A 219 37.57 58.73 56.04
C ARG A 219 36.76 58.42 57.30
N LEU A 220 36.50 57.13 57.54
CA LEU A 220 35.74 56.70 58.71
C LEU A 220 36.49 57.01 60.01
N THR A 221 37.82 56.92 59.97
CA THR A 221 38.67 57.24 61.12
C THR A 221 38.60 58.73 61.44
N ASP A 222 38.78 59.56 60.43
CA ASP A 222 38.69 61.02 60.60
C ASP A 222 37.31 61.45 61.06
N ALA A 223 36.28 60.72 60.62
CA ALA A 223 34.91 60.98 61.04
C ALA A 223 34.65 60.42 62.43
N ASP A 224 35.63 59.71 62.98
CA ASP A 224 35.52 59.04 64.29
C ASP A 224 34.46 57.92 64.23
N ALA A 225 34.24 57.40 63.03
CA ALA A 225 33.26 56.34 62.80
C ALA A 225 33.82 54.91 62.97
N MET A 226 35.15 54.74 62.90
CA MET A 226 35.74 53.38 62.99
C MET A 226 35.47 52.64 64.30
N LYS A 227 35.39 53.38 65.41
CA LYS A 227 35.24 52.75 66.73
C LYS A 227 34.01 51.83 66.86
N TYR A 228 33.01 52.05 66.01
CA TYR A 228 31.84 51.20 65.95
C TYR A 228 31.66 50.49 64.59
N THR A 229 32.73 50.46 63.80
CA THR A 229 32.67 49.83 62.47
C THR A 229 33.65 48.66 62.35
N ILE A 230 33.17 47.56 61.79
CA ILE A 230 34.00 46.44 61.38
C ILE A 230 34.16 46.52 59.88
N VAL A 231 35.41 46.49 59.41
CA VAL A 231 35.68 46.51 57.99
C VAL A 231 36.18 45.16 57.53
N VAL A 232 35.37 44.49 56.71
CA VAL A 232 35.70 43.20 56.14
C VAL A 232 36.13 43.47 54.70
N SER A 233 37.31 42.97 54.33
CA SER A 233 37.84 43.31 53.03
C SER A 233 38.43 42.12 52.30
N ALA A 234 37.87 41.84 51.12
CA ALA A 234 38.39 40.84 50.22
C ALA A 234 38.62 41.56 48.90
N THR A 235 39.85 42.02 48.72
CA THR A 235 40.21 42.89 47.63
C THR A 235 40.58 42.15 46.34
N ALA A 236 40.84 42.94 45.29
CA ALA A 236 40.93 42.45 43.91
C ALA A 236 41.90 41.31 43.63
N SER A 237 42.94 41.21 44.46
CA SER A 237 44.01 40.21 44.30
C SER A 237 43.79 39.00 45.20
N ASP A 238 42.81 39.08 46.09
CA ASP A 238 42.44 37.92 46.92
C ASP A 238 41.77 36.88 46.05
N ALA A 239 42.00 35.60 46.36
CA ALA A 239 41.48 34.51 45.54
C ALA A 239 39.96 34.56 45.50
N ALA A 240 39.41 34.09 44.36
CA ALA A 240 37.96 34.16 44.12
C ALA A 240 37.10 33.71 45.30
N PRO A 241 37.37 32.52 45.86
CA PRO A 241 36.59 32.05 47.02
C PRO A 241 36.55 32.99 48.25
N LEU A 242 37.63 33.70 48.55
CA LEU A 242 37.59 34.67 49.65
C LEU A 242 36.60 35.81 49.38
N GLN A 243 36.56 36.27 48.13
CA GLN A 243 35.64 37.34 47.73
C GLN A 243 34.18 36.86 47.80
N TYR A 244 34.01 35.58 47.52
CA TYR A 244 32.72 34.92 47.60
C TYR A 244 32.22 34.75 49.05
N LEU A 245 33.15 34.48 49.97
CA LEU A 245 32.78 34.25 51.35
C LEU A 245 32.56 35.53 52.14
N ALA A 246 33.25 36.60 51.73
CA ALA A 246 33.35 37.83 52.51
C ALA A 246 31.99 38.38 52.96
N PRO A 247 31.02 38.51 52.04
CA PRO A 247 29.72 39.01 52.51
C PRO A 247 29.11 38.16 53.64
N TYR A 248 29.24 36.83 53.55
CA TYR A 248 28.69 35.93 54.57
C TYR A 248 29.43 36.08 55.90
N SER A 249 30.76 36.15 55.83
CA SER A 249 31.61 36.43 56.97
C SER A 249 31.18 37.70 57.70
N GLY A 250 31.08 38.80 56.95
CA GLY A 250 30.61 40.08 57.47
C GLY A 250 29.20 39.96 58.01
N CYS A 251 28.38 39.16 57.32
CA CYS A 251 27.00 38.92 57.74
C CYS A 251 26.91 38.29 59.12
N SER A 252 27.73 37.26 59.38
CA SER A 252 27.68 36.53 60.65
C SER A 252 28.17 37.40 61.80
N MET A 253 29.11 38.29 61.51
CA MET A 253 29.58 39.28 62.49
C MET A 253 28.44 40.25 62.88
N GLY A 254 27.54 40.51 61.94
CA GLY A 254 26.36 41.34 62.20
C GLY A 254 25.25 40.58 62.90
N GLU A 255 25.18 39.27 62.66
CA GLU A 255 24.17 38.43 63.29
C GLU A 255 24.43 38.30 64.78
N TYR A 256 25.70 38.28 65.17
CA TYR A 256 26.08 38.29 66.59
C TYR A 256 25.40 39.45 67.30
N PHE A 257 25.39 40.62 66.67
CA PHE A 257 24.70 41.77 67.24
C PHE A 257 23.19 41.57 67.19
N ARG A 258 22.69 41.21 66.01
CA ARG A 258 21.26 40.99 65.79
C ARG A 258 20.65 40.02 66.80
N ASP A 259 21.39 38.96 67.11
CA ASP A 259 20.93 37.87 67.97
C ASP A 259 21.07 38.15 69.47
N ASN A 260 21.69 39.28 69.81
CA ASN A 260 21.96 39.64 71.20
C ASN A 260 21.34 40.98 71.58
N GLY A 261 20.11 41.20 71.12
CA GLY A 261 19.33 42.39 71.43
C GLY A 261 19.88 43.70 70.89
N LYS A 262 20.84 43.61 69.97
CA LYS A 262 21.50 44.78 69.40
C LYS A 262 21.22 44.94 67.90
N HIS A 263 21.59 46.11 67.35
CA HIS A 263 21.26 46.46 65.98
C HIS A 263 22.52 46.66 65.17
N ALA A 264 22.54 46.10 63.96
CA ALA A 264 23.69 46.20 63.09
C ALA A 264 23.35 46.59 61.65
N LEU A 265 24.23 47.39 61.06
CA LEU A 265 24.14 47.75 59.66
C LEU A 265 25.29 47.10 58.91
N ILE A 266 24.96 46.55 57.74
CA ILE A 266 25.99 45.95 56.91
C ILE A 266 25.85 46.42 55.47
N ILE A 267 26.99 46.82 54.92
CA ILE A 267 27.07 47.27 53.54
C ILE A 267 27.84 46.19 52.79
N TYR A 268 27.26 45.71 51.69
CA TYR A 268 27.98 44.82 50.80
C TYR A 268 28.41 45.59 49.56
N ASP A 269 29.71 45.91 49.48
CA ASP A 269 30.23 46.78 48.44
C ASP A 269 31.34 46.11 47.61
N ASP A 270 31.01 45.43 46.51
CA ASP A 270 29.63 45.26 46.05
C ASP A 270 29.28 43.80 45.73
N LEU A 271 28.01 43.54 45.47
CA LEU A 271 27.55 42.19 45.24
C LEU A 271 27.75 41.82 43.78
N SER A 272 27.86 42.83 42.92
CA SER A 272 28.23 42.63 41.52
C SER A 272 29.56 41.87 41.42
N LYS A 273 30.58 42.36 42.14
CA LYS A 273 31.90 41.74 42.15
C LYS A 273 31.90 40.36 42.81
N GLN A 274 31.20 40.21 43.92
CA GLN A 274 31.03 38.88 44.52
C GLN A 274 30.50 37.85 43.52
N ALA A 275 29.44 38.22 42.77
CA ALA A 275 28.85 37.31 41.76
C ALA A 275 29.87 36.90 40.70
N VAL A 276 30.61 37.87 40.18
CA VAL A 276 31.69 37.61 39.24
C VAL A 276 32.67 36.57 39.78
N ALA A 277 33.03 36.68 41.06
CA ALA A 277 33.97 35.76 41.71
C ALA A 277 33.43 34.35 41.77
N TYR A 278 32.18 34.21 42.19
CA TYR A 278 31.50 32.91 42.22
C TYR A 278 31.32 32.33 40.82
N ARG A 279 31.03 33.18 39.84
CA ARG A 279 30.91 32.72 38.47
C ARG A 279 32.22 32.10 38.01
N GLN A 280 33.34 32.71 38.42
CA GLN A 280 34.66 32.23 38.05
C GLN A 280 34.79 30.78 38.49
N MET A 281 34.47 30.55 39.75
CA MET A 281 34.51 29.24 40.39
C MET A 281 33.59 28.22 39.70
N SER A 282 32.34 28.60 39.42
CA SER A 282 31.39 27.62 38.86
C SER A 282 31.80 27.18 37.45
N LEU A 283 32.22 28.17 36.66
CA LEU A 283 32.69 27.93 35.32
C LEU A 283 33.88 27.01 35.28
N LEU A 284 34.84 27.23 36.17
CA LEU A 284 36.06 26.46 36.21
C LEU A 284 35.85 25.06 36.82
N LEU A 285 34.85 24.95 37.71
CA LEU A 285 34.39 23.64 38.18
C LEU A 285 33.52 22.96 37.11
N ARG A 286 33.34 23.64 35.99
CA ARG A 286 32.62 23.11 34.83
C ARG A 286 31.15 22.86 35.09
N ARG A 287 30.62 23.58 36.07
CA ARG A 287 29.19 23.70 36.27
C ARG A 287 28.63 24.44 35.06
N PRO A 288 27.40 24.11 34.63
CA PRO A 288 26.80 24.68 33.43
C PRO A 288 26.62 26.20 33.51
N PRO A 289 26.97 26.92 32.41
CA PRO A 289 26.71 28.35 32.33
C PRO A 289 25.30 28.67 31.84
N GLY A 290 24.71 29.73 32.38
CA GLY A 290 23.44 30.25 31.89
C GLY A 290 23.60 31.64 31.31
N ARG A 291 22.61 32.49 31.53
CA ARG A 291 22.63 33.88 31.08
C ARG A 291 23.85 34.60 31.63
N GLU A 292 24.57 35.29 30.73
CA GLU A 292 25.80 36.03 31.10
C GLU A 292 26.81 35.09 31.76
N ALA A 293 26.69 33.80 31.44
CA ALA A 293 27.58 32.76 31.94
C ALA A 293 27.49 32.50 33.45
N TYR A 294 26.50 33.11 34.10
CA TYR A 294 26.24 32.84 35.53
C TYR A 294 25.57 31.47 35.72
N PRO A 295 25.83 30.82 36.87
CA PRO A 295 25.25 29.49 37.09
C PRO A 295 23.83 29.61 37.67
N GLY A 296 23.10 28.49 37.71
CA GLY A 296 21.71 28.47 38.16
C GLY A 296 21.48 28.72 39.65
N ASP A 297 22.56 28.70 40.44
CA ASP A 297 22.43 28.95 41.87
C ASP A 297 22.84 30.32 42.34
N VAL A 298 23.09 31.25 41.41
CA VAL A 298 23.51 32.61 41.77
C VAL A 298 22.39 33.45 42.40
N PHE A 299 21.13 33.26 41.98
CA PHE A 299 19.99 33.88 42.69
C PHE A 299 19.97 33.44 44.15
N TYR A 300 20.01 32.12 44.35
CA TYR A 300 20.12 31.45 45.63
C TYR A 300 21.31 31.98 46.46
N LEU A 301 22.49 32.07 45.85
CA LEU A 301 23.65 32.68 46.49
C LEU A 301 23.28 34.00 47.20
N HIS A 302 22.70 34.92 46.44
CA HIS A 302 22.35 36.24 46.97
C HIS A 302 21.12 36.23 47.87
N SER A 303 20.12 35.41 47.51
CA SER A 303 18.89 35.38 48.30
C SER A 303 19.15 34.90 49.71
N ARG A 304 20.02 33.91 49.87
CA ARG A 304 20.33 33.40 51.19
C ARG A 304 21.22 34.32 52.04
N LEU A 305 21.98 35.20 51.37
CA LEU A 305 22.76 36.23 52.07
C LEU A 305 21.85 37.33 52.61
N LEU A 306 20.93 37.79 51.75
CA LEU A 306 20.11 38.95 52.08
C LEU A 306 18.94 38.66 53.01
N GLU A 307 18.46 37.42 53.02
CA GLU A 307 17.39 37.05 53.96
C GLU A 307 17.88 37.03 55.41
N ARG A 308 19.20 37.03 55.62
CA ARG A 308 19.78 37.02 56.96
C ARG A 308 19.72 38.39 57.65
N ALA A 309 19.43 39.43 56.88
CA ALA A 309 18.99 40.69 57.45
C ALA A 309 17.57 40.47 57.96
N ALA A 310 17.33 40.88 59.21
CA ALA A 310 16.05 40.62 59.85
C ALA A 310 15.81 41.53 61.04
N LYS A 311 14.53 41.71 61.34
CA LYS A 311 14.07 42.36 62.55
C LYS A 311 13.51 41.24 63.43
N MET A 312 14.21 40.97 64.53
CA MET A 312 13.80 39.93 65.48
C MET A 312 12.65 40.43 66.36
N ASN A 313 11.78 39.52 66.79
CA ASN A 313 10.76 39.87 67.78
C ASN A 313 11.35 39.91 69.19
N ASP A 314 10.57 40.41 70.15
CA ASP A 314 11.06 40.61 71.53
C ASP A 314 11.46 39.32 72.23
N ALA A 315 10.74 38.23 71.94
CA ALA A 315 11.13 36.90 72.41
C ALA A 315 12.57 36.51 72.01
N PHE A 316 13.05 37.09 70.91
CA PHE A 316 14.39 36.81 70.39
C PHE A 316 15.38 37.95 70.62
N GLY A 317 15.04 38.86 71.53
CA GLY A 317 15.95 39.94 71.92
C GLY A 317 15.62 41.26 71.26
N GLY A 318 14.82 41.22 70.20
CA GLY A 318 14.42 42.42 69.46
C GLY A 318 15.52 43.08 68.63
N GLY A 319 16.66 42.41 68.51
CA GLY A 319 17.77 42.90 67.70
C GLY A 319 17.46 42.95 66.21
N SER A 320 18.41 43.45 65.43
CA SER A 320 18.19 43.62 64.00
C SER A 320 19.49 43.69 63.21
N LEU A 321 19.41 43.20 61.97
CA LEU A 321 20.47 43.39 60.99
C LEU A 321 19.87 44.03 59.74
N THR A 322 20.37 45.21 59.38
CA THR A 322 19.94 45.93 58.19
C THR A 322 21.05 45.87 57.14
N ALA A 323 20.69 45.46 55.94
CA ALA A 323 21.65 45.30 54.85
C ALA A 323 21.45 46.31 53.73
N LEU A 324 22.55 46.93 53.31
CA LEU A 324 22.55 47.79 52.15
C LEU A 324 23.45 47.18 51.06
N PRO A 325 22.92 46.25 50.28
CA PRO A 325 23.73 45.72 49.19
C PRO A 325 23.97 46.79 48.11
N VAL A 326 25.12 46.74 47.47
CA VAL A 326 25.44 47.64 46.38
C VAL A 326 25.50 46.79 45.11
N ILE A 327 24.98 47.33 44.02
CA ILE A 327 25.03 46.67 42.73
C ILE A 327 25.44 47.73 41.71
N GLU A 328 26.36 47.34 40.83
CA GLU A 328 26.80 48.19 39.75
C GLU A 328 26.06 47.77 38.49
N THR A 329 25.39 48.72 37.86
CA THR A 329 24.73 48.46 36.60
C THR A 329 25.67 48.86 35.48
N GLN A 330 25.36 48.38 34.28
CA GLN A 330 26.11 48.75 33.11
C GLN A 330 25.20 49.53 32.20
N ALA A 331 25.52 50.80 31.97
CA ALA A 331 24.74 51.67 31.08
C ALA A 331 23.27 51.64 31.45
N GLY A 332 22.98 51.66 32.75
CA GLY A 332 21.62 51.81 33.25
C GLY A 332 20.72 50.60 33.14
N ASP A 333 21.31 49.44 32.86
CA ASP A 333 20.54 48.20 32.61
C ASP A 333 20.21 47.46 33.88
N VAL A 334 19.13 47.89 34.52
CA VAL A 334 18.61 47.28 35.74
C VAL A 334 17.96 45.90 35.47
N SER A 335 17.75 45.60 34.18
CA SER A 335 17.16 44.32 33.75
C SER A 335 18.21 43.29 33.38
N ALA A 336 19.49 43.61 33.57
CA ALA A 336 20.55 42.62 33.39
C ALA A 336 20.46 41.63 34.54
N TYR A 337 21.19 40.52 34.45
CA TYR A 337 20.89 39.36 35.28
C TYR A 337 21.05 39.55 36.79
N ILE A 338 22.25 39.93 37.23
CA ILE A 338 22.49 40.10 38.67
C ILE A 338 21.65 41.25 39.27
N PRO A 339 21.60 42.43 38.58
CA PRO A 339 20.72 43.49 39.07
C PRO A 339 19.28 43.01 39.26
N THR A 340 18.72 42.30 38.25
CA THR A 340 17.38 41.72 38.35
C THR A 340 17.19 40.88 39.61
N ASN A 341 18.18 40.03 39.90
CA ASN A 341 18.12 39.17 41.07
C ASN A 341 18.06 39.97 42.35
N VAL A 342 19.02 40.86 42.55
CA VAL A 342 19.13 41.60 43.82
C VAL A 342 18.02 42.65 43.98
N ILE A 343 17.58 43.23 42.86
CA ILE A 343 16.43 44.14 42.87
C ILE A 343 15.24 43.36 43.43
N SER A 344 14.96 42.19 42.87
CA SER A 344 13.77 41.43 43.28
C SER A 344 13.86 40.86 44.70
N ILE A 345 15.06 40.56 45.16
CA ILE A 345 15.30 40.04 46.52
C ILE A 345 15.02 41.09 47.58
N THR A 346 15.45 42.32 47.32
CA THR A 346 15.48 43.37 48.34
C THR A 346 14.11 43.99 48.54
N ASP A 347 14.03 44.88 49.54
CA ASP A 347 12.79 45.52 49.97
C ASP A 347 12.58 46.86 49.30
N GLY A 348 13.51 47.22 48.43
CA GLY A 348 13.48 48.52 47.76
C GLY A 348 14.86 48.90 47.25
N GLN A 349 14.89 49.96 46.44
CA GLN A 349 16.10 50.34 45.75
C GLN A 349 16.28 51.84 45.81
N ILE A 350 17.53 52.28 45.99
CA ILE A 350 17.93 53.68 45.78
C ILE A 350 18.73 53.73 44.46
N PHE A 351 18.09 54.23 43.39
CA PHE A 351 18.70 54.33 42.06
C PHE A 351 19.51 55.61 41.88
N LEU A 352 20.78 55.50 41.53
CA LEU A 352 21.60 56.68 41.24
C LEU A 352 21.78 56.81 39.73
N GLU A 353 21.87 58.03 39.23
CA GLU A 353 22.02 58.27 37.80
C GLU A 353 23.11 59.28 37.49
N THR A 354 23.85 59.02 36.42
CA THR A 354 24.94 59.88 35.99
C THR A 354 24.45 61.27 35.57
N GLU A 355 23.32 61.32 34.89
CA GLU A 355 22.86 62.57 34.33
C GLU A 355 22.31 63.52 35.40
N LEU A 356 21.63 62.97 36.41
CA LEU A 356 21.29 63.75 37.61
C LEU A 356 22.56 64.27 38.27
N PHE A 357 23.56 63.41 38.39
CA PHE A 357 24.82 63.76 39.05
C PHE A 357 25.43 65.04 38.46
N TYR A 358 25.58 65.07 37.14
CA TYR A 358 26.19 66.23 36.48
C TYR A 358 25.26 67.43 36.32
N LYS A 359 23.95 67.20 36.38
CA LYS A 359 23.00 68.32 36.48
C LYS A 359 23.14 69.07 37.80
N GLY A 360 23.92 68.52 38.73
CA GLY A 360 24.10 69.11 40.05
C GLY A 360 23.23 68.50 41.14
N ILE A 361 22.33 67.59 40.74
CA ILE A 361 21.54 66.80 41.68
C ILE A 361 22.50 65.81 42.34
N ARG A 362 22.98 66.16 43.53
CA ARG A 362 23.89 65.31 44.29
C ARG A 362 23.47 65.37 45.75
N PRO A 363 23.18 64.21 46.38
CA PRO A 363 23.26 62.83 45.88
C PRO A 363 22.40 62.59 44.63
N ALA A 364 22.92 61.80 43.70
CA ALA A 364 22.31 61.63 42.39
C ALA A 364 21.09 60.69 42.40
N ILE A 365 20.30 60.77 43.48
CA ILE A 365 19.17 59.86 43.65
C ILE A 365 18.01 60.19 42.69
N ASN A 366 17.56 59.18 41.94
CA ASN A 366 16.32 59.32 41.20
C ASN A 366 15.16 59.08 42.15
N VAL A 367 14.44 60.15 42.47
CA VAL A 367 13.38 60.12 43.46
C VAL A 367 12.11 59.51 42.88
N GLY A 368 11.97 59.60 41.57
CA GLY A 368 10.84 59.04 40.85
C GLY A 368 10.87 57.52 40.85
N LEU A 369 12.08 56.95 40.79
CA LEU A 369 12.24 55.51 40.63
C LEU A 369 12.56 54.77 41.92
N SER A 370 13.30 55.43 42.82
CA SER A 370 13.68 54.82 44.09
C SER A 370 12.48 54.51 44.96
N VAL A 371 12.58 53.46 45.74
CA VAL A 371 11.45 53.05 46.55
C VAL A 371 11.88 52.29 47.79
N SER A 372 11.18 52.52 48.89
CA SER A 372 11.30 51.67 50.05
C SER A 372 9.91 51.11 50.25
N ARG A 373 9.79 49.79 50.27
CA ARG A 373 8.48 49.17 50.46
C ARG A 373 8.09 49.12 51.94
N VAL A 374 9.07 49.28 52.82
CA VAL A 374 8.76 49.48 54.23
C VAL A 374 8.08 50.85 54.41
N GLY A 375 8.76 51.93 53.99
CA GLY A 375 8.13 53.25 53.86
C GLY A 375 7.88 53.98 55.16
N SER A 376 6.69 54.55 55.30
CA SER A 376 6.26 55.26 56.51
C SER A 376 6.55 54.52 57.80
N ALA A 377 6.35 53.20 57.79
CA ALA A 377 6.62 52.35 58.95
C ALA A 377 8.01 52.59 59.56
N ALA A 378 8.94 53.12 58.77
CA ALA A 378 10.31 53.40 59.23
C ALA A 378 10.63 54.90 59.38
N GLN A 379 9.62 55.75 59.35
CA GLN A 379 9.81 57.18 59.59
C GLN A 379 9.28 57.61 60.97
N THR A 380 9.87 58.65 61.54
CA THR A 380 9.33 59.29 62.75
C THR A 380 8.24 60.27 62.32
N ARG A 381 7.30 60.58 63.23
CA ARG A 381 6.15 61.43 62.91
C ARG A 381 6.53 62.81 62.35
N ALA A 382 7.63 63.37 62.85
CA ALA A 382 8.14 64.67 62.38
C ALA A 382 8.45 64.63 60.89
N MET A 383 9.29 63.67 60.49
CA MET A 383 9.63 63.48 59.09
C MET A 383 8.40 63.07 58.30
N LYS A 384 7.66 62.09 58.83
CA LYS A 384 6.45 61.57 58.21
C LYS A 384 5.59 62.72 57.67
N GLN A 385 5.35 63.70 58.54
CA GLN A 385 4.57 64.89 58.23
C GLN A 385 5.05 65.58 56.95
N VAL A 386 6.17 66.29 57.05
CA VAL A 386 6.74 67.10 55.95
C VAL A 386 7.11 66.30 54.68
N ALA A 387 7.42 65.02 54.85
CA ALA A 387 7.88 64.18 53.74
C ALA A 387 6.76 63.81 52.77
N GLY A 388 5.55 63.61 53.30
CA GLY A 388 4.37 63.32 52.49
C GLY A 388 4.06 64.44 51.52
N THR A 389 4.17 65.68 52.00
CA THR A 389 3.89 66.86 51.18
C THR A 389 4.94 67.05 50.11
N MET A 390 6.19 66.84 50.47
CA MET A 390 7.30 66.88 49.54
C MET A 390 7.16 65.82 48.45
N LYS A 391 6.82 64.59 48.83
CA LYS A 391 6.62 63.50 47.88
C LYS A 391 5.57 63.87 46.84
N LEU A 392 4.43 64.36 47.33
CA LEU A 392 3.32 64.76 46.48
C LEU A 392 3.72 65.89 45.53
N GLU A 393 4.31 66.94 46.08
CA GLU A 393 4.66 68.12 45.31
C GLU A 393 5.78 67.88 44.30
N LEU A 394 6.70 66.96 44.62
CA LEU A 394 7.70 66.51 43.66
C LEU A 394 7.07 65.67 42.55
N ALA A 395 6.13 64.81 42.93
CA ALA A 395 5.42 63.99 41.93
C ALA A 395 4.60 64.88 40.99
N GLN A 396 3.90 65.86 41.54
CA GLN A 396 3.19 66.87 40.74
C GLN A 396 4.17 67.66 39.87
N TYR A 397 5.35 67.93 40.41
CA TYR A 397 6.41 68.61 39.66
C TYR A 397 6.85 67.77 38.45
N ARG A 398 7.09 66.47 38.67
CA ARG A 398 7.58 65.56 37.64
C ARG A 398 6.70 65.50 36.40
N GLU A 399 5.39 65.65 36.59
CA GLU A 399 4.43 65.62 35.49
C GLU A 399 4.56 66.83 34.57
N VAL A 400 4.85 67.98 35.17
CA VAL A 400 4.90 69.26 34.46
C VAL A 400 6.34 69.67 34.14
N ALA A 401 7.31 68.88 34.62
CA ALA A 401 8.74 69.22 34.54
C ALA A 401 9.25 69.62 33.16
N ALA A 402 8.59 69.13 32.11
CA ALA A 402 9.01 69.38 30.74
C ALA A 402 8.41 70.67 30.16
N PHE A 403 7.47 71.25 30.89
CA PHE A 403 6.83 72.51 30.49
C PHE A 403 7.71 73.70 30.90
N ALA A 404 8.82 73.42 31.57
CA ALA A 404 9.68 74.45 32.15
C ALA A 404 10.49 75.27 31.13
N GLN A 405 11.55 74.65 30.61
CA GLN A 405 12.47 75.29 29.67
C GLN A 405 11.77 75.71 28.37
N PHE A 406 10.63 75.07 28.09
CA PHE A 406 9.81 75.37 26.92
C PHE A 406 8.46 75.95 27.34
N GLY A 407 8.49 76.83 28.33
CA GLY A 407 7.29 77.48 28.82
C GLY A 407 7.52 78.91 29.28
N SER A 408 6.85 79.83 28.61
CA SER A 408 6.85 81.24 29.01
C SER A 408 5.41 81.69 29.26
N ASP A 409 4.49 81.09 28.49
CA ASP A 409 3.07 81.41 28.55
C ASP A 409 2.30 80.32 29.29
N LEU A 410 2.72 80.06 30.53
CA LEU A 410 2.06 79.06 31.36
C LEU A 410 1.05 79.72 32.27
N ASP A 411 0.04 78.97 32.69
CA ASP A 411 -0.90 79.41 33.72
C ASP A 411 -0.19 79.38 35.06
N ALA A 412 -0.60 80.26 35.97
CA ALA A 412 0.03 80.37 37.29
C ALA A 412 -0.03 79.10 38.13
N ALA A 413 -1.03 78.26 37.87
CA ALA A 413 -1.18 76.98 38.57
C ALA A 413 0.00 76.05 38.28
N THR A 414 0.37 75.93 37.01
CA THR A 414 1.52 75.10 36.62
C THR A 414 2.87 75.83 36.75
N GLN A 415 2.83 77.16 36.78
CA GLN A 415 4.02 77.98 37.09
C GLN A 415 4.43 77.73 38.55
N GLN A 416 3.43 77.59 39.41
CA GLN A 416 3.63 77.33 40.84
C GLN A 416 4.20 75.95 41.10
N LEU A 417 3.62 74.94 40.45
CA LEU A 417 4.08 73.55 40.60
C LEU A 417 5.54 73.41 40.20
N LEU A 418 5.93 74.11 39.13
CA LEU A 418 7.31 74.14 38.67
C LEU A 418 8.22 74.81 39.67
N SER A 419 7.83 76.01 40.12
CA SER A 419 8.58 76.77 41.13
C SER A 419 8.78 75.98 42.41
N ARG A 420 7.69 75.44 42.96
CA ARG A 420 7.78 74.65 44.18
C ARG A 420 8.66 73.41 43.95
N GLY A 421 8.54 72.82 42.76
CA GLY A 421 9.30 71.65 42.39
C GLY A 421 10.80 71.87 42.32
N VAL A 422 11.23 72.92 41.61
CA VAL A 422 12.68 73.18 41.47
C VAL A 422 13.32 73.45 42.82
N ARG A 423 12.51 73.98 43.74
CA ARG A 423 12.98 74.39 45.05
C ARG A 423 13.13 73.24 46.05
N LEU A 424 12.20 72.30 46.03
CA LEU A 424 12.33 71.09 46.85
C LEU A 424 13.50 70.24 46.35
N THR A 425 13.67 70.20 45.03
CA THR A 425 14.80 69.52 44.39
C THR A 425 16.13 70.06 44.91
N GLU A 426 16.22 71.38 45.09
CA GLU A 426 17.41 72.02 45.65
C GLU A 426 17.63 71.64 47.12
N LEU A 427 16.55 71.43 47.85
CA LEU A 427 16.64 71.08 49.27
C LEU A 427 17.07 69.62 49.49
N LEU A 428 16.94 68.81 48.44
CA LEU A 428 17.36 67.41 48.50
C LEU A 428 18.85 67.26 48.21
N LYS A 429 19.45 68.26 47.57
CA LYS A 429 20.89 68.32 47.40
C LYS A 429 21.57 68.35 48.77
N GLN A 430 22.72 67.69 48.86
CA GLN A 430 23.39 67.57 50.13
C GLN A 430 24.85 67.33 49.89
N GLY A 431 25.67 67.92 50.76
CA GLY A 431 27.10 67.71 50.70
C GLY A 431 27.44 66.32 51.20
N GLN A 432 28.64 65.89 50.89
CA GLN A 432 29.15 64.59 51.33
C GLN A 432 29.74 64.73 52.73
N TYR A 433 29.71 63.63 53.48
CA TYR A 433 30.37 63.52 54.81
C TYR A 433 29.74 64.36 55.91
N SER A 434 28.57 64.94 55.62
CA SER A 434 27.81 65.69 56.60
C SER A 434 26.35 65.25 56.63
N PRO A 435 26.06 64.08 57.23
CA PRO A 435 24.70 63.62 57.43
C PRO A 435 23.98 64.48 58.47
N MET A 436 22.67 64.60 58.32
CA MET A 436 21.91 65.47 59.21
C MET A 436 21.06 64.71 60.21
N ALA A 437 20.79 65.34 61.35
CA ALA A 437 19.84 64.81 62.32
C ALA A 437 18.45 64.98 61.74
N ILE A 438 17.54 64.08 62.10
CA ILE A 438 16.21 64.09 61.51
C ILE A 438 15.49 65.43 61.69
N GLU A 439 15.69 66.07 62.85
CA GLU A 439 15.03 67.34 63.17
C GLU A 439 15.63 68.50 62.37
N GLU A 440 16.91 68.40 62.03
CA GLU A 440 17.56 69.37 61.12
C GLU A 440 16.99 69.21 59.71
N GLN A 441 16.70 67.96 59.34
CA GLN A 441 16.14 67.65 58.01
C GLN A 441 14.74 68.20 57.85
N VAL A 442 13.89 67.95 58.85
CA VAL A 442 12.49 68.43 58.83
C VAL A 442 12.41 69.96 58.84
N ALA A 443 13.33 70.61 59.54
CA ALA A 443 13.41 72.07 59.60
C ALA A 443 13.70 72.64 58.20
N VAL A 444 14.61 71.99 57.49
CA VAL A 444 14.97 72.40 56.13
C VAL A 444 13.81 72.15 55.16
N ILE A 445 13.24 70.96 55.19
CA ILE A 445 12.12 70.62 54.32
C ILE A 445 10.91 71.52 54.62
N TYR A 446 10.68 71.81 55.90
CA TYR A 446 9.63 72.74 56.33
C TYR A 446 9.69 74.03 55.49
N ALA A 447 10.88 74.61 55.39
CA ALA A 447 11.07 75.86 54.66
C ALA A 447 10.55 75.78 53.22
N GLY A 448 10.78 74.63 52.59
CA GLY A 448 10.39 74.40 51.21
C GLY A 448 8.92 74.09 51.05
N VAL A 449 8.43 73.12 51.81
CA VAL A 449 7.04 72.67 51.72
C VAL A 449 6.02 73.70 52.17
N ARG A 450 6.45 74.67 52.96
CA ARG A 450 5.56 75.72 53.43
C ARG A 450 5.61 76.95 52.53
N GLY A 451 6.50 76.89 51.53
CA GLY A 451 6.53 77.89 50.47
C GLY A 451 7.38 79.11 50.75
N TYR A 452 8.20 79.05 51.80
CA TYR A 452 9.04 80.19 52.16
C TYR A 452 10.15 80.48 51.17
N LEU A 453 10.50 79.51 50.35
CA LEU A 453 11.61 79.69 49.41
C LEU A 453 11.14 79.86 47.96
N ASP A 454 9.82 80.00 47.77
CA ASP A 454 9.22 80.09 46.43
C ASP A 454 9.68 81.29 45.60
N LYS A 455 9.98 82.40 46.26
CA LYS A 455 10.43 83.62 45.58
C LYS A 455 11.95 83.75 45.55
N LEU A 456 12.63 82.93 46.35
CA LEU A 456 14.08 82.83 46.35
C LEU A 456 14.55 82.22 45.04
N GLU A 457 15.61 82.78 44.46
CA GLU A 457 16.16 82.30 43.20
C GLU A 457 16.74 80.89 43.42
N PRO A 458 16.53 79.97 42.45
CA PRO A 458 16.96 78.57 42.59
C PRO A 458 18.43 78.41 42.99
N SER A 459 19.31 79.21 42.37
CA SER A 459 20.74 79.10 42.61
C SER A 459 21.16 79.41 44.05
N LYS A 460 20.30 80.13 44.76
CA LYS A 460 20.63 80.63 46.10
C LYS A 460 20.16 79.70 47.22
N ILE A 461 19.45 78.62 46.88
CA ILE A 461 18.83 77.74 47.87
C ILE A 461 19.84 76.97 48.73
N THR A 462 20.90 76.47 48.11
CA THR A 462 21.92 75.70 48.82
C THR A 462 22.66 76.57 49.83
N LYS A 463 22.99 77.79 49.42
CA LYS A 463 23.57 78.80 50.30
C LYS A 463 22.59 79.12 51.43
N PHE A 464 21.31 79.26 51.09
CA PHE A 464 20.28 79.56 52.08
C PHE A 464 20.20 78.48 53.15
N GLU A 465 20.14 77.22 52.71
CA GLU A 465 19.98 76.11 53.64
C GLU A 465 21.13 76.05 54.62
N ASN A 466 22.36 76.01 54.09
CA ASN A 466 23.57 75.98 54.91
C ASN A 466 23.50 77.03 56.00
N ALA A 467 23.27 78.28 55.58
CA ALA A 467 23.20 79.42 56.49
C ALA A 467 22.05 79.27 57.48
N PHE A 468 20.87 78.92 56.95
CA PHE A 468 19.67 78.78 57.78
C PHE A 468 19.84 77.71 58.84
N LEU A 469 20.46 76.61 58.45
CA LEU A 469 20.69 75.48 59.33
C LEU A 469 21.75 75.81 60.37
N SER A 470 22.83 76.48 59.95
CA SER A 470 23.86 76.95 60.87
C SER A 470 23.24 77.82 61.95
N HIS A 471 22.23 78.59 61.54
CA HIS A 471 21.54 79.49 62.45
C HIS A 471 20.72 78.70 63.45
N VAL A 472 19.79 77.87 62.98
CA VAL A 472 18.92 77.10 63.87
C VAL A 472 19.70 76.21 64.83
N ILE A 473 20.84 75.67 64.36
CA ILE A 473 21.73 74.88 65.21
C ILE A 473 22.39 75.74 66.29
N SER A 474 22.87 76.92 65.91
CA SER A 474 23.53 77.82 66.87
C SER A 474 22.55 78.37 67.90
N GLN A 475 21.45 78.95 67.44
CA GLN A 475 20.58 79.75 68.30
C GLN A 475 19.23 79.11 68.69
N HIS A 476 18.88 77.98 68.09
CA HIS A 476 17.58 77.38 68.37
C HIS A 476 17.64 75.88 68.68
N GLN A 477 18.65 75.53 69.47
CA GLN A 477 18.89 74.16 69.91
C GLN A 477 17.67 73.59 70.61
N ALA A 478 16.98 74.44 71.38
CA ALA A 478 15.74 74.08 72.08
C ALA A 478 14.57 73.82 71.13
N LEU A 479 14.52 74.55 70.02
CA LEU A 479 13.51 74.32 68.98
C LEU A 479 13.78 72.99 68.29
N LEU A 480 15.05 72.71 68.05
CA LEU A 480 15.47 71.43 67.50
C LEU A 480 15.29 70.34 68.56
N SER A 481 15.52 70.70 69.82
CA SER A 481 15.29 69.81 70.96
C SER A 481 13.82 69.44 71.07
N LYS A 482 12.94 70.41 70.80
CA LYS A 482 11.49 70.21 70.85
C LYS A 482 10.97 69.29 69.76
N ILE A 483 11.32 69.59 68.50
CA ILE A 483 10.86 68.79 67.36
C ILE A 483 11.20 67.32 67.58
N ARG A 484 12.31 67.07 68.27
CA ARG A 484 12.70 65.72 68.64
C ARG A 484 11.80 65.19 69.76
N THR A 485 11.77 65.89 70.90
CA THR A 485 10.94 65.52 72.06
C THR A 485 9.45 65.33 71.72
N ASP A 486 8.87 66.29 71.00
CA ASP A 486 7.45 66.26 70.64
C ASP A 486 7.12 65.16 69.65
N GLY A 487 8.13 64.71 68.91
CA GLY A 487 7.94 63.68 67.89
C GLY A 487 7.47 64.26 66.58
N LYS A 488 6.97 65.50 66.60
CA LYS A 488 6.55 66.22 65.41
C LYS A 488 6.76 67.72 65.52
N ILE A 489 6.11 68.47 64.63
CA ILE A 489 6.09 69.92 64.71
C ILE A 489 4.73 70.32 65.28
N SER A 490 4.73 70.73 66.55
CA SER A 490 3.51 71.20 67.22
C SER A 490 3.13 72.58 66.67
N GLU A 491 1.97 73.07 67.08
CA GLU A 491 1.52 74.42 66.70
C GLU A 491 2.51 75.48 67.18
N GLU A 492 3.09 75.22 68.35
CA GLU A 492 4.07 76.09 68.98
C GLU A 492 5.40 76.10 68.21
N SER A 493 5.87 74.92 67.82
CA SER A 493 7.07 74.78 66.99
C SER A 493 6.86 75.37 65.60
N ASP A 494 5.66 75.19 65.07
CA ASP A 494 5.27 75.75 63.77
C ASP A 494 5.36 77.27 63.79
N ALA A 495 4.77 77.87 64.82
CA ALA A 495 4.82 79.31 65.02
C ALA A 495 6.26 79.81 65.07
N LYS A 496 7.09 79.11 65.85
CA LYS A 496 8.51 79.44 66.01
C LYS A 496 9.19 79.51 64.66
N LEU A 497 9.01 78.44 63.88
CA LEU A 497 9.66 78.28 62.58
C LEU A 497 9.24 79.36 61.59
N LYS A 498 7.92 79.63 61.56
CA LYS A 498 7.35 80.68 60.73
C LYS A 498 8.12 81.98 60.89
N GLU A 499 8.36 82.37 62.14
CA GLU A 499 9.03 83.64 62.42
C GLU A 499 10.55 83.57 62.24
N ILE A 500 11.14 82.41 62.49
CA ILE A 500 12.56 82.23 62.21
C ILE A 500 12.83 82.35 60.70
N VAL A 501 12.05 81.61 59.91
CA VAL A 501 12.26 81.55 58.47
C VAL A 501 12.01 82.89 57.78
N THR A 502 10.87 83.51 58.06
CA THR A 502 10.46 84.74 57.40
C THR A 502 11.51 85.83 57.60
N ASN A 503 11.84 86.08 58.86
CA ASN A 503 12.83 87.09 59.23
C ASN A 503 14.21 86.76 58.68
N PHE A 504 14.59 85.49 58.74
CA PHE A 504 15.85 85.05 58.18
C PHE A 504 15.88 85.32 56.67
N LEU A 505 14.84 84.90 55.98
CA LEU A 505 14.77 85.06 54.53
C LEU A 505 14.85 86.53 54.12
N ALA A 506 14.12 87.38 54.85
CA ALA A 506 14.18 88.82 54.66
C ALA A 506 15.62 89.31 54.77
N GLY A 507 16.31 88.89 55.84
CA GLY A 507 17.71 89.23 56.06
C GLY A 507 18.60 88.73 54.94
N PHE A 508 18.27 87.53 54.45
CA PHE A 508 19.03 86.85 53.39
C PHE A 508 19.02 87.66 52.10
N GLU A 509 17.84 88.16 51.72
CA GLU A 509 17.69 88.92 50.48
C GLU A 509 17.89 90.43 50.62
N ALA A 510 18.53 90.84 51.72
CA ALA A 510 18.73 92.26 52.01
C ALA A 510 19.77 92.90 51.09
N VAL B 23 15.21 -12.33 26.95
CA VAL B 23 16.48 -12.89 26.38
C VAL B 23 16.89 -12.20 25.06
N ASP B 24 15.91 -11.92 24.20
CA ASP B 24 16.16 -11.47 22.82
C ASP B 24 16.56 -9.99 22.76
N LEU B 25 17.71 -9.72 22.12
CA LEU B 25 18.19 -8.35 21.96
C LEU B 25 18.05 -7.84 20.52
N GLU B 26 17.25 -8.55 19.71
CA GLU B 26 17.03 -8.16 18.33
C GLU B 26 15.67 -7.50 18.17
N GLU B 27 14.68 -8.01 18.88
CA GLU B 27 13.33 -7.46 18.83
C GLU B 27 13.01 -6.73 20.13
N THR B 28 13.99 -6.71 21.02
CA THR B 28 13.82 -6.20 22.36
C THR B 28 15.09 -5.48 22.81
N GLY B 29 14.91 -4.46 23.64
CA GLY B 29 16.02 -3.80 24.29
C GLY B 29 15.70 -3.45 25.72
N ARG B 30 16.71 -2.95 26.43
CA ARG B 30 16.54 -2.51 27.81
C ARG B 30 17.06 -1.07 27.98
N VAL B 31 16.32 -0.26 28.74
CA VAL B 31 16.64 1.15 28.89
C VAL B 31 17.94 1.35 29.66
N LEU B 32 18.88 2.03 29.02
CA LEU B 32 20.18 2.35 29.60
C LEU B 32 20.06 3.59 30.49
N SER B 33 19.38 4.61 29.97
CA SER B 33 19.20 5.89 30.66
C SER B 33 17.97 6.61 30.14
N ILE B 34 17.40 7.47 30.97
CA ILE B 34 16.22 8.23 30.60
C ILE B 34 16.25 9.52 31.39
N GLY B 35 16.04 10.66 30.74
CA GLY B 35 16.19 11.92 31.45
C GLY B 35 15.77 13.21 30.78
N ASP B 36 16.15 13.36 29.51
CA ASP B 36 15.84 14.59 28.77
C ASP B 36 14.76 14.31 27.74
N GLY B 37 13.75 13.53 28.12
CA GLY B 37 12.69 13.09 27.19
C GLY B 37 13.15 12.08 26.15
N ILE B 38 14.45 11.73 26.23
CA ILE B 38 15.05 10.73 25.36
C ILE B 38 15.53 9.53 26.18
N ALA B 39 15.10 8.34 25.77
CA ALA B 39 15.55 7.08 26.33
C ALA B 39 16.65 6.48 25.47
N ARG B 40 17.77 6.13 26.10
CA ARG B 40 18.83 5.41 25.41
C ARG B 40 18.63 3.94 25.71
N VAL B 41 18.58 3.12 24.66
CA VAL B 41 18.21 1.72 24.77
C VAL B 41 19.29 0.81 24.21
N HIS B 42 19.67 -0.18 25.01
CA HIS B 42 20.57 -1.26 24.60
C HIS B 42 19.77 -2.34 23.89
N GLY B 43 20.36 -2.94 22.86
CA GLY B 43 19.71 -3.97 22.08
C GLY B 43 18.91 -3.38 20.94
N LEU B 44 17.73 -3.96 20.69
CA LEU B 44 16.89 -3.59 19.55
C LEU B 44 17.67 -3.65 18.24
N ARG B 45 18.53 -4.66 18.11
CA ARG B 45 19.48 -4.73 16.98
C ARG B 45 18.80 -4.70 15.61
N ASN B 46 17.51 -4.98 15.59
CA ASN B 46 16.77 -5.09 14.34
C ASN B 46 15.80 -3.95 14.02
N VAL B 47 15.70 -2.93 14.89
CA VAL B 47 14.79 -1.81 14.64
C VAL B 47 15.17 -1.03 13.41
N GLN B 48 14.14 -0.51 12.75
CA GLN B 48 14.29 0.44 11.66
C GLN B 48 14.36 1.85 12.25
N ALA B 49 15.01 2.76 11.52
CA ALA B 49 14.96 4.18 11.84
C ALA B 49 13.51 4.63 11.70
N GLU B 50 13.02 5.34 12.71
CA GLU B 50 11.67 5.89 12.74
C GLU B 50 10.58 4.84 12.95
N GLU B 51 10.95 3.72 13.55
CA GLU B 51 10.02 2.66 13.86
C GLU B 51 9.45 2.91 15.25
N MET B 52 8.15 2.71 15.40
CA MET B 52 7.49 2.80 16.70
C MET B 52 7.96 1.64 17.58
N VAL B 53 8.32 1.95 18.82
CA VAL B 53 8.66 0.93 19.80
C VAL B 53 7.74 1.10 21.00
N GLU B 54 7.64 0.06 21.81
CA GLU B 54 6.70 0.06 22.92
C GLU B 54 7.44 -0.21 24.20
N PHE B 55 7.10 0.54 25.24
CA PHE B 55 7.68 0.35 26.56
C PHE B 55 6.76 -0.52 27.39
N SER B 56 7.33 -1.22 28.37
CA SER B 56 6.57 -2.12 29.24
C SER B 56 5.42 -1.40 29.93
N SER B 57 5.62 -0.11 30.19
CA SER B 57 4.63 0.73 30.83
C SER B 57 3.44 1.16 29.94
N GLY B 58 3.40 0.67 28.70
CA GLY B 58 2.34 1.02 27.75
C GLY B 58 2.66 2.18 26.82
N LEU B 59 3.64 2.99 27.20
CA LEU B 59 4.10 4.15 26.41
C LEU B 59 4.69 3.75 25.09
N LYS B 60 4.39 4.53 24.06
CA LYS B 60 4.96 4.32 22.74
C LYS B 60 6.13 5.28 22.57
N GLY B 61 7.08 4.90 21.72
CA GLY B 61 8.23 5.74 21.40
C GLY B 61 8.64 5.60 19.95
N MET B 62 9.57 6.43 19.51
CA MET B 62 10.04 6.39 18.13
C MET B 62 11.56 6.27 18.09
N SER B 63 12.04 5.23 17.40
CA SER B 63 13.46 5.05 17.17
C SER B 63 13.98 6.23 16.39
N LEU B 64 14.80 7.05 17.03
CA LEU B 64 15.28 8.26 16.37
C LEU B 64 16.70 8.07 15.91
N ASN B 65 17.56 7.78 16.90
CA ASN B 65 19.00 7.62 16.73
C ASN B 65 19.37 6.15 16.74
N LEU B 66 19.92 5.65 15.63
CA LEU B 66 20.51 4.30 15.62
C LEU B 66 22.03 4.43 15.66
N GLU B 67 22.61 4.04 16.79
CA GLU B 67 24.04 4.16 16.99
C GLU B 67 24.63 2.77 17.23
N PRO B 68 25.95 2.61 17.07
CA PRO B 68 26.55 1.28 17.26
C PRO B 68 26.19 0.59 18.58
N ASP B 69 26.05 1.35 19.66
CA ASP B 69 25.84 0.76 20.99
C ASP B 69 24.48 1.02 21.62
N ASN B 70 23.63 1.80 20.97
CA ASN B 70 22.32 2.13 21.54
C ASN B 70 21.32 2.71 20.55
N VAL B 71 20.05 2.70 20.93
CA VAL B 71 18.99 3.38 20.21
C VAL B 71 18.51 4.59 21.04
N GLY B 72 18.53 5.79 20.45
CA GLY B 72 17.86 6.93 21.05
C GLY B 72 16.38 6.88 20.68
N VAL B 73 15.52 6.90 21.69
CA VAL B 73 14.08 6.81 21.45
C VAL B 73 13.37 8.07 21.96
N VAL B 74 12.60 8.70 21.08
CA VAL B 74 11.71 9.81 21.41
C VAL B 74 10.45 9.25 22.07
N VAL B 75 10.15 9.68 23.28
CA VAL B 75 9.02 9.12 24.04
C VAL B 75 7.76 9.91 23.81
N PHE B 76 6.72 9.24 23.32
CA PHE B 76 5.44 9.91 23.07
C PHE B 76 4.56 9.88 24.32
N GLY B 77 4.98 10.63 25.33
CA GLY B 77 4.32 10.65 26.62
C GLY B 77 5.28 11.02 27.73
N ASN B 78 4.83 10.79 28.97
CA ASN B 78 5.54 11.22 30.17
C ASN B 78 6.68 10.26 30.50
N ASP B 79 7.92 10.70 30.34
CA ASP B 79 9.08 9.84 30.60
C ASP B 79 9.41 9.61 32.07
N LYS B 80 8.51 10.04 32.97
CA LYS B 80 8.60 9.67 34.39
C LYS B 80 8.24 8.20 34.55
N LEU B 81 7.51 7.66 33.57
CA LEU B 81 7.00 6.29 33.61
C LEU B 81 8.05 5.27 33.16
N ILE B 82 9.14 5.75 32.58
CA ILE B 82 10.23 4.90 32.09
C ILE B 82 11.42 4.94 33.05
N LYS B 83 12.01 3.78 33.29
CA LYS B 83 13.13 3.63 34.22
C LYS B 83 14.24 2.86 33.52
N GLU B 84 15.47 3.02 34.01
CA GLU B 84 16.57 2.17 33.59
C GLU B 84 16.22 0.70 33.87
N GLY B 85 16.35 -0.15 32.86
CA GLY B 85 15.99 -1.56 33.00
C GLY B 85 14.70 -1.91 32.27
N ASP B 86 13.76 -0.96 32.24
CA ASP B 86 12.49 -1.16 31.55
C ASP B 86 12.69 -1.82 30.19
N ILE B 87 11.85 -2.79 29.88
CA ILE B 87 11.95 -3.53 28.63
C ILE B 87 11.25 -2.74 27.53
N VAL B 88 11.81 -2.83 26.33
CA VAL B 88 11.30 -2.10 25.17
C VAL B 88 11.19 -3.11 24.03
N LYS B 89 10.05 -3.12 23.35
CA LYS B 89 9.82 -4.05 22.25
C LYS B 89 9.62 -3.33 20.93
N ARG B 90 10.17 -3.89 19.85
CA ARG B 90 9.86 -3.45 18.50
C ARG B 90 8.37 -3.60 18.20
N THR B 91 7.85 -2.77 17.31
CA THR B 91 6.50 -2.97 16.78
C THR B 91 6.59 -3.37 15.32
N GLY B 92 7.75 -3.10 14.71
CA GLY B 92 7.98 -3.42 13.31
C GLY B 92 7.40 -2.40 12.35
N ALA B 93 6.75 -1.37 12.90
CA ALA B 93 5.99 -0.41 12.12
C ALA B 93 6.60 0.97 12.21
N ILE B 94 6.98 1.53 11.06
CA ILE B 94 7.38 2.94 10.97
C ILE B 94 6.21 3.74 11.53
N VAL B 95 6.52 4.71 12.39
CA VAL B 95 5.49 5.47 13.09
C VAL B 95 4.29 5.76 12.17
N ASP B 96 3.13 5.24 12.54
CA ASP B 96 1.91 5.46 11.79
C ASP B 96 0.72 5.71 12.71
N VAL B 97 -0.41 6.08 12.12
CA VAL B 97 -1.63 6.37 12.88
C VAL B 97 -2.85 5.75 12.22
N PRO B 98 -3.92 5.52 12.99
CA PRO B 98 -5.18 5.04 12.42
C PRO B 98 -5.79 6.11 11.53
N VAL B 99 -6.38 5.67 10.44
CA VAL B 99 -6.86 6.57 9.39
C VAL B 99 -8.27 6.16 8.98
N GLY B 100 -8.99 7.02 8.25
CA GLY B 100 -10.29 6.63 7.70
C GLY B 100 -11.47 7.39 8.28
N GLU B 101 -12.68 7.04 7.82
CA GLU B 101 -13.90 7.78 8.13
C GLU B 101 -14.46 7.55 9.54
N GLU B 102 -13.93 6.56 10.25
CA GLU B 102 -14.41 6.25 11.60
C GLU B 102 -13.97 7.28 12.64
N LEU B 103 -12.93 8.06 12.31
CA LEU B 103 -12.43 9.10 13.19
C LEU B 103 -13.35 10.31 13.20
N LEU B 104 -14.21 10.41 12.19
CA LEU B 104 -15.17 11.51 12.10
C LEU B 104 -16.05 11.52 13.36
N GLY B 105 -16.16 12.69 13.98
CA GLY B 105 -16.89 12.82 15.23
C GLY B 105 -16.12 12.45 16.48
N ARG B 106 -14.87 11.99 16.31
CA ARG B 106 -14.03 11.57 17.43
C ARG B 106 -13.01 12.62 17.83
N VAL B 107 -12.70 12.64 19.12
CA VAL B 107 -11.56 13.40 19.64
C VAL B 107 -10.47 12.38 19.96
N VAL B 108 -9.32 12.54 19.33
CA VAL B 108 -8.20 11.64 19.56
C VAL B 108 -6.96 12.41 19.98
N ASP B 109 -5.99 11.68 20.52
CA ASP B 109 -4.70 12.26 20.86
C ASP B 109 -3.77 12.16 19.65
N ALA B 110 -2.49 12.48 19.86
CA ALA B 110 -1.48 12.50 18.81
C ALA B 110 -1.26 11.15 18.12
N LEU B 111 -1.58 10.07 18.84
CA LEU B 111 -1.34 8.71 18.35
C LEU B 111 -2.59 8.06 17.73
N GLY B 112 -3.71 8.76 17.81
CA GLY B 112 -4.97 8.23 17.33
C GLY B 112 -5.82 7.56 18.39
N ASN B 113 -5.30 7.48 19.63
CA ASN B 113 -6.07 6.96 20.75
C ASN B 113 -7.22 7.89 21.08
N ALA B 114 -8.43 7.36 21.16
CA ALA B 114 -9.62 8.13 21.56
C ALA B 114 -9.45 8.73 22.95
N ILE B 115 -9.94 9.95 23.11
CA ILE B 115 -9.87 10.65 24.39
C ILE B 115 -11.23 11.24 24.78
N ASP B 116 -12.24 10.98 23.95
CA ASP B 116 -13.61 11.45 24.22
C ASP B 116 -14.44 10.43 25.00
N GLY B 117 -13.82 9.33 25.39
CA GLY B 117 -14.48 8.27 26.17
C GLY B 117 -15.66 7.59 25.51
N LYS B 118 -15.69 7.57 24.18
CA LYS B 118 -16.77 6.93 23.41
C LYS B 118 -16.33 5.59 22.82
N GLY B 119 -15.35 4.96 23.47
CA GLY B 119 -14.85 3.66 23.02
C GLY B 119 -13.80 3.70 21.94
N PRO B 120 -13.36 2.53 21.45
CA PRO B 120 -12.30 2.39 20.45
C PRO B 120 -12.70 2.94 19.08
N ILE B 121 -11.70 3.28 18.26
CA ILE B 121 -11.96 3.69 16.89
C ILE B 121 -12.08 2.41 16.05
N GLY B 122 -13.17 2.30 15.30
CA GLY B 122 -13.35 1.17 14.42
C GLY B 122 -12.55 1.33 13.16
N SER B 123 -11.27 1.66 13.32
CA SER B 123 -10.40 1.99 12.18
C SER B 123 -9.83 0.74 11.56
N LYS B 124 -9.90 0.67 10.24
CA LYS B 124 -9.43 -0.49 9.48
C LYS B 124 -8.08 -0.21 8.85
N ALA B 125 -7.92 0.99 8.29
CA ALA B 125 -6.66 1.37 7.64
C ALA B 125 -5.70 2.14 8.58
N ARG B 126 -4.43 2.13 8.23
CA ARG B 126 -3.43 2.90 8.96
C ARG B 126 -2.50 3.56 7.96
N ARG B 127 -1.79 4.60 8.41
CA ARG B 127 -0.93 5.39 7.53
C ARG B 127 0.21 6.04 8.30
N ARG B 128 1.41 5.97 7.71
CA ARG B 128 2.60 6.61 8.25
C ARG B 128 2.43 8.12 8.41
N VAL B 129 3.01 8.68 9.48
CA VAL B 129 2.95 10.12 9.75
C VAL B 129 3.96 10.88 8.92
N GLY B 130 5.02 10.21 8.48
CA GLY B 130 6.15 10.82 7.78
C GLY B 130 6.13 10.82 6.27
N LEU B 131 5.02 10.35 5.68
CA LEU B 131 4.88 10.24 4.24
C LEU B 131 5.24 11.51 3.50
N LYS B 132 6.08 11.38 2.47
CA LYS B 132 6.47 12.50 1.61
C LYS B 132 5.25 13.01 0.84
N ALA B 133 5.23 14.32 0.58
CA ALA B 133 4.11 14.95 -0.12
C ALA B 133 4.08 14.54 -1.60
N PRO B 134 2.87 14.53 -2.20
CA PRO B 134 2.80 14.39 -3.66
C PRO B 134 3.82 15.27 -4.39
N GLY B 135 4.43 14.70 -5.43
CA GLY B 135 5.34 15.44 -6.29
C GLY B 135 4.60 16.36 -7.25
N ILE B 136 5.29 16.71 -8.33
CA ILE B 136 4.80 17.65 -9.33
C ILE B 136 3.62 17.11 -10.18
N ILE B 137 3.77 15.90 -10.71
CA ILE B 137 2.83 15.35 -11.67
C ILE B 137 1.40 15.13 -11.14
N PRO B 138 1.23 14.56 -9.92
CA PRO B 138 -0.13 14.27 -9.42
C PRO B 138 -1.03 15.50 -9.15
N ARG B 139 -0.49 16.69 -9.32
CA ARG B 139 -1.20 17.89 -8.89
C ARG B 139 -1.85 18.64 -10.04
N ILE B 140 -2.72 19.58 -9.68
CA ILE B 140 -3.20 20.61 -10.59
C ILE B 140 -3.53 21.87 -9.78
N SER B 141 -3.48 23.04 -10.40
CA SER B 141 -3.77 24.30 -9.70
C SER B 141 -5.15 24.30 -9.06
N VAL B 142 -5.28 24.94 -7.90
CA VAL B 142 -6.54 24.92 -7.15
C VAL B 142 -7.64 25.65 -7.92
N ARG B 143 -8.87 25.16 -7.78
CA ARG B 143 -9.94 25.56 -8.67
C ARG B 143 -11.33 25.31 -8.08
N GLU B 144 -11.37 24.61 -6.96
CA GLU B 144 -12.62 24.43 -6.25
C GLU B 144 -12.65 25.39 -5.07
N PRO B 145 -13.73 26.16 -4.96
CA PRO B 145 -13.88 27.05 -3.81
C PRO B 145 -13.85 26.27 -2.50
N MET B 146 -13.13 26.81 -1.52
CA MET B 146 -13.19 26.35 -0.15
C MET B 146 -13.85 27.51 0.58
N GLN B 147 -15.15 27.41 0.80
CA GLN B 147 -15.90 28.55 1.32
C GLN B 147 -15.77 28.61 2.83
N THR B 148 -15.33 29.76 3.35
CA THR B 148 -15.23 29.96 4.78
C THR B 148 -16.61 30.36 5.34
N GLY B 149 -17.39 31.08 4.53
CA GLY B 149 -18.60 31.71 5.01
C GLY B 149 -18.33 33.08 5.60
N ILE B 150 -17.04 33.46 5.63
CA ILE B 150 -16.64 34.76 6.15
C ILE B 150 -16.53 35.77 5.01
N LYS B 151 -17.42 36.76 5.03
CA LYS B 151 -17.51 37.78 3.98
C LYS B 151 -16.13 38.30 3.54
N ALA B 152 -15.31 38.74 4.50
CA ALA B 152 -14.00 39.34 4.22
C ALA B 152 -13.03 38.37 3.55
N VAL B 153 -13.03 37.12 4.02
CA VAL B 153 -12.16 36.11 3.44
C VAL B 153 -12.64 35.66 2.06
N ASP B 154 -13.92 35.30 1.95
CA ASP B 154 -14.46 34.72 0.73
C ASP B 154 -14.41 35.72 -0.43
N SER B 155 -14.46 36.99 -0.10
CA SER B 155 -14.39 38.05 -1.10
C SER B 155 -12.97 38.55 -1.38
N LEU B 156 -12.21 38.84 -0.32
CA LEU B 156 -10.90 39.48 -0.47
C LEU B 156 -9.72 38.52 -0.52
N VAL B 157 -9.88 37.37 0.13
CA VAL B 157 -8.78 36.41 0.27
C VAL B 157 -9.31 35.00 -0.01
N PRO B 158 -9.87 34.78 -1.22
CA PRO B 158 -10.53 33.50 -1.51
C PRO B 158 -9.56 32.34 -1.35
N ILE B 159 -10.04 31.24 -0.76
CA ILE B 159 -9.26 30.03 -0.60
C ILE B 159 -9.73 28.94 -1.59
N GLY B 160 -8.77 28.21 -2.16
CA GLY B 160 -9.05 27.08 -3.05
C GLY B 160 -8.79 25.76 -2.34
N ARG B 161 -9.45 24.69 -2.81
CA ARG B 161 -9.26 23.36 -2.22
C ARG B 161 -7.91 22.80 -2.65
N GLY B 162 -7.06 22.52 -1.67
CA GLY B 162 -5.69 22.06 -1.92
C GLY B 162 -4.68 23.16 -1.59
N GLN B 163 -5.20 24.34 -1.28
CA GLN B 163 -4.38 25.51 -0.94
C GLN B 163 -3.90 25.44 0.50
N ARG B 164 -2.83 26.17 0.77
CA ARG B 164 -2.36 26.42 2.13
C ARG B 164 -2.49 27.92 2.36
N GLU B 165 -3.26 28.30 3.37
CA GLU B 165 -3.44 29.71 3.70
C GLU B 165 -3.13 29.88 5.17
N LEU B 166 -2.05 30.59 5.48
CA LEU B 166 -1.70 30.91 6.87
C LEU B 166 -2.73 31.86 7.48
N ILE B 167 -3.13 31.60 8.71
CA ILE B 167 -3.88 32.56 9.52
C ILE B 167 -2.91 33.05 10.58
N ILE B 168 -2.67 34.36 10.63
CA ILE B 168 -1.54 34.89 11.42
C ILE B 168 -1.86 36.19 12.16
N GLY B 169 -1.42 36.27 13.42
CA GLY B 169 -1.59 37.49 14.22
C GLY B 169 -1.30 37.26 15.70
N ASP B 170 -1.32 38.33 16.47
CA ASP B 170 -1.01 38.25 17.90
C ASP B 170 -1.99 37.36 18.64
N ARG B 171 -1.71 37.10 19.91
CA ARG B 171 -2.66 36.37 20.73
C ARG B 171 -3.99 37.11 20.75
N GLN B 172 -5.09 36.36 20.80
CA GLN B 172 -6.43 36.93 20.92
C GLN B 172 -6.74 37.94 19.83
N THR B 173 -6.56 37.53 18.56
CA THR B 173 -6.96 38.38 17.43
C THR B 173 -8.07 37.77 16.59
N GLY B 174 -8.53 36.58 16.98
CA GLY B 174 -9.63 35.90 16.30
C GLY B 174 -9.16 34.86 15.30
N LYS B 175 -7.95 34.33 15.52
CA LYS B 175 -7.36 33.37 14.60
C LYS B 175 -8.15 32.07 14.54
N THR B 176 -8.36 31.46 15.70
CA THR B 176 -9.12 30.22 15.81
C THR B 176 -10.56 30.39 15.28
N SER B 177 -11.15 31.55 15.55
CA SER B 177 -12.52 31.81 15.10
C SER B 177 -12.68 31.74 13.59
N ILE B 178 -11.66 32.19 12.84
CA ILE B 178 -11.71 32.06 11.39
C ILE B 178 -11.82 30.58 11.01
N ALA B 179 -10.99 29.76 11.65
CA ALA B 179 -11.03 28.31 11.42
C ALA B 179 -12.37 27.66 11.79
N ILE B 180 -12.94 28.06 12.93
CA ILE B 180 -14.18 27.46 13.45
C ILE B 180 -15.39 27.78 12.59
N ASP B 181 -15.52 29.04 12.19
CA ASP B 181 -16.59 29.43 11.31
C ASP B 181 -16.50 28.76 9.96
N THR B 182 -15.27 28.42 9.54
CA THR B 182 -15.01 27.70 8.30
C THR B 182 -15.44 26.23 8.40
N ILE B 183 -15.17 25.61 9.54
CA ILE B 183 -15.58 24.23 9.77
C ILE B 183 -17.11 24.18 9.75
N ILE B 184 -17.72 25.00 10.61
CA ILE B 184 -19.17 25.10 10.76
C ILE B 184 -19.85 25.37 9.43
N ASN B 185 -19.24 26.22 8.60
CA ASN B 185 -19.77 26.55 7.28
C ASN B 185 -20.08 25.35 6.41
N GLN B 186 -19.27 24.29 6.52
CA GLN B 186 -19.34 23.16 5.58
C GLN B 186 -20.63 22.36 5.69
N LYS B 187 -21.37 22.50 6.79
CA LYS B 187 -22.62 21.77 6.98
C LYS B 187 -23.57 21.88 5.79
N ARG B 188 -23.65 23.06 5.19
CA ARG B 188 -24.52 23.29 4.04
C ARG B 188 -24.20 22.38 2.85
N PHE B 189 -22.91 22.10 2.67
CA PHE B 189 -22.44 21.24 1.58
C PHE B 189 -22.53 19.78 1.99
N ASN B 190 -22.15 19.51 3.24
CA ASN B 190 -22.09 18.16 3.79
C ASN B 190 -23.45 17.53 4.07
N ASP B 191 -24.49 18.34 4.17
CA ASP B 191 -25.84 17.82 4.35
C ASP B 191 -26.54 17.51 3.02
N GLY B 192 -26.12 18.19 1.95
CA GLY B 192 -26.63 17.93 0.61
C GLY B 192 -26.17 16.60 0.05
N THR B 193 -26.45 16.35 -1.23
CA THR B 193 -26.08 15.08 -1.87
C THR B 193 -24.83 15.15 -2.75
N ASP B 194 -24.57 16.34 -3.31
CA ASP B 194 -23.38 16.62 -4.13
C ASP B 194 -22.10 16.28 -3.37
N GLU B 195 -21.49 15.15 -3.72
CA GLU B 195 -20.29 14.65 -3.04
C GLU B 195 -19.02 15.46 -3.31
N LYS B 196 -18.97 16.11 -4.48
CA LYS B 196 -17.83 16.96 -4.85
C LYS B 196 -17.73 18.18 -3.95
N LYS B 197 -18.88 18.72 -3.56
CA LYS B 197 -18.94 19.93 -2.76
C LYS B 197 -18.74 19.69 -1.26
N LYS B 198 -18.63 18.42 -0.85
CA LYS B 198 -18.41 18.11 0.56
C LYS B 198 -16.97 18.36 1.02
N LEU B 199 -16.83 18.76 2.29
CA LEU B 199 -15.51 18.99 2.88
C LEU B 199 -15.42 18.42 4.29
N TYR B 200 -14.58 17.40 4.46
CA TYR B 200 -14.33 16.83 5.78
C TYR B 200 -13.28 17.64 6.50
N CYS B 201 -13.41 17.73 7.82
CA CYS B 201 -12.63 18.67 8.58
C CYS B 201 -11.80 18.01 9.65
N ILE B 202 -10.58 18.54 9.81
CA ILE B 202 -9.67 18.09 10.85
C ILE B 202 -9.10 19.30 11.58
N TYR B 203 -9.31 19.31 12.90
CA TYR B 203 -8.78 20.35 13.74
C TYR B 203 -7.69 19.74 14.62
N VAL B 204 -6.46 20.22 14.46
CA VAL B 204 -5.34 19.74 15.25
C VAL B 204 -5.01 20.79 16.30
N ALA B 205 -5.15 20.41 17.57
CA ALA B 205 -4.90 21.33 18.67
C ALA B 205 -3.51 21.08 19.24
N ILE B 206 -2.63 22.06 19.11
CA ILE B 206 -1.25 21.90 19.58
C ILE B 206 -0.88 22.95 20.63
N GLY B 207 -0.62 22.49 21.85
CA GLY B 207 -0.20 23.37 22.93
C GLY B 207 -1.30 24.12 23.64
N GLN B 208 -2.50 24.13 23.06
CA GLN B 208 -3.68 24.81 23.65
C GLN B 208 -4.06 24.32 25.03
N LYS B 209 -4.92 25.07 25.69
CA LYS B 209 -5.56 24.59 26.91
C LYS B 209 -6.57 23.49 26.56
N ARG B 210 -6.58 22.43 27.35
CA ARG B 210 -7.51 21.32 27.18
C ARG B 210 -8.98 21.77 27.30
N SER B 211 -9.25 22.76 28.15
CA SER B 211 -10.59 23.31 28.31
C SER B 211 -11.02 24.00 27.04
N THR B 212 -10.08 24.69 26.41
CA THR B 212 -10.34 25.41 25.16
C THR B 212 -10.78 24.43 24.09
N VAL B 213 -10.12 23.28 24.03
CA VAL B 213 -10.42 22.22 23.08
C VAL B 213 -11.76 21.55 23.41
N ALA B 214 -11.99 21.27 24.69
CA ALA B 214 -13.25 20.68 25.15
C ALA B 214 -14.41 21.60 24.81
N GLN B 215 -14.20 22.91 24.98
CA GLN B 215 -15.20 23.91 24.67
C GLN B 215 -15.45 24.00 23.18
N LEU B 216 -14.40 23.73 22.41
CA LEU B 216 -14.44 23.81 20.96
C LEU B 216 -15.28 22.69 20.33
N VAL B 217 -15.06 21.44 20.75
CA VAL B 217 -15.86 20.34 20.24
C VAL B 217 -17.31 20.45 20.69
N LYS B 218 -17.51 21.08 21.85
CA LYS B 218 -18.85 21.43 22.32
C LYS B 218 -19.52 22.36 21.33
N ARG B 219 -18.80 23.42 20.95
CA ARG B 219 -19.29 24.38 19.97
C ARG B 219 -19.61 23.72 18.61
N LEU B 220 -18.77 22.79 18.17
CA LEU B 220 -18.97 22.10 16.88
C LEU B 220 -20.13 21.14 16.95
N THR B 221 -20.28 20.49 18.11
CA THR B 221 -21.41 19.60 18.37
C THR B 221 -22.74 20.36 18.29
N ASP B 222 -22.86 21.47 19.04
CA ASP B 222 -24.06 22.33 19.02
C ASP B 222 -24.42 22.76 17.59
N ALA B 223 -23.40 23.04 16.78
CA ALA B 223 -23.61 23.45 15.39
C ALA B 223 -23.80 22.24 14.47
N ASP B 224 -23.81 21.04 15.08
CA ASP B 224 -23.86 19.76 14.35
C ASP B 224 -22.80 19.71 13.24
N ALA B 225 -21.59 20.09 13.60
CA ALA B 225 -20.46 20.14 12.67
C ALA B 225 -19.45 19.05 13.01
N MET B 226 -19.57 18.53 14.21
CA MET B 226 -18.64 17.55 14.75
C MET B 226 -18.68 16.24 13.99
N LYS B 227 -19.87 15.89 13.47
CA LYS B 227 -20.08 14.62 12.74
C LYS B 227 -19.16 14.44 11.53
N TYR B 228 -18.68 15.54 10.97
CA TYR B 228 -17.76 15.50 9.83
C TYR B 228 -16.37 16.06 10.19
N THR B 229 -16.00 15.95 11.46
CA THR B 229 -14.77 16.56 11.97
C THR B 229 -13.92 15.58 12.77
N ILE B 230 -12.61 15.53 12.49
CA ILE B 230 -11.67 14.84 13.36
C ILE B 230 -10.92 15.90 14.18
N VAL B 231 -10.81 15.67 15.48
CA VAL B 231 -10.07 16.55 16.38
C VAL B 231 -8.87 15.77 16.92
N VAL B 232 -7.67 16.29 16.65
CA VAL B 232 -6.43 15.70 17.15
C VAL B 232 -5.89 16.64 18.22
N SER B 233 -5.52 16.10 19.37
CA SER B 233 -5.27 16.95 20.51
C SER B 233 -4.01 16.60 21.29
N ALA B 234 -3.06 17.52 21.25
CA ALA B 234 -1.86 17.46 22.08
C ALA B 234 -1.73 18.82 22.74
N THR B 235 -2.27 18.93 23.95
CA THR B 235 -2.41 20.22 24.61
C THR B 235 -1.23 20.58 25.56
N ALA B 236 -1.37 21.69 26.29
CA ALA B 236 -0.26 22.29 27.05
C ALA B 236 0.47 21.37 28.03
N SER B 237 -0.22 20.38 28.58
CA SER B 237 0.38 19.41 29.51
C SER B 237 0.82 18.11 28.84
N ASP B 238 0.46 17.93 27.55
CA ASP B 238 1.00 16.81 26.79
C ASP B 238 2.47 17.03 26.48
N ALA B 239 3.26 15.96 26.57
CA ALA B 239 4.71 16.06 26.40
C ALA B 239 5.06 16.56 25.01
N ALA B 240 6.15 17.31 24.94
CA ALA B 240 6.60 17.98 23.72
C ALA B 240 6.55 17.11 22.44
N PRO B 241 7.06 15.86 22.49
CA PRO B 241 6.94 14.96 21.32
C PRO B 241 5.50 14.68 20.89
N LEU B 242 4.55 14.73 21.81
CA LEU B 242 3.15 14.58 21.43
C LEU B 242 2.65 15.81 20.68
N GLN B 243 3.10 16.98 21.14
CA GLN B 243 2.74 18.23 20.46
C GLN B 243 3.39 18.33 19.09
N TYR B 244 4.64 17.89 18.99
CA TYR B 244 5.38 17.77 17.74
C TYR B 244 4.69 16.83 16.75
N LEU B 245 4.35 15.63 17.20
CA LEU B 245 3.73 14.63 16.33
C LEU B 245 2.36 15.03 15.77
N ALA B 246 1.52 15.63 16.61
CA ALA B 246 0.09 15.83 16.34
C ALA B 246 -0.28 16.38 14.95
N PRO B 247 0.43 17.41 14.45
CA PRO B 247 0.11 17.88 13.09
C PRO B 247 0.26 16.79 12.02
N TYR B 248 1.34 16.01 12.07
CA TYR B 248 1.60 14.99 11.08
C TYR B 248 0.54 13.92 11.15
N SER B 249 0.14 13.54 12.37
CA SER B 249 -0.91 12.55 12.54
C SER B 249 -2.22 12.99 11.88
N GLY B 250 -2.70 14.18 12.19
CA GLY B 250 -3.89 14.72 11.57
C GLY B 250 -3.78 14.88 10.05
N CYS B 251 -2.58 15.21 9.59
CA CYS B 251 -2.27 15.36 8.18
C CYS B 251 -2.44 14.02 7.47
N SER B 252 -1.94 12.96 8.10
CA SER B 252 -2.10 11.61 7.56
C SER B 252 -3.58 11.27 7.40
N MET B 253 -4.35 11.47 8.48
CA MET B 253 -5.79 11.33 8.44
C MET B 253 -6.44 12.15 7.33
N GLY B 254 -5.86 13.32 7.03
CA GLY B 254 -6.33 14.19 5.96
C GLY B 254 -6.01 13.62 4.59
N GLU B 255 -4.82 13.02 4.48
CA GLU B 255 -4.35 12.47 3.22
C GLU B 255 -5.19 11.29 2.78
N TYR B 256 -5.76 10.56 3.74
CA TYR B 256 -6.76 9.53 3.46
C TYR B 256 -7.84 10.00 2.49
N PHE B 257 -8.38 11.18 2.74
CA PHE B 257 -9.42 11.76 1.91
C PHE B 257 -8.86 12.28 0.60
N ARG B 258 -7.72 12.97 0.67
CA ARG B 258 -7.04 13.56 -0.49
C ARG B 258 -6.78 12.52 -1.58
N ASP B 259 -6.44 11.31 -1.17
CA ASP B 259 -6.07 10.28 -2.12
C ASP B 259 -7.25 9.45 -2.59
N ASN B 260 -8.35 9.46 -1.84
CA ASN B 260 -9.53 8.68 -2.20
C ASN B 260 -10.64 9.50 -2.86
N GLY B 261 -10.27 10.47 -3.70
CA GLY B 261 -11.23 11.33 -4.40
C GLY B 261 -12.12 12.24 -3.55
N LYS B 262 -11.70 12.49 -2.31
CA LYS B 262 -12.45 13.36 -1.42
C LYS B 262 -11.67 14.62 -1.02
N HIS B 263 -12.36 15.54 -0.36
CA HIS B 263 -11.78 16.82 0.02
C HIS B 263 -11.82 16.97 1.52
N ALA B 264 -10.67 17.32 2.07
CA ALA B 264 -10.51 17.53 3.50
C ALA B 264 -9.85 18.88 3.77
N LEU B 265 -10.08 19.38 4.97
CA LEU B 265 -9.55 20.63 5.43
C LEU B 265 -8.92 20.34 6.78
N ILE B 266 -7.70 20.82 6.97
CA ILE B 266 -6.98 20.64 8.23
C ILE B 266 -6.50 21.96 8.80
N ILE B 267 -6.57 22.05 10.11
CA ILE B 267 -6.20 23.26 10.82
C ILE B 267 -5.14 22.87 11.81
N TYR B 268 -4.00 23.56 11.75
CA TYR B 268 -2.92 23.36 12.69
C TYR B 268 -2.96 24.53 13.62
N ASP B 269 -3.49 24.31 14.81
CA ASP B 269 -3.72 25.38 15.76
C ASP B 269 -3.01 25.10 17.08
N ASP B 270 -1.76 25.55 17.22
CA ASP B 270 -1.05 26.32 16.19
C ASP B 270 0.40 25.85 15.97
N LEU B 271 0.97 26.21 14.83
CA LEU B 271 2.35 25.84 14.53
C LEU B 271 3.42 26.57 15.36
N SER B 272 3.09 27.75 15.91
CA SER B 272 3.97 28.45 16.85
C SER B 272 4.26 27.56 18.06
N LYS B 273 3.21 26.97 18.63
CA LYS B 273 3.36 26.10 19.80
C LYS B 273 4.04 24.79 19.45
N GLN B 274 3.81 24.31 18.22
CA GLN B 274 4.54 23.14 17.72
C GLN B 274 6.05 23.39 17.63
N ALA B 275 6.44 24.45 16.93
CA ALA B 275 7.85 24.81 16.82
C ALA B 275 8.51 24.93 18.21
N VAL B 276 7.79 25.47 19.18
CA VAL B 276 8.32 25.61 20.57
C VAL B 276 8.68 24.21 21.12
N ALA B 277 7.69 23.31 21.10
CA ALA B 277 7.84 21.89 21.44
C ALA B 277 9.01 21.22 20.75
N TYR B 278 9.13 21.44 19.44
CA TYR B 278 10.27 20.92 18.69
C TYR B 278 11.61 21.50 19.17
N ARG B 279 11.64 22.81 19.46
CA ARG B 279 12.82 23.48 20.03
C ARG B 279 13.19 22.86 21.37
N GLN B 280 12.19 22.57 22.20
CA GLN B 280 12.43 21.87 23.46
C GLN B 280 13.15 20.55 23.20
N MET B 281 12.61 19.75 22.28
CA MET B 281 13.22 18.45 21.94
C MET B 281 14.64 18.61 21.41
N SER B 282 14.82 19.54 20.47
CA SER B 282 16.11 19.76 19.82
C SER B 282 17.15 20.22 20.81
N LEU B 283 16.76 21.09 21.74
CA LEU B 283 17.70 21.61 22.76
C LEU B 283 18.08 20.52 23.76
N LEU B 284 17.09 19.76 24.20
CA LEU B 284 17.35 18.63 25.08
C LEU B 284 18.21 17.58 24.39
N LEU B 285 18.12 17.50 23.07
CA LEU B 285 19.05 16.68 22.28
C LEU B 285 20.40 17.34 22.02
N ARG B 286 20.57 18.57 22.49
CA ARG B 286 21.83 19.31 22.36
C ARG B 286 22.18 19.64 20.91
N ARG B 287 21.15 19.83 20.09
CA ARG B 287 21.34 20.30 18.73
C ARG B 287 21.72 21.78 18.83
N PRO B 288 22.65 22.25 17.99
CA PRO B 288 23.06 23.66 18.08
C PRO B 288 21.92 24.65 17.83
N PRO B 289 21.63 25.52 18.82
CA PRO B 289 20.56 26.48 18.62
C PRO B 289 20.96 27.59 17.66
N GLY B 290 20.00 28.11 16.91
CA GLY B 290 20.27 29.20 16.01
C GLY B 290 19.47 30.44 16.37
N ARG B 291 18.88 31.05 15.35
CA ARG B 291 18.07 32.22 15.51
C ARG B 291 16.87 31.90 16.41
N GLU B 292 16.73 32.71 17.46
CA GLU B 292 15.79 32.49 18.57
C GLU B 292 15.92 31.11 19.20
N ALA B 293 17.16 30.61 19.23
CA ALA B 293 17.46 29.29 19.82
C ALA B 293 16.74 28.14 19.13
N TYR B 294 16.19 28.38 17.95
CA TYR B 294 15.56 27.32 17.15
C TYR B 294 16.61 26.51 16.38
N PRO B 295 16.32 25.21 16.12
CA PRO B 295 17.24 24.38 15.33
C PRO B 295 17.17 24.71 13.84
N GLY B 296 18.22 24.38 13.11
CA GLY B 296 18.31 24.65 11.69
C GLY B 296 17.22 24.03 10.86
N ASP B 297 16.61 22.96 11.37
CA ASP B 297 15.58 22.22 10.63
C ASP B 297 14.16 22.61 11.02
N VAL B 298 14.02 23.75 11.68
CA VAL B 298 12.71 24.19 12.11
C VAL B 298 11.85 24.66 10.92
N PHE B 299 12.47 25.14 9.84
CA PHE B 299 11.71 25.40 8.59
C PHE B 299 11.20 24.09 7.97
N TYR B 300 12.08 23.10 7.89
CA TYR B 300 11.76 21.81 7.29
C TYR B 300 10.63 21.12 8.09
N LEU B 301 10.67 21.28 9.41
CA LEU B 301 9.57 20.87 10.30
C LEU B 301 8.20 21.22 9.72
N HIS B 302 8.04 22.47 9.27
CA HIS B 302 6.75 22.97 8.76
C HIS B 302 6.62 22.76 7.26
N SER B 303 7.73 22.80 6.52
CA SER B 303 7.64 22.68 5.07
C SER B 303 7.13 21.30 4.64
N ARG B 304 7.75 20.24 5.13
CA ARG B 304 7.30 18.89 4.78
C ARG B 304 5.84 18.63 5.11
N LEU B 305 5.39 19.14 6.26
CA LEU B 305 4.01 19.02 6.70
C LEU B 305 3.03 19.73 5.76
N LEU B 306 3.34 20.99 5.46
CA LEU B 306 2.42 21.82 4.71
C LEU B 306 2.41 21.52 3.21
N GLU B 307 3.46 20.89 2.71
CA GLU B 307 3.54 20.44 1.32
C GLU B 307 2.53 19.32 1.04
N ARG B 308 2.10 18.67 2.11
CA ARG B 308 1.20 17.54 2.00
C ARG B 308 -0.24 17.96 1.75
N ALA B 309 -0.59 19.21 2.07
CA ALA B 309 -1.82 19.79 1.56
C ALA B 309 -1.63 20.05 0.07
N ALA B 310 -2.47 19.40 -0.74
CA ALA B 310 -2.30 19.42 -2.19
C ALA B 310 -3.64 19.29 -2.89
N LYS B 311 -3.66 19.72 -4.15
CA LYS B 311 -4.78 19.48 -5.04
C LYS B 311 -4.34 18.46 -6.08
N MET B 312 -5.02 17.31 -6.06
CA MET B 312 -4.77 16.21 -6.98
C MET B 312 -5.52 16.44 -8.27
N ASN B 313 -4.88 16.12 -9.39
CA ASN B 313 -5.60 16.14 -10.65
C ASN B 313 -6.58 14.95 -10.78
N ASP B 314 -7.37 14.95 -11.85
CA ASP B 314 -8.38 13.93 -12.05
C ASP B 314 -7.79 12.51 -12.09
N ALA B 315 -6.59 12.38 -12.66
CA ALA B 315 -5.92 11.07 -12.79
C ALA B 315 -5.52 10.48 -11.45
N PHE B 316 -5.47 11.31 -10.41
CA PHE B 316 -5.13 10.83 -9.07
C PHE B 316 -6.31 10.99 -8.12
N GLY B 317 -7.51 10.98 -8.69
CA GLY B 317 -8.76 10.95 -7.94
C GLY B 317 -9.46 12.30 -7.85
N GLY B 318 -8.73 13.38 -8.07
CA GLY B 318 -9.30 14.73 -8.02
C GLY B 318 -9.49 15.29 -6.63
N GLY B 319 -9.10 14.53 -5.61
CA GLY B 319 -9.21 14.97 -4.23
C GLY B 319 -8.25 16.10 -3.86
N SER B 320 -8.33 16.54 -2.61
CA SER B 320 -7.50 17.64 -2.13
C SER B 320 -7.50 17.74 -0.62
N LEU B 321 -6.41 18.28 -0.09
CA LEU B 321 -6.29 18.63 1.32
C LEU B 321 -5.91 20.11 1.40
N THR B 322 -6.72 20.87 2.15
CA THR B 322 -6.52 22.30 2.35
C THR B 322 -6.02 22.54 3.77
N ALA B 323 -4.94 23.30 3.90
CA ALA B 323 -4.39 23.59 5.23
C ALA B 323 -4.49 25.05 5.64
N LEU B 324 -4.90 25.24 6.89
CA LEU B 324 -4.94 26.55 7.52
C LEU B 324 -4.04 26.45 8.72
N PRO B 325 -2.73 26.70 8.51
CA PRO B 325 -1.83 26.71 9.65
C PRO B 325 -2.06 27.99 10.41
N VAL B 326 -2.03 27.92 11.72
CA VAL B 326 -2.12 29.12 12.52
C VAL B 326 -0.74 29.45 13.08
N ILE B 327 -0.36 30.72 12.96
CA ILE B 327 0.87 31.23 13.56
C ILE B 327 0.53 32.43 14.42
N GLU B 328 1.05 32.41 15.65
CA GLU B 328 0.95 33.53 16.60
C GLU B 328 2.20 34.43 16.59
N THR B 329 2.01 35.71 16.25
CA THR B 329 3.09 36.69 16.23
C THR B 329 3.16 37.40 17.59
N GLN B 330 4.34 37.95 17.87
CA GLN B 330 4.57 38.78 19.03
C GLN B 330 4.52 40.23 18.57
N ALA B 331 3.53 40.97 19.08
CA ALA B 331 3.36 42.41 18.83
C ALA B 331 3.35 42.74 17.34
N GLY B 332 2.69 41.89 16.56
CA GLY B 332 2.51 42.10 15.12
C GLY B 332 3.77 42.01 14.29
N ASP B 333 4.83 41.44 14.84
CA ASP B 333 6.09 41.30 14.13
C ASP B 333 6.03 40.13 13.16
N VAL B 334 5.63 40.40 11.91
CA VAL B 334 5.60 39.32 10.89
C VAL B 334 6.99 39.02 10.30
N SER B 335 7.97 39.84 10.68
CA SER B 335 9.34 39.70 10.22
C SER B 335 10.13 38.65 11.00
N ALA B 336 9.58 38.16 12.11
CA ALA B 336 10.29 37.18 12.91
C ALA B 336 10.56 35.87 12.15
N TYR B 337 11.39 35.03 12.76
CA TYR B 337 11.91 33.83 12.15
C TYR B 337 10.81 32.82 11.79
N ILE B 338 10.05 32.42 12.79
CA ILE B 338 9.01 31.42 12.55
C ILE B 338 7.88 31.95 11.63
N PRO B 339 7.36 33.16 11.91
CA PRO B 339 6.38 33.72 10.99
C PRO B 339 6.80 33.76 9.52
N THR B 340 8.05 34.14 9.24
CA THR B 340 8.53 34.29 7.86
C THR B 340 8.77 32.93 7.25
N ASN B 341 9.24 31.99 8.07
CA ASN B 341 9.32 30.57 7.69
C ASN B 341 8.01 30.14 7.06
N VAL B 342 6.91 30.32 7.77
CA VAL B 342 5.62 29.78 7.36
C VAL B 342 5.01 30.56 6.18
N ILE B 343 5.18 31.88 6.20
CA ILE B 343 4.77 32.71 5.06
C ILE B 343 5.46 32.15 3.81
N SER B 344 6.73 31.80 3.96
CA SER B 344 7.52 31.31 2.85
C SER B 344 7.19 29.87 2.47
N ILE B 345 6.18 29.29 3.10
CA ILE B 345 5.70 27.96 2.76
C ILE B 345 4.30 27.99 2.15
N THR B 346 3.39 28.74 2.78
CA THR B 346 1.99 28.75 2.40
C THR B 346 1.72 29.59 1.14
N ASP B 347 0.46 29.64 0.71
CA ASP B 347 0.11 30.31 -0.53
C ASP B 347 -0.65 31.61 -0.24
N GLY B 348 -0.08 32.42 0.66
CA GLY B 348 -0.75 33.61 1.15
C GLY B 348 -1.05 33.49 2.64
N GLN B 349 -1.60 34.56 3.20
CA GLN B 349 -1.86 34.63 4.63
C GLN B 349 -3.01 35.58 4.87
N ILE B 350 -3.74 35.30 5.94
CA ILE B 350 -4.71 36.23 6.48
C ILE B 350 -4.07 36.77 7.75
N PHE B 351 -3.74 38.06 7.72
CA PHE B 351 -3.17 38.72 8.89
C PHE B 351 -4.28 39.39 9.68
N LEU B 352 -4.35 39.05 10.97
CA LEU B 352 -5.30 39.65 11.89
C LEU B 352 -4.57 40.63 12.81
N GLU B 353 -5.02 41.88 12.81
CA GLU B 353 -4.36 42.99 13.54
C GLU B 353 -4.97 43.27 14.91
N THR B 354 -4.12 43.48 15.92
CA THR B 354 -4.59 43.84 17.27
C THR B 354 -5.36 45.16 17.25
N GLU B 355 -4.79 46.18 16.60
CA GLU B 355 -5.43 47.48 16.47
C GLU B 355 -6.85 47.41 15.92
N LEU B 356 -7.05 46.67 14.84
CA LEU B 356 -8.37 46.51 14.22
C LEU B 356 -9.33 45.76 15.13
N PHE B 357 -8.82 44.75 15.82
CA PHE B 357 -9.60 43.94 16.74
C PHE B 357 -10.05 44.76 17.94
N TYR B 358 -9.14 45.58 18.47
CA TYR B 358 -9.41 46.47 19.59
C TYR B 358 -10.58 47.39 19.28
N LYS B 359 -10.48 48.09 18.14
CA LYS B 359 -11.49 49.01 17.63
C LYS B 359 -12.80 48.29 17.30
N GLY B 360 -12.82 46.96 17.48
CA GLY B 360 -13.99 46.15 17.19
C GLY B 360 -14.24 45.91 15.71
N ILE B 361 -13.22 46.08 14.87
CA ILE B 361 -13.35 45.68 13.46
C ILE B 361 -13.02 44.19 13.39
N ARG B 362 -14.06 43.38 13.25
CA ARG B 362 -13.95 41.93 13.34
C ARG B 362 -14.81 41.23 12.27
N PRO B 363 -14.21 40.28 11.53
CA PRO B 363 -12.84 39.77 11.66
C PRO B 363 -11.78 40.83 11.45
N ALA B 364 -10.74 40.81 12.29
CA ALA B 364 -9.72 41.87 12.32
C ALA B 364 -8.72 41.80 11.17
N ILE B 365 -9.20 41.53 9.97
CA ILE B 365 -8.32 41.27 8.82
C ILE B 365 -7.71 42.55 8.27
N ASN B 366 -6.37 42.60 8.24
CA ASN B 366 -5.63 43.65 7.55
C ASN B 366 -5.55 43.30 6.09
N VAL B 367 -6.37 43.96 5.28
CA VAL B 367 -6.52 43.65 3.85
C VAL B 367 -5.21 43.86 3.07
N GLY B 368 -4.54 44.97 3.34
CA GLY B 368 -3.28 45.30 2.69
C GLY B 368 -2.18 44.26 2.86
N LEU B 369 -2.15 43.58 4.01
CA LEU B 369 -1.10 42.60 4.31
C LEU B 369 -1.56 41.16 4.08
N SER B 370 -2.74 41.02 3.49
CA SER B 370 -3.33 39.72 3.27
C SER B 370 -3.36 39.35 1.80
N VAL B 371 -3.07 38.09 1.52
CA VAL B 371 -3.09 37.57 0.17
C VAL B 371 -3.60 36.14 0.16
N SER B 372 -4.18 35.78 -0.98
CA SER B 372 -4.30 34.41 -1.39
C SER B 372 -3.63 34.32 -2.75
N ARG B 373 -2.45 33.70 -2.81
CA ARG B 373 -1.67 33.64 -4.05
C ARG B 373 -2.35 32.85 -5.17
N VAL B 374 -3.22 31.91 -4.80
CA VAL B 374 -3.75 30.94 -5.76
C VAL B 374 -5.29 30.81 -5.77
N GLY B 375 -5.95 31.42 -4.79
CA GLY B 375 -7.39 31.26 -4.60
C GLY B 375 -8.30 31.98 -5.58
N SER B 376 -7.78 33.02 -6.22
CA SER B 376 -8.53 33.80 -7.20
C SER B 376 -9.25 32.92 -8.23
N ALA B 377 -8.53 31.92 -8.74
CA ALA B 377 -9.09 30.97 -9.70
C ALA B 377 -10.20 30.08 -9.11
N ALA B 378 -10.25 29.99 -7.78
CA ALA B 378 -11.29 29.22 -7.09
C ALA B 378 -12.34 30.09 -6.38
N GLN B 379 -12.53 31.32 -6.87
CA GLN B 379 -13.61 32.16 -6.39
C GLN B 379 -14.79 32.08 -7.37
N THR B 380 -16.00 31.82 -6.86
CA THR B 380 -17.17 31.73 -7.74
C THR B 380 -17.37 33.05 -8.50
N ARG B 381 -17.75 32.95 -9.77
CA ARG B 381 -17.89 34.12 -10.63
C ARG B 381 -18.81 35.18 -10.00
N ALA B 382 -19.85 34.72 -9.32
CA ALA B 382 -20.82 35.60 -8.64
C ALA B 382 -20.14 36.49 -7.61
N MET B 383 -19.16 35.94 -6.89
CA MET B 383 -18.38 36.72 -5.95
C MET B 383 -17.42 37.70 -6.65
N LYS B 384 -16.73 37.25 -7.71
CA LYS B 384 -15.84 38.11 -8.50
C LYS B 384 -16.51 39.37 -9.05
N GLN B 385 -17.78 39.24 -9.47
CA GLN B 385 -18.54 40.35 -10.05
C GLN B 385 -18.79 41.47 -9.07
N VAL B 386 -18.94 41.14 -7.79
CA VAL B 386 -19.13 42.16 -6.76
C VAL B 386 -17.86 42.53 -5.99
N ALA B 387 -16.92 41.58 -5.91
CA ALA B 387 -15.73 41.73 -5.08
C ALA B 387 -14.57 42.48 -5.75
N GLY B 388 -14.39 42.29 -7.05
CA GLY B 388 -13.31 42.92 -7.81
C GLY B 388 -13.30 44.44 -7.73
N THR B 389 -14.51 45.03 -7.67
CA THR B 389 -14.69 46.48 -7.52
C THR B 389 -14.65 46.93 -6.06
N MET B 390 -14.94 46.01 -5.14
CA MET B 390 -14.79 46.26 -3.70
C MET B 390 -13.33 46.29 -3.26
N LYS B 391 -12.54 45.36 -3.80
CA LYS B 391 -11.09 45.35 -3.58
C LYS B 391 -10.51 46.67 -4.05
N LEU B 392 -10.96 47.12 -5.22
CA LEU B 392 -10.53 48.38 -5.81
C LEU B 392 -10.94 49.58 -4.94
N GLU B 393 -12.20 49.61 -4.51
CA GLU B 393 -12.70 50.70 -3.67
C GLU B 393 -12.10 50.73 -2.26
N LEU B 394 -11.69 49.57 -1.76
CA LEU B 394 -10.98 49.48 -0.48
C LEU B 394 -9.51 49.86 -0.62
N ALA B 395 -8.95 49.63 -1.82
CA ALA B 395 -7.58 50.01 -2.13
C ALA B 395 -7.44 51.53 -2.23
N GLN B 396 -8.46 52.16 -2.81
CA GLN B 396 -8.55 53.61 -2.93
C GLN B 396 -8.78 54.29 -1.58
N TYR B 397 -9.27 53.51 -0.60
CA TYR B 397 -9.69 54.02 0.70
C TYR B 397 -8.57 54.16 1.72
N ARG B 398 -7.67 53.19 1.77
CA ARG B 398 -6.54 53.22 2.69
C ARG B 398 -5.51 54.28 2.30
N GLU B 399 -5.45 54.60 1.01
CA GLU B 399 -4.55 55.62 0.49
C GLU B 399 -4.97 57.03 0.94
N VAL B 400 -6.19 57.14 1.43
CA VAL B 400 -6.71 58.39 2.00
C VAL B 400 -7.36 58.13 3.38
N ALA B 401 -6.61 57.45 4.25
CA ALA B 401 -7.09 57.03 5.56
C ALA B 401 -7.50 58.19 6.47
N LEU B 410 -10.93 67.68 1.13
CA LEU B 410 -12.38 67.81 1.15
C LEU B 410 -12.98 68.02 -0.24
N ASP B 411 -12.29 67.55 -1.28
CA ASP B 411 -12.80 67.63 -2.65
C ASP B 411 -13.72 66.46 -2.97
N ALA B 412 -14.76 66.72 -3.77
CA ALA B 412 -15.84 65.76 -4.05
C ALA B 412 -15.40 64.40 -4.60
N ALA B 413 -14.25 64.38 -5.30
CA ALA B 413 -13.72 63.15 -5.87
C ALA B 413 -13.20 62.17 -4.82
N THR B 414 -12.32 62.66 -3.93
CA THR B 414 -11.72 61.84 -2.88
C THR B 414 -12.57 61.75 -1.61
N GLN B 415 -13.68 62.50 -1.59
CA GLN B 415 -14.62 62.46 -0.48
C GLN B 415 -15.56 61.26 -0.62
N GLN B 416 -15.82 60.89 -1.87
CA GLN B 416 -16.62 59.71 -2.19
C GLN B 416 -15.86 58.42 -1.85
N LEU B 417 -14.53 58.48 -1.91
CA LEU B 417 -13.67 57.32 -1.60
C LEU B 417 -13.68 56.99 -0.10
N LEU B 418 -13.66 58.03 0.73
CA LEU B 418 -13.79 57.87 2.18
C LEU B 418 -15.21 57.49 2.57
N SER B 419 -16.19 58.03 1.86
CA SER B 419 -17.60 57.74 2.10
C SER B 419 -17.94 56.28 1.81
N ARG B 420 -17.41 55.76 0.69
CA ARG B 420 -17.62 54.37 0.31
C ARG B 420 -16.85 53.42 1.22
N GLY B 421 -15.61 53.75 1.51
CA GLY B 421 -14.70 52.90 2.29
C GLY B 421 -15.18 52.51 3.68
N VAL B 422 -15.59 53.51 4.46
CA VAL B 422 -16.13 53.27 5.82
C VAL B 422 -17.35 52.35 5.79
N ARG B 423 -18.12 52.42 4.70
CA ARG B 423 -19.34 51.65 4.55
C ARG B 423 -19.07 50.19 4.18
N LEU B 424 -18.12 49.96 3.29
CA LEU B 424 -17.69 48.60 2.94
C LEU B 424 -17.07 47.95 4.16
N THR B 425 -16.29 48.71 4.92
CA THR B 425 -15.69 48.25 6.17
C THR B 425 -16.75 47.66 7.10
N GLU B 426 -17.90 48.34 7.17
CA GLU B 426 -19.01 47.91 8.01
C GLU B 426 -19.66 46.64 7.47
N LEU B 427 -19.73 46.51 6.14
CA LEU B 427 -20.28 45.32 5.49
C LEU B 427 -19.47 44.05 5.74
N LEU B 428 -18.16 44.20 5.90
CA LEU B 428 -17.26 43.05 6.11
C LEU B 428 -17.12 42.68 7.59
N LYS B 429 -17.70 43.50 8.46
CA LYS B 429 -17.83 43.15 9.87
C LYS B 429 -18.75 41.95 9.97
N GLN B 430 -18.39 41.01 10.83
CA GLN B 430 -19.17 39.79 10.97
C GLN B 430 -19.01 39.18 12.36
N GLY B 431 -20.13 38.69 12.89
CA GLY B 431 -20.14 37.99 14.17
C GLY B 431 -19.55 36.60 14.06
N GLN B 432 -19.62 35.85 15.15
CA GLN B 432 -19.13 34.47 15.20
C GLN B 432 -20.25 33.48 15.00
N TYR B 433 -19.90 32.29 14.51
CA TYR B 433 -20.83 31.16 14.38
C TYR B 433 -22.04 31.41 13.47
N SER B 434 -21.95 32.45 12.64
CA SER B 434 -22.96 32.71 11.61
C SER B 434 -22.35 32.81 10.21
N PRO B 435 -21.72 31.72 9.73
CA PRO B 435 -21.13 31.76 8.40
C PRO B 435 -22.20 31.81 7.33
N MET B 436 -21.95 32.58 6.28
CA MET B 436 -22.95 32.84 5.27
C MET B 436 -22.76 32.02 4.01
N ALA B 437 -23.86 31.61 3.39
CA ALA B 437 -23.82 31.01 2.08
C ALA B 437 -23.23 32.02 1.11
N ILE B 438 -22.48 31.53 0.14
CA ILE B 438 -21.79 32.40 -0.81
C ILE B 438 -22.74 33.42 -1.46
N GLU B 439 -23.94 32.97 -1.86
CA GLU B 439 -24.94 33.83 -2.50
C GLU B 439 -25.49 34.94 -1.59
N GLU B 440 -25.64 34.61 -0.30
CA GLU B 440 -26.00 35.59 0.72
C GLU B 440 -24.94 36.70 0.80
N GLN B 441 -23.67 36.30 0.83
CA GLN B 441 -22.55 37.23 0.87
C GLN B 441 -22.53 38.20 -0.31
N VAL B 442 -22.78 37.70 -1.52
CA VAL B 442 -22.79 38.56 -2.72
C VAL B 442 -23.98 39.51 -2.71
N ALA B 443 -25.12 39.04 -2.22
CA ALA B 443 -26.31 39.89 -2.08
C ALA B 443 -26.02 41.09 -1.18
N VAL B 444 -25.39 40.81 -0.03
CA VAL B 444 -24.97 41.83 0.92
C VAL B 444 -23.92 42.77 0.30
N ILE B 445 -22.90 42.21 -0.34
CA ILE B 445 -21.83 43.01 -0.94
C ILE B 445 -22.29 43.79 -2.17
N TYR B 446 -23.34 43.28 -2.83
CA TYR B 446 -23.94 43.97 -3.96
C TYR B 446 -24.44 45.35 -3.56
N ALA B 447 -25.15 45.39 -2.43
CA ALA B 447 -25.73 46.62 -1.89
C ALA B 447 -24.66 47.69 -1.68
N GLY B 448 -23.47 47.27 -1.24
CA GLY B 448 -22.36 48.17 -0.99
C GLY B 448 -21.68 48.70 -2.23
N VAL B 449 -21.33 47.82 -3.15
CA VAL B 449 -20.52 48.15 -4.33
C VAL B 449 -21.27 48.92 -5.42
N ARG B 450 -22.60 48.89 -5.35
CA ARG B 450 -23.43 49.63 -6.30
C ARG B 450 -23.97 50.93 -5.69
N GLY B 451 -23.49 51.26 -4.50
CA GLY B 451 -23.72 52.56 -3.88
C GLY B 451 -25.01 52.74 -3.09
N TYR B 452 -25.70 51.64 -2.80
CA TYR B 452 -26.99 51.69 -2.09
C TYR B 452 -26.88 52.04 -0.60
N LEU B 453 -25.66 52.28 -0.13
CA LEU B 453 -25.40 52.58 1.28
C LEU B 453 -24.90 54.01 1.45
N ASP B 454 -24.48 54.62 0.35
CA ASP B 454 -23.79 55.91 0.38
C ASP B 454 -24.52 57.03 1.09
N LYS B 455 -25.85 56.95 1.15
CA LYS B 455 -26.66 57.98 1.82
C LYS B 455 -26.94 57.64 3.29
N LEU B 456 -26.74 56.39 3.67
CA LEU B 456 -26.93 55.95 5.05
C LEU B 456 -25.71 56.33 5.90
N GLU B 457 -25.96 56.58 7.18
CA GLU B 457 -24.88 56.84 8.13
C GLU B 457 -24.17 55.53 8.51
N PRO B 458 -22.83 55.58 8.69
CA PRO B 458 -21.99 54.39 8.91
C PRO B 458 -22.44 53.52 10.09
N SER B 459 -22.88 54.15 11.17
CA SER B 459 -23.34 53.45 12.36
C SER B 459 -24.61 52.63 12.11
N LYS B 460 -25.23 52.87 10.95
CA LYS B 460 -26.47 52.20 10.57
C LYS B 460 -26.31 51.16 9.46
N ILE B 461 -25.06 50.84 9.09
CA ILE B 461 -24.79 49.85 8.04
C ILE B 461 -24.99 48.42 8.54
N THR B 462 -24.44 48.13 9.72
CA THR B 462 -24.62 46.81 10.34
C THR B 462 -26.10 46.47 10.49
N LYS B 463 -26.87 47.44 11.01
CA LYS B 463 -28.32 47.29 11.16
C LYS B 463 -29.00 47.03 9.82
N PHE B 464 -28.54 47.74 8.78
CA PHE B 464 -29.10 47.58 7.43
C PHE B 464 -28.88 46.16 6.89
N GLU B 465 -27.68 45.64 7.08
CA GLU B 465 -27.29 44.35 6.54
C GLU B 465 -28.13 43.19 7.08
N ASN B 466 -28.31 43.16 8.40
CA ASN B 466 -29.09 42.10 9.04
C ASN B 466 -30.58 42.15 8.70
N ALA B 467 -31.11 43.35 8.54
CA ALA B 467 -32.49 43.55 8.12
C ALA B 467 -32.64 43.21 6.64
N PHE B 468 -31.63 43.56 5.85
CA PHE B 468 -31.63 43.32 4.40
C PHE B 468 -31.42 41.85 4.08
N LEU B 469 -30.66 41.16 4.94
CA LEU B 469 -30.33 39.75 4.73
C LEU B 469 -31.52 38.83 5.00
N SER B 470 -32.12 38.93 6.19
CA SER B 470 -33.27 38.08 6.53
C SER B 470 -34.51 38.40 5.69
N HIS B 471 -34.48 39.52 4.97
CA HIS B 471 -35.56 39.89 4.04
C HIS B 471 -35.45 39.14 2.71
N VAL B 472 -34.23 39.13 2.14
CA VAL B 472 -33.98 38.41 0.89
C VAL B 472 -34.00 36.89 1.06
N ILE B 473 -33.68 36.43 2.28
CA ILE B 473 -33.79 35.01 2.62
C ILE B 473 -35.26 34.58 2.69
N SER B 474 -36.06 35.34 3.43
CA SER B 474 -37.48 35.04 3.61
C SER B 474 -38.26 35.21 2.31
N GLN B 475 -38.24 36.41 1.75
CA GLN B 475 -39.12 36.76 0.64
C GLN B 475 -38.59 36.38 -0.75
N HIS B 476 -37.26 36.36 -0.92
CA HIS B 476 -36.67 36.13 -2.24
C HIS B 476 -35.73 34.93 -2.31
N GLN B 477 -36.27 33.74 -2.04
CA GLN B 477 -35.51 32.49 -2.10
C GLN B 477 -35.11 32.09 -3.52
N ALA B 478 -35.93 32.51 -4.50
CA ALA B 478 -35.73 32.15 -5.90
C ALA B 478 -34.49 32.79 -6.49
N LEU B 479 -34.26 34.06 -6.15
CA LEU B 479 -33.13 34.82 -6.66
C LEU B 479 -31.81 34.31 -6.11
N LEU B 480 -31.78 33.97 -4.83
CA LEU B 480 -30.58 33.43 -4.19
C LEU B 480 -30.28 32.02 -4.69
N SER B 481 -31.32 31.20 -4.81
CA SER B 481 -31.21 29.84 -5.34
C SER B 481 -30.65 29.83 -6.74
N LYS B 482 -30.98 30.87 -7.51
CA LYS B 482 -30.55 30.99 -8.90
C LYS B 482 -29.07 31.36 -8.97
N ILE B 483 -28.64 32.26 -8.08
CA ILE B 483 -27.25 32.70 -8.03
C ILE B 483 -26.33 31.53 -7.69
N ARG B 484 -26.76 30.70 -6.73
CA ARG B 484 -26.01 29.50 -6.34
C ARG B 484 -25.90 28.47 -7.48
N THR B 485 -26.99 28.30 -8.23
CA THR B 485 -27.03 27.32 -9.31
C THR B 485 -26.27 27.80 -10.54
N ASP B 486 -26.54 29.03 -10.99
CA ASP B 486 -25.82 29.64 -12.11
C ASP B 486 -24.34 29.79 -11.79
N GLY B 487 -24.03 30.14 -10.54
CA GLY B 487 -22.67 30.47 -10.11
C GLY B 487 -22.29 31.88 -10.56
N LYS B 488 -23.28 32.61 -11.08
CA LYS B 488 -23.07 33.91 -11.70
C LYS B 488 -24.20 34.86 -11.31
N ILE B 489 -24.01 36.15 -11.57
CA ILE B 489 -25.08 37.11 -11.54
C ILE B 489 -25.39 37.47 -13.00
N SER B 490 -26.48 36.92 -13.53
CA SER B 490 -26.87 37.18 -14.92
C SER B 490 -27.49 38.56 -15.06
N GLU B 491 -27.69 38.97 -16.31
CA GLU B 491 -28.30 40.27 -16.63
C GLU B 491 -29.71 40.34 -16.04
N GLU B 492 -30.36 39.18 -15.94
CA GLU B 492 -31.66 39.02 -15.31
C GLU B 492 -31.60 39.22 -13.78
N SER B 493 -30.62 38.57 -13.15
CA SER B 493 -30.45 38.63 -11.70
C SER B 493 -30.01 40.02 -11.24
N ASP B 494 -29.18 40.67 -12.04
CA ASP B 494 -28.67 42.01 -11.76
C ASP B 494 -29.81 43.04 -11.70
N ALA B 495 -30.77 42.92 -12.62
CA ALA B 495 -31.94 43.78 -12.65
C ALA B 495 -32.92 43.45 -11.52
N LYS B 496 -33.01 42.16 -11.17
CA LYS B 496 -33.87 41.70 -10.08
C LYS B 496 -33.31 42.10 -8.72
N LEU B 497 -31.99 42.14 -8.61
CA LEU B 497 -31.30 42.52 -7.38
C LEU B 497 -31.37 44.03 -7.16
N LYS B 498 -31.19 44.79 -8.23
CA LYS B 498 -31.37 46.24 -8.22
C LYS B 498 -32.75 46.59 -7.70
N GLU B 499 -33.77 45.94 -8.25
CA GLU B 499 -35.17 46.07 -7.83
C GLU B 499 -35.32 45.98 -6.31
N ILE B 500 -34.93 44.84 -5.75
CA ILE B 500 -35.13 44.53 -4.33
C ILE B 500 -34.41 45.54 -3.42
N VAL B 501 -33.15 45.83 -3.74
CA VAL B 501 -32.33 46.72 -2.91
C VAL B 501 -32.90 48.13 -2.84
N THR B 502 -33.28 48.69 -3.99
CA THR B 502 -33.90 50.03 -4.07
C THR B 502 -35.26 50.06 -3.35
N ASN B 503 -36.01 48.97 -3.51
CA ASN B 503 -37.31 48.81 -2.85
C ASN B 503 -37.19 48.70 -1.33
N PHE B 504 -36.11 48.09 -0.87
CA PHE B 504 -35.85 47.93 0.55
C PHE B 504 -35.25 49.19 1.19
N LEU B 505 -34.36 49.86 0.45
CA LEU B 505 -33.70 51.08 0.92
C LEU B 505 -34.70 52.19 1.27
N ALA B 506 -35.68 52.39 0.39
CA ALA B 506 -36.76 53.35 0.62
C ALA B 506 -37.76 52.83 1.66
N GLY B 507 -37.69 51.53 1.93
CA GLY B 507 -38.53 50.90 2.96
C GLY B 507 -37.81 50.68 4.29
N PHE B 508 -36.56 51.11 4.35
CA PHE B 508 -35.75 51.02 5.57
C PHE B 508 -35.73 52.35 6.32
N GLU B 509 -35.99 52.29 7.63
CA GLU B 509 -36.12 53.50 8.45
C GLU B 509 -34.92 53.76 9.38
N ILE C 16 67.71 -14.04 3.64
CA ILE C 16 66.61 -13.19 4.17
C ILE C 16 66.69 -11.78 3.59
N LEU C 17 65.54 -11.31 3.12
CA LEU C 17 65.40 -10.05 2.41
C LEU C 17 65.30 -8.86 3.36
N GLY C 18 65.92 -7.75 2.98
CA GLY C 18 65.86 -6.51 3.76
C GLY C 18 64.48 -5.86 3.73
N ALA C 19 63.97 -5.54 4.92
CA ALA C 19 62.64 -4.96 5.06
C ALA C 19 62.55 -3.56 4.43
N ASP C 20 61.38 -3.24 3.91
CA ASP C 20 61.06 -1.90 3.40
C ASP C 20 60.94 -0.92 4.58
N THR C 21 61.91 -0.02 4.71
CA THR C 21 61.91 0.98 5.80
C THR C 21 61.42 2.36 5.34
N SER C 22 60.77 2.41 4.17
CA SER C 22 60.38 3.68 3.57
C SER C 22 59.15 4.35 4.22
N VAL C 23 58.39 3.60 5.02
CA VAL C 23 57.27 4.20 5.74
C VAL C 23 57.38 3.99 7.26
N ASP C 24 58.53 4.33 7.84
CA ASP C 24 58.66 4.35 9.30
C ASP C 24 57.85 5.53 9.84
N LEU C 25 57.20 5.33 10.97
CA LEU C 25 56.22 6.31 11.43
C LEU C 25 56.84 7.57 12.08
N GLU C 26 58.02 7.94 11.61
CA GLU C 26 58.72 9.11 12.12
C GLU C 26 58.84 10.22 11.08
N GLU C 27 59.15 9.85 9.84
CA GLU C 27 59.21 10.82 8.76
C GLU C 27 57.95 10.79 7.89
N THR C 28 57.08 9.83 8.17
CA THR C 28 55.87 9.59 7.38
C THR C 28 54.75 9.22 8.33
N GLY C 29 53.51 9.37 7.86
CA GLY C 29 52.35 9.02 8.66
C GLY C 29 51.23 8.42 7.84
N ARG C 30 50.18 8.00 8.51
CA ARG C 30 49.02 7.48 7.82
C ARG C 30 47.76 8.19 8.28
N VAL C 31 46.92 8.53 7.31
CA VAL C 31 45.65 9.19 7.55
C VAL C 31 44.73 8.27 8.37
N LEU C 32 44.35 8.74 9.55
CA LEU C 32 43.38 8.05 10.39
C LEU C 32 41.97 8.36 9.89
N SER C 33 41.70 9.64 9.69
CA SER C 33 40.38 10.13 9.32
C SER C 33 40.56 11.37 8.46
N ILE C 34 39.57 11.64 7.61
CA ILE C 34 39.61 12.81 6.75
C ILE C 34 38.20 13.32 6.49
N GLY C 35 38.01 14.61 6.67
CA GLY C 35 36.72 15.25 6.43
C GLY C 35 36.86 16.75 6.55
N ASP C 36 36.08 17.47 5.74
CA ASP C 36 36.05 18.93 5.76
C ASP C 36 37.45 19.53 5.80
N GLY C 37 38.35 18.92 5.02
CA GLY C 37 39.70 19.43 4.86
C GLY C 37 40.62 19.31 6.06
N ILE C 38 40.25 18.45 7.00
CA ILE C 38 41.13 18.10 8.13
C ILE C 38 41.47 16.62 8.06
N ALA C 39 42.75 16.32 7.87
CA ALA C 39 43.23 14.95 8.05
C ALA C 39 43.87 14.82 9.43
N ARG C 40 43.44 13.81 10.18
CA ARG C 40 44.15 13.39 11.38
C ARG C 40 45.13 12.28 11.02
N VAL C 41 46.42 12.51 11.28
CA VAL C 41 47.48 11.61 10.84
C VAL C 41 48.15 10.89 12.02
N HIS C 42 48.21 9.56 11.93
CA HIS C 42 48.95 8.72 12.87
C HIS C 42 50.40 8.71 12.39
N GLY C 43 51.33 8.75 13.35
CA GLY C 43 52.73 8.77 13.02
C GLY C 43 53.22 10.18 12.89
N LEU C 44 54.00 10.45 11.85
CA LEU C 44 54.67 11.73 11.70
C LEU C 44 55.23 12.19 13.05
N ARG C 45 56.01 11.34 13.70
CA ARG C 45 56.50 11.65 15.03
C ARG C 45 57.51 12.82 15.02
N ASN C 46 58.24 12.94 13.92
CA ASN C 46 59.24 14.00 13.75
C ASN C 46 58.75 15.31 13.14
N VAL C 47 57.47 15.43 12.75
CA VAL C 47 56.97 16.70 12.14
C VAL C 47 56.99 17.86 13.11
N GLN C 48 57.31 19.03 12.56
CA GLN C 48 57.33 20.29 13.27
C GLN C 48 55.95 20.92 13.20
N ALA C 49 55.64 21.77 14.17
CA ALA C 49 54.42 22.55 14.14
C ALA C 49 54.52 23.53 12.98
N GLU C 50 53.50 23.54 12.14
CA GLU C 50 53.42 24.44 10.98
C GLU C 50 54.33 24.02 9.82
N GLU C 51 54.71 22.75 9.80
CA GLU C 51 55.48 22.16 8.69
C GLU C 51 54.57 21.70 7.55
N MET C 52 55.04 21.91 6.33
CA MET C 52 54.35 21.45 5.13
C MET C 52 54.53 19.95 4.97
N VAL C 53 53.43 19.24 4.76
CA VAL C 53 53.45 17.80 4.53
C VAL C 53 52.80 17.48 3.18
N GLU C 54 53.12 16.32 2.61
CA GLU C 54 52.62 15.91 1.30
C GLU C 54 51.80 14.64 1.41
N PHE C 55 50.68 14.61 0.70
CA PHE C 55 49.84 13.43 0.65
C PHE C 55 50.21 12.67 -0.60
N SER C 56 49.93 11.36 -0.59
CA SER C 56 50.26 10.45 -1.70
C SER C 56 49.72 10.93 -3.04
N SER C 57 48.62 11.68 -3.01
CA SER C 57 47.96 12.22 -4.21
C SER C 57 48.56 13.54 -4.75
N GLY C 58 49.60 14.06 -4.10
CA GLY C 58 50.22 15.32 -4.54
C GLY C 58 49.77 16.57 -3.79
N LEU C 59 48.63 16.48 -3.10
CA LEU C 59 48.14 17.60 -2.27
C LEU C 59 49.09 17.92 -1.13
N LYS C 60 49.20 19.20 -0.83
CA LYS C 60 50.01 19.65 0.28
C LYS C 60 49.11 19.97 1.47
N GLY C 61 49.65 19.84 2.67
CA GLY C 61 48.93 20.20 3.89
C GLY C 61 49.83 20.86 4.92
N MET C 62 49.22 21.36 6.00
CA MET C 62 49.99 22.02 7.05
C MET C 62 49.67 21.42 8.42
N SER C 63 50.71 21.02 9.14
CA SER C 63 50.57 20.41 10.47
C SER C 63 50.34 21.49 11.51
N LEU C 64 49.10 21.61 11.96
CA LEU C 64 48.75 22.68 12.90
C LEU C 64 48.49 22.22 14.34
N ASN C 65 47.89 21.04 14.50
CA ASN C 65 47.72 20.40 15.80
C ASN C 65 48.66 19.21 15.93
N LEU C 66 49.62 19.32 16.84
CA LEU C 66 50.43 18.17 17.20
C LEU C 66 49.87 17.66 18.51
N GLU C 67 49.27 16.48 18.47
CA GLU C 67 48.63 15.90 19.64
C GLU C 67 49.35 14.60 19.94
N PRO C 68 49.15 14.03 21.14
CA PRO C 68 49.85 12.77 21.48
C PRO C 68 49.66 11.61 20.50
N ASP C 69 48.44 11.44 19.99
CA ASP C 69 48.10 10.28 19.17
C ASP C 69 47.88 10.59 17.69
N ASN C 70 47.88 11.88 17.34
CA ASN C 70 47.67 12.26 15.95
C ASN C 70 48.28 13.61 15.62
N VAL C 71 48.29 13.92 14.32
CA VAL C 71 48.59 15.26 13.85
C VAL C 71 47.39 15.78 13.08
N GLY C 72 46.89 16.95 13.50
CA GLY C 72 45.83 17.63 12.77
C GLY C 72 46.42 18.41 11.61
N VAL C 73 46.19 17.91 10.39
CA VAL C 73 46.72 18.52 9.19
C VAL C 73 45.60 19.23 8.43
N VAL C 74 45.90 20.45 8.00
CA VAL C 74 45.00 21.30 7.24
C VAL C 74 45.34 21.24 5.72
N VAL C 75 44.38 20.82 4.90
CA VAL C 75 44.65 20.48 3.48
C VAL C 75 44.57 21.64 2.49
N PHE C 76 45.67 21.90 1.79
CA PHE C 76 45.72 22.97 0.78
C PHE C 76 45.08 22.57 -0.56
N GLY C 77 43.82 22.13 -0.50
CA GLY C 77 43.07 21.78 -1.69
C GLY C 77 41.87 20.91 -1.39
N ASN C 78 41.32 20.30 -2.43
CA ASN C 78 40.18 19.41 -2.34
C ASN C 78 40.53 18.18 -1.52
N ASP C 79 39.71 17.85 -0.53
CA ASP C 79 39.97 16.68 0.32
C ASP C 79 39.41 15.37 -0.24
N LYS C 80 38.71 15.45 -1.37
CA LYS C 80 38.10 14.29 -1.99
C LYS C 80 39.11 13.18 -2.33
N LEU C 81 40.36 13.58 -2.54
CA LEU C 81 41.40 12.65 -2.98
C LEU C 81 41.94 11.82 -1.83
N ILE C 82 41.91 12.39 -0.64
CA ILE C 82 42.44 11.75 0.57
C ILE C 82 41.48 10.70 1.15
N LYS C 83 42.01 9.50 1.36
CA LYS C 83 41.29 8.40 2.02
C LYS C 83 41.99 8.00 3.31
N GLU C 84 41.27 7.32 4.20
CA GLU C 84 41.89 6.69 5.38
C GLU C 84 43.02 5.75 4.93
N GLY C 85 44.14 5.79 5.64
CA GLY C 85 45.30 4.94 5.30
C GLY C 85 46.33 5.59 4.39
N ASP C 86 46.00 6.74 3.80
CA ASP C 86 46.93 7.41 2.89
C ASP C 86 48.26 7.75 3.55
N ILE C 87 49.33 7.65 2.78
CA ILE C 87 50.66 8.01 3.26
C ILE C 87 50.85 9.51 3.24
N VAL C 88 51.21 10.05 4.40
CA VAL C 88 51.58 11.43 4.53
C VAL C 88 53.10 11.48 4.76
N LYS C 89 53.75 12.39 4.03
CA LYS C 89 55.21 12.56 4.03
C LYS C 89 55.58 13.96 4.52
N ARG C 90 56.63 14.04 5.34
CA ARG C 90 57.18 15.32 5.75
C ARG C 90 57.87 15.99 4.58
N THR C 91 57.91 17.32 4.57
CA THR C 91 58.80 18.05 3.65
C THR C 91 59.99 18.64 4.43
N GLY C 92 59.87 18.60 5.76
CA GLY C 92 60.90 19.13 6.66
C GLY C 92 60.97 20.64 6.69
N ALA C 93 60.06 21.29 5.96
CA ALA C 93 60.09 22.74 5.81
C ALA C 93 58.83 23.41 6.35
N ILE C 94 59.01 24.46 7.15
CA ILE C 94 57.89 25.32 7.54
C ILE C 94 57.34 25.93 6.25
N VAL C 95 56.04 26.20 6.20
CA VAL C 95 55.42 26.69 4.98
C VAL C 95 56.11 27.96 4.45
N ASP C 96 56.51 27.91 3.18
CA ASP C 96 57.08 29.05 2.47
C ASP C 96 56.49 29.23 1.07
N VAL C 97 56.79 30.35 0.44
CA VAL C 97 56.30 30.62 -0.91
C VAL C 97 57.44 31.17 -1.77
N PRO C 98 57.31 31.03 -3.11
CA PRO C 98 58.19 31.71 -4.07
C PRO C 98 58.14 33.22 -3.94
N VAL C 99 59.27 33.86 -4.20
CA VAL C 99 59.42 35.28 -3.94
C VAL C 99 60.31 35.89 -5.03
N GLY C 100 60.16 37.20 -5.25
CA GLY C 100 61.02 37.91 -6.18
C GLY C 100 60.31 38.64 -7.28
N GLU C 101 61.08 39.32 -8.12
CA GLU C 101 60.58 40.10 -9.24
C GLU C 101 59.99 39.26 -10.37
N GLU C 102 60.28 37.98 -10.36
CA GLU C 102 59.75 37.06 -11.36
C GLU C 102 58.24 36.91 -11.19
N LEU C 103 57.73 37.34 -10.03
CA LEU C 103 56.30 37.31 -9.77
C LEU C 103 55.54 38.45 -10.42
N LEU C 104 56.24 39.56 -10.71
CA LEU C 104 55.61 40.77 -11.24
C LEU C 104 54.98 40.49 -12.61
N GLY C 105 53.75 40.97 -12.80
CA GLY C 105 52.99 40.71 -14.03
C GLY C 105 52.26 39.38 -14.05
N ARG C 106 52.39 38.60 -12.97
CA ARG C 106 51.76 37.28 -12.90
C ARG C 106 50.57 37.22 -11.94
N VAL C 107 49.64 36.30 -12.23
CA VAL C 107 48.56 35.95 -11.32
C VAL C 107 48.86 34.56 -10.77
N VAL C 108 49.07 34.46 -9.45
CA VAL C 108 49.38 33.19 -8.78
C VAL C 108 48.32 32.79 -7.74
N ASP C 109 48.33 31.52 -7.31
CA ASP C 109 47.49 31.11 -6.22
C ASP C 109 48.18 31.41 -4.87
N ALA C 110 47.58 30.96 -3.77
CA ALA C 110 48.08 31.27 -2.44
C ALA C 110 49.43 30.60 -2.12
N LEU C 111 49.78 29.59 -2.89
CA LEU C 111 51.04 28.88 -2.70
C LEU C 111 52.12 29.40 -3.65
N GLY C 112 51.73 30.27 -4.57
CA GLY C 112 52.68 30.86 -5.50
C GLY C 112 52.71 30.22 -6.88
N ASN C 113 51.86 29.21 -7.10
CA ASN C 113 51.72 28.59 -8.41
C ASN C 113 51.00 29.55 -9.35
N ALA C 114 51.46 29.63 -10.60
CA ALA C 114 50.85 30.49 -11.60
C ALA C 114 49.48 29.96 -12.01
N ILE C 115 48.51 30.87 -12.11
CA ILE C 115 47.17 30.47 -12.55
C ILE C 115 46.70 31.31 -13.76
N ASP C 116 47.64 32.00 -14.39
CA ASP C 116 47.33 32.84 -15.54
C ASP C 116 47.61 32.12 -16.86
N GLY C 117 48.08 30.88 -16.77
CA GLY C 117 48.38 30.08 -17.95
C GLY C 117 49.57 30.60 -18.74
N LYS C 118 50.45 31.33 -18.07
CA LYS C 118 51.64 31.89 -18.71
C LYS C 118 52.90 31.13 -18.29
N GLY C 119 52.72 29.89 -17.86
CA GLY C 119 53.85 29.01 -17.53
C GLY C 119 54.44 29.22 -16.16
N PRO C 120 55.52 28.48 -15.84
CA PRO C 120 56.17 28.56 -14.53
C PRO C 120 56.62 29.97 -14.19
N ILE C 121 56.56 30.30 -12.91
CA ILE C 121 57.24 31.47 -12.38
C ILE C 121 58.70 31.06 -12.27
N GLY C 122 59.60 31.90 -12.74
CA GLY C 122 61.03 31.56 -12.67
C GLY C 122 61.67 32.07 -11.39
N SER C 123 61.07 31.75 -10.24
CA SER C 123 61.54 32.32 -8.97
C SER C 123 62.81 31.63 -8.48
N LYS C 124 63.76 32.44 -8.04
CA LYS C 124 65.04 31.93 -7.58
C LYS C 124 65.15 31.99 -6.06
N ALA C 125 64.10 32.48 -5.39
CA ALA C 125 64.10 32.60 -3.93
C ALA C 125 62.77 32.21 -3.29
N ARG C 126 62.83 31.84 -2.01
CA ARG C 126 61.65 31.50 -1.24
C ARG C 126 61.69 32.19 0.12
N ARG C 127 60.51 32.34 0.72
CA ARG C 127 60.39 33.05 1.96
C ARG C 127 59.25 32.43 2.77
N ARG C 128 59.46 32.23 4.07
CA ARG C 128 58.42 31.71 4.94
C ARG C 128 57.21 32.65 5.00
N VAL C 129 56.01 32.09 5.02
CA VAL C 129 54.81 32.90 5.12
C VAL C 129 54.57 33.36 6.57
N GLY C 130 55.27 32.74 7.52
CA GLY C 130 55.01 32.98 8.94
C GLY C 130 56.00 33.83 9.70
N LEU C 131 56.82 34.59 8.99
CA LEU C 131 57.88 35.38 9.64
C LEU C 131 57.32 36.45 10.56
N LYS C 132 57.99 36.67 11.70
CA LYS C 132 57.63 37.75 12.62
C LYS C 132 58.05 39.09 12.03
N ALA C 133 57.21 40.10 12.28
CA ALA C 133 57.46 41.44 11.79
C ALA C 133 58.69 42.03 12.46
N PRO C 134 59.46 42.87 11.72
CA PRO C 134 60.63 43.59 12.24
C PRO C 134 60.32 44.26 13.56
N GLY C 135 61.22 44.15 14.51
CA GLY C 135 61.08 44.81 15.80
C GLY C 135 61.36 46.30 15.75
N ILE C 136 61.67 46.87 16.91
CA ILE C 136 61.88 48.30 17.04
C ILE C 136 63.08 48.82 16.28
N ILE C 137 64.21 48.14 16.45
CA ILE C 137 65.49 48.64 15.93
C ILE C 137 65.54 48.79 14.40
N PRO C 138 65.09 47.76 13.64
CA PRO C 138 65.27 47.79 12.18
C PRO C 138 64.45 48.83 11.44
N ARG C 139 63.73 49.66 12.18
CA ARG C 139 62.73 50.55 11.60
C ARG C 139 63.10 52.01 11.76
N ILE C 140 62.47 52.85 10.94
CA ILE C 140 62.44 54.29 11.14
C ILE C 140 61.02 54.85 10.84
N SER C 141 60.68 56.00 11.45
CA SER C 141 59.37 56.67 11.27
C SER C 141 58.96 56.81 9.82
N VAL C 142 57.67 56.57 9.55
CA VAL C 142 57.10 56.73 8.23
C VAL C 142 57.27 58.18 7.80
N ARG C 143 57.86 58.39 6.62
CA ARG C 143 58.37 59.70 6.19
C ARG C 143 58.01 60.06 4.75
N GLU C 144 58.00 59.06 3.88
CA GLU C 144 57.84 59.28 2.46
C GLU C 144 56.40 59.09 2.05
N PRO C 145 55.86 59.99 1.21
CA PRO C 145 54.46 59.85 0.81
C PRO C 145 54.22 58.60 -0.03
N MET C 146 53.08 57.95 0.21
CA MET C 146 52.57 56.92 -0.70
C MET C 146 51.34 57.57 -1.30
N GLN C 147 51.49 58.12 -2.52
CA GLN C 147 50.43 58.91 -3.13
C GLN C 147 49.37 58.01 -3.76
N THR C 148 48.13 58.17 -3.34
CA THR C 148 47.03 57.40 -3.94
C THR C 148 46.55 58.08 -5.21
N GLY C 149 46.72 59.39 -5.27
CA GLY C 149 46.16 60.18 -6.37
C GLY C 149 44.71 60.53 -6.13
N ILE C 150 44.22 60.19 -4.94
CA ILE C 150 42.86 60.52 -4.53
C ILE C 150 42.95 61.72 -3.61
N LYS C 151 42.32 62.82 -4.01
CA LYS C 151 42.40 64.09 -3.30
C LYS C 151 42.08 63.98 -1.82
N ALA C 152 40.89 63.43 -1.52
CA ALA C 152 40.37 63.29 -0.15
C ALA C 152 41.32 62.48 0.74
N VAL C 153 41.89 61.43 0.17
CA VAL C 153 42.80 60.57 0.90
C VAL C 153 44.14 61.29 1.08
N ASP C 154 44.71 61.78 -0.02
CA ASP C 154 46.05 62.36 0.00
C ASP C 154 46.13 63.67 0.79
N SER C 155 45.01 64.35 0.97
CA SER C 155 44.98 65.58 1.78
C SER C 155 44.53 65.38 3.24
N LEU C 156 43.50 64.55 3.43
CA LEU C 156 42.84 64.41 4.73
C LEU C 156 43.33 63.24 5.56
N VAL C 157 43.59 62.11 4.90
CA VAL C 157 44.04 60.91 5.58
C VAL C 157 45.28 60.36 4.89
N PRO C 158 46.40 61.13 4.91
CA PRO C 158 47.55 60.83 4.05
C PRO C 158 48.25 59.53 4.40
N ILE C 159 48.74 58.82 3.40
CA ILE C 159 49.44 57.54 3.61
C ILE C 159 50.89 57.69 3.23
N GLY C 160 51.78 57.25 4.11
CA GLY C 160 53.21 57.21 3.84
C GLY C 160 53.76 55.79 3.75
N ARG C 161 54.99 55.67 3.26
CA ARG C 161 55.56 54.37 2.96
C ARG C 161 55.96 53.59 4.22
N GLY C 162 55.34 52.42 4.38
CA GLY C 162 55.50 51.60 5.57
C GLY C 162 54.26 51.59 6.43
N GLN C 163 53.29 52.42 6.08
CA GLN C 163 52.06 52.57 6.83
C GLN C 163 51.05 51.44 6.53
N ARG C 164 50.15 51.20 7.47
CA ARG C 164 48.94 50.44 7.23
C ARG C 164 47.77 51.41 7.29
N GLU C 165 46.95 51.43 6.24
CA GLU C 165 45.72 52.19 6.28
C GLU C 165 44.55 51.28 5.87
N LEU C 166 43.57 51.13 6.77
CA LEU C 166 42.40 50.30 6.48
C LEU C 166 41.43 51.00 5.52
N ILE C 167 40.96 50.25 4.53
CA ILE C 167 39.78 50.65 3.78
C ILE C 167 38.59 49.82 4.30
N ILE C 168 37.58 50.51 4.81
CA ILE C 168 36.47 49.86 5.48
C ILE C 168 35.15 50.49 5.06
N GLY C 169 34.13 49.64 4.93
CA GLY C 169 32.78 50.08 4.59
C GLY C 169 31.88 48.94 4.18
N ASP C 170 30.59 49.22 4.02
CA ASP C 170 29.61 48.22 3.56
C ASP C 170 29.94 47.76 2.15
N ARG C 171 29.22 46.75 1.67
CA ARG C 171 29.45 46.25 0.33
C ARG C 171 29.17 47.36 -0.66
N GLN C 172 29.90 47.37 -1.76
CA GLN C 172 29.61 48.28 -2.86
C GLN C 172 29.60 49.75 -2.44
N THR C 173 30.52 50.14 -1.55
CA THR C 173 30.70 51.55 -1.20
C THR C 173 31.93 52.14 -1.90
N GLY C 174 32.71 51.29 -2.55
CA GLY C 174 33.89 51.73 -3.31
C GLY C 174 35.23 51.39 -2.73
N LYS C 175 35.30 50.33 -1.93
CA LYS C 175 36.56 49.95 -1.25
C LYS C 175 37.65 49.51 -2.24
N THR C 176 37.28 48.66 -3.17
CA THR C 176 38.26 48.14 -4.14
C THR C 176 38.78 49.23 -5.08
N SER C 177 37.92 50.17 -5.41
CA SER C 177 38.26 51.31 -6.27
C SER C 177 39.36 52.18 -5.69
N ILE C 178 39.34 52.39 -4.37
CA ILE C 178 40.40 53.13 -3.69
C ILE C 178 41.75 52.44 -3.96
N ALA C 179 41.76 51.12 -3.85
CA ALA C 179 42.97 50.33 -4.05
C ALA C 179 43.42 50.30 -5.51
N ILE C 180 42.49 50.02 -6.43
CA ILE C 180 42.78 50.06 -7.87
C ILE C 180 43.39 51.39 -8.30
N ASP C 181 42.75 52.50 -7.92
CA ASP C 181 43.24 53.84 -8.30
C ASP C 181 44.65 54.06 -7.77
N THR C 182 44.89 53.64 -6.52
CA THR C 182 46.20 53.78 -5.90
C THR C 182 47.28 53.04 -6.70
N ILE C 183 46.97 51.81 -7.10
CA ILE C 183 47.92 50.99 -7.86
C ILE C 183 48.16 51.57 -9.24
N ILE C 184 47.10 52.12 -9.83
CA ILE C 184 47.20 52.75 -11.14
C ILE C 184 48.01 54.04 -11.00
N ASN C 185 47.89 54.71 -9.87
CA ASN C 185 48.62 55.94 -9.62
C ASN C 185 50.13 55.81 -9.74
N GLN C 186 50.66 54.63 -9.43
CA GLN C 186 52.10 54.42 -9.33
C GLN C 186 52.82 54.37 -10.69
N LYS C 187 52.04 54.33 -11.78
CA LYS C 187 52.58 54.31 -13.13
C LYS C 187 53.51 55.51 -13.38
N ARG C 188 53.14 56.68 -12.87
CA ARG C 188 53.94 57.87 -13.11
C ARG C 188 55.37 57.75 -12.55
N PHE C 189 55.51 57.17 -11.36
CA PHE C 189 56.83 56.99 -10.75
C PHE C 189 57.56 55.81 -11.37
N ASN C 190 56.83 54.73 -11.65
CA ASN C 190 57.43 53.50 -12.17
C ASN C 190 57.93 53.66 -13.61
N ASP C 191 57.36 54.62 -14.33
CA ASP C 191 57.81 54.99 -15.67
C ASP C 191 58.91 56.06 -15.64
N GLY C 192 59.02 56.77 -14.53
CA GLY C 192 60.08 57.75 -14.29
C GLY C 192 61.40 57.08 -14.00
N THR C 193 62.44 57.88 -13.74
CA THR C 193 63.78 57.33 -13.52
C THR C 193 64.28 57.50 -12.09
N ASP C 194 63.46 58.11 -11.24
CA ASP C 194 63.74 58.17 -9.80
C ASP C 194 63.40 56.82 -9.16
N GLU C 195 64.42 56.00 -8.96
CA GLU C 195 64.24 54.63 -8.52
C GLU C 195 63.61 54.55 -7.12
N LYS C 196 63.93 55.52 -6.27
CA LYS C 196 63.48 55.54 -4.89
C LYS C 196 61.97 55.80 -4.72
N LYS C 197 61.36 56.40 -5.73
CA LYS C 197 59.93 56.74 -5.70
C LYS C 197 59.04 55.65 -6.29
N LYS C 198 59.66 54.63 -6.88
CA LYS C 198 58.90 53.56 -7.53
C LYS C 198 58.17 52.71 -6.49
N LEU C 199 57.05 52.12 -6.88
CA LEU C 199 56.25 51.33 -5.95
C LEU C 199 55.76 50.06 -6.62
N TYR C 200 56.21 48.90 -6.11
CA TYR C 200 55.75 47.61 -6.59
C TYR C 200 54.46 47.21 -5.86
N CYS C 201 53.50 46.69 -6.61
CA CYS C 201 52.17 46.46 -6.05
C CYS C 201 51.83 44.99 -5.93
N ILE C 202 51.07 44.65 -4.89
CA ILE C 202 50.58 43.30 -4.71
C ILE C 202 49.10 43.38 -4.34
N TYR C 203 48.26 42.75 -5.15
CA TYR C 203 46.84 42.68 -4.87
C TYR C 203 46.47 41.27 -4.47
N VAL C 204 46.11 41.09 -3.20
CA VAL C 204 45.69 39.79 -2.68
C VAL C 204 44.17 39.72 -2.64
N ALA C 205 43.61 38.79 -3.41
CA ALA C 205 42.16 38.54 -3.46
C ALA C 205 41.80 37.33 -2.60
N ILE C 206 41.05 37.57 -1.53
CA ILE C 206 40.61 36.49 -0.67
C ILE C 206 39.09 36.36 -0.70
N GLY C 207 38.59 35.20 -1.12
CA GLY C 207 37.15 34.90 -1.03
C GLY C 207 36.28 35.44 -2.15
N GLN C 208 36.88 36.23 -3.03
CA GLN C 208 36.16 36.80 -4.19
C GLN C 208 35.78 35.73 -5.21
N LYS C 209 34.83 36.02 -6.10
CA LYS C 209 34.56 35.14 -7.24
C LYS C 209 35.57 35.33 -8.39
N ARG C 210 35.96 34.23 -9.02
CA ARG C 210 37.04 34.23 -10.03
C ARG C 210 36.86 35.25 -11.17
N SER C 211 35.63 35.43 -11.63
CA SER C 211 35.33 36.35 -12.74
C SER C 211 35.55 37.80 -12.34
N THR C 212 35.35 38.09 -11.06
CA THR C 212 35.57 39.43 -10.54
C THR C 212 37.05 39.73 -10.56
N VAL C 213 37.84 38.74 -10.10
CA VAL C 213 39.29 38.86 -10.10
C VAL C 213 39.82 39.01 -11.53
N ALA C 214 39.21 38.29 -12.47
CA ALA C 214 39.57 38.40 -13.90
C ALA C 214 39.32 39.80 -14.43
N GLN C 215 38.14 40.35 -14.14
CA GLN C 215 37.81 41.74 -14.51
C GLN C 215 38.84 42.71 -13.96
N LEU C 216 39.29 42.42 -12.75
CA LEU C 216 40.25 43.23 -12.01
C LEU C 216 41.61 43.28 -12.72
N VAL C 217 42.14 42.11 -13.10
CA VAL C 217 43.46 42.09 -13.75
C VAL C 217 43.36 42.60 -15.18
N LYS C 218 42.21 42.42 -15.81
CA LYS C 218 41.95 42.98 -17.14
C LYS C 218 42.04 44.50 -17.09
N ARG C 219 41.50 45.07 -16.02
CA ARG C 219 41.50 46.52 -15.78
C ARG C 219 42.92 47.05 -15.54
N LEU C 220 43.70 46.35 -14.71
CA LEU C 220 45.09 46.72 -14.48
C LEU C 220 45.92 46.54 -15.74
N THR C 221 45.66 45.46 -16.48
CA THR C 221 46.30 45.21 -17.76
C THR C 221 46.05 46.40 -18.70
N ASP C 222 44.78 46.74 -18.87
CA ASP C 222 44.38 47.85 -19.73
C ASP C 222 45.03 49.17 -19.34
N ALA C 223 45.27 49.34 -18.04
CA ALA C 223 45.88 50.56 -17.52
C ALA C 223 47.41 50.45 -17.49
N ASP C 224 47.92 49.33 -18.02
CA ASP C 224 49.35 49.05 -18.07
C ASP C 224 49.96 49.10 -16.65
N ALA C 225 49.27 48.43 -15.73
CA ALA C 225 49.66 48.43 -14.32
C ALA C 225 50.10 47.04 -13.84
N MET C 226 49.80 46.01 -14.63
CA MET C 226 50.14 44.63 -14.27
C MET C 226 51.65 44.39 -14.28
N LYS C 227 52.36 45.16 -15.09
CA LYS C 227 53.80 44.99 -15.23
C LYS C 227 54.56 45.23 -13.93
N TYR C 228 53.96 45.98 -13.01
CA TYR C 228 54.52 46.19 -11.68
C TYR C 228 53.69 45.61 -10.52
N THR C 229 52.80 44.66 -10.83
CA THR C 229 51.85 44.12 -9.85
C THR C 229 51.85 42.58 -9.85
N ILE C 230 51.89 42.01 -8.64
CA ILE C 230 51.66 40.60 -8.42
C ILE C 230 50.22 40.44 -7.95
N VAL C 231 49.49 39.52 -8.53
CA VAL C 231 48.15 39.23 -8.04
C VAL C 231 48.10 37.84 -7.45
N VAL C 232 47.86 37.80 -6.15
CA VAL C 232 47.70 36.56 -5.41
C VAL C 232 46.21 36.33 -5.26
N SER C 233 45.75 35.16 -5.67
CA SER C 233 44.31 34.91 -5.70
C SER C 233 43.94 33.62 -4.99
N ALA C 234 43.23 33.76 -3.87
CA ALA C 234 42.57 32.65 -3.22
C ALA C 234 41.05 32.90 -3.22
N THR C 235 40.41 32.51 -4.33
CA THR C 235 39.00 32.83 -4.57
C THR C 235 38.03 31.89 -3.82
N ALA C 236 36.72 32.06 -4.05
CA ALA C 236 35.69 31.46 -3.20
C ALA C 236 35.61 29.92 -3.21
N SER C 237 36.15 29.28 -4.24
CA SER C 237 36.10 27.82 -4.34
C SER C 237 37.41 27.19 -3.87
N ASP C 238 38.42 28.03 -3.64
CA ASP C 238 39.67 27.58 -3.05
C ASP C 238 39.39 27.20 -1.59
N ALA C 239 40.04 26.14 -1.13
CA ALA C 239 39.84 25.61 0.21
C ALA C 239 40.17 26.65 1.29
N ALA C 240 39.48 26.56 2.40
CA ALA C 240 39.69 27.50 3.53
C ALA C 240 41.18 27.79 3.85
N PRO C 241 42.01 26.75 4.04
CA PRO C 241 43.44 26.95 4.25
C PRO C 241 44.11 27.85 3.25
N LEU C 242 43.76 27.72 1.98
CA LEU C 242 44.32 28.57 0.93
C LEU C 242 43.94 30.05 1.11
N GLN C 243 42.67 30.30 1.38
CA GLN C 243 42.19 31.66 1.63
C GLN C 243 42.84 32.23 2.89
N TYR C 244 43.05 31.38 3.88
CA TYR C 244 43.67 31.79 5.13
C TYR C 244 45.13 32.23 4.94
N LEU C 245 45.85 31.49 4.08
CA LEU C 245 47.27 31.68 3.83
C LEU C 245 47.55 32.88 2.94
N ALA C 246 46.65 33.14 2.00
CA ALA C 246 46.96 34.03 0.89
C ALA C 246 47.55 35.36 1.34
N PRO C 247 46.93 36.02 2.34
CA PRO C 247 47.49 37.31 2.75
C PRO C 247 48.94 37.22 3.21
N TYR C 248 49.29 36.15 3.91
CA TYR C 248 50.66 35.95 4.39
C TYR C 248 51.62 35.68 3.24
N SER C 249 51.19 34.85 2.29
CA SER C 249 51.94 34.62 1.07
C SER C 249 52.24 35.92 0.35
N GLY C 250 51.22 36.76 0.18
CA GLY C 250 51.36 38.04 -0.50
C GLY C 250 52.32 38.91 0.29
N CYS C 251 52.15 38.91 1.61
CA CYS C 251 52.99 39.66 2.52
C CYS C 251 54.45 39.33 2.31
N SER C 252 54.79 38.04 2.36
CA SER C 252 56.17 37.57 2.10
C SER C 252 56.70 38.08 0.77
N MET C 253 55.90 37.93 -0.28
CA MET C 253 56.28 38.45 -1.59
C MET C 253 56.52 39.95 -1.56
N GLY C 254 55.94 40.62 -0.57
CA GLY C 254 56.11 42.07 -0.40
C GLY C 254 57.35 42.37 0.42
N GLU C 255 57.56 41.54 1.43
CA GLU C 255 58.68 41.69 2.34
C GLU C 255 60.03 41.60 1.61
N TYR C 256 60.04 40.91 0.47
CA TYR C 256 61.23 40.76 -0.37
C TYR C 256 61.69 42.12 -0.86
N PHE C 257 60.75 42.91 -1.37
CA PHE C 257 61.01 44.31 -1.70
C PHE C 257 61.38 45.11 -0.46
N ARG C 258 60.61 44.95 0.61
CA ARG C 258 60.80 45.71 1.85
C ARG C 258 62.23 45.58 2.37
N ASP C 259 62.77 44.37 2.25
CA ASP C 259 64.07 44.04 2.80
C ASP C 259 65.24 44.22 1.84
N ASN C 260 64.97 44.61 0.61
CA ASN C 260 66.01 44.83 -0.39
C ASN C 260 65.98 46.26 -0.93
N GLY C 261 65.75 47.22 -0.03
CA GLY C 261 65.79 48.64 -0.38
C GLY C 261 64.80 49.10 -1.43
N LYS C 262 63.75 48.31 -1.64
CA LYS C 262 62.65 48.68 -2.52
C LYS C 262 61.36 48.92 -1.73
N HIS C 263 60.37 49.52 -2.39
CA HIS C 263 59.08 49.80 -1.78
C HIS C 263 57.95 49.05 -2.47
N ALA C 264 57.10 48.44 -1.66
CA ALA C 264 55.93 47.70 -2.13
C ALA C 264 54.65 48.14 -1.46
N LEU C 265 53.56 47.97 -2.19
CA LEU C 265 52.23 48.21 -1.67
C LEU C 265 51.42 46.93 -1.77
N ILE C 266 50.80 46.54 -0.66
CA ILE C 266 49.95 45.36 -0.65
C ILE C 266 48.53 45.69 -0.22
N ILE C 267 47.57 45.19 -0.99
CA ILE C 267 46.16 45.32 -0.75
C ILE C 267 45.73 43.93 -0.29
N TYR C 268 44.96 43.87 0.79
CA TYR C 268 44.32 42.60 1.22
C TYR C 268 42.83 42.71 1.02
N ASP C 269 42.34 42.18 -0.10
CA ASP C 269 40.94 42.34 -0.48
C ASP C 269 40.16 41.01 -0.47
N ASP C 270 39.50 40.66 0.64
CA ASP C 270 39.50 41.43 1.90
C ASP C 270 39.70 40.53 3.11
N LEU C 271 40.09 41.13 4.23
CA LEU C 271 40.36 40.38 5.47
C LEU C 271 39.10 39.93 6.21
N SER C 272 37.94 40.44 5.81
CA SER C 272 36.68 39.91 6.34
C SER C 272 36.56 38.42 5.94
N LYS C 273 36.81 38.14 4.67
CA LYS C 273 36.69 36.82 4.12
C LYS C 273 37.81 35.88 4.60
N GLN C 274 39.00 36.43 4.85
CA GLN C 274 40.08 35.61 5.39
C GLN C 274 39.79 35.19 6.82
N ALA C 275 39.23 36.09 7.62
CA ALA C 275 38.77 35.76 8.98
C ALA C 275 37.71 34.65 8.96
N VAL C 276 36.79 34.71 8.00
CA VAL C 276 35.79 33.65 7.86
C VAL C 276 36.42 32.30 7.53
N ALA C 277 37.36 32.30 6.57
CA ALA C 277 38.11 31.11 6.20
C ALA C 277 38.88 30.51 7.40
N TYR C 278 39.52 31.38 8.19
CA TYR C 278 40.27 30.96 9.37
C TYR C 278 39.34 30.41 10.45
N ARG C 279 38.21 31.11 10.66
CA ARG C 279 37.15 30.60 11.52
C ARG C 279 36.73 29.19 11.12
N GLN C 280 36.38 28.99 9.85
CA GLN C 280 36.06 27.63 9.34
C GLN C 280 37.14 26.60 9.75
N MET C 281 38.38 26.89 9.36
CA MET C 281 39.55 26.06 9.65
C MET C 281 39.72 25.79 11.14
N SER C 282 39.63 26.84 11.96
CA SER C 282 39.78 26.67 13.41
C SER C 282 38.68 25.81 14.04
N LEU C 283 37.44 25.97 13.57
CA LEU C 283 36.33 25.21 14.12
C LEU C 283 36.44 23.73 13.75
N LEU C 284 36.83 23.48 12.49
CA LEU C 284 37.04 22.10 12.02
C LEU C 284 38.24 21.40 12.68
N LEU C 285 39.20 22.19 13.15
CA LEU C 285 40.32 21.69 13.97
C LEU C 285 39.92 21.44 15.42
N ARG C 286 38.65 21.70 15.72
CA ARG C 286 38.04 21.50 17.05
C ARG C 286 38.49 22.51 18.10
N ARG C 287 39.08 23.61 17.65
CA ARG C 287 39.41 24.73 18.54
C ARG C 287 38.13 25.47 18.89
N PRO C 288 37.81 25.56 20.19
CA PRO C 288 36.51 26.10 20.62
C PRO C 288 36.29 27.52 20.11
N PRO C 289 35.04 27.81 19.69
CA PRO C 289 34.69 29.13 19.15
C PRO C 289 34.74 30.21 20.22
N GLY C 290 34.96 31.45 19.81
CA GLY C 290 34.91 32.58 20.73
C GLY C 290 33.79 33.53 20.35
N ARG C 291 34.04 34.83 20.54
CA ARG C 291 33.08 35.86 20.20
C ARG C 291 32.70 35.75 18.72
N GLU C 292 31.39 35.73 18.45
CA GLU C 292 30.82 35.57 17.10
C GLU C 292 31.33 34.37 16.34
N ALA C 293 31.68 33.34 17.11
CA ALA C 293 32.13 32.05 16.60
C ALA C 293 33.54 32.05 16.01
N TYR C 294 34.16 33.23 15.94
CA TYR C 294 35.56 33.36 15.58
C TYR C 294 36.45 32.80 16.67
N PRO C 295 37.69 32.37 16.29
CA PRO C 295 38.66 31.92 17.28
C PRO C 295 39.04 33.06 18.22
N GLY C 296 39.54 32.70 19.40
CA GLY C 296 39.95 33.69 20.39
C GLY C 296 41.00 34.63 19.85
N ASP C 297 41.91 34.08 19.04
CA ASP C 297 43.08 34.80 18.58
C ASP C 297 42.89 35.49 17.22
N VAL C 298 41.65 35.84 16.88
CA VAL C 298 41.38 36.42 15.55
C VAL C 298 41.95 37.85 15.39
N PHE C 299 42.20 38.53 16.51
CA PHE C 299 42.91 39.81 16.49
C PHE C 299 44.31 39.51 15.99
N TYR C 300 44.92 38.53 16.65
CA TYR C 300 46.29 38.12 16.37
C TYR C 300 46.47 37.66 14.91
N LEU C 301 45.45 37.01 14.35
CA LEU C 301 45.45 36.62 12.94
C LEU C 301 45.88 37.78 12.04
N HIS C 302 45.31 38.95 12.27
CA HIS C 302 45.55 40.12 11.44
C HIS C 302 46.67 41.03 11.97
N SER C 303 46.78 41.13 13.29
CA SER C 303 47.84 41.91 13.89
C SER C 303 49.22 41.43 13.40
N ARG C 304 49.47 40.14 13.44
CA ARG C 304 50.78 39.65 13.00
C ARG C 304 51.03 39.87 11.50
N LEU C 305 49.96 39.87 10.70
CA LEU C 305 50.06 40.12 9.26
C LEU C 305 50.42 41.58 8.94
N LEU C 306 49.73 42.51 9.61
CA LEU C 306 49.76 43.92 9.26
C LEU C 306 50.97 44.62 9.85
N GLU C 307 51.50 44.04 10.92
CA GLU C 307 52.71 44.51 11.56
C GLU C 307 53.93 44.36 10.64
N ARG C 308 53.80 43.48 9.66
CA ARG C 308 54.88 43.22 8.70
C ARG C 308 54.92 44.30 7.63
N ALA C 309 53.88 45.12 7.54
CA ALA C 309 53.97 46.37 6.80
C ALA C 309 54.77 47.33 7.68
N ALA C 310 55.86 47.84 7.13
CA ALA C 310 56.86 48.54 7.92
C ALA C 310 57.79 49.36 7.04
N LYS C 311 58.41 50.36 7.66
CA LYS C 311 59.42 51.18 7.01
C LYS C 311 60.74 50.83 7.65
N MET C 312 61.70 50.48 6.81
CA MET C 312 63.02 50.05 7.31
C MET C 312 63.96 51.24 7.40
N ASN C 313 64.86 51.25 8.39
CA ASN C 313 65.86 52.30 8.44
C ASN C 313 66.97 52.04 7.43
N ASP C 314 67.83 53.02 7.20
CA ASP C 314 68.85 52.93 6.16
C ASP C 314 69.83 51.79 6.33
N ALA C 315 70.12 51.44 7.59
CA ALA C 315 70.97 50.30 7.88
C ALA C 315 70.39 49.02 7.32
N PHE C 316 69.07 48.87 7.40
CA PHE C 316 68.40 47.68 6.90
C PHE C 316 67.97 47.83 5.43
N GLY C 317 68.45 48.87 4.78
CA GLY C 317 68.23 49.06 3.34
C GLY C 317 67.30 50.19 2.94
N GLY C 318 66.56 50.72 3.90
CA GLY C 318 65.63 51.82 3.64
C GLY C 318 64.34 51.47 2.92
N GLY C 319 64.12 50.17 2.69
CA GLY C 319 62.90 49.72 2.01
C GLY C 319 61.63 49.83 2.84
N SER C 320 60.49 49.50 2.25
CA SER C 320 59.19 49.57 2.97
C SER C 320 58.11 48.69 2.35
N LEU C 321 57.19 48.23 3.20
CA LEU C 321 55.95 47.59 2.76
C LEU C 321 54.79 48.40 3.34
N THR C 322 53.88 48.82 2.47
CA THR C 322 52.71 49.60 2.84
C THR C 322 51.48 48.73 2.63
N ALA C 323 50.58 48.72 3.60
CA ALA C 323 49.41 47.87 3.50
C ALA C 323 48.07 48.61 3.48
N LEU C 324 47.20 48.18 2.58
CA LEU C 324 45.83 48.65 2.55
C LEU C 324 44.87 47.46 2.74
N PRO C 325 44.66 47.04 4.00
CA PRO C 325 43.67 46.00 4.22
C PRO C 325 42.27 46.52 3.98
N VAL C 326 41.36 45.61 3.63
CA VAL C 326 39.99 45.98 3.33
C VAL C 326 39.11 45.21 4.27
N ILE C 327 38.15 45.88 4.89
CA ILE C 327 37.21 45.20 5.76
C ILE C 327 35.82 45.56 5.29
N GLU C 328 34.91 44.59 5.38
CA GLU C 328 33.54 44.85 5.01
C GLU C 328 32.63 44.87 6.22
N THR C 329 32.01 46.01 6.50
CA THR C 329 31.09 46.14 7.61
C THR C 329 29.71 45.60 7.22
N GLN C 330 28.82 45.47 8.20
CA GLN C 330 27.42 45.11 7.93
C GLN C 330 26.54 46.24 8.45
N ALA C 331 25.69 46.77 7.55
CA ALA C 331 24.82 47.90 7.87
C ALA C 331 25.56 49.06 8.51
N GLY C 332 26.77 49.32 8.02
CA GLY C 332 27.51 50.54 8.36
C GLY C 332 28.14 50.63 9.73
N ASP C 333 28.13 49.53 10.48
CA ASP C 333 28.64 49.50 11.85
C ASP C 333 30.16 49.37 11.95
N VAL C 334 30.87 50.49 11.80
CA VAL C 334 32.34 50.49 12.04
C VAL C 334 32.68 50.22 13.48
N SER C 335 31.70 50.35 14.36
CA SER C 335 31.93 50.16 15.78
C SER C 335 31.86 48.69 16.23
N ALA C 336 31.54 47.77 15.32
CA ALA C 336 31.41 46.37 15.70
C ALA C 336 32.77 45.76 16.04
N TYR C 337 32.75 44.51 16.47
CA TYR C 337 33.93 43.80 16.97
C TYR C 337 35.08 43.61 15.94
N ILE C 338 34.88 42.80 14.89
CA ILE C 338 35.94 42.56 13.87
C ILE C 338 36.49 43.86 13.24
N PRO C 339 35.61 44.77 12.78
CA PRO C 339 36.07 46.07 12.33
C PRO C 339 36.97 46.79 13.33
N THR C 340 36.53 46.89 14.60
CA THR C 340 37.36 47.57 15.59
C THR C 340 38.65 46.81 15.87
N ASN C 341 38.64 45.48 15.75
CA ASN C 341 39.88 44.72 15.81
C ASN C 341 40.88 45.29 14.83
N VAL C 342 40.51 45.32 13.55
CA VAL C 342 41.40 45.75 12.47
C VAL C 342 41.73 47.24 12.53
N ILE C 343 40.71 48.06 12.85
CA ILE C 343 40.96 49.50 13.05
C ILE C 343 42.00 49.67 14.15
N SER C 344 41.93 48.81 15.16
CA SER C 344 42.85 48.88 16.28
C SER C 344 44.25 48.35 15.97
N ILE C 345 44.46 47.88 14.74
CA ILE C 345 45.77 47.42 14.28
C ILE C 345 46.48 48.45 13.37
N THR C 346 45.72 49.01 12.43
CA THR C 346 46.29 49.81 11.34
C THR C 346 46.65 51.23 11.79
N ASP C 347 47.27 51.99 10.89
CA ASP C 347 47.63 53.36 11.19
C ASP C 347 46.56 54.31 10.66
N GLY C 348 45.31 53.96 10.96
CA GLY C 348 44.15 54.72 10.49
C GLY C 348 43.28 53.95 9.54
N GLN C 349 42.20 54.59 9.10
CA GLN C 349 41.18 53.95 8.30
C GLN C 349 40.45 54.96 7.43
N ILE C 350 40.03 54.50 6.26
CA ILE C 350 39.20 55.26 5.33
C ILE C 350 37.81 54.61 5.40
N PHE C 351 36.86 55.30 6.01
CA PHE C 351 35.51 54.75 6.15
C PHE C 351 34.56 55.29 5.09
N LEU C 352 34.09 54.40 4.22
CA LEU C 352 33.15 54.76 3.16
C LEU C 352 31.72 54.43 3.59
N GLU C 353 30.76 55.25 3.14
CA GLU C 353 29.34 55.03 3.44
C GLU C 353 28.48 55.13 2.20
N THR C 354 27.46 54.29 2.12
CA THR C 354 26.53 54.31 0.99
C THR C 354 25.73 55.61 0.94
N GLU C 355 25.38 56.15 2.12
CA GLU C 355 24.62 57.39 2.19
C GLU C 355 25.36 58.50 1.46
N LEU C 356 26.64 58.66 1.78
CA LEU C 356 27.52 59.61 1.11
C LEU C 356 27.61 59.30 -0.39
N PHE C 357 27.81 58.03 -0.70
CA PHE C 357 27.92 57.58 -2.07
C PHE C 357 26.75 58.05 -2.92
N TYR C 358 25.53 57.76 -2.45
CA TYR C 358 24.32 58.12 -3.18
C TYR C 358 24.03 59.62 -3.22
N LYS C 359 24.41 60.32 -2.15
CA LYS C 359 24.34 61.78 -2.12
C LYS C 359 25.31 62.43 -3.12
N GLY C 360 26.18 61.62 -3.73
CA GLY C 360 27.15 62.14 -4.68
C GLY C 360 28.51 62.46 -4.10
N ILE C 361 28.68 62.33 -2.78
CA ILE C 361 30.03 62.36 -2.21
C ILE C 361 30.74 61.09 -2.68
N ARG C 362 31.55 61.22 -3.73
CA ARG C 362 32.36 60.12 -4.26
C ARG C 362 33.77 60.62 -4.55
N PRO C 363 34.79 60.00 -3.95
CA PRO C 363 34.75 58.82 -3.07
C PRO C 363 33.92 59.07 -1.81
N ALA C 364 33.19 58.03 -1.37
CA ALA C 364 32.21 58.17 -0.30
C ALA C 364 32.84 58.21 1.10
N ILE C 365 33.94 58.95 1.25
CA ILE C 365 34.67 59.02 2.51
C ILE C 365 33.95 59.84 3.58
N ASN C 366 33.75 59.22 4.73
CA ASN C 366 33.32 59.92 5.92
C ASN C 366 34.55 60.53 6.59
N VAL C 367 34.63 61.86 6.57
CA VAL C 367 35.81 62.59 6.98
C VAL C 367 36.07 62.46 8.48
N GLY C 368 35.07 62.74 9.30
CA GLY C 368 35.27 62.73 10.74
C GLY C 368 35.65 61.36 11.29
N LEU C 369 35.22 60.30 10.59
CA LEU C 369 35.46 58.95 11.07
C LEU C 369 36.72 58.32 10.48
N SER C 370 37.25 58.89 9.40
CA SER C 370 38.50 58.43 8.82
C SER C 370 39.65 59.12 9.53
N VAL C 371 40.81 58.47 9.58
CA VAL C 371 42.01 59.08 10.13
C VAL C 371 43.25 58.50 9.50
N SER C 372 44.29 59.32 9.46
CA SER C 372 45.63 58.84 9.22
C SER C 372 46.38 59.09 10.49
N ARG C 373 47.05 58.07 11.00
CA ARG C 373 47.78 58.21 12.24
C ARG C 373 49.21 58.69 12.01
N VAL C 374 49.56 58.89 10.74
CA VAL C 374 50.89 59.37 10.39
C VAL C 374 50.82 60.88 10.10
N GLY C 375 49.70 61.32 9.51
CA GLY C 375 49.44 62.73 9.29
C GLY C 375 50.42 63.37 8.32
N SER C 376 50.71 64.67 8.54
CA SER C 376 51.52 65.45 7.61
C SER C 376 52.93 64.91 7.40
N ALA C 377 53.43 64.09 8.31
CA ALA C 377 54.75 63.46 8.07
C ALA C 377 54.79 62.68 6.75
N ALA C 378 53.61 62.33 6.24
CA ALA C 378 53.45 61.48 5.06
C ALA C 378 53.09 62.28 3.82
N GLN C 379 52.95 63.58 3.99
CA GLN C 379 52.63 64.50 2.91
C GLN C 379 53.87 65.25 2.45
N THR C 380 53.85 65.70 1.19
CA THR C 380 54.83 66.67 0.72
C THR C 380 54.53 67.96 1.45
N ARG C 381 55.54 68.82 1.55
CA ARG C 381 55.41 70.13 2.16
C ARG C 381 54.26 70.93 1.49
N ALA C 382 54.20 70.89 0.16
CA ALA C 382 53.15 71.59 -0.61
C ALA C 382 51.74 71.16 -0.22
N MET C 383 51.52 69.86 -0.03
CA MET C 383 50.19 69.37 0.33
C MET C 383 49.84 69.72 1.77
N LYS C 384 50.84 69.72 2.64
CA LYS C 384 50.66 70.12 4.03
C LYS C 384 50.28 71.60 4.06
N GLN C 385 51.03 72.41 3.32
CA GLN C 385 50.77 73.84 3.22
C GLN C 385 49.30 74.18 2.99
N VAL C 386 48.62 73.42 2.14
CA VAL C 386 47.22 73.70 1.83
C VAL C 386 46.22 72.90 2.69
N ALA C 387 46.58 71.69 3.07
CA ALA C 387 45.62 70.79 3.71
C ALA C 387 45.82 70.61 5.22
N GLY C 388 46.86 71.23 5.77
CA GLY C 388 47.30 71.03 7.16
C GLY C 388 46.31 71.18 8.29
N THR C 389 45.32 72.06 8.12
CA THR C 389 44.28 72.28 9.15
C THR C 389 42.89 71.81 8.70
N MET C 390 42.80 71.33 7.46
CA MET C 390 41.54 71.09 6.76
C MET C 390 40.69 69.98 7.39
N LYS C 391 41.34 68.95 7.92
CA LYS C 391 40.58 67.84 8.49
C LYS C 391 39.75 68.24 9.71
N LEU C 392 40.39 68.89 10.68
CA LEU C 392 39.68 69.41 11.87
C LEU C 392 38.64 70.47 11.47
N GLU C 393 38.99 71.30 10.50
CA GLU C 393 38.10 72.33 9.96
C GLU C 393 36.82 71.74 9.36
N LEU C 394 36.96 70.69 8.56
CA LEU C 394 35.83 69.99 7.96
C LEU C 394 34.96 69.26 8.99
N ALA C 395 35.58 68.81 10.08
CA ALA C 395 34.87 68.22 11.22
C ALA C 395 34.05 69.26 11.97
N GLN C 396 34.58 70.47 12.10
CA GLN C 396 33.83 71.56 12.72
C GLN C 396 32.74 72.07 11.81
N TYR C 397 33.00 72.06 10.49
CA TYR C 397 32.00 72.51 9.53
C TYR C 397 30.78 71.60 9.53
N ARG C 398 31.00 70.29 9.58
CA ARG C 398 29.91 69.32 9.52
C ARG C 398 29.05 69.38 10.76
N GLU C 399 29.69 69.59 11.91
CA GLU C 399 28.96 69.77 13.16
C GLU C 399 28.07 71.01 13.11
N VAL C 400 28.66 72.13 12.69
CA VAL C 400 27.95 73.41 12.60
C VAL C 400 26.87 73.42 11.51
N ALA C 401 27.12 72.71 10.41
CA ALA C 401 26.10 72.53 9.36
C ALA C 401 24.84 71.84 9.88
N ALA C 402 25.04 70.89 10.81
CA ALA C 402 23.95 70.21 11.49
C ALA C 402 23.24 71.13 12.50
N PHE C 403 24.02 71.82 13.33
CA PHE C 403 23.44 72.69 14.37
C PHE C 403 22.70 73.89 13.79
N ALA C 404 23.13 74.34 12.62
CA ALA C 404 22.50 75.47 11.92
C ALA C 404 21.37 75.00 11.01
N GLN C 405 21.13 73.69 10.96
CA GLN C 405 20.16 73.05 10.07
C GLN C 405 18.81 73.76 9.98
N PHE C 406 18.43 74.42 11.08
CA PHE C 406 17.27 75.32 11.07
C PHE C 406 17.75 76.76 10.84
N GLY C 407 17.49 77.27 9.64
CA GLY C 407 18.01 78.57 9.18
C GLY C 407 17.74 79.78 10.06
N SER C 408 18.55 79.93 11.11
CA SER C 408 18.38 81.01 12.09
C SER C 408 19.64 81.88 12.18
N ASP C 409 19.46 83.20 12.02
CA ASP C 409 20.53 84.22 11.99
C ASP C 409 21.89 83.81 12.57
N LEU C 410 22.87 83.65 11.69
CA LEU C 410 24.20 83.16 12.04
C LEU C 410 25.23 84.27 11.96
N ASP C 411 26.22 84.24 12.85
CA ASP C 411 27.30 85.22 12.85
C ASP C 411 28.20 85.06 11.63
N ALA C 412 29.03 86.08 11.38
CA ALA C 412 29.91 86.10 10.22
C ALA C 412 30.91 84.94 10.22
N ALA C 413 31.27 84.48 11.41
CA ALA C 413 32.23 83.41 11.57
C ALA C 413 31.72 82.05 11.08
N THR C 414 30.53 81.65 11.52
CA THR C 414 29.98 80.33 11.17
C THR C 414 29.44 80.29 9.74
N GLN C 415 28.99 81.44 9.25
CA GLN C 415 28.48 81.55 7.90
C GLN C 415 29.62 81.42 6.89
N GLN C 416 30.81 81.89 7.28
CA GLN C 416 32.04 81.71 6.52
C GLN C 416 32.50 80.25 6.52
N LEU C 417 32.45 79.62 7.69
CA LEU C 417 32.81 78.21 7.84
C LEU C 417 31.88 77.33 7.00
N LEU C 418 30.60 77.68 6.99
CA LEU C 418 29.62 76.97 6.18
C LEU C 418 29.94 77.14 4.70
N SER C 419 30.16 78.38 4.27
CA SER C 419 30.49 78.66 2.88
C SER C 419 31.74 77.93 2.43
N ARG C 420 32.78 77.99 3.25
CA ARG C 420 34.03 77.30 2.95
C ARG C 420 33.80 75.81 2.92
N GLY C 421 33.16 75.29 3.97
CA GLY C 421 32.93 73.86 4.12
C GLY C 421 32.24 73.21 2.95
N VAL C 422 31.13 73.79 2.50
CA VAL C 422 30.36 73.25 1.37
C VAL C 422 31.20 73.22 0.10
N ARG C 423 32.13 74.16 -0.02
CA ARG C 423 32.95 74.30 -1.22
C ARG C 423 34.09 73.30 -1.29
N LEU C 424 34.75 73.09 -0.15
CA LEU C 424 35.83 72.11 -0.08
C LEU C 424 35.25 70.70 -0.33
N THR C 425 34.09 70.42 0.28
CA THR C 425 33.38 69.17 0.03
C THR C 425 33.29 68.85 -1.47
N GLU C 426 33.00 69.87 -2.28
CA GLU C 426 32.92 69.74 -3.74
C GLU C 426 34.27 69.45 -4.39
N LEU C 427 35.33 70.03 -3.84
CA LEU C 427 36.67 69.81 -4.37
C LEU C 427 37.17 68.40 -4.11
N LEU C 428 36.68 67.78 -3.03
CA LEU C 428 37.11 66.45 -2.62
C LEU C 428 36.42 65.33 -3.40
N LYS C 429 35.38 65.69 -4.16
CA LYS C 429 34.74 64.75 -5.07
C LYS C 429 35.72 64.42 -6.18
N GLN C 430 35.65 63.19 -6.68
CA GLN C 430 36.59 62.73 -7.69
C GLN C 430 36.03 61.52 -8.43
N GLY C 431 36.25 61.49 -9.74
CA GLY C 431 35.92 60.34 -10.55
C GLY C 431 36.89 59.21 -10.33
N GLN C 432 36.68 58.13 -11.06
CA GLN C 432 37.46 56.92 -10.94
C GLN C 432 38.44 56.84 -12.11
N TYR C 433 39.55 56.13 -11.91
CA TYR C 433 40.52 55.81 -12.97
C TYR C 433 41.35 56.99 -13.49
N SER C 434 41.32 58.11 -12.80
CA SER C 434 42.18 59.24 -13.14
C SER C 434 42.81 59.82 -11.88
N PRO C 435 43.69 59.04 -11.22
CA PRO C 435 44.35 59.56 -10.04
C PRO C 435 45.22 60.75 -10.41
N MET C 436 45.23 61.75 -9.54
CA MET C 436 45.87 63.02 -9.84
C MET C 436 47.26 63.10 -9.25
N ALA C 437 48.17 63.68 -10.04
CA ALA C 437 49.50 64.04 -9.57
C ALA C 437 49.36 64.99 -8.37
N ILE C 438 50.28 64.90 -7.42
CA ILE C 438 50.25 65.73 -6.21
C ILE C 438 50.12 67.22 -6.47
N GLU C 439 50.91 67.74 -7.41
CA GLU C 439 50.95 69.19 -7.67
C GLU C 439 49.60 69.71 -8.19
N GLU C 440 48.85 68.85 -8.87
CA GLU C 440 47.54 69.22 -9.39
C GLU C 440 46.50 69.17 -8.28
N GLN C 441 46.67 68.23 -7.36
CA GLN C 441 45.84 68.18 -6.16
C GLN C 441 46.03 69.44 -5.34
N VAL C 442 47.29 69.83 -5.17
CA VAL C 442 47.66 71.01 -4.38
C VAL C 442 47.02 72.28 -4.96
N ALA C 443 47.15 72.47 -6.27
CA ALA C 443 46.62 73.67 -6.92
C ALA C 443 45.11 73.76 -6.80
N VAL C 444 44.43 72.62 -6.92
CA VAL C 444 42.99 72.56 -6.78
C VAL C 444 42.56 72.88 -5.34
N ILE C 445 43.21 72.23 -4.37
CA ILE C 445 42.91 72.48 -2.97
C ILE C 445 43.22 73.93 -2.59
N TYR C 446 44.39 74.41 -3.04
CA TYR C 446 44.81 75.80 -2.87
C TYR C 446 43.68 76.79 -3.16
N ALA C 447 43.05 76.63 -4.33
CA ALA C 447 41.94 77.48 -4.74
C ALA C 447 40.88 77.57 -3.66
N GLY C 448 40.53 76.42 -3.09
CA GLY C 448 39.51 76.33 -2.05
C GLY C 448 39.91 76.89 -0.70
N VAL C 449 41.00 76.37 -0.14
CA VAL C 449 41.45 76.74 1.21
C VAL C 449 41.87 78.19 1.39
N ARG C 450 42.20 78.86 0.29
CA ARG C 450 42.59 80.26 0.35
C ARG C 450 41.38 81.19 0.18
N GLY C 451 40.23 80.58 -0.05
CA GLY C 451 38.96 81.32 -0.11
C GLY C 451 38.57 81.85 -1.47
N TYR C 452 39.36 81.55 -2.50
CA TYR C 452 39.16 82.16 -3.83
C TYR C 452 37.89 81.72 -4.54
N LEU C 453 37.25 80.68 -4.01
CA LEU C 453 36.01 80.15 -4.56
C LEU C 453 34.82 80.39 -3.65
N ASP C 454 35.03 81.16 -2.57
CA ASP C 454 34.00 81.37 -1.54
C ASP C 454 32.70 81.98 -2.04
N LYS C 455 32.74 82.52 -3.26
CA LYS C 455 31.58 83.19 -3.84
C LYS C 455 31.07 82.48 -5.08
N LEU C 456 31.88 81.55 -5.59
CA LEU C 456 31.47 80.70 -6.69
C LEU C 456 30.39 79.78 -6.15
N GLU C 457 29.32 79.66 -6.92
CA GLU C 457 28.19 78.80 -6.58
C GLU C 457 28.66 77.35 -6.48
N PRO C 458 28.37 76.69 -5.33
CA PRO C 458 28.85 75.34 -5.04
C PRO C 458 28.63 74.30 -6.16
N SER C 459 27.50 74.39 -6.85
CA SER C 459 27.19 73.44 -7.93
C SER C 459 28.08 73.60 -9.18
N LYS C 460 28.89 74.67 -9.21
CA LYS C 460 29.78 74.93 -10.34
C LYS C 460 31.22 74.49 -10.09
N ILE C 461 31.53 74.17 -8.84
CA ILE C 461 32.90 73.89 -8.40
C ILE C 461 33.60 72.80 -9.22
N THR C 462 32.87 71.75 -9.59
CA THR C 462 33.48 70.67 -10.35
C THR C 462 33.81 71.13 -11.76
N LYS C 463 32.86 71.81 -12.42
CA LYS C 463 33.09 72.32 -13.77
C LYS C 463 34.29 73.25 -13.73
N PHE C 464 34.37 74.07 -12.69
CA PHE C 464 35.53 74.92 -12.47
C PHE C 464 36.83 74.13 -12.41
N GLU C 465 36.89 73.12 -11.53
CA GLU C 465 38.13 72.40 -11.26
C GLU C 465 38.76 71.82 -12.53
N ASN C 466 37.93 71.19 -13.35
CA ASN C 466 38.38 70.59 -14.59
C ASN C 466 38.85 71.64 -15.59
N ALA C 467 38.13 72.75 -15.63
CA ALA C 467 38.49 73.88 -16.49
C ALA C 467 39.81 74.49 -16.02
N PHE C 468 39.85 74.81 -14.74
CA PHE C 468 41.05 75.32 -14.10
C PHE C 468 42.25 74.40 -14.33
N LEU C 469 42.06 73.13 -14.00
CA LEU C 469 43.12 72.14 -14.09
C LEU C 469 43.67 72.00 -15.51
N SER C 470 42.80 71.93 -16.51
CA SER C 470 43.26 71.80 -17.89
C SER C 470 43.99 73.06 -18.34
N HIS C 471 43.62 74.20 -17.77
CA HIS C 471 44.32 75.45 -18.06
C HIS C 471 45.75 75.43 -17.52
N VAL C 472 45.93 75.04 -16.26
CA VAL C 472 47.28 75.04 -15.66
C VAL C 472 48.18 73.94 -16.22
N ILE C 473 47.58 72.88 -16.75
CA ILE C 473 48.33 71.75 -17.31
C ILE C 473 49.03 72.15 -18.62
N SER C 474 48.30 72.85 -19.48
CA SER C 474 48.84 73.27 -20.78
C SER C 474 49.66 74.56 -20.67
N GLN C 475 49.05 75.58 -20.07
CA GLN C 475 49.63 76.90 -19.96
C GLN C 475 50.75 77.00 -18.91
N HIS C 476 50.65 76.24 -17.82
CA HIS C 476 51.54 76.43 -16.66
C HIS C 476 52.30 75.18 -16.20
N GLN C 477 52.80 74.41 -17.16
CA GLN C 477 53.65 73.26 -16.88
C GLN C 477 54.90 73.68 -16.09
N ALA C 478 55.24 74.97 -16.19
CA ALA C 478 56.37 75.55 -15.46
C ALA C 478 56.11 75.68 -13.96
N LEU C 479 54.89 76.09 -13.61
CA LEU C 479 54.49 76.25 -12.21
C LEU C 479 54.28 74.88 -11.54
N LEU C 480 53.54 74.00 -12.20
CA LEU C 480 53.33 72.63 -11.72
C LEU C 480 54.66 71.91 -11.54
N SER C 481 55.54 72.06 -12.53
CA SER C 481 56.89 71.52 -12.48
C SER C 481 57.63 71.95 -11.22
N LYS C 482 57.55 73.22 -10.89
CA LYS C 482 58.29 73.76 -9.74
C LYS C 482 57.75 73.24 -8.41
N ILE C 483 56.42 73.25 -8.27
CA ILE C 483 55.74 72.70 -7.09
C ILE C 483 56.08 71.21 -6.91
N ARG C 484 56.03 70.45 -8.01
CA ARG C 484 56.37 69.03 -8.00
C ARG C 484 57.82 68.80 -7.61
N THR C 485 58.72 69.55 -8.25
CA THR C 485 60.17 69.43 -8.04
C THR C 485 60.59 69.88 -6.65
N ASP C 486 60.14 71.07 -6.24
CA ASP C 486 60.48 71.63 -4.93
C ASP C 486 59.68 70.95 -3.82
N GLY C 487 58.54 70.37 -4.18
CA GLY C 487 57.65 69.72 -3.23
C GLY C 487 57.06 70.70 -2.23
N LYS C 488 57.00 71.96 -2.63
CA LYS C 488 56.48 73.03 -1.78
C LYS C 488 55.91 74.16 -2.62
N ILE C 489 55.15 75.04 -1.98
CA ILE C 489 54.70 76.29 -2.57
C ILE C 489 55.60 77.41 -2.05
N SER C 490 56.54 77.86 -2.88
CA SER C 490 57.38 78.99 -2.52
C SER C 490 56.55 80.26 -2.55
N GLU C 491 57.09 81.36 -2.00
CA GLU C 491 56.40 82.65 -2.00
C GLU C 491 56.11 83.13 -3.43
N GLU C 492 57.02 82.79 -4.34
CA GLU C 492 56.90 83.05 -5.77
C GLU C 492 55.76 82.24 -6.38
N SER C 493 55.71 80.94 -6.06
CA SER C 493 54.66 80.04 -6.56
C SER C 493 53.31 80.39 -6.00
N ASP C 494 53.29 80.86 -4.76
CA ASP C 494 52.07 81.31 -4.12
C ASP C 494 51.48 82.51 -4.88
N ALA C 495 52.32 83.52 -5.12
CA ALA C 495 51.92 84.71 -5.88
C ALA C 495 51.43 84.36 -7.29
N LYS C 496 52.20 83.57 -8.02
CA LYS C 496 51.78 83.05 -9.33
C LYS C 496 50.43 82.32 -9.31
N LEU C 497 50.19 81.49 -8.30
CA LEU C 497 48.94 80.74 -8.15
C LEU C 497 47.69 81.61 -7.92
N LYS C 498 47.82 82.58 -7.02
CA LYS C 498 46.75 83.51 -6.70
C LYS C 498 46.33 84.29 -7.94
N GLU C 499 47.32 84.70 -8.73
CA GLU C 499 47.09 85.45 -9.96
C GLU C 499 46.33 84.61 -10.98
N ILE C 500 46.72 83.34 -11.10
CA ILE C 500 46.06 82.42 -12.02
C ILE C 500 44.58 82.23 -11.64
N VAL C 501 44.32 81.83 -10.39
CA VAL C 501 42.97 81.39 -9.99
C VAL C 501 41.96 82.53 -9.97
N THR C 502 42.36 83.68 -9.41
CA THR C 502 41.45 84.82 -9.27
C THR C 502 40.97 85.31 -10.64
N ASN C 503 41.92 85.55 -11.54
CA ASN C 503 41.64 86.01 -12.91
C ASN C 503 40.95 84.95 -13.79
N PHE C 504 41.33 83.68 -13.62
CA PHE C 504 40.64 82.58 -14.30
C PHE C 504 39.20 82.50 -13.85
N LEU C 505 38.99 82.53 -12.54
CA LEU C 505 37.67 82.41 -11.93
C LEU C 505 36.76 83.52 -12.41
N ALA C 506 37.30 84.73 -12.52
CA ALA C 506 36.53 85.87 -13.05
C ALA C 506 36.10 85.62 -14.49
N GLY C 507 37.03 85.14 -15.32
CA GLY C 507 36.72 84.81 -16.72
C GLY C 507 35.67 83.72 -16.78
N PHE C 508 35.86 82.71 -15.94
CA PHE C 508 34.95 81.59 -15.80
C PHE C 508 33.54 82.02 -15.39
N GLU C 509 33.46 83.04 -14.53
CA GLU C 509 32.19 83.51 -13.96
C GLU C 509 31.45 84.57 -14.81
N ALA C 510 31.97 84.85 -16.01
CA ALA C 510 31.34 85.80 -16.93
C ALA C 510 30.14 85.17 -17.63
N THR D 13 65.58 18.96 36.12
CA THR D 13 64.94 17.78 35.50
C THR D 13 64.48 18.07 34.07
N THR D 14 64.46 17.04 33.23
CA THR D 14 64.14 17.18 31.81
C THR D 14 62.73 16.67 31.49
N GLY D 15 62.00 17.46 30.70
CA GLY D 15 60.67 17.10 30.23
C GLY D 15 60.61 16.99 28.73
N ARG D 16 59.49 16.49 28.23
CA ARG D 16 59.31 16.31 26.79
C ARG D 16 57.99 16.89 26.32
N ILE D 17 58.05 17.66 25.24
CA ILE D 17 56.83 18.17 24.62
C ILE D 17 55.97 16.99 24.16
N VAL D 18 54.70 17.03 24.54
CA VAL D 18 53.75 16.01 24.09
C VAL D 18 52.65 16.53 23.15
N ALA D 19 52.32 17.82 23.26
CA ALA D 19 51.33 18.45 22.39
C ALA D 19 51.64 19.91 22.11
N VAL D 20 51.36 20.34 20.88
CA VAL D 20 51.47 21.75 20.47
C VAL D 20 50.20 22.16 19.73
N ILE D 21 49.41 23.02 20.35
CA ILE D 21 48.28 23.63 19.65
C ILE D 21 48.41 25.13 19.87
N GLY D 22 48.70 25.85 18.78
CA GLY D 22 49.01 27.27 18.84
C GLY D 22 50.08 27.63 19.88
N ALA D 23 49.76 28.60 20.72
CA ALA D 23 50.63 29.07 21.82
C ALA D 23 50.72 28.12 23.02
N VAL D 24 49.81 27.14 23.05
CA VAL D 24 49.71 26.23 24.20
C VAL D 24 50.49 24.95 23.94
N VAL D 25 51.42 24.64 24.84
CA VAL D 25 52.30 23.48 24.72
C VAL D 25 52.19 22.62 25.96
N ASP D 26 51.96 21.33 25.76
CA ASP D 26 51.95 20.35 26.85
C ASP D 26 53.30 19.66 26.94
N VAL D 27 53.82 19.57 28.17
CA VAL D 27 55.13 19.00 28.40
C VAL D 27 55.08 17.92 29.49
N GLN D 28 55.58 16.72 29.17
CA GLN D 28 55.66 15.65 30.17
C GLN D 28 57.02 15.55 30.86
N PHE D 29 56.98 15.47 32.18
CA PHE D 29 58.17 15.31 33.02
C PHE D 29 58.10 13.97 33.76
N ASP D 30 59.14 13.15 33.63
CA ASP D 30 59.16 11.85 34.29
C ASP D 30 59.54 11.92 35.77
N GLU D 31 60.48 12.82 36.08
CA GLU D 31 60.93 13.01 37.45
C GLU D 31 60.11 14.12 38.10
N GLY D 32 60.78 15.19 38.51
CA GLY D 32 60.13 16.29 39.22
C GLY D 32 59.27 17.17 38.34
N LEU D 33 58.09 17.49 38.86
CA LEU D 33 57.14 18.34 38.17
C LEU D 33 57.37 19.82 38.53
N PRO D 34 57.60 20.67 37.51
CA PRO D 34 57.75 22.11 37.74
C PRO D 34 56.44 22.73 38.22
N PRO D 35 56.47 23.52 39.30
CA PRO D 35 55.26 24.16 39.78
C PRO D 35 54.71 25.18 38.78
N ILE D 36 53.41 25.42 38.86
CA ILE D 36 52.75 26.45 38.08
C ILE D 36 53.51 27.77 38.22
N LEU D 37 53.59 28.50 37.10
CA LEU D 37 54.30 29.77 36.94
C LEU D 37 55.78 29.61 36.60
N ASN D 38 56.31 28.39 36.75
CA ASN D 38 57.73 28.16 36.43
C ASN D 38 58.07 28.40 34.96
N ALA D 39 59.28 28.91 34.73
CA ALA D 39 59.76 29.10 33.36
C ALA D 39 60.56 27.88 32.91
N LEU D 40 60.12 27.30 31.80
CA LEU D 40 60.80 26.16 31.21
C LEU D 40 61.57 26.64 29.98
N GLU D 41 62.69 25.99 29.69
CA GLU D 41 63.53 26.34 28.54
C GLU D 41 63.48 25.24 27.48
N VAL D 42 62.96 25.57 26.30
CA VAL D 42 62.92 24.60 25.19
C VAL D 42 64.30 24.42 24.57
N GLN D 43 64.75 23.17 24.54
CA GLN D 43 66.03 22.82 23.96
C GLN D 43 65.98 22.81 22.43
N GLY D 44 67.13 23.04 21.80
CA GLY D 44 67.26 22.99 20.34
C GLY D 44 66.49 24.06 19.58
N ARG D 45 66.63 25.32 19.99
CA ARG D 45 66.07 26.46 19.27
C ARG D 45 67.18 27.46 18.98
N GLU D 46 67.00 28.29 17.96
CA GLU D 46 67.99 29.30 17.62
C GLU D 46 67.94 30.43 18.63
N THR D 47 66.72 30.88 18.91
CA THR D 47 66.49 31.92 19.88
C THR D 47 65.78 31.32 21.09
N ARG D 48 66.10 31.85 22.26
CA ARG D 48 65.56 31.36 23.53
C ARG D 48 64.02 31.31 23.52
N LEU D 49 63.47 30.11 23.66
CA LEU D 49 62.03 29.93 23.76
C LEU D 49 61.65 29.52 25.18
N VAL D 50 60.93 30.40 25.88
CA VAL D 50 60.47 30.11 27.23
C VAL D 50 59.00 29.67 27.21
N LEU D 51 58.69 28.67 28.04
CA LEU D 51 57.31 28.25 28.25
C LEU D 51 57.01 28.48 29.72
N GLU D 52 55.85 29.04 30.01
CA GLU D 52 55.46 29.29 31.39
C GLU D 52 54.41 28.30 31.81
N VAL D 53 54.62 27.63 32.95
CA VAL D 53 53.69 26.59 33.40
C VAL D 53 52.36 27.19 33.85
N ALA D 54 51.27 26.69 33.28
CA ALA D 54 49.94 27.23 33.54
C ALA D 54 49.12 26.30 34.40
N GLN D 55 49.15 25.01 34.08
CA GLN D 55 48.35 24.02 34.79
C GLN D 55 49.11 22.73 34.95
N HIS D 56 48.77 21.97 35.98
CA HIS D 56 49.17 20.56 36.09
C HIS D 56 47.99 19.70 35.63
N LEU D 57 48.16 19.02 34.50
CA LEU D 57 47.04 18.33 33.86
C LEU D 57 46.74 16.97 34.48
N GLY D 58 47.69 16.44 35.25
CA GLY D 58 47.65 15.06 35.73
C GLY D 58 48.59 14.20 34.91
N GLU D 59 48.92 13.01 35.41
CA GLU D 59 49.80 12.11 34.66
C GLU D 59 51.10 12.81 34.26
N SER D 60 51.75 13.46 35.23
CA SER D 60 53.07 14.09 35.07
C SER D 60 53.22 14.99 33.81
N THR D 61 52.08 15.53 33.36
CA THR D 61 52.04 16.43 32.22
C THR D 61 51.57 17.81 32.70
N VAL D 62 52.35 18.84 32.39
CA VAL D 62 51.96 20.22 32.63
C VAL D 62 51.51 20.90 31.35
N ARG D 63 50.59 21.85 31.47
CA ARG D 63 50.21 22.70 30.34
C ARG D 63 50.87 24.07 30.46
N THR D 64 51.51 24.50 29.37
CA THR D 64 52.25 25.76 29.34
C THR D 64 51.79 26.69 28.22
N ILE D 65 51.98 28.01 28.42
CA ILE D 65 51.89 29.00 27.33
C ILE D 65 53.28 29.43 26.92
N ALA D 66 53.48 29.64 25.61
CA ALA D 66 54.79 29.96 25.08
C ALA D 66 55.01 31.46 25.06
N MET D 67 56.27 31.88 25.21
CA MET D 67 56.60 33.30 25.22
C MET D 67 57.10 33.79 23.86
N ASP D 68 57.14 32.88 22.90
CA ASP D 68 57.52 33.17 21.53
C ASP D 68 56.82 32.13 20.66
N GLY D 69 56.99 32.24 19.33
CA GLY D 69 56.31 31.35 18.41
C GLY D 69 56.69 29.90 18.61
N THR D 70 55.72 29.01 18.45
CA THR D 70 55.93 27.58 18.61
C THR D 70 56.14 26.83 17.28
N GLU D 71 56.20 27.55 16.16
CA GLU D 71 56.55 26.91 14.90
C GLU D 71 57.91 26.21 15.04
N GLY D 72 58.06 25.09 14.35
CA GLY D 72 59.29 24.31 14.41
C GLY D 72 59.37 23.29 15.52
N LEU D 73 58.50 23.40 16.53
CA LEU D 73 58.50 22.48 17.67
C LEU D 73 58.05 21.08 17.24
N VAL D 74 58.67 20.07 17.83
CA VAL D 74 58.42 18.67 17.52
C VAL D 74 57.97 17.95 18.79
N ARG D 75 56.96 17.09 18.69
CA ARG D 75 56.59 16.24 19.81
C ARG D 75 57.81 15.44 20.24
N GLY D 76 58.13 15.50 21.52
CA GLY D 76 59.30 14.78 22.04
C GLY D 76 60.52 15.65 22.26
N GLN D 77 60.48 16.89 21.76
CA GLN D 77 61.57 17.85 21.96
C GLN D 77 61.81 18.10 23.45
N LYS D 78 63.08 18.26 23.84
CA LYS D 78 63.42 18.35 25.27
C LYS D 78 63.16 19.75 25.86
N VAL D 79 62.73 19.76 27.12
CA VAL D 79 62.41 21.00 27.83
C VAL D 79 62.99 20.95 29.25
N LEU D 80 63.70 22.00 29.66
CA LEU D 80 64.31 22.05 30.99
C LEU D 80 63.60 23.01 31.93
N ASP D 81 63.35 22.55 33.15
CA ASP D 81 62.83 23.41 34.18
C ASP D 81 63.95 24.35 34.64
N SER D 82 63.69 25.66 34.61
CA SER D 82 64.68 26.63 35.08
C SER D 82 64.72 26.70 36.61
N GLY D 83 63.64 26.25 37.25
CA GLY D 83 63.55 26.21 38.71
C GLY D 83 62.81 27.39 39.31
N ALA D 84 62.43 28.35 38.48
CA ALA D 84 61.82 29.60 38.95
C ALA D 84 60.90 30.22 37.90
N PRO D 85 60.06 31.19 38.30
CA PRO D 85 59.31 31.92 37.29
C PRO D 85 60.26 32.67 36.37
N ILE D 86 59.70 33.42 35.43
CA ILE D 86 60.49 34.24 34.54
C ILE D 86 61.16 35.34 35.34
N ARG D 87 62.50 35.34 35.33
CA ARG D 87 63.27 36.37 36.04
C ARG D 87 63.92 37.33 35.06
N ILE D 88 63.73 38.63 35.29
CA ILE D 88 64.27 39.64 34.40
C ILE D 88 65.29 40.53 35.12
N PRO D 89 66.21 41.16 34.36
CA PRO D 89 67.11 42.16 34.93
C PRO D 89 66.32 43.32 35.50
N VAL D 90 66.66 43.74 36.71
CA VAL D 90 66.15 44.98 37.29
C VAL D 90 67.28 45.86 37.85
N GLY D 91 67.12 47.19 37.74
CA GLY D 91 68.11 48.11 38.26
C GLY D 91 68.42 49.25 37.32
N PRO D 92 69.32 50.17 37.74
CA PRO D 92 69.79 51.27 36.89
C PRO D 92 70.19 50.85 35.46
N GLU D 93 70.73 49.66 35.30
CA GLU D 93 71.22 49.21 34.00
C GLU D 93 70.11 48.95 32.96
N THR D 94 68.85 48.90 33.40
CA THR D 94 67.71 48.76 32.50
C THR D 94 67.28 50.10 31.90
N LEU D 95 67.74 51.19 32.52
CA LEU D 95 67.45 52.53 32.03
C LEU D 95 68.18 52.78 30.73
N GLY D 96 67.46 53.31 29.76
CA GLY D 96 67.99 53.53 28.41
C GLY D 96 67.87 52.30 27.52
N ARG D 97 67.55 51.17 28.14
CA ARG D 97 67.49 49.90 27.45
C ARG D 97 66.06 49.52 27.03
N ILE D 98 65.95 48.65 26.03
CA ILE D 98 64.68 48.01 25.67
C ILE D 98 64.74 46.50 25.92
N MET D 99 63.82 45.99 26.75
CA MET D 99 63.69 44.54 26.97
C MET D 99 62.40 44.00 26.36
N ASN D 100 62.32 42.68 26.27
CA ASN D 100 61.10 41.98 25.90
C ASN D 100 60.52 41.30 27.15
N VAL D 101 59.52 40.44 26.96
CA VAL D 101 58.84 39.76 28.08
C VAL D 101 59.79 39.09 29.03
N ILE D 102 60.85 38.50 28.48
CA ILE D 102 61.73 37.62 29.25
C ILE D 102 63.07 38.30 29.60
N GLY D 103 63.10 39.62 29.49
CA GLY D 103 64.23 40.39 29.98
C GLY D 103 65.46 40.41 29.09
N GLU D 104 65.30 39.91 27.87
CA GLU D 104 66.35 39.97 26.87
C GLU D 104 66.32 41.37 26.27
N PRO D 105 67.52 41.98 26.08
CA PRO D 105 67.64 43.25 25.37
C PRO D 105 67.23 43.09 23.91
N ILE D 106 66.45 44.03 23.39
CA ILE D 106 65.99 44.01 21.99
C ILE D 106 66.36 45.31 21.29
N ASP D 107 67.43 45.93 21.79
CA ASP D 107 67.93 47.17 21.24
C ASP D 107 69.31 46.99 20.59
N GLU D 108 69.71 45.74 20.40
CA GLU D 108 71.00 45.38 19.82
C GLU D 108 72.21 46.11 20.43
N ARG D 109 72.11 46.42 21.73
CA ARG D 109 73.19 47.10 22.45
C ARG D 109 73.88 46.19 23.46
N GLY D 110 73.68 44.88 23.31
CA GLY D 110 74.36 43.89 24.14
C GLY D 110 73.71 43.59 25.48
N PRO D 111 74.41 42.85 26.35
CA PRO D 111 73.93 42.41 27.67
C PRO D 111 73.43 43.54 28.56
N ILE D 112 72.45 43.23 29.41
CA ILE D 112 71.95 44.15 30.42
C ILE D 112 72.60 43.73 31.73
N LYS D 113 73.68 44.41 32.08
CA LYS D 113 74.58 43.98 33.15
C LYS D 113 74.13 44.43 34.54
N THR D 114 73.00 43.87 34.99
CA THR D 114 72.44 44.16 36.31
C THR D 114 73.06 43.23 37.32
N LYS D 115 73.10 43.69 38.57
CA LYS D 115 73.55 42.85 39.67
C LYS D 115 72.46 41.83 40.01
N GLN D 116 71.21 42.31 40.06
CA GLN D 116 70.10 41.44 40.45
C GLN D 116 69.02 41.26 39.38
N PHE D 117 68.29 40.16 39.53
CA PHE D 117 67.16 39.80 38.68
C PHE D 117 65.92 39.70 39.57
N ALA D 118 64.74 39.85 38.96
CA ALA D 118 63.49 39.71 39.69
C ALA D 118 62.48 38.91 38.90
N ALA D 119 61.76 38.03 39.59
CA ALA D 119 60.67 37.27 39.02
C ALA D 119 59.55 38.22 38.62
N ILE D 120 58.93 37.98 37.47
CA ILE D 120 57.87 38.86 36.98
C ILE D 120 56.54 38.57 37.66
N HIS D 121 56.49 37.45 38.38
CA HIS D 121 55.37 37.17 39.25
C HIS D 121 55.74 37.48 40.71
N ALA D 122 54.83 38.15 41.41
CA ALA D 122 55.06 38.59 42.77
C ALA D 122 53.73 38.90 43.45
N GLU D 123 53.73 38.84 44.78
CA GLU D 123 52.54 39.14 45.58
C GLU D 123 52.28 40.63 45.60
N ALA D 124 50.99 40.98 45.62
CA ALA D 124 50.59 42.37 45.73
C ALA D 124 50.88 42.92 47.14
N PRO D 125 51.37 44.18 47.22
CA PRO D 125 51.59 44.85 48.50
C PRO D 125 50.35 44.76 49.39
N GLU D 126 50.58 44.45 50.66
CA GLU D 126 49.51 44.24 51.62
C GLU D 126 48.78 45.54 51.89
N PHE D 127 47.61 45.43 52.50
CA PHE D 127 46.81 46.58 52.90
C PHE D 127 47.59 47.57 53.78
N VAL D 128 48.37 47.06 54.72
CA VAL D 128 49.17 47.92 55.63
C VAL D 128 50.25 48.72 54.90
N GLU D 129 50.56 48.35 53.65
CA GLU D 129 51.58 49.07 52.88
C GLU D 129 51.01 50.25 52.08
N MET D 130 49.70 50.46 52.16
CA MET D 130 49.01 51.50 51.38
C MET D 130 49.26 52.92 51.89
N SER D 131 49.33 53.86 50.96
CA SER D 131 49.37 55.28 51.24
C SER D 131 48.01 55.92 50.92
N VAL D 132 47.66 56.98 51.65
CA VAL D 132 46.44 57.73 51.35
C VAL D 132 46.72 59.18 50.91
N GLU D 133 48.00 59.52 50.78
CA GLU D 133 48.41 60.86 50.36
C GLU D 133 47.99 61.08 48.92
N GLN D 134 47.37 62.22 48.64
CA GLN D 134 47.02 62.57 47.27
C GLN D 134 47.13 64.06 46.98
N GLU D 135 48.15 64.44 46.22
CA GLU D 135 48.28 65.81 45.76
C GLU D 135 48.20 65.87 44.25
N ILE D 136 47.64 66.97 43.74
CA ILE D 136 47.38 67.15 42.32
C ILE D 136 48.65 67.08 41.45
N LEU D 137 48.53 66.41 40.32
CA LEU D 137 49.59 66.38 39.33
C LEU D 137 49.07 67.14 38.12
N VAL D 138 49.59 68.35 37.93
CA VAL D 138 49.16 69.19 36.82
C VAL D 138 49.79 68.69 35.53
N THR D 139 49.01 68.71 34.45
CA THR D 139 49.43 68.19 33.17
C THR D 139 49.62 69.31 32.13
N GLY D 140 48.90 70.41 32.30
CA GLY D 140 48.85 71.47 31.29
C GLY D 140 47.77 71.24 30.25
N ILE D 141 46.97 70.19 30.46
CA ILE D 141 45.87 69.85 29.57
C ILE D 141 44.59 70.36 30.21
N LYS D 142 43.91 71.29 29.53
CA LYS D 142 42.74 71.97 30.11
C LYS D 142 41.70 71.02 30.70
N VAL D 143 41.13 70.15 29.85
CA VAL D 143 39.98 69.32 30.26
C VAL D 143 40.33 68.41 31.44
N VAL D 144 41.52 67.81 31.42
CA VAL D 144 42.02 66.96 32.51
C VAL D 144 42.20 67.75 33.79
N ASP D 145 43.04 68.78 33.71
CA ASP D 145 43.37 69.60 34.87
C ASP D 145 42.14 70.19 35.56
N LEU D 146 41.17 70.66 34.76
CA LEU D 146 39.97 71.25 35.29
C LEU D 146 39.04 70.22 35.91
N LEU D 147 38.63 69.23 35.10
CA LEU D 147 37.48 68.38 35.40
C LEU D 147 37.78 67.08 36.13
N ALA D 148 38.95 66.52 35.88
CA ALA D 148 39.30 65.20 36.41
C ALA D 148 40.81 65.07 36.57
N PRO D 149 41.39 65.85 37.49
CA PRO D 149 42.84 65.99 37.57
C PRO D 149 43.55 64.74 38.10
N TYR D 150 44.78 64.54 37.63
CA TYR D 150 45.61 63.43 38.10
C TYR D 150 46.23 63.75 39.45
N ALA D 151 46.49 62.70 40.24
CA ALA D 151 47.21 62.83 41.50
C ALA D 151 48.59 62.20 41.36
N LYS D 152 49.56 62.74 42.09
CA LYS D 152 50.89 62.16 42.16
C LYS D 152 50.81 60.83 42.91
N GLY D 153 51.43 59.79 42.36
CA GLY D 153 51.35 58.45 42.94
C GLY D 153 50.02 57.73 42.71
N GLY D 154 49.09 58.40 42.03
CA GLY D 154 47.78 57.86 41.76
C GLY D 154 47.75 56.94 40.54
N LYS D 155 46.63 56.26 40.37
CA LYS D 155 46.41 55.37 39.24
C LYS D 155 45.51 56.09 38.25
N ILE D 156 46.05 56.32 37.06
CA ILE D 156 45.34 57.08 36.04
C ILE D 156 45.01 56.13 34.91
N GLY D 157 43.77 56.21 34.40
CA GLY D 157 43.37 55.41 33.24
C GLY D 157 42.87 56.26 32.08
N LEU D 158 43.38 55.99 30.88
CA LEU D 158 42.87 56.64 29.67
C LEU D 158 42.04 55.65 28.81
N PHE D 159 40.72 55.74 28.92
CA PHE D 159 39.83 54.82 28.22
C PHE D 159 39.52 55.35 26.85
N GLY D 160 39.49 54.46 25.86
CA GLY D 160 39.04 54.86 24.54
C GLY D 160 38.95 53.74 23.53
N GLY D 161 37.94 53.79 22.69
CA GLY D 161 37.85 52.90 21.54
C GLY D 161 39.00 53.14 20.57
N ALA D 162 38.93 52.47 19.43
CA ALA D 162 40.03 52.45 18.49
C ALA D 162 40.18 53.80 17.79
N GLY D 163 41.35 54.41 17.93
CA GLY D 163 41.68 55.60 17.15
C GLY D 163 41.08 56.88 17.67
N VAL D 164 40.78 56.93 18.97
CA VAL D 164 40.16 58.13 19.55
C VAL D 164 41.15 59.05 20.26
N GLY D 165 42.36 58.56 20.57
CA GLY D 165 43.41 59.41 21.11
C GLY D 165 44.17 58.99 22.35
N LYS D 166 44.09 57.72 22.73
CA LYS D 166 44.77 57.22 23.94
C LYS D 166 46.27 57.46 23.90
N THR D 167 46.88 57.04 22.79
CA THR D 167 48.33 57.08 22.65
C THR D 167 48.85 58.50 22.49
N VAL D 168 48.17 59.32 21.67
CA VAL D 168 48.53 60.74 21.53
C VAL D 168 48.47 61.40 22.92
N LEU D 169 47.34 61.24 23.60
CA LEU D 169 47.20 61.70 25.00
C LEU D 169 48.30 61.17 25.93
N ILE D 170 48.71 59.91 25.79
CA ILE D 170 49.74 59.38 26.69
C ILE D 170 51.13 59.94 26.33
N MET D 171 51.34 60.20 25.04
CA MET D 171 52.58 60.82 24.55
C MET D 171 52.70 62.28 24.96
N GLU D 172 51.55 62.95 25.06
CA GLU D 172 51.47 64.32 25.54
C GLU D 172 51.78 64.39 27.05
N LEU D 173 51.35 63.37 27.78
CA LEU D 173 51.62 63.26 29.20
C LEU D 173 53.09 62.96 29.48
N ILE D 174 53.71 62.15 28.63
CA ILE D 174 55.14 61.86 28.70
C ILE D 174 55.93 63.12 28.36
N ASN D 175 55.39 63.89 27.42
CA ASN D 175 55.99 65.13 27.00
C ASN D 175 55.95 66.19 28.10
N ASN D 176 54.77 66.38 28.68
CA ASN D 176 54.51 67.41 29.69
C ASN D 176 54.97 67.07 31.10
N VAL D 177 55.03 65.78 31.44
CA VAL D 177 55.30 65.33 32.82
C VAL D 177 56.61 64.57 32.97
N ALA D 178 56.88 63.64 32.05
CA ALA D 178 58.03 62.75 32.18
C ALA D 178 59.36 63.40 31.83
N LYS D 179 59.34 64.24 30.80
CA LYS D 179 60.52 64.98 30.34
C LYS D 179 61.24 65.72 31.47
N ALA D 180 60.45 66.36 32.33
CA ALA D 180 60.98 67.16 33.44
C ALA D 180 60.86 66.47 34.80
N HIS D 181 60.46 65.20 34.78
CA HIS D 181 60.36 64.41 36.01
C HIS D 181 61.75 64.16 36.61
N GLY D 182 61.83 64.24 37.94
CA GLY D 182 63.09 64.09 38.66
C GLY D 182 63.62 62.67 38.74
N GLY D 183 62.71 61.72 38.99
CA GLY D 183 63.06 60.32 39.15
C GLY D 183 63.12 59.54 37.85
N TYR D 184 62.65 58.29 37.90
CA TYR D 184 62.71 57.38 36.75
C TYR D 184 61.35 57.10 36.16
N SER D 185 61.35 56.79 34.86
CA SER D 185 60.14 56.39 34.15
C SER D 185 60.27 54.99 33.58
N VAL D 186 59.14 54.28 33.54
CA VAL D 186 59.06 53.01 32.85
C VAL D 186 57.92 53.10 31.83
N PHE D 187 58.22 52.72 30.59
CA PHE D 187 57.18 52.59 29.57
C PHE D 187 57.10 51.17 29.07
N ALA D 188 55.90 50.60 29.18
CA ALA D 188 55.67 49.23 28.79
C ALA D 188 54.77 49.21 27.56
N GLY D 189 55.33 48.82 26.43
CA GLY D 189 54.55 48.62 25.21
C GLY D 189 53.89 47.26 25.27
N VAL D 190 52.58 47.24 25.46
CA VAL D 190 51.83 46.00 25.69
C VAL D 190 50.80 45.75 24.58
N GLY D 191 51.09 44.79 23.72
CA GLY D 191 50.23 44.45 22.59
C GLY D 191 49.91 45.61 21.65
N GLU D 192 50.79 46.60 21.56
CA GLU D 192 50.52 47.71 20.65
C GLU D 192 51.41 47.73 19.38
N ARG D 193 51.58 48.90 18.77
CA ARG D 193 52.22 48.95 17.45
C ARG D 193 53.74 49.09 17.59
N THR D 194 54.48 48.27 16.85
CA THR D 194 55.94 48.33 16.86
C THR D 194 56.39 49.69 16.34
N ARG D 195 55.72 50.18 15.30
CA ARG D 195 55.96 51.51 14.75
C ARG D 195 55.94 52.57 15.85
N GLU D 196 55.00 52.47 16.79
CA GLU D 196 54.89 53.43 17.87
C GLU D 196 56.03 53.33 18.89
N GLY D 197 56.54 52.11 19.09
CA GLY D 197 57.72 51.90 19.91
C GLY D 197 58.99 52.50 19.29
N ASN D 198 59.17 52.30 17.99
CA ASN D 198 60.30 52.92 17.28
C ASN D 198 60.18 54.45 17.30
N ASP D 199 58.99 54.96 16.98
CA ASP D 199 58.65 56.38 17.14
C ASP D 199 59.10 56.90 18.50
N LEU D 200 58.56 56.32 19.57
CA LEU D 200 58.81 56.82 20.92
C LEU D 200 60.28 56.73 21.33
N TYR D 201 60.94 55.67 20.88
CA TYR D 201 62.34 55.41 21.22
C TYR D 201 63.24 56.53 20.69
N HIS D 202 63.04 56.89 19.42
CA HIS D 202 63.85 57.90 18.74
C HIS D 202 63.48 59.33 19.15
N GLU D 203 62.27 59.51 19.67
CA GLU D 203 61.87 60.81 20.22
C GLU D 203 62.50 61.04 21.59
N MET D 204 62.79 59.94 22.27
CA MET D 204 63.40 60.03 23.59
C MET D 204 64.91 60.07 23.53
N ILE D 205 65.48 59.52 22.48
CA ILE D 205 66.90 59.75 22.21
C ILE D 205 67.05 61.24 21.89
N GLU D 206 66.18 61.76 21.02
CA GLU D 206 66.20 63.17 20.64
C GLU D 206 66.12 64.10 21.85
N SER D 207 65.17 63.85 22.73
CA SER D 207 64.90 64.72 23.86
C SER D 207 65.82 64.49 25.06
N GLY D 208 66.65 63.45 25.00
CA GLY D 208 67.66 63.24 26.01
C GLY D 208 67.22 62.44 27.23
N VAL D 209 65.94 62.06 27.30
CA VAL D 209 65.48 61.23 28.43
C VAL D 209 66.05 59.80 28.31
N ILE D 210 66.42 59.42 27.10
CA ILE D 210 67.28 58.26 26.86
C ILE D 210 68.60 58.75 26.27
N ASN D 211 69.71 58.36 26.90
CA ASN D 211 71.03 58.66 26.38
C ASN D 211 71.78 57.37 26.09
N LEU D 212 72.20 57.21 24.83
CA LEU D 212 72.91 56.01 24.39
C LEU D 212 74.41 56.08 24.65
N LYS D 213 74.90 57.23 25.10
CA LYS D 213 76.35 57.43 25.25
C LYS D 213 76.87 57.51 26.69
N ASP D 214 76.06 58.06 27.59
CA ASP D 214 76.41 58.08 28.99
C ASP D 214 75.41 57.28 29.86
N ALA D 215 75.29 57.67 31.12
CA ALA D 215 74.45 56.94 32.08
C ALA D 215 73.32 57.81 32.64
N THR D 216 72.92 58.84 31.87
CA THR D 216 71.91 59.80 32.34
C THR D 216 70.46 59.39 32.01
N SER D 217 70.28 58.24 31.35
CA SER D 217 68.95 57.79 30.96
C SER D 217 68.01 57.71 32.17
N LYS D 218 66.80 58.23 31.99
CA LYS D 218 65.80 58.27 33.05
C LYS D 218 64.60 57.35 32.79
N VAL D 219 64.61 56.66 31.64
CA VAL D 219 63.49 55.83 31.19
C VAL D 219 63.96 54.42 30.82
N ALA D 220 63.32 53.41 31.41
CA ALA D 220 63.48 52.02 30.96
C ALA D 220 62.33 51.65 30.06
N LEU D 221 62.60 50.95 28.96
CA LEU D 221 61.55 50.52 28.02
C LEU D 221 61.38 49.02 28.00
N VAL D 222 60.12 48.56 28.00
CA VAL D 222 59.81 47.12 27.92
C VAL D 222 58.75 46.89 26.84
N TYR D 223 59.07 46.08 25.83
CA TYR D 223 58.17 45.94 24.68
C TYR D 223 57.75 44.53 24.31
N GLY D 224 56.43 44.34 24.18
CA GLY D 224 55.82 43.09 23.71
C GLY D 224 54.60 43.41 22.86
N GLN D 225 54.86 43.81 21.62
CA GLN D 225 53.83 44.39 20.76
C GLN D 225 52.88 43.39 20.07
N MET D 226 52.02 43.89 19.19
CA MET D 226 51.03 43.02 18.54
C MET D 226 51.62 42.12 17.43
N ASN D 227 52.94 42.17 17.25
CA ASN D 227 53.59 41.15 16.40
C ASN D 227 53.96 39.88 17.19
N GLU D 228 53.84 39.96 18.52
CA GLU D 228 54.11 38.84 19.42
C GLU D 228 52.89 37.92 19.61
N PRO D 229 53.14 36.60 19.81
CA PRO D 229 52.06 35.66 20.18
C PRO D 229 51.49 35.94 21.58
N PRO D 230 50.29 35.41 21.89
CA PRO D 230 49.57 35.88 23.08
C PRO D 230 50.30 35.67 24.40
N GLY D 231 51.00 34.57 24.53
CA GLY D 231 51.74 34.32 25.77
C GLY D 231 52.65 35.47 26.10
N ALA D 232 53.26 36.06 25.06
CA ALA D 232 54.18 37.19 25.27
C ALA D 232 53.44 38.48 25.65
N ARG D 233 52.30 38.73 25.02
CA ARG D 233 51.52 39.91 25.33
C ARG D 233 50.87 39.78 26.70
N ALA D 234 50.63 38.53 27.12
CA ALA D 234 49.98 38.24 28.41
C ALA D 234 50.91 38.50 29.59
N ARG D 235 52.22 38.41 29.36
CA ARG D 235 53.18 38.57 30.45
C ARG D 235 53.98 39.87 30.41
N VAL D 236 54.13 40.47 29.22
CA VAL D 236 54.97 41.65 29.06
C VAL D 236 54.58 42.85 29.95
N ALA D 237 53.30 42.95 30.34
CA ALA D 237 52.90 44.00 31.29
C ALA D 237 53.52 43.72 32.65
N LEU D 238 53.52 42.46 33.05
CA LEU D 238 54.15 42.01 34.29
C LEU D 238 55.63 42.35 34.31
N THR D 239 56.26 42.24 33.16
CA THR D 239 57.69 42.52 33.00
C THR D 239 57.99 43.99 33.29
N GLY D 240 57.23 44.89 32.62
CA GLY D 240 57.37 46.33 32.83
C GLY D 240 57.12 46.69 34.28
N LEU D 241 56.00 46.20 34.78
CA LEU D 241 55.59 46.40 36.16
C LEU D 241 56.71 46.06 37.15
N THR D 242 57.36 44.93 36.93
CA THR D 242 58.46 44.45 37.78
C THR D 242 59.66 45.39 37.77
N VAL D 243 59.96 45.97 36.62
CA VAL D 243 61.02 46.97 36.51
C VAL D 243 60.69 48.15 37.43
N ALA D 244 59.48 48.69 37.28
CA ALA D 244 58.96 49.78 38.13
C ALA D 244 58.95 49.46 39.62
N GLU D 245 58.53 48.23 39.95
CA GLU D 245 58.49 47.73 41.33
C GLU D 245 59.86 47.83 41.99
N TYR D 246 60.91 47.49 41.24
CA TYR D 246 62.29 47.63 41.73
C TYR D 246 62.63 49.08 42.10
N PHE D 247 62.36 50.00 41.18
CA PHE D 247 62.67 51.41 41.38
C PHE D 247 61.83 52.02 42.50
N ARG D 248 60.67 51.43 42.76
CA ARG D 248 59.79 51.90 43.83
C ARG D 248 60.31 51.52 45.22
N ASP D 249 60.77 50.28 45.35
CA ASP D 249 61.15 49.74 46.65
C ASP D 249 62.65 49.81 46.88
N GLN D 250 63.40 49.08 46.05
CA GLN D 250 64.84 48.94 46.19
C GLN D 250 65.60 50.24 45.90
N GLU D 251 64.84 51.32 45.71
CA GLU D 251 65.40 52.65 45.65
C GLU D 251 64.49 53.67 46.35
N GLY D 252 63.28 53.24 46.67
CA GLY D 252 62.29 54.08 47.36
C GLY D 252 61.83 55.29 46.54
N GLN D 253 62.02 55.23 45.22
CA GLN D 253 61.95 56.42 44.36
C GLN D 253 60.60 56.78 43.75
N ASP D 254 60.52 58.00 43.20
CA ASP D 254 59.34 58.46 42.49
C ASP D 254 59.40 57.95 41.07
N VAL D 255 58.54 56.98 40.79
CA VAL D 255 58.54 56.28 39.52
C VAL D 255 57.29 56.65 38.75
N LEU D 256 57.47 56.94 37.46
CA LEU D 256 56.35 57.05 36.56
C LEU D 256 56.25 55.76 35.78
N LEU D 257 55.04 55.21 35.69
CA LEU D 257 54.82 54.00 34.91
C LEU D 257 53.78 54.26 33.84
N PHE D 258 54.17 54.07 32.57
CA PHE D 258 53.25 54.22 31.45
C PHE D 258 53.03 52.87 30.78
N ILE D 259 51.77 52.56 30.52
CA ILE D 259 51.40 51.31 29.85
C ILE D 259 50.42 51.58 28.70
N ASP D 260 50.83 51.19 27.50
CA ASP D 260 49.98 51.26 26.31
C ASP D 260 50.20 49.91 25.64
N ASN D 261 49.19 49.03 25.66
CA ASN D 261 47.85 49.23 26.23
C ASN D 261 47.49 48.07 27.18
N ILE D 262 47.04 48.36 28.39
CA ILE D 262 46.83 47.29 29.41
C ILE D 262 45.66 46.31 29.09
N PHE D 263 44.77 46.69 28.16
CA PHE D 263 43.73 45.77 27.69
C PHE D 263 44.38 44.54 27.07
N ARG D 264 45.51 44.75 26.40
CA ARG D 264 46.17 43.72 25.61
C ARG D 264 46.67 42.56 26.47
N PHE D 265 46.94 42.83 27.76
CA PHE D 265 47.14 41.79 28.78
C PHE D 265 45.92 40.88 28.89
N THR D 266 44.72 41.47 29.02
CA THR D 266 43.47 40.70 29.15
C THR D 266 43.10 40.01 27.85
N GLN D 267 43.32 40.69 26.72
CA GLN D 267 43.00 40.12 25.41
C GLN D 267 43.87 38.89 25.13
N ALA D 268 45.16 38.98 25.47
CA ALA D 268 46.11 37.88 25.31
C ALA D 268 45.58 36.61 25.97
N GLY D 269 45.20 36.75 27.24
CA GLY D 269 44.61 35.65 28.01
C GLY D 269 43.37 35.08 27.39
N SER D 270 42.49 35.93 26.85
CA SER D 270 41.30 35.43 26.17
C SER D 270 41.68 34.60 24.94
N GLU D 271 42.81 34.93 24.34
CA GLU D 271 43.27 34.24 23.12
C GLU D 271 43.65 32.80 23.38
N VAL D 272 44.14 32.52 24.59
CA VAL D 272 44.60 31.19 24.96
C VAL D 272 43.62 30.47 25.89
N SER D 273 42.58 31.15 26.32
CA SER D 273 41.68 30.66 27.36
C SER D 273 41.06 29.31 27.05
N ALA D 274 40.50 29.17 25.85
CA ALA D 274 39.86 27.92 25.43
C ALA D 274 40.83 26.74 25.33
N LEU D 275 42.06 27.00 24.91
CA LEU D 275 43.09 25.97 24.82
C LEU D 275 43.59 25.53 26.19
N LEU D 276 43.33 26.37 27.20
CA LEU D 276 43.60 26.05 28.59
C LEU D 276 42.38 25.36 29.19
N GLY D 277 41.39 25.07 28.35
CA GLY D 277 40.21 24.31 28.75
C GLY D 277 39.18 25.03 29.58
N ARG D 278 39.02 26.34 29.39
CA ARG D 278 38.03 27.12 30.13
C ARG D 278 36.70 27.21 29.39
N ILE D 279 35.60 27.02 30.12
CA ILE D 279 34.28 27.45 29.65
C ILE D 279 34.34 28.99 29.51
N PRO D 280 33.94 29.54 28.35
CA PRO D 280 33.99 30.99 28.22
C PRO D 280 33.03 31.66 29.19
N SER D 281 33.43 32.80 29.74
CA SER D 281 32.51 33.67 30.48
C SER D 281 31.79 34.56 29.45
N ALA D 282 30.98 35.52 29.90
CA ALA D 282 30.31 36.46 28.99
C ALA D 282 31.26 37.18 28.04
N VAL D 283 30.73 37.50 26.85
CA VAL D 283 31.41 38.26 25.79
C VAL D 283 32.72 37.59 25.33
N GLY D 284 32.77 36.28 25.47
CA GLY D 284 33.91 35.53 24.98
C GLY D 284 35.14 35.49 25.85
N TYR D 285 35.05 36.03 27.06
CA TYR D 285 36.24 36.19 27.90
C TYR D 285 36.48 35.02 28.86
N GLN D 286 37.73 34.90 29.29
CA GLN D 286 38.12 33.99 30.35
C GLN D 286 37.24 34.23 31.59
N PRO D 287 36.94 33.15 32.34
CA PRO D 287 36.18 33.29 33.59
C PRO D 287 36.99 34.00 34.67
N THR D 288 38.31 33.91 34.55
CA THR D 288 39.28 34.48 35.48
C THR D 288 39.61 35.96 35.21
N LEU D 289 38.90 36.59 34.25
CA LEU D 289 39.23 37.96 33.84
C LEU D 289 39.57 38.91 34.99
N ALA D 290 38.73 38.92 36.03
CA ALA D 290 38.82 39.89 37.11
C ALA D 290 39.94 39.60 38.13
N THR D 291 40.09 38.33 38.53
CA THR D 291 41.19 37.93 39.41
C THR D 291 42.53 38.08 38.72
N ASP D 292 42.65 37.59 37.48
CA ASP D 292 43.83 37.85 36.64
C ASP D 292 44.24 39.32 36.68
N MET D 293 43.28 40.20 36.40
CA MET D 293 43.49 41.63 36.43
C MET D 293 43.81 42.11 37.85
N GLY D 294 43.21 41.46 38.84
CA GLY D 294 43.37 41.85 40.23
C GLY D 294 44.78 41.67 40.71
N THR D 295 45.34 40.47 40.56
CA THR D 295 46.69 40.17 41.05
C THR D 295 47.77 40.93 40.25
N MET D 296 47.40 41.45 39.08
CA MET D 296 48.26 42.30 38.27
C MET D 296 48.13 43.79 38.66
N GLN D 297 46.91 44.31 38.59
CA GLN D 297 46.66 45.70 38.96
C GLN D 297 47.06 46.06 40.38
N GLU D 298 46.94 45.13 41.32
CA GLU D 298 47.25 45.44 42.72
C GLU D 298 48.74 45.61 42.98
N ARG D 299 49.55 45.25 41.99
CA ARG D 299 51.00 45.49 42.05
C ARG D 299 51.34 46.88 41.52
N ILE D 300 50.52 47.37 40.59
CA ILE D 300 50.71 48.69 40.03
C ILE D 300 50.16 49.69 41.06
N THR D 301 51.02 50.09 42.00
CA THR D 301 50.58 50.93 43.11
C THR D 301 51.72 51.65 43.84
N THR D 302 51.36 52.80 44.42
CA THR D 302 52.17 53.47 45.40
C THR D 302 52.03 52.73 46.73
N THR D 303 53.13 52.64 47.47
CA THR D 303 53.13 52.09 48.82
C THR D 303 53.81 53.08 49.75
N LYS D 304 53.97 52.70 51.02
CA LYS D 304 54.71 53.50 51.99
C LYS D 304 56.20 53.60 51.62
N LYS D 305 56.72 52.59 50.92
CA LYS D 305 58.12 52.53 50.51
C LYS D 305 58.46 53.45 49.34
N GLY D 306 57.47 53.82 48.55
CA GLY D 306 57.72 54.61 47.34
C GLY D 306 56.49 54.82 46.49
N SER D 307 56.65 55.66 45.47
CA SER D 307 55.54 56.24 44.77
C SER D 307 55.59 55.89 43.28
N ILE D 308 54.54 55.23 42.80
CA ILE D 308 54.36 55.00 41.37
C ILE D 308 53.19 55.84 40.89
N THR D 309 53.44 56.73 39.93
CA THR D 309 52.36 57.37 39.20
C THR D 309 52.20 56.53 37.94
N SER D 310 51.05 55.88 37.84
CA SER D 310 50.78 54.98 36.73
C SER D 310 49.76 55.59 35.79
N VAL D 311 50.06 55.57 34.50
CA VAL D 311 49.13 55.99 33.45
C VAL D 311 48.96 54.85 32.47
N GLN D 312 47.72 54.40 32.31
CA GLN D 312 47.45 53.18 31.59
C GLN D 312 46.40 53.44 30.53
N ALA D 313 46.80 53.23 29.29
CA ALA D 313 45.90 53.37 28.17
C ALA D 313 45.09 52.09 28.16
N ILE D 314 43.77 52.24 28.01
CA ILE D 314 42.82 51.15 28.16
C ILE D 314 41.88 51.10 26.95
N TYR D 315 42.13 50.15 26.07
CA TYR D 315 41.31 49.96 24.92
C TYR D 315 39.89 49.58 25.30
N VAL D 316 38.93 50.11 24.57
CA VAL D 316 37.51 49.80 24.74
C VAL D 316 36.99 49.09 23.49
N PRO D 317 36.84 47.76 23.57
CA PRO D 317 36.34 47.00 22.41
C PRO D 317 34.96 47.45 21.92
N ALA D 318 34.81 47.45 20.59
CA ALA D 318 33.56 47.83 19.90
C ALA D 318 32.96 49.14 20.46
N ASP D 319 33.84 50.01 20.94
CA ASP D 319 33.46 51.27 21.56
C ASP D 319 32.60 51.14 22.83
N ASP D 320 32.50 49.95 23.37
CA ASP D 320 31.52 49.71 24.43
C ASP D 320 32.20 49.67 25.78
N LEU D 321 31.88 50.66 26.62
CA LEU D 321 32.53 50.82 27.93
C LEU D 321 32.05 49.80 28.94
N THR D 322 30.90 49.16 28.65
CA THR D 322 30.39 48.07 29.47
C THR D 322 31.09 46.73 29.19
N ASP D 323 31.89 46.67 28.12
CA ASP D 323 32.66 45.48 27.82
C ASP D 323 33.41 45.06 29.10
N PRO D 324 33.27 43.79 29.49
CA PRO D 324 33.91 43.27 30.70
C PRO D 324 35.32 43.82 30.96
N ALA D 325 36.18 43.83 29.95
CA ALA D 325 37.55 44.33 30.12
C ALA D 325 37.65 45.78 30.63
N PRO D 326 37.17 46.78 29.86
CA PRO D 326 37.30 48.13 30.46
C PRO D 326 36.43 48.30 31.71
N ALA D 327 35.28 47.63 31.75
CA ALA D 327 34.34 47.77 32.86
C ALA D 327 34.96 47.35 34.19
N THR D 328 35.74 46.27 34.14
CA THR D 328 36.39 45.72 35.31
C THR D 328 37.63 46.55 35.67
N THR D 329 38.12 47.37 34.72
CA THR D 329 39.34 48.15 34.95
C THR D 329 39.05 49.40 35.78
N PHE D 330 37.86 49.99 35.57
CA PHE D 330 37.51 51.25 36.24
C PHE D 330 37.83 51.28 37.75
N ALA D 331 37.48 50.22 38.47
CA ALA D 331 37.65 50.19 39.93
C ALA D 331 39.09 50.22 40.39
N HIS D 332 40.03 50.16 39.44
CA HIS D 332 41.46 50.07 39.76
C HIS D 332 42.15 51.42 39.68
N LEU D 333 41.40 52.46 39.38
CA LEU D 333 41.99 53.74 39.08
C LEU D 333 41.55 54.80 40.08
N ASP D 334 42.38 55.83 40.20
CA ASP D 334 42.09 56.99 41.04
C ASP D 334 41.63 58.15 40.17
N ALA D 335 42.08 58.17 38.90
CA ALA D 335 41.53 59.12 37.94
C ALA D 335 41.27 58.43 36.61
N THR D 336 40.13 58.73 36.01
CA THR D 336 39.75 58.17 34.71
C THR D 336 39.56 59.28 33.68
N THR D 337 40.29 59.20 32.56
CA THR D 337 40.02 60.03 31.40
C THR D 337 39.29 59.17 30.33
N VAL D 338 38.04 59.50 30.03
CA VAL D 338 37.31 58.74 29.03
C VAL D 338 37.22 59.45 27.68
N LEU D 339 37.80 58.83 26.66
CA LEU D 339 37.80 59.39 25.32
C LEU D 339 36.57 58.91 24.53
N SER D 340 36.01 59.77 23.68
CA SER D 340 34.82 59.40 22.91
C SER D 340 34.97 59.68 21.42
N ARG D 341 34.54 58.71 20.61
CA ARG D 341 34.54 58.82 19.15
C ARG D 341 33.55 59.88 18.65
N ALA D 342 32.44 60.04 19.35
CA ALA D 342 31.44 61.06 19.02
C ALA D 342 32.06 62.46 19.12
N ILE D 343 32.84 62.68 20.17
CA ILE D 343 33.52 63.95 20.37
C ILE D 343 34.64 64.15 19.35
N ALA D 344 35.46 63.11 19.15
CA ALA D 344 36.56 63.19 18.18
C ALA D 344 36.04 63.45 16.76
N GLU D 345 34.88 62.87 16.45
CA GLU D 345 34.21 63.03 15.17
C GLU D 345 33.94 64.50 14.90
N LEU D 346 33.80 65.28 15.98
CA LEU D 346 33.56 66.72 15.92
C LEU D 346 34.82 67.57 15.66
N GLY D 347 35.99 66.95 15.79
CA GLY D 347 37.24 67.67 15.68
C GLY D 347 37.72 68.19 17.01
N ILE D 348 37.00 67.82 18.07
CA ILE D 348 37.39 68.16 19.43
C ILE D 348 38.42 67.16 19.91
N TYR D 349 39.64 67.65 20.12
CA TYR D 349 40.75 66.85 20.62
C TYR D 349 41.47 67.63 21.73
N PRO D 350 41.88 66.96 22.83
CA PRO D 350 41.65 65.55 23.16
C PRO D 350 40.16 65.27 23.26
N ALA D 351 39.75 64.07 22.87
CA ALA D 351 38.34 63.75 22.75
C ALA D 351 37.73 63.29 24.07
N VAL D 352 38.05 64.04 25.14
CA VAL D 352 37.61 63.72 26.50
C VAL D 352 36.14 64.01 26.69
N ASP D 353 35.40 63.00 27.16
CA ASP D 353 34.01 63.19 27.54
C ASP D 353 34.02 63.84 28.93
N PRO D 354 33.63 65.12 29.01
CA PRO D 354 33.72 65.87 30.27
C PRO D 354 32.63 65.47 31.26
N LEU D 355 31.71 64.63 30.79
CA LEU D 355 30.63 64.08 31.59
C LEU D 355 30.83 62.60 31.85
N ASP D 356 32.03 62.09 31.61
CA ASP D 356 32.33 60.70 31.88
C ASP D 356 33.75 60.52 32.37
N SER D 357 34.40 61.63 32.73
CA SER D 357 35.75 61.57 33.29
C SER D 357 35.73 62.01 34.73
N THR D 358 36.40 61.23 35.58
CA THR D 358 36.29 61.45 37.02
C THR D 358 37.65 61.41 37.67
N SER D 359 37.75 61.98 38.87
CA SER D 359 38.96 61.89 39.67
C SER D 359 38.64 61.87 41.16
N ARG D 360 39.39 61.07 41.90
CA ARG D 360 39.25 60.96 43.35
C ARG D 360 39.56 62.28 44.06
N ILE D 361 40.47 63.06 43.47
CA ILE D 361 40.87 64.36 44.06
C ILE D 361 39.98 65.54 43.64
N MET D 362 38.97 65.28 42.83
CA MET D 362 37.97 66.30 42.51
C MET D 362 37.09 66.51 43.74
N ASP D 363 37.60 67.34 44.63
CA ASP D 363 37.08 67.51 45.99
C ASP D 363 37.49 68.90 46.47
N PRO D 364 36.53 69.72 46.90
CA PRO D 364 36.79 71.11 47.29
C PRO D 364 37.82 71.21 48.42
N ASN D 365 37.86 70.19 49.27
CA ASN D 365 38.83 70.15 50.36
C ASN D 365 40.24 69.81 49.89
N ILE D 366 40.36 69.41 48.63
CA ILE D 366 41.68 69.08 48.07
C ILE D 366 42.12 70.09 47.01
N VAL D 367 41.27 70.38 46.03
CA VAL D 367 41.60 71.31 44.96
C VAL D 367 41.21 72.76 45.30
N GLY D 368 40.55 72.94 46.45
CA GLY D 368 39.99 74.23 46.80
C GLY D 368 38.64 74.40 46.13
N SER D 369 37.76 75.17 46.76
CA SER D 369 36.37 75.33 46.28
C SER D 369 36.25 76.09 44.97
N GLU D 370 37.26 76.89 44.62
CA GLU D 370 37.28 77.62 43.34
C GLU D 370 37.42 76.64 42.15
N HIS D 371 38.48 75.84 42.16
CA HIS D 371 38.68 74.80 41.16
C HIS D 371 37.42 73.92 41.06
N TYR D 372 36.94 73.44 42.20
CA TYR D 372 35.77 72.57 42.25
C TYR D 372 34.53 73.21 41.64
N ASP D 373 34.23 74.45 42.05
CA ASP D 373 32.98 75.11 41.69
C ASP D 373 32.89 75.37 40.20
N VAL D 374 34.02 75.71 39.59
CA VAL D 374 34.11 75.96 38.14
C VAL D 374 33.96 74.65 37.37
N ALA D 375 34.60 73.60 37.86
CA ALA D 375 34.52 72.27 37.25
C ALA D 375 33.06 71.80 37.21
N ARG D 376 32.41 71.83 38.38
CA ARG D 376 30.99 71.46 38.48
C ARG D 376 30.10 72.39 37.67
N GLY D 377 30.52 73.63 37.51
CA GLY D 377 29.77 74.60 36.71
C GLY D 377 29.85 74.27 35.24
N VAL D 378 31.05 73.91 34.79
CA VAL D 378 31.32 73.50 33.43
C VAL D 378 30.49 72.27 33.07
N GLN D 379 30.46 71.28 33.97
CA GLN D 379 29.76 70.04 33.69
C GLN D 379 28.24 70.24 33.66
N LYS D 380 27.74 71.06 34.58
CA LYS D 380 26.32 71.41 34.61
C LYS D 380 25.83 72.03 33.30
N ILE D 381 26.59 72.99 32.76
CA ILE D 381 26.19 73.66 31.51
C ILE D 381 26.27 72.73 30.30
N LEU D 382 27.24 71.81 30.33
CA LEU D 382 27.37 70.78 29.30
C LEU D 382 26.25 69.73 29.41
N GLN D 383 25.88 69.38 30.63
CA GLN D 383 24.77 68.45 30.86
C GLN D 383 23.43 69.08 30.50
N ASP D 384 23.27 70.37 30.81
CA ASP D 384 22.06 71.09 30.47
C ASP D 384 21.94 71.24 28.95
N TYR D 385 23.04 71.59 28.29
CA TYR D 385 23.06 71.70 26.83
C TYR D 385 22.78 70.35 26.18
N LYS D 386 23.33 69.29 26.76
CA LYS D 386 23.10 67.93 26.27
C LYS D 386 21.62 67.57 26.37
N SER D 387 20.99 67.99 27.47
CA SER D 387 19.58 67.70 27.73
C SER D 387 18.63 68.55 26.87
N LEU D 388 19.20 69.51 26.14
CA LEU D 388 18.44 70.32 25.19
C LEU D 388 18.73 69.92 23.73
N GLN D 389 19.92 69.35 23.51
CA GLN D 389 20.40 69.01 22.15
C GLN D 389 19.34 68.38 21.25
N ASP D 390 19.03 67.11 21.52
CA ASP D 390 18.10 66.31 20.72
C ASP D 390 16.73 66.95 20.59
N ILE D 391 16.41 67.83 21.54
CA ILE D 391 15.12 68.50 21.60
C ILE D 391 15.01 69.66 20.60
N ILE D 392 15.85 70.70 20.79
CA ILE D 392 15.83 71.88 19.93
C ILE D 392 16.28 71.58 18.51
N ALA D 393 16.97 70.45 18.34
CA ALA D 393 17.51 70.02 17.04
C ALA D 393 16.42 69.79 16.02
N ILE D 394 15.20 69.60 16.50
CA ILE D 394 14.06 69.37 15.62
C ILE D 394 12.91 70.35 15.91
N LEU D 395 12.97 71.02 17.05
CA LEU D 395 11.88 71.92 17.48
C LEU D 395 12.20 73.42 17.35
N GLY D 396 13.41 73.74 16.91
CA GLY D 396 13.78 75.14 16.62
C GLY D 396 14.55 75.83 17.73
N MET D 397 15.56 76.60 17.33
CA MET D 397 16.42 77.34 18.25
C MET D 397 15.73 78.59 18.81
N ASP D 398 14.87 79.19 18.00
CA ASP D 398 14.17 80.44 18.36
C ASP D 398 13.09 80.27 19.44
N GLU D 399 12.66 79.03 19.65
CA GLU D 399 11.63 78.70 20.64
C GLU D 399 12.20 78.57 22.07
N LEU D 400 13.35 79.18 22.30
CA LEU D 400 14.07 79.03 23.58
C LEU D 400 14.03 80.27 24.44
N SER D 401 14.11 80.04 25.76
CA SER D 401 14.27 81.11 26.74
C SER D 401 15.56 81.88 26.46
N GLU D 402 15.56 83.17 26.78
CA GLU D 402 16.71 84.05 26.55
C GLU D 402 17.92 83.72 27.43
N GLU D 403 17.72 82.86 28.41
CA GLU D 403 18.78 82.37 29.29
C GLU D 403 19.14 80.91 28.96
N ASP D 404 18.24 80.23 28.26
CA ASP D 404 18.51 78.91 27.70
C ASP D 404 19.50 79.03 26.54
N LYS D 405 19.20 79.92 25.60
CA LYS D 405 20.07 80.14 24.44
C LYS D 405 21.39 80.83 24.83
N LEU D 406 21.45 81.30 26.07
CA LEU D 406 22.68 81.85 26.61
C LEU D 406 23.55 80.72 27.16
N THR D 407 22.91 79.70 27.75
CA THR D 407 23.65 78.51 28.17
C THR D 407 24.07 77.68 26.95
N VAL D 408 23.22 77.64 25.93
CA VAL D 408 23.53 76.92 24.70
C VAL D 408 24.74 77.52 23.97
N SER D 409 24.83 78.84 23.98
CA SER D 409 25.98 79.50 23.37
C SER D 409 27.23 79.37 24.24
N ARG D 410 27.05 79.40 25.56
CA ARG D 410 28.18 79.29 26.49
C ARG D 410 28.74 77.88 26.55
N ALA D 411 27.86 76.89 26.48
CA ALA D 411 28.27 75.49 26.51
C ALA D 411 29.02 75.12 25.25
N ARG D 412 28.54 75.63 24.11
CA ARG D 412 29.17 75.44 22.80
C ARG D 412 30.56 76.05 22.74
N LYS D 413 30.76 77.13 23.49
CA LYS D 413 32.06 77.78 23.61
C LYS D 413 32.97 77.02 24.59
N ILE D 414 32.40 76.58 25.71
CA ILE D 414 33.14 75.74 26.68
C ILE D 414 33.57 74.40 26.07
N GLN D 415 32.65 73.72 25.38
CA GLN D 415 32.98 72.55 24.56
C GLN D 415 34.24 72.78 23.73
N ARG D 416 34.31 73.94 23.08
CA ARG D 416 35.45 74.27 22.23
C ARG D 416 36.68 74.65 23.06
N PHE D 417 36.49 75.32 24.19
CA PHE D 417 37.63 75.73 25.01
C PHE D 417 38.28 74.53 25.70
N LEU D 418 37.54 73.42 25.77
CA LEU D 418 38.09 72.14 26.27
C LEU D 418 39.07 71.49 25.28
N SER D 419 38.94 71.83 23.99
CA SER D 419 39.88 71.32 22.98
C SER D 419 41.20 72.06 23.12
N GLN D 420 42.26 71.49 22.56
CA GLN D 420 43.61 72.01 22.78
C GLN D 420 44.58 71.41 21.76
N PRO D 421 45.45 72.26 21.16
CA PRO D 421 46.51 71.76 20.30
C PRO D 421 47.63 71.13 21.13
N PHE D 422 47.91 69.85 20.89
CA PHE D 422 48.94 69.11 21.60
C PHE D 422 50.29 69.25 20.89
N GLN D 423 51.38 69.33 21.65
CA GLN D 423 52.72 69.37 21.06
C GLN D 423 52.97 68.11 20.23
N VAL D 424 52.53 66.98 20.78
CA VAL D 424 52.68 65.68 20.18
C VAL D 424 51.78 65.55 18.94
N ALA D 425 50.78 66.42 18.83
CA ALA D 425 49.77 66.29 17.76
C ALA D 425 49.97 67.26 16.57
N GLU D 426 51.11 67.93 16.53
CA GLU D 426 51.37 68.95 15.52
C GLU D 426 51.20 68.44 14.09
N VAL D 427 51.57 67.18 13.84
CA VAL D 427 51.40 66.54 12.53
C VAL D 427 49.93 66.20 12.18
N PHE D 428 49.05 66.32 13.17
CA PHE D 428 47.62 66.09 12.94
C PHE D 428 46.81 67.37 12.91
N THR D 429 47.21 68.35 13.72
CA THR D 429 46.44 69.59 13.84
C THR D 429 46.87 70.70 12.86
N GLY D 430 48.16 70.76 12.53
CA GLY D 430 48.72 71.90 11.82
C GLY D 430 48.89 73.12 12.72
N HIS D 431 48.56 72.96 14.00
CA HIS D 431 48.70 74.02 15.01
C HIS D 431 49.89 73.73 15.91
N LEU D 432 50.59 74.78 16.31
CA LEU D 432 51.63 74.66 17.33
C LEU D 432 50.98 74.23 18.64
N GLY D 433 51.64 73.33 19.36
CA GLY D 433 51.13 72.80 20.61
C GLY D 433 51.19 73.79 21.76
N LYS D 434 50.17 73.73 22.62
CA LYS D 434 50.02 74.61 23.78
C LYS D 434 49.90 73.87 25.09
N LEU D 435 50.55 74.40 26.12
CA LEU D 435 50.45 73.90 27.48
C LEU D 435 49.85 75.01 28.35
N VAL D 436 48.72 74.72 29.01
CA VAL D 436 48.00 75.72 29.79
C VAL D 436 48.10 75.45 31.28
N PRO D 437 48.73 76.37 32.04
CA PRO D 437 48.86 76.21 33.50
C PRO D 437 47.50 76.17 34.17
N LEU D 438 47.45 75.61 35.39
CA LEU D 438 46.19 75.35 36.08
C LEU D 438 45.33 76.61 36.31
N LYS D 439 45.92 77.62 36.93
CA LYS D 439 45.21 78.86 37.27
C LYS D 439 44.60 79.52 36.03
N GLU D 440 45.32 79.45 34.91
CA GLU D 440 44.82 79.98 33.64
C GLU D 440 43.63 79.19 33.09
N THR D 441 43.65 77.87 33.28
CA THR D 441 42.52 77.01 32.87
C THR D 441 41.27 77.34 33.70
N ILE D 442 41.44 77.37 35.02
CA ILE D 442 40.37 77.74 35.95
C ILE D 442 39.78 79.08 35.55
N LYS D 443 40.62 80.11 35.52
CA LYS D 443 40.24 81.47 35.14
C LYS D 443 39.45 81.50 33.83
N GLY D 444 40.03 80.99 32.76
CA GLY D 444 39.38 80.97 31.45
C GLY D 444 37.94 80.46 31.45
N PHE D 445 37.73 79.26 31.98
CA PHE D 445 36.40 78.64 32.03
C PHE D 445 35.48 79.38 32.98
N GLN D 446 36.03 79.82 34.11
CA GLN D 446 35.34 80.66 35.09
C GLN D 446 34.74 81.89 34.40
N GLN D 447 35.51 82.47 33.50
CA GLN D 447 35.12 83.68 32.78
C GLN D 447 34.00 83.43 31.77
N ILE D 448 34.11 82.35 31.00
CA ILE D 448 33.08 82.03 30.00
C ILE D 448 31.74 81.74 30.68
N LEU D 449 31.80 81.15 31.86
CA LEU D 449 30.62 80.83 32.65
C LEU D 449 29.90 82.08 33.15
N ALA D 450 30.68 83.10 33.49
CA ALA D 450 30.15 84.36 34.03
C ALA D 450 29.59 85.30 32.94
N GLY D 451 29.69 84.89 31.68
CA GLY D 451 29.14 85.65 30.57
C GLY D 451 30.13 86.57 29.88
N GLU D 452 31.37 86.58 30.37
CA GLU D 452 32.40 87.54 29.93
C GLU D 452 32.76 87.54 28.44
N TYR D 453 32.40 86.49 27.71
CA TYR D 453 32.75 86.41 26.29
C TYR D 453 31.59 86.07 25.35
N ASP D 454 30.38 86.45 25.73
CA ASP D 454 29.20 86.24 24.89
C ASP D 454 29.26 86.97 23.55
N HIS D 455 30.11 88.01 23.50
CA HIS D 455 30.33 88.77 22.28
C HIS D 455 31.23 88.01 21.29
N LEU D 456 32.15 87.21 21.83
CA LEU D 456 33.06 86.43 21.00
C LEU D 456 32.36 85.27 20.29
N PRO D 457 32.75 85.00 19.04
CA PRO D 457 32.17 83.86 18.32
C PRO D 457 32.71 82.52 18.82
N GLU D 458 31.91 81.47 18.59
CA GLU D 458 32.24 80.09 18.93
C GLU D 458 33.67 79.69 18.56
N GLN D 459 33.99 79.83 17.26
CA GLN D 459 35.21 79.30 16.66
C GLN D 459 36.49 79.91 17.22
N ALA D 460 36.35 81.04 17.90
CA ALA D 460 37.48 81.70 18.55
C ALA D 460 38.03 80.83 19.68
N PHE D 461 37.15 80.05 20.31
CA PHE D 461 37.49 79.17 21.44
C PHE D 461 38.00 77.79 21.00
N TYR D 462 37.79 77.46 19.73
CA TYR D 462 38.19 76.18 19.19
C TYR D 462 39.69 76.08 18.95
N MET D 463 40.28 75.01 19.45
CA MET D 463 41.68 74.65 19.18
C MET D 463 42.68 75.77 19.57
N VAL D 464 42.62 76.17 20.83
CA VAL D 464 43.55 77.17 21.38
C VAL D 464 44.05 76.74 22.76
N GLY D 465 45.07 77.44 23.24
CA GLY D 465 45.59 77.24 24.59
C GLY D 465 44.80 78.08 25.57
N PRO D 466 45.45 79.10 26.17
CA PRO D 466 44.82 79.96 27.18
C PRO D 466 43.74 80.89 26.57
N ILE D 467 42.91 81.47 27.44
CA ILE D 467 41.76 82.30 27.03
C ILE D 467 42.14 83.55 26.21
N GLU D 468 43.34 84.08 26.42
CA GLU D 468 43.82 85.24 25.65
C GLU D 468 43.95 84.92 24.17
N GLU D 469 44.22 83.65 23.86
CA GLU D 469 44.31 83.20 22.49
C GLU D 469 42.94 83.07 21.83
N ALA D 470 41.90 82.87 22.64
CA ALA D 470 40.53 82.88 22.15
C ALA D 470 40.13 84.29 21.76
N VAL D 471 40.66 85.27 22.50
CA VAL D 471 40.46 86.70 22.22
C VAL D 471 41.25 87.12 20.97
N ALA D 472 42.51 86.70 20.88
CA ALA D 472 43.37 87.00 19.73
C ALA D 472 42.77 86.47 18.44
N LYS D 473 42.32 85.21 18.48
CA LYS D 473 41.71 84.55 17.34
C LYS D 473 40.41 85.23 16.91
N ALA D 474 39.68 85.78 17.87
CA ALA D 474 38.44 86.50 17.59
C ALA D 474 38.70 87.77 16.76
N ASP D 475 39.82 88.44 17.04
CA ASP D 475 40.25 89.60 16.25
C ASP D 475 40.67 89.18 14.86
N LYS D 476 41.40 88.06 14.75
CA LYS D 476 41.89 87.57 13.47
C LYS D 476 40.78 87.06 12.54
N LEU D 477 39.68 86.58 13.14
CA LEU D 477 38.54 86.09 12.37
C LEU D 477 37.66 87.21 11.81
N ALA D 478 37.74 88.39 12.44
CA ALA D 478 37.01 89.57 11.98
C ALA D 478 37.49 90.05 10.62
N GLU D 479 38.81 90.16 10.47
CA GLU D 479 39.43 90.50 9.19
C GLU D 479 40.88 90.03 9.12
N THR E 13 13.84 0.85 48.94
CA THR E 13 15.27 0.49 49.23
C THR E 13 16.14 1.71 49.58
N THR E 14 17.43 1.46 49.75
CA THR E 14 18.39 2.46 50.20
C THR E 14 19.54 2.62 49.21
N GLY E 15 19.82 3.87 48.84
CA GLY E 15 20.93 4.18 47.96
C GLY E 15 21.98 5.03 48.63
N ARG E 16 23.11 5.21 47.95
CA ARG E 16 24.21 5.99 48.47
C ARG E 16 24.49 7.21 47.58
N ILE E 17 24.90 8.32 48.20
CA ILE E 17 25.32 9.48 47.46
C ILE E 17 26.67 9.21 46.77
N VAL E 18 26.73 9.44 45.46
CA VAL E 18 27.99 9.32 44.71
C VAL E 18 28.56 10.67 44.25
N ALA E 19 27.69 11.67 44.14
CA ALA E 19 28.12 13.03 43.75
C ALA E 19 27.22 14.12 44.35
N VAL E 20 27.87 15.21 44.76
CA VAL E 20 27.19 16.42 45.22
C VAL E 20 27.83 17.58 44.50
N ILE E 21 27.04 18.30 43.73
CA ILE E 21 27.47 19.53 43.08
C ILE E 21 26.40 20.59 43.32
N GLY E 22 26.60 21.38 44.38
CA GLY E 22 25.60 22.35 44.79
C GLY E 22 24.28 21.65 45.07
N ALA E 23 23.21 22.15 44.46
CA ALA E 23 21.87 21.61 44.71
C ALA E 23 21.52 20.38 43.84
N VAL E 24 22.52 19.82 43.15
CA VAL E 24 22.32 18.59 42.39
C VAL E 24 23.07 17.44 43.07
N VAL E 25 22.35 16.36 43.36
CA VAL E 25 22.91 15.23 44.09
C VAL E 25 22.68 13.96 43.30
N ASP E 26 23.74 13.17 43.11
CA ASP E 26 23.61 11.89 42.44
C ASP E 26 23.58 10.71 43.42
N VAL E 27 22.55 9.89 43.31
CA VAL E 27 22.38 8.73 44.19
C VAL E 27 22.38 7.42 43.39
N GLN E 28 23.18 6.46 43.86
CA GLN E 28 23.28 5.13 43.25
C GLN E 28 22.53 4.10 44.11
N PHE E 29 21.65 3.34 43.47
CA PHE E 29 20.90 2.29 44.17
C PHE E 29 21.32 0.90 43.70
N ASP E 30 21.37 -0.05 44.63
CA ASP E 30 21.81 -1.40 44.30
C ASP E 30 20.74 -2.26 43.61
N GLU E 31 19.48 -2.07 44.00
CA GLU E 31 18.40 -2.82 43.38
C GLU E 31 17.55 -1.95 42.46
N GLY E 32 16.25 -1.88 42.74
CA GLY E 32 15.32 -1.07 41.93
C GLY E 32 15.53 0.42 42.10
N LEU E 33 15.45 1.14 40.98
CA LEU E 33 15.63 2.58 40.95
C LEU E 33 14.33 3.31 41.24
N PRO E 34 14.40 4.42 42.00
CA PRO E 34 13.25 5.29 42.15
C PRO E 34 12.95 5.98 40.81
N PRO E 35 11.68 5.94 40.37
CA PRO E 35 11.36 6.62 39.11
C PRO E 35 11.52 8.13 39.22
N ILE E 36 11.64 8.80 38.09
CA ILE E 36 11.74 10.25 38.06
C ILE E 36 10.56 10.87 38.80
N LEU E 37 10.83 11.97 39.51
CA LEU E 37 9.85 12.69 40.31
C LEU E 37 9.64 12.08 41.70
N ASN E 38 10.28 10.95 42.01
CA ASN E 38 10.22 10.39 43.35
C ASN E 38 10.95 11.27 44.34
N ALA E 39 10.46 11.27 45.58
CA ALA E 39 11.11 11.96 46.68
C ALA E 39 12.06 10.99 47.38
N LEU E 40 13.22 11.50 47.78
CA LEU E 40 14.23 10.70 48.47
C LEU E 40 14.59 11.39 49.77
N GLU E 41 14.63 10.62 50.85
CA GLU E 41 14.97 11.15 52.16
C GLU E 41 16.44 10.84 52.47
N VAL E 42 17.25 11.89 52.60
CA VAL E 42 18.64 11.70 53.01
C VAL E 42 18.69 11.39 54.49
N GLN E 43 19.56 10.44 54.84
CA GLN E 43 19.72 10.00 56.23
C GLN E 43 20.90 10.71 56.89
N GLY E 44 20.86 10.79 58.22
CA GLY E 44 21.94 11.38 59.00
C GLY E 44 21.99 12.89 58.93
N ARG E 45 20.84 13.54 59.16
CA ARG E 45 20.79 15.02 59.19
C ARG E 45 19.92 15.56 60.31
N GLU E 46 20.17 16.81 60.70
CA GLU E 46 19.41 17.49 61.75
C GLU E 46 17.96 17.72 61.32
N THR E 47 17.80 18.23 60.10
CA THR E 47 16.48 18.47 59.52
C THR E 47 16.34 17.64 58.25
N ARG E 48 15.10 17.56 57.75
CA ARG E 48 14.80 16.75 56.56
C ARG E 48 15.36 17.35 55.28
N LEU E 49 16.02 16.49 54.50
CA LEU E 49 16.58 16.87 53.21
C LEU E 49 16.01 16.01 52.11
N VAL E 50 15.02 16.54 51.41
CA VAL E 50 14.37 15.81 50.33
C VAL E 50 15.09 16.06 49.00
N LEU E 51 15.27 14.98 48.24
CA LEU E 51 15.86 15.02 46.90
C LEU E 51 14.85 14.46 45.92
N GLU E 52 14.60 15.18 44.83
CA GLU E 52 13.64 14.75 43.84
C GLU E 52 14.36 14.21 42.62
N VAL E 53 14.10 12.95 42.29
CA VAL E 53 14.71 12.29 41.13
C VAL E 53 14.35 13.05 39.85
N ALA E 54 15.37 13.43 39.08
CA ALA E 54 15.18 14.18 37.85
C ALA E 54 15.54 13.37 36.62
N GLN E 55 16.60 12.58 36.70
CA GLN E 55 17.02 11.72 35.58
C GLN E 55 17.53 10.37 36.01
N HIS E 56 17.42 9.40 35.12
CA HIS E 56 18.14 8.15 35.28
C HIS E 56 19.37 8.22 34.40
N LEU E 57 20.55 8.28 35.02
CA LEU E 57 21.80 8.52 34.31
C LEU E 57 22.37 7.26 33.68
N GLY E 58 21.73 6.12 33.96
CA GLY E 58 22.33 4.82 33.68
C GLY E 58 23.17 4.38 34.85
N GLU E 59 23.65 3.14 34.79
CA GLU E 59 24.53 2.56 35.82
C GLU E 59 23.96 2.70 37.23
N SER E 60 22.65 2.47 37.34
CA SER E 60 21.93 2.42 38.62
C SER E 60 22.01 3.74 39.41
N THR E 61 22.35 4.82 38.69
CA THR E 61 22.52 6.14 39.27
C THR E 61 21.39 7.06 38.83
N VAL E 62 20.83 7.77 39.81
CA VAL E 62 19.86 8.83 39.54
C VAL E 62 20.42 10.21 39.85
N ARG E 63 20.03 11.20 39.06
CA ARG E 63 20.30 12.60 39.34
C ARG E 63 19.08 13.26 39.96
N THR E 64 19.30 13.91 41.11
CA THR E 64 18.22 14.52 41.88
C THR E 64 18.40 16.03 42.01
N ILE E 65 17.31 16.74 42.31
CA ILE E 65 17.40 18.15 42.71
C ILE E 65 16.98 18.34 44.17
N ALA E 66 17.90 18.89 44.96
CA ALA E 66 17.72 19.05 46.42
C ALA E 66 16.68 20.10 46.77
N MET E 67 15.86 19.78 47.77
CA MET E 67 14.85 20.72 48.28
C MET E 67 15.34 21.64 49.40
N ASP E 68 16.57 21.40 49.87
CA ASP E 68 17.24 22.30 50.81
C ASP E 68 18.75 22.23 50.60
N GLY E 69 19.52 22.90 51.45
CA GLY E 69 20.98 22.96 51.35
C GLY E 69 21.65 21.60 51.38
N THR E 70 22.74 21.47 50.64
CA THR E 70 23.48 20.21 50.56
C THR E 70 24.78 20.29 51.33
N GLU E 71 24.99 21.39 52.05
CA GLU E 71 26.17 21.53 52.89
C GLU E 71 26.25 20.33 53.83
N GLY E 72 27.44 19.74 53.93
CA GLY E 72 27.69 18.66 54.89
C GLY E 72 27.56 17.23 54.39
N LEU E 73 27.01 17.06 53.19
CA LEU E 73 26.78 15.73 52.63
C LEU E 73 28.07 15.03 52.24
N VAL E 74 28.14 13.71 52.52
CA VAL E 74 29.29 12.87 52.20
C VAL E 74 28.92 11.90 51.08
N ARG E 75 29.88 11.63 50.18
CA ARG E 75 29.73 10.53 49.23
C ARG E 75 29.65 9.23 50.02
N GLY E 76 28.54 8.51 49.86
CA GLY E 76 28.30 7.28 50.62
C GLY E 76 27.11 7.40 51.56
N GLN E 77 26.77 8.64 51.94
CA GLN E 77 25.64 8.92 52.84
C GLN E 77 24.37 8.25 52.32
N LYS E 78 23.66 7.60 53.22
CA LYS E 78 22.50 6.78 52.85
C LYS E 78 21.29 7.63 52.48
N VAL E 79 20.53 7.12 51.51
CA VAL E 79 19.36 7.81 50.99
C VAL E 79 18.21 6.82 50.77
N LEU E 80 17.08 7.09 51.43
CA LEU E 80 15.92 6.22 51.41
C LEU E 80 14.93 6.66 50.34
N ASP E 81 14.59 5.76 49.43
CA ASP E 81 13.57 6.02 48.42
C ASP E 81 12.20 5.96 49.11
N SER E 82 11.45 7.05 49.06
CA SER E 82 10.15 7.14 49.71
C SER E 82 9.07 6.28 49.02
N GLY E 83 9.29 5.96 47.73
CA GLY E 83 8.37 5.12 46.96
C GLY E 83 7.41 5.91 46.09
N ALA E 84 7.26 7.21 46.39
CA ALA E 84 6.37 8.09 45.66
C ALA E 84 7.01 9.49 45.47
N PRO E 85 6.35 10.38 44.69
CA PRO E 85 6.74 11.79 44.69
C PRO E 85 6.66 12.43 46.07
N ILE E 86 6.87 13.73 46.15
CA ILE E 86 6.67 14.49 47.37
C ILE E 86 5.19 14.45 47.73
N ARG E 87 4.89 13.93 48.92
CA ARG E 87 3.51 13.86 49.40
C ARG E 87 3.37 14.77 50.60
N ILE E 88 2.30 15.57 50.58
CA ILE E 88 2.10 16.60 51.59
C ILE E 88 0.74 16.42 52.27
N PRO E 89 0.62 16.90 53.52
CA PRO E 89 -0.68 16.89 54.19
C PRO E 89 -1.72 17.71 53.44
N VAL E 90 -2.85 17.11 53.10
CA VAL E 90 -3.97 17.82 52.47
C VAL E 90 -5.23 17.67 53.30
N GLY E 91 -6.08 18.70 53.25
CA GLY E 91 -7.34 18.67 53.98
C GLY E 91 -7.62 19.95 54.75
N PRO E 92 -8.77 20.00 55.45
CA PRO E 92 -9.21 21.18 56.20
C PRO E 92 -8.26 21.58 57.33
N GLU E 93 -7.34 20.68 57.69
CA GLU E 93 -6.40 20.95 58.78
C GLU E 93 -5.20 21.83 58.37
N THR E 94 -4.99 21.96 57.07
CA THR E 94 -3.92 22.81 56.52
C THR E 94 -4.33 24.28 56.51
N LEU E 95 -5.61 24.54 56.69
CA LEU E 95 -6.15 25.89 56.61
C LEU E 95 -5.67 26.70 57.80
N GLY E 96 -5.21 27.92 57.53
CA GLY E 96 -4.65 28.80 58.55
C GLY E 96 -3.25 28.43 58.97
N ARG E 97 -2.76 27.31 58.43
CA ARG E 97 -1.41 26.84 58.68
C ARG E 97 -0.49 27.29 57.56
N ILE E 98 0.79 27.46 57.88
CA ILE E 98 1.80 27.69 56.86
C ILE E 98 2.67 26.44 56.70
N MET E 99 2.74 25.94 55.47
CA MET E 99 3.65 24.83 55.16
C MET E 99 4.71 25.23 54.14
N ASN E 100 5.76 24.43 54.02
CA ASN E 100 6.74 24.64 52.97
C ASN E 100 6.49 23.72 51.79
N VAL E 101 7.49 23.60 50.92
CA VAL E 101 7.38 22.80 49.70
C VAL E 101 7.12 21.32 49.98
N ILE E 102 7.77 20.78 51.01
CA ILE E 102 7.70 19.35 51.31
C ILE E 102 6.64 18.99 52.35
N GLY E 103 5.76 19.94 52.67
CA GLY E 103 4.62 19.69 53.52
C GLY E 103 4.78 20.00 55.00
N GLU E 104 6.02 20.25 55.42
CA GLU E 104 6.32 20.60 56.81
C GLU E 104 5.66 21.91 57.24
N PRO E 105 5.13 21.95 58.48
CA PRO E 105 4.69 23.22 59.04
C PRO E 105 5.90 24.11 59.33
N ILE E 106 5.75 25.41 59.07
CA ILE E 106 6.80 26.39 59.34
C ILE E 106 6.23 27.58 60.12
N ASP E 107 5.05 27.36 60.71
CA ASP E 107 4.39 28.35 61.55
C ASP E 107 4.59 28.09 63.05
N GLU E 108 5.39 27.06 63.36
CA GLU E 108 5.74 26.69 64.75
C GLU E 108 4.55 26.33 65.65
N ARG E 109 3.45 25.92 65.01
CA ARG E 109 2.22 25.56 65.71
C ARG E 109 2.05 24.04 65.71
N GLY E 110 3.17 23.34 65.61
CA GLY E 110 3.19 21.88 65.66
C GLY E 110 2.75 21.18 64.37
N PRO E 111 2.48 19.86 64.46
CA PRO E 111 2.18 19.03 63.31
C PRO E 111 0.86 19.41 62.63
N ILE E 112 0.74 19.11 61.34
CA ILE E 112 -0.50 19.33 60.60
C ILE E 112 -1.25 18.01 60.55
N LYS E 113 -2.30 17.92 61.37
CA LYS E 113 -2.99 16.65 61.63
C LYS E 113 -4.07 16.30 60.59
N THR E 114 -3.62 15.88 59.41
CA THR E 114 -4.53 15.47 58.33
C THR E 114 -4.57 13.94 58.20
N LYS E 115 -5.74 13.43 57.83
CA LYS E 115 -5.89 12.01 57.57
C LYS E 115 -5.31 11.62 56.22
N GLN E 116 -5.38 12.55 55.26
CA GLN E 116 -4.90 12.28 53.90
C GLN E 116 -3.54 12.89 53.63
N PHE E 117 -2.82 12.26 52.71
CA PHE E 117 -1.60 12.82 52.09
C PHE E 117 -1.80 12.81 50.57
N ALA E 118 -1.13 13.73 49.87
CA ALA E 118 -1.24 13.78 48.42
C ALA E 118 0.08 14.15 47.73
N ALA E 119 0.39 13.40 46.65
CA ALA E 119 1.60 13.60 45.85
C ALA E 119 1.52 14.89 45.07
N ILE E 120 2.60 15.67 45.07
CA ILE E 120 2.56 17.02 44.50
C ILE E 120 2.63 17.03 42.97
N HIS E 121 3.06 15.91 42.40
CA HIS E 121 2.99 15.72 40.96
C HIS E 121 1.79 14.86 40.64
N ALA E 122 0.91 15.40 39.81
CA ALA E 122 -0.25 14.69 39.28
C ALA E 122 -0.51 15.24 37.89
N GLU E 123 -1.13 14.43 37.04
CA GLU E 123 -1.44 14.87 35.69
C GLU E 123 -2.71 15.69 35.66
N ALA E 124 -2.82 16.55 34.64
CA ALA E 124 -4.00 17.39 34.45
C ALA E 124 -5.27 16.52 34.26
N PRO E 125 -6.42 17.03 34.73
CA PRO E 125 -7.70 16.39 34.44
C PRO E 125 -7.86 16.02 32.95
N GLU E 126 -8.29 14.78 32.71
CA GLU E 126 -8.45 14.26 31.36
C GLU E 126 -9.51 15.01 30.57
N PHE E 127 -9.46 14.88 29.25
CA PHE E 127 -10.38 15.56 28.36
C PHE E 127 -11.87 15.33 28.69
N VAL E 128 -12.23 14.10 29.06
CA VAL E 128 -13.61 13.79 29.47
C VAL E 128 -14.01 14.45 30.80
N GLU E 129 -13.03 14.76 31.63
CA GLU E 129 -13.25 15.33 32.97
C GLU E 129 -13.46 16.85 32.93
N MET E 130 -13.40 17.41 31.72
CA MET E 130 -13.48 18.86 31.49
C MET E 130 -14.90 19.38 31.40
N SER E 131 -15.15 20.53 32.01
CA SER E 131 -16.40 21.26 31.82
C SER E 131 -16.39 21.96 30.45
N VAL E 132 -17.42 21.68 29.66
CA VAL E 132 -17.55 22.25 28.31
C VAL E 132 -18.10 23.68 28.34
N GLU E 133 -18.49 24.14 29.54
CA GLU E 133 -19.13 25.43 29.73
C GLU E 133 -18.21 26.41 30.45
N GLN E 134 -18.34 27.68 30.11
CA GLN E 134 -17.64 28.76 30.80
C GLN E 134 -18.60 29.51 31.71
N GLU E 135 -18.26 29.57 33.00
CA GLU E 135 -19.06 30.27 34.01
C GLU E 135 -18.25 31.38 34.65
N ILE E 136 -18.94 32.45 35.05
CA ILE E 136 -18.33 33.49 35.86
C ILE E 136 -18.20 32.95 37.26
N LEU E 137 -17.07 33.25 37.91
CA LEU E 137 -16.97 33.07 39.34
C LEU E 137 -17.12 34.45 39.96
N VAL E 138 -18.35 34.75 40.37
CA VAL E 138 -18.70 36.07 40.93
C VAL E 138 -17.86 36.37 42.17
N THR E 139 -17.16 37.52 42.15
CA THR E 139 -16.32 37.92 43.27
C THR E 139 -17.07 38.86 44.20
N GLY E 140 -18.11 39.50 43.67
CA GLY E 140 -18.85 40.51 44.41
C GLY E 140 -18.12 41.85 44.45
N ILE E 141 -17.02 41.95 43.70
CA ILE E 141 -16.33 43.21 43.51
C ILE E 141 -16.78 43.81 42.18
N LYS E 142 -17.31 45.02 42.24
CA LYS E 142 -18.02 45.65 41.12
C LYS E 142 -17.22 45.77 39.82
N VAL E 143 -16.02 46.36 39.91
CA VAL E 143 -15.10 46.50 38.77
C VAL E 143 -14.80 45.17 38.10
N VAL E 144 -14.46 44.19 38.93
CA VAL E 144 -14.07 42.87 38.48
C VAL E 144 -15.24 42.25 37.74
N ASP E 145 -16.34 42.02 38.46
CA ASP E 145 -17.51 41.34 37.92
C ASP E 145 -18.14 42.04 36.72
N LEU E 146 -18.24 43.36 36.75
CA LEU E 146 -18.80 44.08 35.62
C LEU E 146 -17.91 44.07 34.37
N LEU E 147 -16.66 44.50 34.54
CA LEU E 147 -15.81 44.86 33.39
C LEU E 147 -14.78 43.82 32.96
N ALA E 148 -14.10 43.22 33.94
CA ALA E 148 -13.14 42.16 33.67
C ALA E 148 -13.42 40.94 34.56
N PRO E 149 -14.55 40.24 34.34
CA PRO E 149 -14.99 39.18 35.25
C PRO E 149 -14.11 37.92 35.24
N TYR E 150 -14.09 37.25 36.39
CA TYR E 150 -13.32 36.04 36.62
C TYR E 150 -14.09 34.83 36.07
N ALA E 151 -13.36 33.85 35.53
CA ALA E 151 -13.97 32.65 35.00
C ALA E 151 -13.72 31.47 35.93
N LYS E 152 -14.79 30.74 36.25
CA LYS E 152 -14.70 29.53 37.07
C LYS E 152 -13.65 28.58 36.47
N GLY E 153 -12.59 28.31 37.23
CA GLY E 153 -11.54 27.43 36.77
C GLY E 153 -10.55 28.07 35.82
N GLY E 154 -10.54 29.41 35.80
CA GLY E 154 -9.62 30.15 34.94
C GLY E 154 -8.42 30.70 35.67
N LYS E 155 -7.58 31.43 34.95
CA LYS E 155 -6.38 32.04 35.50
C LYS E 155 -6.42 33.55 35.26
N ILE E 156 -6.10 34.30 36.30
CA ILE E 156 -6.13 35.75 36.22
C ILE E 156 -4.74 36.33 36.45
N GLY E 157 -4.35 37.25 35.57
CA GLY E 157 -3.10 37.97 35.73
C GLY E 157 -3.29 39.20 36.59
N LEU E 158 -2.64 39.20 37.76
CA LEU E 158 -2.67 40.34 38.68
C LEU E 158 -1.42 41.22 38.55
N PHE E 159 -1.59 42.35 37.88
CA PHE E 159 -0.52 43.33 37.77
C PHE E 159 -0.72 44.35 38.87
N GLY E 160 0.36 44.68 39.59
CA GLY E 160 0.26 45.59 40.72
C GLY E 160 1.56 45.99 41.37
N GLY E 161 2.05 45.18 42.30
CA GLY E 161 3.18 45.55 43.14
C GLY E 161 2.72 46.14 44.46
N ALA E 162 3.59 46.89 45.11
CA ALA E 162 3.31 47.45 46.44
C ALA E 162 2.44 48.71 46.43
N GLY E 163 1.73 48.93 47.53
CA GLY E 163 1.01 50.18 47.76
C GLY E 163 -0.32 50.38 47.05
N VAL E 164 -0.72 49.40 46.23
CA VAL E 164 -1.95 49.54 45.42
C VAL E 164 -3.13 48.73 45.96
N GLY E 165 -3.01 48.25 47.20
CA GLY E 165 -4.10 47.56 47.89
C GLY E 165 -4.21 46.12 47.46
N LYS E 166 -3.06 45.53 47.12
CA LYS E 166 -2.96 44.19 46.55
C LYS E 166 -3.26 43.10 47.59
N THR E 167 -2.68 43.23 48.79
CA THR E 167 -2.90 42.28 49.88
C THR E 167 -4.35 42.33 50.35
N VAL E 168 -4.91 43.52 50.38
CA VAL E 168 -6.32 43.73 50.72
C VAL E 168 -7.25 43.10 49.66
N LEU E 169 -6.91 43.25 48.38
CA LEU E 169 -7.69 42.66 47.29
C LEU E 169 -7.70 41.13 47.37
N ILE E 170 -6.52 40.57 47.66
CA ILE E 170 -6.35 39.12 47.86
C ILE E 170 -7.19 38.64 49.03
N MET E 171 -6.95 39.22 50.21
CA MET E 171 -7.68 38.86 51.43
C MET E 171 -9.19 38.97 51.27
N GLU E 172 -9.64 39.97 50.52
CA GLU E 172 -11.06 40.12 50.22
C GLU E 172 -11.57 39.05 49.24
N LEU E 173 -10.78 38.71 48.23
CA LEU E 173 -11.14 37.60 47.32
C LEU E 173 -11.31 36.28 48.05
N ILE E 174 -10.38 35.99 48.96
CA ILE E 174 -10.47 34.84 49.87
C ILE E 174 -11.80 34.86 50.63
N ASN E 175 -12.09 36.01 51.22
CA ASN E 175 -13.31 36.22 51.99
C ASN E 175 -14.58 36.08 51.14
N ASN E 176 -14.61 36.79 50.02
CA ASN E 176 -15.79 36.81 49.15
C ASN E 176 -16.09 35.49 48.47
N VAL E 177 -15.06 34.69 48.22
CA VAL E 177 -15.22 33.38 47.61
C VAL E 177 -15.77 32.39 48.63
N ALA E 178 -15.35 32.53 49.89
CA ALA E 178 -15.88 31.69 50.97
C ALA E 178 -17.35 32.02 51.25
N LYS E 179 -17.67 33.30 51.21
CA LYS E 179 -18.98 33.81 51.54
C LYS E 179 -20.02 33.54 50.45
N ALA E 180 -19.58 33.62 49.19
CA ALA E 180 -20.49 33.52 48.05
C ALA E 180 -20.52 32.12 47.42
N HIS E 181 -19.38 31.42 47.48
CA HIS E 181 -19.23 30.13 46.79
C HIS E 181 -18.92 28.97 47.71
N GLY E 182 -18.75 29.24 48.99
CA GLY E 182 -18.37 28.22 49.96
C GLY E 182 -17.02 27.58 49.65
N GLY E 183 -16.18 28.30 48.90
CA GLY E 183 -14.84 27.84 48.52
C GLY E 183 -13.72 28.32 49.44
N TYR E 184 -12.76 27.43 49.72
CA TYR E 184 -11.57 27.78 50.46
C TYR E 184 -10.49 28.31 49.52
N SER E 185 -9.47 28.96 50.08
CA SER E 185 -8.37 29.49 49.31
C SER E 185 -7.02 28.90 49.68
N VAL E 186 -6.10 28.92 48.71
CA VAL E 186 -4.71 28.56 48.97
C VAL E 186 -3.81 29.66 48.43
N PHE E 187 -2.86 30.10 49.25
CA PHE E 187 -1.86 31.08 48.84
C PHE E 187 -0.50 30.41 48.71
N ALA E 188 0.06 30.44 47.50
CA ALA E 188 1.37 29.87 47.27
C ALA E 188 2.39 30.98 47.01
N GLY E 189 3.27 31.15 47.98
CA GLY E 189 4.32 32.15 47.89
C GLY E 189 5.54 31.56 47.21
N VAL E 190 5.57 31.66 45.89
CA VAL E 190 6.74 31.28 45.09
C VAL E 190 7.77 32.40 45.18
N GLY E 191 8.93 32.10 45.75
CA GLY E 191 9.91 33.16 46.05
C GLY E 191 9.33 34.18 47.02
N GLU E 192 8.70 33.70 48.08
CA GLU E 192 8.21 34.59 49.12
C GLU E 192 9.42 35.20 49.82
N ARG E 193 9.44 36.53 49.92
CA ARG E 193 10.45 37.20 50.77
C ARG E 193 10.01 36.97 52.22
N THR E 194 10.91 36.42 53.03
CA THR E 194 10.60 36.03 54.41
C THR E 194 9.89 37.15 55.19
N ARG E 195 10.42 38.36 55.09
CA ARG E 195 9.83 39.51 55.77
C ARG E 195 8.36 39.67 55.40
N GLU E 196 8.07 39.56 54.10
CA GLU E 196 6.74 39.83 53.58
C GLU E 196 5.78 38.68 53.83
N GLY E 197 6.32 37.46 53.94
CA GLY E 197 5.54 36.28 54.32
C GLY E 197 5.03 36.37 55.75
N ASN E 198 5.89 36.85 56.65
CA ASN E 198 5.53 37.12 58.04
C ASN E 198 4.45 38.18 58.10
N ASP E 199 4.66 39.28 57.37
CA ASP E 199 3.74 40.41 57.38
C ASP E 199 2.39 39.98 56.81
N LEU E 200 2.43 39.21 55.73
CA LEU E 200 1.23 38.67 55.09
C LEU E 200 0.46 37.78 56.07
N TYR E 201 1.20 36.93 56.76
CA TYR E 201 0.65 36.04 57.78
C TYR E 201 -0.15 36.82 58.83
N HIS E 202 0.45 37.86 59.38
CA HIS E 202 -0.19 38.62 60.43
C HIS E 202 -1.33 39.51 59.94
N GLU E 203 -1.24 39.95 58.68
CA GLU E 203 -2.30 40.76 58.07
C GLU E 203 -3.56 39.93 57.88
N MET E 204 -3.37 38.64 57.60
CA MET E 204 -4.46 37.69 57.44
C MET E 204 -5.10 37.38 58.78
N ILE E 205 -4.27 37.13 59.79
CA ILE E 205 -4.70 36.98 61.18
C ILE E 205 -5.50 38.21 61.64
N GLU E 206 -4.98 39.39 61.32
CA GLU E 206 -5.62 40.66 61.72
C GLU E 206 -6.95 40.91 61.00
N SER E 207 -7.08 40.37 59.79
CA SER E 207 -8.27 40.60 58.96
C SER E 207 -9.32 39.52 59.13
N GLY E 208 -8.93 38.39 59.72
CA GLY E 208 -9.86 37.33 60.08
C GLY E 208 -9.82 36.09 59.21
N VAL E 209 -9.30 36.20 57.99
CA VAL E 209 -9.26 35.08 57.04
C VAL E 209 -8.37 33.93 57.53
N ILE E 210 -7.47 34.24 58.46
CA ILE E 210 -6.82 33.21 59.28
C ILE E 210 -7.28 33.43 60.72
N ASN E 211 -7.58 32.33 61.41
CA ASN E 211 -7.96 32.36 62.82
C ASN E 211 -7.21 31.29 63.60
N LEU E 212 -6.35 31.73 64.51
CA LEU E 212 -5.56 30.82 65.34
C LEU E 212 -6.37 30.20 66.47
N LYS E 213 -7.39 30.93 66.93
CA LYS E 213 -8.21 30.49 68.07
C LYS E 213 -9.18 29.36 67.69
N ASP E 214 -10.16 29.67 66.83
CA ASP E 214 -11.13 28.67 66.39
C ASP E 214 -10.67 27.93 65.13
N ALA E 215 -11.61 27.61 64.24
CA ALA E 215 -11.30 26.95 62.99
C ALA E 215 -12.06 27.55 61.80
N THR E 216 -12.18 28.88 61.80
CA THR E 216 -12.83 29.60 60.69
C THR E 216 -11.90 29.90 59.52
N SER E 217 -10.60 29.63 59.68
CA SER E 217 -9.59 29.88 58.63
C SER E 217 -10.06 29.56 57.21
N LYS E 218 -9.94 30.53 56.31
CA LYS E 218 -10.39 30.39 54.93
C LYS E 218 -9.28 30.11 53.90
N VAL E 219 -8.03 30.34 54.31
CA VAL E 219 -6.84 30.15 53.45
C VAL E 219 -5.86 29.16 54.06
N ALA E 220 -5.21 28.37 53.21
CA ALA E 220 -4.02 27.62 53.60
C ALA E 220 -2.82 28.30 52.97
N LEU E 221 -1.70 28.35 53.70
CA LEU E 221 -0.53 29.06 53.23
C LEU E 221 0.63 28.12 52.92
N VAL E 222 1.21 28.29 51.73
CA VAL E 222 2.35 27.49 51.29
C VAL E 222 3.48 28.42 50.79
N TYR E 223 4.58 28.44 51.55
CA TYR E 223 5.69 29.34 51.26
C TYR E 223 6.91 28.61 50.69
N GLY E 224 7.37 29.09 49.54
CA GLY E 224 8.66 28.70 48.99
C GLY E 224 9.52 29.94 48.98
N GLN E 225 10.34 30.09 50.01
CA GLN E 225 11.02 31.35 50.26
C GLN E 225 12.24 31.59 49.40
N MET E 226 12.58 32.86 49.23
CA MET E 226 13.67 33.29 48.36
C MET E 226 14.99 32.59 48.60
N ASN E 227 15.33 32.36 49.86
CA ASN E 227 16.63 31.78 50.19
C ASN E 227 16.70 30.25 50.06
N GLU E 228 15.66 29.65 49.50
CA GLU E 228 15.64 28.21 49.27
C GLU E 228 16.19 27.88 47.88
N PRO E 229 16.73 26.66 47.70
CA PRO E 229 17.32 26.24 46.42
C PRO E 229 16.31 26.30 45.27
N PRO E 230 16.78 26.34 44.01
CA PRO E 230 15.91 26.45 42.85
C PRO E 230 14.78 25.42 42.87
N GLY E 231 15.12 24.16 43.18
CA GLY E 231 14.15 23.06 43.17
C GLY E 231 12.97 23.32 44.07
N ALA E 232 13.28 23.76 45.30
CA ALA E 232 12.24 24.06 46.28
C ALA E 232 11.30 25.14 45.73
N ARG E 233 11.86 26.23 45.25
CA ARG E 233 11.09 27.33 44.68
C ARG E 233 10.29 26.93 43.41
N ALA E 234 10.81 25.97 42.64
CA ALA E 234 10.12 25.50 41.43
C ALA E 234 8.92 24.61 41.75
N ARG E 235 8.96 23.94 42.89
CA ARG E 235 7.91 22.98 43.26
C ARG E 235 6.77 23.52 44.13
N VAL E 236 7.01 24.59 44.90
CA VAL E 236 5.99 25.08 45.84
C VAL E 236 4.63 25.32 45.22
N ALA E 237 4.63 25.80 43.97
CA ALA E 237 3.40 26.05 43.24
C ALA E 237 2.56 24.78 43.15
N LEU E 238 3.23 23.66 42.90
CA LEU E 238 2.58 22.36 42.85
C LEU E 238 2.04 21.99 44.22
N THR E 239 2.88 22.12 45.25
CA THR E 239 2.46 21.91 46.64
C THR E 239 1.16 22.67 46.94
N GLY E 240 1.17 23.99 46.71
CA GLY E 240 -0.02 24.81 46.89
C GLY E 240 -1.20 24.28 46.11
N LEU E 241 -0.97 24.00 44.84
CA LEU E 241 -1.99 23.53 43.93
C LEU E 241 -2.57 22.19 44.41
N THR E 242 -1.70 21.33 44.93
CA THR E 242 -2.12 20.04 45.48
C THR E 242 -3.07 20.24 46.67
N VAL E 243 -2.67 21.07 47.64
CA VAL E 243 -3.58 21.45 48.72
C VAL E 243 -4.94 21.82 48.13
N ALA E 244 -4.94 22.76 47.19
CA ALA E 244 -6.16 23.20 46.50
C ALA E 244 -6.93 22.09 45.78
N GLU E 245 -6.19 21.14 45.21
CA GLU E 245 -6.81 20.03 44.47
C GLU E 245 -7.63 19.14 45.39
N TYR E 246 -7.22 19.04 46.65
CA TYR E 246 -7.99 18.32 47.66
C TYR E 246 -9.41 18.90 47.73
N PHE E 247 -9.49 20.20 47.91
CA PHE E 247 -10.78 20.88 48.09
C PHE E 247 -11.68 20.82 46.85
N ARG E 248 -11.08 20.73 45.67
CA ARG E 248 -11.86 20.52 44.45
C ARG E 248 -12.32 19.06 44.37
N ASP E 249 -11.36 18.14 44.42
CA ASP E 249 -11.63 16.72 44.15
C ASP E 249 -12.43 16.02 45.25
N GLN E 250 -12.10 16.31 46.51
CA GLN E 250 -12.66 15.58 47.64
C GLN E 250 -13.86 16.26 48.28
N GLU E 251 -13.97 17.57 48.11
CA GLU E 251 -15.03 18.35 48.75
C GLU E 251 -15.86 19.21 47.78
N GLY E 252 -15.57 19.08 46.48
CA GLY E 252 -16.43 19.62 45.41
C GLY E 252 -16.56 21.13 45.31
N GLN E 253 -15.51 21.83 45.74
CA GLN E 253 -15.56 23.29 45.89
C GLN E 253 -15.09 24.04 44.65
N ASP E 254 -15.57 25.27 44.52
CA ASP E 254 -14.95 26.24 43.63
C ASP E 254 -13.87 26.94 44.45
N VAL E 255 -12.63 26.48 44.29
CA VAL E 255 -11.49 26.91 45.11
C VAL E 255 -10.78 28.11 44.48
N LEU E 256 -10.08 28.87 45.32
CA LEU E 256 -9.18 29.93 44.89
C LEU E 256 -7.72 29.56 45.12
N LEU E 257 -6.89 29.74 44.10
CA LEU E 257 -5.45 29.51 44.24
C LEU E 257 -4.67 30.75 43.84
N PHE E 258 -4.00 31.32 44.82
CA PHE E 258 -3.11 32.45 44.58
C PHE E 258 -1.70 31.95 44.33
N ILE E 259 -1.07 32.53 43.31
CA ILE E 259 0.34 32.26 43.03
C ILE E 259 1.11 33.59 43.00
N ASP E 260 1.93 33.77 44.02
CA ASP E 260 2.75 34.97 44.16
C ASP E 260 4.23 34.59 44.27
N ASN E 261 4.97 34.70 43.17
CA ASN E 261 4.40 35.13 41.90
C ASN E 261 4.89 34.30 40.73
N ILE E 262 4.06 34.23 39.69
CA ILE E 262 4.23 33.27 38.60
C ILE E 262 5.59 33.35 37.91
N PHE E 263 6.11 34.57 37.74
CA PHE E 263 7.43 34.77 37.16
C PHE E 263 8.54 34.05 37.91
N ARG E 264 8.44 34.05 39.23
CA ARG E 264 9.43 33.41 40.06
C ARG E 264 9.34 31.89 39.97
N PHE E 265 8.14 31.38 39.67
CA PHE E 265 7.96 29.98 39.29
C PHE E 265 8.74 29.67 38.01
N THR E 266 8.61 30.54 37.02
CA THR E 266 9.32 30.39 35.76
C THR E 266 10.82 30.44 35.98
N GLN E 267 11.28 31.41 36.77
CA GLN E 267 12.71 31.60 37.01
C GLN E 267 13.36 30.45 37.76
N ALA E 268 12.64 29.88 38.73
CA ALA E 268 13.09 28.70 39.45
C ALA E 268 13.24 27.53 38.48
N GLY E 269 12.26 27.38 37.58
CA GLY E 269 12.36 26.40 36.50
C GLY E 269 13.60 26.62 35.65
N SER E 270 13.83 27.88 35.27
CA SER E 270 15.04 28.26 34.55
C SER E 270 16.32 27.92 35.30
N GLU E 271 16.32 28.12 36.61
CA GLU E 271 17.50 27.81 37.42
C GLU E 271 17.77 26.30 37.53
N VAL E 272 16.73 25.54 37.89
CA VAL E 272 16.78 24.07 37.92
C VAL E 272 17.29 23.54 36.60
N SER E 273 16.67 23.96 35.50
CA SER E 273 17.07 23.54 34.17
C SER E 273 18.56 23.83 33.91
N ALA E 274 19.02 25.01 34.31
CA ALA E 274 20.43 25.39 34.16
C ALA E 274 21.34 24.47 34.98
N LEU E 275 20.93 24.17 36.21
CA LEU E 275 21.65 23.25 37.11
C LEU E 275 21.76 21.79 36.61
N LEU E 276 20.77 21.34 35.83
CA LEU E 276 20.78 20.00 35.21
C LEU E 276 21.54 19.93 33.88
N GLY E 277 22.19 21.02 33.48
CA GLY E 277 23.08 21.03 32.31
C GLY E 277 22.36 21.13 30.97
N ARG E 278 21.06 21.42 31.03
CA ARG E 278 20.23 21.63 29.86
C ARG E 278 20.52 22.95 29.16
N ILE E 279 20.73 22.88 27.84
CA ILE E 279 20.99 24.05 27.02
C ILE E 279 19.79 25.01 27.08
N PRO E 280 20.04 26.26 27.51
CA PRO E 280 19.00 27.29 27.62
C PRO E 280 18.43 27.67 26.26
N SER E 281 17.20 28.16 26.27
CA SER E 281 16.48 28.52 25.06
C SER E 281 16.61 30.05 24.82
N ALA E 282 15.75 30.62 23.98
CA ALA E 282 15.72 32.08 23.77
C ALA E 282 15.68 32.85 25.10
N VAL E 283 16.42 33.95 25.16
CA VAL E 283 16.45 34.86 26.30
C VAL E 283 16.93 34.15 27.58
N GLY E 284 17.59 33.00 27.40
CA GLY E 284 18.13 32.22 28.51
C GLY E 284 17.16 31.41 29.35
N TYR E 285 15.91 31.28 28.91
CA TYR E 285 14.96 30.44 29.63
C TYR E 285 15.16 28.94 29.38
N GLN E 286 14.55 28.12 30.23
CA GLN E 286 14.63 26.68 30.12
C GLN E 286 14.00 26.24 28.79
N PRO E 287 14.57 25.23 28.13
CA PRO E 287 13.95 24.69 26.91
C PRO E 287 12.51 24.18 27.15
N THR E 288 12.25 23.70 28.37
CA THR E 288 10.92 23.23 28.77
C THR E 288 10.01 24.34 29.30
N LEU E 289 10.34 25.60 29.02
CA LEU E 289 9.53 26.73 29.50
C LEU E 289 8.02 26.49 29.41
N ALA E 290 7.54 26.08 28.24
CA ALA E 290 6.10 25.95 27.95
C ALA E 290 5.46 24.73 28.60
N THR E 291 6.23 23.64 28.69
CA THR E 291 5.75 22.41 29.32
C THR E 291 5.76 22.54 30.83
N ASP E 292 6.81 23.14 31.39
CA ASP E 292 6.85 23.49 32.82
C ASP E 292 5.60 24.26 33.21
N MET E 293 5.24 25.22 32.37
CA MET E 293 4.08 26.07 32.58
C MET E 293 2.79 25.31 32.28
N GLY E 294 2.84 24.46 31.25
CA GLY E 294 1.66 23.69 30.81
C GLY E 294 1.22 22.62 31.80
N THR E 295 2.17 21.86 32.32
CA THR E 295 1.85 20.78 33.25
C THR E 295 1.38 21.27 34.62
N MET E 296 1.62 22.54 34.93
CA MET E 296 1.12 23.14 36.17
C MET E 296 -0.21 23.86 35.94
N GLN E 297 -0.28 24.70 34.91
CA GLN E 297 -1.49 25.48 34.62
C GLN E 297 -2.73 24.62 34.29
N GLU E 298 -2.51 23.49 33.63
CA GLU E 298 -3.63 22.67 33.16
C GLU E 298 -4.33 21.97 34.32
N ARG E 299 -3.63 21.82 35.44
CA ARG E 299 -4.23 21.35 36.69
C ARG E 299 -5.26 22.35 37.26
N ILE E 300 -5.09 23.63 36.96
CA ILE E 300 -6.04 24.67 37.34
C ILE E 300 -7.20 24.74 36.33
N THR E 301 -8.36 24.23 36.74
CA THR E 301 -9.46 24.08 35.80
C THR E 301 -10.76 23.65 36.49
N THR E 302 -11.86 23.72 35.73
CA THR E 302 -13.16 23.20 36.19
C THR E 302 -13.27 21.74 35.78
N THR E 303 -13.41 20.88 36.77
CA THR E 303 -13.73 19.48 36.51
C THR E 303 -15.23 19.30 36.73
N LYS E 304 -15.72 18.10 36.43
CA LYS E 304 -17.11 17.74 36.72
C LYS E 304 -17.42 17.84 38.22
N LYS E 305 -16.39 17.70 39.05
CA LYS E 305 -16.51 17.67 40.49
C LYS E 305 -16.50 19.06 41.14
N GLY E 306 -15.66 19.95 40.61
CA GLY E 306 -15.55 21.32 41.12
C GLY E 306 -14.68 22.18 40.24
N SER E 307 -14.00 23.16 40.83
CA SER E 307 -13.03 23.99 40.10
C SER E 307 -11.96 24.64 40.99
N ILE E 308 -10.78 24.86 40.42
CA ILE E 308 -9.76 25.74 41.03
C ILE E 308 -9.63 26.93 40.12
N THR E 309 -9.81 28.13 40.68
CA THR E 309 -9.60 29.37 39.94
C THR E 309 -8.36 30.04 40.52
N SER E 310 -7.41 30.35 39.66
CA SER E 310 -6.10 30.87 40.09
C SER E 310 -5.88 32.34 39.80
N VAL E 311 -5.47 33.07 40.84
CA VAL E 311 -5.02 34.44 40.69
C VAL E 311 -3.49 34.45 40.78
N GLN E 312 -2.86 34.93 39.72
CA GLN E 312 -1.41 34.83 39.57
C GLN E 312 -0.80 36.20 39.33
N ALA E 313 -0.03 36.65 40.32
CA ALA E 313 0.67 37.93 40.25
C ALA E 313 1.78 37.80 39.21
N ILE E 314 1.89 38.79 38.33
CA ILE E 314 2.78 38.71 37.17
C ILE E 314 3.83 39.82 37.20
N TYR E 315 5.10 39.42 37.16
CA TYR E 315 6.16 40.38 36.90
C TYR E 315 6.58 40.29 35.43
N VAL E 316 6.62 41.45 34.78
CA VAL E 316 6.97 41.52 33.36
C VAL E 316 8.41 42.01 33.25
N PRO E 317 9.37 41.10 33.04
CA PRO E 317 10.77 41.52 32.99
C PRO E 317 11.00 42.55 31.92
N ALA E 318 11.81 43.55 32.25
CA ALA E 318 12.14 44.68 31.36
C ALA E 318 10.93 45.42 30.76
N ASP E 319 9.77 45.25 31.41
CA ASP E 319 8.48 45.77 30.88
C ASP E 319 8.19 45.29 29.45
N ASP E 320 8.75 44.13 29.12
CA ASP E 320 8.57 43.49 27.82
C ASP E 320 7.48 42.41 27.87
N LEU E 321 6.34 42.69 27.26
CA LEU E 321 5.24 41.72 27.22
C LEU E 321 5.52 40.57 26.24
N THR E 322 6.53 40.75 25.39
CA THR E 322 6.91 39.73 24.41
C THR E 322 8.02 38.83 24.95
N ASP E 323 8.47 39.09 26.18
CA ASP E 323 9.46 38.26 26.83
C ASP E 323 8.86 36.87 26.97
N PRO E 324 9.65 35.80 26.70
CA PRO E 324 9.20 34.42 26.79
C PRO E 324 8.39 34.12 28.05
N ALA E 325 8.81 34.63 29.21
CA ALA E 325 8.09 34.36 30.45
C ALA E 325 6.63 34.88 30.46
N PRO E 326 6.42 36.21 30.34
CA PRO E 326 5.01 36.63 30.29
C PRO E 326 4.26 36.10 29.06
N ALA E 327 4.94 36.02 27.92
CA ALA E 327 4.32 35.49 26.69
C ALA E 327 3.72 34.10 26.93
N THR E 328 4.54 33.20 27.47
CA THR E 328 4.11 31.86 27.82
C THR E 328 2.94 31.93 28.80
N THR E 329 3.06 32.74 29.84
CA THR E 329 2.01 32.86 30.84
C THR E 329 0.67 33.33 30.24
N PHE E 330 0.72 34.31 29.35
CA PHE E 330 -0.48 34.90 28.76
C PHE E 330 -1.35 33.91 28.00
N ALA E 331 -0.70 32.91 27.40
CA ALA E 331 -1.39 31.77 26.77
C ALA E 331 -2.38 31.09 27.72
N HIS E 332 -2.18 31.25 29.03
CA HIS E 332 -3.02 30.56 30.01
C HIS E 332 -4.02 31.46 30.72
N LEU E 333 -3.82 32.78 30.66
CA LEU E 333 -4.69 33.72 31.36
C LEU E 333 -6.05 33.91 30.68
N ASP E 334 -7.11 33.89 31.49
CA ASP E 334 -8.47 34.15 31.01
C ASP E 334 -8.97 35.54 31.35
N ALA E 335 -8.21 36.26 32.18
CA ALA E 335 -8.52 37.63 32.57
C ALA E 335 -7.30 38.26 33.21
N THR E 336 -7.29 39.60 33.28
CA THR E 336 -6.24 40.34 34.00
C THR E 336 -6.87 41.38 34.92
N THR E 337 -6.38 41.44 36.15
CA THR E 337 -6.73 42.52 37.06
C THR E 337 -5.49 43.41 37.20
N VAL E 338 -5.58 44.62 36.66
CA VAL E 338 -4.48 45.60 36.72
C VAL E 338 -4.70 46.62 37.83
N LEU E 339 -3.87 46.56 38.87
CA LEU E 339 -3.93 47.51 39.98
C LEU E 339 -3.09 48.74 39.66
N SER E 340 -3.72 49.91 39.74
CA SER E 340 -3.10 51.16 39.27
C SER E 340 -2.82 52.14 40.39
N ARG E 341 -1.56 52.57 40.47
CA ARG E 341 -1.11 53.58 41.44
C ARG E 341 -1.78 54.93 41.19
N ALA E 342 -2.01 55.24 39.92
CA ALA E 342 -2.80 56.41 39.53
C ALA E 342 -4.22 56.33 40.09
N ILE E 343 -4.85 55.16 39.98
CA ILE E 343 -6.22 54.97 40.47
C ILE E 343 -6.31 55.12 41.99
N ALA E 344 -5.33 54.58 42.71
CA ALA E 344 -5.31 54.62 44.19
C ALA E 344 -5.16 56.04 44.71
N GLU E 345 -4.41 56.86 43.97
CA GLU E 345 -4.15 58.25 44.33
C GLU E 345 -5.42 59.10 44.23
N LEU E 346 -6.36 58.66 43.39
CA LEU E 346 -7.67 59.30 43.28
C LEU E 346 -8.63 58.82 44.39
N GLY E 347 -8.12 57.98 45.28
CA GLY E 347 -8.92 57.48 46.40
C GLY E 347 -9.84 56.33 46.05
N ILE E 348 -9.76 55.85 44.82
CA ILE E 348 -10.60 54.74 44.33
C ILE E 348 -10.05 53.39 44.80
N TYR E 349 -10.80 52.72 45.67
CA TYR E 349 -10.44 51.38 46.14
C TYR E 349 -11.62 50.41 45.95
N PRO E 350 -11.37 49.25 45.33
CA PRO E 350 -10.07 48.72 44.94
C PRO E 350 -9.48 49.49 43.77
N ALA E 351 -8.15 49.58 43.72
CA ALA E 351 -7.44 50.40 42.74
C ALA E 351 -7.34 49.73 41.36
N VAL E 352 -8.44 49.17 40.91
CA VAL E 352 -8.49 48.44 39.63
C VAL E 352 -8.57 49.44 38.49
N ASP E 353 -7.69 49.32 37.50
CA ASP E 353 -7.82 50.10 36.28
C ASP E 353 -8.95 49.50 35.44
N PRO E 354 -10.05 50.25 35.27
CA PRO E 354 -11.25 49.71 34.63
C PRO E 354 -11.12 49.57 33.13
N LEU E 355 -10.14 50.24 32.53
CA LEU E 355 -9.92 50.17 31.09
C LEU E 355 -8.78 49.22 30.69
N ASP E 356 -7.82 49.05 31.60
CA ASP E 356 -6.64 48.21 31.36
C ASP E 356 -6.90 46.74 31.69
N SER E 357 -7.75 46.49 32.67
CA SER E 357 -8.18 45.15 33.05
C SER E 357 -9.09 44.54 31.99
N THR E 358 -8.80 43.31 31.58
CA THR E 358 -9.56 42.65 30.51
C THR E 358 -10.06 41.29 30.96
N SER E 359 -10.96 40.71 30.16
CA SER E 359 -11.45 39.35 30.38
C SER E 359 -11.85 38.68 29.07
N ARG E 360 -11.44 37.42 28.91
CA ARG E 360 -11.78 36.59 27.76
C ARG E 360 -13.27 36.26 27.70
N ILE E 361 -13.90 36.19 28.87
CA ILE E 361 -15.32 35.83 28.94
C ILE E 361 -16.27 37.03 28.89
N MET E 362 -15.72 38.24 28.76
CA MET E 362 -16.55 39.40 28.47
C MET E 362 -17.05 39.27 27.04
N ASP E 363 -18.11 38.48 26.89
CA ASP E 363 -18.60 37.99 25.61
C ASP E 363 -20.07 37.68 25.85
N PRO E 364 -20.97 38.23 25.02
CA PRO E 364 -22.40 38.04 25.29
C PRO E 364 -22.79 36.56 25.22
N ASN E 365 -22.05 35.78 24.41
CA ASN E 365 -22.24 34.32 24.32
C ASN E 365 -21.92 33.60 25.64
N ILE E 366 -21.28 34.33 26.57
CA ILE E 366 -20.87 33.75 27.84
C ILE E 366 -21.57 34.40 29.03
N VAL E 367 -21.51 35.72 29.12
CA VAL E 367 -22.02 36.45 30.29
C VAL E 367 -23.41 37.04 30.06
N GLY E 368 -23.88 37.00 28.81
CA GLY E 368 -25.17 37.56 28.43
C GLY E 368 -25.05 38.92 27.78
N SER E 369 -26.04 39.24 26.96
CA SER E 369 -26.08 40.50 26.21
C SER E 369 -26.23 41.74 27.11
N GLU E 370 -26.88 41.55 28.26
CA GLU E 370 -27.15 42.67 29.16
C GLU E 370 -25.91 43.02 29.99
N HIS E 371 -25.23 41.98 30.49
CA HIS E 371 -23.95 42.16 31.17
C HIS E 371 -22.94 42.83 30.22
N TYR E 372 -22.91 42.34 28.98
CA TYR E 372 -21.99 42.82 27.95
C TYR E 372 -22.18 44.30 27.64
N ASP E 373 -23.39 44.67 27.21
CA ASP E 373 -23.67 46.01 26.73
C ASP E 373 -23.52 47.10 27.81
N VAL E 374 -23.75 46.73 29.07
CA VAL E 374 -23.55 47.63 30.21
C VAL E 374 -22.07 47.86 30.46
N ALA E 375 -21.29 46.78 30.42
CA ALA E 375 -19.84 46.86 30.54
C ALA E 375 -19.25 47.70 29.41
N ARG E 376 -19.67 47.43 28.19
CA ARG E 376 -19.23 48.21 27.02
C ARG E 376 -19.60 49.69 27.16
N GLY E 377 -20.85 49.94 27.56
CA GLY E 377 -21.33 51.29 27.85
C GLY E 377 -20.51 52.01 28.91
N VAL E 378 -20.13 51.27 29.96
CA VAL E 378 -19.26 51.79 31.01
C VAL E 378 -17.88 52.10 30.43
N GLN E 379 -17.31 51.13 29.70
CA GLN E 379 -16.01 51.31 29.05
C GLN E 379 -16.04 52.48 28.10
N LYS E 380 -17.07 52.53 27.25
CA LYS E 380 -17.23 53.62 26.28
C LYS E 380 -17.24 55.00 26.93
N ILE E 381 -18.01 55.13 28.02
CA ILE E 381 -18.17 56.42 28.70
C ILE E 381 -16.89 56.87 29.42
N LEU E 382 -16.14 55.91 29.95
CA LEU E 382 -14.87 56.20 30.63
C LEU E 382 -13.78 56.51 29.61
N GLN E 383 -13.94 55.95 28.42
CA GLN E 383 -13.08 56.26 27.28
C GLN E 383 -13.39 57.66 26.77
N ASP E 384 -14.68 57.97 26.66
CA ASP E 384 -15.13 59.28 26.19
C ASP E 384 -14.77 60.41 27.15
N TYR E 385 -14.90 60.13 28.46
CA TYR E 385 -14.57 61.09 29.51
C TYR E 385 -13.12 61.56 29.43
N LYS E 386 -12.23 60.63 29.09
CA LYS E 386 -10.81 60.93 28.95
C LYS E 386 -10.54 61.85 27.75
N SER E 387 -11.24 61.61 26.64
CA SER E 387 -11.10 62.42 25.43
C SER E 387 -11.39 63.89 25.69
N LEU E 388 -12.32 64.14 26.61
CA LEU E 388 -12.77 65.48 26.94
C LEU E 388 -11.90 66.16 27.99
N GLN E 389 -11.03 65.39 28.66
CA GLN E 389 -10.19 65.90 29.75
C GLN E 389 -9.10 66.90 29.31
N ASP E 390 -8.71 66.84 28.03
CA ASP E 390 -7.81 67.84 27.45
C ASP E 390 -8.56 69.15 27.23
N ILE E 391 -9.83 69.02 26.86
CA ILE E 391 -10.71 70.16 26.62
C ILE E 391 -11.18 70.76 27.96
N ILE E 392 -11.18 69.93 29.01
CA ILE E 392 -11.50 70.36 30.37
C ILE E 392 -10.50 71.40 30.88
N ALA E 393 -9.21 71.09 30.74
CA ALA E 393 -8.15 71.97 31.23
C ALA E 393 -8.00 73.24 30.39
N ILE E 394 -8.57 73.22 29.18
CA ILE E 394 -8.44 74.35 28.26
C ILE E 394 -9.69 75.24 28.21
N LEU E 395 -10.83 74.66 27.82
CA LEU E 395 -12.07 75.42 27.70
C LEU E 395 -12.81 75.61 29.01
N GLY E 396 -12.51 74.78 30.00
CA GLY E 396 -13.27 74.76 31.24
C GLY E 396 -14.52 73.93 31.07
N MET E 397 -15.23 73.70 32.17
CA MET E 397 -16.36 72.76 32.14
C MET E 397 -17.65 73.35 31.53
N ASP E 398 -17.82 74.66 31.65
CA ASP E 398 -19.06 75.32 31.20
C ASP E 398 -19.07 75.72 29.72
N GLU E 399 -18.21 75.08 28.93
CA GLU E 399 -18.15 75.32 27.48
C GLU E 399 -18.59 74.09 26.69
N LEU E 400 -18.91 73.02 27.41
CA LEU E 400 -19.31 71.74 26.81
C LEU E 400 -20.76 71.75 26.37
N SER E 401 -21.10 70.88 25.42
CA SER E 401 -22.49 70.72 24.97
C SER E 401 -23.32 69.98 26.01
N GLU E 402 -24.65 70.11 25.92
CA GLU E 402 -25.57 69.51 26.89
C GLU E 402 -25.48 67.99 26.93
N GLU E 403 -25.02 67.39 25.84
CA GLU E 403 -24.73 65.97 25.79
C GLU E 403 -23.40 65.68 26.49
N ASP E 404 -22.39 66.52 26.24
CA ASP E 404 -21.04 66.33 26.76
C ASP E 404 -20.87 66.67 28.23
N LYS E 405 -21.70 67.60 28.72
CA LYS E 405 -21.75 67.92 30.15
C LYS E 405 -22.27 66.71 30.91
N LEU E 406 -23.21 66.01 30.27
CA LEU E 406 -23.91 64.87 30.87
C LEU E 406 -23.04 63.61 30.90
N THR E 407 -22.16 63.45 29.91
CA THR E 407 -21.22 62.33 29.90
C THR E 407 -20.15 62.49 30.98
N VAL E 408 -19.65 63.70 31.15
CA VAL E 408 -18.68 64.02 32.21
C VAL E 408 -19.29 63.67 33.58
N SER E 409 -20.51 64.16 33.81
CA SER E 409 -21.26 63.89 35.04
C SER E 409 -21.36 62.39 35.28
N ARG E 410 -21.91 61.66 34.30
CA ARG E 410 -22.17 60.23 34.41
C ARG E 410 -20.89 59.40 34.59
N ALA E 411 -19.84 59.77 33.85
CA ALA E 411 -18.55 59.06 33.92
C ALA E 411 -17.91 59.23 35.29
N ARG E 412 -17.96 60.46 35.83
CA ARG E 412 -17.45 60.76 37.17
C ARG E 412 -18.20 59.99 38.24
N LYS E 413 -19.51 59.78 38.02
CA LYS E 413 -20.36 59.00 38.92
C LYS E 413 -20.05 57.51 38.80
N ILE E 414 -19.76 57.08 37.58
CA ILE E 414 -19.40 55.69 37.32
C ILE E 414 -18.06 55.33 37.97
N GLN E 415 -17.07 56.22 37.83
CA GLN E 415 -15.76 56.02 38.45
C GLN E 415 -15.88 55.76 39.94
N ARG E 416 -16.72 56.55 40.62
CA ARG E 416 -16.91 56.45 42.06
C ARG E 416 -17.75 55.25 42.46
N PHE E 417 -18.72 54.89 41.63
CA PHE E 417 -19.54 53.71 41.89
C PHE E 417 -18.76 52.41 41.71
N LEU E 418 -17.60 52.49 41.04
CA LEU E 418 -16.70 51.35 40.89
C LEU E 418 -15.87 51.06 42.15
N SER E 419 -15.68 52.08 42.99
CA SER E 419 -15.06 51.87 44.30
C SER E 419 -16.00 51.07 45.20
N GLN E 420 -15.42 50.36 46.16
CA GLN E 420 -16.18 49.48 47.03
C GLN E 420 -15.44 49.33 48.38
N PRO E 421 -16.18 49.49 49.50
CA PRO E 421 -15.57 49.19 50.80
C PRO E 421 -15.39 47.68 50.94
N PHE E 422 -14.29 47.25 51.52
CA PHE E 422 -14.05 45.83 51.69
C PHE E 422 -14.23 45.41 53.14
N GLN E 423 -14.81 44.23 53.35
CA GLN E 423 -15.04 43.70 54.69
C GLN E 423 -13.72 43.47 55.42
N VAL E 424 -12.72 43.04 54.66
CA VAL E 424 -11.39 42.75 55.15
C VAL E 424 -10.64 44.01 55.63
N ALA E 425 -11.16 45.17 55.21
CA ALA E 425 -10.57 46.47 55.56
C ALA E 425 -11.39 47.27 56.58
N GLU E 426 -12.31 46.60 57.27
CA GLU E 426 -13.19 47.23 58.28
C GLU E 426 -12.41 47.79 59.48
N VAL E 427 -11.40 47.05 59.92
CA VAL E 427 -10.56 47.44 61.06
C VAL E 427 -9.82 48.76 60.81
N PHE E 428 -9.26 48.89 59.60
CA PHE E 428 -8.51 50.07 59.20
C PHE E 428 -9.38 51.32 58.97
N THR E 429 -10.64 51.11 58.60
CA THR E 429 -11.50 52.22 58.15
C THR E 429 -12.76 52.46 58.97
N GLY E 430 -13.26 51.44 59.66
CA GLY E 430 -14.52 51.54 60.40
C GLY E 430 -15.75 51.31 59.52
N HIS E 431 -15.63 51.67 58.25
CA HIS E 431 -16.71 51.51 57.25
C HIS E 431 -17.08 50.03 57.03
N LEU E 432 -18.38 49.77 56.96
CA LEU E 432 -18.89 48.41 56.80
C LEU E 432 -18.65 47.89 55.38
N GLY E 433 -18.16 46.67 55.28
CA GLY E 433 -17.81 46.05 54.00
C GLY E 433 -19.00 45.59 53.19
N LYS E 434 -18.82 45.54 51.87
CA LYS E 434 -19.90 45.17 50.97
C LYS E 434 -19.49 44.08 50.00
N LEU E 435 -20.41 43.14 49.78
CA LEU E 435 -20.29 42.12 48.75
C LEU E 435 -21.53 42.28 47.87
N VAL E 436 -21.32 42.86 46.69
CA VAL E 436 -22.41 43.18 45.77
C VAL E 436 -22.67 42.01 44.82
N PRO E 437 -23.92 41.51 44.79
CA PRO E 437 -24.27 40.45 43.84
C PRO E 437 -24.14 40.93 42.40
N LEU E 438 -23.93 40.00 41.47
CA LEU E 438 -23.75 40.33 40.06
C LEU E 438 -24.90 41.15 39.47
N LYS E 439 -26.14 40.72 39.78
CA LYS E 439 -27.35 41.36 39.25
C LYS E 439 -27.58 42.77 39.77
N GLU E 440 -27.13 43.05 40.99
CA GLU E 440 -27.20 44.40 41.55
C GLU E 440 -26.10 45.29 41.00
N THR E 441 -24.95 44.68 40.68
CA THR E 441 -23.85 45.38 40.02
C THR E 441 -24.29 45.82 38.62
N ILE E 442 -24.85 44.90 37.84
CA ILE E 442 -25.31 45.23 36.50
C ILE E 442 -26.40 46.29 36.56
N LYS E 443 -27.41 46.05 37.39
CA LYS E 443 -28.52 46.99 37.58
C LYS E 443 -28.02 48.40 37.90
N GLY E 444 -27.14 48.49 38.90
CA GLY E 444 -26.62 49.76 39.37
C GLY E 444 -26.03 50.62 38.28
N PHE E 445 -25.04 50.06 37.58
CA PHE E 445 -24.36 50.74 36.47
C PHE E 445 -25.26 50.95 35.25
N GLN E 446 -26.24 50.07 35.09
CA GLN E 446 -27.24 50.17 34.02
C GLN E 446 -27.97 51.50 34.11
N GLN E 447 -28.33 51.88 35.34
CA GLN E 447 -29.20 53.02 35.62
C GLN E 447 -28.51 54.39 35.63
N ILE E 448 -27.20 54.39 35.92
CA ILE E 448 -26.41 55.63 35.87
C ILE E 448 -26.25 56.10 34.42
N LEU E 449 -26.03 55.14 33.52
CA LEU E 449 -25.96 55.39 32.08
C LEU E 449 -27.28 55.91 31.51
N ALA E 450 -28.39 55.32 31.96
CA ALA E 450 -29.72 55.72 31.52
C ALA E 450 -30.06 57.16 31.90
N GLY E 451 -29.40 57.64 32.96
CA GLY E 451 -29.63 59.00 33.46
C GLY E 451 -30.70 59.04 34.52
N GLU E 452 -30.78 57.98 35.33
CA GLU E 452 -31.77 57.87 36.39
C GLU E 452 -31.28 58.49 37.69
N TYR E 453 -29.99 58.83 37.74
CA TYR E 453 -29.38 59.42 38.93
C TYR E 453 -28.52 60.64 38.59
N ASP E 454 -28.85 61.32 37.50
CA ASP E 454 -28.16 62.57 37.12
C ASP E 454 -28.39 63.67 38.15
N HIS E 455 -29.57 63.68 38.75
CA HIS E 455 -29.93 64.64 39.78
C HIS E 455 -29.14 64.44 41.08
N LEU E 456 -28.61 63.23 41.27
CA LEU E 456 -27.84 62.91 42.48
C LEU E 456 -26.44 63.51 42.47
N PRO E 457 -25.95 63.93 43.65
CA PRO E 457 -24.58 64.44 43.77
C PRO E 457 -23.56 63.34 43.53
N GLU E 458 -22.40 63.72 42.99
CA GLU E 458 -21.36 62.80 42.56
C GLU E 458 -20.75 61.96 43.70
N GLN E 459 -20.53 62.58 44.86
CA GLN E 459 -19.89 61.91 46.00
C GLN E 459 -20.75 60.85 46.69
N ALA E 460 -22.02 60.75 46.30
CA ALA E 460 -22.95 59.78 46.86
C ALA E 460 -22.68 58.35 46.39
N PHE E 461 -22.01 58.23 45.24
CA PHE E 461 -21.71 56.93 44.63
C PHE E 461 -20.37 56.37 45.12
N TYR E 462 -19.62 57.19 45.86
CA TYR E 462 -18.28 56.83 46.31
C TYR E 462 -18.33 55.91 47.52
N MET E 463 -17.38 54.98 47.58
CA MET E 463 -17.27 53.99 48.67
C MET E 463 -18.63 53.45 49.12
N VAL E 464 -19.31 52.81 48.17
CA VAL E 464 -20.68 52.34 48.35
C VAL E 464 -20.80 50.94 47.76
N GLY E 465 -21.71 50.15 48.31
CA GLY E 465 -22.02 48.82 47.76
C GLY E 465 -23.00 48.91 46.61
N PRO E 466 -24.23 48.39 46.82
CA PRO E 466 -25.29 48.48 45.82
C PRO E 466 -25.78 49.89 45.57
N ILE E 467 -26.49 50.08 44.46
CA ILE E 467 -27.00 51.40 44.07
C ILE E 467 -28.01 52.01 45.08
N GLU E 468 -28.64 51.15 45.90
CA GLU E 468 -29.54 51.60 46.96
C GLU E 468 -28.82 52.40 48.05
N GLU E 469 -27.56 52.05 48.29
CA GLU E 469 -26.73 52.76 49.25
C GLU E 469 -26.18 54.07 48.69
N ALA E 470 -26.17 54.19 47.37
CA ALA E 470 -25.85 55.45 46.70
C ALA E 470 -26.99 56.46 46.91
N VAL E 471 -28.21 55.95 47.00
CA VAL E 471 -29.42 56.77 47.24
C VAL E 471 -29.51 57.16 48.71
N ALA E 472 -29.28 56.20 49.60
CA ALA E 472 -29.29 56.42 51.05
C ALA E 472 -28.19 57.36 51.53
N LYS E 473 -27.07 57.41 50.80
CA LYS E 473 -25.96 58.33 51.08
C LYS E 473 -26.29 59.74 50.58
N ALA E 474 -26.98 59.82 49.45
CA ALA E 474 -27.39 61.09 48.85
C ALA E 474 -28.47 61.80 49.67
N ASP E 475 -29.38 61.02 50.25
CA ASP E 475 -30.43 61.53 51.14
C ASP E 475 -29.85 62.03 52.46
N LYS E 476 -28.78 61.39 52.93
CA LYS E 476 -28.17 61.71 54.22
C LYS E 476 -27.42 63.04 54.24
N LEU E 477 -26.96 63.50 53.07
CA LEU E 477 -26.17 64.73 52.98
C LEU E 477 -27.03 66.00 52.93
N ALA E 478 -27.13 66.67 54.09
CA ALA E 478 -27.91 67.91 54.28
C ALA E 478 -29.11 68.08 53.35
N THR F 13 34.20 -2.66 -1.47
CA THR F 13 33.31 -3.77 -1.91
C THR F 13 31.87 -3.52 -1.42
N THR F 14 31.52 -4.20 -0.32
CA THR F 14 30.19 -4.12 0.27
C THR F 14 30.31 -3.66 1.73
N GLY F 15 29.47 -2.69 2.10
CA GLY F 15 29.50 -2.13 3.45
C GLY F 15 28.22 -2.40 4.21
N ARG F 16 28.24 -2.07 5.50
CA ARG F 16 27.10 -2.29 6.37
C ARG F 16 26.83 -1.03 7.16
N ILE F 17 25.56 -0.59 7.19
CA ILE F 17 25.15 0.56 8.00
C ILE F 17 25.44 0.30 9.48
N VAL F 18 26.21 1.20 10.10
CA VAL F 18 26.48 1.10 11.54
C VAL F 18 25.74 2.15 12.39
N ALA F 19 25.37 3.27 11.76
CA ALA F 19 24.61 4.33 12.44
C ALA F 19 23.67 5.09 11.49
N VAL F 20 22.53 5.51 12.03
CA VAL F 20 21.57 6.31 11.30
C VAL F 20 21.03 7.39 12.22
N ILE F 21 21.19 8.65 11.80
CA ILE F 21 20.51 9.78 12.44
C ILE F 21 20.02 10.79 11.39
N GLY F 22 18.71 10.80 11.17
CA GLY F 22 18.13 11.60 10.10
C GLY F 22 18.82 11.32 8.78
N ALA F 23 19.28 12.38 8.13
CA ALA F 23 19.88 12.29 6.80
C ALA F 23 21.30 11.74 6.83
N VAL F 24 21.89 11.65 8.02
CA VAL F 24 23.29 11.24 8.16
C VAL F 24 23.39 9.76 8.53
N VAL F 25 24.15 9.04 7.71
CA VAL F 25 24.29 7.60 7.82
C VAL F 25 25.79 7.21 7.78
N ASP F 26 26.24 6.50 8.82
CA ASP F 26 27.59 5.90 8.85
C ASP F 26 27.60 4.48 8.30
N VAL F 27 28.59 4.19 7.44
CA VAL F 27 28.70 2.86 6.81
C VAL F 27 30.12 2.28 6.98
N GLN F 28 30.20 1.06 7.48
CA GLN F 28 31.48 0.37 7.65
C GLN F 28 31.80 -0.55 6.47
N PHE F 29 33.03 -0.41 5.95
CA PHE F 29 33.48 -1.24 4.84
C PHE F 29 34.66 -2.12 5.27
N ASP F 30 34.58 -3.40 4.89
CA ASP F 30 35.60 -4.35 5.32
C ASP F 30 36.88 -4.35 4.49
N GLU F 31 36.75 -4.21 3.18
CA GLU F 31 37.93 -4.19 2.32
C GLU F 31 38.17 -2.79 1.73
N GLY F 32 37.42 -2.44 0.70
CA GLY F 32 37.62 -1.19 -0.01
C GLY F 32 36.79 -0.08 0.60
N LEU F 33 37.42 1.07 0.83
CA LEU F 33 36.75 2.25 1.37
C LEU F 33 36.42 3.24 0.24
N PRO F 34 35.13 3.60 0.09
CA PRO F 34 34.76 4.49 -1.01
C PRO F 34 35.23 5.91 -0.75
N PRO F 35 35.80 6.56 -1.76
CA PRO F 35 36.30 7.91 -1.54
C PRO F 35 35.17 8.90 -1.23
N ILE F 36 35.56 10.01 -0.59
CA ILE F 36 34.65 11.10 -0.33
C ILE F 36 34.04 11.53 -1.67
N LEU F 37 32.74 11.80 -1.62
CA LEU F 37 31.92 12.22 -2.77
C LEU F 37 31.31 11.08 -3.56
N ASN F 38 31.70 9.84 -3.27
CA ASN F 38 31.10 8.69 -3.93
C ASN F 38 29.66 8.45 -3.54
N ALA F 39 28.90 7.96 -4.52
CA ALA F 39 27.52 7.61 -4.34
C ALA F 39 27.43 6.13 -3.97
N LEU F 40 26.85 5.86 -2.81
CA LEU F 40 26.62 4.49 -2.34
C LEU F 40 25.16 4.18 -2.58
N GLU F 41 24.87 2.90 -2.81
CA GLU F 41 23.51 2.45 -3.09
C GLU F 41 23.09 1.53 -1.96
N VAL F 42 22.03 1.90 -1.26
CA VAL F 42 21.56 1.13 -0.13
C VAL F 42 20.78 -0.06 -0.66
N GLN F 43 21.19 -1.25 -0.23
CA GLN F 43 20.55 -2.50 -0.60
C GLN F 43 19.30 -2.78 0.22
N GLY F 44 18.32 -3.44 -0.41
CA GLY F 44 17.08 -3.84 0.22
C GLY F 44 16.02 -2.75 0.34
N ARG F 45 16.00 -1.82 -0.61
CA ARG F 45 15.02 -0.73 -0.63
C ARG F 45 14.17 -0.77 -1.91
N GLU F 46 12.89 -0.40 -1.79
CA GLU F 46 11.96 -0.37 -2.94
C GLU F 46 12.30 0.73 -3.94
N THR F 47 12.72 1.89 -3.44
CA THR F 47 13.15 3.00 -4.29
C THR F 47 14.63 3.26 -4.06
N ARG F 48 15.31 3.75 -5.08
CA ARG F 48 16.75 3.93 -5.01
C ARG F 48 17.13 4.92 -3.90
N LEU F 49 17.91 4.45 -2.91
CA LEU F 49 18.40 5.32 -1.86
C LEU F 49 19.92 5.51 -1.97
N VAL F 50 20.31 6.70 -2.39
CA VAL F 50 21.72 7.05 -2.50
C VAL F 50 22.25 7.72 -1.20
N LEU F 51 23.44 7.31 -0.79
CA LEU F 51 24.18 8.00 0.25
C LEU F 51 25.42 8.55 -0.42
N GLU F 52 25.74 9.81 -0.13
CA GLU F 52 26.97 10.39 -0.65
C GLU F 52 28.02 10.50 0.47
N VAL F 53 29.21 9.99 0.20
CA VAL F 53 30.29 9.95 1.18
C VAL F 53 30.76 11.37 1.52
N ALA F 54 30.72 11.69 2.81
CA ALA F 54 31.04 13.03 3.29
C ALA F 54 32.38 13.02 3.99
N GLN F 55 32.63 11.96 4.76
CA GLN F 55 33.86 11.87 5.57
C GLN F 55 34.36 10.44 5.76
N HIS F 56 35.67 10.32 5.95
CA HIS F 56 36.28 9.09 6.43
C HIS F 56 36.50 9.27 7.91
N LEU F 57 35.75 8.52 8.72
CA LEU F 57 35.72 8.70 10.17
C LEU F 57 36.85 7.98 10.86
N GLY F 58 37.51 7.08 10.12
CA GLY F 58 38.48 6.16 10.70
C GLY F 58 37.85 4.80 10.99
N GLU F 59 38.70 3.83 11.34
CA GLU F 59 38.28 2.45 11.63
C GLU F 59 37.41 1.85 10.53
N SER F 60 37.76 2.15 9.27
CA SER F 60 37.06 1.61 8.10
C SER F 60 35.57 1.98 8.02
N THR F 61 35.21 3.08 8.69
CA THR F 61 33.85 3.63 8.62
C THR F 61 33.86 4.96 7.87
N VAL F 62 32.89 5.13 6.97
CA VAL F 62 32.65 6.43 6.32
C VAL F 62 31.36 7.08 6.83
N ARG F 63 31.34 8.41 6.92
CA ARG F 63 30.08 9.12 7.17
C ARG F 63 29.51 9.68 5.88
N THR F 64 28.21 9.45 5.68
CA THR F 64 27.51 9.80 4.45
C THR F 64 26.27 10.68 4.71
N ILE F 65 25.69 11.21 3.63
CA ILE F 65 24.44 11.97 3.64
C ILE F 65 23.47 11.32 2.65
N ALA F 66 22.26 10.99 3.12
CA ALA F 66 21.27 10.34 2.26
C ALA F 66 20.61 11.32 1.33
N MET F 67 20.27 10.86 0.13
CA MET F 67 19.56 11.70 -0.84
C MET F 67 18.05 11.51 -0.75
N ASP F 68 17.61 10.70 0.20
CA ASP F 68 16.20 10.50 0.46
C ASP F 68 15.98 10.08 1.93
N GLY F 69 14.73 9.81 2.29
CA GLY F 69 14.36 9.43 3.65
C GLY F 69 15.15 8.26 4.16
N THR F 70 15.45 8.25 5.46
CA THR F 70 16.16 7.11 6.05
C THR F 70 15.29 6.21 6.96
N GLU F 71 14.00 6.52 7.04
CA GLU F 71 13.05 5.62 7.69
C GLU F 71 13.17 4.21 7.10
N GLY F 72 13.17 3.22 7.98
CA GLY F 72 13.21 1.84 7.52
C GLY F 72 14.59 1.21 7.48
N LEU F 73 15.63 2.02 7.62
CA LEU F 73 16.99 1.49 7.64
C LEU F 73 17.30 0.80 8.96
N VAL F 74 18.00 -0.32 8.87
CA VAL F 74 18.37 -1.11 10.04
C VAL F 74 19.89 -1.19 10.06
N ARG F 75 20.46 -1.24 11.26
CA ARG F 75 21.89 -1.47 11.40
C ARG F 75 22.24 -2.84 10.83
N GLY F 76 23.33 -2.90 10.08
CA GLY F 76 23.75 -4.13 9.41
C GLY F 76 23.29 -4.19 7.97
N GLN F 77 22.32 -3.36 7.61
CA GLN F 77 21.83 -3.28 6.22
C GLN F 77 22.98 -2.99 5.27
N LYS F 78 22.96 -3.67 4.13
CA LYS F 78 24.10 -3.63 3.21
C LYS F 78 24.04 -2.41 2.31
N VAL F 79 25.23 -1.93 1.94
CA VAL F 79 25.38 -0.78 1.04
C VAL F 79 26.51 -1.08 0.07
N LEU F 80 26.30 -0.79 -1.22
CA LEU F 80 27.33 -0.98 -2.24
C LEU F 80 27.88 0.35 -2.76
N ASP F 81 29.21 0.43 -2.93
CA ASP F 81 29.85 1.54 -3.61
C ASP F 81 29.55 1.49 -5.11
N SER F 82 29.00 2.57 -5.66
CA SER F 82 28.77 2.66 -7.10
C SER F 82 30.06 2.92 -7.86
N GLY F 83 31.10 3.34 -7.13
CA GLY F 83 32.42 3.59 -7.70
C GLY F 83 32.62 4.98 -8.24
N ALA F 84 31.56 5.80 -8.18
CA ALA F 84 31.65 7.22 -8.58
C ALA F 84 30.70 8.15 -7.79
N PRO F 85 30.84 9.49 -7.97
CA PRO F 85 29.88 10.41 -7.37
C PRO F 85 28.52 10.30 -8.06
N ILE F 86 27.47 10.84 -7.46
CA ILE F 86 26.15 10.84 -8.10
C ILE F 86 26.33 11.29 -9.54
N ARG F 87 25.83 10.49 -10.47
CA ARG F 87 25.93 10.84 -11.90
C ARG F 87 24.55 10.97 -12.51
N ILE F 88 24.37 11.96 -13.38
CA ILE F 88 23.03 12.28 -13.90
C ILE F 88 23.01 12.42 -15.41
N PRO F 89 21.86 12.15 -16.04
CA PRO F 89 21.74 12.35 -17.48
C PRO F 89 21.97 13.80 -17.86
N VAL F 90 22.75 14.03 -18.91
CA VAL F 90 22.92 15.36 -19.51
C VAL F 90 22.83 15.28 -21.03
N GLY F 91 22.51 16.41 -21.67
CA GLY F 91 22.31 16.46 -23.10
C GLY F 91 20.88 16.78 -23.48
N PRO F 92 20.56 16.70 -24.78
CA PRO F 92 19.26 17.10 -25.33
C PRO F 92 18.09 16.39 -24.67
N GLU F 93 18.26 15.14 -24.28
CA GLU F 93 17.17 14.31 -23.75
C GLU F 93 16.61 14.82 -22.41
N THR F 94 17.36 15.71 -21.76
CA THR F 94 16.93 16.29 -20.49
C THR F 94 15.88 17.36 -20.74
N LEU F 95 15.92 17.97 -21.93
CA LEU F 95 15.01 19.05 -22.30
C LEU F 95 13.57 18.55 -22.32
N GLY F 96 12.67 19.35 -21.73
CA GLY F 96 11.27 18.99 -21.63
C GLY F 96 10.99 18.00 -20.53
N ARG F 97 12.05 17.43 -19.94
CA ARG F 97 11.91 16.42 -18.89
C ARG F 97 12.09 17.03 -17.50
N ILE F 98 11.51 16.41 -16.47
CA ILE F 98 11.75 16.81 -15.08
C ILE F 98 12.51 15.71 -14.38
N MET F 99 13.66 16.04 -13.80
CA MET F 99 14.46 15.07 -13.05
C MET F 99 14.63 15.50 -11.60
N ASN F 100 15.04 14.57 -10.73
CA ASN F 100 15.28 14.88 -9.32
C ASN F 100 16.78 14.98 -9.01
N VAL F 101 17.15 15.14 -7.73
CA VAL F 101 18.54 15.25 -7.33
C VAL F 101 19.49 14.17 -7.92
N ILE F 102 19.03 12.93 -8.00
CA ILE F 102 19.87 11.81 -8.48
C ILE F 102 19.63 11.46 -9.97
N GLY F 103 18.91 12.33 -10.67
CA GLY F 103 18.78 12.23 -12.12
C GLY F 103 17.69 11.30 -12.61
N GLU F 104 16.92 10.72 -11.69
CA GLU F 104 15.75 9.94 -12.06
C GLU F 104 14.69 10.87 -12.65
N PRO F 105 13.95 10.42 -13.69
CA PRO F 105 12.84 11.25 -14.15
C PRO F 105 11.73 11.25 -13.11
N ILE F 106 11.03 12.38 -13.00
CA ILE F 106 9.95 12.50 -12.04
C ILE F 106 8.68 13.05 -12.68
N ASP F 107 8.60 12.87 -14.00
CA ASP F 107 7.47 13.33 -14.78
C ASP F 107 6.59 12.21 -15.34
N GLU F 108 6.88 10.96 -14.96
CA GLU F 108 6.12 9.80 -15.42
C GLU F 108 6.16 9.60 -16.93
N ARG F 109 7.26 10.02 -17.53
CA ARG F 109 7.43 9.93 -18.97
C ARG F 109 8.50 8.91 -19.36
N GLY F 110 8.80 7.99 -18.45
CA GLY F 110 9.75 6.92 -18.69
C GLY F 110 11.20 7.34 -18.62
N PRO F 111 12.13 6.44 -19.02
CA PRO F 111 13.55 6.74 -18.91
C PRO F 111 13.98 7.97 -19.71
N ILE F 112 14.98 8.69 -19.18
CA ILE F 112 15.63 9.77 -19.92
C ILE F 112 16.85 9.14 -20.58
N LYS F 113 16.70 8.76 -21.84
CA LYS F 113 17.76 7.98 -22.49
C LYS F 113 18.83 8.84 -23.17
N THR F 114 19.87 9.14 -22.39
CA THR F 114 21.00 9.94 -22.81
C THR F 114 22.21 9.08 -23.15
N LYS F 115 23.10 9.64 -23.97
CA LYS F 115 24.39 9.03 -24.28
C LYS F 115 25.36 9.29 -23.13
N GLN F 116 25.37 10.53 -22.65
CA GLN F 116 26.29 10.95 -21.61
C GLN F 116 25.63 11.01 -20.24
N PHE F 117 26.45 10.74 -19.25
CA PHE F 117 26.15 11.02 -17.86
C PHE F 117 27.28 11.90 -17.33
N ALA F 118 26.92 12.78 -16.40
CA ALA F 118 27.90 13.67 -15.78
C ALA F 118 27.71 13.63 -14.28
N ALA F 119 28.84 13.70 -13.57
CA ALA F 119 28.84 13.70 -12.12
C ALA F 119 28.40 15.07 -11.62
N ILE F 120 27.59 15.11 -10.56
CA ILE F 120 27.06 16.38 -10.05
C ILE F 120 28.10 17.20 -9.26
N HIS F 121 29.21 16.55 -8.91
CA HIS F 121 30.38 17.24 -8.40
C HIS F 121 31.41 17.41 -9.48
N ALA F 122 31.94 18.61 -9.60
CA ALA F 122 32.98 18.94 -10.55
C ALA F 122 33.71 20.16 -10.00
N GLU F 123 34.92 20.41 -10.50
CA GLU F 123 35.67 21.57 -10.07
C GLU F 123 35.23 22.81 -10.86
N ALA F 124 35.39 23.97 -10.23
CA ALA F 124 35.00 25.25 -10.83
C ALA F 124 35.95 25.60 -11.97
N PRO F 125 35.42 26.17 -13.06
CA PRO F 125 36.29 26.60 -14.13
C PRO F 125 37.47 27.42 -13.58
N GLU F 126 38.67 27.16 -14.09
CA GLU F 126 39.88 27.83 -13.63
C GLU F 126 39.84 29.33 -13.96
N PHE F 127 40.81 30.06 -13.43
CA PHE F 127 40.96 31.49 -13.71
C PHE F 127 41.11 31.84 -15.19
N VAL F 128 41.92 31.07 -15.92
CA VAL F 128 42.15 31.33 -17.34
C VAL F 128 40.91 31.07 -18.19
N GLU F 129 39.89 30.45 -17.61
CA GLU F 129 38.64 30.12 -18.32
C GLU F 129 37.61 31.24 -18.27
N MET F 130 37.91 32.29 -17.51
CA MET F 130 36.96 33.39 -17.29
C MET F 130 36.73 34.25 -18.53
N SER F 131 35.54 34.84 -18.59
CA SER F 131 35.17 35.81 -19.60
C SER F 131 35.09 37.20 -18.96
N VAL F 132 35.65 38.19 -19.63
CA VAL F 132 35.71 39.53 -19.06
C VAL F 132 34.84 40.53 -19.84
N GLU F 133 34.01 40.00 -20.73
CA GLU F 133 33.17 40.84 -21.57
C GLU F 133 31.86 41.18 -20.90
N GLN F 134 31.44 42.43 -21.09
CA GLN F 134 30.26 42.95 -20.39
C GLN F 134 29.29 43.65 -21.34
N GLU F 135 28.05 43.19 -21.27
CA GLU F 135 27.01 43.60 -22.20
C GLU F 135 25.70 43.62 -21.43
N ILE F 136 24.96 44.72 -21.53
CA ILE F 136 23.67 44.81 -20.85
C ILE F 136 22.67 43.76 -21.37
N LEU F 137 21.98 43.10 -20.44
CA LEU F 137 20.78 42.37 -20.78
C LEU F 137 19.57 43.20 -20.35
N VAL F 138 18.85 43.73 -21.34
CA VAL F 138 17.70 44.58 -21.05
C VAL F 138 16.51 43.71 -20.73
N THR F 139 15.87 43.99 -19.60
CA THR F 139 14.77 43.17 -19.08
C THR F 139 13.39 43.77 -19.36
N GLY F 140 13.35 45.05 -19.73
CA GLY F 140 12.08 45.77 -19.82
C GLY F 140 11.50 46.16 -18.48
N ILE F 141 12.22 45.88 -17.40
CA ILE F 141 11.79 46.26 -16.06
C ILE F 141 12.54 47.53 -15.66
N LYS F 142 11.78 48.60 -15.39
CA LYS F 142 12.30 49.97 -15.24
C LYS F 142 13.38 50.15 -14.17
N VAL F 143 13.10 49.73 -12.94
CA VAL F 143 14.03 49.93 -11.84
C VAL F 143 15.33 49.15 -12.09
N VAL F 144 15.19 47.95 -12.65
CA VAL F 144 16.34 47.10 -12.94
C VAL F 144 17.17 47.70 -14.06
N ASP F 145 16.53 47.98 -15.20
CA ASP F 145 17.26 48.48 -16.35
C ASP F 145 17.93 49.83 -16.10
N LEU F 146 17.29 50.67 -15.28
CA LEU F 146 17.83 51.98 -15.00
C LEU F 146 18.95 51.88 -13.98
N LEU F 147 18.62 51.41 -12.78
CA LEU F 147 19.52 51.52 -11.62
C LEU F 147 20.54 50.41 -11.46
N ALA F 148 20.13 49.17 -11.70
CA ALA F 148 21.01 48.02 -11.47
C ALA F 148 20.89 47.00 -12.61
N PRO F 149 21.25 47.42 -13.84
CA PRO F 149 20.98 46.62 -15.03
C PRO F 149 21.70 45.27 -15.09
N TYR F 150 21.02 44.26 -15.64
CA TYR F 150 21.59 42.94 -15.74
C TYR F 150 22.57 42.86 -16.92
N ALA F 151 23.46 41.88 -16.88
CA ALA F 151 24.45 41.69 -17.92
C ALA F 151 24.29 40.31 -18.56
N LYS F 152 24.36 40.27 -19.90
CA LYS F 152 24.38 39.01 -20.64
C LYS F 152 25.51 38.11 -20.13
N GLY F 153 25.16 36.89 -19.75
CA GLY F 153 26.11 35.94 -19.19
C GLY F 153 26.55 36.27 -17.78
N GLY F 154 25.79 37.13 -17.09
CA GLY F 154 26.14 37.60 -15.76
C GLY F 154 25.45 36.83 -14.66
N LYS F 155 25.91 37.01 -13.43
CA LYS F 155 25.24 36.39 -12.29
C LYS F 155 24.29 37.40 -11.67
N ILE F 156 23.02 37.04 -11.59
CA ILE F 156 21.97 37.91 -11.09
C ILE F 156 21.33 37.27 -9.88
N GLY F 157 21.16 38.07 -8.81
CA GLY F 157 20.59 37.58 -7.56
C GLY F 157 19.40 38.42 -7.11
N LEU F 158 18.32 37.76 -6.73
CA LEU F 158 17.11 38.45 -6.33
C LEU F 158 16.87 38.22 -4.84
N PHE F 159 17.25 39.19 -4.02
CA PHE F 159 17.16 39.05 -2.55
C PHE F 159 15.77 39.45 -2.05
N GLY F 160 15.18 38.66 -1.15
CA GLY F 160 13.93 39.08 -0.53
C GLY F 160 13.43 38.17 0.57
N GLY F 161 12.92 38.79 1.64
CA GLY F 161 12.24 38.06 2.71
C GLY F 161 10.99 37.37 2.20
N ALA F 162 10.26 36.72 3.11
CA ALA F 162 9.10 35.92 2.72
C ALA F 162 7.94 36.74 2.13
N GLY F 163 7.48 36.35 0.95
CA GLY F 163 6.29 36.92 0.35
C GLY F 163 6.44 38.26 -0.34
N VAL F 164 7.69 38.73 -0.54
CA VAL F 164 7.93 40.07 -1.10
C VAL F 164 8.01 40.17 -2.63
N GLY F 165 8.21 39.05 -3.32
CA GLY F 165 8.14 39.04 -4.79
C GLY F 165 9.25 38.35 -5.58
N LYS F 166 10.01 37.46 -4.95
CA LYS F 166 11.16 36.80 -5.62
C LYS F 166 10.69 35.96 -6.81
N THR F 167 9.74 35.07 -6.56
CA THR F 167 9.22 34.16 -7.58
C THR F 167 8.48 34.86 -8.70
N VAL F 168 7.63 35.85 -8.36
CA VAL F 168 6.99 36.71 -9.37
C VAL F 168 8.03 37.35 -10.29
N LEU F 169 9.09 37.87 -9.68
CA LEU F 169 10.14 38.56 -10.42
C LEU F 169 10.91 37.61 -11.30
N ILE F 170 11.18 36.40 -10.81
CA ILE F 170 11.87 35.40 -11.63
C ILE F 170 10.98 34.91 -12.79
N MET F 171 9.67 34.83 -12.55
CA MET F 171 8.74 34.37 -13.57
C MET F 171 8.57 35.44 -14.66
N GLU F 172 8.57 36.70 -14.25
CA GLU F 172 8.48 37.81 -15.20
C GLU F 172 9.76 37.87 -16.04
N LEU F 173 10.90 37.56 -15.42
CA LEU F 173 12.16 37.47 -16.15
C LEU F 173 12.16 36.32 -17.16
N ILE F 174 11.56 35.19 -16.79
CA ILE F 174 11.40 34.07 -17.72
C ILE F 174 10.51 34.51 -18.88
N ASN F 175 9.45 35.22 -18.56
CA ASN F 175 8.59 35.81 -19.58
C ASN F 175 9.35 36.80 -20.47
N ASN F 176 9.99 37.78 -19.86
CA ASN F 176 10.64 38.88 -20.60
C ASN F 176 11.96 38.57 -21.28
N VAL F 177 12.67 37.55 -20.80
CA VAL F 177 14.02 37.25 -21.26
C VAL F 177 14.08 35.90 -21.96
N ALA F 178 13.49 34.88 -21.35
CA ALA F 178 13.56 33.52 -21.89
C ALA F 178 12.76 33.38 -23.19
N LYS F 179 11.51 33.83 -23.19
CA LYS F 179 10.62 33.80 -24.38
C LYS F 179 11.38 34.00 -25.69
N ALA F 180 12.07 35.13 -25.80
CA ALA F 180 12.84 35.46 -26.99
C ALA F 180 14.33 35.18 -26.76
N HIS F 181 14.65 33.91 -26.54
CA HIS F 181 16.04 33.48 -26.37
C HIS F 181 16.31 32.30 -27.29
N GLY F 182 17.37 32.42 -28.09
CA GLY F 182 17.70 31.39 -29.09
C GLY F 182 18.56 30.25 -28.59
N GLY F 183 18.60 30.04 -27.26
CA GLY F 183 19.36 28.96 -26.67
C GLY F 183 18.52 28.06 -25.77
N TYR F 184 19.19 27.39 -24.84
CA TYR F 184 18.50 26.52 -23.90
C TYR F 184 18.37 27.18 -22.52
N SER F 185 17.43 26.67 -21.72
CA SER F 185 17.24 27.13 -20.35
C SER F 185 17.17 25.95 -19.40
N VAL F 186 17.50 26.20 -18.13
CA VAL F 186 17.40 25.20 -17.08
C VAL F 186 16.74 25.85 -15.87
N PHE F 187 15.68 25.23 -15.36
CA PHE F 187 15.09 25.71 -14.13
C PHE F 187 15.28 24.69 -13.03
N ALA F 188 15.93 25.12 -11.95
CA ALA F 188 16.18 24.28 -10.80
C ALA F 188 15.32 24.78 -9.66
N GLY F 189 14.36 23.96 -9.26
CA GLY F 189 13.61 24.21 -8.05
C GLY F 189 14.47 23.68 -6.92
N VAL F 190 14.81 24.55 -5.96
CA VAL F 190 15.58 24.16 -4.81
C VAL F 190 14.83 24.62 -3.57
N GLY F 191 14.32 23.66 -2.80
CA GLY F 191 13.64 23.92 -1.54
C GLY F 191 12.44 24.86 -1.60
N GLU F 192 11.79 24.96 -2.76
CA GLU F 192 10.60 25.80 -2.88
C GLU F 192 9.30 24.97 -2.92
N ARG F 193 8.19 25.57 -3.39
CA ARG F 193 6.89 24.88 -3.36
C ARG F 193 6.73 23.91 -4.50
N THR F 194 6.33 22.68 -4.20
CA THR F 194 6.07 21.68 -5.23
C THR F 194 4.96 22.15 -6.19
N ARG F 195 3.93 22.81 -5.64
CA ARG F 195 2.87 23.32 -6.52
C ARG F 195 3.36 24.41 -7.47
N GLU F 196 4.40 25.14 -7.08
CA GLU F 196 5.06 26.10 -7.98
C GLU F 196 5.69 25.39 -9.18
N GLY F 197 6.30 24.24 -8.92
CA GLY F 197 6.86 23.41 -9.96
C GLY F 197 5.76 22.93 -10.87
N ASN F 198 4.63 22.52 -10.29
CA ASN F 198 3.48 22.10 -11.07
C ASN F 198 2.94 23.26 -11.92
N ASP F 199 2.90 24.45 -11.33
CA ASP F 199 2.49 25.66 -12.04
C ASP F 199 3.41 25.93 -13.23
N LEU F 200 4.72 25.95 -12.98
CA LEU F 200 5.73 26.27 -13.97
C LEU F 200 5.68 25.31 -15.15
N TYR F 201 5.58 24.02 -14.82
CA TYR F 201 5.58 22.94 -15.79
C TYR F 201 4.40 23.03 -16.75
N HIS F 202 3.20 23.20 -16.20
CA HIS F 202 1.99 23.24 -17.04
C HIS F 202 1.89 24.52 -17.82
N GLU F 203 2.48 25.56 -17.27
CA GLU F 203 2.54 26.85 -17.94
C GLU F 203 3.46 26.75 -19.15
N MET F 204 4.58 26.06 -18.98
CA MET F 204 5.53 25.87 -20.07
C MET F 204 4.97 24.96 -21.16
N ILE F 205 4.12 24.01 -20.78
CA ILE F 205 3.45 23.16 -21.76
C ILE F 205 2.42 23.96 -22.55
N GLU F 206 1.71 24.87 -21.87
CA GLU F 206 0.72 25.75 -22.51
C GLU F 206 1.39 26.68 -23.52
N SER F 207 2.58 27.19 -23.17
CA SER F 207 3.30 28.13 -24.04
C SER F 207 4.07 27.44 -25.16
N GLY F 208 4.57 26.24 -24.87
CA GLY F 208 5.29 25.47 -25.87
C GLY F 208 6.80 25.50 -25.78
N VAL F 209 7.35 26.13 -24.75
CA VAL F 209 8.79 26.01 -24.47
C VAL F 209 9.07 24.57 -24.03
N ILE F 210 8.06 23.93 -23.44
CA ILE F 210 8.07 22.48 -23.25
C ILE F 210 7.03 21.84 -24.15
N ASN F 211 7.46 20.84 -24.92
CA ASN F 211 6.62 20.15 -25.89
C ASN F 211 6.63 18.66 -25.64
N LEU F 212 5.44 18.10 -25.41
CA LEU F 212 5.34 16.70 -24.99
C LEU F 212 5.38 15.69 -26.13
N LYS F 213 5.38 16.18 -27.36
CA LYS F 213 5.43 15.32 -28.54
C LYS F 213 6.68 15.54 -29.40
N ASP F 214 7.02 16.81 -29.64
CA ASP F 214 8.21 17.20 -30.40
C ASP F 214 9.49 16.96 -29.62
N ALA F 215 10.61 17.28 -30.26
CA ALA F 215 11.88 17.46 -29.57
C ALA F 215 12.25 18.96 -29.57
N THR F 216 11.24 19.81 -29.56
CA THR F 216 11.44 21.26 -29.60
C THR F 216 11.48 21.94 -28.23
N SER F 217 11.45 21.16 -27.16
CA SER F 217 11.55 21.73 -25.80
C SER F 217 12.87 22.48 -25.60
N LYS F 218 12.78 23.67 -25.02
CA LYS F 218 13.96 24.50 -24.78
C LYS F 218 14.40 24.58 -23.31
N VAL F 219 13.59 24.04 -22.39
CA VAL F 219 13.89 24.10 -20.96
C VAL F 219 14.00 22.71 -20.34
N ALA F 220 15.08 22.50 -19.58
CA ALA F 220 15.22 21.31 -18.73
C ALA F 220 14.87 21.64 -17.27
N LEU F 221 14.14 20.75 -16.61
CA LEU F 221 13.68 21.03 -15.26
C LEU F 221 14.28 20.07 -14.25
N VAL F 222 14.76 20.66 -13.14
CA VAL F 222 15.35 19.90 -12.03
C VAL F 222 14.69 20.37 -10.72
N TYR F 223 14.19 19.42 -9.93
CA TYR F 223 13.39 19.75 -8.74
C TYR F 223 13.76 18.94 -7.50
N GLY F 224 13.93 19.65 -6.39
CA GLY F 224 14.18 19.07 -5.09
C GLY F 224 13.63 20.02 -4.06
N GLN F 225 12.31 20.00 -3.88
CA GLN F 225 11.58 21.07 -3.23
C GLN F 225 11.49 20.89 -1.71
N MET F 226 10.67 21.69 -1.04
CA MET F 226 10.66 21.72 0.43
C MET F 226 9.93 20.52 1.06
N ASN F 227 9.61 19.53 0.23
CA ASN F 227 9.16 18.22 0.70
C ASN F 227 10.31 17.22 0.86
N GLU F 228 11.47 17.56 0.28
CA GLU F 228 12.66 16.70 0.34
C GLU F 228 13.46 16.82 1.66
N PRO F 229 14.10 15.72 2.10
CA PRO F 229 15.03 15.77 3.22
C PRO F 229 16.24 16.60 2.83
N PRO F 230 17.02 17.06 3.84
CA PRO F 230 18.09 18.04 3.64
C PRO F 230 19.14 17.61 2.62
N GLY F 231 19.55 16.36 2.66
CA GLY F 231 20.56 15.85 1.73
C GLY F 231 20.17 16.14 0.29
N ALA F 232 18.88 15.98 -0.01
CA ALA F 232 18.36 16.17 -1.37
C ALA F 232 18.36 17.65 -1.68
N ARG F 233 17.84 18.48 -0.76
CA ARG F 233 17.85 19.92 -0.98
C ARG F 233 19.28 20.49 -1.06
N ALA F 234 20.22 19.86 -0.35
CA ALA F 234 21.58 20.34 -0.33
C ALA F 234 22.30 20.06 -1.62
N ARG F 235 21.75 19.14 -2.43
CA ARG F 235 22.41 18.71 -3.66
C ARG F 235 21.71 19.00 -4.99
N VAL F 236 20.38 19.18 -5.00
CA VAL F 236 19.65 19.51 -6.25
C VAL F 236 20.22 20.68 -7.02
N ALA F 237 20.77 21.65 -6.31
CA ALA F 237 21.40 22.80 -6.97
C ALA F 237 22.54 22.31 -7.87
N LEU F 238 23.37 21.43 -7.33
CA LEU F 238 24.48 20.86 -8.10
C LEU F 238 23.98 20.09 -9.31
N THR F 239 22.89 19.35 -9.13
CA THR F 239 22.25 18.59 -10.22
C THR F 239 21.76 19.51 -11.33
N GLY F 240 20.97 20.52 -10.96
CA GLY F 240 20.44 21.48 -11.92
C GLY F 240 21.56 22.21 -12.62
N LEU F 241 22.60 22.52 -11.86
CA LEU F 241 23.78 23.24 -12.34
C LEU F 241 24.57 22.38 -13.34
N THR F 242 24.67 21.08 -13.06
CA THR F 242 25.34 20.13 -13.95
C THR F 242 24.66 20.06 -15.33
N VAL F 243 23.32 20.00 -15.33
CA VAL F 243 22.56 20.04 -16.58
C VAL F 243 22.93 21.29 -17.39
N ALA F 244 23.04 22.43 -16.71
CA ALA F 244 23.41 23.69 -17.35
C ALA F 244 24.83 23.67 -17.88
N GLU F 245 25.74 23.05 -17.12
CA GLU F 245 27.16 22.96 -17.50
C GLU F 245 27.36 22.25 -18.83
N TYR F 246 26.69 21.11 -19.01
CA TYR F 246 26.72 20.39 -20.27
C TYR F 246 26.40 21.35 -21.42
N PHE F 247 25.28 22.05 -21.30
CA PHE F 247 24.83 22.91 -22.38
C PHE F 247 25.81 24.03 -22.66
N ARG F 248 26.39 24.60 -21.61
CA ARG F 248 27.40 25.64 -21.78
C ARG F 248 28.61 25.13 -22.58
N ASP F 249 29.09 23.94 -22.26
CA ASP F 249 30.37 23.48 -22.76
C ASP F 249 30.31 22.56 -23.97
N GLN F 250 29.40 21.60 -23.94
CA GLN F 250 29.28 20.58 -24.99
C GLN F 250 28.33 21.03 -26.10
N GLU F 251 28.08 22.32 -26.15
CA GLU F 251 27.26 22.93 -27.20
C GLU F 251 27.73 24.37 -27.45
N GLY F 252 28.70 24.79 -26.62
CA GLY F 252 29.27 26.15 -26.66
C GLY F 252 28.25 27.27 -26.69
N GLN F 253 27.16 27.10 -25.94
CA GLN F 253 25.92 27.84 -26.20
C GLN F 253 25.55 28.92 -25.18
N ASP F 254 24.52 29.70 -25.50
CA ASP F 254 23.93 30.67 -24.57
C ASP F 254 22.88 29.97 -23.73
N VAL F 255 23.14 29.93 -22.43
CA VAL F 255 22.32 29.16 -21.49
C VAL F 255 21.69 30.09 -20.46
N LEU F 256 20.41 29.88 -20.18
CA LEU F 256 19.76 30.54 -19.06
C LEU F 256 19.61 29.55 -17.92
N LEU F 257 19.98 29.99 -16.71
CA LEU F 257 19.82 29.17 -15.53
C LEU F 257 19.06 29.93 -14.47
N PHE F 258 17.87 29.43 -14.14
CA PHE F 258 17.03 29.98 -13.09
C PHE F 258 17.03 29.04 -11.92
N ILE F 259 17.32 29.56 -10.73
CA ILE F 259 17.30 28.78 -9.49
C ILE F 259 16.43 29.48 -8.46
N ASP F 260 15.43 28.76 -7.95
CA ASP F 260 14.55 29.27 -6.91
C ASP F 260 14.34 28.07 -6.00
N ASN F 261 15.00 28.03 -4.84
CA ASN F 261 15.68 29.17 -4.24
C ASN F 261 17.03 28.76 -3.68
N ILE F 262 18.07 29.50 -4.03
CA ILE F 262 19.43 29.09 -3.72
C ILE F 262 19.75 29.14 -2.22
N PHE F 263 19.03 29.97 -1.47
CA PHE F 263 19.16 29.97 -0.02
C PHE F 263 18.90 28.59 0.56
N ARG F 264 17.98 27.85 -0.06
CA ARG F 264 17.56 26.55 0.49
C ARG F 264 18.70 25.53 0.53
N PHE F 265 19.66 25.67 -0.41
CA PHE F 265 20.94 24.93 -0.42
C PHE F 265 21.71 25.14 0.87
N THR F 266 21.86 26.39 1.29
CA THR F 266 22.63 26.72 2.48
C THR F 266 21.90 26.29 3.76
N GLN F 267 20.58 26.43 3.75
CA GLN F 267 19.74 26.01 4.88
C GLN F 267 19.80 24.50 5.01
N ALA F 268 19.72 23.81 3.88
CA ALA F 268 19.78 22.36 3.86
C ALA F 268 21.09 21.91 4.49
N GLY F 269 22.20 22.47 4.00
CA GLY F 269 23.52 22.17 4.56
C GLY F 269 23.53 22.33 6.05
N SER F 270 22.89 23.40 6.52
CA SER F 270 22.75 23.67 7.94
C SER F 270 22.04 22.57 8.75
N GLU F 271 21.03 21.93 8.17
CA GLU F 271 20.28 20.89 8.89
C GLU F 271 21.10 19.63 9.18
N VAL F 272 22.06 19.31 8.32
CA VAL F 272 22.86 18.08 8.45
C VAL F 272 24.21 18.29 9.12
N SER F 273 24.62 19.56 9.23
CA SER F 273 25.93 19.93 9.73
C SER F 273 26.19 19.51 11.15
N ALA F 274 25.19 19.67 12.02
CA ALA F 274 25.31 19.20 13.40
C ALA F 274 25.44 17.68 13.44
N LEU F 275 24.69 17.01 12.57
CA LEU F 275 24.67 15.55 12.54
C LEU F 275 25.99 15.01 11.97
N LEU F 276 26.73 15.89 11.30
CA LEU F 276 28.06 15.57 10.77
C LEU F 276 29.15 15.87 11.80
N GLY F 277 28.73 16.29 12.99
CA GLY F 277 29.65 16.52 14.11
C GLY F 277 30.54 17.74 14.00
N ARG F 278 30.10 18.76 13.27
CA ARG F 278 30.81 20.04 13.24
C ARG F 278 30.39 20.91 14.44
N ILE F 279 31.35 21.64 14.99
CA ILE F 279 31.05 22.69 15.94
C ILE F 279 30.40 23.79 15.11
N PRO F 280 29.25 24.32 15.56
CA PRO F 280 28.51 25.31 14.77
C PRO F 280 29.20 26.66 14.72
N SER F 281 28.86 27.44 13.71
CA SER F 281 29.42 28.76 13.49
C SER F 281 28.34 29.78 13.87
N ALA F 282 28.47 31.01 13.38
CA ALA F 282 27.54 32.09 13.75
C ALA F 282 26.10 31.74 13.38
N VAL F 283 25.19 32.06 14.31
CA VAL F 283 23.74 31.82 14.19
C VAL F 283 23.39 30.34 13.91
N GLY F 284 24.21 29.43 14.45
CA GLY F 284 23.96 27.99 14.27
C GLY F 284 24.29 27.36 12.92
N TYR F 285 24.66 28.16 11.94
CA TYR F 285 25.08 27.65 10.66
C TYR F 285 26.33 26.76 10.73
N GLN F 286 26.47 25.91 9.70
CA GLN F 286 27.69 25.17 9.40
C GLN F 286 28.95 26.05 9.35
N PRO F 287 30.08 25.57 9.90
CA PRO F 287 31.33 26.35 9.81
C PRO F 287 31.81 26.49 8.36
N THR F 288 31.26 25.68 7.46
CA THR F 288 31.72 25.57 6.07
C THR F 288 30.84 26.33 5.08
N LEU F 289 29.95 27.18 5.61
CA LEU F 289 28.97 27.92 4.80
C LEU F 289 29.56 28.61 3.57
N ALA F 290 30.67 29.30 3.74
CA ALA F 290 31.20 30.16 2.69
C ALA F 290 31.89 29.34 1.63
N THR F 291 32.65 28.33 2.04
CA THR F 291 33.32 27.45 1.06
C THR F 291 32.37 26.52 0.30
N ASP F 292 31.32 26.03 0.99
CA ASP F 292 30.28 25.19 0.38
C ASP F 292 29.60 26.00 -0.70
N MET F 293 29.27 27.25 -0.36
CA MET F 293 28.67 28.16 -1.32
C MET F 293 29.64 28.54 -2.42
N GLY F 294 30.90 28.74 -2.09
CA GLY F 294 31.95 29.03 -3.08
C GLY F 294 32.12 27.95 -4.14
N THR F 295 32.29 26.70 -3.71
CA THR F 295 32.52 25.58 -4.63
C THR F 295 31.30 25.33 -5.53
N MET F 296 30.11 25.65 -5.02
CA MET F 296 28.87 25.55 -5.80
C MET F 296 28.68 26.77 -6.71
N GLN F 297 28.76 27.97 -6.13
CA GLN F 297 28.53 29.19 -6.92
C GLN F 297 29.53 29.39 -8.05
N GLU F 298 30.79 29.03 -7.82
CA GLU F 298 31.86 29.30 -8.79
C GLU F 298 31.73 28.47 -10.07
N ARG F 299 30.95 27.40 -10.00
CA ARG F 299 30.54 26.63 -11.18
C ARG F 299 29.44 27.31 -12.00
N ILE F 300 28.62 28.14 -11.34
CA ILE F 300 27.55 28.85 -12.02
C ILE F 300 28.15 30.09 -12.68
N THR F 301 28.71 29.91 -13.88
CA THR F 301 29.44 30.98 -14.55
C THR F 301 29.54 30.83 -16.08
N THR F 302 29.65 31.97 -16.74
CA THR F 302 30.06 32.05 -18.12
C THR F 302 31.54 31.71 -18.18
N THR F 303 31.96 30.99 -19.21
CA THR F 303 33.36 30.76 -19.49
C THR F 303 33.68 31.15 -20.93
N LYS F 304 34.96 31.18 -21.28
CA LYS F 304 35.38 31.42 -22.67
C LYS F 304 34.61 30.52 -23.63
N LYS F 305 34.36 29.29 -23.18
CA LYS F 305 33.69 28.25 -23.94
C LYS F 305 32.19 28.46 -24.13
N GLY F 306 31.55 29.21 -23.23
CA GLY F 306 30.11 29.41 -23.30
C GLY F 306 29.53 30.29 -22.20
N SER F 307 28.37 30.88 -22.48
CA SER F 307 27.74 31.86 -21.61
C SER F 307 26.58 31.25 -20.81
N ILE F 308 26.64 31.37 -19.48
CA ILE F 308 25.47 31.14 -18.64
C ILE F 308 25.00 32.46 -18.04
N THR F 309 23.78 32.86 -18.39
CA THR F 309 23.09 33.96 -17.72
C THR F 309 22.30 33.36 -16.58
N SER F 310 22.70 33.64 -15.35
CA SER F 310 22.06 33.05 -14.18
C SER F 310 21.25 34.02 -13.37
N VAL F 311 20.05 33.59 -12.99
CA VAL F 311 19.18 34.36 -12.13
C VAL F 311 18.82 33.47 -10.94
N GLN F 312 19.21 33.92 -9.75
CA GLN F 312 19.02 33.13 -8.54
C GLN F 312 18.17 33.88 -7.51
N ALA F 313 16.99 33.35 -7.23
CA ALA F 313 16.19 33.87 -6.10
C ALA F 313 16.86 33.46 -4.79
N ILE F 314 16.94 34.40 -3.84
CA ILE F 314 17.72 34.26 -2.61
C ILE F 314 16.86 34.73 -1.44
N TYR F 315 16.34 33.76 -0.70
CA TYR F 315 15.52 34.03 0.47
C TYR F 315 16.39 34.63 1.57
N VAL F 316 15.80 35.55 2.33
CA VAL F 316 16.48 36.28 3.39
C VAL F 316 15.71 36.04 4.69
N PRO F 317 16.24 35.17 5.56
CA PRO F 317 15.56 34.76 6.78
C PRO F 317 15.32 35.91 7.73
N ALA F 318 14.12 35.94 8.31
CA ALA F 318 13.70 36.99 9.23
C ALA F 318 14.00 38.40 8.75
N ASP F 319 13.92 38.62 7.44
CA ASP F 319 14.20 39.92 6.80
C ASP F 319 15.59 40.50 7.06
N ASP F 320 16.50 39.65 7.53
CA ASP F 320 17.82 40.07 7.93
C ASP F 320 18.86 39.86 6.82
N LEU F 321 19.23 40.93 6.14
CA LEU F 321 20.27 40.87 5.10
C LEU F 321 21.70 40.63 5.63
N THR F 322 21.92 40.84 6.92
CA THR F 322 23.23 40.52 7.53
C THR F 322 23.31 39.07 7.97
N ASP F 323 22.21 38.33 7.82
CA ASP F 323 22.23 36.90 8.12
C ASP F 323 23.33 36.26 7.26
N PRO F 324 24.17 35.41 7.86
CA PRO F 324 25.29 34.78 7.16
C PRO F 324 24.99 34.28 5.75
N ALA F 325 23.81 33.73 5.52
CA ALA F 325 23.47 33.11 4.23
C ALA F 325 23.34 34.13 3.08
N PRO F 326 22.40 35.10 3.22
CA PRO F 326 22.38 36.14 2.20
C PRO F 326 23.65 36.98 2.17
N ALA F 327 24.17 37.34 3.35
CA ALA F 327 25.36 38.21 3.45
C ALA F 327 26.49 37.63 2.62
N THR F 328 26.67 36.32 2.68
CA THR F 328 27.75 35.64 1.98
C THR F 328 27.50 35.54 0.47
N THR F 329 26.23 35.66 0.05
CA THR F 329 25.90 35.50 -1.38
C THR F 329 26.24 36.72 -2.24
N PHE F 330 26.16 37.91 -1.64
CA PHE F 330 26.42 39.16 -2.36
C PHE F 330 27.65 39.11 -3.27
N ALA F 331 28.78 38.66 -2.75
CA ALA F 331 30.04 38.64 -3.49
C ALA F 331 30.06 37.67 -4.67
N HIS F 332 28.98 36.90 -4.83
CA HIS F 332 28.87 35.94 -5.93
C HIS F 332 28.08 36.48 -7.11
N LEU F 333 27.71 37.75 -7.03
CA LEU F 333 26.75 38.31 -7.97
C LEU F 333 27.33 39.46 -8.79
N ASP F 334 26.91 39.55 -10.05
CA ASP F 334 27.26 40.68 -10.90
C ASP F 334 26.19 41.76 -10.91
N ALA F 335 25.01 41.42 -10.41
CA ALA F 335 23.90 42.36 -10.28
C ALA F 335 22.99 41.84 -9.18
N THR F 336 22.66 42.72 -8.24
CA THR F 336 21.76 42.34 -7.15
C THR F 336 20.45 43.12 -7.28
N THR F 337 19.33 42.42 -7.16
CA THR F 337 18.03 43.07 -7.01
C THR F 337 17.58 42.75 -5.60
N VAL F 338 17.59 43.74 -4.72
CA VAL F 338 17.17 43.56 -3.33
C VAL F 338 15.72 44.03 -3.19
N LEU F 339 14.84 43.11 -2.85
CA LEU F 339 13.45 43.44 -2.60
C LEU F 339 13.27 43.82 -1.14
N SER F 340 12.30 44.68 -0.85
CA SER F 340 12.12 45.15 0.52
C SER F 340 10.66 45.02 0.93
N ARG F 341 10.44 44.47 2.12
CA ARG F 341 9.07 44.30 2.63
C ARG F 341 8.41 45.67 2.87
N ALA F 342 9.19 46.63 3.35
CA ALA F 342 8.68 47.98 3.59
C ALA F 342 8.26 48.64 2.30
N ILE F 343 8.98 48.36 1.21
CA ILE F 343 8.64 48.98 -0.07
C ILE F 343 7.38 48.31 -0.61
N ALA F 344 7.30 46.99 -0.45
CA ALA F 344 6.15 46.22 -0.87
C ALA F 344 4.90 46.68 -0.12
N GLU F 345 5.03 46.87 1.19
CA GLU F 345 3.88 47.24 2.01
C GLU F 345 3.28 48.60 1.60
N LEU F 346 4.14 49.50 1.10
CA LEU F 346 3.70 50.75 0.47
C LEU F 346 3.00 50.53 -0.90
N GLY F 347 2.88 49.28 -1.32
CA GLY F 347 2.23 48.96 -2.59
C GLY F 347 3.15 49.05 -3.79
N ILE F 348 4.41 49.42 -3.58
CA ILE F 348 5.37 49.53 -4.69
C ILE F 348 5.83 48.16 -5.16
N TYR F 349 5.40 47.77 -6.36
CA TYR F 349 5.87 46.54 -6.99
C TYR F 349 6.43 46.83 -8.38
N PRO F 350 7.53 46.16 -8.76
CA PRO F 350 8.33 45.26 -7.94
C PRO F 350 8.97 46.02 -6.78
N ALA F 351 9.03 45.39 -5.61
CA ALA F 351 9.42 46.05 -4.36
C ALA F 351 10.92 46.25 -4.26
N VAL F 352 11.52 46.78 -5.32
CA VAL F 352 12.97 46.87 -5.41
C VAL F 352 13.45 48.02 -4.54
N ASP F 353 14.48 47.77 -3.72
CA ASP F 353 15.11 48.84 -2.98
C ASP F 353 16.10 49.52 -3.94
N PRO F 354 15.75 50.73 -4.41
CA PRO F 354 16.55 51.35 -5.45
C PRO F 354 17.88 51.87 -4.94
N LEU F 355 18.08 51.86 -3.63
CA LEU F 355 19.37 52.23 -3.01
C LEU F 355 20.13 51.04 -2.40
N ASP F 356 19.62 49.82 -2.57
CA ASP F 356 20.35 48.66 -2.10
C ASP F 356 20.63 47.63 -3.19
N SER F 357 20.17 47.93 -4.41
CA SER F 357 20.40 47.08 -5.56
C SER F 357 21.46 47.71 -6.44
N THR F 358 22.44 46.90 -6.83
CA THR F 358 23.64 47.38 -7.53
C THR F 358 23.93 46.47 -8.73
N SER F 359 24.73 46.97 -9.65
CA SER F 359 25.16 46.23 -10.83
C SER F 359 26.59 46.61 -11.17
N ARG F 360 27.41 45.61 -11.45
CA ARG F 360 28.83 45.81 -11.81
C ARG F 360 29.02 46.52 -13.15
N ILE F 361 27.95 46.63 -13.95
CA ILE F 361 28.02 47.34 -15.24
C ILE F 361 27.43 48.76 -15.20
N MET F 362 26.95 49.19 -14.03
CA MET F 362 26.53 50.59 -13.84
C MET F 362 27.78 51.46 -13.81
N ASP F 363 28.20 51.83 -15.02
CA ASP F 363 29.49 52.42 -15.31
C ASP F 363 29.27 53.22 -16.60
N PRO F 364 29.67 54.50 -16.63
CA PRO F 364 29.41 55.33 -17.80
C PRO F 364 30.02 54.78 -19.10
N ASN F 365 31.15 54.09 -18.99
CA ASN F 365 31.82 53.49 -20.15
C ASN F 365 31.13 52.28 -20.73
N ILE F 366 30.22 51.69 -19.95
CA ILE F 366 29.47 50.51 -20.41
C ILE F 366 28.05 50.87 -20.83
N VAL F 367 27.34 51.62 -19.99
CA VAL F 367 25.94 51.97 -20.27
C VAL F 367 25.78 53.34 -20.94
N GLY F 368 26.87 54.09 -21.04
CA GLY F 368 26.82 55.45 -21.59
C GLY F 368 26.57 56.43 -20.47
N SER F 369 26.99 57.68 -20.67
CA SER F 369 26.92 58.68 -19.61
C SER F 369 25.50 59.15 -19.32
N GLU F 370 24.61 59.08 -20.31
CA GLU F 370 23.24 59.55 -20.11
C GLU F 370 22.49 58.61 -19.17
N HIS F 371 22.50 57.32 -19.51
CA HIS F 371 21.94 56.28 -18.66
C HIS F 371 22.53 56.38 -17.26
N TYR F 372 23.86 56.45 -17.18
CA TYR F 372 24.57 56.57 -15.91
C TYR F 372 24.17 57.81 -15.08
N ASP F 373 24.03 58.96 -15.76
CA ASP F 373 23.71 60.22 -15.09
C ASP F 373 22.29 60.24 -14.52
N VAL F 374 21.33 59.81 -15.32
CA VAL F 374 19.93 59.73 -14.90
C VAL F 374 19.82 58.82 -13.67
N ALA F 375 20.51 57.69 -13.72
CA ALA F 375 20.54 56.72 -12.60
C ALA F 375 21.10 57.33 -11.32
N ARG F 376 22.30 57.89 -11.40
CA ARG F 376 22.92 58.58 -10.27
C ARG F 376 22.04 59.71 -9.75
N GLY F 377 21.40 60.42 -10.67
CA GLY F 377 20.44 61.49 -10.35
C GLY F 377 19.23 61.00 -9.58
N VAL F 378 18.59 59.96 -10.10
CA VAL F 378 17.45 59.31 -9.41
C VAL F 378 17.87 58.86 -8.02
N GLN F 379 19.04 58.24 -7.94
CA GLN F 379 19.52 57.69 -6.67
C GLN F 379 19.82 58.76 -5.65
N LYS F 380 20.30 59.91 -6.13
CA LYS F 380 20.62 61.04 -5.26
C LYS F 380 19.37 61.68 -4.67
N ILE F 381 18.36 61.82 -5.52
CA ILE F 381 17.11 62.44 -5.10
C ILE F 381 16.37 61.53 -4.11
N LEU F 382 16.53 60.22 -4.27
CA LEU F 382 15.92 59.23 -3.39
C LEU F 382 16.63 59.19 -2.03
N GLN F 383 17.95 59.29 -2.06
CA GLN F 383 18.77 59.38 -0.87
C GLN F 383 18.53 60.68 -0.10
N ASP F 384 18.40 61.79 -0.84
CA ASP F 384 18.06 63.07 -0.20
C ASP F 384 16.69 63.03 0.46
N TYR F 385 15.73 62.39 -0.20
CA TYR F 385 14.42 62.18 0.36
C TYR F 385 14.49 61.38 1.65
N LYS F 386 15.26 60.29 1.62
CA LYS F 386 15.44 59.38 2.75
C LYS F 386 15.99 60.10 4.00
N SER F 387 16.90 61.05 3.80
CA SER F 387 17.52 61.80 4.88
C SER F 387 16.55 62.77 5.55
N LEU F 388 15.52 63.17 4.81
CA LEU F 388 14.52 64.11 5.31
C LEU F 388 13.39 63.43 6.07
N GLN F 389 13.35 62.10 6.06
CA GLN F 389 12.18 61.37 6.54
C GLN F 389 11.99 61.34 8.06
N ASP F 390 13.06 61.48 8.84
CA ASP F 390 12.93 61.61 10.30
C ASP F 390 12.15 62.88 10.65
N ILE F 391 12.54 64.00 10.03
CA ILE F 391 11.84 65.29 10.20
C ILE F 391 10.37 65.19 9.77
N ILE F 392 10.13 64.57 8.62
CA ILE F 392 8.79 64.40 8.07
C ILE F 392 7.88 63.59 8.99
N ALA F 393 8.42 62.51 9.55
CA ALA F 393 7.61 61.60 10.37
C ALA F 393 7.10 62.27 11.66
N ILE F 394 7.91 63.13 12.28
CA ILE F 394 7.48 63.86 13.48
C ILE F 394 6.67 65.11 13.13
N LEU F 395 7.30 66.04 12.41
CA LEU F 395 6.74 67.37 12.18
C LEU F 395 5.87 67.46 10.93
N GLY F 396 6.19 66.70 9.89
CA GLY F 396 5.40 66.67 8.66
C GLY F 396 5.94 67.54 7.54
N MET F 397 5.29 67.43 6.38
CA MET F 397 5.64 68.21 5.19
C MET F 397 5.86 69.70 5.41
N ASP F 398 5.03 70.27 6.27
CA ASP F 398 4.91 71.72 6.44
C ASP F 398 6.14 72.42 7.02
N GLU F 399 7.05 71.67 7.64
CA GLU F 399 8.24 72.27 8.25
C GLU F 399 9.46 72.26 7.34
N LEU F 400 9.23 71.91 6.07
CA LEU F 400 10.32 71.83 5.11
C LEU F 400 10.43 73.12 4.31
N SER F 401 11.68 73.49 4.03
CA SER F 401 11.96 74.55 3.07
C SER F 401 11.35 74.20 1.72
N GLU F 402 11.17 75.20 0.87
CA GLU F 402 10.57 75.01 -0.44
C GLU F 402 11.43 74.11 -1.32
N GLU F 403 12.74 74.12 -1.08
CA GLU F 403 13.70 73.29 -1.78
C GLU F 403 13.51 71.81 -1.42
N ASP F 404 13.31 71.57 -0.13
CA ASP F 404 13.04 70.23 0.39
C ASP F 404 11.71 69.67 -0.08
N LYS F 405 10.65 70.49 -0.05
CA LYS F 405 9.34 70.07 -0.55
C LYS F 405 9.40 69.60 -2.00
N LEU F 406 10.32 70.16 -2.77
CA LEU F 406 10.48 69.84 -4.18
C LEU F 406 11.18 68.50 -4.36
N THR F 407 12.24 68.28 -3.57
CA THR F 407 12.92 66.99 -3.54
C THR F 407 11.93 65.90 -3.14
N VAL F 408 11.17 66.15 -2.07
CA VAL F 408 10.16 65.20 -1.60
C VAL F 408 9.12 64.86 -2.69
N SER F 409 8.60 65.88 -3.37
CA SER F 409 7.57 65.65 -4.37
C SER F 409 8.13 64.93 -5.59
N ARG F 410 9.31 65.33 -6.06
CA ARG F 410 9.97 64.65 -7.19
C ARG F 410 10.38 63.23 -6.85
N ALA F 411 10.92 63.05 -5.65
CA ALA F 411 11.35 61.73 -5.20
C ALA F 411 10.15 60.79 -5.14
N ARG F 412 9.06 61.26 -4.55
CA ARG F 412 7.84 60.46 -4.42
C ARG F 412 7.22 60.08 -5.76
N LYS F 413 7.39 60.93 -6.77
CA LYS F 413 6.92 60.63 -8.12
C LYS F 413 7.87 59.64 -8.81
N ILE F 414 9.14 59.75 -8.48
CA ILE F 414 10.16 58.83 -8.97
C ILE F 414 9.98 57.42 -8.39
N GLN F 415 9.76 57.33 -7.07
CA GLN F 415 9.43 56.07 -6.40
C GLN F 415 8.28 55.36 -7.09
N ARG F 416 7.27 56.12 -7.51
CA ARG F 416 6.07 55.56 -8.13
C ARG F 416 6.35 55.11 -9.56
N PHE F 417 7.15 55.89 -10.27
CA PHE F 417 7.50 55.54 -11.64
C PHE F 417 8.51 54.38 -11.74
N LEU F 418 9.08 54.01 -10.60
CA LEU F 418 9.91 52.79 -10.51
C LEU F 418 9.04 51.53 -10.44
N SER F 419 7.79 51.70 -10.01
CA SER F 419 6.86 50.58 -9.93
C SER F 419 6.38 50.26 -11.33
N GLN F 420 5.94 49.02 -11.55
CA GLN F 420 5.58 48.56 -12.88
C GLN F 420 4.62 47.39 -12.75
N PRO F 421 3.56 47.37 -13.61
CA PRO F 421 2.69 46.20 -13.70
C PRO F 421 3.34 45.07 -14.49
N PHE F 422 3.43 43.90 -13.84
CA PHE F 422 3.98 42.69 -14.44
C PHE F 422 2.87 41.88 -15.07
N GLN F 423 3.13 41.35 -16.27
CA GLN F 423 2.19 40.44 -16.94
C GLN F 423 1.84 39.26 -16.05
N VAL F 424 2.85 38.78 -15.34
CA VAL F 424 2.78 37.64 -14.45
C VAL F 424 1.98 37.91 -13.17
N ALA F 425 1.77 39.19 -12.84
CA ALA F 425 1.10 39.57 -11.60
C ALA F 425 -0.20 40.35 -11.84
N GLU F 426 -0.79 40.15 -13.02
CA GLU F 426 -1.96 40.92 -13.45
C GLU F 426 -3.15 40.75 -12.51
N VAL F 427 -3.31 39.55 -11.97
CA VAL F 427 -4.36 39.25 -10.98
C VAL F 427 -4.26 40.15 -9.75
N PHE F 428 -3.04 40.54 -9.39
CA PHE F 428 -2.80 41.27 -8.15
C PHE F 428 -2.79 42.78 -8.34
N THR F 429 -2.35 43.22 -9.51
CA THR F 429 -2.26 44.65 -9.82
C THR F 429 -3.59 45.20 -10.29
N GLY F 430 -4.33 44.40 -11.05
CA GLY F 430 -5.52 44.85 -11.73
C GLY F 430 -5.18 45.73 -12.91
N HIS F 431 -3.92 45.67 -13.35
CA HIS F 431 -3.50 46.35 -14.57
C HIS F 431 -2.91 45.35 -15.55
N LEU F 432 -2.86 45.74 -16.82
CA LEU F 432 -2.20 44.98 -17.86
C LEU F 432 -0.69 45.08 -17.71
N GLY F 433 0.00 43.95 -17.81
CA GLY F 433 1.45 43.92 -17.67
C GLY F 433 2.16 44.75 -18.73
N LYS F 434 3.26 45.39 -18.33
CA LYS F 434 4.00 46.30 -19.21
C LYS F 434 5.49 46.02 -19.31
N LEU F 435 6.05 46.31 -20.48
CA LEU F 435 7.46 46.17 -20.75
C LEU F 435 7.94 47.50 -21.33
N VAL F 436 8.85 48.16 -20.63
CA VAL F 436 9.35 49.46 -21.07
C VAL F 436 10.75 49.31 -21.67
N PRO F 437 10.93 49.73 -22.95
CA PRO F 437 12.24 49.73 -23.57
C PRO F 437 13.19 50.67 -22.84
N LEU F 438 14.47 50.31 -22.80
CA LEU F 438 15.48 51.04 -22.03
C LEU F 438 15.50 52.55 -22.30
N LYS F 439 15.54 52.93 -23.56
CA LYS F 439 15.61 54.36 -23.95
C LYS F 439 14.46 55.16 -23.32
N GLU F 440 13.29 54.52 -23.25
CA GLU F 440 12.08 55.16 -22.72
C GLU F 440 12.08 55.19 -21.20
N THR F 441 12.76 54.22 -20.59
CA THR F 441 12.96 54.22 -19.14
C THR F 441 13.83 55.43 -18.75
N ILE F 442 15.00 55.55 -19.39
CA ILE F 442 15.91 56.68 -19.21
C ILE F 442 15.21 58.03 -19.38
N LYS F 443 14.41 58.15 -20.45
CA LYS F 443 13.72 59.40 -20.80
C LYS F 443 12.69 59.81 -19.75
N GLY F 444 11.84 58.87 -19.33
CA GLY F 444 10.83 59.11 -18.30
C GLY F 444 11.41 59.68 -17.02
N PHE F 445 12.51 59.11 -16.55
CA PHE F 445 13.15 59.58 -15.31
C PHE F 445 13.98 60.83 -15.55
N GLN F 446 14.57 60.92 -16.73
CA GLN F 446 15.30 62.11 -17.14
C GLN F 446 14.38 63.32 -17.02
N GLN F 447 13.13 63.12 -17.45
CA GLN F 447 12.11 64.17 -17.48
C GLN F 447 11.55 64.53 -16.11
N ILE F 448 11.36 63.53 -15.25
CA ILE F 448 10.86 63.81 -13.90
C ILE F 448 11.90 64.61 -13.14
N LEU F 449 13.16 64.26 -13.33
CA LEU F 449 14.28 64.97 -12.69
C LEU F 449 14.40 66.40 -13.17
N ALA F 450 14.09 66.64 -14.43
CA ALA F 450 14.21 67.96 -15.04
C ALA F 450 13.09 68.90 -14.58
N GLY F 451 12.15 68.36 -13.83
CA GLY F 451 11.03 69.12 -13.28
C GLY F 451 9.86 69.22 -14.22
N GLU F 452 9.88 68.41 -15.28
CA GLU F 452 8.92 68.54 -16.36
C GLU F 452 7.49 68.16 -15.97
N TYR F 453 7.34 67.38 -14.90
CA TYR F 453 6.00 67.00 -14.45
C TYR F 453 5.72 67.35 -12.99
N ASP F 454 6.38 68.40 -12.50
CA ASP F 454 6.12 68.90 -11.14
C ASP F 454 4.65 69.33 -10.96
N HIS F 455 3.95 69.52 -12.09
CA HIS F 455 2.54 69.91 -12.11
C HIS F 455 1.58 68.72 -12.00
N LEU F 456 2.07 67.53 -12.34
CA LEU F 456 1.27 66.30 -12.32
C LEU F 456 1.18 65.68 -10.92
N PRO F 457 0.04 65.01 -10.60
CA PRO F 457 -0.12 64.34 -9.29
C PRO F 457 0.66 63.01 -9.15
N GLU F 458 1.04 62.68 -7.92
CA GLU F 458 1.78 61.45 -7.59
C GLU F 458 1.21 60.18 -8.20
N GLN F 459 -0.07 59.95 -7.90
CA GLN F 459 -0.79 58.74 -8.28
C GLN F 459 -0.67 58.40 -9.77
N ALA F 460 -0.48 59.43 -10.59
CA ALA F 460 -0.35 59.28 -12.05
C ALA F 460 0.88 58.48 -12.46
N PHE F 461 1.89 58.45 -11.58
CA PHE F 461 3.15 57.78 -11.90
C PHE F 461 3.16 56.34 -11.43
N TYR F 462 2.17 55.99 -10.61
CA TYR F 462 2.07 54.66 -10.03
C TYR F 462 1.57 53.65 -11.05
N MET F 463 2.12 52.44 -10.99
CA MET F 463 1.68 51.30 -11.83
C MET F 463 1.44 51.60 -13.31
N VAL F 464 2.42 52.21 -13.96
CA VAL F 464 2.32 52.45 -15.40
C VAL F 464 3.58 51.96 -16.10
N GLY F 465 3.54 51.95 -17.43
CA GLY F 465 4.68 51.58 -18.24
C GLY F 465 5.53 52.79 -18.55
N PRO F 466 5.49 53.27 -19.81
CA PRO F 466 6.27 54.46 -20.19
C PRO F 466 5.70 55.76 -19.61
N ILE F 467 6.51 56.82 -19.64
CA ILE F 467 6.12 58.11 -19.11
C ILE F 467 4.81 58.67 -19.72
N GLU F 468 4.59 58.40 -21.02
CA GLU F 468 3.34 58.81 -21.69
C GLU F 468 2.09 58.30 -20.98
N GLU F 469 2.17 57.09 -20.43
CA GLU F 469 1.07 56.49 -19.69
C GLU F 469 0.79 57.25 -18.40
N ALA F 470 1.84 57.80 -17.79
CA ALA F 470 1.71 58.62 -16.59
C ALA F 470 0.94 59.91 -16.90
N VAL F 471 1.32 60.55 -18.01
CA VAL F 471 0.66 61.75 -18.51
C VAL F 471 -0.82 61.48 -18.75
N ALA F 472 -1.11 60.51 -19.62
CA ALA F 472 -2.48 60.10 -19.92
C ALA F 472 -3.29 59.73 -18.67
N LYS F 473 -2.62 59.16 -17.66
CA LYS F 473 -3.28 58.84 -16.39
C LYS F 473 -3.61 60.11 -15.59
N ALA F 474 -2.76 61.12 -15.74
CA ALA F 474 -2.99 62.40 -15.05
C ALA F 474 -4.19 63.13 -15.64
N ASP F 475 -4.31 63.08 -16.97
CA ASP F 475 -5.44 63.67 -17.70
C ASP F 475 -6.75 63.00 -17.31
N LYS F 476 -6.72 61.68 -17.18
CA LYS F 476 -7.88 60.88 -16.81
C LYS F 476 -8.33 61.15 -15.37
N LEU F 477 -7.44 61.66 -14.53
CA LEU F 477 -7.81 62.07 -13.18
C LEU F 477 -8.57 63.40 -13.17
N ALA F 478 -8.97 63.85 -14.36
CA ALA F 478 -9.81 65.05 -14.60
C ALA F 478 -9.49 66.23 -13.68
N ALA G 1 20.04 50.14 15.55
CA ALA G 1 20.79 48.86 15.39
C ALA G 1 21.29 48.32 16.73
N THR G 2 22.16 49.07 17.40
CA THR G 2 22.72 48.70 18.71
C THR G 2 21.69 49.09 19.76
N LEU G 3 21.75 48.45 20.93
CA LEU G 3 20.91 48.83 22.06
C LEU G 3 21.22 50.25 22.49
N LYS G 4 22.49 50.63 22.34
CA LYS G 4 22.94 51.98 22.69
C LYS G 4 22.34 53.05 21.77
N ASP G 5 22.19 52.71 20.49
CA ASP G 5 21.57 53.59 19.49
C ASP G 5 20.07 53.75 19.72
N ILE G 6 19.39 52.63 20.01
CA ILE G 6 17.95 52.62 20.28
C ILE G 6 17.64 53.37 21.58
N THR G 7 18.45 53.15 22.61
CA THR G 7 18.24 53.83 23.90
C THR G 7 18.35 55.34 23.72
N ARG G 8 19.30 55.78 22.91
CA ARG G 8 19.49 57.22 22.65
C ARG G 8 18.34 57.81 21.85
N ARG G 9 17.96 57.14 20.76
CA ARG G 9 16.84 57.57 19.92
C ARG G 9 15.54 57.61 20.72
N LEU G 10 15.33 56.59 21.56
CA LEU G 10 14.16 56.54 22.43
C LEU G 10 14.18 57.67 23.46
N LYS G 11 15.36 57.99 24.00
CA LYS G 11 15.47 59.10 24.94
C LYS G 11 15.05 60.45 24.34
N SER G 12 15.43 60.67 23.08
CA SER G 12 15.16 61.93 22.41
C SER G 12 13.69 62.09 22.02
N ILE G 13 13.11 61.06 21.41
CA ILE G 13 11.72 61.10 20.92
C ILE G 13 10.66 61.05 22.05
N LYS G 14 11.03 60.53 23.21
CA LYS G 14 10.15 60.56 24.39
C LYS G 14 9.99 62.00 24.89
N ASN G 15 11.08 62.75 24.82
CA ASN G 15 11.09 64.17 25.18
C ASN G 15 10.29 65.00 24.18
N ILE G 16 10.62 64.85 22.90
CA ILE G 16 9.91 65.48 21.81
C ILE G 16 8.39 65.29 21.93
N GLN G 17 7.97 64.10 22.35
CA GLN G 17 6.54 63.81 22.55
C GLN G 17 5.94 64.66 23.67
N LYS G 18 6.72 64.85 24.75
CA LYS G 18 6.28 65.61 25.91
C LYS G 18 6.26 67.12 25.63
N ILE G 19 7.21 67.57 24.81
CA ILE G 19 7.30 68.97 24.43
C ILE G 19 6.13 69.35 23.54
N THR G 20 5.95 68.61 22.45
CA THR G 20 4.91 68.87 21.47
C THR G 20 3.49 68.77 22.07
N LYS G 21 3.34 67.95 23.11
CA LYS G 21 2.06 67.84 23.83
C LYS G 21 1.85 69.05 24.74
N SER G 22 2.94 69.56 25.32
CA SER G 22 2.85 70.76 26.15
C SER G 22 2.65 72.02 25.30
N MET G 23 3.26 72.02 24.12
CA MET G 23 3.07 73.11 23.15
C MET G 23 1.66 73.11 22.59
N LYS G 24 1.09 71.93 22.37
CA LYS G 24 -0.31 71.80 21.98
C LYS G 24 -1.20 72.48 23.03
N MET G 25 -0.84 72.31 24.31
CA MET G 25 -1.60 72.89 25.43
C MET G 25 -1.46 74.41 25.51
N VAL G 26 -0.25 74.91 25.29
CA VAL G 26 0.02 76.35 25.24
C VAL G 26 -0.77 76.99 24.09
N ALA G 27 -0.69 76.37 22.91
CA ALA G 27 -1.41 76.87 21.74
C ALA G 27 -2.93 76.66 21.83
N ALA G 28 -3.38 75.78 22.72
CA ALA G 28 -4.81 75.52 22.88
C ALA G 28 -5.50 76.63 23.68
N ALA G 29 -4.83 77.09 24.74
CA ALA G 29 -5.32 78.17 25.60
C ALA G 29 -5.29 79.51 24.88
N LYS G 30 -4.27 79.70 24.03
CA LYS G 30 -4.13 80.91 23.22
C LYS G 30 -5.15 80.98 22.09
N TYR G 31 -5.58 79.82 21.60
CA TYR G 31 -6.59 79.75 20.55
C TYR G 31 -7.98 80.11 21.07
N ALA G 32 -8.37 79.51 22.20
CA ALA G 32 -9.69 79.72 22.80
C ALA G 32 -9.99 81.18 23.12
N ARG G 33 -8.93 81.91 23.50
CA ARG G 33 -9.03 83.35 23.76
C ARG G 33 -9.18 84.11 22.45
N ALA G 34 -8.42 83.69 21.43
CA ALA G 34 -8.47 84.32 20.11
C ALA G 34 -9.71 83.93 19.31
N GLU G 35 -10.45 82.91 19.76
CA GLU G 35 -11.65 82.46 19.08
C GLU G 35 -12.89 83.24 19.54
N ARG G 36 -12.97 83.47 20.85
CA ARG G 36 -14.03 84.28 21.44
C ARG G 36 -13.80 85.77 21.20
N GLU G 37 -12.54 86.14 20.97
CA GLU G 37 -12.14 87.51 20.69
C GLU G 37 -12.36 87.88 19.21
N LEU G 38 -12.57 86.86 18.39
CA LEU G 38 -12.78 87.03 16.95
C LEU G 38 -14.18 87.56 16.63
N LYS G 39 -15.19 86.99 17.28
CA LYS G 39 -16.60 87.28 16.99
C LYS G 39 -17.00 88.78 17.01
N PRO G 40 -16.62 89.53 18.07
CA PRO G 40 -16.92 90.97 18.04
C PRO G 40 -16.11 91.76 17.01
N ALA G 41 -14.95 91.24 16.63
CA ALA G 41 -14.05 91.91 15.68
C ALA G 41 -14.28 91.45 14.24
N ARG G 42 -15.35 90.69 14.01
CA ARG G 42 -15.68 90.20 12.66
C ARG G 42 -16.72 91.06 11.94
N VAL G 43 -17.89 91.21 12.55
CA VAL G 43 -18.95 92.07 12.00
C VAL G 43 -18.47 93.54 11.98
N TYR G 44 -17.56 93.84 12.90
CA TYR G 44 -16.85 95.11 12.96
C TYR G 44 -15.95 95.31 11.74
N GLY G 45 -15.50 94.20 11.14
CA GLY G 45 -14.52 94.21 10.06
C GLY G 45 -14.98 94.66 8.68
N VAL G 46 -16.30 94.63 8.45
CA VAL G 46 -16.90 95.08 7.19
C VAL G 46 -16.66 96.58 6.99
N GLY G 47 -16.71 97.34 8.09
CA GLY G 47 -16.39 98.76 8.08
C GLY G 47 -14.90 98.99 8.25
N SER G 72 1.40 87.28 9.35
CA SER G 72 1.38 86.08 10.18
C SER G 72 1.94 86.32 11.59
N SER G 73 3.22 85.98 11.79
CA SER G 73 3.87 86.12 13.11
C SER G 73 5.36 85.76 13.06
N ASP G 74 5.99 85.80 14.24
CA ASP G 74 7.39 85.42 14.41
C ASP G 74 7.50 83.91 14.59
N ARG G 75 6.52 83.35 15.31
CA ARG G 75 6.56 81.96 15.77
C ARG G 75 6.14 80.97 14.67
N GLY G 76 7.00 79.99 14.43
CA GLY G 76 6.73 78.93 13.43
C GLY G 76 6.04 77.73 14.03
N LEU G 77 6.30 76.55 13.45
CA LEU G 77 5.70 75.28 13.90
C LEU G 77 4.16 75.28 13.91
N CYS G 78 3.57 75.89 12.89
CA CYS G 78 2.11 76.02 12.82
C CYS G 78 1.57 75.71 11.42
N GLY G 79 2.02 74.59 10.86
CA GLY G 79 1.59 74.19 9.53
C GLY G 79 2.01 75.15 8.45
N ALA G 80 1.16 75.29 7.43
CA ALA G 80 1.49 76.09 6.25
C ALA G 80 0.98 77.53 6.34
N ILE G 81 0.77 78.01 7.57
CA ILE G 81 0.36 79.41 7.82
C ILE G 81 1.30 80.38 7.11
N HIS G 82 2.59 80.34 7.47
CA HIS G 82 3.56 81.30 6.98
C HIS G 82 3.88 81.12 5.49
N SER G 83 3.97 79.87 5.06
CA SER G 83 4.31 79.56 3.67
C SER G 83 3.19 79.92 2.71
N SER G 84 1.95 79.78 3.17
CA SER G 84 0.76 79.99 2.34
C SER G 84 0.61 81.45 1.89
N VAL G 85 0.83 82.39 2.82
CA VAL G 85 0.79 83.82 2.51
C VAL G 85 1.99 84.27 1.68
N ALA G 86 3.15 83.62 1.89
CA ALA G 86 4.38 83.93 1.17
C ALA G 86 4.29 83.54 -0.30
N LYS G 87 3.54 82.47 -0.59
CA LYS G 87 3.28 82.01 -1.95
C LYS G 87 2.40 83.02 -2.70
N GLN G 88 1.44 83.58 -1.97
CA GLN G 88 0.55 84.64 -2.47
C GLN G 88 1.34 85.92 -2.73
N MET G 89 2.33 86.16 -1.87
CA MET G 89 3.15 87.38 -1.91
C MET G 89 4.21 87.29 -3.01
N ILE G 106 6.48 95.65 2.31
CA ILE G 106 6.60 95.74 3.76
C ILE G 106 5.65 94.74 4.43
N GLY G 107 6.19 93.92 5.33
CA GLY G 107 5.45 92.80 5.92
C GLY G 107 5.34 92.79 7.44
N VAL G 108 4.27 92.15 7.91
CA VAL G 108 3.98 92.00 9.33
C VAL G 108 4.26 90.55 9.75
N GLY G 109 5.08 90.39 10.79
CA GLY G 109 5.57 89.08 11.21
C GLY G 109 6.98 88.88 10.71
N ASP G 110 7.86 88.42 11.59
CA ASP G 110 9.28 88.29 11.27
C ASP G 110 9.58 87.05 10.42
N LYS G 111 8.60 86.16 10.30
CA LYS G 111 8.70 84.99 9.43
C LYS G 111 8.48 85.38 7.96
N ILE G 112 8.01 86.60 7.75
CA ILE G 112 7.83 87.15 6.39
C ILE G 112 9.16 87.72 5.85
N ARG G 113 9.89 88.44 6.70
CA ARG G 113 11.18 89.02 6.31
C ARG G 113 12.27 87.95 6.11
N SER G 114 12.19 86.87 6.89
CA SER G 114 13.16 85.78 6.83
C SER G 114 12.86 84.81 5.68
N ILE G 115 11.60 84.79 5.24
CA ILE G 115 11.18 83.96 4.12
C ILE G 115 10.95 84.79 2.85
N LYS G 129 8.36 92.46 13.90
CA LYS G 129 8.82 91.63 15.00
C LYS G 129 7.86 91.69 16.19
N GLU G 130 8.05 90.78 17.14
CA GLU G 130 7.26 90.69 18.38
C GLU G 130 5.73 90.56 18.17
N VAL G 131 5.35 90.02 17.03
CA VAL G 131 3.94 89.77 16.70
C VAL G 131 3.61 88.28 16.77
N GLY G 132 2.40 87.97 17.24
CA GLY G 132 1.97 86.60 17.46
C GLY G 132 2.04 86.22 18.92
N ARG G 133 3.07 86.72 19.60
CA ARG G 133 3.29 86.49 21.03
C ARG G 133 2.09 86.88 21.89
N ARG G 134 1.65 88.13 21.77
CA ARG G 134 0.51 88.63 22.52
C ARG G 134 -0.66 88.96 21.60
N PRO G 135 -1.91 88.65 22.03
CA PRO G 135 -3.10 88.87 21.22
C PRO G 135 -3.21 90.31 20.68
N PRO G 136 -3.41 90.46 19.37
CA PRO G 136 -3.45 91.75 18.68
C PRO G 136 -4.50 92.72 19.24
N THR G 137 -4.10 93.96 19.46
CA THR G 137 -5.01 95.02 19.89
C THR G 137 -5.19 95.98 18.71
N PHE G 138 -6.03 97.00 18.89
CA PHE G 138 -6.17 98.07 17.91
C PHE G 138 -4.89 98.91 17.89
N GLY G 139 -4.18 98.91 19.01
CA GLY G 139 -2.88 99.59 19.15
C GLY G 139 -1.81 99.02 18.24
N ASP G 140 -1.91 97.73 17.94
CA ASP G 140 -1.00 97.07 17.01
C ASP G 140 -1.49 97.26 15.58
N ILE G 161 -2.51 90.47 2.74
CA ILE G 161 -2.73 89.03 2.68
C ILE G 161 -2.67 88.42 4.08
N PHE G 162 -3.74 87.71 4.45
CA PHE G 162 -3.89 87.15 5.78
C PHE G 162 -4.69 85.85 5.74
N ASN G 163 -4.64 85.09 6.84
CA ASN G 163 -5.32 83.79 6.93
C ASN G 163 -6.68 83.87 7.62
N ARG G 164 -7.74 83.62 6.86
CA ARG G 164 -9.11 83.65 7.40
C ARG G 164 -9.48 82.32 8.05
N PHE G 165 -9.80 82.39 9.35
CA PHE G 165 -10.20 81.24 10.15
C PHE G 165 -11.55 80.63 9.71
N ARG G 166 -11.53 79.33 9.42
CA ARG G 166 -12.76 78.58 9.14
C ARG G 166 -13.12 77.73 10.36
N SER G 167 -12.24 76.79 10.70
CA SER G 167 -12.36 75.95 11.90
C SER G 167 -10.97 75.63 12.46
N VAL G 168 -10.92 74.78 13.48
CA VAL G 168 -9.65 74.34 14.08
C VAL G 168 -8.74 73.63 13.08
N ILE G 169 -9.34 73.03 12.05
CA ILE G 169 -8.65 72.17 11.09
C ILE G 169 -8.31 72.91 9.77
N SER G 170 -9.02 73.99 9.48
CA SER G 170 -8.86 74.67 8.19
C SER G 170 -8.86 76.20 8.26
N TYR G 171 -8.28 76.81 7.22
CA TYR G 171 -8.24 78.26 7.03
C TYR G 171 -8.00 78.54 5.55
N LYS G 172 -8.33 79.75 5.10
CA LYS G 172 -8.07 80.15 3.71
C LYS G 172 -7.20 81.40 3.63
N THR G 173 -6.29 81.39 2.67
CA THR G 173 -5.35 82.50 2.45
C THR G 173 -5.91 83.51 1.44
N GLU G 206 -7.51 106.92 6.38
CA GLU G 206 -6.54 106.76 7.46
C GLU G 206 -7.06 105.85 8.55
N TYR G 207 -8.37 105.91 8.80
CA TYR G 207 -9.02 105.08 9.81
C TYR G 207 -9.55 103.80 9.21
N SER G 208 -9.96 103.86 7.94
CA SER G 208 -10.42 102.68 7.20
C SER G 208 -9.25 101.75 6.86
N LEU G 209 -8.03 102.28 6.91
CA LEU G 209 -6.81 101.48 6.74
C LEU G 209 -6.50 100.69 8.01
N ALA G 210 -6.58 101.36 9.16
CA ALA G 210 -6.30 100.72 10.45
C ALA G 210 -7.38 99.73 10.86
N ASN G 211 -8.58 99.89 10.30
CA ASN G 211 -9.68 98.93 10.47
C ASN G 211 -9.36 97.58 9.83
N ILE G 212 -8.70 97.62 8.68
CA ILE G 212 -8.31 96.42 7.95
C ILE G 212 -7.10 95.74 8.59
N ILE G 213 -6.12 96.54 9.05
CA ILE G 213 -4.93 96.04 9.75
C ILE G 213 -5.29 95.19 10.96
N TYR G 214 -6.17 95.71 11.82
CA TYR G 214 -6.62 95.01 13.02
C TYR G 214 -7.43 93.75 12.71
N TYR G 215 -8.33 93.83 11.73
CA TYR G 215 -9.17 92.69 11.36
C TYR G 215 -8.35 91.49 10.86
N SER G 216 -7.41 91.77 9.96
CA SER G 216 -6.53 90.73 9.42
C SER G 216 -5.64 90.11 10.50
N LEU G 217 -5.26 90.93 11.47
CA LEU G 217 -4.39 90.52 12.58
C LEU G 217 -5.14 89.62 13.56
N LYS G 218 -6.38 90.03 13.89
CA LYS G 218 -7.26 89.25 14.76
C LYS G 218 -7.61 87.92 14.11
N GLU G 219 -7.69 87.92 12.78
CA GLU G 219 -7.93 86.71 12.02
C GLU G 219 -6.71 85.80 11.97
N SER G 220 -5.52 86.41 11.86
CA SER G 220 -4.27 85.67 11.66
C SER G 220 -3.86 84.82 12.87
N THR G 221 -3.86 85.41 14.06
CA THR G 221 -3.45 84.66 15.26
C THR G 221 -4.52 83.66 15.73
N THR G 222 -5.76 83.86 15.30
CA THR G 222 -6.81 82.88 15.53
C THR G 222 -6.58 81.66 14.64
N SER G 223 -6.08 81.90 13.43
CA SER G 223 -5.73 80.83 12.49
C SER G 223 -4.40 80.16 12.85
N GLU G 224 -3.48 80.93 13.39
CA GLU G 224 -2.15 80.45 13.77
C GLU G 224 -2.21 79.51 14.97
N GLN G 225 -2.90 79.94 16.03
CA GLN G 225 -2.99 79.15 17.27
C GLN G 225 -3.81 77.88 17.11
N SER G 226 -4.65 77.82 16.08
CA SER G 226 -5.40 76.60 15.76
C SER G 226 -4.47 75.63 15.06
N ALA G 227 -3.72 76.15 14.08
CA ALA G 227 -2.83 75.37 13.24
C ALA G 227 -1.61 74.85 13.99
N ARG G 228 -1.10 75.65 14.92
CA ARG G 228 0.00 75.23 15.80
C ARG G 228 -0.51 74.22 16.83
N MET G 229 -1.75 74.39 17.29
CA MET G 229 -2.39 73.41 18.17
C MET G 229 -2.56 72.08 17.44
N THR G 230 -2.93 72.14 16.17
CA THR G 230 -3.10 70.94 15.35
C THR G 230 -1.75 70.30 14.97
N ALA G 231 -0.80 71.11 14.50
CA ALA G 231 0.54 70.63 14.16
C ALA G 231 1.20 69.94 15.34
N MET G 232 1.08 70.57 16.52
CA MET G 232 1.66 70.03 17.74
C MET G 232 0.93 68.80 18.24
N ASP G 233 -0.37 68.73 17.94
CA ASP G 233 -1.17 67.54 18.21
C ASP G 233 -0.67 66.37 17.34
N ASN G 234 -0.45 66.65 16.06
CA ASN G 234 0.00 65.62 15.11
C ASN G 234 1.42 65.15 15.35
N ALA G 235 2.29 66.09 15.76
CA ALA G 235 3.69 65.79 16.07
C ALA G 235 3.79 64.94 17.33
N SER G 236 2.90 65.22 18.28
CA SER G 236 2.86 64.47 19.53
C SER G 236 2.35 63.04 19.31
N LYS G 237 1.40 62.89 18.39
CA LYS G 237 0.83 61.58 18.04
C LYS G 237 1.80 60.72 17.23
N ASN G 238 2.52 61.36 16.29
CA ASN G 238 3.57 60.71 15.50
C ASN G 238 4.72 60.22 16.38
N ALA G 239 5.16 61.09 17.29
CA ALA G 239 6.20 60.79 18.25
C ALA G 239 5.79 59.59 19.08
N SER G 240 4.53 59.56 19.48
CA SER G 240 3.98 58.49 20.32
C SER G 240 4.00 57.13 19.61
N GLU G 241 3.74 57.13 18.31
CA GLU G 241 3.82 55.92 17.50
C GLU G 241 5.28 55.49 17.33
N MET G 242 6.16 56.45 17.03
CA MET G 242 7.59 56.20 16.86
C MET G 242 8.21 55.64 18.13
N ILE G 243 7.64 55.98 19.28
CA ILE G 243 8.07 55.50 20.59
C ILE G 243 7.71 54.03 20.75
N ASP G 244 6.44 53.72 20.49
CA ASP G 244 5.95 52.34 20.60
C ASP G 244 6.70 51.42 19.65
N LYS G 245 7.00 51.91 18.44
CA LYS G 245 7.72 51.16 17.41
C LYS G 245 9.19 50.92 17.81
N LEU G 246 9.86 51.95 18.29
CA LEU G 246 11.23 51.84 18.79
C LEU G 246 11.34 51.02 20.08
N THR G 247 10.27 51.00 20.87
CA THR G 247 10.25 50.15 22.06
C THR G 247 10.22 48.67 21.65
N LEU G 248 9.43 48.36 20.64
CA LEU G 248 9.31 46.99 20.14
C LEU G 248 10.64 46.55 19.53
N THR G 249 11.29 47.47 18.80
CA THR G 249 12.61 47.22 18.23
C THR G 249 13.62 46.96 19.32
N PHE G 250 13.62 47.81 20.34
CA PHE G 250 14.51 47.68 21.48
C PHE G 250 14.41 46.32 22.14
N ASN G 251 13.17 45.84 22.33
CA ASN G 251 12.95 44.56 23.01
C ASN G 251 13.26 43.34 22.16
N ARG G 252 13.07 43.45 20.85
CA ARG G 252 13.57 42.42 19.93
C ARG G 252 15.10 42.35 20.00
N THR G 253 15.76 43.51 19.92
CA THR G 253 17.21 43.57 20.06
C THR G 253 17.67 43.12 21.45
N ARG G 254 16.94 43.50 22.50
CA ARG G 254 17.25 43.05 23.86
C ARG G 254 17.30 41.51 23.93
N GLN G 255 16.24 40.87 23.46
CA GLN G 255 16.13 39.42 23.46
C GLN G 255 17.22 38.73 22.63
N ALA G 256 17.54 39.29 21.46
CA ALA G 256 18.57 38.71 20.58
C ALA G 256 19.98 38.78 21.19
N VAL G 257 20.32 39.92 21.76
CA VAL G 257 21.62 40.11 22.43
C VAL G 257 21.81 39.04 23.50
N ILE G 258 20.79 38.86 24.34
CA ILE G 258 20.83 37.86 25.43
C ILE G 258 21.02 36.45 24.87
N THR G 259 20.19 36.10 23.89
CA THR G 259 20.26 34.78 23.24
C THR G 259 21.57 34.54 22.49
N LYS G 260 21.98 35.49 21.65
CA LYS G 260 23.29 35.44 20.98
C LYS G 260 24.40 35.18 21.99
N GLU G 261 24.42 35.94 23.08
CA GLU G 261 25.51 35.87 24.06
C GLU G 261 25.55 34.51 24.72
N LEU G 262 24.37 33.94 24.94
CA LEU G 262 24.25 32.63 25.54
C LEU G 262 24.75 31.54 24.62
N ILE G 263 24.32 31.60 23.36
CA ILE G 263 24.77 30.64 22.35
C ILE G 263 26.31 30.66 22.18
N GLU G 264 26.92 31.85 22.17
CA GLU G 264 28.39 31.92 22.18
C GLU G 264 29.00 31.14 23.35
N ILE G 265 28.43 31.32 24.54
CA ILE G 265 28.89 30.60 25.73
C ILE G 265 28.69 29.08 25.61
N ILE G 266 27.49 28.66 25.20
CA ILE G 266 27.16 27.26 25.03
C ILE G 266 28.08 26.58 24.04
N SER G 267 28.38 27.25 22.94
CA SER G 267 29.21 26.65 21.89
C SER G 267 30.63 26.48 22.34
N GLY G 268 31.11 27.42 23.15
CA GLY G 268 32.48 27.35 23.70
C GLY G 268 32.61 26.20 24.69
N ALA G 269 31.64 26.07 25.58
CA ALA G 269 31.62 25.02 26.59
C ALA G 269 31.51 23.64 25.94
N ALA G 270 30.61 23.52 24.95
CA ALA G 270 30.33 22.24 24.31
C ALA G 270 31.53 21.68 23.53
N ALA G 271 32.35 22.58 23.01
CA ALA G 271 33.51 22.24 22.19
C ALA G 271 34.73 21.79 23.00
N LEU G 272 34.63 21.90 24.33
CA LEU G 272 35.65 21.38 25.24
C LEU G 272 35.56 19.86 25.37
N ASP H 24 -34.77 -3.06 -56.40
CA ASP H 24 -35.86 -4.05 -56.17
C ASP H 24 -35.46 -5.07 -55.10
N LEU H 25 -36.02 -4.92 -53.90
CA LEU H 25 -35.74 -5.81 -52.77
C LEU H 25 -36.73 -6.98 -52.69
N GLU H 26 -37.47 -7.19 -53.76
CA GLU H 26 -38.45 -8.27 -53.79
C GLU H 26 -37.91 -9.47 -54.57
N GLU H 27 -37.27 -9.17 -55.70
CA GLU H 27 -36.73 -10.20 -56.59
C GLU H 27 -35.21 -10.29 -56.48
N THR H 28 -34.60 -9.23 -55.95
CA THR H 28 -33.17 -9.26 -55.64
C THR H 28 -32.93 -8.92 -54.17
N GLY H 29 -31.68 -9.10 -53.75
CA GLY H 29 -31.21 -8.67 -52.44
C GLY H 29 -29.73 -8.38 -52.47
N ARG H 30 -29.17 -7.99 -51.33
CA ARG H 30 -27.72 -7.79 -51.20
C ARG H 30 -27.14 -8.47 -49.96
N VAL H 31 -25.90 -8.91 -50.06
CA VAL H 31 -25.21 -9.61 -48.97
C VAL H 31 -24.92 -8.67 -47.79
N LEU H 32 -25.38 -9.06 -46.61
CA LEU H 32 -25.08 -8.38 -45.35
C LEU H 32 -23.79 -8.92 -44.76
N SER H 33 -23.69 -10.25 -44.70
CA SER H 33 -22.53 -10.94 -44.15
C SER H 33 -22.32 -12.24 -44.88
N ILE H 34 -21.06 -12.62 -45.04
CA ILE H 34 -20.68 -13.87 -45.66
C ILE H 34 -19.55 -14.52 -44.89
N GLY H 35 -19.71 -15.81 -44.59
CA GLY H 35 -18.64 -16.58 -43.97
C GLY H 35 -19.07 -18.02 -43.83
N ASP H 36 -18.10 -18.93 -43.87
CA ASP H 36 -18.33 -20.36 -43.67
C ASP H 36 -19.46 -20.91 -44.56
N GLY H 37 -19.49 -20.47 -45.81
CA GLY H 37 -20.52 -20.93 -46.75
C GLY H 37 -21.94 -20.48 -46.45
N ILE H 38 -22.07 -19.48 -45.58
CA ILE H 38 -23.37 -18.86 -45.30
C ILE H 38 -23.32 -17.39 -45.69
N ALA H 39 -24.20 -17.02 -46.61
CA ALA H 39 -24.42 -15.61 -46.93
C ALA H 39 -25.74 -15.19 -46.28
N ARG H 40 -25.71 -14.07 -45.57
CA ARG H 40 -26.92 -13.49 -45.01
C ARG H 40 -27.34 -12.37 -45.97
N VAL H 41 -28.49 -12.52 -46.61
CA VAL H 41 -28.90 -11.58 -47.65
C VAL H 41 -30.11 -10.76 -47.21
N HIS H 42 -29.99 -9.44 -47.38
CA HIS H 42 -31.07 -8.48 -47.13
C HIS H 42 -31.98 -8.42 -48.34
N GLY H 43 -33.28 -8.26 -48.09
CA GLY H 43 -34.25 -8.20 -49.18
C GLY H 43 -34.59 -9.60 -49.63
N LEU H 44 -34.69 -9.79 -50.94
CA LEU H 44 -35.25 -11.01 -51.52
C LEU H 44 -36.59 -11.37 -50.87
N ARG H 45 -37.49 -10.41 -50.73
CA ARG H 45 -38.75 -10.65 -50.00
C ARG H 45 -39.60 -11.75 -50.63
N ASN H 46 -39.45 -11.98 -51.93
CA ASN H 46 -40.26 -12.97 -52.64
C ASN H 46 -39.64 -14.37 -52.80
N VAL H 47 -38.42 -14.58 -52.29
CA VAL H 47 -37.83 -15.91 -52.32
C VAL H 47 -38.70 -16.95 -51.65
N GLN H 48 -38.70 -18.15 -52.22
CA GLN H 48 -39.35 -19.31 -51.65
C GLN H 48 -38.35 -20.11 -50.80
N ALA H 49 -38.88 -20.82 -49.80
CA ALA H 49 -38.05 -21.67 -48.97
C ALA H 49 -37.39 -22.72 -49.85
N GLU H 50 -36.05 -22.80 -49.77
CA GLU H 50 -35.25 -23.78 -50.50
C GLU H 50 -35.04 -23.43 -52.00
N GLU H 51 -35.28 -22.18 -52.37
CA GLU H 51 -35.10 -21.71 -53.73
C GLU H 51 -33.63 -21.46 -54.04
N MET H 52 -33.23 -21.79 -55.26
CA MET H 52 -31.87 -21.54 -55.71
C MET H 52 -31.70 -20.10 -56.22
N VAL H 53 -30.91 -19.33 -55.49
CA VAL H 53 -30.62 -17.94 -55.87
C VAL H 53 -29.26 -17.86 -56.55
N GLU H 54 -28.91 -16.67 -57.05
CA GLU H 54 -27.63 -16.50 -57.74
C GLU H 54 -26.87 -15.23 -57.34
N PHE H 55 -25.63 -15.43 -56.94
CA PHE H 55 -24.74 -14.35 -56.54
C PHE H 55 -24.16 -13.64 -57.75
N SER H 56 -23.74 -12.39 -57.58
CA SER H 56 -23.27 -11.56 -58.69
C SER H 56 -22.04 -12.14 -59.42
N SER H 57 -21.25 -12.97 -58.73
CA SER H 57 -20.09 -13.60 -59.37
C SER H 57 -20.46 -14.88 -60.12
N GLY H 58 -21.72 -15.31 -60.02
CA GLY H 58 -22.20 -16.49 -60.73
C GLY H 58 -22.34 -17.74 -59.87
N LEU H 59 -21.85 -17.69 -58.63
CA LEU H 59 -22.08 -18.77 -57.68
C LEU H 59 -23.55 -18.92 -57.36
N LYS H 60 -24.00 -20.16 -57.23
CA LYS H 60 -25.38 -20.45 -56.83
C LYS H 60 -25.47 -20.51 -55.30
N GLY H 61 -26.69 -20.40 -54.79
CA GLY H 61 -26.94 -20.53 -53.36
C GLY H 61 -28.31 -21.13 -53.14
N MET H 62 -28.54 -21.68 -51.95
CA MET H 62 -29.87 -22.19 -51.62
C MET H 62 -30.43 -21.49 -50.39
N SER H 63 -31.66 -21.01 -50.51
CA SER H 63 -32.32 -20.24 -49.46
C SER H 63 -32.94 -21.15 -48.41
N LEU H 64 -32.16 -21.50 -47.40
CA LEU H 64 -32.60 -22.46 -46.40
C LEU H 64 -33.25 -21.81 -45.17
N ASN H 65 -32.73 -20.66 -44.75
CA ASN H 65 -33.37 -19.88 -43.68
C ASN H 65 -34.05 -18.63 -44.24
N LEU H 66 -35.37 -18.55 -44.12
CA LEU H 66 -36.05 -17.28 -44.39
C LEU H 66 -36.41 -16.64 -43.05
N GLU H 67 -35.75 -15.55 -42.75
CA GLU H 67 -35.93 -14.88 -41.48
C GLU H 67 -36.54 -13.50 -41.73
N PRO H 68 -37.07 -12.86 -40.67
CA PRO H 68 -37.71 -11.55 -40.86
C PRO H 68 -36.83 -10.53 -41.58
N ASP H 69 -35.58 -10.41 -41.16
CA ASP H 69 -34.70 -9.34 -41.62
C ASP H 69 -33.62 -9.80 -42.60
N ASN H 70 -33.51 -11.11 -42.83
CA ASN H 70 -32.51 -11.65 -43.75
C ASN H 70 -32.90 -13.02 -44.30
N VAL H 71 -32.25 -13.40 -45.40
CA VAL H 71 -32.32 -14.77 -45.90
C VAL H 71 -30.96 -15.43 -45.67
N GLY H 72 -30.98 -16.57 -44.99
CA GLY H 72 -29.78 -17.39 -44.79
C GLY H 72 -29.53 -18.30 -45.98
N VAL H 73 -28.56 -17.92 -46.81
CA VAL H 73 -28.25 -18.61 -48.07
C VAL H 73 -27.01 -19.48 -47.96
N VAL H 74 -27.18 -20.72 -48.37
CA VAL H 74 -26.15 -21.75 -48.34
C VAL H 74 -25.39 -21.81 -49.69
N VAL H 75 -24.08 -21.60 -49.63
CA VAL H 75 -23.24 -21.30 -50.80
C VAL H 75 -22.73 -22.54 -51.53
N PHE H 76 -22.97 -22.62 -52.83
CA PHE H 76 -22.48 -23.72 -53.68
C PHE H 76 -21.16 -23.31 -54.30
N GLY H 77 -20.10 -23.31 -53.52
CA GLY H 77 -18.79 -22.89 -54.01
C GLY H 77 -17.96 -22.18 -52.96
N ASN H 78 -16.81 -21.65 -53.38
CA ASN H 78 -15.88 -20.94 -52.51
C ASN H 78 -16.40 -19.56 -52.10
N ASP H 79 -16.26 -19.23 -50.82
CA ASP H 79 -16.72 -17.94 -50.26
C ASP H 79 -15.98 -16.71 -50.79
N LYS H 80 -14.71 -16.86 -51.17
CA LYS H 80 -13.90 -15.73 -51.65
C LYS H 80 -14.58 -14.91 -52.74
N LEU H 81 -15.50 -15.54 -53.47
CA LEU H 81 -16.21 -14.91 -54.58
C LEU H 81 -17.41 -14.04 -54.17
N ILE H 82 -17.73 -14.06 -52.87
CA ILE H 82 -18.86 -13.29 -52.33
C ILE H 82 -18.41 -12.28 -51.28
N LYS H 83 -18.81 -11.02 -51.48
CA LYS H 83 -18.49 -9.95 -50.53
C LYS H 83 -19.77 -9.30 -50.00
N GLU H 84 -19.62 -8.55 -48.92
CA GLU H 84 -20.71 -7.73 -48.39
C GLU H 84 -21.23 -6.80 -49.46
N GLY H 85 -22.54 -6.67 -49.57
CA GLY H 85 -23.17 -5.76 -50.51
C GLY H 85 -23.26 -6.27 -51.93
N ASP H 86 -22.98 -7.56 -52.11
CA ASP H 86 -23.09 -8.21 -53.41
C ASP H 86 -24.54 -8.50 -53.72
N ILE H 87 -24.89 -8.39 -55.00
CA ILE H 87 -26.24 -8.56 -55.46
C ILE H 87 -26.54 -10.06 -55.58
N VAL H 88 -27.68 -10.45 -55.02
CA VAL H 88 -28.18 -11.82 -55.11
C VAL H 88 -29.54 -11.77 -55.82
N LYS H 89 -29.71 -12.62 -56.85
CA LYS H 89 -30.93 -12.62 -57.66
C LYS H 89 -31.69 -13.93 -57.55
N ARG H 90 -33.02 -13.83 -57.48
CA ARG H 90 -33.89 -14.96 -57.83
C ARG H 90 -33.80 -15.10 -59.35
N THR H 91 -33.67 -16.33 -59.84
CA THR H 91 -33.50 -16.54 -61.28
C THR H 91 -34.68 -17.24 -61.96
N GLY H 92 -35.69 -17.61 -61.18
CA GLY H 92 -36.73 -18.51 -61.65
C GLY H 92 -36.13 -19.90 -61.80
N ALA H 93 -35.08 -20.14 -61.02
CA ALA H 93 -34.36 -21.41 -61.00
C ALA H 93 -35.17 -22.46 -60.26
N ILE H 94 -34.88 -23.72 -60.59
CA ILE H 94 -35.55 -24.87 -59.98
C ILE H 94 -34.56 -26.02 -59.81
N VAL H 95 -34.44 -26.51 -58.57
CA VAL H 95 -33.44 -27.53 -58.22
C VAL H 95 -33.83 -28.88 -58.82
N ASP H 96 -33.44 -29.05 -60.08
CA ASP H 96 -33.70 -30.28 -60.81
C ASP H 96 -32.40 -30.81 -61.40
N VAL H 97 -32.43 -32.03 -61.90
CA VAL H 97 -31.25 -32.61 -62.50
C VAL H 97 -31.55 -33.21 -63.86
N PRO H 98 -30.54 -33.23 -64.76
CA PRO H 98 -30.68 -34.00 -65.99
C PRO H 98 -31.01 -35.44 -65.64
N VAL H 99 -31.88 -36.05 -66.42
CA VAL H 99 -32.40 -37.37 -66.13
C VAL H 99 -32.55 -38.16 -67.44
N GLY H 100 -32.18 -39.44 -67.41
CA GLY H 100 -32.34 -40.30 -68.59
C GLY H 100 -31.20 -41.26 -68.87
N GLU H 101 -31.31 -41.99 -69.99
CA GLU H 101 -30.35 -43.02 -70.36
C GLU H 101 -29.03 -42.45 -70.88
N GLU H 102 -29.05 -41.15 -71.21
CA GLU H 102 -27.87 -40.44 -71.66
C GLU H 102 -26.88 -40.15 -70.52
N LEU H 103 -27.32 -40.38 -69.28
CA LEU H 103 -26.44 -40.35 -68.11
C LEU H 103 -25.64 -41.65 -67.93
N LEU H 104 -26.14 -42.75 -68.49
CA LEU H 104 -25.47 -44.05 -68.37
C LEU H 104 -24.10 -43.97 -69.01
N GLY H 105 -23.11 -44.53 -68.32
CA GLY H 105 -21.71 -44.41 -68.74
C GLY H 105 -21.03 -43.12 -68.28
N ARG H 106 -21.79 -42.22 -67.65
CA ARG H 106 -21.26 -40.90 -67.33
C ARG H 106 -20.93 -40.72 -65.85
N VAL H 107 -19.87 -39.95 -65.59
CA VAL H 107 -19.57 -39.45 -64.25
C VAL H 107 -20.01 -38.00 -64.19
N VAL H 108 -20.87 -37.72 -63.22
CA VAL H 108 -21.44 -36.39 -63.06
C VAL H 108 -21.32 -35.90 -61.62
N ASP H 109 -21.43 -34.58 -61.45
CA ASP H 109 -21.38 -33.93 -60.14
C ASP H 109 -22.76 -33.99 -59.48
N ALA H 110 -22.91 -33.33 -58.34
CA ALA H 110 -24.15 -33.38 -57.58
C ALA H 110 -25.36 -32.90 -58.38
N LEU H 111 -25.10 -32.02 -59.36
CA LEU H 111 -26.18 -31.36 -60.10
C LEU H 111 -26.37 -31.91 -61.51
N GLY H 112 -25.62 -32.97 -61.84
CA GLY H 112 -25.76 -33.65 -63.10
C GLY H 112 -24.85 -33.13 -64.19
N ASN H 113 -23.92 -32.26 -63.80
CA ASN H 113 -22.91 -31.78 -64.73
C ASN H 113 -21.85 -32.85 -64.98
N ALA H 114 -21.47 -33.02 -66.24
CA ALA H 114 -20.41 -33.97 -66.62
C ALA H 114 -19.07 -33.61 -65.99
N ILE H 115 -18.39 -34.60 -65.41
CA ILE H 115 -17.06 -34.37 -64.82
C ILE H 115 -16.03 -35.39 -65.33
N ASP H 116 -16.46 -36.21 -66.27
CA ASP H 116 -15.58 -37.20 -66.91
C ASP H 116 -14.90 -36.61 -68.15
N GLY H 117 -15.31 -35.41 -68.54
CA GLY H 117 -14.71 -34.69 -69.66
C GLY H 117 -15.02 -35.26 -71.02
N LYS H 118 -16.20 -35.87 -71.17
CA LYS H 118 -16.62 -36.46 -72.44
C LYS H 118 -17.71 -35.63 -73.12
N GLY H 119 -17.75 -34.34 -72.80
CA GLY H 119 -18.75 -33.43 -73.38
C GLY H 119 -20.05 -33.42 -72.61
N PRO H 120 -21.04 -32.63 -73.10
CA PRO H 120 -22.31 -32.47 -72.39
C PRO H 120 -23.15 -33.75 -72.40
N ILE H 121 -23.95 -33.91 -71.36
CA ILE H 121 -24.95 -34.97 -71.28
C ILE H 121 -26.00 -34.66 -72.34
N GLY H 122 -26.46 -35.68 -73.05
CA GLY H 122 -27.49 -35.47 -74.08
C GLY H 122 -28.91 -35.42 -73.54
N SER H 123 -29.06 -35.03 -72.28
CA SER H 123 -30.32 -35.14 -71.54
C SER H 123 -31.47 -34.45 -72.25
N LYS H 124 -32.60 -35.15 -72.35
CA LYS H 124 -33.80 -34.62 -72.98
C LYS H 124 -34.93 -34.41 -71.97
N ALA H 125 -34.74 -34.95 -70.77
CA ALA H 125 -35.72 -34.83 -69.69
C ALA H 125 -35.05 -34.44 -68.38
N ARG H 126 -35.78 -33.70 -67.55
CA ARG H 126 -35.29 -33.28 -66.25
C ARG H 126 -36.26 -33.66 -65.13
N ARG H 127 -35.73 -33.74 -63.91
CA ARG H 127 -36.53 -34.10 -62.75
C ARG H 127 -36.03 -33.37 -61.52
N ARG H 128 -36.96 -32.85 -60.73
CA ARG H 128 -36.65 -32.21 -59.45
C ARG H 128 -35.90 -33.16 -58.52
N VAL H 129 -34.97 -32.63 -57.73
CA VAL H 129 -34.21 -33.49 -56.80
C VAL H 129 -35.01 -33.78 -55.53
N GLY H 130 -35.85 -32.81 -55.13
CA GLY H 130 -36.71 -32.96 -53.98
C GLY H 130 -38.14 -33.22 -54.40
N LEU H 131 -38.55 -34.48 -54.28
CA LEU H 131 -39.91 -34.92 -54.60
C LEU H 131 -40.42 -35.92 -53.57
N LYS H 132 -41.72 -35.90 -53.31
CA LYS H 132 -42.36 -36.88 -52.44
C LYS H 132 -42.17 -38.30 -52.98
N ALA H 133 -41.99 -39.24 -52.07
CA ALA H 133 -41.96 -40.67 -52.40
C ALA H 133 -43.36 -41.14 -52.81
N PRO H 134 -43.43 -42.20 -53.63
CA PRO H 134 -44.75 -42.78 -53.88
C PRO H 134 -45.48 -43.09 -52.57
N GLY H 135 -46.78 -42.84 -52.53
CA GLY H 135 -47.58 -43.13 -51.35
C GLY H 135 -47.75 -44.62 -51.11
N ILE H 136 -48.72 -44.96 -50.28
CA ILE H 136 -48.96 -46.34 -49.89
C ILE H 136 -49.66 -47.16 -50.98
N ILE H 137 -50.51 -46.50 -51.77
CA ILE H 137 -51.35 -47.19 -52.75
C ILE H 137 -50.65 -47.62 -54.06
N PRO H 138 -49.75 -46.77 -54.62
CA PRO H 138 -49.03 -47.09 -55.88
C PRO H 138 -48.10 -48.32 -55.84
N ARG H 139 -48.06 -49.04 -54.72
CA ARG H 139 -47.06 -50.08 -54.51
C ARG H 139 -47.64 -51.51 -54.45
N ILE H 140 -46.77 -52.48 -54.71
CA ILE H 140 -47.05 -53.89 -54.49
C ILE H 140 -45.84 -54.46 -53.72
N SER H 141 -46.04 -55.55 -52.97
CA SER H 141 -44.96 -56.23 -52.23
C SER H 141 -43.69 -56.41 -53.05
N VAL H 142 -42.53 -56.38 -52.37
CA VAL H 142 -41.25 -56.70 -53.00
C VAL H 142 -41.20 -58.22 -53.28
N ARG H 143 -41.03 -58.58 -54.56
CA ARG H 143 -41.05 -59.99 -55.01
C ARG H 143 -39.89 -60.35 -55.94
N GLU H 144 -39.50 -59.41 -56.80
CA GLU H 144 -38.44 -59.67 -57.77
C GLU H 144 -37.06 -59.64 -57.11
N PRO H 145 -36.27 -60.73 -57.27
CA PRO H 145 -34.91 -60.72 -56.74
C PRO H 145 -34.09 -59.57 -57.31
N MET H 146 -33.36 -58.89 -56.44
CA MET H 146 -32.24 -58.04 -56.81
C MET H 146 -31.03 -58.87 -56.42
N GLN H 147 -30.32 -59.36 -57.43
CA GLN H 147 -29.24 -60.34 -57.26
C GLN H 147 -27.87 -59.67 -57.09
N THR H 148 -27.24 -59.88 -55.94
CA THR H 148 -25.91 -59.31 -55.67
C THR H 148 -24.78 -60.11 -56.33
N GLY H 149 -24.99 -61.41 -56.51
CA GLY H 149 -23.92 -62.32 -56.94
C GLY H 149 -23.00 -62.74 -55.81
N ILE H 150 -23.25 -62.22 -54.61
CA ILE H 150 -22.50 -62.57 -53.39
C ILE H 150 -23.28 -63.64 -52.62
N LYS H 151 -22.64 -64.80 -52.42
CA LYS H 151 -23.31 -65.97 -51.83
C LYS H 151 -23.95 -65.64 -50.48
N ALA H 152 -23.15 -65.14 -49.54
CA ALA H 152 -23.62 -64.78 -48.20
C ALA H 152 -24.89 -63.94 -48.23
N VAL H 153 -24.95 -62.98 -49.16
CA VAL H 153 -26.09 -62.07 -49.27
C VAL H 153 -27.29 -62.76 -49.93
N ASP H 154 -27.11 -63.23 -51.15
CA ASP H 154 -28.19 -63.83 -51.94
C ASP H 154 -28.84 -65.01 -51.23
N SER H 155 -28.05 -65.73 -50.44
CA SER H 155 -28.55 -66.89 -49.71
C SER H 155 -29.16 -66.54 -48.37
N LEU H 156 -28.44 -65.75 -47.56
CA LEU H 156 -28.86 -65.51 -46.17
C LEU H 156 -29.41 -64.11 -45.86
N VAL H 157 -29.04 -63.13 -46.67
CA VAL H 157 -29.57 -61.76 -46.53
C VAL H 157 -30.14 -61.25 -47.87
N PRO H 158 -31.16 -61.94 -48.43
CA PRO H 158 -31.57 -61.70 -49.82
C PRO H 158 -32.29 -60.37 -50.03
N ILE H 159 -32.03 -59.72 -51.16
CA ILE H 159 -32.55 -58.39 -51.45
C ILE H 159 -33.49 -58.42 -52.64
N GLY H 160 -34.57 -57.64 -52.54
CA GLY H 160 -35.56 -57.55 -53.60
C GLY H 160 -35.67 -56.17 -54.22
N ARG H 161 -36.27 -56.13 -55.41
CA ARG H 161 -36.42 -54.89 -56.14
C ARG H 161 -37.41 -53.96 -55.42
N GLY H 162 -36.92 -52.78 -55.03
CA GLY H 162 -37.73 -51.83 -54.25
C GLY H 162 -37.36 -51.79 -52.77
N GLN H 163 -36.58 -52.77 -52.31
CA GLN H 163 -36.10 -52.82 -50.94
C GLN H 163 -35.04 -51.75 -50.69
N ARG H 164 -34.91 -51.33 -49.42
CA ARG H 164 -33.73 -50.60 -48.97
C ARG H 164 -32.99 -51.47 -47.97
N GLU H 165 -31.80 -51.92 -48.38
CA GLU H 165 -30.96 -52.76 -47.52
C GLU H 165 -29.65 -52.02 -47.18
N LEU H 166 -29.42 -51.85 -45.90
CA LEU H 166 -28.31 -51.07 -45.41
C LEU H 166 -27.03 -51.89 -45.42
N ILE H 167 -25.97 -51.29 -45.97
CA ILE H 167 -24.62 -51.83 -45.85
C ILE H 167 -23.93 -51.03 -44.73
N ILE H 168 -23.52 -51.70 -43.66
CA ILE H 168 -23.02 -51.02 -42.46
C ILE H 168 -21.87 -51.75 -41.76
N GLY H 169 -20.89 -50.98 -41.31
CA GLY H 169 -19.74 -51.49 -40.58
C GLY H 169 -18.72 -50.39 -40.39
N ASP H 170 -17.74 -50.62 -39.52
CA ASP H 170 -16.62 -49.68 -39.36
C ASP H 170 -15.90 -49.40 -40.68
N ARG H 171 -14.90 -48.53 -40.62
CA ARG H 171 -14.08 -48.19 -41.79
C ARG H 171 -13.40 -49.45 -42.30
N GLN H 172 -13.17 -49.50 -43.61
CA GLN H 172 -12.26 -50.49 -44.21
C GLN H 172 -12.69 -51.92 -43.92
N THR H 173 -14.01 -52.15 -43.87
CA THR H 173 -14.53 -53.49 -43.58
C THR H 173 -15.04 -54.20 -44.82
N GLY H 174 -15.14 -53.49 -45.95
CA GLY H 174 -15.63 -54.10 -47.19
C GLY H 174 -16.98 -53.60 -47.70
N LYS H 175 -17.37 -52.40 -47.28
CA LYS H 175 -18.71 -51.87 -47.59
C LYS H 175 -18.90 -51.54 -49.06
N THR H 176 -17.97 -50.78 -49.64
CA THR H 176 -18.08 -50.40 -51.04
C THR H 176 -18.08 -51.62 -51.95
N SER H 177 -17.28 -52.63 -51.58
CA SER H 177 -17.15 -53.85 -52.36
C SER H 177 -18.48 -54.57 -52.55
N ILE H 178 -19.26 -54.71 -51.49
CA ILE H 178 -20.59 -55.33 -51.60
C ILE H 178 -21.35 -54.64 -52.73
N ALA H 179 -21.26 -53.32 -52.74
CA ALA H 179 -21.97 -52.50 -53.70
C ALA H 179 -21.37 -52.63 -55.11
N ILE H 180 -20.04 -52.68 -55.22
CA ILE H 180 -19.37 -52.82 -56.52
C ILE H 180 -19.70 -54.15 -57.18
N ASP H 181 -19.54 -55.24 -56.43
CA ASP H 181 -19.82 -56.57 -56.94
C ASP H 181 -21.27 -56.72 -57.39
N THR H 182 -22.17 -56.06 -56.67
CA THR H 182 -23.58 -55.99 -57.02
C THR H 182 -23.80 -55.28 -58.36
N ILE H 183 -23.08 -54.18 -58.59
CA ILE H 183 -23.21 -53.46 -59.86
C ILE H 183 -22.66 -54.32 -61.01
N ILE H 184 -21.48 -54.90 -60.77
CA ILE H 184 -20.82 -55.79 -61.73
C ILE H 184 -21.70 -57.02 -62.05
N ASN H 185 -22.37 -57.55 -61.03
CA ASN H 185 -23.26 -58.70 -61.23
C ASN H 185 -24.35 -58.53 -62.29
N GLN H 186 -24.85 -57.31 -62.45
CA GLN H 186 -26.01 -57.05 -63.32
C GLN H 186 -25.74 -57.22 -64.82
N LYS H 187 -24.47 -57.21 -65.20
CA LYS H 187 -24.06 -57.43 -66.60
C LYS H 187 -24.67 -58.69 -67.20
N ARG H 188 -24.71 -59.76 -66.41
CA ARG H 188 -25.21 -61.06 -66.87
C ARG H 188 -26.70 -61.00 -67.27
N PHE H 189 -27.42 -60.02 -66.75
CA PHE H 189 -28.84 -59.80 -67.07
C PHE H 189 -29.02 -58.74 -68.16
N ASN H 190 -28.22 -57.67 -68.08
CA ASN H 190 -28.32 -56.55 -69.01
C ASN H 190 -27.82 -56.90 -70.42
N ASP H 191 -26.91 -57.87 -70.50
CA ASP H 191 -26.43 -58.40 -71.77
C ASP H 191 -27.45 -59.38 -72.35
N GLY H 192 -28.31 -59.90 -71.48
CA GLY H 192 -29.37 -60.80 -71.89
C GLY H 192 -30.50 -60.14 -72.65
N THR H 193 -31.61 -60.86 -72.79
CA THR H 193 -32.71 -60.46 -73.65
C THR H 193 -34.04 -60.35 -72.90
N ASP H 194 -34.06 -60.89 -71.68
CA ASP H 194 -35.18 -60.68 -70.75
C ASP H 194 -35.07 -59.27 -70.16
N GLU H 195 -36.06 -58.44 -70.46
CA GLU H 195 -36.08 -57.03 -70.03
C GLU H 195 -36.42 -56.88 -68.55
N LYS H 196 -37.32 -57.74 -68.07
CA LYS H 196 -37.72 -57.79 -66.66
C LYS H 196 -36.52 -57.84 -65.72
N LYS H 197 -35.53 -58.67 -66.03
CA LYS H 197 -34.40 -58.92 -65.16
C LYS H 197 -33.30 -57.85 -65.20
N LYS H 198 -33.43 -56.89 -66.12
CA LYS H 198 -32.41 -55.86 -66.30
C LYS H 198 -32.39 -54.86 -65.16
N LEU H 199 -31.20 -54.35 -64.86
CA LEU H 199 -31.03 -53.42 -63.75
C LEU H 199 -30.03 -52.31 -64.07
N TYR H 200 -30.54 -51.09 -64.08
CA TYR H 200 -29.73 -49.89 -64.24
C TYR H 200 -29.14 -49.54 -62.88
N CYS H 201 -27.91 -49.07 -62.88
CA CYS H 201 -27.22 -48.82 -61.64
C CYS H 201 -26.85 -47.37 -61.50
N ILE H 202 -27.02 -46.84 -60.29
CA ILE H 202 -26.56 -45.51 -59.94
C ILE H 202 -25.66 -45.63 -58.72
N TYR H 203 -24.45 -45.08 -58.81
CA TYR H 203 -23.55 -45.05 -57.68
C TYR H 203 -23.30 -43.61 -57.26
N VAL H 204 -23.64 -43.32 -56.01
CA VAL H 204 -23.50 -41.97 -55.45
C VAL H 204 -22.33 -41.90 -54.47
N ALA H 205 -21.30 -41.17 -54.85
CA ALA H 205 -20.14 -40.99 -54.00
C ALA H 205 -20.28 -39.64 -53.27
N ILE H 206 -20.37 -39.71 -51.94
CA ILE H 206 -20.51 -38.52 -51.12
C ILE H 206 -19.30 -38.41 -50.20
N GLY H 207 -18.51 -37.36 -50.36
CA GLY H 207 -17.46 -37.04 -49.40
C GLY H 207 -16.15 -37.77 -49.60
N GLN H 208 -16.10 -38.61 -50.63
CA GLN H 208 -14.90 -39.41 -50.94
C GLN H 208 -13.85 -38.52 -51.61
N LYS H 209 -12.61 -38.96 -51.64
CA LYS H 209 -11.63 -38.28 -52.49
C LYS H 209 -11.80 -38.67 -53.98
N ARG H 210 -11.49 -37.73 -54.84
CA ARG H 210 -11.63 -37.91 -56.26
C ARG H 210 -10.82 -39.11 -56.80
N SER H 211 -9.66 -39.38 -56.21
CA SER H 211 -8.85 -40.51 -56.71
C SER H 211 -9.48 -41.85 -56.36
N THR H 212 -10.15 -41.91 -55.21
CA THR H 212 -10.91 -43.09 -54.82
C THR H 212 -12.02 -43.37 -55.84
N VAL H 213 -12.72 -42.31 -56.23
CA VAL H 213 -13.81 -42.44 -57.19
C VAL H 213 -13.23 -42.84 -58.56
N ALA H 214 -12.12 -42.21 -58.97
CA ALA H 214 -11.44 -42.56 -60.21
C ALA H 214 -11.20 -44.08 -60.32
N GLN H 215 -10.51 -44.65 -59.31
CA GLN H 215 -10.32 -46.09 -59.16
C GLN H 215 -11.63 -46.86 -59.27
N LEU H 216 -12.65 -46.37 -58.58
CA LEU H 216 -13.98 -46.94 -58.60
C LEU H 216 -14.46 -47.09 -60.05
N VAL H 217 -14.47 -45.98 -60.81
CA VAL H 217 -15.00 -46.03 -62.18
C VAL H 217 -14.11 -46.81 -63.14
N LYS H 218 -12.81 -46.88 -62.85
CA LYS H 218 -11.87 -47.70 -63.60
C LYS H 218 -12.27 -49.17 -63.45
N ARG H 219 -12.51 -49.58 -62.21
CA ARG H 219 -12.91 -50.93 -61.90
C ARG H 219 -14.22 -51.30 -62.59
N LEU H 220 -15.18 -50.37 -62.61
CA LEU H 220 -16.45 -50.60 -63.29
C LEU H 220 -16.30 -50.63 -64.80
N THR H 221 -15.39 -49.82 -65.32
CA THR H 221 -15.09 -49.76 -66.75
C THR H 221 -14.43 -51.06 -67.20
N ASP H 222 -13.41 -51.48 -66.47
CA ASP H 222 -12.73 -52.75 -66.71
C ASP H 222 -13.70 -53.93 -66.69
N ALA H 223 -14.67 -53.88 -65.78
CA ALA H 223 -15.70 -54.92 -65.65
C ALA H 223 -16.80 -54.78 -66.69
N ASP H 224 -16.73 -53.72 -67.50
CA ASP H 224 -17.73 -53.41 -68.53
C ASP H 224 -19.09 -53.03 -67.94
N ALA H 225 -19.08 -52.63 -66.67
CA ALA H 225 -20.31 -52.25 -65.95
C ALA H 225 -20.73 -50.80 -66.14
N MET H 226 -19.84 -49.93 -66.63
CA MET H 226 -20.16 -48.51 -66.75
C MET H 226 -21.30 -48.20 -67.71
N LYS H 227 -21.45 -48.99 -68.78
CA LYS H 227 -22.47 -48.74 -69.79
C LYS H 227 -23.91 -48.72 -69.25
N TYR H 228 -24.13 -49.33 -68.10
CA TYR H 228 -25.43 -49.26 -67.43
C TYR H 228 -25.37 -48.58 -66.05
N THR H 229 -24.28 -47.86 -65.78
CA THR H 229 -24.08 -47.19 -64.50
C THR H 229 -23.96 -45.68 -64.66
N ILE H 230 -24.65 -44.96 -63.79
CA ILE H 230 -24.47 -43.52 -63.63
C ILE H 230 -23.67 -43.32 -62.35
N VAL H 231 -22.56 -42.60 -62.45
CA VAL H 231 -21.78 -42.25 -61.28
C VAL H 231 -21.99 -40.79 -60.91
N VAL H 232 -22.63 -40.56 -59.75
CA VAL H 232 -22.86 -39.23 -59.19
C VAL H 232 -21.82 -38.98 -58.07
N SER H 233 -21.07 -37.90 -58.18
CA SER H 233 -19.93 -37.69 -57.30
C SER H 233 -19.86 -36.28 -56.73
N ALA H 234 -20.13 -36.19 -55.42
CA ALA H 234 -19.88 -34.97 -54.66
C ALA H 234 -18.77 -35.24 -53.63
N THR H 235 -17.54 -34.94 -54.05
CA THR H 235 -16.35 -35.33 -53.31
C THR H 235 -15.97 -34.38 -52.18
N ALA H 236 -14.88 -34.68 -51.48
CA ALA H 236 -14.51 -34.03 -50.22
C ALA H 236 -14.26 -32.53 -50.29
N SER H 237 -13.83 -32.03 -51.46
CA SER H 237 -13.55 -30.60 -51.63
C SER H 237 -14.75 -29.82 -52.14
N ASP H 238 -15.79 -30.53 -52.59
CA ASP H 238 -17.05 -29.89 -52.99
C ASP H 238 -17.81 -29.31 -51.80
N ALA H 239 -18.44 -28.16 -52.00
CA ALA H 239 -19.18 -27.45 -50.97
C ALA H 239 -20.23 -28.33 -50.30
N ALA H 240 -20.47 -28.06 -49.01
CA ALA H 240 -21.36 -28.86 -48.18
C ALA H 240 -22.73 -29.13 -48.81
N PRO H 241 -23.38 -28.08 -49.34
CA PRO H 241 -24.69 -28.22 -50.01
C PRO H 241 -24.73 -29.22 -51.18
N LEU H 242 -23.64 -29.36 -51.91
CA LEU H 242 -23.59 -30.31 -53.03
C LEU H 242 -23.56 -31.75 -52.53
N GLN H 243 -22.82 -32.00 -51.46
CA GLN H 243 -22.75 -33.34 -50.86
C GLN H 243 -24.07 -33.74 -50.23
N TYR H 244 -24.79 -32.74 -49.71
CA TYR H 244 -26.14 -32.88 -49.22
C TYR H 244 -27.14 -33.24 -50.32
N LEU H 245 -27.02 -32.59 -51.47
CA LEU H 245 -27.94 -32.80 -52.57
C LEU H 245 -27.69 -34.09 -53.32
N ALA H 246 -26.44 -34.53 -53.34
CA ALA H 246 -26.02 -35.61 -54.23
C ALA H 246 -26.93 -36.85 -54.15
N PRO H 247 -27.18 -37.40 -52.94
CA PRO H 247 -28.08 -38.56 -52.87
C PRO H 247 -29.45 -38.34 -53.51
N TYR H 248 -30.04 -37.15 -53.34
CA TYR H 248 -31.34 -36.84 -53.94
C TYR H 248 -31.28 -36.75 -55.45
N SER H 249 -30.19 -36.17 -55.97
CA SER H 249 -29.98 -36.03 -57.41
C SER H 249 -29.88 -37.39 -58.08
N GLY H 250 -28.99 -38.24 -57.56
CA GLY H 250 -28.88 -39.63 -58.01
C GLY H 250 -30.23 -40.34 -57.91
N CYS H 251 -30.93 -40.10 -56.80
CA CYS H 251 -32.26 -40.67 -56.55
C CYS H 251 -33.25 -40.35 -57.67
N SER H 252 -33.29 -39.09 -58.08
CA SER H 252 -34.20 -38.64 -59.12
C SER H 252 -33.89 -39.32 -60.46
N MET H 253 -32.61 -39.55 -60.70
CA MET H 253 -32.16 -40.24 -61.91
C MET H 253 -32.61 -41.70 -61.91
N GLY H 254 -32.71 -42.30 -60.72
CA GLY H 254 -33.22 -43.65 -60.57
C GLY H 254 -34.73 -43.73 -60.64
N GLU H 255 -35.40 -42.65 -60.21
CA GLU H 255 -36.85 -42.61 -60.24
C GLU H 255 -37.38 -42.54 -61.68
N TYR H 256 -36.59 -41.94 -62.57
CA TYR H 256 -36.93 -41.92 -63.99
C TYR H 256 -37.09 -43.34 -64.51
N PHE H 257 -36.20 -44.23 -64.07
CA PHE H 257 -36.29 -45.63 -64.42
C PHE H 257 -37.47 -46.30 -63.74
N ARG H 258 -37.56 -46.15 -62.42
CA ARG H 258 -38.65 -46.69 -61.61
C ARG H 258 -40.02 -46.34 -62.19
N ASP H 259 -40.19 -45.10 -62.63
CA ASP H 259 -41.47 -44.59 -63.09
C ASP H 259 -41.85 -45.02 -64.52
N ASN H 260 -40.89 -45.55 -65.26
CA ASN H 260 -41.10 -45.89 -66.67
C ASN H 260 -40.97 -47.40 -66.94
N GLY H 261 -41.49 -48.20 -66.01
CA GLY H 261 -41.50 -49.65 -66.15
C GLY H 261 -40.16 -50.35 -66.00
N LYS H 262 -39.14 -49.62 -65.54
CA LYS H 262 -37.78 -50.16 -65.44
C LYS H 262 -37.27 -50.25 -63.98
N HIS H 263 -36.22 -51.03 -63.78
CA HIS H 263 -35.67 -51.23 -62.45
C HIS H 263 -34.32 -50.55 -62.36
N ALA H 264 -34.06 -49.95 -61.20
CA ALA H 264 -32.81 -49.24 -60.92
C ALA H 264 -32.28 -49.55 -59.52
N LEU H 265 -30.96 -49.54 -59.41
CA LEU H 265 -30.26 -49.73 -58.15
C LEU H 265 -29.48 -48.47 -57.85
N ILE H 266 -29.61 -48.01 -56.61
CA ILE H 266 -28.88 -46.83 -56.18
C ILE H 266 -28.07 -47.13 -54.93
N ILE H 267 -26.79 -46.75 -54.96
CA ILE H 267 -25.90 -46.91 -53.83
C ILE H 267 -25.58 -45.52 -53.30
N TYR H 268 -25.77 -45.33 -52.01
CA TYR H 268 -25.44 -44.07 -51.37
C TYR H 268 -24.20 -44.28 -50.54
N ASP H 269 -23.06 -43.82 -51.06
CA ASP H 269 -21.76 -44.11 -50.45
C ASP H 269 -21.00 -42.81 -50.08
N ASP H 270 -21.20 -42.28 -48.87
CA ASP H 270 -22.08 -42.85 -47.85
C ASP H 270 -22.98 -41.80 -47.18
N LEU H 271 -23.95 -42.27 -46.40
CA LEU H 271 -24.91 -41.39 -45.76
C LEU H 271 -24.34 -40.79 -44.47
N SER H 272 -23.36 -41.47 -43.89
CA SER H 272 -22.59 -40.89 -42.78
C SER H 272 -21.98 -39.53 -43.15
N LYS H 273 -21.40 -39.44 -44.34
CA LYS H 273 -20.73 -38.22 -44.81
C LYS H 273 -21.72 -37.13 -45.24
N GLN H 274 -22.82 -37.53 -45.90
CA GLN H 274 -23.93 -36.63 -46.21
C GLN H 274 -24.46 -35.96 -44.94
N ALA H 275 -24.72 -36.73 -43.90
CA ALA H 275 -25.26 -36.18 -42.64
C ALA H 275 -24.29 -35.18 -42.04
N VAL H 276 -23.00 -35.48 -42.10
CA VAL H 276 -21.96 -34.54 -41.68
C VAL H 276 -22.04 -33.21 -42.44
N ALA H 277 -22.25 -33.29 -43.77
CA ALA H 277 -22.43 -32.10 -44.61
C ALA H 277 -23.64 -31.27 -44.19
N TYR H 278 -24.77 -31.93 -43.93
CA TYR H 278 -25.97 -31.23 -43.50
C TYR H 278 -25.76 -30.63 -42.12
N ARG H 279 -25.22 -31.41 -41.18
CA ARG H 279 -24.84 -30.87 -39.87
C ARG H 279 -24.05 -29.56 -40.02
N GLN H 280 -23.12 -29.50 -40.96
CA GLN H 280 -22.29 -28.31 -41.13
C GLN H 280 -23.20 -27.12 -41.37
N MET H 281 -24.06 -27.27 -42.37
CA MET H 281 -25.02 -26.26 -42.75
C MET H 281 -25.93 -25.82 -41.60
N SER H 282 -26.57 -26.76 -40.90
CA SER H 282 -27.55 -26.41 -39.86
C SER H 282 -26.90 -25.66 -38.71
N LEU H 283 -25.73 -26.12 -38.30
CA LEU H 283 -24.97 -25.48 -37.23
C LEU H 283 -24.57 -24.06 -37.59
N LEU H 284 -24.14 -23.85 -38.82
CA LEU H 284 -23.67 -22.54 -39.26
C LEU H 284 -24.82 -21.58 -39.53
N LEU H 285 -25.97 -22.13 -39.91
CA LEU H 285 -27.20 -21.35 -39.98
C LEU H 285 -27.79 -21.12 -38.59
N ARG H 286 -27.10 -21.66 -37.59
CA ARG H 286 -27.46 -21.49 -36.18
C ARG H 286 -28.76 -22.17 -35.77
N ARG H 287 -29.12 -23.23 -36.47
CA ARG H 287 -30.21 -24.09 -36.03
C ARG H 287 -29.76 -24.83 -34.78
N PRO H 288 -30.71 -25.20 -33.89
CA PRO H 288 -30.31 -25.83 -32.64
C PRO H 288 -29.59 -27.19 -32.82
N PRO H 289 -28.47 -27.39 -32.11
CA PRO H 289 -27.83 -28.68 -32.10
C PRO H 289 -28.49 -29.65 -31.11
N GLY H 290 -28.57 -30.92 -31.49
CA GLY H 290 -29.04 -31.97 -30.60
C GLY H 290 -27.92 -32.97 -30.41
N ARG H 291 -28.28 -34.24 -30.31
CA ARG H 291 -27.34 -35.33 -30.06
C ARG H 291 -26.25 -35.34 -31.12
N GLU H 292 -24.98 -35.44 -30.67
CA GLU H 292 -23.84 -35.42 -31.61
C GLU H 292 -23.83 -34.17 -32.50
N ALA H 293 -24.44 -33.09 -32.00
CA ALA H 293 -24.55 -31.79 -32.69
C ALA H 293 -25.36 -31.83 -33.96
N TYR H 294 -26.12 -32.91 -34.17
CA TYR H 294 -27.02 -33.05 -35.32
C TYR H 294 -28.37 -32.32 -35.10
N PRO H 295 -29.00 -31.85 -36.20
CA PRO H 295 -30.29 -31.17 -36.01
C PRO H 295 -31.48 -32.13 -35.92
N GLY H 296 -32.62 -31.60 -35.51
CA GLY H 296 -33.85 -32.38 -35.31
C GLY H 296 -34.46 -32.93 -36.58
N ASP H 297 -34.08 -32.40 -37.73
CA ASP H 297 -34.60 -32.90 -39.00
C ASP H 297 -33.69 -33.90 -39.72
N VAL H 298 -32.68 -34.42 -39.06
CA VAL H 298 -31.70 -35.25 -39.77
C VAL H 298 -32.23 -36.65 -40.04
N PHE H 299 -33.13 -37.13 -39.20
CA PHE H 299 -33.84 -38.36 -39.47
C PHE H 299 -34.73 -38.17 -40.71
N TYR H 300 -35.55 -37.13 -40.68
CA TYR H 300 -36.41 -36.68 -41.79
C TYR H 300 -35.64 -36.63 -43.10
N LEU H 301 -34.47 -35.97 -43.07
CA LEU H 301 -33.52 -35.94 -44.18
C LEU H 301 -33.30 -37.31 -44.84
N HIS H 302 -32.95 -38.30 -44.02
CA HIS H 302 -32.69 -39.64 -44.54
C HIS H 302 -33.94 -40.45 -44.85
N SER H 303 -34.96 -40.26 -44.04
CA SER H 303 -36.19 -41.01 -44.19
C SER H 303 -36.88 -40.66 -45.50
N ARG H 304 -36.87 -39.38 -45.86
CA ARG H 304 -37.48 -38.97 -47.10
C ARG H 304 -36.66 -39.32 -48.35
N LEU H 305 -35.37 -39.62 -48.17
CA LEU H 305 -34.52 -40.13 -49.24
C LEU H 305 -34.80 -41.62 -49.48
N LEU H 306 -34.76 -42.39 -48.39
CA LEU H 306 -34.92 -43.84 -48.50
C LEU H 306 -36.34 -44.33 -48.81
N GLU H 307 -37.34 -43.50 -48.54
CA GLU H 307 -38.71 -43.86 -48.86
C GLU H 307 -38.97 -43.78 -50.34
N ARG H 308 -38.08 -43.10 -51.06
CA ARG H 308 -38.21 -42.93 -52.51
C ARG H 308 -37.84 -44.18 -53.30
N ALA H 309 -37.13 -45.11 -52.67
CA ALA H 309 -37.02 -46.45 -53.20
C ALA H 309 -38.38 -47.16 -53.05
N ALA H 310 -38.81 -47.84 -54.10
CA ALA H 310 -40.15 -48.42 -54.13
C ALA H 310 -40.32 -49.49 -55.21
N LYS H 311 -41.26 -50.38 -54.94
CA LYS H 311 -41.75 -51.33 -55.91
C LYS H 311 -43.14 -50.84 -56.34
N MET H 312 -43.22 -50.34 -57.56
CA MET H 312 -44.48 -49.84 -58.11
C MET H 312 -45.39 -51.00 -58.50
N ASN H 313 -46.71 -50.78 -58.44
CA ASN H 313 -47.65 -51.78 -58.96
C ASN H 313 -47.78 -51.68 -60.48
N ASP H 314 -48.49 -52.63 -61.07
CA ASP H 314 -48.60 -52.74 -62.54
C ASP H 314 -49.25 -51.53 -63.19
N ALA H 315 -50.26 -50.97 -62.52
CA ALA H 315 -50.92 -49.73 -62.96
C ALA H 315 -49.91 -48.59 -63.15
N PHE H 316 -48.81 -48.62 -62.37
CA PHE H 316 -47.78 -47.59 -62.39
C PHE H 316 -46.51 -48.00 -63.15
N GLY H 317 -46.60 -49.04 -63.98
CA GLY H 317 -45.48 -49.46 -64.82
C GLY H 317 -44.78 -50.71 -64.32
N GLY H 318 -44.91 -50.98 -63.02
CA GLY H 318 -44.27 -52.13 -62.39
C GLY H 318 -42.78 -51.95 -62.14
N GLY H 319 -42.30 -50.72 -62.34
CA GLY H 319 -40.87 -50.40 -62.16
C GLY H 319 -40.44 -50.41 -60.71
N SER H 320 -39.15 -50.22 -60.48
CA SER H 320 -38.64 -50.21 -59.11
C SER H 320 -37.38 -49.37 -58.91
N LEU H 321 -37.15 -48.99 -57.66
CA LEU H 321 -35.89 -48.40 -57.24
C LEU H 321 -35.44 -49.08 -55.95
N THR H 322 -34.30 -49.74 -56.01
CA THR H 322 -33.71 -50.40 -54.85
C THR H 322 -32.54 -49.55 -54.34
N ALA H 323 -32.53 -49.29 -53.03
CA ALA H 323 -31.45 -48.51 -52.44
C ALA H 323 -30.54 -49.35 -51.56
N LEU H 324 -29.24 -49.17 -51.75
CA LEU H 324 -28.24 -49.71 -50.83
C LEU H 324 -27.49 -48.56 -50.14
N PRO H 325 -28.10 -47.99 -49.07
CA PRO H 325 -27.36 -46.99 -48.30
C PRO H 325 -26.14 -47.58 -47.58
N VAL H 326 -25.07 -46.79 -47.49
CA VAL H 326 -23.89 -47.20 -46.78
C VAL H 326 -23.78 -46.33 -45.53
N ILE H 327 -23.51 -46.94 -44.39
CA ILE H 327 -23.25 -46.20 -43.15
C ILE H 327 -21.95 -46.68 -42.54
N GLU H 328 -21.10 -45.75 -42.16
CA GLU H 328 -19.88 -46.06 -41.46
C GLU H 328 -20.13 -45.91 -39.97
N THR H 329 -19.93 -46.99 -39.23
CA THR H 329 -20.02 -46.92 -37.78
C THR H 329 -18.65 -46.60 -37.20
N GLN H 330 -18.60 -46.33 -35.90
CA GLN H 330 -17.37 -46.01 -35.23
C GLN H 330 -17.16 -46.98 -34.08
N ALA H 331 -16.12 -47.83 -34.18
CA ALA H 331 -15.85 -48.87 -33.18
C ALA H 331 -17.09 -49.70 -32.91
N GLY H 332 -17.80 -50.06 -33.98
CA GLY H 332 -18.90 -51.00 -33.92
C GLY H 332 -20.18 -50.47 -33.31
N ASP H 333 -20.26 -49.15 -33.10
CA ASP H 333 -21.40 -48.54 -32.42
C ASP H 333 -22.62 -48.30 -33.34
N VAL H 334 -23.45 -49.33 -33.45
CA VAL H 334 -24.67 -49.24 -34.24
C VAL H 334 -25.77 -48.46 -33.52
N SER H 335 -25.49 -48.02 -32.29
CA SER H 335 -26.47 -47.25 -31.52
C SER H 335 -26.18 -45.77 -31.53
N ALA H 336 -25.12 -45.37 -32.23
CA ALA H 336 -24.82 -43.97 -32.44
C ALA H 336 -25.94 -43.35 -33.28
N TYR H 337 -25.96 -42.03 -33.35
CA TYR H 337 -27.11 -41.34 -33.86
C TYR H 337 -27.49 -41.63 -35.33
N ILE H 338 -26.62 -41.34 -36.29
CA ILE H 338 -26.97 -41.60 -37.68
C ILE H 338 -27.21 -43.09 -38.00
N PRO H 339 -26.30 -43.99 -37.53
CA PRO H 339 -26.62 -45.42 -37.68
C PRO H 339 -28.01 -45.77 -37.16
N THR H 340 -28.34 -45.40 -35.92
CA THR H 340 -29.66 -45.67 -35.34
C THR H 340 -30.78 -45.25 -36.30
N ASN H 341 -30.65 -44.05 -36.85
CA ASN H 341 -31.62 -43.50 -37.79
C ASN H 341 -31.76 -44.40 -39.01
N VAL H 342 -30.64 -44.66 -39.68
CA VAL H 342 -30.67 -45.38 -40.97
C VAL H 342 -30.99 -46.87 -40.81
N ILE H 343 -30.50 -47.49 -39.74
CA ILE H 343 -30.89 -48.84 -39.40
C ILE H 343 -32.41 -48.92 -39.26
N SER H 344 -32.99 -47.99 -38.53
CA SER H 344 -34.43 -47.96 -38.27
C SER H 344 -35.29 -47.72 -39.54
N ILE H 345 -34.78 -46.87 -40.44
CA ILE H 345 -35.48 -46.52 -41.69
C ILE H 345 -35.56 -47.68 -42.70
N THR H 346 -34.44 -48.40 -42.86
CA THR H 346 -34.30 -49.47 -43.88
C THR H 346 -35.05 -50.76 -43.56
N ASP H 347 -35.01 -51.69 -44.51
CA ASP H 347 -35.74 -52.97 -44.48
C ASP H 347 -34.85 -54.10 -43.97
N GLY H 348 -33.60 -53.75 -43.67
CA GLY H 348 -32.60 -54.71 -43.25
C GLY H 348 -31.19 -54.17 -43.35
N GLN H 349 -30.25 -54.91 -42.79
CA GLN H 349 -28.87 -54.48 -42.71
C GLN H 349 -27.90 -55.61 -43.02
N ILE H 350 -26.81 -55.24 -43.69
CA ILE H 350 -25.67 -56.13 -43.86
C ILE H 350 -24.54 -55.62 -42.94
N PHE H 351 -24.30 -56.33 -41.84
CA PHE H 351 -23.25 -55.94 -40.89
C PHE H 351 -21.92 -56.56 -41.26
N LEU H 352 -20.91 -55.72 -41.45
CA LEU H 352 -19.57 -56.18 -41.69
C LEU H 352 -18.74 -55.91 -40.45
N GLU H 353 -17.81 -56.83 -40.15
CA GLU H 353 -16.97 -56.69 -38.96
C GLU H 353 -15.49 -56.89 -39.28
N THR H 354 -14.66 -56.06 -38.67
CA THR H 354 -13.22 -56.15 -38.82
C THR H 354 -12.65 -57.50 -38.39
N GLU H 355 -13.17 -58.04 -37.29
CA GLU H 355 -12.66 -59.29 -36.71
C GLU H 355 -12.88 -60.46 -37.67
N LEU H 356 -14.06 -60.54 -38.25
CA LEU H 356 -14.35 -61.56 -39.27
C LEU H 356 -13.44 -61.37 -40.48
N PHE H 357 -13.28 -60.12 -40.90
CA PHE H 357 -12.40 -59.80 -42.00
C PHE H 357 -11.02 -60.45 -41.85
N TYR H 358 -10.33 -60.16 -40.74
CA TYR H 358 -8.99 -60.69 -40.52
C TYR H 358 -8.93 -62.17 -40.12
N LYS H 359 -10.06 -62.73 -39.69
CA LYS H 359 -10.18 -64.18 -39.49
C LYS H 359 -10.23 -64.95 -40.81
N GLY H 360 -10.31 -64.23 -41.92
CA GLY H 360 -10.40 -64.83 -43.25
C GLY H 360 -11.80 -64.87 -43.81
N ILE H 361 -12.78 -64.50 -42.99
CA ILE H 361 -14.17 -64.47 -43.40
C ILE H 361 -14.35 -63.25 -44.29
N ARG H 362 -14.21 -63.43 -45.60
CA ARG H 362 -14.43 -62.35 -46.54
C ARG H 362 -15.30 -62.84 -47.70
N PRO H 363 -16.41 -62.13 -47.99
CA PRO H 363 -16.86 -60.87 -47.39
C PRO H 363 -17.10 -60.98 -45.89
N ALA H 364 -16.74 -59.92 -45.15
CA ALA H 364 -16.78 -59.93 -43.68
C ALA H 364 -18.19 -59.81 -43.09
N ILE H 365 -19.17 -60.45 -43.72
CA ILE H 365 -20.57 -60.33 -43.32
C ILE H 365 -20.86 -61.11 -42.03
N ASN H 366 -21.44 -60.45 -41.04
CA ASN H 366 -21.92 -61.14 -39.84
C ASN H 366 -23.28 -61.75 -40.13
N VAL H 367 -23.28 -63.06 -40.34
CA VAL H 367 -24.47 -63.76 -40.83
C VAL H 367 -25.53 -63.89 -39.74
N GLY H 368 -25.09 -63.84 -38.48
CA GLY H 368 -25.99 -63.92 -37.33
C GLY H 368 -26.77 -62.64 -37.12
N LEU H 369 -26.15 -61.50 -37.42
CA LEU H 369 -26.73 -60.18 -37.19
C LEU H 369 -27.44 -59.62 -38.43
N SER H 370 -26.89 -59.87 -39.60
CA SER H 370 -27.45 -59.35 -40.85
C SER H 370 -28.85 -59.85 -41.07
N VAL H 371 -29.70 -59.02 -41.66
CA VAL H 371 -31.10 -59.38 -41.84
C VAL H 371 -31.71 -58.68 -43.05
N SER H 372 -32.55 -59.41 -43.76
CA SER H 372 -33.44 -58.81 -44.73
C SER H 372 -34.84 -59.13 -44.26
N ARG H 373 -35.65 -58.11 -44.02
CA ARG H 373 -37.02 -58.35 -43.60
C ARG H 373 -37.95 -58.70 -44.78
N VAL H 374 -37.48 -58.46 -46.00
CA VAL H 374 -38.16 -58.97 -47.18
C VAL H 374 -37.99 -60.50 -47.24
N GLY H 375 -36.73 -60.98 -47.17
CA GLY H 375 -36.40 -62.40 -47.00
C GLY H 375 -36.73 -63.31 -48.18
N SER H 376 -37.34 -64.45 -47.87
CA SER H 376 -37.80 -65.45 -48.87
C SER H 376 -38.45 -64.80 -50.08
N ALA H 377 -39.30 -63.81 -49.83
CA ALA H 377 -40.05 -63.10 -50.86
C ALA H 377 -39.20 -62.63 -52.04
N ALA H 378 -37.90 -62.44 -51.82
CA ALA H 378 -37.00 -61.98 -52.85
C ALA H 378 -35.99 -63.03 -53.34
N GLN H 379 -36.22 -64.29 -52.98
CA GLN H 379 -35.37 -65.38 -53.43
C GLN H 379 -36.04 -66.23 -54.50
N THR H 380 -35.25 -66.79 -55.42
CA THR H 380 -35.74 -67.76 -56.39
C THR H 380 -35.81 -69.13 -55.72
N ARG H 381 -36.68 -70.00 -56.23
CA ARG H 381 -36.97 -71.31 -55.62
C ARG H 381 -35.74 -72.18 -55.39
N ALA H 382 -34.79 -72.14 -56.32
CA ALA H 382 -33.55 -72.91 -56.23
C ALA H 382 -32.76 -72.52 -55.00
N MET H 383 -32.51 -71.21 -54.87
CA MET H 383 -31.78 -70.67 -53.74
C MET H 383 -32.58 -70.89 -52.47
N LYS H 384 -33.88 -70.61 -52.54
CA LYS H 384 -34.81 -70.81 -51.42
C LYS H 384 -34.60 -72.17 -50.75
N GLN H 385 -34.52 -73.20 -51.58
CA GLN H 385 -34.29 -74.58 -51.17
C GLN H 385 -33.07 -74.71 -50.25
N VAL H 386 -31.87 -74.57 -50.83
CA VAL H 386 -30.60 -74.76 -50.13
C VAL H 386 -30.27 -73.71 -49.07
N ALA H 387 -30.85 -72.52 -49.17
CA ALA H 387 -30.59 -71.43 -48.24
C ALA H 387 -31.15 -71.70 -46.84
N GLY H 388 -32.38 -72.20 -46.80
CA GLY H 388 -33.05 -72.51 -45.54
C GLY H 388 -32.25 -73.47 -44.70
N THR H 389 -31.67 -74.48 -45.34
CA THR H 389 -30.90 -75.50 -44.67
C THR H 389 -29.56 -74.97 -44.18
N MET H 390 -28.94 -74.13 -45.00
CA MET H 390 -27.71 -73.46 -44.63
C MET H 390 -27.95 -72.53 -43.42
N LYS H 391 -29.02 -71.75 -43.47
CA LYS H 391 -29.42 -70.85 -42.38
C LYS H 391 -29.56 -71.59 -41.05
N LEU H 392 -30.28 -72.71 -41.09
CA LEU H 392 -30.49 -73.55 -39.91
C LEU H 392 -29.18 -74.14 -39.39
N GLU H 393 -28.40 -74.73 -40.29
CA GLU H 393 -27.16 -75.41 -39.91
C GLU H 393 -26.09 -74.44 -39.40
N LEU H 394 -26.08 -73.22 -39.93
CA LEU H 394 -25.20 -72.17 -39.42
C LEU H 394 -25.66 -71.64 -38.05
N ALA H 395 -26.97 -71.57 -37.83
CA ALA H 395 -27.50 -71.17 -36.53
C ALA H 395 -27.20 -72.22 -35.46
N GLN H 396 -27.39 -73.49 -35.81
CA GLN H 396 -27.04 -74.61 -34.96
C GLN H 396 -25.54 -74.64 -34.71
N TYR H 397 -24.77 -74.23 -35.71
CA TYR H 397 -23.32 -74.10 -35.57
C TYR H 397 -22.96 -73.01 -34.54
N ARG H 398 -23.54 -71.82 -34.70
CA ARG H 398 -23.24 -70.67 -33.84
C ARG H 398 -23.43 -70.95 -32.34
N GLU H 399 -24.37 -71.83 -32.02
CA GLU H 399 -24.66 -72.18 -30.63
C GLU H 399 -23.53 -72.99 -29.99
N VAL H 400 -22.92 -73.86 -30.78
CA VAL H 400 -21.89 -74.76 -30.29
C VAL H 400 -20.48 -74.26 -30.66
N ALA H 401 -20.42 -73.16 -31.40
CA ALA H 401 -19.18 -72.65 -32.00
C ALA H 401 -18.03 -72.42 -31.01
N ALA H 402 -18.35 -72.28 -29.73
CA ALA H 402 -17.36 -72.04 -28.69
C ALA H 402 -16.80 -73.34 -28.09
N PHE H 403 -17.43 -74.46 -28.42
CA PHE H 403 -16.99 -75.78 -27.94
C PHE H 403 -15.92 -76.36 -28.88
N ALA H 404 -15.49 -75.55 -29.86
CA ALA H 404 -14.59 -76.00 -30.91
C ALA H 404 -13.14 -76.11 -30.45
N GLN H 405 -12.49 -74.96 -30.29
CA GLN H 405 -11.08 -74.89 -29.90
C GLN H 405 -10.83 -75.43 -28.49
N PHE H 406 -11.90 -75.53 -27.71
CA PHE H 406 -11.84 -76.04 -26.35
C PHE H 406 -12.66 -77.32 -26.22
N GLY H 407 -12.55 -78.18 -27.23
CA GLY H 407 -13.29 -79.42 -27.28
C GLY H 407 -12.51 -80.54 -27.94
N SER H 408 -12.20 -81.55 -27.14
CA SER H 408 -11.54 -82.76 -27.63
C SER H 408 -12.47 -83.95 -27.39
N ASP H 409 -13.18 -83.89 -26.26
CA ASP H 409 -14.08 -84.96 -25.82
C ASP H 409 -15.54 -84.55 -26.02
N LEU H 410 -15.91 -84.28 -27.27
CA LEU H 410 -17.29 -83.95 -27.60
C LEU H 410 -18.02 -85.18 -28.11
N ASP H 411 -19.34 -85.16 -28.00
CA ASP H 411 -20.19 -86.19 -28.62
C ASP H 411 -20.23 -85.95 -30.12
N ALA H 412 -20.43 -87.02 -30.88
CA ALA H 412 -20.43 -86.97 -32.34
C ALA H 412 -21.54 -86.08 -32.92
N ALA H 413 -22.62 -85.91 -32.17
CA ALA H 413 -23.71 -85.02 -32.57
C ALA H 413 -23.25 -83.56 -32.66
N THR H 414 -22.51 -83.11 -31.65
CA THR H 414 -21.97 -81.74 -31.63
C THR H 414 -20.67 -81.61 -32.43
N GLN H 415 -19.97 -82.72 -32.64
CA GLN H 415 -18.78 -82.74 -33.51
C GLN H 415 -19.19 -82.55 -34.96
N GLN H 416 -20.37 -83.06 -35.32
CA GLN H 416 -20.91 -82.94 -36.67
C GLN H 416 -21.39 -81.51 -36.96
N LEU H 417 -22.07 -80.91 -35.98
CA LEU H 417 -22.60 -79.56 -36.12
C LEU H 417 -21.47 -78.56 -36.35
N LEU H 418 -20.36 -78.75 -35.63
CA LEU H 418 -19.16 -77.93 -35.80
C LEU H 418 -18.54 -78.17 -37.18
N SER H 419 -18.40 -79.45 -37.55
CA SER H 419 -17.87 -79.84 -38.85
C SER H 419 -18.66 -79.20 -39.97
N ARG H 420 -19.97 -79.46 -40.01
CA ARG H 420 -20.84 -78.92 -41.04
C ARG H 420 -20.78 -77.39 -41.08
N GLY H 421 -20.72 -76.78 -39.89
CA GLY H 421 -20.67 -75.34 -39.73
C GLY H 421 -19.44 -74.69 -40.35
N VAL H 422 -18.24 -75.12 -39.94
CA VAL H 422 -17.01 -74.52 -40.45
C VAL H 422 -16.90 -74.68 -41.96
N ARG H 423 -17.53 -75.73 -42.50
CA ARG H 423 -17.55 -75.96 -43.93
C ARG H 423 -18.47 -75.02 -44.72
N LEU H 424 -19.67 -74.75 -44.19
CA LEU H 424 -20.57 -73.80 -44.83
C LEU H 424 -19.98 -72.40 -44.74
N THR H 425 -19.34 -72.13 -43.61
CA THR H 425 -18.65 -70.87 -43.36
C THR H 425 -17.61 -70.60 -44.44
N GLU H 426 -16.86 -71.64 -44.82
CA GLU H 426 -15.88 -71.56 -45.90
C GLU H 426 -16.51 -71.40 -47.28
N LEU H 427 -17.70 -71.95 -47.45
CA LEU H 427 -18.45 -71.82 -48.70
C LEU H 427 -18.99 -70.40 -48.91
N LEU H 428 -19.09 -69.65 -47.81
CA LEU H 428 -19.61 -68.30 -47.87
C LEU H 428 -18.51 -67.27 -48.15
N LYS H 429 -17.26 -67.71 -48.04
CA LYS H 429 -16.12 -66.91 -48.49
C LYS H 429 -16.21 -66.72 -50.00
N GLN H 430 -15.82 -65.54 -50.46
CA GLN H 430 -15.92 -65.21 -51.87
C GLN H 430 -14.86 -64.17 -52.19
N GLY H 431 -14.22 -64.35 -53.33
CA GLY H 431 -13.28 -63.37 -53.85
C GLY H 431 -14.02 -62.13 -54.26
N GLN H 432 -13.28 -61.04 -54.41
CA GLN H 432 -13.85 -59.78 -54.87
C GLN H 432 -13.91 -59.75 -56.41
N TYR H 433 -14.82 -58.93 -56.92
CA TYR H 433 -14.97 -58.65 -58.36
C TYR H 433 -15.40 -59.84 -59.22
N SER H 434 -15.87 -60.90 -58.56
CA SER H 434 -16.39 -62.08 -59.24
C SER H 434 -17.71 -62.55 -58.61
N PRO H 435 -18.80 -61.77 -58.85
CA PRO H 435 -20.13 -62.18 -58.45
C PRO H 435 -20.60 -63.39 -59.25
N MET H 436 -21.37 -64.27 -58.62
CA MET H 436 -21.81 -65.51 -59.24
C MET H 436 -23.28 -65.47 -59.64
N ALA H 437 -23.63 -66.26 -60.64
CA ALA H 437 -25.03 -66.47 -61.01
C ALA H 437 -25.71 -67.33 -59.95
N ILE H 438 -27.03 -67.23 -59.86
CA ILE H 438 -27.77 -67.95 -58.83
C ILE H 438 -27.58 -69.47 -58.89
N GLU H 439 -27.58 -70.02 -60.10
CA GLU H 439 -27.48 -71.47 -60.27
C GLU H 439 -26.09 -71.99 -59.93
N GLU H 440 -25.06 -71.16 -60.11
CA GLU H 440 -23.71 -71.47 -59.68
C GLU H 440 -23.64 -71.46 -58.16
N GLN H 441 -24.28 -70.46 -57.55
CA GLN H 441 -24.34 -70.30 -56.10
C GLN H 441 -24.94 -71.51 -55.41
N VAL H 442 -26.11 -71.93 -55.88
CA VAL H 442 -26.82 -73.08 -55.30
C VAL H 442 -26.06 -74.39 -55.48
N ALA H 443 -25.37 -74.55 -56.62
CA ALA H 443 -24.57 -75.73 -56.87
C ALA H 443 -23.47 -75.86 -55.82
N VAL H 444 -22.79 -74.75 -55.54
CA VAL H 444 -21.77 -74.69 -54.49
C VAL H 444 -22.36 -74.95 -53.10
N ILE H 445 -23.49 -74.33 -52.78
CA ILE H 445 -24.11 -74.50 -51.46
C ILE H 445 -24.58 -75.94 -51.28
N TYR H 446 -25.21 -76.49 -52.32
CA TYR H 446 -25.64 -77.90 -52.39
C TYR H 446 -24.54 -78.83 -51.90
N ALA H 447 -23.31 -78.59 -52.37
CA ALA H 447 -22.16 -79.42 -52.04
C ALA H 447 -21.88 -79.48 -50.53
N GLY H 448 -22.02 -78.34 -49.85
CA GLY H 448 -21.86 -78.25 -48.42
C GLY H 448 -23.06 -78.80 -47.66
N VAL H 449 -24.25 -78.29 -47.97
CA VAL H 449 -25.46 -78.65 -47.20
C VAL H 449 -25.89 -80.12 -47.35
N ARG H 450 -25.35 -80.78 -48.37
CA ARG H 450 -25.59 -82.21 -48.58
C ARG H 450 -24.55 -83.08 -47.90
N GLY H 451 -23.46 -82.46 -47.47
CA GLY H 451 -22.49 -83.13 -46.61
C GLY H 451 -21.26 -83.62 -47.33
N TYR H 452 -21.18 -83.35 -48.63
CA TYR H 452 -20.08 -83.84 -49.47
C TYR H 452 -18.71 -83.29 -49.10
N LEU H 453 -18.68 -82.22 -48.31
CA LEU H 453 -17.40 -81.60 -47.94
C LEU H 453 -17.03 -81.84 -46.47
N ASP H 454 -17.80 -82.68 -45.79
CA ASP H 454 -17.62 -82.93 -44.35
C ASP H 454 -16.30 -83.57 -43.95
N LYS H 455 -15.71 -84.35 -44.86
CA LYS H 455 -14.42 -84.98 -44.59
C LYS H 455 -13.24 -84.17 -45.14
N LEU H 456 -13.53 -83.27 -46.06
CA LEU H 456 -12.54 -82.36 -46.64
C LEU H 456 -11.99 -81.41 -45.57
N GLU H 457 -10.67 -81.28 -45.50
CA GLU H 457 -10.02 -80.34 -44.58
C GLU H 457 -10.48 -78.91 -44.87
N PRO H 458 -10.76 -78.13 -43.80
CA PRO H 458 -11.35 -76.80 -43.96
C PRO H 458 -10.55 -75.88 -44.88
N SER H 459 -9.23 -75.91 -44.77
CA SER H 459 -8.35 -75.04 -45.55
C SER H 459 -8.40 -75.32 -47.06
N LYS H 460 -8.92 -76.49 -47.42
CA LYS H 460 -8.98 -76.92 -48.81
C LYS H 460 -10.30 -76.57 -49.51
N ILE H 461 -11.26 -76.04 -48.75
CA ILE H 461 -12.62 -75.79 -49.27
C ILE H 461 -12.65 -74.73 -50.36
N THR H 462 -11.94 -73.63 -50.15
CA THR H 462 -11.91 -72.54 -51.13
C THR H 462 -11.27 -72.98 -52.44
N LYS H 463 -10.19 -73.73 -52.33
CA LYS H 463 -9.52 -74.34 -53.48
C LYS H 463 -10.49 -75.30 -54.18
N PHE H 464 -11.23 -76.08 -53.40
CA PHE H 464 -12.23 -77.01 -53.93
C PHE H 464 -13.31 -76.27 -54.70
N GLU H 465 -13.88 -75.24 -54.09
CA GLU H 465 -15.00 -74.51 -54.68
C GLU H 465 -14.64 -73.95 -56.04
N ASN H 466 -13.49 -73.27 -56.11
CA ASN H 466 -13.00 -72.69 -57.35
C ASN H 466 -12.86 -73.73 -58.46
N ALA H 467 -12.22 -74.85 -58.14
CA ALA H 467 -12.02 -75.91 -59.11
C ALA H 467 -13.36 -76.54 -59.51
N PHE H 468 -14.17 -76.88 -58.50
CA PHE H 468 -15.45 -77.50 -58.72
C PHE H 468 -16.35 -76.65 -59.62
N LEU H 469 -16.36 -75.35 -59.35
CA LEU H 469 -17.17 -74.40 -60.10
C LEU H 469 -16.65 -74.22 -61.51
N SER H 470 -15.34 -74.08 -61.66
CA SER H 470 -14.71 -74.02 -62.98
C SER H 470 -15.07 -75.22 -63.83
N HIS H 471 -15.17 -76.37 -63.17
CA HIS H 471 -15.50 -77.62 -63.83
C HIS H 471 -16.98 -77.66 -64.26
N VAL H 472 -17.89 -77.33 -63.35
CA VAL H 472 -19.32 -77.37 -63.66
C VAL H 472 -19.69 -76.32 -64.70
N ILE H 473 -18.94 -75.21 -64.73
CA ILE H 473 -19.15 -74.18 -65.74
C ILE H 473 -18.67 -74.65 -67.11
N SER H 474 -17.51 -75.31 -67.13
CA SER H 474 -16.90 -75.80 -68.35
C SER H 474 -17.68 -76.97 -68.97
N GLN H 475 -17.97 -77.99 -68.14
CA GLN H 475 -18.57 -79.25 -68.63
C GLN H 475 -20.05 -79.46 -68.32
N HIS H 476 -20.65 -78.66 -67.44
CA HIS H 476 -22.06 -78.89 -67.09
C HIS H 476 -22.98 -77.68 -67.25
N GLN H 477 -22.78 -76.96 -68.35
CA GLN H 477 -23.57 -75.80 -68.71
C GLN H 477 -25.05 -76.13 -68.74
N ALA H 478 -25.38 -77.32 -69.24
CA ALA H 478 -26.76 -77.80 -69.34
C ALA H 478 -27.35 -78.17 -67.99
N LEU H 479 -26.51 -78.58 -67.05
CA LEU H 479 -26.94 -78.82 -65.67
C LEU H 479 -27.20 -77.48 -65.00
N LEU H 480 -26.36 -76.49 -65.30
CA LEU H 480 -26.52 -75.15 -64.79
C LEU H 480 -27.71 -74.49 -65.46
N SER H 481 -27.86 -74.72 -66.76
CA SER H 481 -29.01 -74.25 -67.51
C SER H 481 -30.32 -74.84 -67.01
N LYS H 482 -30.27 -76.08 -66.51
CA LYS H 482 -31.49 -76.76 -66.06
C LYS H 482 -31.97 -76.25 -64.71
N ILE H 483 -31.05 -76.06 -63.76
CA ILE H 483 -31.36 -75.53 -62.42
C ILE H 483 -32.01 -74.15 -62.53
N ARG H 484 -31.62 -73.41 -63.57
CA ARG H 484 -32.24 -72.14 -63.89
C ARG H 484 -33.63 -72.36 -64.48
N THR H 485 -33.71 -73.11 -65.57
CA THR H 485 -34.97 -73.43 -66.25
C THR H 485 -36.03 -74.04 -65.33
N ASP H 486 -35.63 -75.03 -64.54
CA ASP H 486 -36.56 -75.76 -63.66
C ASP H 486 -36.96 -74.94 -62.43
N GLY H 487 -36.22 -73.88 -62.16
CA GLY H 487 -36.49 -73.03 -61.01
C GLY H 487 -35.92 -73.56 -59.70
N LYS H 488 -35.65 -74.86 -59.66
CA LYS H 488 -35.04 -75.52 -58.49
C LYS H 488 -34.08 -76.65 -58.88
N ILE H 489 -33.73 -77.49 -57.92
CA ILE H 489 -32.98 -78.71 -58.19
C ILE H 489 -33.96 -79.88 -58.18
N SER H 490 -34.30 -80.35 -59.39
CA SER H 490 -35.19 -81.50 -59.55
C SER H 490 -34.50 -82.77 -59.08
N GLU H 491 -35.24 -83.88 -59.01
CA GLU H 491 -34.66 -85.17 -58.66
C GLU H 491 -33.56 -85.56 -59.65
N GLU H 492 -33.72 -85.16 -60.90
CA GLU H 492 -32.81 -85.47 -61.99
C GLU H 492 -31.52 -84.64 -61.87
N SER H 493 -31.67 -83.36 -61.55
CA SER H 493 -30.53 -82.49 -61.33
C SER H 493 -29.78 -82.83 -60.03
N ASP H 494 -30.53 -83.33 -59.04
CA ASP H 494 -29.96 -83.83 -57.79
C ASP H 494 -29.12 -85.08 -58.01
N ALA H 495 -29.62 -86.00 -58.84
CA ALA H 495 -28.86 -87.21 -59.19
C ALA H 495 -27.57 -86.87 -59.93
N LYS H 496 -27.64 -85.92 -60.87
CA LYS H 496 -26.47 -85.46 -61.61
C LYS H 496 -25.40 -84.88 -60.70
N LEU H 497 -25.81 -84.01 -59.78
CA LEU H 497 -24.90 -83.35 -58.87
C LEU H 497 -24.24 -84.32 -57.90
N LYS H 498 -25.02 -85.24 -57.36
CA LYS H 498 -24.50 -86.29 -56.49
C LYS H 498 -23.27 -86.94 -57.13
N GLU H 499 -23.40 -87.34 -58.40
CA GLU H 499 -22.32 -88.02 -59.10
C GLU H 499 -21.16 -87.11 -59.52
N ILE H 500 -21.46 -85.87 -59.88
CA ILE H 500 -20.41 -84.91 -60.20
C ILE H 500 -19.56 -84.60 -58.96
N VAL H 501 -20.20 -84.28 -57.85
CA VAL H 501 -19.49 -83.95 -56.62
C VAL H 501 -18.66 -85.12 -56.07
N THR H 502 -19.27 -86.30 -55.92
CA THR H 502 -18.59 -87.45 -55.31
C THR H 502 -17.30 -87.78 -56.07
N ASN H 503 -17.45 -88.01 -57.37
CA ASN H 503 -16.34 -88.35 -58.24
C ASN H 503 -15.29 -87.25 -58.30
N PHE H 504 -15.74 -86.01 -58.31
CA PHE H 504 -14.85 -84.86 -58.31
C PHE H 504 -14.05 -84.81 -57.01
N LEU H 505 -14.75 -84.97 -55.89
CA LEU H 505 -14.11 -84.92 -54.57
C LEU H 505 -13.07 -86.04 -54.41
N ALA H 506 -13.41 -87.24 -54.88
CA ALA H 506 -12.48 -88.37 -54.88
C ALA H 506 -11.25 -88.05 -55.73
N GLY H 507 -11.46 -87.35 -56.84
CA GLY H 507 -10.35 -86.89 -57.69
C GLY H 507 -9.52 -85.82 -57.00
N PHE H 508 -10.20 -84.97 -56.25
CA PHE H 508 -9.58 -83.86 -55.54
C PHE H 508 -8.65 -84.39 -54.45
N GLU H 509 -9.10 -85.42 -53.72
CA GLU H 509 -8.33 -85.99 -52.63
C GLU H 509 -7.37 -87.11 -53.07
N ALA H 510 -7.12 -87.23 -54.36
CA ALA H 510 -6.26 -88.28 -54.91
C ALA H 510 -4.79 -88.10 -54.50
N VAL I 23 -56.39 -0.82 -17.22
CA VAL I 23 -55.52 0.41 -17.17
C VAL I 23 -54.32 0.23 -16.24
N ASP I 24 -54.52 -0.40 -15.08
CA ASP I 24 -53.52 -0.48 -14.02
C ASP I 24 -52.37 -1.43 -14.37
N LEU I 25 -51.13 -0.92 -14.26
CA LEU I 25 -49.94 -1.73 -14.51
C LEU I 25 -49.19 -2.05 -13.22
N GLU I 26 -49.82 -1.78 -12.09
CA GLU I 26 -49.20 -2.04 -10.80
C GLU I 26 -49.76 -3.30 -10.16
N GLU I 27 -51.07 -3.50 -10.27
CA GLU I 27 -51.72 -4.69 -9.75
C GLU I 27 -52.06 -5.66 -10.87
N THR I 28 -51.74 -5.24 -12.10
CA THR I 28 -52.13 -5.97 -13.29
C THR I 28 -51.00 -5.94 -14.32
N GLY I 29 -50.91 -7.00 -15.13
CA GLY I 29 -50.01 -7.02 -16.25
C GLY I 29 -50.66 -7.66 -17.45
N ARG I 30 -49.94 -7.63 -18.57
CA ARG I 30 -50.36 -8.32 -19.78
C ARG I 30 -49.24 -9.23 -20.32
N VAL I 31 -49.63 -10.40 -20.80
CA VAL I 31 -48.68 -11.40 -21.32
C VAL I 31 -47.95 -10.87 -22.54
N LEU I 32 -46.62 -10.86 -22.47
CA LEU I 32 -45.77 -10.49 -23.61
C LEU I 32 -45.54 -11.70 -24.51
N SER I 33 -45.28 -12.85 -23.90
CA SER I 33 -44.97 -14.09 -24.61
C SER I 33 -45.23 -15.30 -23.71
N ILE I 34 -45.57 -16.42 -24.33
CA ILE I 34 -45.83 -17.66 -23.62
C ILE I 34 -45.39 -18.79 -24.53
N GLY I 35 -44.68 -19.79 -23.99
CA GLY I 35 -44.23 -20.88 -24.85
C GLY I 35 -43.53 -22.05 -24.21
N ASP I 36 -42.64 -21.76 -23.27
CA ASP I 36 -41.84 -22.81 -22.63
C ASP I 36 -42.27 -23.03 -21.18
N GLY I 37 -43.60 -23.01 -20.96
CA GLY I 37 -44.16 -23.16 -19.62
C GLY I 37 -43.97 -21.93 -18.74
N ILE I 38 -43.31 -20.93 -19.33
CA ILE I 38 -43.08 -19.63 -18.70
C ILE I 38 -43.77 -18.52 -19.48
N ALA I 39 -44.54 -17.70 -18.77
CA ALA I 39 -45.16 -16.52 -19.35
C ALA I 39 -44.37 -15.29 -18.95
N ARG I 40 -44.00 -14.48 -19.93
CA ARG I 40 -43.30 -13.23 -19.68
C ARG I 40 -44.34 -12.12 -19.65
N VAL I 41 -44.44 -11.40 -18.54
CA VAL I 41 -45.53 -10.45 -18.32
C VAL I 41 -45.06 -9.01 -18.13
N HIS I 42 -45.70 -8.10 -18.85
CA HIS I 42 -45.44 -6.68 -18.77
C HIS I 42 -46.28 -6.10 -17.65
N GLY I 43 -45.69 -5.20 -16.87
CA GLY I 43 -46.41 -4.58 -15.77
C GLY I 43 -46.24 -5.36 -14.49
N LEU I 44 -47.32 -5.47 -13.72
CA LEU I 44 -47.30 -6.07 -12.38
C LEU I 44 -46.19 -5.46 -11.54
N ARG I 45 -46.06 -4.13 -11.61
CA ARG I 45 -44.95 -3.42 -10.96
C ARG I 45 -44.88 -3.63 -9.46
N ASN I 46 -46.00 -4.07 -8.87
CA ASN I 46 -46.10 -4.24 -7.42
C ASN I 46 -46.02 -5.69 -6.93
N VAL I 47 -45.89 -6.69 -7.83
CA VAL I 47 -45.80 -8.09 -7.39
C VAL I 47 -44.57 -8.34 -6.56
N GLN I 48 -44.71 -9.27 -5.62
CA GLN I 48 -43.61 -9.75 -4.81
C GLN I 48 -43.02 -10.94 -5.52
N ALA I 49 -41.79 -11.29 -5.14
CA ALA I 49 -41.18 -12.54 -5.59
C ALA I 49 -41.96 -13.70 -4.97
N GLU I 50 -42.31 -14.68 -5.79
CA GLU I 50 -43.02 -15.88 -5.34
C GLU I 50 -44.48 -15.60 -4.97
N GLU I 51 -45.04 -14.54 -5.53
CA GLU I 51 -46.45 -14.22 -5.32
C GLU I 51 -47.29 -14.93 -6.37
N MET I 52 -48.38 -15.56 -5.93
CA MET I 52 -49.36 -16.16 -6.84
C MET I 52 -50.02 -15.04 -7.65
N VAL I 53 -50.09 -15.22 -8.96
CA VAL I 53 -50.84 -14.32 -9.82
C VAL I 53 -51.96 -15.12 -10.49
N GLU I 54 -52.94 -14.43 -11.05
CA GLU I 54 -54.10 -15.10 -11.64
C GLU I 54 -54.28 -14.68 -13.09
N PHE I 55 -54.49 -15.66 -13.96
CA PHE I 55 -54.73 -15.38 -15.38
C PHE I 55 -56.22 -15.26 -15.63
N SER I 56 -56.58 -14.53 -16.68
CA SER I 56 -57.99 -14.30 -17.02
C SER I 56 -58.68 -15.64 -17.26
N SER I 57 -57.92 -16.62 -17.76
CA SER I 57 -58.45 -17.95 -18.05
C SER I 57 -58.70 -18.81 -16.82
N GLY I 58 -58.49 -18.25 -15.63
CA GLY I 58 -58.69 -18.98 -14.37
C GLY I 58 -57.43 -19.60 -13.77
N LEU I 59 -56.45 -19.89 -14.64
CA LEU I 59 -55.17 -20.48 -14.23
C LEU I 59 -54.42 -19.62 -13.24
N LYS I 60 -53.71 -20.26 -12.32
CA LYS I 60 -52.85 -19.57 -11.37
C LYS I 60 -51.40 -19.74 -11.77
N GLY I 61 -50.58 -18.74 -11.47
CA GLY I 61 -49.14 -18.80 -11.75
C GLY I 61 -48.32 -18.21 -10.61
N MET I 62 -47.00 -18.33 -10.70
CA MET I 62 -46.12 -17.82 -9.66
C MET I 62 -45.05 -16.89 -10.22
N SER I 63 -44.97 -15.68 -9.67
CA SER I 63 -43.90 -14.73 -10.02
C SER I 63 -42.56 -15.33 -9.66
N LEU I 64 -41.79 -15.73 -10.68
CA LEU I 64 -40.51 -16.34 -10.43
C LEU I 64 -39.40 -15.31 -10.63
N ASN I 65 -39.38 -14.71 -11.83
CA ASN I 65 -38.37 -13.75 -12.22
C ASN I 65 -38.92 -12.35 -12.15
N LEU I 66 -38.34 -11.52 -11.28
CA LEU I 66 -38.61 -10.09 -11.33
C LEU I 66 -37.46 -9.37 -12.04
N GLU I 67 -37.74 -8.91 -13.26
CA GLU I 67 -36.77 -8.21 -14.08
C GLU I 67 -37.22 -6.75 -14.36
N PRO I 68 -36.29 -5.86 -14.75
CA PRO I 68 -36.66 -4.47 -15.03
C PRO I 68 -37.86 -4.27 -15.96
N ASP I 69 -37.98 -5.10 -17.00
CA ASP I 69 -39.03 -4.90 -18.01
C ASP I 69 -40.12 -5.97 -18.05
N ASN I 70 -40.00 -6.99 -17.19
CA ASN I 70 -41.01 -8.07 -17.16
C ASN I 70 -40.98 -8.91 -15.88
N VAL I 71 -42.05 -9.69 -15.70
CA VAL I 71 -42.11 -10.72 -14.68
C VAL I 71 -42.16 -12.07 -15.41
N GLY I 72 -41.31 -13.01 -15.01
CA GLY I 72 -41.39 -14.38 -15.49
C GLY I 72 -42.32 -15.17 -14.59
N VAL I 73 -43.39 -15.70 -15.16
CA VAL I 73 -44.38 -16.41 -14.35
C VAL I 73 -44.39 -17.91 -14.65
N VAL I 74 -44.16 -18.73 -13.62
CA VAL I 74 -44.34 -20.18 -13.68
C VAL I 74 -45.85 -20.49 -13.64
N VAL I 75 -46.34 -21.16 -14.67
CA VAL I 75 -47.78 -21.42 -14.85
C VAL I 75 -48.17 -22.73 -14.18
N PHE I 76 -49.09 -22.69 -13.22
CA PHE I 76 -49.54 -23.92 -12.56
C PHE I 76 -50.71 -24.58 -13.31
N GLY I 77 -50.44 -25.03 -14.52
CA GLY I 77 -51.45 -25.61 -15.39
C GLY I 77 -51.01 -25.57 -16.82
N ASN I 78 -51.97 -25.80 -17.72
CA ASN I 78 -51.71 -25.97 -19.15
C ASN I 78 -51.56 -24.62 -19.84
N ASP I 79 -50.33 -24.28 -20.24
CA ASP I 79 -50.07 -22.96 -20.84
C ASP I 79 -50.61 -22.76 -22.25
N LYS I 80 -51.28 -23.78 -22.78
CA LYS I 80 -52.10 -23.65 -23.99
C LYS I 80 -53.22 -22.60 -23.78
N LEU I 81 -53.68 -22.48 -22.54
CA LEU I 81 -54.81 -21.62 -22.18
C LEU I 81 -54.46 -20.13 -22.14
N ILE I 82 -53.16 -19.83 -22.21
CA ILE I 82 -52.67 -18.46 -22.10
C ILE I 82 -52.15 -17.98 -23.44
N LYS I 83 -52.47 -16.72 -23.76
CA LYS I 83 -52.09 -16.09 -25.03
C LYS I 83 -51.45 -14.72 -24.76
N GLU I 84 -50.70 -14.22 -25.75
CA GLU I 84 -50.17 -12.87 -25.69
C GLU I 84 -51.33 -11.88 -25.57
N GLY I 85 -51.25 -11.00 -24.58
CA GLY I 85 -52.30 -10.02 -24.34
C GLY I 85 -53.16 -10.37 -23.14
N ASP I 86 -53.30 -11.66 -22.85
CA ASP I 86 -54.06 -12.11 -21.69
C ASP I 86 -53.75 -11.27 -20.45
N ILE I 87 -54.79 -10.97 -19.67
CA ILE I 87 -54.63 -10.17 -18.47
C ILE I 87 -54.14 -11.04 -17.31
N VAL I 88 -53.20 -10.52 -16.54
CA VAL I 88 -52.66 -11.18 -15.37
C VAL I 88 -52.87 -10.29 -14.15
N LYS I 89 -53.52 -10.80 -13.11
CA LYS I 89 -53.78 -10.04 -11.88
C LYS I 89 -52.99 -10.55 -10.68
N ARG I 90 -52.45 -9.63 -9.88
CA ARG I 90 -51.88 -9.97 -8.58
C ARG I 90 -52.92 -10.61 -7.68
N THR I 91 -52.48 -11.48 -6.77
CA THR I 91 -53.35 -11.98 -5.70
C THR I 91 -52.91 -11.37 -4.38
N GLY I 92 -51.67 -10.89 -4.35
CA GLY I 92 -51.09 -10.25 -3.15
C GLY I 92 -50.52 -11.26 -2.18
N ALA I 93 -50.68 -12.55 -2.51
CA ALA I 93 -50.33 -13.65 -1.63
C ALA I 93 -49.15 -14.46 -2.16
N ILE I 94 -48.10 -14.56 -1.35
CA ILE I 94 -47.01 -15.50 -1.58
C ILE I 94 -47.65 -16.89 -1.70
N VAL I 95 -47.16 -17.70 -2.63
CA VAL I 95 -47.83 -18.95 -2.97
C VAL I 95 -48.15 -19.72 -1.69
N ASP I 96 -49.42 -20.06 -1.52
CA ASP I 96 -49.89 -20.74 -0.32
C ASP I 96 -51.00 -21.71 -0.69
N VAL I 97 -51.40 -22.55 0.27
CA VAL I 97 -52.45 -23.54 0.04
C VAL I 97 -53.43 -23.64 1.21
N PRO I 98 -54.66 -24.11 0.96
CA PRO I 98 -55.60 -24.37 2.03
C PRO I 98 -55.01 -25.42 2.95
N VAL I 99 -55.37 -25.36 4.22
CA VAL I 99 -54.77 -26.22 5.21
C VAL I 99 -55.82 -26.52 6.28
N GLY I 100 -55.62 -27.61 7.03
CA GLY I 100 -56.47 -27.92 8.17
C GLY I 100 -57.16 -29.26 8.08
N GLU I 101 -58.00 -29.52 9.08
CA GLU I 101 -58.63 -30.83 9.26
C GLU I 101 -59.70 -31.17 8.24
N GLU I 102 -60.18 -30.17 7.49
CA GLU I 102 -61.25 -30.42 6.52
C GLU I 102 -60.78 -31.03 5.20
N LEU I 103 -59.46 -31.09 5.00
CA LEU I 103 -58.90 -31.79 3.86
C LEU I 103 -58.93 -33.30 4.08
N LEU I 104 -59.01 -33.70 5.35
CA LEU I 104 -59.08 -35.12 5.66
C LEU I 104 -60.27 -35.78 4.92
N GLY I 105 -59.96 -36.86 4.21
CA GLY I 105 -60.93 -37.59 3.42
C GLY I 105 -61.06 -37.04 2.01
N ARG I 106 -60.32 -35.97 1.71
CA ARG I 106 -60.41 -35.29 0.41
C ARG I 106 -59.25 -35.59 -0.54
N VAL I 107 -59.56 -35.62 -1.83
CA VAL I 107 -58.56 -35.69 -2.88
C VAL I 107 -58.48 -34.31 -3.52
N VAL I 108 -57.26 -33.76 -3.52
CA VAL I 108 -57.03 -32.43 -4.04
C VAL I 108 -55.92 -32.43 -5.09
N ASP I 109 -55.86 -31.36 -5.88
CA ASP I 109 -54.75 -31.13 -6.77
C ASP I 109 -53.65 -30.37 -6.03
N ALA I 110 -52.61 -29.97 -6.76
CA ALA I 110 -51.44 -29.34 -6.18
C ALA I 110 -51.79 -28.01 -5.51
N LEU I 111 -52.84 -27.35 -5.98
CA LEU I 111 -53.23 -26.04 -5.44
C LEU I 111 -54.24 -26.13 -4.27
N GLY I 112 -54.69 -27.34 -3.98
CA GLY I 112 -55.69 -27.56 -2.93
C GLY I 112 -57.12 -27.61 -3.43
N ASN I 113 -57.29 -27.40 -4.74
CA ASN I 113 -58.60 -27.53 -5.37
C ASN I 113 -59.07 -28.99 -5.35
N ALA I 114 -60.30 -29.20 -4.85
CA ALA I 114 -60.90 -30.54 -4.79
C ALA I 114 -61.00 -31.16 -6.18
N ILE I 115 -60.74 -32.47 -6.26
CA ILE I 115 -60.86 -33.19 -7.53
C ILE I 115 -61.65 -34.49 -7.37
N ASP I 116 -62.22 -34.67 -6.18
CA ASP I 116 -62.99 -35.88 -5.86
C ASP I 116 -64.48 -35.67 -6.09
N GLY I 117 -64.83 -34.48 -6.60
CA GLY I 117 -66.20 -34.13 -6.95
C GLY I 117 -67.15 -34.01 -5.76
N LYS I 118 -66.59 -33.81 -4.57
CA LYS I 118 -67.37 -33.77 -3.32
C LYS I 118 -67.57 -32.34 -2.79
N GLY I 119 -67.56 -31.37 -3.69
CA GLY I 119 -67.73 -29.96 -3.32
C GLY I 119 -66.45 -29.29 -2.86
N PRO I 120 -66.55 -28.00 -2.47
CA PRO I 120 -65.38 -27.24 -2.01
C PRO I 120 -64.87 -27.70 -0.65
N ILE I 121 -63.64 -27.31 -0.31
CA ILE I 121 -63.08 -27.61 0.99
C ILE I 121 -63.48 -26.50 1.97
N GLY I 122 -64.06 -26.88 3.09
CA GLY I 122 -64.44 -25.91 4.11
C GLY I 122 -63.25 -25.42 4.90
N SER I 123 -62.17 -25.09 4.18
CA SER I 123 -60.90 -24.70 4.78
C SER I 123 -60.92 -23.27 5.31
N LYS I 124 -60.44 -23.09 6.54
CA LYS I 124 -60.40 -21.77 7.16
C LYS I 124 -59.00 -21.17 7.08
N ALA I 125 -58.00 -21.96 7.44
CA ALA I 125 -56.62 -21.49 7.41
C ALA I 125 -55.96 -21.72 6.05
N ARG I 126 -54.92 -20.94 5.79
CA ARG I 126 -54.05 -21.15 4.65
C ARG I 126 -52.61 -21.09 5.13
N ARG I 127 -51.69 -21.58 4.29
CA ARG I 127 -50.30 -21.69 4.67
C ARG I 127 -49.41 -21.68 3.43
N ARG I 128 -48.31 -20.93 3.50
CA ARG I 128 -47.29 -20.88 2.43
C ARG I 128 -46.63 -22.23 2.18
N VAL I 129 -46.46 -22.56 0.89
CA VAL I 129 -45.78 -23.78 0.45
C VAL I 129 -44.27 -23.72 0.64
N GLY I 130 -43.73 -22.49 0.71
CA GLY I 130 -42.27 -22.30 0.79
C GLY I 130 -41.70 -22.02 2.17
N LEU I 131 -42.50 -22.27 3.20
CA LEU I 131 -42.06 -22.05 4.58
C LEU I 131 -40.78 -22.80 4.91
N LYS I 132 -39.83 -22.09 5.51
CA LYS I 132 -38.57 -22.68 5.95
C LYS I 132 -38.83 -23.67 7.07
N ALA I 133 -38.04 -24.73 7.14
CA ALA I 133 -38.18 -25.75 8.15
C ALA I 133 -37.82 -25.22 9.55
N PRO I 134 -38.41 -25.80 10.60
CA PRO I 134 -38.00 -25.50 11.98
C PRO I 134 -36.49 -25.66 12.12
N GLY I 135 -35.86 -24.73 12.84
CA GLY I 135 -34.43 -24.80 13.13
C GLY I 135 -34.07 -25.77 14.25
N ILE I 136 -32.97 -25.49 14.92
CA ILE I 136 -32.39 -26.39 15.92
C ILE I 136 -33.17 -26.46 17.26
N ILE I 137 -33.52 -25.30 17.83
CA ILE I 137 -34.18 -25.22 19.14
C ILE I 137 -35.53 -25.96 19.25
N PRO I 138 -36.47 -25.71 18.31
CA PRO I 138 -37.83 -26.27 18.41
C PRO I 138 -37.93 -27.79 18.39
N ARG I 139 -36.82 -28.48 18.17
CA ARG I 139 -36.84 -29.93 17.95
C ARG I 139 -36.35 -30.74 19.15
N ILE I 140 -36.61 -32.05 19.05
CA ILE I 140 -35.99 -33.04 19.90
C ILE I 140 -35.84 -34.32 19.10
N SER I 141 -34.90 -35.19 19.50
CA SER I 141 -34.73 -36.51 18.86
C SER I 141 -36.03 -37.31 18.91
N VAL I 142 -36.30 -38.04 17.84
CA VAL I 142 -37.54 -38.81 17.71
C VAL I 142 -37.61 -39.89 18.79
N ARG I 143 -38.83 -40.21 19.22
CA ARG I 143 -39.02 -41.02 20.41
C ARG I 143 -40.38 -41.73 20.46
N GLU I 144 -41.30 -41.29 19.62
CA GLU I 144 -42.58 -41.98 19.50
C GLU I 144 -42.54 -42.93 18.32
N PRO I 145 -43.01 -44.17 18.52
CA PRO I 145 -43.02 -45.12 17.42
C PRO I 145 -43.95 -44.63 16.32
N MET I 146 -43.55 -44.85 15.08
CA MET I 146 -44.43 -44.65 13.96
C MET I 146 -44.57 -46.06 13.37
N GLN I 147 -45.65 -46.74 13.72
CA GLN I 147 -45.79 -48.16 13.40
C GLN I 147 -46.33 -48.34 11.97
N THR I 148 -45.60 -49.12 11.17
CA THR I 148 -46.04 -49.41 9.81
C THR I 148 -47.02 -50.59 9.80
N GLY I 149 -46.86 -51.48 10.78
CA GLY I 149 -47.61 -52.74 10.80
C GLY I 149 -46.92 -53.83 9.98
N ILE I 150 -45.73 -53.53 9.46
CA ILE I 150 -44.95 -54.43 8.62
C ILE I 150 -43.81 -55.04 9.43
N LYS I 151 -43.90 -56.33 9.73
CA LYS I 151 -42.95 -57.03 10.60
C LYS I 151 -41.50 -56.62 10.35
N ALA I 152 -41.08 -56.66 9.09
CA ALA I 152 -39.69 -56.41 8.72
C ALA I 152 -39.27 -54.98 9.02
N VAL I 153 -40.17 -54.03 8.80
CA VAL I 153 -39.86 -52.62 9.05
C VAL I 153 -39.88 -52.30 10.54
N ASP I 154 -40.97 -52.66 11.22
CA ASP I 154 -41.12 -52.31 12.63
C ASP I 154 -40.06 -52.97 13.51
N SER I 155 -39.45 -54.05 13.01
CA SER I 155 -38.44 -54.78 13.76
C SER I 155 -37.00 -54.39 13.37
N LEU I 156 -36.73 -54.41 12.07
CA LEU I 156 -35.37 -54.17 11.56
C LEU I 156 -35.08 -52.71 11.21
N VAL I 157 -36.11 -51.99 10.78
CA VAL I 157 -35.95 -50.59 10.36
C VAL I 157 -36.99 -49.71 11.06
N PRO I 158 -36.95 -49.65 12.41
CA PRO I 158 -38.04 -48.96 13.10
C PRO I 158 -38.01 -47.46 12.80
N ILE I 159 -39.19 -46.86 12.61
CA ILE I 159 -39.30 -45.44 12.33
C ILE I 159 -39.87 -44.67 13.55
N GLY I 160 -39.31 -43.49 13.80
CA GLY I 160 -39.85 -42.57 14.81
C GLY I 160 -40.66 -41.46 14.20
N ARG I 161 -41.50 -40.82 15.00
CA ARG I 161 -42.36 -39.75 14.49
C ARG I 161 -41.55 -38.48 14.42
N GLY I 162 -41.46 -37.92 13.21
CA GLY I 162 -40.63 -36.75 12.94
C GLY I 162 -39.39 -37.09 12.12
N GLN I 163 -39.17 -38.38 11.92
CA GLN I 163 -38.04 -38.89 11.14
C GLN I 163 -38.34 -38.82 9.64
N ARG I 164 -37.28 -38.86 8.84
CA ARG I 164 -37.40 -39.04 7.41
C ARG I 164 -36.80 -40.41 7.07
N GLU I 165 -37.61 -41.30 6.52
CA GLU I 165 -37.12 -42.59 6.07
C GLU I 165 -37.44 -42.75 4.59
N LEU I 166 -36.39 -42.90 3.79
CA LEU I 166 -36.52 -43.13 2.36
C LEU I 166 -37.04 -44.55 2.06
N ILE I 167 -37.89 -44.67 1.04
CA ILE I 167 -38.24 -45.94 0.46
C ILE I 167 -37.71 -45.95 -0.97
N ILE I 168 -36.85 -46.91 -1.28
CA ILE I 168 -36.06 -46.83 -2.49
C ILE I 168 -35.92 -48.21 -3.16
N GLY I 169 -36.13 -48.25 -4.47
CA GLY I 169 -35.97 -49.48 -5.24
C GLY I 169 -36.42 -49.28 -6.66
N ASP I 170 -36.06 -50.23 -7.53
CA ASP I 170 -36.46 -50.16 -8.93
C ASP I 170 -37.99 -50.12 -9.03
N ARG I 171 -38.51 -49.92 -10.23
CA ARG I 171 -39.94 -49.95 -10.44
C ARG I 171 -40.54 -51.30 -9.99
N GLN I 172 -41.82 -51.29 -9.59
CA GLN I 172 -42.56 -52.51 -9.25
C GLN I 172 -41.84 -53.40 -8.23
N THR I 173 -41.38 -52.83 -7.11
CA THR I 173 -40.68 -53.62 -6.09
C THR I 173 -41.44 -53.58 -4.75
N GLY I 174 -42.56 -52.85 -4.72
CA GLY I 174 -43.38 -52.77 -3.52
C GLY I 174 -43.21 -51.50 -2.72
N LYS I 175 -42.71 -50.44 -3.36
CA LYS I 175 -42.41 -49.20 -2.67
C LYS I 175 -43.69 -48.57 -2.13
N THR I 176 -44.65 -48.34 -3.03
CA THR I 176 -45.94 -47.78 -2.66
C THR I 176 -46.66 -48.60 -1.60
N SER I 177 -46.52 -49.92 -1.68
CA SER I 177 -47.23 -50.83 -0.77
C SER I 177 -46.80 -50.63 0.67
N ILE I 178 -45.51 -50.37 0.89
CA ILE I 178 -45.01 -50.05 2.22
C ILE I 178 -45.81 -48.87 2.77
N ALA I 179 -45.98 -47.83 1.94
CA ALA I 179 -46.70 -46.62 2.35
C ALA I 179 -48.16 -46.88 2.64
N ILE I 180 -48.81 -47.65 1.77
CA ILE I 180 -50.24 -47.98 1.90
C ILE I 180 -50.57 -48.76 3.17
N ASP I 181 -49.82 -49.82 3.42
CA ASP I 181 -50.00 -50.61 4.64
C ASP I 181 -49.72 -49.79 5.91
N THR I 182 -48.79 -48.82 5.82
CA THR I 182 -48.51 -47.92 6.94
C THR I 182 -49.72 -47.02 7.20
N ILE I 183 -50.30 -46.51 6.11
CA ILE I 183 -51.45 -45.62 6.22
C ILE I 183 -52.60 -46.36 6.88
N ILE I 184 -52.92 -47.54 6.34
CA ILE I 184 -54.02 -48.39 6.82
C ILE I 184 -53.79 -48.82 8.27
N ASN I 185 -52.52 -48.98 8.65
CA ASN I 185 -52.17 -49.41 10.00
C ASN I 185 -52.69 -48.47 11.08
N GLN I 186 -52.79 -47.18 10.76
CA GLN I 186 -53.09 -46.15 11.75
C GLN I 186 -54.50 -46.22 12.32
N LYS I 187 -55.42 -46.83 11.56
CA LYS I 187 -56.82 -46.99 11.98
C LYS I 187 -56.97 -47.49 13.42
N ARG I 188 -56.08 -48.39 13.86
CA ARG I 188 -56.13 -48.93 15.23
C ARG I 188 -55.87 -47.86 16.28
N PHE I 189 -55.02 -46.89 15.94
CA PHE I 189 -54.72 -45.75 16.82
C PHE I 189 -55.75 -44.63 16.67
N ASN I 190 -56.14 -44.35 15.42
CA ASN I 190 -57.10 -43.29 15.10
C ASN I 190 -58.55 -43.60 15.47
N ASP I 191 -58.84 -44.87 15.76
CA ASP I 191 -60.15 -45.26 16.24
C ASP I 191 -60.25 -45.15 17.76
N GLY I 192 -59.12 -45.32 18.44
CA GLY I 192 -59.06 -45.20 19.90
C GLY I 192 -59.27 -43.78 20.38
N THR I 193 -59.09 -43.56 21.69
CA THR I 193 -59.27 -42.24 22.29
C THR I 193 -57.96 -41.50 22.52
N ASP I 194 -56.90 -42.25 22.82
CA ASP I 194 -55.55 -41.71 23.05
C ASP I 194 -55.10 -40.81 21.90
N GLU I 195 -55.16 -39.51 22.14
CA GLU I 195 -54.89 -38.52 21.10
C GLU I 195 -53.43 -38.43 20.69
N LYS I 196 -52.54 -38.83 21.60
CA LYS I 196 -51.09 -38.85 21.36
C LYS I 196 -50.70 -39.90 20.32
N LYS I 197 -51.37 -41.05 20.36
CA LYS I 197 -51.06 -42.16 19.46
C LYS I 197 -51.64 -42.00 18.06
N LYS I 198 -52.46 -40.98 17.84
CA LYS I 198 -53.08 -40.76 16.54
C LYS I 198 -52.08 -40.24 15.50
N LEU I 199 -52.28 -40.67 14.25
CA LEU I 199 -51.44 -40.22 13.14
C LEU I 199 -52.26 -39.90 11.89
N TYR I 200 -52.30 -38.61 11.55
CA TYR I 200 -53.00 -38.17 10.34
C TYR I 200 -52.10 -38.39 9.13
N CYS I 201 -52.71 -38.69 8.00
CA CYS I 201 -51.94 -39.16 6.85
C CYS I 201 -52.11 -38.32 5.61
N ILE I 202 -51.00 -38.11 4.91
CA ILE I 202 -50.99 -37.36 3.66
C ILE I 202 -50.24 -38.18 2.61
N TYR I 203 -50.89 -38.39 1.48
CA TYR I 203 -50.26 -39.08 0.36
C TYR I 203 -50.14 -38.11 -0.81
N VAL I 204 -48.89 -37.74 -1.15
CA VAL I 204 -48.65 -36.89 -2.32
C VAL I 204 -48.30 -37.75 -3.53
N ALA I 205 -49.19 -37.77 -4.53
CA ALA I 205 -48.93 -38.50 -5.78
C ALA I 205 -48.27 -37.55 -6.78
N ILE I 206 -47.08 -37.91 -7.25
CA ILE I 206 -46.35 -37.09 -8.24
C ILE I 206 -45.99 -37.89 -9.51
N GLY I 207 -46.54 -37.45 -10.65
CA GLY I 207 -46.26 -38.07 -11.94
C GLY I 207 -46.85 -39.45 -12.24
N GLN I 208 -47.59 -40.02 -11.27
CA GLN I 208 -48.17 -41.37 -11.39
C GLN I 208 -49.29 -41.39 -12.41
N LYS I 209 -49.79 -42.59 -12.67
CA LYS I 209 -51.03 -42.75 -13.42
C LYS I 209 -52.19 -42.30 -12.53
N ARG I 210 -53.11 -41.53 -13.11
CA ARG I 210 -54.31 -41.07 -12.41
C ARG I 210 -55.13 -42.27 -11.92
N SER I 211 -55.23 -43.31 -12.76
CA SER I 211 -55.94 -44.55 -12.39
C SER I 211 -55.36 -45.15 -11.12
N THR I 212 -54.04 -45.14 -11.02
CA THR I 212 -53.33 -45.67 -9.86
C THR I 212 -53.79 -44.95 -8.60
N VAL I 213 -53.92 -43.62 -8.68
CA VAL I 213 -54.37 -42.82 -7.55
C VAL I 213 -55.85 -43.10 -7.23
N ALA I 214 -56.70 -43.11 -8.25
CA ALA I 214 -58.11 -43.41 -8.08
C ALA I 214 -58.30 -44.76 -7.37
N GLN I 215 -57.56 -45.77 -7.82
CA GLN I 215 -57.58 -47.11 -7.23
C GLN I 215 -57.02 -47.14 -5.82
N LEU I 216 -56.09 -46.23 -5.54
CA LEU I 216 -55.45 -46.10 -4.25
C LEU I 216 -56.46 -45.57 -3.22
N VAL I 217 -57.13 -44.49 -3.60
CA VAL I 217 -58.18 -43.87 -2.79
C VAL I 217 -59.27 -44.90 -2.49
N LYS I 218 -59.65 -45.66 -3.50
CA LYS I 218 -60.61 -46.75 -3.35
C LYS I 218 -60.14 -47.78 -2.33
N ARG I 219 -58.84 -48.13 -2.39
CA ARG I 219 -58.25 -49.04 -1.42
C ARG I 219 -58.30 -48.50 0.02
N LEU I 220 -58.02 -47.21 0.19
CA LEU I 220 -58.01 -46.59 1.52
C LEU I 220 -59.42 -46.42 2.08
N THR I 221 -60.37 -46.17 1.18
CA THR I 221 -61.80 -46.10 1.54
C THR I 221 -62.28 -47.48 2.00
N ASP I 222 -61.98 -48.50 1.21
CA ASP I 222 -62.27 -49.89 1.57
C ASP I 222 -61.76 -50.27 2.96
N ALA I 223 -60.56 -49.80 3.29
CA ALA I 223 -59.96 -50.08 4.59
C ALA I 223 -60.42 -49.11 5.67
N ASP I 224 -61.30 -48.18 5.30
CA ASP I 224 -61.81 -47.10 6.18
C ASP I 224 -60.66 -46.26 6.75
N ALA I 225 -59.67 -46.00 5.89
CA ALA I 225 -58.45 -45.26 6.27
C ALA I 225 -58.46 -43.86 5.69
N MET I 226 -59.31 -43.65 4.68
CA MET I 226 -59.39 -42.40 3.94
C MET I 226 -59.84 -41.24 4.82
N LYS I 227 -60.66 -41.54 5.82
CA LYS I 227 -61.21 -40.54 6.71
C LYS I 227 -60.15 -39.69 7.45
N TYR I 228 -58.96 -40.26 7.60
CA TYR I 228 -57.83 -39.53 8.19
C TYR I 228 -56.70 -39.24 7.20
N THR I 229 -57.01 -39.28 5.90
CA THR I 229 -55.99 -39.12 4.86
C THR I 229 -56.26 -37.95 3.90
N ILE I 230 -55.21 -37.17 3.63
CA ILE I 230 -55.26 -36.16 2.58
C ILE I 230 -54.48 -36.70 1.38
N VAL I 231 -55.13 -36.75 0.22
CA VAL I 231 -54.47 -37.12 -1.02
C VAL I 231 -54.26 -35.89 -1.92
N VAL I 232 -52.99 -35.59 -2.19
CA VAL I 232 -52.56 -34.49 -3.06
C VAL I 232 -52.02 -35.12 -4.36
N SER I 233 -52.56 -34.69 -5.49
CA SER I 233 -52.41 -35.42 -6.74
C SER I 233 -51.99 -34.52 -7.88
N ALA I 234 -50.77 -34.75 -8.37
CA ALA I 234 -50.26 -34.13 -9.59
C ALA I 234 -49.72 -35.29 -10.40
N THR I 235 -50.53 -35.76 -11.34
CA THR I 235 -50.23 -36.99 -12.05
C THR I 235 -49.59 -36.77 -13.43
N ALA I 236 -49.38 -37.88 -14.17
CA ALA I 236 -48.57 -37.89 -15.40
C ALA I 236 -48.97 -36.87 -16.49
N SER I 237 -50.23 -36.46 -16.50
CA SER I 237 -50.69 -35.47 -17.48
C SER I 237 -50.81 -34.05 -16.89
N ASP I 238 -50.60 -33.92 -15.58
CA ASP I 238 -50.54 -32.59 -14.97
C ASP I 238 -49.24 -31.89 -15.34
N ALA I 239 -49.32 -30.58 -15.59
CA ALA I 239 -48.17 -29.81 -16.05
C ALA I 239 -47.03 -29.84 -15.02
N ALA I 240 -45.79 -29.92 -15.51
CA ALA I 240 -44.62 -30.08 -14.64
C ALA I 240 -44.60 -29.21 -13.37
N PRO I 241 -44.92 -27.90 -13.50
CA PRO I 241 -44.93 -27.08 -12.27
C PRO I 241 -45.95 -27.55 -11.22
N LEU I 242 -47.03 -28.19 -11.66
CA LEU I 242 -47.99 -28.79 -10.73
C LEU I 242 -47.37 -29.98 -10.02
N GLN I 243 -46.66 -30.83 -10.76
CA GLN I 243 -45.95 -31.97 -10.17
C GLN I 243 -44.85 -31.51 -9.22
N TYR I 244 -44.17 -30.43 -9.61
CA TYR I 244 -43.14 -29.75 -8.81
C TYR I 244 -43.70 -29.18 -7.49
N LEU I 245 -44.81 -28.46 -7.57
CA LEU I 245 -45.43 -27.88 -6.40
C LEU I 245 -45.98 -28.93 -5.41
N ALA I 246 -46.57 -30.00 -5.96
CA ALA I 246 -47.36 -30.95 -5.16
C ALA I 246 -46.75 -31.35 -3.81
N PRO I 247 -45.45 -31.70 -3.79
CA PRO I 247 -44.87 -32.11 -2.50
C PRO I 247 -44.91 -31.00 -1.44
N TYR I 248 -44.61 -29.77 -1.83
CA TYR I 248 -44.63 -28.65 -0.89
C TYR I 248 -46.03 -28.39 -0.36
N SER I 249 -47.02 -28.39 -1.24
CA SER I 249 -48.42 -28.27 -0.87
C SER I 249 -48.80 -29.29 0.21
N GLY I 250 -48.59 -30.57 -0.07
CA GLY I 250 -48.89 -31.62 0.90
C GLY I 250 -48.13 -31.43 2.21
N CYS I 251 -46.90 -30.95 2.09
CA CYS I 251 -46.06 -30.74 3.26
C CYS I 251 -46.62 -29.67 4.18
N SER I 252 -47.03 -28.54 3.60
CA SER I 252 -47.66 -27.46 4.33
C SER I 252 -48.90 -27.95 5.10
N MET I 253 -49.76 -28.68 4.39
CA MET I 253 -50.90 -29.34 5.00
C MET I 253 -50.48 -30.22 6.17
N GLY I 254 -49.29 -30.82 6.08
CA GLY I 254 -48.76 -31.66 7.15
C GLY I 254 -48.20 -30.85 8.30
N GLU I 255 -47.69 -29.66 8.00
CA GLU I 255 -47.10 -28.76 9.00
C GLU I 255 -48.18 -28.22 9.95
N TYR I 256 -49.39 -28.07 9.44
CA TYR I 256 -50.56 -27.72 10.25
C TYR I 256 -50.64 -28.62 11.49
N PHE I 257 -50.53 -29.93 11.28
CA PHE I 257 -50.63 -30.88 12.39
C PHE I 257 -49.38 -30.79 13.23
N ARG I 258 -48.22 -30.74 12.56
CA ARG I 258 -46.93 -30.70 13.27
C ARG I 258 -46.91 -29.61 14.33
N ASP I 259 -47.42 -28.43 13.98
CA ASP I 259 -47.31 -27.26 14.83
C ASP I 259 -48.44 -27.13 15.88
N ASN I 260 -49.52 -27.88 15.68
CA ASN I 260 -50.64 -27.85 16.60
C ASN I 260 -50.66 -29.07 17.54
N GLY I 261 -49.48 -29.55 17.92
CA GLY I 261 -49.36 -30.68 18.86
C GLY I 261 -49.91 -32.01 18.36
N LYS I 262 -50.03 -32.14 17.05
CA LYS I 262 -50.53 -33.36 16.44
C LYS I 262 -49.44 -34.05 15.62
N HIS I 263 -49.74 -35.26 15.14
CA HIS I 263 -48.77 -36.03 14.38
C HIS I 263 -49.31 -36.35 13.01
N ALA I 264 -48.48 -36.10 12.01
CA ALA I 264 -48.81 -36.38 10.64
C ALA I 264 -47.72 -37.20 9.98
N LEU I 265 -48.14 -37.94 8.96
CA LEU I 265 -47.27 -38.75 8.12
C LEU I 265 -47.53 -38.31 6.70
N ILE I 266 -46.47 -37.98 6.00
CA ILE I 266 -46.57 -37.61 4.60
C ILE I 266 -45.77 -38.59 3.75
N ILE I 267 -46.29 -38.89 2.57
CA ILE I 267 -45.60 -39.76 1.66
C ILE I 267 -45.44 -39.04 0.35
N TYR I 268 -44.22 -39.05 -0.15
CA TYR I 268 -43.90 -38.38 -1.39
C TYR I 268 -43.66 -39.44 -2.42
N ASP I 269 -44.66 -39.68 -3.25
CA ASP I 269 -44.62 -40.82 -4.18
C ASP I 269 -44.83 -40.34 -5.62
N ASP I 270 -43.73 -40.04 -6.33
CA ASP I 270 -42.38 -40.18 -5.83
C ASP I 270 -41.53 -38.96 -6.18
N LEU I 271 -40.42 -38.81 -5.47
CA LEU I 271 -39.53 -37.68 -5.67
C LEU I 271 -38.69 -37.76 -6.96
N SER I 272 -38.46 -38.97 -7.49
CA SER I 272 -37.82 -39.13 -8.78
C SER I 272 -38.57 -38.35 -9.84
N LYS I 273 -39.87 -38.59 -9.90
CA LYS I 273 -40.74 -37.98 -10.89
C LYS I 273 -40.88 -36.47 -10.70
N GLN I 274 -40.76 -36.02 -9.45
CA GLN I 274 -40.72 -34.58 -9.13
C GLN I 274 -39.44 -33.94 -9.65
N ALA I 275 -38.31 -34.62 -9.46
CA ALA I 275 -37.04 -34.11 -9.95
C ALA I 275 -37.06 -34.07 -11.48
N VAL I 276 -37.74 -35.03 -12.10
CA VAL I 276 -37.87 -35.02 -13.57
C VAL I 276 -38.63 -33.77 -14.02
N ALA I 277 -39.77 -33.51 -13.39
CA ALA I 277 -40.58 -32.29 -13.57
C ALA I 277 -39.79 -30.98 -13.36
N TYR I 278 -39.08 -30.88 -12.24
CA TYR I 278 -38.17 -29.76 -12.01
C TYR I 278 -37.09 -29.58 -13.10
N ARG I 279 -36.48 -30.70 -13.53
CA ARG I 279 -35.50 -30.68 -14.61
C ARG I 279 -36.10 -30.12 -15.90
N GLN I 280 -37.31 -30.58 -16.23
CA GLN I 280 -38.02 -30.07 -17.41
C GLN I 280 -38.15 -28.56 -17.32
N MET I 281 -38.64 -28.07 -16.18
CA MET I 281 -38.75 -26.63 -15.90
C MET I 281 -37.42 -25.90 -16.03
N SER I 282 -36.40 -26.42 -15.35
CA SER I 282 -35.08 -25.79 -15.36
C SER I 282 -34.47 -25.75 -16.76
N LEU I 283 -34.67 -26.81 -17.53
CA LEU I 283 -34.14 -26.86 -18.90
C LEU I 283 -34.88 -25.90 -19.81
N LEU I 284 -36.20 -25.85 -19.67
CA LEU I 284 -37.01 -24.88 -20.40
C LEU I 284 -36.65 -23.43 -20.04
N LEU I 285 -36.19 -23.22 -18.80
CA LEU I 285 -35.63 -21.94 -18.36
C LEU I 285 -34.20 -21.69 -18.81
N ARG I 286 -33.61 -22.68 -19.48
CA ARG I 286 -32.23 -22.62 -19.99
C ARG I 286 -31.18 -22.47 -18.88
N ARG I 287 -31.47 -23.05 -17.73
CA ARG I 287 -30.52 -23.16 -16.64
C ARG I 287 -29.47 -24.21 -17.05
N PRO I 288 -28.21 -24.04 -16.61
CA PRO I 288 -27.15 -24.95 -17.06
C PRO I 288 -27.37 -26.37 -16.56
N PRO I 289 -27.47 -27.34 -17.48
CA PRO I 289 -27.63 -28.74 -17.07
C PRO I 289 -26.34 -29.31 -16.52
N GLY I 290 -26.45 -30.16 -15.49
CA GLY I 290 -25.29 -30.79 -14.88
C GLY I 290 -25.32 -32.30 -15.00
N ARG I 291 -25.14 -32.97 -13.87
CA ARG I 291 -25.13 -34.42 -13.79
C ARG I 291 -26.52 -34.94 -14.13
N GLU I 292 -26.56 -35.79 -15.16
CA GLU I 292 -27.81 -36.31 -15.74
C GLU I 292 -28.73 -35.21 -16.20
N ALA I 293 -28.14 -34.09 -16.62
CA ALA I 293 -28.86 -32.93 -17.11
C ALA I 293 -29.71 -32.22 -16.04
N TYR I 294 -29.51 -32.59 -14.77
CA TYR I 294 -30.21 -31.97 -13.64
C TYR I 294 -29.54 -30.65 -13.28
N PRO I 295 -30.33 -29.69 -12.75
CA PRO I 295 -29.79 -28.40 -12.36
C PRO I 295 -29.09 -28.47 -11.01
N GLY I 296 -28.23 -27.51 -10.75
CA GLY I 296 -27.44 -27.48 -9.53
C GLY I 296 -28.28 -27.50 -8.26
N ASP I 297 -29.50 -26.97 -8.34
CA ASP I 297 -30.37 -26.83 -7.16
C ASP I 297 -31.32 -28.00 -6.97
N VAL I 298 -31.00 -29.14 -7.60
CA VAL I 298 -31.89 -30.28 -7.53
C VAL I 298 -31.80 -30.98 -6.17
N PHE I 299 -30.64 -30.90 -5.51
CA PHE I 299 -30.50 -31.37 -4.12
C PHE I 299 -31.38 -30.52 -3.21
N TYR I 300 -31.24 -29.20 -3.37
CA TYR I 300 -31.95 -28.25 -2.53
C TYR I 300 -33.46 -28.39 -2.73
N LEU I 301 -33.88 -28.75 -3.95
CA LEU I 301 -35.29 -29.03 -4.23
C LEU I 301 -35.87 -30.01 -3.20
N HIS I 302 -35.16 -31.11 -2.95
CA HIS I 302 -35.61 -32.11 -1.99
C HIS I 302 -35.21 -31.81 -0.53
N SER I 303 -34.06 -31.16 -0.32
CA SER I 303 -33.56 -30.94 1.05
C SER I 303 -34.46 -30.00 1.86
N ARG I 304 -34.92 -28.91 1.25
CA ARG I 304 -35.78 -27.96 1.99
C ARG I 304 -37.12 -28.60 2.29
N LEU I 305 -37.56 -29.47 1.37
CA LEU I 305 -38.81 -30.17 1.54
C LEU I 305 -38.76 -31.13 2.72
N LEU I 306 -37.71 -31.95 2.77
CA LEU I 306 -37.60 -33.03 3.75
C LEU I 306 -37.10 -32.57 5.11
N GLU I 307 -36.55 -31.36 5.16
CA GLU I 307 -36.16 -30.76 6.44
C GLU I 307 -37.37 -30.37 7.27
N ARG I 308 -38.51 -30.25 6.59
CA ARG I 308 -39.75 -29.82 7.22
C ARG I 308 -40.47 -30.94 7.99
N ALA I 309 -40.18 -32.19 7.62
CA ALA I 309 -40.53 -33.30 8.49
C ALA I 309 -39.66 -33.17 9.73
N ALA I 310 -40.30 -33.03 10.89
CA ALA I 310 -39.57 -32.70 12.13
C ALA I 310 -40.28 -33.21 13.38
N LYS I 311 -39.51 -33.40 14.46
CA LYS I 311 -40.08 -33.73 15.75
C LYS I 311 -39.91 -32.51 16.65
N MET I 312 -41.05 -31.91 16.99
CA MET I 312 -41.11 -30.74 17.88
C MET I 312 -41.05 -31.17 19.34
N ASN I 313 -40.26 -30.45 20.13
CA ASN I 313 -40.26 -30.70 21.57
C ASN I 313 -41.55 -30.19 22.22
N ASP I 314 -41.74 -30.49 23.49
CA ASP I 314 -42.96 -30.11 24.22
C ASP I 314 -43.21 -28.61 24.24
N ALA I 315 -42.15 -27.80 24.33
CA ALA I 315 -42.31 -26.35 24.33
C ALA I 315 -42.93 -25.83 23.02
N PHE I 316 -42.85 -26.64 21.97
CA PHE I 316 -43.42 -26.25 20.68
C PHE I 316 -44.59 -27.14 20.28
N GLY I 317 -45.23 -27.73 21.28
CA GLY I 317 -46.48 -28.47 21.10
C GLY I 317 -46.33 -29.97 21.14
N GLY I 318 -45.11 -30.46 20.92
CA GLY I 318 -44.84 -31.90 20.93
C GLY I 318 -45.21 -32.64 19.66
N GLY I 319 -45.70 -31.89 18.67
CA GLY I 319 -46.16 -32.49 17.41
C GLY I 319 -45.00 -32.97 16.55
N SER I 320 -45.33 -33.55 15.39
CA SER I 320 -44.32 -34.06 14.46
C SER I 320 -44.87 -34.29 13.07
N LEU I 321 -43.99 -34.20 12.08
CA LEU I 321 -44.27 -34.67 10.72
C LEU I 321 -43.20 -35.68 10.34
N THR I 322 -43.65 -36.90 10.01
CA THR I 322 -42.81 -37.96 9.49
C THR I 322 -42.97 -38.00 7.97
N ALA I 323 -41.85 -38.06 7.24
CA ALA I 323 -41.89 -38.21 5.77
C ALA I 323 -41.33 -39.53 5.25
N LEU I 324 -42.01 -40.11 4.28
CA LEU I 324 -41.52 -41.26 3.56
C LEU I 324 -41.43 -40.84 2.11
N PRO I 325 -40.28 -40.25 1.72
CA PRO I 325 -40.07 -39.98 0.31
C PRO I 325 -39.83 -41.32 -0.41
N VAL I 326 -40.35 -41.43 -1.62
CA VAL I 326 -40.12 -42.57 -2.46
C VAL I 326 -39.16 -42.14 -3.56
N ILE I 327 -38.19 -42.99 -3.86
CA ILE I 327 -37.24 -42.78 -4.95
C ILE I 327 -37.14 -44.07 -5.74
N GLU I 328 -37.27 -43.95 -7.05
CA GLU I 328 -37.14 -45.07 -7.97
C GLU I 328 -35.71 -45.10 -8.51
N THR I 329 -35.04 -46.24 -8.34
CA THR I 329 -33.71 -46.47 -8.92
C THR I 329 -33.83 -47.16 -10.27
N GLN I 330 -32.83 -46.97 -11.11
CA GLN I 330 -32.71 -47.73 -12.34
C GLN I 330 -31.75 -48.88 -12.09
N ALA I 331 -32.24 -50.11 -12.33
CA ALA I 331 -31.43 -51.33 -12.17
C ALA I 331 -30.63 -51.35 -10.86
N GLY I 332 -31.26 -50.88 -9.78
CA GLY I 332 -30.69 -50.99 -8.44
C GLY I 332 -29.46 -50.15 -8.18
N ASP I 333 -29.26 -49.13 -9.01
CA ASP I 333 -28.11 -48.24 -8.88
C ASP I 333 -28.39 -47.18 -7.83
N VAL I 334 -28.01 -47.45 -6.59
CA VAL I 334 -28.24 -46.49 -5.52
C VAL I 334 -27.15 -45.41 -5.50
N SER I 335 -26.14 -45.61 -6.34
CA SER I 335 -25.02 -44.68 -6.48
C SER I 335 -25.33 -43.47 -7.32
N ALA I 336 -26.44 -43.52 -8.05
CA ALA I 336 -26.80 -42.44 -8.96
C ALA I 336 -27.12 -41.15 -8.20
N TYR I 337 -27.23 -40.05 -8.95
CA TYR I 337 -27.21 -38.69 -8.45
C TYR I 337 -28.40 -38.37 -7.56
N ILE I 338 -29.60 -38.56 -8.11
CA ILE I 338 -30.80 -38.30 -7.34
C ILE I 338 -30.91 -39.20 -6.12
N PRO I 339 -30.74 -40.54 -6.28
CA PRO I 339 -30.80 -41.41 -5.10
C PRO I 339 -29.83 -41.05 -3.98
N THR I 340 -28.60 -40.69 -4.33
CA THR I 340 -27.63 -40.29 -3.31
C THR I 340 -28.00 -38.96 -2.69
N ASN I 341 -28.51 -38.05 -3.51
CA ASN I 341 -29.05 -36.79 -3.02
C ASN I 341 -30.00 -37.01 -1.87
N VAL I 342 -31.00 -37.85 -2.10
CA VAL I 342 -32.06 -38.09 -1.12
C VAL I 342 -31.57 -38.88 0.12
N ILE I 343 -30.80 -39.95 -0.11
CA ILE I 343 -30.14 -40.69 1.00
C ILE I 343 -29.39 -39.74 1.92
N SER I 344 -28.75 -38.74 1.33
CA SER I 344 -27.94 -37.78 2.07
C SER I 344 -28.81 -36.72 2.77
N ILE I 345 -30.13 -36.83 2.64
CA ILE I 345 -31.09 -35.94 3.29
C ILE I 345 -31.82 -36.68 4.41
N THR I 346 -32.28 -37.90 4.10
CA THR I 346 -33.17 -38.64 4.99
C THR I 346 -32.40 -39.32 6.12
N ASP I 347 -33.12 -40.00 7.02
CA ASP I 347 -32.53 -40.61 8.22
C ASP I 347 -32.43 -42.13 8.11
N GLY I 348 -31.90 -42.59 6.99
CA GLY I 348 -31.92 -44.00 6.65
C GLY I 348 -32.83 -44.24 5.47
N GLN I 349 -32.87 -45.48 5.02
CA GLN I 349 -33.66 -45.89 3.88
C GLN I 349 -34.10 -47.33 4.07
N ILE I 350 -35.19 -47.66 3.40
CA ILE I 350 -35.63 -49.02 3.21
C ILE I 350 -35.41 -49.23 1.73
N PHE I 351 -34.50 -50.15 1.41
CA PHE I 351 -34.15 -50.49 0.03
C PHE I 351 -34.84 -51.80 -0.35
N LEU I 352 -35.63 -51.74 -1.42
CA LEU I 352 -36.32 -52.92 -1.91
C LEU I 352 -35.59 -53.45 -3.16
N GLU I 353 -35.22 -54.73 -3.14
CA GLU I 353 -34.48 -55.37 -4.24
C GLU I 353 -35.39 -56.08 -5.24
N THR I 354 -35.07 -55.96 -6.52
CA THR I 354 -35.82 -56.67 -7.56
C THR I 354 -35.61 -58.19 -7.44
N GLU I 355 -34.37 -58.60 -7.15
CA GLU I 355 -34.03 -60.03 -7.02
C GLU I 355 -34.82 -60.71 -5.91
N LEU I 356 -34.98 -60.01 -4.77
CA LEU I 356 -35.75 -60.52 -3.64
C LEU I 356 -37.23 -60.56 -3.96
N PHE I 357 -37.71 -59.54 -4.65
CA PHE I 357 -39.12 -59.42 -5.04
C PHE I 357 -39.51 -60.53 -6.03
N TYR I 358 -38.65 -60.77 -7.01
CA TYR I 358 -38.83 -61.81 -8.03
C TYR I 358 -38.99 -63.19 -7.38
N LYS I 359 -38.05 -63.53 -6.51
CA LYS I 359 -38.07 -64.79 -5.77
C LYS I 359 -39.28 -64.90 -4.84
N GLY I 360 -40.02 -63.80 -4.70
CA GLY I 360 -41.22 -63.77 -3.87
C GLY I 360 -40.96 -63.50 -2.40
N ILE I 361 -39.76 -63.00 -2.09
CA ILE I 361 -39.49 -62.52 -0.72
C ILE I 361 -40.08 -61.11 -0.62
N ARG I 362 -41.24 -61.01 0.03
CA ARG I 362 -42.01 -59.77 0.06
C ARG I 362 -42.57 -59.51 1.45
N PRO I 363 -42.37 -58.29 2.00
CA PRO I 363 -41.71 -57.11 1.42
C PRO I 363 -40.24 -57.36 1.05
N ALA I 364 -39.84 -56.91 -0.13
CA ALA I 364 -38.52 -57.23 -0.67
C ALA I 364 -37.38 -56.40 -0.06
N ILE I 365 -37.36 -56.32 1.27
CA ILE I 365 -36.39 -55.48 1.98
C ILE I 365 -35.01 -56.13 2.05
N ASN I 366 -34.04 -55.51 1.39
CA ASN I 366 -32.64 -55.85 1.56
C ASN I 366 -32.23 -55.32 2.92
N VAL I 367 -32.04 -56.24 3.86
CA VAL I 367 -31.79 -55.90 5.27
C VAL I 367 -30.47 -55.16 5.48
N GLY I 368 -29.41 -55.65 4.84
CA GLY I 368 -28.07 -55.09 5.00
C GLY I 368 -27.86 -53.72 4.40
N LEU I 369 -28.64 -53.37 3.39
CA LEU I 369 -28.58 -52.01 2.80
C LEU I 369 -29.63 -51.05 3.39
N SER I 370 -30.31 -51.51 4.44
CA SER I 370 -31.38 -50.73 5.05
C SER I 370 -31.00 -50.28 6.45
N VAL I 371 -31.32 -49.02 6.75
CA VAL I 371 -31.13 -48.44 8.07
C VAL I 371 -32.25 -47.50 8.43
N SER I 372 -32.38 -47.29 9.74
CA SER I 372 -33.11 -46.18 10.31
C SER I 372 -32.11 -45.58 11.27
N ARG I 373 -31.63 -44.37 10.94
CA ARG I 373 -30.54 -43.76 11.71
C ARG I 373 -30.99 -43.34 13.11
N VAL I 374 -32.28 -43.09 13.27
CA VAL I 374 -32.79 -42.46 14.49
C VAL I 374 -33.93 -43.24 15.15
N GLY I 375 -34.46 -44.23 14.45
CA GLY I 375 -35.68 -44.91 14.87
C GLY I 375 -35.55 -45.90 16.02
N SER I 376 -34.34 -46.36 16.29
CA SER I 376 -34.07 -47.31 17.40
C SER I 376 -34.66 -46.82 18.73
N ALA I 377 -34.46 -45.54 19.03
CA ALA I 377 -34.99 -44.91 20.25
C ALA I 377 -36.51 -44.86 20.27
N ALA I 378 -37.14 -45.07 19.12
CA ALA I 378 -38.60 -45.04 19.01
C ALA I 378 -39.20 -46.43 18.79
N GLN I 379 -38.43 -47.47 19.07
CA GLN I 379 -38.93 -48.83 18.99
C GLN I 379 -39.42 -49.27 20.38
N THR I 380 -40.65 -49.78 20.44
CA THR I 380 -41.21 -50.24 21.73
C THR I 380 -40.32 -51.33 22.35
N ARG I 381 -40.16 -51.28 23.66
CA ARG I 381 -39.31 -52.23 24.40
C ARG I 381 -39.66 -53.68 24.05
N ALA I 382 -40.96 -53.96 23.89
CA ALA I 382 -41.45 -55.29 23.52
C ALA I 382 -40.82 -55.79 22.23
N MET I 383 -40.69 -54.90 21.24
CA MET I 383 -40.08 -55.26 19.96
C MET I 383 -38.57 -55.45 20.08
N LYS I 384 -37.90 -54.58 20.84
CA LYS I 384 -36.45 -54.71 21.08
C LYS I 384 -36.04 -56.06 21.69
N GLN I 385 -36.86 -56.57 22.62
CA GLN I 385 -36.54 -57.81 23.33
C GLN I 385 -36.50 -59.03 22.40
N VAL I 386 -37.27 -58.95 21.31
CA VAL I 386 -37.33 -60.03 20.33
C VAL I 386 -36.50 -59.74 19.07
N ALA I 387 -36.36 -58.46 18.74
CA ALA I 387 -35.76 -58.04 17.47
C ALA I 387 -34.24 -57.93 17.47
N GLY I 388 -33.67 -57.54 18.61
CA GLY I 388 -32.21 -57.36 18.74
C GLY I 388 -31.41 -58.62 18.45
N THR I 389 -31.98 -59.76 18.83
CA THR I 389 -31.37 -61.07 18.56
C THR I 389 -31.70 -61.63 17.17
N MET I 390 -32.81 -61.17 16.59
CA MET I 390 -33.17 -61.52 15.22
C MET I 390 -32.29 -60.79 14.21
N LYS I 391 -32.05 -59.50 14.48
CA LYS I 391 -31.10 -58.71 13.69
C LYS I 391 -29.74 -59.42 13.69
N LEU I 392 -29.32 -59.85 14.88
CA LEU I 392 -28.05 -60.56 15.07
C LEU I 392 -28.03 -61.92 14.34
N GLU I 393 -29.12 -62.68 14.45
CA GLU I 393 -29.21 -63.97 13.78
C GLU I 393 -29.37 -63.88 12.26
N LEU I 394 -29.88 -62.74 11.78
CA LEU I 394 -29.95 -62.45 10.34
C LEU I 394 -28.62 -61.96 9.79
N ALA I 395 -27.86 -61.26 10.63
CA ALA I 395 -26.53 -60.76 10.27
C ALA I 395 -25.51 -61.90 10.11
N GLN I 396 -25.63 -62.91 10.98
CA GLN I 396 -24.82 -64.12 10.93
C GLN I 396 -25.18 -65.01 9.73
N TYR I 397 -26.38 -64.79 9.18
CA TYR I 397 -26.97 -65.66 8.14
C TYR I 397 -26.53 -65.30 6.72
N ARG I 398 -26.44 -64.01 6.43
CA ARG I 398 -26.02 -63.56 5.10
C ARG I 398 -24.52 -63.73 4.91
N GLU I 399 -23.79 -63.84 6.02
CA GLU I 399 -22.34 -64.11 6.00
C GLU I 399 -22.04 -65.56 5.59
N VAL I 400 -23.07 -66.41 5.60
CA VAL I 400 -22.98 -67.79 5.15
C VAL I 400 -24.17 -68.15 4.24
N ALA I 401 -24.43 -67.30 3.24
CA ALA I 401 -25.58 -67.45 2.35
C ALA I 401 -25.51 -68.70 1.48
N LEU I 410 -20.58 -77.68 6.44
CA LEU I 410 -21.58 -78.55 7.05
C LEU I 410 -21.30 -78.86 8.53
N ASP I 411 -20.63 -77.95 9.22
CA ASP I 411 -20.36 -78.11 10.66
C ASP I 411 -21.53 -77.62 11.50
N ALA I 412 -21.81 -78.32 12.60
CA ALA I 412 -22.99 -78.10 13.45
C ALA I 412 -23.18 -76.65 13.93
N ALA I 413 -22.09 -75.90 14.07
CA ALA I 413 -22.14 -74.51 14.52
C ALA I 413 -22.74 -73.57 13.47
N THR I 414 -22.21 -73.61 12.25
CA THR I 414 -22.68 -72.73 11.17
C THR I 414 -23.86 -73.31 10.38
N GLN I 415 -24.27 -74.52 10.73
CA GLN I 415 -25.43 -75.14 10.11
C GLN I 415 -26.71 -74.67 10.80
N GLN I 416 -26.59 -74.34 12.08
CA GLN I 416 -27.69 -73.77 12.86
C GLN I 416 -28.00 -72.33 12.43
N LEU I 417 -26.98 -71.63 11.93
CA LEU I 417 -27.12 -70.24 11.47
C LEU I 417 -27.91 -70.14 10.15
N LEU I 418 -27.67 -71.08 9.25
CA LEU I 418 -28.46 -71.20 8.02
C LEU I 418 -29.86 -71.71 8.31
N SER I 419 -29.98 -72.62 9.27
CA SER I 419 -31.25 -73.21 9.69
C SER I 419 -32.20 -72.15 10.28
N ARG I 420 -31.67 -71.30 11.15
CA ARG I 420 -32.46 -70.23 11.77
C ARG I 420 -32.81 -69.14 10.75
N GLY I 421 -31.83 -68.77 9.93
CA GLY I 421 -31.96 -67.69 8.95
C GLY I 421 -33.08 -67.84 7.93
N VAL I 422 -33.14 -69.01 7.28
CA VAL I 422 -34.19 -69.30 6.29
C VAL I 422 -35.58 -69.20 6.92
N ARG I 423 -35.66 -69.50 8.21
CA ARG I 423 -36.93 -69.50 8.93
C ARG I 423 -37.37 -68.10 9.39
N LEU I 424 -36.42 -67.29 9.85
CA LEU I 424 -36.71 -65.90 10.16
C LEU I 424 -37.13 -65.17 8.90
N THR I 425 -36.49 -65.49 7.77
CA THR I 425 -36.85 -64.92 6.47
C THR I 425 -38.31 -65.19 6.10
N GLU I 426 -38.80 -66.37 6.44
CA GLU I 426 -40.20 -66.72 6.17
C GLU I 426 -41.14 -65.96 7.10
N LEU I 427 -40.70 -65.74 8.34
CA LEU I 427 -41.44 -64.93 9.32
C LEU I 427 -41.68 -63.49 8.86
N LEU I 428 -40.68 -62.91 8.20
CA LEU I 428 -40.73 -61.51 7.79
C LEU I 428 -41.43 -61.30 6.46
N LYS I 429 -41.81 -62.40 5.80
CA LYS I 429 -42.69 -62.34 4.65
C LYS I 429 -44.05 -61.88 5.13
N GLN I 430 -44.72 -61.05 4.34
CA GLN I 430 -46.00 -60.49 4.71
C GLN I 430 -46.77 -60.10 3.45
N GLY I 431 -48.06 -60.43 3.43
CA GLY I 431 -48.95 -60.00 2.36
C GLY I 431 -49.33 -58.54 2.48
N GLN I 432 -50.15 -58.07 1.54
CA GLN I 432 -50.60 -56.68 1.53
C GLN I 432 -51.88 -56.48 2.32
N TYR I 433 -52.07 -55.23 2.77
CA TYR I 433 -53.31 -54.76 3.40
C TYR I 433 -53.68 -55.48 4.70
N SER I 434 -52.70 -56.17 5.29
CA SER I 434 -52.89 -56.83 6.58
C SER I 434 -51.85 -56.39 7.61
N PRO I 435 -51.83 -55.08 7.94
CA PRO I 435 -50.79 -54.61 8.85
C PRO I 435 -51.12 -55.10 10.25
N MET I 436 -50.11 -55.49 11.00
CA MET I 436 -50.29 -56.12 12.29
C MET I 436 -50.08 -55.15 13.44
N ALA I 437 -50.81 -55.36 14.53
CA ALA I 437 -50.53 -54.66 15.78
C ALA I 437 -49.14 -55.04 16.23
N ILE I 438 -48.45 -54.10 16.86
CA ILE I 438 -47.08 -54.33 17.31
C ILE I 438 -46.95 -55.60 18.18
N GLU I 439 -47.89 -55.80 19.10
CA GLU I 439 -47.89 -56.97 19.99
C GLU I 439 -48.09 -58.29 19.22
N GLU I 440 -48.83 -58.22 18.13
CA GLU I 440 -49.00 -59.35 17.22
C GLU I 440 -47.66 -59.73 16.58
N GLN I 441 -46.92 -58.72 16.11
CA GLN I 441 -45.62 -58.91 15.45
C GLN I 441 -44.60 -59.56 16.38
N VAL I 442 -44.51 -59.08 17.61
CA VAL I 442 -43.57 -59.63 18.59
C VAL I 442 -43.91 -61.08 18.96
N ALA I 443 -45.20 -61.37 19.14
CA ALA I 443 -45.66 -62.74 19.39
C ALA I 443 -45.14 -63.70 18.31
N VAL I 444 -45.32 -63.29 17.05
CA VAL I 444 -44.83 -64.04 15.90
C VAL I 444 -43.30 -64.13 15.88
N ILE I 445 -42.61 -63.00 16.10
CA ILE I 445 -41.15 -63.01 16.14
C ILE I 445 -40.59 -63.82 17.32
N TYR I 446 -41.34 -63.85 18.43
CA TYR I 446 -40.93 -64.63 19.61
C TYR I 446 -40.75 -66.10 19.28
N ALA I 447 -41.69 -66.64 18.50
CA ALA I 447 -41.64 -68.01 18.04
C ALA I 447 -40.33 -68.29 17.29
N GLY I 448 -39.90 -67.30 16.49
CA GLY I 448 -38.71 -67.43 15.68
C GLY I 448 -37.41 -67.37 16.44
N VAL I 449 -37.27 -66.36 17.30
CA VAL I 449 -35.99 -66.07 17.96
C VAL I 449 -35.67 -66.98 19.13
N ARG I 450 -36.68 -67.69 19.62
CA ARG I 450 -36.49 -68.65 20.70
C ARG I 450 -36.41 -70.09 20.17
N GLY I 451 -36.38 -70.23 18.85
CA GLY I 451 -36.08 -71.49 18.18
C GLY I 451 -37.23 -72.46 17.97
N TYR I 452 -38.45 -72.02 18.23
CA TYR I 452 -39.63 -72.90 18.13
C TYR I 452 -39.99 -73.31 16.71
N LEU I 453 -39.19 -72.87 15.75
CA LEU I 453 -39.42 -73.15 14.34
C LEU I 453 -38.33 -74.07 13.79
N ASP I 454 -37.22 -74.17 14.51
CA ASP I 454 -36.02 -74.88 14.05
C ASP I 454 -36.24 -76.32 13.58
N LYS I 455 -37.29 -76.96 14.10
CA LYS I 455 -37.62 -78.34 13.73
C LYS I 455 -38.56 -78.43 12.52
N LEU I 456 -39.27 -77.33 12.26
CA LEU I 456 -40.20 -77.24 11.13
C LEU I 456 -39.47 -77.02 9.82
N GLU I 457 -40.02 -77.57 8.73
CA GLU I 457 -39.49 -77.33 7.39
C GLU I 457 -39.87 -75.92 6.92
N PRO I 458 -38.95 -75.24 6.19
CA PRO I 458 -39.09 -73.82 5.80
C PRO I 458 -40.36 -73.51 5.02
N SER I 459 -40.78 -74.44 4.16
CA SER I 459 -41.99 -74.31 3.37
C SER I 459 -43.26 -74.25 4.23
N LYS I 460 -43.13 -74.61 5.49
CA LYS I 460 -44.27 -74.66 6.42
C LYS I 460 -44.26 -73.55 7.49
N ILE I 461 -43.35 -72.58 7.36
CA ILE I 461 -43.25 -71.49 8.34
C ILE I 461 -44.40 -70.51 8.19
N THR I 462 -44.69 -70.13 6.95
CA THR I 462 -45.79 -69.20 6.65
C THR I 462 -47.12 -69.77 7.13
N LYS I 463 -47.36 -71.05 6.81
CA LYS I 463 -48.54 -71.76 7.29
C LYS I 463 -48.63 -71.75 8.82
N PHE I 464 -47.49 -71.91 9.49
CA PHE I 464 -47.45 -71.89 10.95
C PHE I 464 -47.83 -70.53 11.52
N GLU I 465 -47.30 -69.47 10.91
CA GLU I 465 -47.51 -68.11 11.41
C GLU I 465 -48.97 -67.71 11.44
N ASN I 466 -49.68 -67.94 10.35
CA ASN I 466 -51.09 -67.58 10.23
C ASN I 466 -52.01 -68.42 11.12
N ALA I 467 -51.64 -69.68 11.32
CA ALA I 467 -52.35 -70.55 12.24
C ALA I 467 -52.04 -70.17 13.68
N PHE I 468 -50.80 -69.81 13.96
CA PHE I 468 -50.38 -69.40 15.30
C PHE I 468 -50.91 -68.03 15.70
N LEU I 469 -51.06 -67.16 14.70
CA LEU I 469 -51.53 -65.80 14.93
C LEU I 469 -53.01 -65.76 15.33
N SER I 470 -53.88 -66.30 14.48
CA SER I 470 -55.33 -66.29 14.76
C SER I 470 -55.70 -67.12 15.99
N HIS I 471 -54.75 -67.92 16.48
CA HIS I 471 -54.90 -68.68 17.72
C HIS I 471 -54.70 -67.79 18.93
N VAL I 472 -53.59 -67.07 18.95
CA VAL I 472 -53.28 -66.16 20.06
C VAL I 472 -54.21 -64.94 20.09
N ILE I 473 -54.75 -64.57 18.93
CA ILE I 473 -55.75 -63.51 18.85
C ILE I 473 -57.07 -63.97 19.45
N SER I 474 -57.53 -65.15 19.02
CA SER I 474 -58.80 -65.70 19.49
C SER I 474 -58.75 -66.10 20.97
N GLN I 475 -57.84 -67.02 21.31
CA GLN I 475 -57.82 -67.63 22.63
C GLN I 475 -57.12 -66.81 23.71
N HIS I 476 -56.09 -66.06 23.33
CA HIS I 476 -55.24 -65.37 24.32
C HIS I 476 -55.17 -63.85 24.13
N GLN I 477 -56.33 -63.19 24.21
CA GLN I 477 -56.42 -61.73 24.12
C GLN I 477 -55.75 -61.01 25.29
N ALA I 478 -55.77 -61.66 26.46
CA ALA I 478 -55.25 -61.09 27.69
C ALA I 478 -53.74 -60.83 27.63
N LEU I 479 -53.01 -61.76 27.02
CA LEU I 479 -51.55 -61.67 26.92
C LEU I 479 -51.14 -60.55 25.96
N LEU I 480 -51.79 -60.49 24.80
CA LEU I 480 -51.52 -59.46 23.81
C LEU I 480 -51.88 -58.07 24.34
N SER I 481 -53.03 -57.98 24.99
CA SER I 481 -53.47 -56.75 25.64
C SER I 481 -52.47 -56.25 26.66
N LYS I 482 -51.84 -57.19 27.38
CA LYS I 482 -50.87 -56.86 28.40
C LYS I 482 -49.57 -56.32 27.81
N ILE I 483 -49.12 -56.93 26.71
CA ILE I 483 -47.89 -56.53 26.04
C ILE I 483 -47.99 -55.11 25.49
N ARG I 484 -49.14 -54.78 24.91
CA ARG I 484 -49.42 -53.45 24.39
C ARG I 484 -49.47 -52.38 25.49
N THR I 485 -50.03 -52.75 26.65
CA THR I 485 -50.16 -51.85 27.79
C THR I 485 -48.84 -51.61 28.52
N ASP I 486 -48.15 -52.71 28.86
CA ASP I 486 -46.84 -52.63 29.49
C ASP I 486 -45.80 -52.02 28.55
N GLY I 487 -45.93 -52.31 27.26
CA GLY I 487 -44.94 -51.91 26.25
C GLY I 487 -43.70 -52.80 26.33
N LYS I 488 -43.81 -53.86 27.13
CA LYS I 488 -42.69 -54.73 27.46
C LYS I 488 -43.15 -56.19 27.47
N ILE I 489 -42.19 -57.11 27.43
CA ILE I 489 -42.44 -58.52 27.73
C ILE I 489 -41.87 -58.78 29.12
N SER I 490 -42.74 -58.85 30.12
CA SER I 490 -42.30 -59.09 31.49
C SER I 490 -41.94 -60.56 31.72
N GLU I 491 -41.35 -60.83 32.89
CA GLU I 491 -40.93 -62.18 33.26
C GLU I 491 -42.14 -63.11 33.35
N GLU I 492 -43.31 -62.53 33.62
CA GLU I 492 -44.60 -63.23 33.64
C GLU I 492 -45.08 -63.56 32.22
N SER I 493 -45.01 -62.57 31.32
CA SER I 493 -45.44 -62.71 29.92
C SER I 493 -44.54 -63.65 29.12
N ASP I 494 -43.25 -63.64 29.43
CA ASP I 494 -42.27 -64.49 28.77
C ASP I 494 -42.52 -65.97 29.07
N ALA I 495 -42.89 -66.26 30.30
CA ALA I 495 -43.25 -67.62 30.70
C ALA I 495 -44.61 -68.02 30.12
N LYS I 496 -45.52 -67.06 30.03
CA LYS I 496 -46.85 -67.27 29.48
C LYS I 496 -46.79 -67.51 27.97
N LEU I 497 -45.87 -66.81 27.31
CA LEU I 497 -45.69 -66.94 25.86
C LEU I 497 -44.98 -68.24 25.50
N LYS I 498 -44.00 -68.63 26.33
CA LYS I 498 -43.33 -69.93 26.21
C LYS I 498 -44.35 -71.06 26.24
N GLU I 499 -45.23 -71.01 27.24
CA GLU I 499 -46.33 -71.97 27.41
C GLU I 499 -47.10 -72.18 26.11
N ILE I 500 -47.71 -71.11 25.61
CA ILE I 500 -48.61 -71.17 24.46
C ILE I 500 -47.91 -71.68 23.19
N VAL I 501 -46.70 -71.19 22.93
CA VAL I 501 -45.95 -71.57 21.73
C VAL I 501 -45.60 -73.06 21.73
N THR I 502 -45.09 -73.56 22.86
CA THR I 502 -44.75 -74.98 23.02
C THR I 502 -46.01 -75.86 22.94
N ASN I 503 -47.10 -75.38 23.52
CA ASN I 503 -48.40 -76.07 23.50
C ASN I 503 -49.02 -76.11 22.10
N PHE I 504 -48.73 -75.07 21.31
CA PHE I 504 -49.24 -74.98 19.95
C PHE I 504 -48.39 -75.75 18.94
N LEU I 505 -47.07 -75.72 19.13
CA LEU I 505 -46.12 -76.43 18.26
C LEU I 505 -46.38 -77.94 18.23
N ALA I 506 -46.64 -78.53 19.40
CA ALA I 506 -46.99 -79.94 19.52
C ALA I 506 -48.43 -80.22 19.08
N GLY I 507 -49.22 -79.15 18.97
CA GLY I 507 -50.60 -79.24 18.47
C GLY I 507 -50.75 -78.86 17.01
N PHE I 508 -49.64 -78.54 16.36
CA PHE I 508 -49.62 -78.19 14.94
C PHE I 508 -49.16 -79.37 14.09
N GLU I 509 -49.88 -79.65 13.00
CA GLU I 509 -49.61 -80.82 12.16
C GLU I 509 -49.07 -80.50 10.77
N ILE J 16 -9.56 32.56 -17.66
CA ILE J 16 -10.09 31.17 -17.77
C ILE J 16 -8.96 30.16 -17.53
N LEU J 17 -9.21 29.21 -16.63
CA LEU J 17 -8.18 28.23 -16.26
C LEU J 17 -8.14 27.03 -17.18
N GLY J 18 -6.93 26.48 -17.34
CA GLY J 18 -6.70 25.30 -18.17
C GLY J 18 -7.41 24.07 -17.63
N ALA J 19 -8.11 23.38 -18.51
CA ALA J 19 -8.84 22.18 -18.14
C ALA J 19 -7.89 21.04 -17.77
N ASP J 20 -8.33 20.23 -16.80
CA ASP J 20 -7.63 19.01 -16.42
C ASP J 20 -7.67 18.03 -17.59
N THR J 21 -6.50 17.72 -18.14
CA THR J 21 -6.41 16.77 -19.26
C THR J 21 -5.76 15.46 -18.84
N SER J 22 -5.76 15.18 -17.54
CA SER J 22 -5.06 14.02 -16.97
C SER J 22 -5.82 12.70 -17.12
N VAL J 23 -7.11 12.77 -17.44
CA VAL J 23 -7.91 11.57 -17.68
C VAL J 23 -8.55 11.56 -19.08
N ASP J 24 -7.79 11.89 -20.12
CA ASP J 24 -8.31 11.73 -21.48
C ASP J 24 -8.48 10.25 -21.78
N LEU J 25 -9.52 9.91 -22.53
CA LEU J 25 -9.91 8.51 -22.71
C LEU J 25 -9.02 7.73 -23.71
N GLU J 26 -7.74 8.10 -23.78
CA GLU J 26 -6.80 7.47 -24.68
C GLU J 26 -5.65 6.76 -23.97
N GLU J 27 -5.11 7.39 -22.94
CA GLU J 27 -4.08 6.76 -22.11
C GLU J 27 -4.68 6.25 -20.81
N THR J 28 -5.97 6.52 -20.61
CA THR J 28 -6.64 6.15 -19.38
C THR J 28 -8.05 5.64 -19.68
N GLY J 29 -8.63 4.92 -18.72
CA GLY J 29 -10.01 4.46 -18.87
C GLY J 29 -10.79 4.48 -17.58
N ARG J 30 -12.08 4.19 -17.70
CA ARG J 30 -12.93 4.07 -16.51
C ARG J 30 -13.69 2.75 -16.53
N VAL J 31 -13.67 2.07 -15.39
CA VAL J 31 -14.37 0.80 -15.20
C VAL J 31 -15.89 0.96 -15.41
N LEU J 32 -16.42 0.19 -16.36
CA LEU J 32 -17.85 0.12 -16.60
C LEU J 32 -18.49 -0.89 -15.65
N SER J 33 -17.79 -2.01 -15.45
CA SER J 33 -18.33 -3.11 -14.67
C SER J 33 -17.19 -3.94 -14.12
N ILE J 34 -17.43 -4.55 -12.97
CA ILE J 34 -16.41 -5.36 -12.34
C ILE J 34 -17.05 -6.53 -11.60
N GLY J 35 -16.54 -7.72 -11.91
CA GLY J 35 -17.08 -8.96 -11.34
C GLY J 35 -16.17 -10.12 -11.65
N ASP J 36 -16.06 -11.04 -10.69
CA ASP J 36 -15.28 -12.25 -10.83
C ASP J 36 -13.92 -12.01 -11.52
N GLY J 37 -13.24 -10.95 -11.08
CA GLY J 37 -11.89 -10.63 -11.57
C GLY J 37 -11.82 -10.09 -12.99
N ILE J 38 -12.97 -9.70 -13.54
CA ILE J 38 -13.02 -9.13 -14.89
C ILE J 38 -13.56 -7.71 -14.82
N ALA J 39 -12.68 -6.75 -15.16
CA ALA J 39 -13.07 -5.37 -15.34
C ALA J 39 -13.29 -5.09 -16.83
N ARG J 40 -14.48 -4.59 -17.18
CA ARG J 40 -14.72 -4.03 -18.52
C ARG J 40 -14.49 -2.52 -18.46
N VAL J 41 -13.56 -2.05 -19.28
CA VAL J 41 -13.10 -0.66 -19.18
C VAL J 41 -13.45 0.15 -20.43
N HIS J 42 -14.13 1.26 -20.18
CA HIS J 42 -14.43 2.29 -21.18
C HIS J 42 -13.17 3.11 -21.44
N GLY J 43 -12.91 3.42 -22.70
CA GLY J 43 -11.74 4.22 -23.07
C GLY J 43 -10.53 3.35 -23.32
N LEU J 44 -9.40 3.77 -22.76
CA LEU J 44 -8.11 3.13 -22.99
C LEU J 44 -8.00 2.84 -24.48
N ARG J 45 -8.13 3.90 -25.28
CA ARG J 45 -8.19 3.72 -26.72
C ARG J 45 -6.84 3.33 -27.32
N ASN J 46 -5.77 3.69 -26.62
CA ASN J 46 -4.43 3.40 -27.07
C ASN J 46 -3.78 2.16 -26.45
N VAL J 47 -4.47 1.45 -25.53
CA VAL J 47 -3.90 0.19 -24.97
C VAL J 47 -3.58 -0.85 -26.03
N GLN J 48 -2.47 -1.55 -25.78
CA GLN J 48 -2.06 -2.70 -26.56
C GLN J 48 -2.70 -3.95 -25.99
N ALA J 49 -2.97 -4.92 -26.85
CA ALA J 49 -3.36 -6.25 -26.41
C ALA J 49 -2.26 -6.82 -25.51
N GLU J 50 -2.65 -7.33 -24.34
CA GLU J 50 -1.73 -7.97 -23.39
C GLU J 50 -0.86 -6.96 -22.65
N GLU J 51 -1.30 -5.71 -22.63
CA GLU J 51 -0.59 -4.65 -21.93
C GLU J 51 -1.02 -4.63 -20.48
N MET J 52 -0.05 -4.44 -19.60
CA MET J 52 -0.33 -4.28 -18.17
C MET J 52 -0.94 -2.91 -17.91
N VAL J 53 -2.04 -2.89 -17.17
CA VAL J 53 -2.69 -1.65 -16.77
C VAL J 53 -2.73 -1.52 -15.23
N GLU J 54 -3.02 -0.32 -14.74
CA GLU J 54 -3.04 -0.04 -13.31
C GLU J 54 -4.38 0.54 -12.85
N PHE J 55 -4.90 -0.02 -11.77
CA PHE J 55 -6.12 0.48 -11.16
C PHE J 55 -5.78 1.50 -10.09
N SER J 56 -6.70 2.45 -9.87
CA SER J 56 -6.52 3.51 -8.86
C SER J 56 -6.08 2.96 -7.50
N SER J 57 -6.54 1.76 -7.17
CA SER J 57 -6.20 1.07 -5.93
C SER J 57 -4.76 0.50 -5.85
N GLY J 58 -4.03 0.50 -6.97
CA GLY J 58 -2.70 -0.09 -7.01
C GLY J 58 -2.66 -1.51 -7.59
N LEU J 59 -3.83 -2.10 -7.79
CA LEU J 59 -3.94 -3.41 -8.45
C LEU J 59 -3.53 -3.34 -9.92
N LYS J 60 -2.88 -4.41 -10.37
CA LYS J 60 -2.46 -4.53 -11.75
C LYS J 60 -3.40 -5.47 -12.52
N GLY J 61 -3.58 -5.18 -13.80
CA GLY J 61 -4.41 -6.00 -14.68
C GLY J 61 -3.82 -6.16 -16.07
N MET J 62 -4.43 -7.02 -16.86
CA MET J 62 -3.95 -7.32 -18.19
C MET J 62 -5.09 -7.17 -19.18
N SER J 63 -4.87 -6.35 -20.21
CA SER J 63 -5.84 -6.12 -21.28
C SER J 63 -5.85 -7.32 -22.17
N LEU J 64 -6.94 -8.07 -22.17
CA LEU J 64 -7.02 -9.32 -22.92
C LEU J 64 -8.08 -9.32 -24.03
N ASN J 65 -9.21 -8.69 -23.75
CA ASN J 65 -10.20 -8.43 -24.78
C ASN J 65 -10.16 -6.95 -25.14
N LEU J 66 -9.86 -6.66 -26.41
CA LEU J 66 -9.99 -5.31 -26.93
C LEU J 66 -11.19 -5.33 -27.84
N GLU J 67 -12.28 -4.73 -27.40
CA GLU J 67 -13.52 -4.70 -28.18
C GLU J 67 -13.84 -3.26 -28.54
N PRO J 68 -14.74 -3.06 -29.52
CA PRO J 68 -15.09 -1.68 -29.95
C PRO J 68 -15.47 -0.68 -28.85
N ASP J 69 -16.20 -1.13 -27.84
CA ASP J 69 -16.74 -0.22 -26.81
C ASP J 69 -16.18 -0.46 -25.39
N ASN J 70 -15.30 -1.46 -25.25
CA ASN J 70 -14.69 -1.74 -23.97
C ASN J 70 -13.38 -2.52 -24.10
N VAL J 71 -12.61 -2.53 -23.02
CA VAL J 71 -11.46 -3.40 -22.85
C VAL J 71 -11.77 -4.41 -21.74
N GLY J 72 -11.59 -5.70 -22.04
CA GLY J 72 -11.71 -6.76 -21.03
C GLY J 72 -10.38 -6.89 -20.30
N VAL J 73 -10.34 -6.38 -19.07
CA VAL J 73 -9.14 -6.40 -18.26
C VAL J 73 -9.26 -7.51 -17.23
N VAL J 74 -8.18 -8.26 -17.07
CA VAL J 74 -8.12 -9.37 -16.14
C VAL J 74 -7.25 -8.96 -14.92
N VAL J 75 -7.78 -9.12 -13.71
CA VAL J 75 -7.18 -8.53 -12.51
C VAL J 75 -6.19 -9.45 -11.78
N PHE J 76 -4.96 -8.98 -11.60
CA PHE J 76 -3.93 -9.73 -10.86
C PHE J 76 -4.06 -9.52 -9.34
N GLY J 77 -5.23 -9.82 -8.81
CA GLY J 77 -5.46 -9.71 -7.39
C GLY J 77 -6.94 -9.71 -7.07
N ASN J 78 -7.25 -9.37 -5.82
CA ASN J 78 -8.61 -9.31 -5.33
C ASN J 78 -9.36 -8.17 -6.01
N ASP J 79 -10.53 -8.46 -6.57
CA ASP J 79 -11.29 -7.44 -7.29
C ASP J 79 -12.23 -6.65 -6.39
N LYS J 80 -12.24 -6.97 -5.10
CA LYS J 80 -13.10 -6.28 -4.12
C LYS J 80 -12.85 -4.77 -4.08
N LEU J 81 -11.66 -4.37 -4.51
CA LEU J 81 -11.21 -2.98 -4.42
C LEU J 81 -11.69 -2.13 -5.59
N ILE J 82 -11.92 -2.78 -6.74
CA ILE J 82 -12.36 -2.09 -7.94
C ILE J 82 -13.87 -1.82 -7.92
N LYS J 83 -14.23 -0.58 -8.21
CA LYS J 83 -15.63 -0.16 -8.31
C LYS J 83 -15.91 0.42 -9.70
N GLU J 84 -17.19 0.48 -10.06
CA GLU J 84 -17.57 1.16 -11.28
C GLU J 84 -17.05 2.59 -11.24
N GLY J 85 -16.51 3.06 -12.37
CA GLY J 85 -16.02 4.44 -12.46
C GLY J 85 -14.57 4.63 -12.09
N ASP J 86 -13.96 3.63 -11.45
CA ASP J 86 -12.54 3.65 -11.12
C ASP J 86 -11.68 3.97 -12.34
N ILE J 87 -10.58 4.67 -12.11
CA ILE J 87 -9.68 5.10 -13.16
C ILE J 87 -8.61 4.06 -13.42
N VAL J 88 -8.49 3.67 -14.70
CA VAL J 88 -7.53 2.69 -15.12
C VAL J 88 -6.49 3.40 -15.98
N LYS J 89 -5.21 3.15 -15.70
CA LYS J 89 -4.10 3.78 -16.40
C LYS J 89 -3.28 2.77 -17.17
N ARG J 90 -2.87 3.13 -18.39
CA ARG J 90 -1.87 2.38 -19.14
C ARG J 90 -0.52 2.35 -18.44
N THR J 91 0.19 1.25 -18.65
CA THR J 91 1.58 1.09 -18.23
C THR J 91 2.48 1.30 -19.47
N GLY J 92 1.89 1.07 -20.65
CA GLY J 92 2.61 1.13 -21.91
C GLY J 92 3.40 -0.13 -22.18
N ALA J 93 3.33 -1.10 -21.26
CA ALA J 93 4.22 -2.25 -21.29
C ALA J 93 3.48 -3.59 -21.30
N ILE J 94 3.86 -4.43 -22.26
CA ILE J 94 3.39 -5.80 -22.31
C ILE J 94 3.92 -6.47 -21.05
N VAL J 95 3.12 -7.37 -20.48
CA VAL J 95 3.40 -7.90 -19.15
C VAL J 95 4.81 -8.49 -19.07
N ASP J 96 5.56 -8.08 -18.05
CA ASP J 96 6.90 -8.60 -17.82
C ASP J 96 7.16 -8.91 -16.34
N VAL J 97 8.27 -9.58 -16.06
CA VAL J 97 8.63 -9.94 -14.70
C VAL J 97 10.09 -9.66 -14.44
N PRO J 98 10.47 -9.45 -13.16
CA PRO J 98 11.89 -9.33 -12.81
C PRO J 98 12.65 -10.61 -13.14
N VAL J 99 13.91 -10.48 -13.48
CA VAL J 99 14.70 -11.62 -13.89
C VAL J 99 16.11 -11.47 -13.32
N GLY J 100 16.83 -12.59 -13.26
CA GLY J 100 18.23 -12.54 -12.84
C GLY J 100 18.56 -13.37 -11.62
N GLU J 101 19.83 -13.36 -11.28
CA GLU J 101 20.37 -14.19 -10.20
C GLU J 101 19.99 -13.70 -8.81
N GLU J 102 19.49 -12.48 -8.72
CA GLU J 102 19.03 -11.96 -7.45
C GLU J 102 17.75 -12.69 -7.00
N LEU J 103 17.10 -13.40 -7.92
CA LEU J 103 15.93 -14.21 -7.58
C LEU J 103 16.28 -15.53 -6.90
N LEU J 104 17.54 -15.97 -7.01
CA LEU J 104 17.97 -17.23 -6.43
C LEU J 104 17.94 -17.16 -4.90
N GLY J 105 17.30 -18.16 -4.28
CA GLY J 105 17.20 -18.25 -2.83
C GLY J 105 15.91 -17.62 -2.31
N ARG J 106 15.14 -17.05 -3.23
CA ARG J 106 13.93 -16.30 -2.88
C ARG J 106 12.65 -17.01 -3.28
N VAL J 107 11.60 -16.73 -2.53
CA VAL J 107 10.26 -17.16 -2.86
C VAL J 107 9.49 -15.91 -3.29
N VAL J 108 9.01 -15.92 -4.54
CA VAL J 108 8.25 -14.81 -5.12
C VAL J 108 6.86 -15.22 -5.59
N ASP J 109 6.01 -14.22 -5.84
CA ASP J 109 4.70 -14.47 -6.39
C ASP J 109 4.78 -14.47 -7.93
N ALA J 110 3.65 -14.63 -8.61
CA ALA J 110 3.63 -14.74 -10.07
C ALA J 110 4.14 -13.49 -10.77
N LEU J 111 4.15 -12.36 -10.05
CA LEU J 111 4.58 -11.10 -10.60
C LEU J 111 6.04 -10.78 -10.25
N GLY J 112 6.65 -11.64 -9.44
CA GLY J 112 8.03 -11.45 -9.07
C GLY J 112 8.24 -10.72 -7.75
N ASN J 113 7.14 -10.34 -7.08
CA ASN J 113 7.20 -9.75 -5.74
C ASN J 113 7.61 -10.80 -4.72
N ALA J 114 8.53 -10.44 -3.84
CA ALA J 114 9.01 -11.33 -2.79
C ALA J 114 7.89 -11.65 -1.82
N ILE J 115 7.74 -12.93 -1.48
CA ILE J 115 6.77 -13.31 -0.44
C ILE J 115 7.41 -14.04 0.76
N ASP J 116 8.73 -13.97 0.86
CA ASP J 116 9.43 -14.70 1.90
C ASP J 116 9.78 -13.79 3.08
N GLY J 117 9.43 -12.51 2.97
CA GLY J 117 9.66 -11.56 4.05
C GLY J 117 11.12 -11.20 4.22
N LYS J 118 11.90 -11.31 3.16
CA LYS J 118 13.30 -10.98 3.20
C LYS J 118 13.60 -9.75 2.36
N GLY J 119 12.59 -8.92 2.13
CA GLY J 119 12.78 -7.64 1.46
C GLY J 119 12.82 -7.71 -0.06
N PRO J 120 12.99 -6.56 -0.72
CA PRO J 120 12.92 -6.47 -2.17
C PRO J 120 13.99 -7.30 -2.87
N ILE J 121 13.63 -7.90 -4.00
CA ILE J 121 14.58 -8.52 -4.89
C ILE J 121 15.37 -7.37 -5.51
N GLY J 122 16.69 -7.53 -5.61
CA GLY J 122 17.50 -6.47 -6.20
C GLY J 122 17.70 -6.64 -7.68
N SER J 123 16.63 -6.99 -8.40
CA SER J 123 16.76 -7.35 -9.83
C SER J 123 17.10 -6.15 -10.69
N LYS J 124 18.04 -6.34 -11.61
CA LYS J 124 18.47 -5.27 -12.49
C LYS J 124 17.96 -5.51 -13.90
N ALA J 125 17.16 -6.56 -14.09
CA ALA J 125 16.71 -6.96 -15.41
C ALA J 125 15.24 -7.39 -15.43
N ARG J 126 14.60 -7.21 -16.58
CA ARG J 126 13.21 -7.63 -16.75
C ARG J 126 13.05 -8.38 -18.06
N ARG J 127 11.97 -9.14 -18.16
CA ARG J 127 11.75 -9.98 -19.32
C ARG J 127 10.24 -10.22 -19.50
N ARG J 128 9.78 -10.15 -20.75
CA ARG J 128 8.37 -10.41 -21.06
C ARG J 128 7.98 -11.85 -20.77
N VAL J 129 6.84 -12.02 -20.11
CA VAL J 129 6.32 -13.36 -19.81
C VAL J 129 5.81 -14.06 -21.08
N GLY J 130 5.63 -13.30 -22.15
CA GLY J 130 5.00 -13.80 -23.38
C GLY J 130 5.88 -14.10 -24.57
N LEU J 131 7.19 -14.16 -24.37
CA LEU J 131 8.13 -14.36 -25.46
C LEU J 131 7.97 -15.69 -26.18
N LYS J 132 8.01 -15.65 -27.51
CA LYS J 132 7.96 -16.85 -28.33
C LYS J 132 9.23 -17.67 -28.16
N ALA J 133 9.07 -19.00 -28.11
CA ALA J 133 10.19 -19.93 -28.01
C ALA J 133 11.15 -19.81 -29.21
N PRO J 134 12.47 -19.94 -28.95
CA PRO J 134 13.49 -19.94 -30.00
C PRO J 134 13.09 -20.90 -31.13
N GLY J 135 13.29 -20.47 -32.37
CA GLY J 135 13.01 -21.29 -33.55
C GLY J 135 14.12 -22.27 -33.84
N ILE J 136 14.15 -22.75 -35.08
CA ILE J 136 15.05 -23.82 -35.49
C ILE J 136 16.54 -23.48 -35.36
N ILE J 137 16.97 -22.36 -35.95
CA ILE J 137 18.40 -21.99 -36.00
C ILE J 137 19.10 -21.86 -34.63
N PRO J 138 18.53 -21.09 -33.66
CA PRO J 138 19.15 -20.90 -32.34
C PRO J 138 19.47 -22.13 -31.49
N ARG J 139 19.13 -23.32 -31.97
CA ARG J 139 19.14 -24.53 -31.15
C ARG J 139 20.18 -25.54 -31.60
N ILE J 140 20.46 -26.49 -30.71
CA ILE J 140 21.23 -27.69 -31.04
C ILE J 140 20.60 -28.85 -30.27
N SER J 141 20.78 -30.07 -30.79
CA SER J 141 20.23 -31.31 -30.22
C SER J 141 20.54 -31.43 -28.75
N VAL J 142 19.58 -31.91 -27.97
CA VAL J 142 19.83 -32.18 -26.55
C VAL J 142 20.94 -33.25 -26.47
N ARG J 143 22.02 -32.94 -25.75
CA ARG J 143 23.23 -33.77 -25.72
C ARG J 143 23.80 -34.02 -24.30
N GLU J 144 23.54 -33.11 -23.38
CA GLU J 144 24.13 -33.16 -22.04
C GLU J 144 23.15 -33.77 -21.04
N PRO J 145 23.61 -34.70 -20.19
CA PRO J 145 22.72 -35.27 -19.18
C PRO J 145 22.20 -34.23 -18.18
N MET J 146 20.90 -34.35 -17.87
CA MET J 146 20.28 -33.68 -16.76
C MET J 146 19.98 -34.82 -15.80
N GLN J 147 20.83 -34.98 -14.77
CA GLN J 147 20.80 -36.15 -13.92
C GLN J 147 19.81 -35.94 -12.78
N THR J 148 18.83 -36.85 -12.66
CA THR J 148 17.86 -36.75 -11.58
C THR J 148 18.41 -37.37 -10.31
N GLY J 149 19.26 -38.39 -10.48
CA GLY J 149 19.78 -39.14 -9.36
C GLY J 149 18.85 -40.27 -8.99
N ILE J 150 17.81 -40.45 -9.79
CA ILE J 150 16.85 -41.52 -9.66
C ILE J 150 17.18 -42.57 -10.73
N LYS J 151 17.56 -43.77 -10.28
CA LYS J 151 17.99 -44.85 -11.16
C LYS J 151 17.04 -45.10 -12.33
N ALA J 152 15.76 -45.29 -12.01
CA ALA J 152 14.74 -45.65 -13.00
C ALA J 152 14.58 -44.60 -14.10
N VAL J 153 14.63 -43.32 -13.72
CA VAL J 153 14.59 -42.21 -14.67
C VAL J 153 15.90 -42.11 -15.44
N ASP J 154 17.02 -42.06 -14.73
CA ASP J 154 18.31 -41.80 -15.35
C ASP J 154 18.74 -42.91 -16.32
N SER J 155 18.26 -44.12 -16.10
CA SER J 155 18.60 -45.28 -16.94
C SER J 155 17.55 -45.61 -18.03
N LEU J 156 16.26 -45.51 -17.67
CA LEU J 156 15.17 -45.93 -18.56
C LEU J 156 14.51 -44.78 -19.33
N VAL J 157 14.32 -43.65 -18.66
CA VAL J 157 13.73 -42.46 -19.29
C VAL J 157 14.63 -41.23 -19.14
N PRO J 158 15.87 -41.31 -19.69
CA PRO J 158 16.88 -40.30 -19.39
C PRO J 158 16.46 -38.93 -19.87
N ILE J 159 16.83 -37.91 -19.10
CA ILE J 159 16.56 -36.52 -19.45
C ILE J 159 17.87 -35.79 -19.75
N GLY J 160 17.89 -35.07 -20.87
CA GLY J 160 19.04 -34.22 -21.24
C GLY J 160 18.72 -32.75 -21.06
N ARG J 161 19.73 -31.91 -21.16
CA ARG J 161 19.53 -30.49 -20.91
C ARG J 161 18.90 -29.81 -22.12
N GLY J 162 17.77 -29.16 -21.86
CA GLY J 162 16.95 -28.56 -22.90
C GLY J 162 15.66 -29.34 -23.12
N GLN J 163 15.59 -30.54 -22.54
CA GLN J 163 14.42 -31.43 -22.70
C GLN J 163 13.19 -30.96 -21.92
N ARG J 164 12.02 -31.37 -22.39
CA ARG J 164 10.80 -31.33 -21.61
C ARG J 164 10.42 -32.76 -21.29
N GLU J 165 10.31 -33.10 -20.01
CA GLU J 165 9.84 -34.42 -19.63
C GLU J 165 8.71 -34.29 -18.61
N LEU J 166 7.54 -34.83 -18.94
CA LEU J 166 6.36 -34.73 -18.10
C LEU J 166 6.39 -35.71 -16.93
N ILE J 167 6.12 -35.20 -15.72
CA ILE J 167 5.76 -36.07 -14.59
C ILE J 167 4.23 -36.15 -14.49
N ILE J 168 3.67 -37.34 -14.58
CA ILE J 168 2.23 -37.51 -14.73
C ILE J 168 1.71 -38.70 -13.90
N GLY J 169 0.51 -38.54 -13.35
CA GLY J 169 -0.11 -39.59 -12.53
C GLY J 169 -1.20 -39.06 -11.61
N ASP J 170 -1.93 -39.98 -10.97
CA ASP J 170 -2.98 -39.62 -10.01
C ASP J 170 -2.38 -38.93 -8.79
N ARG J 171 -3.24 -38.32 -7.97
CA ARG J 171 -2.81 -37.69 -6.71
C ARG J 171 -1.97 -38.65 -5.87
N GLN J 172 -1.00 -38.10 -5.14
CA GLN J 172 -0.21 -38.90 -4.18
C GLN J 172 0.48 -40.14 -4.80
N THR J 173 0.95 -40.03 -6.04
CA THR J 173 1.69 -41.14 -6.65
C THR J 173 3.19 -40.92 -6.55
N GLY J 174 3.60 -39.68 -6.26
CA GLY J 174 5.01 -39.36 -6.05
C GLY J 174 5.52 -38.36 -7.07
N LYS J 175 4.60 -37.60 -7.67
CA LYS J 175 4.96 -36.63 -8.70
C LYS J 175 5.98 -35.58 -8.24
N THR J 176 5.62 -34.84 -7.21
CA THR J 176 6.46 -33.76 -6.68
C THR J 176 7.83 -34.26 -6.22
N SER J 177 7.85 -35.47 -5.65
CA SER J 177 9.08 -36.10 -5.14
C SER J 177 10.15 -36.34 -6.20
N ILE J 178 9.74 -36.73 -7.40
CA ILE J 178 10.64 -36.87 -8.55
C ILE J 178 11.33 -35.53 -8.79
N ALA J 179 10.52 -34.47 -8.78
CA ALA J 179 11.00 -33.12 -8.98
C ALA J 179 11.94 -32.63 -7.86
N ILE J 180 11.55 -32.86 -6.60
CA ILE J 180 12.37 -32.46 -5.44
C ILE J 180 13.72 -33.16 -5.39
N ASP J 181 13.75 -34.48 -5.60
CA ASP J 181 15.02 -35.20 -5.57
C ASP J 181 15.95 -34.68 -6.65
N THR J 182 15.39 -34.45 -7.84
CA THR J 182 16.14 -33.89 -8.96
C THR J 182 16.83 -32.57 -8.61
N ILE J 183 16.12 -31.68 -7.92
CA ILE J 183 16.66 -30.37 -7.56
C ILE J 183 17.76 -30.57 -6.53
N ILE J 184 17.50 -31.45 -5.57
CA ILE J 184 18.47 -31.75 -4.53
C ILE J 184 19.73 -32.35 -5.13
N ASN J 185 19.56 -33.17 -6.17
CA ASN J 185 20.67 -33.80 -6.85
C ASN J 185 21.73 -32.84 -7.38
N GLN J 186 21.31 -31.63 -7.76
CA GLN J 186 22.22 -30.69 -8.41
C GLN J 186 23.28 -30.10 -7.45
N LYS J 187 23.12 -30.39 -6.17
CA LYS J 187 24.02 -29.90 -5.14
C LYS J 187 25.45 -30.26 -5.48
N ARG J 188 25.68 -31.51 -5.89
CA ARG J 188 27.03 -31.97 -6.17
C ARG J 188 27.73 -31.19 -7.28
N PHE J 189 27.00 -30.81 -8.33
CA PHE J 189 27.58 -30.02 -9.41
C PHE J 189 27.72 -28.56 -9.02
N ASN J 190 26.70 -28.05 -8.32
CA ASN J 190 26.66 -26.65 -7.93
C ASN J 190 27.68 -26.31 -6.83
N ASP J 191 28.16 -27.35 -6.15
CA ASP J 191 29.21 -27.21 -5.13
C ASP J 191 30.58 -27.50 -5.74
N GLY J 192 30.59 -28.14 -6.92
CA GLY J 192 31.82 -28.40 -7.66
C GLY J 192 32.34 -27.18 -8.38
N THR J 193 33.38 -27.37 -9.19
CA THR J 193 34.04 -26.25 -9.88
C THR J 193 33.89 -26.32 -11.41
N ASP J 194 33.19 -27.35 -11.89
CA ASP J 194 32.81 -27.40 -13.31
C ASP J 194 31.57 -26.53 -13.52
N GLU J 195 31.80 -25.33 -14.03
CA GLU J 195 30.76 -24.32 -14.19
C GLU J 195 29.70 -24.73 -15.22
N LYS J 196 30.09 -25.59 -16.17
CA LYS J 196 29.22 -26.03 -17.26
C LYS J 196 28.20 -27.07 -16.79
N LYS J 197 28.55 -27.78 -15.71
CA LYS J 197 27.69 -28.84 -15.16
C LYS J 197 26.66 -28.33 -14.15
N LYS J 198 26.83 -27.09 -13.70
CA LYS J 198 25.93 -26.50 -12.71
C LYS J 198 24.52 -26.32 -13.25
N LEU J 199 23.52 -26.44 -12.37
CA LEU J 199 22.11 -26.34 -12.77
C LEU J 199 21.27 -25.49 -11.82
N TYR J 200 20.81 -24.33 -12.28
CA TYR J 200 19.94 -23.48 -11.49
C TYR J 200 18.52 -23.99 -11.61
N CYS J 201 17.82 -23.99 -10.48
CA CYS J 201 16.52 -24.59 -10.40
C CYS J 201 15.43 -23.55 -10.15
N ILE J 202 14.25 -23.85 -10.67
CA ILE J 202 13.05 -23.01 -10.50
C ILE J 202 11.87 -23.93 -10.18
N TYR J 203 11.20 -23.67 -9.06
CA TYR J 203 10.02 -24.45 -8.70
C TYR J 203 8.80 -23.56 -8.78
N VAL J 204 7.97 -23.79 -9.79
CA VAL J 204 6.73 -23.03 -9.94
C VAL J 204 5.59 -23.82 -9.30
N ALA J 205 4.97 -23.24 -8.26
CA ALA J 205 3.82 -23.84 -7.58
C ALA J 205 2.55 -23.18 -8.09
N ILE J 206 1.66 -23.96 -8.68
CA ILE J 206 0.37 -23.45 -9.15
C ILE J 206 -0.80 -24.16 -8.46
N GLY J 207 -1.69 -23.38 -7.84
CA GLY J 207 -2.91 -23.91 -7.22
C GLY J 207 -2.77 -24.67 -5.92
N GLN J 208 -1.54 -24.80 -5.41
CA GLN J 208 -1.26 -25.58 -4.20
C GLN J 208 -1.70 -24.81 -2.96
N LYS J 209 -1.77 -25.48 -1.81
CA LYS J 209 -1.94 -24.72 -0.56
C LYS J 209 -0.62 -24.13 -0.06
N ARG J 210 -0.68 -22.92 0.49
CA ARG J 210 0.51 -22.22 1.00
C ARG J 210 1.35 -23.02 1.98
N SER J 211 0.71 -23.77 2.87
CA SER J 211 1.44 -24.52 3.90
C SER J 211 2.24 -25.66 3.28
N THR J 212 1.70 -26.22 2.20
CA THR J 212 2.40 -27.25 1.43
C THR J 212 3.64 -26.67 0.80
N VAL J 213 3.47 -25.51 0.16
CA VAL J 213 4.60 -24.79 -0.44
C VAL J 213 5.65 -24.42 0.60
N ALA J 214 5.22 -23.97 1.79
CA ALA J 214 6.15 -23.71 2.88
C ALA J 214 6.94 -24.96 3.28
N GLN J 215 6.25 -26.10 3.42
CA GLN J 215 6.93 -27.36 3.72
C GLN J 215 7.98 -27.70 2.67
N LEU J 216 7.63 -27.47 1.40
CA LEU J 216 8.51 -27.71 0.25
C LEU J 216 9.80 -26.88 0.33
N VAL J 217 9.67 -25.58 0.61
CA VAL J 217 10.86 -24.71 0.70
C VAL J 217 11.65 -25.01 1.98
N LYS J 218 10.95 -25.38 3.06
CA LYS J 218 11.60 -25.84 4.27
C LYS J 218 12.50 -27.03 3.95
N ARG J 219 11.97 -27.93 3.14
CA ARG J 219 12.66 -29.14 2.71
C ARG J 219 13.90 -28.80 1.88
N LEU J 220 13.75 -27.88 0.92
CA LEU J 220 14.89 -27.44 0.10
C LEU J 220 15.96 -26.70 0.91
N THR J 221 15.51 -25.87 1.85
CA THR J 221 16.42 -25.16 2.75
C THR J 221 17.25 -26.15 3.57
N ASP J 222 16.58 -27.10 4.23
CA ASP J 222 17.24 -28.13 5.02
C ASP J 222 18.29 -28.91 4.23
N ALA J 223 18.02 -29.15 2.95
CA ALA J 223 18.95 -29.86 2.07
C ALA J 223 20.00 -28.92 1.45
N ASP J 224 19.96 -27.65 1.84
CA ASP J 224 20.85 -26.62 1.27
C ASP J 224 20.70 -26.52 -0.25
N ALA J 225 19.46 -26.55 -0.71
CA ALA J 225 19.17 -26.47 -2.14
C ALA J 225 18.53 -25.13 -2.54
N MET J 226 17.95 -24.41 -1.58
CA MET J 226 17.34 -23.10 -1.84
C MET J 226 18.29 -22.08 -2.47
N LYS J 227 19.57 -22.16 -2.09
CA LYS J 227 20.57 -21.18 -2.55
C LYS J 227 20.69 -21.12 -4.08
N TYR J 228 20.30 -22.20 -4.75
CA TYR J 228 20.37 -22.28 -6.22
C TYR J 228 18.97 -22.48 -6.86
N THR J 229 17.94 -22.07 -6.13
CA THR J 229 16.54 -22.30 -6.52
C THR J 229 15.72 -21.01 -6.38
N ILE J 230 14.95 -20.69 -7.41
CA ILE J 230 13.92 -19.67 -7.31
C ILE J 230 12.60 -20.41 -7.10
N VAL J 231 11.77 -19.94 -6.19
CA VAL J 231 10.44 -20.50 -6.03
C VAL J 231 9.40 -19.44 -6.40
N VAL J 232 8.61 -19.76 -7.43
CA VAL J 232 7.53 -18.90 -7.87
C VAL J 232 6.26 -19.57 -7.36
N SER J 233 5.39 -18.82 -6.70
CA SER J 233 4.27 -19.43 -6.00
C SER J 233 2.99 -18.65 -6.23
N ALA J 234 2.11 -19.22 -7.05
CA ALA J 234 0.75 -18.72 -7.14
C ALA J 234 -0.18 -19.79 -6.58
N THR J 235 -0.40 -19.73 -5.26
CA THR J 235 -1.14 -20.75 -4.51
C THR J 235 -2.67 -20.63 -4.68
N ALA J 236 -3.44 -21.39 -3.90
CA ALA J 236 -4.87 -21.59 -4.19
C ALA J 236 -5.78 -20.38 -3.94
N SER J 237 -5.32 -19.44 -3.11
CA SER J 237 -6.08 -18.22 -2.86
C SER J 237 -5.64 -17.06 -3.76
N ASP J 238 -4.66 -17.31 -4.62
CA ASP J 238 -4.27 -16.30 -5.58
C ASP J 238 -5.26 -16.27 -6.74
N ALA J 239 -5.55 -15.06 -7.20
CA ALA J 239 -6.44 -14.83 -8.31
C ALA J 239 -6.10 -15.70 -9.52
N ALA J 240 -7.14 -16.15 -10.21
CA ALA J 240 -6.98 -16.99 -11.40
C ALA J 240 -5.88 -16.49 -12.34
N PRO J 241 -5.93 -15.20 -12.74
CA PRO J 241 -4.88 -14.63 -13.59
C PRO J 241 -3.46 -14.81 -13.06
N LEU J 242 -3.27 -14.80 -11.74
CA LEU J 242 -1.94 -14.99 -11.17
C LEU J 242 -1.47 -16.44 -11.31
N GLN J 243 -2.38 -17.38 -11.08
CA GLN J 243 -2.09 -18.78 -11.27
C GLN J 243 -1.80 -19.10 -12.76
N TYR J 244 -2.54 -18.46 -13.65
CA TYR J 244 -2.36 -18.58 -15.11
C TYR J 244 -0.96 -18.10 -15.57
N LEU J 245 -0.51 -16.99 -15.00
CA LEU J 245 0.72 -16.36 -15.41
C LEU J 245 1.95 -17.07 -14.84
N ALA J 246 1.84 -17.59 -13.62
CA ALA J 246 3.02 -18.07 -12.87
C ALA J 246 4.00 -18.90 -13.69
N PRO J 247 3.50 -19.93 -14.43
CA PRO J 247 4.43 -20.75 -15.19
C PRO J 247 5.24 -19.96 -16.20
N TYR J 248 4.59 -19.00 -16.85
CA TYR J 248 5.27 -18.11 -17.81
C TYR J 248 6.33 -17.23 -17.15
N SER J 249 6.00 -16.67 -15.99
CA SER J 249 6.94 -15.86 -15.21
C SER J 249 8.15 -16.68 -14.80
N GLY J 250 7.91 -17.90 -14.31
CA GLY J 250 8.99 -18.80 -13.95
C GLY J 250 9.87 -19.05 -15.16
N CYS J 251 9.21 -19.33 -16.28
CA CYS J 251 9.87 -19.64 -17.53
C CYS J 251 10.78 -18.50 -17.95
N SER J 252 10.27 -17.27 -17.87
CA SER J 252 11.07 -16.07 -18.18
C SER J 252 12.30 -15.98 -17.27
N MET J 253 12.10 -16.25 -15.99
CA MET J 253 13.21 -16.29 -15.05
C MET J 253 14.21 -17.37 -15.43
N GLY J 254 13.72 -18.40 -16.13
CA GLY J 254 14.55 -19.50 -16.56
C GLY J 254 15.31 -19.13 -17.80
N GLU J 255 14.57 -18.56 -18.74
CA GLU J 255 15.11 -18.13 -20.02
C GLU J 255 16.33 -17.24 -19.85
N TYR J 256 16.41 -16.55 -18.70
CA TYR J 256 17.55 -15.70 -18.37
C TYR J 256 18.85 -16.50 -18.39
N PHE J 257 18.86 -17.62 -17.66
CA PHE J 257 19.96 -18.56 -17.67
C PHE J 257 20.17 -19.19 -19.06
N ARG J 258 19.07 -19.63 -19.68
CA ARG J 258 19.12 -20.24 -21.02
C ARG J 258 19.91 -19.40 -22.01
N ASP J 259 19.68 -18.09 -21.97
CA ASP J 259 20.19 -17.18 -22.96
C ASP J 259 21.47 -16.48 -22.54
N ASN J 260 22.02 -16.89 -21.40
CA ASN J 260 23.28 -16.34 -20.91
C ASN J 260 24.33 -17.42 -20.60
N GLY J 261 24.40 -18.45 -21.45
CA GLY J 261 25.39 -19.51 -21.33
C GLY J 261 25.25 -20.40 -20.11
N LYS J 262 24.08 -20.35 -19.46
CA LYS J 262 23.84 -21.14 -18.25
C LYS J 262 22.70 -22.15 -18.45
N HIS J 263 22.52 -23.02 -17.46
CA HIS J 263 21.53 -24.07 -17.52
C HIS J 263 20.60 -24.03 -16.33
N ALA J 264 19.30 -24.17 -16.62
CA ALA J 264 18.24 -24.05 -15.61
C ALA J 264 17.26 -25.19 -15.72
N LEU J 265 16.79 -25.65 -14.58
CA LEU J 265 15.71 -26.61 -14.52
C LEU J 265 14.48 -25.91 -13.96
N ILE J 266 13.36 -26.05 -14.67
CA ILE J 266 12.07 -25.54 -14.18
C ILE J 266 11.07 -26.69 -13.95
N ILE J 267 10.34 -26.61 -12.83
CA ILE J 267 9.27 -27.54 -12.52
C ILE J 267 7.94 -26.78 -12.51
N TYR J 268 6.96 -27.26 -13.27
CA TYR J 268 5.61 -26.65 -13.24
C TYR J 268 4.66 -27.52 -12.43
N ASP J 269 4.49 -27.17 -11.16
CA ASP J 269 3.74 -28.01 -10.25
C ASP J 269 2.43 -27.33 -9.78
N ASP J 270 1.32 -27.52 -10.49
CA ASP J 270 1.23 -28.38 -11.70
C ASP J 270 0.43 -27.70 -12.78
N LEU J 271 0.56 -28.18 -14.02
CA LEU J 271 -0.13 -27.57 -15.15
C LEU J 271 -1.62 -27.94 -15.23
N SER J 272 -2.06 -28.92 -14.46
CA SER J 272 -3.50 -29.21 -14.39
C SER J 272 -4.24 -28.04 -13.74
N LYS J 273 -3.67 -27.52 -12.65
CA LYS J 273 -4.30 -26.45 -11.89
C LYS J 273 -4.22 -25.12 -12.60
N GLN J 274 -3.16 -24.91 -13.37
CA GLN J 274 -3.04 -23.75 -14.26
C GLN J 274 -4.12 -23.78 -15.35
N ALA J 275 -4.37 -24.94 -15.93
CA ALA J 275 -5.42 -25.06 -16.96
C ALA J 275 -6.79 -24.73 -16.38
N VAL J 276 -7.04 -25.18 -15.15
CA VAL J 276 -8.26 -24.82 -14.45
C VAL J 276 -8.38 -23.30 -14.31
N ALA J 277 -7.31 -22.65 -13.85
CA ALA J 277 -7.25 -21.20 -13.65
C ALA J 277 -7.50 -20.44 -14.96
N TYR J 278 -6.82 -20.87 -16.03
CA TYR J 278 -7.02 -20.35 -17.36
C TYR J 278 -8.45 -20.54 -17.85
N ARG J 279 -9.01 -21.71 -17.60
CA ARG J 279 -10.39 -21.99 -17.97
C ARG J 279 -11.36 -21.03 -17.26
N GLN J 280 -11.12 -20.80 -15.97
CA GLN J 280 -11.95 -19.86 -15.22
C GLN J 280 -11.92 -18.48 -15.90
N MET J 281 -10.70 -17.97 -16.08
CA MET J 281 -10.44 -16.69 -16.70
C MET J 281 -11.14 -16.57 -18.05
N SER J 282 -10.92 -17.56 -18.89
CA SER J 282 -11.44 -17.54 -20.25
C SER J 282 -12.98 -17.56 -20.29
N LEU J 283 -13.59 -18.37 -19.42
CA LEU J 283 -15.05 -18.43 -19.36
C LEU J 283 -15.63 -17.10 -18.86
N LEU J 284 -14.94 -16.45 -17.93
CA LEU J 284 -15.44 -15.18 -17.40
C LEU J 284 -15.23 -14.00 -18.34
N LEU J 285 -14.28 -14.13 -19.27
CA LEU J 285 -14.12 -13.18 -20.38
C LEU J 285 -15.16 -13.45 -21.47
N ARG J 286 -16.05 -14.41 -21.21
CA ARG J 286 -17.13 -14.84 -22.13
C ARG J 286 -16.65 -15.51 -23.43
N ARG J 287 -15.41 -15.97 -23.43
CA ARG J 287 -14.90 -16.82 -24.49
C ARG J 287 -15.54 -18.21 -24.35
N PRO J 288 -16.22 -18.69 -25.43
CA PRO J 288 -17.00 -19.92 -25.36
C PRO J 288 -16.20 -21.15 -24.96
N PRO J 289 -16.83 -22.04 -24.16
CA PRO J 289 -16.16 -23.25 -23.70
C PRO J 289 -16.00 -24.28 -24.80
N GLY J 290 -14.97 -25.11 -24.67
CA GLY J 290 -14.72 -26.19 -25.60
C GLY J 290 -14.79 -27.49 -24.85
N ARG J 291 -14.07 -28.49 -25.35
CA ARG J 291 -14.01 -29.81 -24.76
C ARG J 291 -13.72 -29.73 -23.26
N GLU J 292 -14.57 -30.38 -22.48
CA GLU J 292 -14.50 -30.41 -21.02
C GLU J 292 -14.54 -29.03 -20.38
N ALA J 293 -15.18 -28.10 -21.08
CA ALA J 293 -15.33 -26.70 -20.68
C ALA J 293 -14.03 -25.87 -20.72
N TYR J 294 -12.92 -26.48 -21.12
CA TYR J 294 -11.67 -25.72 -21.31
C TYR J 294 -11.75 -24.95 -22.63
N PRO J 295 -11.00 -23.84 -22.74
CA PRO J 295 -11.00 -23.09 -23.99
C PRO J 295 -10.42 -23.96 -25.13
N GLY J 296 -10.76 -23.61 -26.37
CA GLY J 296 -10.27 -24.34 -27.54
C GLY J 296 -8.76 -24.40 -27.60
N ASP J 297 -8.11 -23.31 -27.22
CA ASP J 297 -6.67 -23.22 -27.27
C ASP J 297 -5.96 -23.68 -26.00
N VAL J 298 -6.51 -24.66 -25.29
CA VAL J 298 -5.87 -25.15 -24.06
C VAL J 298 -4.53 -25.87 -24.34
N PHE J 299 -4.42 -26.50 -25.52
CA PHE J 299 -3.19 -27.15 -25.96
C PHE J 299 -2.09 -26.10 -26.08
N TYR J 300 -2.41 -25.04 -26.81
CA TYR J 300 -1.53 -23.91 -27.04
C TYR J 300 -1.14 -23.17 -25.73
N LEU J 301 -2.03 -23.12 -24.75
CA LEU J 301 -1.65 -22.63 -23.42
C LEU J 301 -0.37 -23.31 -22.94
N HIS J 302 -0.30 -24.63 -23.04
CA HIS J 302 0.88 -25.38 -22.62
C HIS J 302 1.97 -25.49 -23.69
N SER J 303 1.57 -25.60 -24.95
CA SER J 303 2.56 -25.75 -26.02
C SER J 303 3.52 -24.54 -26.08
N ARG J 304 2.99 -23.34 -26.02
CA ARG J 304 3.85 -22.15 -26.13
C ARG J 304 4.80 -22.01 -24.93
N LEU J 305 4.38 -22.53 -23.78
CA LEU J 305 5.17 -22.48 -22.55
C LEU J 305 6.35 -23.46 -22.60
N LEU J 306 6.04 -24.70 -22.99
CA LEU J 306 7.01 -25.79 -22.90
C LEU J 306 8.00 -25.78 -24.05
N GLU J 307 7.65 -25.10 -25.13
CA GLU J 307 8.56 -24.90 -26.28
C GLU J 307 9.75 -24.04 -25.89
N ARG J 308 9.58 -23.26 -24.83
CA ARG J 308 10.60 -22.33 -24.39
C ARG J 308 11.67 -23.02 -23.55
N ALA J 309 11.40 -24.27 -23.17
CA ALA J 309 12.44 -25.16 -22.66
C ALA J 309 13.18 -25.70 -23.89
N ALA J 310 14.49 -25.45 -23.93
CA ALA J 310 15.28 -25.64 -25.13
C ALA J 310 16.77 -25.65 -24.83
N LYS J 311 17.53 -26.19 -25.78
CA LYS J 311 18.97 -26.22 -25.75
C LYS J 311 19.45 -25.26 -26.82
N MET J 312 20.38 -24.37 -26.46
CA MET J 312 20.87 -23.35 -27.37
C MET J 312 22.15 -23.83 -28.00
N ASN J 313 22.39 -23.46 -29.26
CA ASN J 313 23.69 -23.79 -29.86
C ASN J 313 24.76 -22.82 -29.35
N ASP J 314 26.02 -23.11 -29.66
CA ASP J 314 27.12 -22.34 -29.11
C ASP J 314 27.13 -20.88 -29.53
N ALA J 315 26.64 -20.57 -30.73
CA ALA J 315 26.55 -19.19 -31.19
C ALA J 315 25.58 -18.37 -30.33
N PHE J 316 24.58 -19.04 -29.77
CA PHE J 316 23.62 -18.41 -28.87
C PHE J 316 24.00 -18.63 -27.42
N GLY J 317 25.23 -19.11 -27.20
CA GLY J 317 25.80 -19.20 -25.87
C GLY J 317 25.86 -20.57 -25.25
N GLY J 318 25.17 -21.54 -25.86
CA GLY J 318 25.20 -22.94 -25.38
C GLY J 318 24.41 -23.22 -24.12
N GLY J 319 23.59 -22.28 -23.67
CA GLY J 319 22.77 -22.49 -22.50
C GLY J 319 21.56 -23.38 -22.76
N SER J 320 20.77 -23.64 -21.73
CA SER J 320 19.59 -24.49 -21.82
C SER J 320 18.58 -24.27 -20.69
N LEU J 321 17.31 -24.57 -20.99
CA LEU J 321 16.22 -24.61 -20.01
C LEU J 321 15.56 -25.98 -20.11
N THR J 322 15.53 -26.72 -19.00
CA THR J 322 14.96 -28.06 -18.94
C THR J 322 13.69 -28.00 -18.11
N ALA J 323 12.61 -28.58 -18.64
CA ALA J 323 11.30 -28.48 -17.98
C ALA J 323 10.73 -29.83 -17.54
N LEU J 324 10.27 -29.85 -16.31
CA LEU J 324 9.55 -30.98 -15.80
C LEU J 324 8.16 -30.49 -15.38
N PRO J 325 7.23 -30.41 -16.34
CA PRO J 325 5.87 -30.07 -15.96
C PRO J 325 5.20 -31.27 -15.27
N VAL J 326 4.18 -30.98 -14.47
CA VAL J 326 3.47 -32.02 -13.73
C VAL J 326 2.00 -32.02 -14.14
N ILE J 327 1.45 -33.20 -14.39
CA ILE J 327 0.03 -33.32 -14.69
C ILE J 327 -0.61 -34.34 -13.77
N GLU J 328 -1.79 -33.99 -13.29
CA GLU J 328 -2.55 -34.89 -12.45
C GLU J 328 -3.67 -35.56 -13.25
N THR J 329 -3.61 -36.88 -13.33
CA THR J 329 -4.65 -37.65 -13.99
C THR J 329 -5.78 -37.91 -12.99
N GLN J 330 -6.89 -38.42 -13.50
CA GLN J 330 -8.02 -38.81 -12.66
C GLN J 330 -8.21 -40.30 -12.86
N ALA J 331 -8.13 -41.05 -11.76
CA ALA J 331 -8.31 -42.50 -11.80
C ALA J 331 -7.46 -43.15 -12.88
N GLY J 332 -6.22 -42.68 -13.01
CA GLY J 332 -5.20 -43.40 -13.77
C GLY J 332 -5.25 -43.25 -15.28
N ASP J 333 -6.15 -42.42 -15.78
CA ASP J 333 -6.36 -42.33 -17.21
C ASP J 333 -5.38 -41.39 -17.92
N VAL J 334 -4.17 -41.91 -18.19
CA VAL J 334 -3.18 -41.20 -19.02
C VAL J 334 -3.66 -40.97 -20.44
N SER J 335 -4.67 -41.73 -20.85
CA SER J 335 -5.22 -41.61 -22.21
C SER J 335 -6.28 -40.51 -22.35
N ALA J 336 -6.61 -39.81 -21.26
CA ALA J 336 -7.60 -38.74 -21.34
C ALA J 336 -7.09 -37.54 -22.15
N TYR J 337 -7.98 -36.58 -22.38
CA TYR J 337 -7.74 -35.40 -23.21
C TYR J 337 -6.53 -34.56 -22.76
N ILE J 338 -6.69 -33.77 -21.70
CA ILE J 338 -5.61 -32.89 -21.20
C ILE J 338 -4.25 -33.58 -20.94
N PRO J 339 -4.25 -34.76 -20.30
CA PRO J 339 -3.02 -35.53 -20.25
C PRO J 339 -2.40 -35.79 -21.61
N THR J 340 -3.17 -36.28 -22.59
CA THR J 340 -2.63 -36.51 -23.93
C THR J 340 -2.24 -35.20 -24.61
N ASN J 341 -2.88 -34.09 -24.25
CA ASN J 341 -2.44 -32.78 -24.74
C ASN J 341 -0.99 -32.52 -24.37
N VAL J 342 -0.70 -32.63 -23.07
CA VAL J 342 0.63 -32.34 -22.52
C VAL J 342 1.66 -33.39 -22.89
N ILE J 343 1.23 -34.66 -22.94
CA ILE J 343 2.11 -35.73 -23.42
C ILE J 343 2.52 -35.44 -24.86
N SER J 344 1.58 -34.88 -25.62
CA SER J 344 1.83 -34.62 -27.03
C SER J 344 2.70 -33.38 -27.25
N ILE J 345 3.14 -32.73 -26.16
CA ILE J 345 4.05 -31.59 -26.22
C ILE J 345 5.48 -31.97 -25.76
N THR J 346 5.58 -32.71 -24.65
CA THR J 346 6.86 -32.97 -24.01
C THR J 346 7.73 -33.96 -24.79
N ASP J 347 9.01 -34.02 -24.45
CA ASP J 347 9.92 -35.01 -24.99
C ASP J 347 9.86 -36.31 -24.17
N GLY J 348 8.66 -36.73 -23.79
CA GLY J 348 8.51 -37.92 -22.95
C GLY J 348 7.72 -37.68 -21.67
N GLN J 349 7.50 -38.76 -20.93
CA GLN J 349 6.71 -38.71 -19.71
C GLN J 349 7.09 -39.84 -18.77
N ILE J 350 6.94 -39.58 -17.48
CA ILE J 350 7.20 -40.52 -16.41
C ILE J 350 5.83 -40.72 -15.80
N PHE J 351 5.26 -41.89 -16.04
CA PHE J 351 3.94 -42.20 -15.57
C PHE J 351 3.98 -42.99 -14.27
N LEU J 352 3.45 -42.40 -13.21
CA LEU J 352 3.39 -43.04 -11.90
C LEU J 352 2.00 -43.62 -11.64
N GLU J 353 1.94 -44.77 -10.95
CA GLU J 353 0.67 -45.43 -10.61
C GLU J 353 0.61 -45.81 -9.15
N THR J 354 -0.57 -45.66 -8.52
CA THR J 354 -0.76 -46.04 -7.11
C THR J 354 -0.62 -47.55 -6.89
N GLU J 355 -1.09 -48.32 -7.86
CA GLU J 355 -0.98 -49.77 -7.81
C GLU J 355 0.48 -50.20 -7.63
N LEU J 356 1.35 -49.64 -8.47
CA LEU J 356 2.80 -49.85 -8.34
C LEU J 356 3.33 -49.35 -7.00
N PHE J 357 2.86 -48.17 -6.62
CA PHE J 357 3.28 -47.53 -5.39
C PHE J 357 3.05 -48.42 -4.18
N TYR J 358 1.84 -48.97 -4.07
CA TYR J 358 1.49 -49.83 -2.94
C TYR J 358 2.15 -51.20 -2.99
N LYS J 359 2.36 -51.72 -4.21
CA LYS J 359 3.08 -52.96 -4.42
C LYS J 359 4.54 -52.84 -3.99
N GLY J 360 4.98 -51.64 -3.65
CA GLY J 360 6.37 -51.42 -3.25
C GLY J 360 7.28 -50.93 -4.36
N ILE J 361 6.79 -50.92 -5.60
CA ILE J 361 7.54 -50.32 -6.72
C ILE J 361 7.57 -48.81 -6.51
N ARG J 362 8.61 -48.33 -5.82
CA ARG J 362 8.77 -46.90 -5.54
C ARG J 362 10.20 -46.49 -5.88
N PRO J 363 10.37 -45.53 -6.82
CA PRO J 363 9.36 -44.69 -7.46
C PRO J 363 8.37 -45.50 -8.31
N ALA J 364 7.11 -45.11 -8.26
CA ALA J 364 6.01 -45.87 -8.85
C ALA J 364 5.95 -45.76 -10.37
N ILE J 365 7.10 -45.80 -11.04
CA ILE J 365 7.18 -45.64 -12.50
C ILE J 365 6.66 -46.85 -13.28
N ASN J 366 5.73 -46.59 -14.19
CA ASN J 366 5.28 -47.59 -15.14
C ASN J 366 6.21 -47.50 -16.34
N VAL J 367 7.02 -48.54 -16.54
CA VAL J 367 8.13 -48.52 -17.52
C VAL J 367 7.63 -48.56 -18.98
N GLY J 368 6.65 -49.42 -19.24
CA GLY J 368 6.10 -49.50 -20.58
C GLY J 368 5.52 -48.19 -21.07
N LEU J 369 4.90 -47.45 -20.15
CA LEU J 369 4.13 -46.25 -20.50
C LEU J 369 4.94 -44.95 -20.47
N SER J 370 6.05 -44.98 -19.74
CA SER J 370 6.99 -43.88 -19.70
C SER J 370 7.90 -43.96 -20.91
N VAL J 371 8.34 -42.82 -21.43
CA VAL J 371 9.36 -42.75 -22.47
C VAL J 371 10.21 -41.52 -22.28
N SER J 372 11.45 -41.60 -22.77
CA SER J 372 12.24 -40.41 -23.07
C SER J 372 12.33 -40.33 -24.60
N ARG J 373 12.14 -39.14 -25.16
CA ARG J 373 12.25 -38.98 -26.60
C ARG J 373 13.65 -38.55 -27.04
N VAL J 374 14.55 -38.43 -26.05
CA VAL J 374 15.92 -38.10 -26.29
C VAL J 374 16.78 -39.37 -26.19
N GLY J 375 16.42 -40.26 -25.27
CA GLY J 375 17.11 -41.53 -25.09
C GLY J 375 18.60 -41.38 -24.80
N SER J 376 19.39 -42.32 -25.30
CA SER J 376 20.81 -42.45 -24.92
C SER J 376 21.63 -41.20 -25.17
N ALA J 377 21.21 -40.36 -26.12
CA ALA J 377 21.89 -39.09 -26.36
C ALA J 377 22.00 -38.19 -25.11
N ALA J 378 21.24 -38.53 -24.06
CA ALA J 378 21.15 -37.73 -22.84
C ALA J 378 21.78 -38.44 -21.65
N GLN J 379 22.43 -39.58 -21.92
CA GLN J 379 23.09 -40.36 -20.91
C GLN J 379 24.59 -40.28 -21.12
N THR J 380 25.35 -40.46 -20.04
CA THR J 380 26.78 -40.67 -20.12
C THR J 380 27.01 -42.02 -20.80
N ARG J 381 28.17 -42.16 -21.43
CA ARG J 381 28.58 -43.41 -22.05
C ARG J 381 28.43 -44.62 -21.11
N ALA J 382 28.87 -44.46 -19.86
CA ALA J 382 28.77 -45.52 -18.85
C ALA J 382 27.33 -45.99 -18.63
N MET J 383 26.39 -45.05 -18.57
CA MET J 383 25.00 -45.37 -18.29
C MET J 383 24.38 -46.08 -19.49
N LYS J 384 24.71 -45.60 -20.68
CA LYS J 384 24.29 -46.22 -21.93
C LYS J 384 24.77 -47.67 -21.98
N GLN J 385 26.01 -47.90 -21.57
CA GLN J 385 26.61 -49.24 -21.61
C GLN J 385 25.80 -50.26 -20.81
N VAL J 386 25.27 -49.85 -19.67
CA VAL J 386 24.53 -50.77 -18.81
C VAL J 386 23.02 -50.76 -19.07
N ALA J 387 22.50 -49.65 -19.56
CA ALA J 387 21.04 -49.50 -19.63
C ALA J 387 20.50 -49.48 -21.05
N GLY J 388 21.40 -49.54 -22.04
CA GLY J 388 21.05 -49.38 -23.46
C GLY J 388 19.87 -50.17 -24.02
N THR J 389 19.73 -51.43 -23.61
CA THR J 389 18.63 -52.27 -24.10
C THR J 389 17.58 -52.60 -23.04
N MET J 390 17.79 -52.09 -21.83
CA MET J 390 16.99 -52.44 -20.66
C MET J 390 15.51 -52.09 -20.81
N LYS J 391 15.22 -50.95 -21.44
CA LYS J 391 13.83 -50.52 -21.55
C LYS J 391 12.95 -51.49 -22.34
N LEU J 392 13.35 -51.80 -23.57
CA LEU J 392 12.67 -52.82 -24.36
C LEU J 392 12.67 -54.21 -23.68
N GLU J 393 13.77 -54.57 -23.02
CA GLU J 393 13.90 -55.80 -22.23
C GLU J 393 12.80 -55.93 -21.19
N LEU J 394 12.70 -54.90 -20.34
CA LEU J 394 11.73 -54.86 -19.25
C LEU J 394 10.29 -54.87 -19.74
N ALA J 395 10.04 -54.25 -20.89
CA ALA J 395 8.74 -54.30 -21.57
C ALA J 395 8.37 -55.70 -22.04
N GLN J 396 9.35 -56.43 -22.57
CA GLN J 396 9.14 -57.83 -22.96
C GLN J 396 9.03 -58.75 -21.76
N TYR J 397 9.78 -58.42 -20.71
CA TYR J 397 9.70 -59.18 -19.47
C TYR J 397 8.29 -59.13 -18.88
N ARG J 398 7.71 -57.93 -18.82
CA ARG J 398 6.40 -57.74 -18.20
C ARG J 398 5.30 -58.41 -19.00
N GLU J 399 5.45 -58.39 -20.32
CA GLU J 399 4.52 -59.09 -21.20
C GLU J 399 4.56 -60.59 -20.92
N VAL J 400 5.77 -61.16 -20.89
CA VAL J 400 5.97 -62.60 -20.66
C VAL J 400 5.61 -63.02 -19.23
N ALA J 401 5.82 -62.13 -18.26
CA ALA J 401 5.45 -62.40 -16.87
C ALA J 401 3.94 -62.59 -16.73
N ALA J 402 3.18 -61.86 -17.55
CA ALA J 402 1.73 -61.99 -17.62
C ALA J 402 1.32 -63.28 -18.35
N PHE J 403 1.93 -63.53 -19.51
CA PHE J 403 1.60 -64.71 -20.32
C PHE J 403 1.96 -66.04 -19.65
N ALA J 404 3.01 -66.03 -18.83
CA ALA J 404 3.44 -67.22 -18.09
C ALA J 404 2.79 -67.31 -16.71
N GLN J 405 1.96 -66.32 -16.37
CA GLN J 405 1.33 -66.18 -15.05
C GLN J 405 0.70 -67.48 -14.53
N PHE J 406 0.30 -68.35 -15.46
CA PHE J 406 -0.08 -69.74 -15.12
C PHE J 406 1.13 -70.66 -15.30
N GLY J 407 1.74 -71.03 -14.18
CA GLY J 407 3.03 -71.77 -14.17
C GLY J 407 3.09 -73.05 -14.97
N SER J 408 3.32 -72.90 -16.28
CA SER J 408 3.40 -74.04 -17.20
C SER J 408 4.75 -74.07 -17.94
N ASP J 409 5.41 -75.23 -17.88
CA ASP J 409 6.78 -75.46 -18.43
C ASP J 409 7.29 -74.45 -19.48
N LEU J 410 8.30 -73.70 -19.09
CA LEU J 410 8.84 -72.62 -19.91
C LEU J 410 10.25 -72.94 -20.36
N ASP J 411 10.57 -72.56 -21.60
CA ASP J 411 11.91 -72.76 -22.15
C ASP J 411 12.97 -71.97 -21.39
N ALA J 412 14.24 -72.29 -21.64
CA ALA J 412 15.36 -71.67 -20.95
C ALA J 412 15.50 -70.18 -21.25
N ALA J 413 14.92 -69.74 -22.37
CA ALA J 413 14.98 -68.34 -22.80
C ALA J 413 14.06 -67.43 -21.99
N THR J 414 12.80 -67.82 -21.84
CA THR J 414 11.82 -67.00 -21.10
C THR J 414 12.05 -67.04 -19.59
N GLN J 415 12.47 -68.20 -19.09
CA GLN J 415 12.78 -68.39 -17.67
C GLN J 415 13.95 -67.50 -17.23
N GLN J 416 14.89 -67.30 -18.16
CA GLN J 416 16.02 -66.40 -17.96
C GLN J 416 15.57 -64.93 -17.97
N LEU J 417 14.70 -64.59 -18.91
CA LEU J 417 14.15 -63.24 -19.02
C LEU J 417 13.33 -62.91 -17.77
N LEU J 418 12.57 -63.89 -17.29
CA LEU J 418 11.82 -63.75 -16.05
C LEU J 418 12.76 -63.52 -14.87
N SER J 419 13.76 -64.38 -14.72
CA SER J 419 14.72 -64.27 -13.63
C SER J 419 15.42 -62.92 -13.61
N ARG J 420 15.87 -62.47 -14.78
CA ARG J 420 16.54 -61.19 -14.91
C ARG J 420 15.58 -60.04 -14.62
N GLY J 421 14.41 -60.09 -15.26
CA GLY J 421 13.41 -59.03 -15.14
C GLY J 421 12.99 -58.71 -13.72
N VAL J 422 12.64 -59.75 -12.97
CA VAL J 422 12.20 -59.59 -11.58
C VAL J 422 13.32 -58.97 -10.72
N ARG J 423 14.56 -59.27 -11.07
CA ARG J 423 15.72 -58.77 -10.34
C ARG J 423 16.03 -57.30 -10.64
N LEU J 424 15.95 -56.93 -11.92
CA LEU J 424 16.19 -55.54 -12.34
C LEU J 424 15.16 -54.61 -11.71
N THR J 425 13.93 -55.09 -11.59
CA THR J 425 12.84 -54.35 -10.96
C THR J 425 13.20 -53.95 -9.54
N GLU J 426 13.88 -54.84 -8.81
CA GLU J 426 14.32 -54.57 -7.44
C GLU J 426 15.43 -53.52 -7.41
N LEU J 427 16.23 -53.49 -8.47
CA LEU J 427 17.33 -52.53 -8.55
C LEU J 427 16.82 -51.11 -8.81
N LEU J 428 15.66 -51.01 -9.45
CA LEU J 428 15.09 -49.71 -9.82
C LEU J 428 14.25 -49.09 -8.69
N LYS J 429 14.02 -49.88 -7.64
CA LYS J 429 13.42 -49.34 -6.43
C LYS J 429 14.43 -48.39 -5.83
N GLN J 430 13.92 -47.37 -5.14
CA GLN J 430 14.76 -46.33 -4.59
C GLN J 430 13.95 -45.49 -3.60
N GLY J 431 14.57 -45.15 -2.48
CA GLY J 431 13.95 -44.30 -1.48
C GLY J 431 14.04 -42.83 -1.87
N GLN J 432 13.50 -42.00 -1.01
CA GLN J 432 13.44 -40.56 -1.26
C GLN J 432 14.63 -39.83 -0.62
N TYR J 433 15.02 -38.70 -1.20
CA TYR J 433 15.99 -37.76 -0.58
C TYR J 433 17.46 -38.17 -0.61
N SER J 434 17.77 -39.25 -1.32
CA SER J 434 19.16 -39.64 -1.51
C SER J 434 19.40 -39.95 -2.98
N PRO J 435 19.39 -38.90 -3.83
CA PRO J 435 19.61 -39.14 -5.25
C PRO J 435 21.04 -39.59 -5.48
N MET J 436 21.22 -40.52 -6.39
CA MET J 436 22.50 -41.19 -6.54
C MET J 436 23.35 -40.57 -7.60
N ALA J 437 24.64 -40.42 -7.28
CA ALA J 437 25.67 -40.05 -8.26
C ALA J 437 25.63 -41.07 -9.40
N ILE J 438 25.79 -40.57 -10.63
CA ILE J 438 25.72 -41.41 -11.83
C ILE J 438 26.54 -42.68 -11.76
N GLU J 439 27.80 -42.58 -11.33
CA GLU J 439 28.72 -43.73 -11.25
C GLU J 439 28.18 -44.83 -10.32
N GLU J 440 27.51 -44.44 -9.25
CA GLU J 440 26.93 -45.40 -8.30
C GLU J 440 25.72 -46.09 -8.92
N GLN J 441 24.97 -45.34 -9.73
CA GLN J 441 23.84 -45.92 -10.45
C GLN J 441 24.35 -46.97 -11.40
N VAL J 442 25.38 -46.62 -12.17
CA VAL J 442 25.99 -47.53 -13.15
C VAL J 442 26.43 -48.84 -12.52
N ALA J 443 27.15 -48.74 -11.40
CA ALA J 443 27.69 -49.90 -10.68
C ALA J 443 26.62 -50.89 -10.23
N VAL J 444 25.51 -50.37 -9.70
CA VAL J 444 24.42 -51.24 -9.27
C VAL J 444 23.67 -51.80 -10.48
N ILE J 445 23.47 -50.99 -11.52
CA ILE J 445 22.82 -51.47 -12.74
C ILE J 445 23.68 -52.58 -13.36
N TYR J 446 24.99 -52.32 -13.43
CA TYR J 446 25.98 -53.27 -13.93
C TYR J 446 25.75 -54.68 -13.35
N ALA J 447 25.79 -54.79 -12.02
CA ALA J 447 25.61 -56.06 -11.34
C ALA J 447 24.37 -56.80 -11.86
N GLY J 448 23.27 -56.08 -12.01
CA GLY J 448 22.04 -56.68 -12.52
C GLY J 448 22.09 -57.11 -13.97
N VAL J 449 22.35 -56.15 -14.86
CA VAL J 449 22.31 -56.40 -16.32
C VAL J 449 23.33 -57.40 -16.84
N ARG J 450 24.42 -57.61 -16.09
CA ARG J 450 25.45 -58.57 -16.49
C ARG J 450 25.16 -59.98 -15.97
N GLY J 451 24.11 -60.13 -15.17
CA GLY J 451 23.66 -61.45 -14.73
C GLY J 451 24.17 -61.92 -13.39
N TYR J 452 24.98 -61.09 -12.74
CA TYR J 452 25.64 -61.49 -11.50
C TYR J 452 24.74 -61.75 -10.30
N LEU J 453 23.50 -61.27 -10.38
CA LEU J 453 22.54 -61.45 -9.30
C LEU J 453 21.42 -62.41 -9.69
N ASP J 454 21.57 -63.06 -10.84
CA ASP J 454 20.52 -63.94 -11.39
C ASP J 454 20.18 -65.11 -10.47
N LYS J 455 21.06 -65.40 -9.52
CA LYS J 455 20.87 -66.52 -8.58
C LYS J 455 20.54 -66.02 -7.18
N LEU J 456 20.74 -64.72 -6.96
CA LEU J 456 20.41 -64.11 -5.68
C LEU J 456 18.90 -64.00 -5.57
N GLU J 457 18.39 -64.33 -4.39
CA GLU J 457 16.96 -64.27 -4.12
C GLU J 457 16.45 -62.83 -4.23
N PRO J 458 15.42 -62.61 -5.08
CA PRO J 458 14.84 -61.29 -5.35
C PRO J 458 14.61 -60.39 -4.12
N SER J 459 14.16 -60.98 -3.02
CA SER J 459 13.86 -60.23 -1.81
C SER J 459 15.10 -59.74 -1.05
N LYS J 460 16.28 -60.11 -1.55
CA LYS J 460 17.54 -59.67 -0.94
C LYS J 460 18.24 -58.57 -1.72
N ILE J 461 17.83 -58.37 -2.96
CA ILE J 461 18.50 -57.43 -3.86
C ILE J 461 18.66 -56.04 -3.22
N THR J 462 17.65 -55.57 -2.52
CA THR J 462 17.73 -54.27 -1.85
C THR J 462 18.85 -54.22 -0.81
N LYS J 463 18.86 -55.19 0.11
CA LYS J 463 19.91 -55.26 1.14
C LYS J 463 21.29 -55.39 0.49
N PHE J 464 21.37 -56.16 -0.59
CA PHE J 464 22.59 -56.29 -1.37
C PHE J 464 23.10 -54.94 -1.88
N GLU J 465 22.20 -54.18 -2.52
CA GLU J 465 22.59 -52.93 -3.17
C GLU J 465 23.26 -51.95 -2.20
N ASN J 466 22.64 -51.77 -1.05
CA ASN J 466 23.18 -50.87 -0.04
C ASN J 466 24.48 -51.37 0.56
N ALA J 467 24.55 -52.68 0.80
CA ALA J 467 25.79 -53.31 1.23
C ALA J 467 26.88 -53.13 0.19
N PHE J 468 26.55 -53.49 -1.05
CA PHE J 468 27.44 -53.38 -2.19
C PHE J 468 27.93 -51.94 -2.38
N LEU J 469 26.98 -51.01 -2.40
CA LEU J 469 27.26 -49.60 -2.63
C LEU J 469 28.21 -49.00 -1.59
N SER J 470 27.96 -49.30 -0.32
CA SER J 470 28.81 -48.77 0.74
C SER J 470 30.21 -49.38 0.69
N HIS J 471 30.30 -50.61 0.20
CA HIS J 471 31.58 -51.27 0.01
C HIS J 471 32.42 -50.54 -1.03
N VAL J 472 31.80 -50.22 -2.18
CA VAL J 472 32.54 -49.59 -3.27
C VAL J 472 32.83 -48.11 -3.02
N ILE J 473 32.00 -47.46 -2.20
CA ILE J 473 32.19 -46.04 -1.87
C ILE J 473 33.43 -45.80 -1.00
N SER J 474 33.65 -46.67 -0.02
CA SER J 474 34.79 -46.56 0.89
C SER J 474 36.06 -47.20 0.31
N GLN J 475 35.93 -48.46 -0.11
CA GLN J 475 37.05 -49.23 -0.64
C GLN J 475 37.49 -48.80 -2.04
N HIS J 476 36.52 -48.45 -2.91
CA HIS J 476 36.82 -48.24 -4.33
C HIS J 476 36.47 -46.87 -4.89
N GLN J 477 36.83 -45.82 -4.16
CA GLN J 477 36.65 -44.46 -4.63
C GLN J 477 37.47 -44.21 -5.91
N ALA J 478 38.49 -45.03 -6.13
CA ALA J 478 39.33 -44.98 -7.33
C ALA J 478 38.61 -45.48 -8.60
N LEU J 479 37.85 -46.56 -8.45
CA LEU J 479 37.07 -47.14 -9.56
C LEU J 479 35.93 -46.21 -9.93
N LEU J 480 35.16 -45.79 -8.92
CA LEU J 480 34.07 -44.83 -9.10
C LEU J 480 34.60 -43.53 -9.68
N SER J 481 35.71 -43.02 -9.12
CA SER J 481 36.42 -41.87 -9.67
C SER J 481 36.65 -41.96 -11.18
N LYS J 482 37.13 -43.11 -11.64
CA LYS J 482 37.47 -43.30 -13.06
C LYS J 482 36.24 -43.34 -13.96
N ILE J 483 35.21 -44.08 -13.54
CA ILE J 483 33.94 -44.16 -14.24
C ILE J 483 33.26 -42.79 -14.32
N ARG J 484 33.30 -42.04 -13.23
CA ARG J 484 32.74 -40.70 -13.16
C ARG J 484 33.47 -39.72 -14.08
N THR J 485 34.81 -39.76 -14.03
CA THR J 485 35.69 -38.88 -14.82
C THR J 485 35.69 -39.22 -16.30
N ASP J 486 35.88 -40.50 -16.63
CA ASP J 486 35.88 -40.97 -18.01
C ASP J 486 34.47 -40.99 -18.59
N GLY J 487 33.47 -41.06 -17.71
CA GLY J 487 32.06 -41.14 -18.11
C GLY J 487 31.72 -42.43 -18.84
N LYS J 488 32.61 -43.41 -18.75
CA LYS J 488 32.47 -44.70 -19.44
C LYS J 488 33.00 -45.83 -18.57
N ILE J 489 32.64 -47.06 -18.94
CA ILE J 489 33.22 -48.26 -18.33
C ILE J 489 34.25 -48.85 -19.29
N SER J 490 35.52 -48.55 -19.05
CA SER J 490 36.61 -49.08 -19.85
C SER J 490 36.76 -50.58 -19.61
N GLU J 491 37.51 -51.26 -20.50
CA GLU J 491 37.76 -52.71 -20.38
C GLU J 491 38.42 -53.04 -19.03
N GLU J 492 39.27 -52.13 -18.55
CA GLU J 492 39.88 -52.26 -17.25
C GLU J 492 38.87 -52.11 -16.11
N SER J 493 38.00 -51.11 -16.21
CA SER J 493 36.94 -50.88 -15.20
C SER J 493 35.92 -52.01 -15.19
N ASP J 494 35.65 -52.56 -16.37
CA ASP J 494 34.73 -53.68 -16.50
C ASP J 494 35.23 -54.90 -15.71
N ALA J 495 36.48 -55.29 -15.97
CA ALA J 495 37.15 -56.38 -15.23
C ALA J 495 37.18 -56.16 -13.73
N LYS J 496 37.59 -54.96 -13.29
CA LYS J 496 37.54 -54.57 -11.88
C LYS J 496 36.15 -54.72 -11.25
N LEU J 497 35.11 -54.26 -11.95
CA LEU J 497 33.74 -54.34 -11.45
C LEU J 497 33.26 -55.77 -11.29
N LYS J 498 33.54 -56.61 -12.29
CA LYS J 498 33.17 -58.01 -12.29
C LYS J 498 33.79 -58.70 -11.07
N GLU J 499 35.05 -58.38 -10.81
CA GLU J 499 35.80 -58.94 -9.69
C GLU J 499 35.17 -58.58 -8.35
N ILE J 500 34.80 -57.30 -8.20
CA ILE J 500 34.17 -56.84 -6.98
C ILE J 500 32.83 -57.55 -6.72
N VAL J 501 31.88 -57.41 -7.64
CA VAL J 501 30.50 -57.90 -7.39
C VAL J 501 30.39 -59.41 -7.19
N THR J 502 31.14 -60.20 -7.96
CA THR J 502 31.05 -61.65 -7.90
C THR J 502 31.54 -62.18 -6.55
N ASN J 503 32.73 -61.74 -6.14
CA ASN J 503 33.30 -62.11 -4.85
C ASN J 503 32.54 -61.49 -3.67
N PHE J 504 32.14 -60.23 -3.82
CA PHE J 504 31.31 -59.60 -2.81
C PHE J 504 30.02 -60.38 -2.62
N LEU J 505 29.35 -60.70 -3.74
CA LEU J 505 28.07 -61.40 -3.70
C LEU J 505 28.20 -62.71 -2.97
N ALA J 506 29.28 -63.45 -3.27
CA ALA J 506 29.55 -64.73 -2.63
C ALA J 506 29.65 -64.56 -1.12
N GLY J 507 30.49 -63.62 -0.68
CA GLY J 507 30.62 -63.30 0.74
C GLY J 507 29.27 -62.96 1.36
N PHE J 508 28.50 -62.15 0.64
CA PHE J 508 27.17 -61.72 1.04
C PHE J 508 26.21 -62.91 1.18
N GLU J 509 26.38 -63.90 0.30
CA GLU J 509 25.47 -65.06 0.25
C GLU J 509 25.85 -66.18 1.23
N ALA J 510 26.90 -65.96 2.02
CA ALA J 510 27.38 -66.98 2.97
C ALA J 510 26.44 -67.11 4.17
N THR K 13 -6.23 -0.17 -50.46
CA THR K 13 -7.12 0.55 -49.50
C THR K 13 -6.77 0.23 -48.04
N THR K 14 -7.09 1.17 -47.14
CA THR K 14 -6.65 1.07 -45.74
C THR K 14 -7.79 0.75 -44.78
N GLY K 15 -7.50 -0.15 -43.83
CA GLY K 15 -8.44 -0.53 -42.78
C GLY K 15 -7.92 -0.22 -41.38
N ARG K 16 -8.78 -0.41 -40.39
CA ARG K 16 -8.44 -0.12 -39.01
C ARG K 16 -8.89 -1.24 -38.11
N ILE K 17 -8.01 -1.65 -37.20
CA ILE K 17 -8.34 -2.69 -36.23
C ILE K 17 -9.40 -2.18 -35.25
N VAL K 18 -10.52 -2.91 -35.15
CA VAL K 18 -11.58 -2.57 -34.22
C VAL K 18 -11.64 -3.49 -32.99
N ALA K 19 -11.27 -4.75 -33.16
CA ALA K 19 -11.26 -5.70 -32.03
C ALA K 19 -10.07 -6.65 -32.11
N VAL K 20 -9.55 -7.03 -30.95
CA VAL K 20 -8.52 -8.05 -30.88
C VAL K 20 -8.86 -8.99 -29.74
N ILE K 21 -9.23 -10.22 -30.07
CA ILE K 21 -9.45 -11.26 -29.05
C ILE K 21 -8.59 -12.47 -29.43
N GLY K 22 -7.49 -12.64 -28.70
CA GLY K 22 -6.49 -13.65 -29.02
C GLY K 22 -6.05 -13.53 -30.47
N ALA K 23 -6.12 -14.65 -31.18
CA ALA K 23 -5.71 -14.76 -32.58
C ALA K 23 -6.68 -14.12 -33.58
N VAL K 24 -7.89 -13.80 -33.14
CA VAL K 24 -8.89 -13.23 -34.02
C VAL K 24 -8.94 -11.70 -33.92
N VAL K 25 -8.77 -11.05 -35.07
CA VAL K 25 -8.72 -9.59 -35.16
C VAL K 25 -9.78 -9.12 -36.16
N ASP K 26 -10.60 -8.17 -35.75
CA ASP K 26 -11.59 -7.54 -36.63
C ASP K 26 -11.02 -6.24 -37.16
N VAL K 27 -11.24 -5.99 -38.45
CA VAL K 27 -10.71 -4.82 -39.14
C VAL K 27 -11.81 -4.17 -39.98
N GLN K 28 -11.99 -2.87 -39.79
CA GLN K 28 -12.94 -2.10 -40.59
C GLN K 28 -12.28 -1.35 -41.75
N PHE K 29 -12.93 -1.41 -42.91
CA PHE K 29 -12.46 -0.76 -44.13
C PHE K 29 -13.53 0.23 -44.60
N ASP K 30 -13.14 1.49 -44.76
CA ASP K 30 -14.10 2.50 -45.19
C ASP K 30 -14.39 2.45 -46.69
N GLU K 31 -13.33 2.23 -47.49
CA GLU K 31 -13.48 2.08 -48.94
C GLU K 31 -13.73 0.61 -49.29
N GLY K 32 -12.81 0.03 -50.05
CA GLY K 32 -12.96 -1.33 -50.58
C GLY K 32 -12.72 -2.42 -49.56
N LEU K 33 -13.63 -3.40 -49.55
CA LEU K 33 -13.55 -4.54 -48.64
C LEU K 33 -12.75 -5.67 -49.26
N PRO K 34 -11.68 -6.12 -48.58
CA PRO K 34 -10.90 -7.27 -49.04
C PRO K 34 -11.70 -8.58 -48.99
N PRO K 35 -11.69 -9.36 -50.09
CA PRO K 35 -12.34 -10.66 -50.14
C PRO K 35 -11.81 -11.61 -49.08
N ILE K 36 -12.67 -12.55 -48.70
CA ILE K 36 -12.27 -13.65 -47.85
C ILE K 36 -11.03 -14.34 -48.44
N LEU K 37 -10.11 -14.71 -47.55
CA LEU K 37 -8.82 -15.35 -47.85
C LEU K 37 -7.69 -14.37 -48.13
N ASN K 38 -8.01 -13.08 -48.28
CA ASN K 38 -6.98 -12.09 -48.56
C ASN K 38 -5.99 -11.89 -47.42
N ALA K 39 -4.75 -11.60 -47.79
CA ALA K 39 -3.74 -11.28 -46.79
C ALA K 39 -3.72 -9.77 -46.59
N LEU K 40 -3.94 -9.35 -45.35
CA LEU K 40 -3.80 -7.98 -44.94
C LEU K 40 -2.51 -7.83 -44.16
N GLU K 41 -1.90 -6.65 -44.28
CA GLU K 41 -0.63 -6.35 -43.64
C GLU K 41 -0.83 -5.31 -42.53
N VAL K 42 -0.55 -5.73 -41.30
CA VAL K 42 -0.66 -4.83 -40.15
C VAL K 42 0.51 -3.85 -40.15
N GLN K 43 0.18 -2.56 -40.15
CA GLN K 43 1.18 -1.49 -40.13
C GLN K 43 1.77 -1.25 -38.74
N GLY K 44 3.03 -0.80 -38.69
CA GLY K 44 3.66 -0.40 -37.45
C GLY K 44 4.08 -1.53 -36.53
N ARG K 45 4.62 -2.61 -37.12
CA ARG K 45 5.14 -3.76 -36.38
C ARG K 45 6.59 -3.97 -36.77
N GLU K 46 7.39 -4.48 -35.84
CA GLU K 46 8.80 -4.77 -36.10
C GLU K 46 8.95 -5.94 -37.08
N THR K 47 8.17 -7.00 -36.89
CA THR K 47 8.13 -8.16 -37.78
C THR K 47 6.80 -8.18 -38.55
N ARG K 48 6.86 -8.68 -39.78
CA ARG K 48 5.69 -8.72 -40.65
C ARG K 48 4.55 -9.54 -40.01
N LEU K 49 3.46 -8.84 -39.67
CA LEU K 49 2.26 -9.47 -39.16
C LEU K 49 1.18 -9.51 -40.22
N VAL K 50 0.87 -10.71 -40.70
CA VAL K 50 -0.18 -10.91 -41.69
C VAL K 50 -1.47 -11.35 -41.00
N LEU K 51 -2.59 -10.84 -41.51
CA LEU K 51 -3.93 -11.32 -41.11
C LEU K 51 -4.67 -11.85 -42.33
N GLU K 52 -5.25 -13.04 -42.18
CA GLU K 52 -6.02 -13.61 -43.27
C GLU K 52 -7.51 -13.36 -43.08
N VAL K 53 -8.15 -12.81 -44.11
CA VAL K 53 -9.58 -12.50 -44.03
C VAL K 53 -10.40 -13.79 -43.97
N ALA K 54 -11.16 -13.93 -42.89
CA ALA K 54 -11.93 -15.14 -42.65
C ALA K 54 -13.43 -14.94 -42.96
N GLN K 55 -14.00 -13.84 -42.50
CA GLN K 55 -15.43 -13.56 -42.71
C GLN K 55 -15.67 -12.09 -43.01
N HIS K 56 -16.80 -11.80 -43.67
CA HIS K 56 -17.33 -10.44 -43.76
C HIS K 56 -18.48 -10.34 -42.77
N LEU K 57 -18.28 -9.55 -41.71
CA LEU K 57 -19.22 -9.51 -40.60
C LEU K 57 -20.44 -8.65 -40.89
N GLY K 58 -20.31 -7.77 -41.89
CA GLY K 58 -21.29 -6.71 -42.14
C GLY K 58 -20.74 -5.38 -41.68
N GLU K 59 -21.39 -4.28 -42.06
CA GLU K 59 -20.94 -2.96 -41.64
C GLU K 59 -19.45 -2.72 -41.94
N SER K 60 -19.02 -3.08 -43.14
CA SER K 60 -17.65 -2.82 -43.62
C SER K 60 -16.55 -3.40 -42.73
N THR K 61 -16.88 -4.41 -41.93
CA THR K 61 -15.93 -5.02 -41.01
C THR K 61 -15.69 -6.47 -41.43
N VAL K 62 -14.42 -6.83 -41.58
CA VAL K 62 -14.03 -8.23 -41.80
C VAL K 62 -13.43 -8.87 -40.52
N ARG K 63 -13.70 -10.16 -40.34
CA ARG K 63 -13.02 -10.93 -39.28
C ARG K 63 -11.82 -11.66 -39.87
N THR K 64 -10.68 -11.53 -39.20
CA THR K 64 -9.43 -12.11 -39.67
C THR K 64 -8.80 -13.02 -38.62
N ILE K 65 -8.00 -13.98 -39.08
CA ILE K 65 -7.10 -14.75 -38.19
C ILE K 65 -5.65 -14.29 -38.42
N ALA K 66 -4.91 -14.14 -37.33
CA ALA K 66 -3.55 -13.64 -37.41
C ALA K 66 -2.57 -14.78 -37.71
N MET K 67 -1.47 -14.46 -38.38
CA MET K 67 -0.44 -15.44 -38.74
C MET K 67 0.73 -15.39 -37.78
N ASP K 68 0.61 -14.53 -36.78
CA ASP K 68 1.61 -14.38 -35.74
C ASP K 68 0.90 -13.80 -34.52
N GLY K 69 1.64 -13.58 -33.43
CA GLY K 69 1.07 -13.04 -32.20
C GLY K 69 0.46 -11.67 -32.38
N THR K 70 -0.64 -11.43 -31.67
CA THR K 70 -1.37 -10.18 -31.72
C THR K 70 -1.07 -9.26 -30.52
N GLU K 71 -0.13 -9.66 -29.66
CA GLU K 71 0.33 -8.80 -28.57
C GLU K 71 0.87 -7.49 -29.16
N GLY K 72 0.60 -6.38 -28.48
CA GLY K 72 1.05 -5.07 -28.94
C GLY K 72 0.08 -4.31 -29.83
N LEU K 73 -0.90 -5.00 -30.41
CA LEU K 73 -1.88 -4.39 -31.29
C LEU K 73 -2.80 -3.46 -30.53
N VAL K 74 -3.19 -2.37 -31.20
CA VAL K 74 -4.01 -1.32 -30.62
C VAL K 74 -5.25 -1.14 -31.51
N ARG K 75 -6.41 -0.97 -30.90
CA ARG K 75 -7.61 -0.62 -31.66
C ARG K 75 -7.36 0.67 -32.41
N GLY K 76 -7.67 0.68 -33.69
CA GLY K 76 -7.38 1.85 -34.53
C GLY K 76 -6.13 1.73 -35.38
N GLN K 77 -5.23 0.80 -35.02
CA GLN K 77 -4.00 0.54 -35.78
C GLN K 77 -4.28 0.21 -37.26
N LYS K 78 -3.43 0.71 -38.15
CA LYS K 78 -3.67 0.63 -39.59
C LYS K 78 -3.37 -0.74 -40.19
N VAL K 79 -4.13 -1.10 -41.22
CA VAL K 79 -4.04 -2.40 -41.88
C VAL K 79 -4.21 -2.26 -43.40
N LEU K 80 -3.25 -2.78 -44.17
CA LEU K 80 -3.27 -2.66 -45.63
C LEU K 80 -3.63 -3.95 -46.33
N ASP K 81 -4.64 -3.90 -47.19
CA ASP K 81 -5.00 -5.02 -48.04
C ASP K 81 -3.87 -5.28 -49.03
N SER K 82 -3.36 -6.51 -49.09
CA SER K 82 -2.29 -6.83 -50.04
C SER K 82 -2.87 -7.11 -51.43
N GLY K 83 -4.16 -7.41 -51.47
CA GLY K 83 -4.88 -7.58 -52.74
C GLY K 83 -5.00 -9.02 -53.18
N ALA K 84 -4.29 -9.91 -52.49
CA ALA K 84 -4.30 -11.33 -52.83
C ALA K 84 -4.22 -12.20 -51.56
N PRO K 85 -4.46 -13.53 -51.68
CA PRO K 85 -4.20 -14.41 -50.53
C PRO K 85 -2.72 -14.40 -50.18
N ILE K 86 -2.32 -15.13 -49.12
CA ILE K 86 -0.89 -15.28 -48.83
C ILE K 86 -0.20 -15.96 -50.02
N ARG K 87 0.84 -15.30 -50.53
CA ARG K 87 1.64 -15.84 -51.63
C ARG K 87 3.06 -16.11 -51.14
N ILE K 88 3.59 -17.28 -51.48
CA ILE K 88 4.90 -17.68 -51.00
C ILE K 88 5.87 -17.95 -52.15
N PRO K 89 7.17 -17.92 -51.88
CA PRO K 89 8.12 -18.27 -52.92
C PRO K 89 7.97 -19.73 -53.31
N VAL K 90 7.95 -20.02 -54.61
CA VAL K 90 7.99 -21.41 -55.08
C VAL K 90 9.06 -21.59 -56.16
N GLY K 91 9.69 -22.76 -56.16
CA GLY K 91 10.69 -23.08 -57.18
C GLY K 91 11.93 -23.69 -56.58
N PRO K 92 12.95 -23.97 -57.43
CA PRO K 92 14.22 -24.53 -56.99
C PRO K 92 14.89 -23.78 -55.84
N GLU K 93 14.63 -22.48 -55.76
CA GLU K 93 15.24 -21.61 -54.75
C GLU K 93 14.77 -21.92 -53.32
N THR K 94 13.65 -22.63 -53.20
CA THR K 94 13.13 -23.06 -51.90
C THR K 94 13.87 -24.28 -51.35
N LEU K 95 14.54 -25.02 -52.23
CA LEU K 95 15.23 -26.23 -51.81
C LEU K 95 16.43 -25.88 -50.96
N GLY K 96 16.61 -26.61 -49.85
CA GLY K 96 17.67 -26.33 -48.90
C GLY K 96 17.34 -25.19 -47.93
N ARG K 97 16.24 -24.50 -48.17
CA ARG K 97 15.80 -23.40 -47.33
C ARG K 97 14.72 -23.83 -46.34
N ILE K 98 14.56 -23.06 -45.26
CA ILE K 98 13.42 -23.19 -44.34
C ILE K 98 12.52 -21.95 -44.39
N MET K 99 11.24 -22.15 -44.74
CA MET K 99 10.22 -21.07 -44.71
C MET K 99 9.23 -21.22 -43.55
N ASN K 100 8.52 -20.13 -43.25
CA ASN K 100 7.33 -20.14 -42.37
C ASN K 100 6.03 -20.04 -43.15
N VAL K 101 4.91 -19.87 -42.43
CA VAL K 101 3.57 -19.87 -43.04
C VAL K 101 3.51 -18.94 -44.23
N ILE K 102 4.14 -17.79 -44.08
CA ILE K 102 4.00 -16.66 -45.00
C ILE K 102 5.23 -16.54 -45.93
N GLY K 103 6.02 -17.60 -46.01
CA GLY K 103 7.06 -17.70 -47.01
C GLY K 103 8.34 -16.95 -46.72
N GLU K 104 8.46 -16.45 -45.49
CA GLU K 104 9.70 -15.82 -45.05
C GLU K 104 10.70 -16.89 -44.73
N PRO K 105 11.98 -16.66 -45.09
CA PRO K 105 13.03 -17.58 -44.67
C PRO K 105 13.20 -17.49 -43.16
N ILE K 106 13.29 -18.64 -42.50
CA ILE K 106 13.53 -18.67 -41.06
C ILE K 106 14.85 -19.38 -40.74
N ASP K 107 15.75 -19.43 -41.72
CA ASP K 107 17.06 -20.07 -41.56
C ASP K 107 18.22 -19.08 -41.53
N GLU K 108 17.88 -17.80 -41.40
CA GLU K 108 18.88 -16.72 -41.33
C GLU K 108 19.90 -16.76 -42.46
N ARG K 109 19.45 -17.18 -43.64
CA ARG K 109 20.30 -17.30 -44.81
C ARG K 109 19.90 -16.31 -45.90
N GLY K 110 19.14 -15.29 -45.52
CA GLY K 110 18.78 -14.23 -46.45
C GLY K 110 17.55 -14.52 -47.30
N PRO K 111 17.29 -13.67 -48.31
CA PRO K 111 16.12 -13.76 -49.20
C PRO K 111 16.01 -15.09 -49.92
N ILE K 112 14.78 -15.49 -50.23
CA ILE K 112 14.52 -16.63 -51.10
C ILE K 112 14.27 -16.08 -52.52
N LYS K 113 15.28 -16.21 -53.37
CA LYS K 113 15.32 -15.52 -54.66
C LYS K 113 14.56 -16.24 -55.79
N THR K 114 13.26 -16.44 -55.61
CA THR K 114 12.46 -17.11 -56.66
C THR K 114 11.99 -16.14 -57.73
N LYS K 115 11.78 -16.68 -58.92
CA LYS K 115 11.17 -15.95 -60.01
C LYS K 115 9.66 -15.77 -59.77
N GLN K 116 9.04 -16.81 -59.20
CA GLN K 116 7.59 -16.82 -59.01
C GLN K 116 7.15 -17.03 -57.57
N PHE K 117 5.94 -16.55 -57.29
CA PHE K 117 5.30 -16.76 -56.03
C PHE K 117 3.98 -17.45 -56.31
N ALA K 118 3.44 -18.13 -55.31
CA ALA K 118 2.16 -18.81 -55.45
C ALA K 118 1.29 -18.59 -54.21
N ALA K 119 -0.02 -18.41 -54.43
CA ALA K 119 -1.00 -18.33 -53.36
C ALA K 119 -1.15 -19.68 -52.67
N ILE K 120 -1.21 -19.68 -51.34
CA ILE K 120 -1.30 -20.93 -50.57
C ILE K 120 -2.71 -21.51 -50.58
N HIS K 121 -3.66 -20.70 -51.04
CA HIS K 121 -5.01 -21.16 -51.29
C HIS K 121 -5.18 -21.38 -52.79
N ALA K 122 -5.64 -22.58 -53.15
CA ALA K 122 -5.81 -22.96 -54.54
C ALA K 122 -6.94 -23.96 -54.67
N GLU K 123 -7.41 -24.15 -55.90
CA GLU K 123 -8.47 -25.11 -56.16
C GLU K 123 -7.90 -26.52 -56.28
N ALA K 124 -8.66 -27.50 -55.84
CA ALA K 124 -8.25 -28.90 -55.91
C ALA K 124 -8.29 -29.39 -57.36
N PRO K 125 -7.27 -30.19 -57.76
CA PRO K 125 -7.29 -30.84 -59.09
C PRO K 125 -8.62 -31.53 -59.37
N GLU K 126 -9.10 -31.39 -60.61
CA GLU K 126 -10.39 -31.94 -61.01
C GLU K 126 -10.36 -33.46 -61.09
N PHE K 127 -11.53 -34.07 -61.22
CA PHE K 127 -11.64 -35.51 -61.39
C PHE K 127 -10.86 -36.01 -62.62
N VAL K 128 -10.97 -35.29 -63.74
CA VAL K 128 -10.26 -35.67 -64.98
C VAL K 128 -8.75 -35.59 -64.87
N GLU K 129 -8.26 -35.01 -63.77
CA GLU K 129 -6.82 -34.86 -63.56
C GLU K 129 -6.23 -36.05 -62.78
N MET K 130 -7.09 -36.98 -62.39
CA MET K 130 -6.68 -38.11 -61.53
C MET K 130 -5.94 -39.22 -62.27
N SER K 131 -5.04 -39.87 -61.53
CA SER K 131 -4.32 -41.06 -61.96
C SER K 131 -4.83 -42.29 -61.21
N VAL K 132 -4.85 -43.44 -61.87
CA VAL K 132 -5.22 -44.70 -61.22
C VAL K 132 -4.03 -45.68 -61.15
N GLU K 133 -2.87 -45.23 -61.60
CA GLU K 133 -1.65 -46.01 -61.55
C GLU K 133 -1.23 -46.21 -60.12
N GLN K 134 -0.89 -47.45 -59.75
CA GLN K 134 -0.36 -47.71 -58.42
C GLN K 134 0.66 -48.84 -58.40
N GLU K 135 1.92 -48.48 -58.13
CA GLU K 135 2.98 -49.49 -57.98
C GLU K 135 3.64 -49.39 -56.63
N ILE K 136 4.02 -50.55 -56.09
CA ILE K 136 4.52 -50.66 -54.73
C ILE K 136 5.76 -49.79 -54.46
N LEU K 137 5.75 -49.14 -53.31
CA LEU K 137 6.89 -48.43 -52.76
C LEU K 137 7.42 -49.21 -51.57
N VAL K 138 8.53 -49.89 -51.77
CA VAL K 138 9.15 -50.70 -50.72
C VAL K 138 9.87 -49.78 -49.74
N THR K 139 9.70 -50.07 -48.46
CA THR K 139 10.21 -49.22 -47.40
C THR K 139 11.41 -49.84 -46.69
N GLY K 140 11.48 -51.17 -46.70
CA GLY K 140 12.49 -51.89 -45.93
C GLY K 140 12.03 -52.18 -44.51
N ILE K 141 10.77 -51.84 -44.24
CA ILE K 141 10.12 -52.05 -42.95
C ILE K 141 9.19 -53.25 -43.06
N LYS K 142 9.48 -54.30 -42.29
CA LYS K 142 8.78 -55.57 -42.44
C LYS K 142 7.27 -55.44 -42.40
N VAL K 143 6.75 -54.93 -41.28
CA VAL K 143 5.31 -54.88 -41.02
C VAL K 143 4.54 -54.13 -42.13
N VAL K 144 5.11 -53.02 -42.59
CA VAL K 144 4.48 -52.19 -43.61
C VAL K 144 4.48 -52.88 -44.97
N ASP K 145 5.68 -53.25 -45.42
CA ASP K 145 5.86 -53.88 -46.73
C ASP K 145 5.05 -55.15 -46.87
N LEU K 146 5.01 -55.95 -45.81
CA LEU K 146 4.26 -57.19 -45.81
C LEU K 146 2.76 -56.95 -45.81
N LEU K 147 2.26 -56.23 -44.79
CA LEU K 147 0.81 -56.22 -44.51
C LEU K 147 0.03 -55.11 -45.17
N ALA K 148 0.66 -53.94 -45.32
CA ALA K 148 -0.05 -52.77 -45.83
C ALA K 148 0.91 -51.84 -46.58
N PRO K 149 1.43 -52.32 -47.73
CA PRO K 149 2.52 -51.62 -48.41
C PRO K 149 2.11 -50.26 -49.00
N TYR K 150 3.05 -49.34 -49.02
CA TYR K 150 2.87 -48.03 -49.62
C TYR K 150 2.95 -48.12 -51.14
N ALA K 151 2.35 -47.15 -51.82
CA ALA K 151 2.36 -47.08 -53.26
C ALA K 151 3.03 -45.79 -53.71
N LYS K 152 3.79 -45.85 -54.79
CA LYS K 152 4.35 -44.65 -55.40
C LYS K 152 3.23 -43.70 -55.79
N GLY K 153 3.37 -42.44 -55.41
CA GLY K 153 2.36 -41.41 -55.72
C GLY K 153 1.06 -41.55 -54.95
N GLY K 154 1.06 -42.44 -53.95
CA GLY K 154 -0.11 -42.69 -53.10
C GLY K 154 -0.18 -41.80 -51.86
N LYS K 155 -1.32 -41.86 -51.18
CA LYS K 155 -1.52 -41.11 -49.95
C LYS K 155 -1.35 -42.03 -48.74
N ILE K 156 -0.31 -41.77 -47.96
CA ILE K 156 0.06 -42.63 -46.83
C ILE K 156 -0.26 -41.89 -45.54
N GLY K 157 -0.84 -42.59 -44.56
CA GLY K 157 -1.21 -41.98 -43.28
C GLY K 157 -0.68 -42.77 -42.11
N LEU K 158 0.03 -42.09 -41.21
CA LEU K 158 0.59 -42.74 -40.03
C LEU K 158 -0.18 -42.29 -38.80
N PHE K 159 -1.12 -43.12 -38.36
CA PHE K 159 -2.01 -42.75 -37.25
C PHE K 159 -1.36 -43.12 -35.93
N GLY K 160 -1.58 -42.32 -34.90
CA GLY K 160 -1.13 -42.75 -33.57
C GLY K 160 -1.34 -41.75 -32.46
N GLY K 161 -1.70 -42.26 -31.28
CA GLY K 161 -1.75 -41.44 -30.07
C GLY K 161 -0.39 -40.84 -29.73
N ALA K 162 -0.31 -40.13 -28.61
CA ALA K 162 0.90 -39.39 -28.24
C ALA K 162 2.01 -40.33 -27.84
N GLY K 163 3.18 -40.20 -28.46
CA GLY K 163 4.36 -40.95 -28.05
C GLY K 163 4.44 -42.41 -28.47
N VAL K 164 3.76 -42.78 -29.56
CA VAL K 164 3.71 -44.18 -29.99
C VAL K 164 4.62 -44.49 -31.19
N GLY K 165 5.04 -43.46 -31.93
CA GLY K 165 6.09 -43.63 -32.94
C GLY K 165 5.87 -43.07 -34.33
N LYS K 166 4.96 -42.09 -34.46
CA LYS K 166 4.67 -41.48 -35.76
C LYS K 166 5.88 -40.83 -36.39
N THR K 167 6.61 -40.05 -35.59
CA THR K 167 7.74 -39.27 -36.06
C THR K 167 8.97 -40.17 -36.30
N VAL K 168 9.23 -41.08 -35.37
CA VAL K 168 10.29 -42.07 -35.57
C VAL K 168 10.05 -42.79 -36.91
N LEU K 169 8.86 -43.38 -37.08
CA LEU K 169 8.45 -43.97 -38.36
C LEU K 169 8.63 -43.05 -39.57
N ILE K 170 8.20 -41.79 -39.47
CA ILE K 170 8.33 -40.89 -40.61
C ILE K 170 9.81 -40.57 -40.92
N MET K 171 10.62 -40.49 -39.86
CA MET K 171 12.06 -40.26 -39.99
C MET K 171 12.75 -41.46 -40.64
N GLU K 172 12.25 -42.65 -40.34
CA GLU K 172 12.79 -43.88 -40.90
C GLU K 172 12.42 -44.02 -42.38
N LEU K 173 11.26 -43.51 -42.77
CA LEU K 173 10.85 -43.47 -44.17
C LEU K 173 11.63 -42.41 -44.94
N ILE K 174 11.88 -41.27 -44.31
CA ILE K 174 12.76 -40.25 -44.89
C ILE K 174 14.18 -40.81 -45.08
N ASN K 175 14.62 -41.62 -44.12
CA ASN K 175 15.92 -42.25 -44.17
C ASN K 175 16.04 -43.30 -45.28
N ASN K 176 15.02 -44.14 -45.38
CA ASN K 176 14.99 -45.25 -46.32
C ASN K 176 14.55 -44.90 -47.74
N VAL K 177 13.68 -43.90 -47.88
CA VAL K 177 13.09 -43.57 -49.19
C VAL K 177 13.53 -42.22 -49.74
N ALA K 178 13.66 -41.22 -48.88
CA ALA K 178 13.93 -39.86 -49.33
C ALA K 178 15.40 -39.61 -49.66
N LYS K 179 16.28 -40.23 -48.88
CA LYS K 179 17.73 -40.04 -49.02
C LYS K 179 18.25 -40.42 -50.42
N ALA K 180 17.70 -41.51 -50.97
CA ALA K 180 18.09 -42.00 -52.28
C ALA K 180 17.02 -41.76 -53.36
N HIS K 181 16.06 -40.89 -53.06
CA HIS K 181 15.03 -40.50 -54.02
C HIS K 181 15.62 -39.63 -55.13
N GLY K 182 15.16 -39.85 -56.35
CA GLY K 182 15.67 -39.13 -57.52
C GLY K 182 15.25 -37.67 -57.61
N GLY K 183 13.99 -37.39 -57.29
CA GLY K 183 13.43 -36.05 -57.43
C GLY K 183 13.48 -35.23 -56.15
N TYR K 184 12.46 -34.41 -55.93
CA TYR K 184 12.45 -33.44 -54.84
C TYR K 184 11.56 -33.87 -53.67
N SER K 185 11.99 -33.50 -52.47
CA SER K 185 11.18 -33.72 -51.26
C SER K 185 10.74 -32.41 -50.63
N VAL K 186 9.57 -32.44 -49.99
CA VAL K 186 9.13 -31.33 -49.16
C VAL K 186 8.82 -31.89 -47.78
N PHE K 187 9.31 -31.22 -46.73
CA PHE K 187 8.88 -31.53 -45.38
C PHE K 187 8.19 -30.33 -44.72
N ALA K 188 6.90 -30.51 -44.39
CA ALA K 188 6.15 -29.52 -43.61
C ALA K 188 6.05 -29.94 -42.16
N GLY K 189 6.62 -29.13 -41.27
CA GLY K 189 6.45 -29.29 -39.82
C GLY K 189 5.24 -28.48 -39.39
N VAL K 190 4.17 -29.18 -39.05
CA VAL K 190 2.90 -28.51 -38.78
C VAL K 190 2.56 -28.76 -37.32
N GLY K 191 2.61 -27.70 -36.51
CA GLY K 191 2.26 -27.77 -35.08
C GLY K 191 3.01 -28.77 -34.23
N GLU K 192 4.23 -29.11 -34.65
CA GLU K 192 5.02 -30.05 -33.84
C GLU K 192 6.16 -29.42 -33.01
N ARG K 193 7.14 -30.23 -32.63
CA ARG K 193 8.24 -29.73 -31.79
C ARG K 193 9.29 -28.97 -32.61
N THR K 194 9.69 -27.80 -32.11
CA THR K 194 10.76 -27.04 -32.78
C THR K 194 12.09 -27.83 -32.69
N ARG K 195 12.28 -28.53 -31.57
CA ARG K 195 13.44 -29.40 -31.36
C ARG K 195 13.59 -30.41 -32.50
N GLU K 196 12.46 -30.97 -32.94
CA GLU K 196 12.45 -31.97 -34.00
C GLU K 196 12.87 -31.40 -35.36
N GLY K 197 12.46 -30.16 -35.62
CA GLY K 197 12.85 -29.44 -36.82
C GLY K 197 14.34 -29.09 -36.84
N ASN K 198 14.89 -28.69 -35.70
CA ASN K 198 16.35 -28.49 -35.59
C ASN K 198 17.08 -29.82 -35.77
N ASP K 199 16.57 -30.88 -35.12
CA ASP K 199 17.10 -32.23 -35.28
C ASP K 199 17.17 -32.65 -36.75
N LEU K 200 16.03 -32.61 -37.44
CA LEU K 200 15.93 -33.05 -38.84
C LEU K 200 16.75 -32.20 -39.78
N TYR K 201 16.84 -30.90 -39.50
CA TYR K 201 17.56 -29.97 -40.34
C TYR K 201 19.04 -30.31 -40.37
N HIS K 202 19.64 -30.47 -39.19
CA HIS K 202 21.05 -30.77 -39.07
C HIS K 202 21.41 -32.19 -39.52
N GLU K 203 20.44 -33.09 -39.48
CA GLU K 203 20.61 -34.44 -39.96
C GLU K 203 20.63 -34.49 -41.48
N MET K 204 19.87 -33.59 -42.09
CA MET K 204 19.81 -33.55 -43.55
C MET K 204 20.97 -32.77 -44.11
N ILE K 205 21.53 -31.88 -43.30
CA ILE K 205 22.79 -31.22 -43.65
C ILE K 205 23.88 -32.27 -43.58
N GLU K 206 23.87 -33.09 -42.53
CA GLU K 206 24.87 -34.15 -42.36
C GLU K 206 24.86 -35.16 -43.50
N SER K 207 23.67 -35.51 -43.95
CA SER K 207 23.52 -36.54 -44.96
C SER K 207 23.57 -35.98 -46.38
N GLY K 208 23.68 -34.67 -46.51
CA GLY K 208 23.81 -34.03 -47.81
C GLY K 208 22.56 -33.84 -48.65
N VAL K 209 21.39 -34.27 -48.16
CA VAL K 209 20.15 -34.02 -48.89
C VAL K 209 19.80 -32.52 -48.84
N ILE K 210 20.30 -31.85 -47.81
CA ILE K 210 20.38 -30.39 -47.77
C ILE K 210 21.86 -30.02 -47.88
N ASN K 211 22.17 -29.18 -48.86
CA ASN K 211 23.51 -28.63 -48.97
C ASN K 211 23.47 -27.12 -48.85
N LEU K 212 24.27 -26.60 -47.92
CA LEU K 212 24.27 -25.17 -47.61
C LEU K 212 25.24 -24.37 -48.49
N LYS K 213 26.05 -25.06 -49.28
CA LYS K 213 27.13 -24.40 -50.03
C LYS K 213 26.99 -24.41 -51.57
N ASP K 214 26.31 -25.43 -52.10
CA ASP K 214 26.06 -25.50 -53.54
C ASP K 214 24.54 -25.49 -53.83
N ALA K 215 24.14 -26.00 -54.98
CA ALA K 215 22.72 -26.03 -55.36
C ALA K 215 22.12 -27.43 -55.47
N THR K 216 22.75 -28.41 -54.82
CA THR K 216 22.31 -29.81 -54.94
C THR K 216 21.19 -30.23 -53.94
N SER K 217 20.72 -29.28 -53.12
CA SER K 217 19.68 -29.58 -52.14
C SER K 217 18.44 -30.19 -52.82
N LYS K 218 17.90 -31.25 -52.21
CA LYS K 218 16.76 -31.97 -52.77
C LYS K 218 15.50 -31.93 -51.90
N VAL K 219 15.55 -31.16 -50.83
CA VAL K 219 14.42 -31.05 -49.91
C VAL K 219 14.20 -29.59 -49.47
N ALA K 220 12.93 -29.15 -49.53
CA ALA K 220 12.54 -27.85 -49.03
C ALA K 220 11.85 -28.06 -47.71
N LEU K 221 12.08 -27.16 -46.75
CA LEU K 221 11.46 -27.29 -45.46
C LEU K 221 10.54 -26.12 -45.18
N VAL K 222 9.36 -26.42 -44.65
CA VAL K 222 8.37 -25.43 -44.23
C VAL K 222 7.98 -25.70 -42.77
N TYR K 223 8.03 -24.69 -41.92
CA TYR K 223 7.79 -24.93 -40.50
C TYR K 223 6.89 -23.93 -39.81
N GLY K 224 5.88 -24.47 -39.14
CA GLY K 224 4.97 -23.72 -38.29
C GLY K 224 4.66 -24.56 -37.08
N GLN K 225 5.54 -24.53 -36.10
CA GLN K 225 5.48 -25.47 -34.98
C GLN K 225 4.61 -25.02 -33.83
N MET K 226 4.62 -25.79 -32.74
CA MET K 226 3.66 -25.58 -31.65
C MET K 226 3.98 -24.38 -30.77
N ASN K 227 5.06 -23.66 -31.09
CA ASN K 227 5.34 -22.36 -30.48
C ASN K 227 4.63 -21.23 -31.19
N GLU K 228 3.91 -21.55 -32.27
CA GLU K 228 3.19 -20.57 -33.07
C GLU K 228 1.70 -20.50 -32.70
N PRO K 229 1.08 -19.30 -32.81
CA PRO K 229 -0.37 -19.17 -32.58
C PRO K 229 -1.18 -19.93 -33.63
N PRO K 230 -2.46 -20.22 -33.34
CA PRO K 230 -3.30 -21.11 -34.16
C PRO K 230 -3.37 -20.75 -35.64
N GLY K 231 -3.45 -19.47 -35.96
CA GLY K 231 -3.58 -19.02 -37.35
C GLY K 231 -2.45 -19.54 -38.20
N ALA K 232 -1.23 -19.49 -37.68
CA ALA K 232 -0.06 -20.02 -38.37
C ALA K 232 -0.09 -21.55 -38.51
N ARG K 233 -0.57 -22.24 -37.49
CA ARG K 233 -0.62 -23.70 -37.55
C ARG K 233 -1.75 -24.16 -38.47
N ALA K 234 -2.72 -23.28 -38.68
CA ALA K 234 -3.86 -23.58 -39.53
C ALA K 234 -3.50 -23.45 -41.00
N ARG K 235 -2.52 -22.61 -41.31
CA ARG K 235 -2.14 -22.34 -42.69
C ARG K 235 -0.84 -22.97 -43.15
N VAL K 236 0.08 -23.23 -42.24
CA VAL K 236 1.41 -23.74 -42.61
C VAL K 236 1.39 -25.06 -43.40
N ALA K 237 0.37 -25.90 -43.19
CA ALA K 237 0.22 -27.10 -44.02
C ALA K 237 -0.03 -26.71 -45.48
N LEU K 238 -0.73 -25.59 -45.65
CA LEU K 238 -1.08 -25.13 -46.98
C LEU K 238 0.14 -24.59 -47.66
N THR K 239 0.98 -23.91 -46.88
CA THR K 239 2.25 -23.36 -47.33
C THR K 239 3.15 -24.46 -47.89
N GLY K 240 3.34 -25.53 -47.10
CA GLY K 240 4.13 -26.70 -47.50
C GLY K 240 3.59 -27.39 -48.75
N LEU K 241 2.29 -27.64 -48.74
CA LEU K 241 1.58 -28.26 -49.85
C LEU K 241 1.73 -27.47 -51.16
N THR K 242 1.63 -26.15 -51.05
CA THR K 242 1.85 -25.25 -52.18
C THR K 242 3.23 -25.44 -52.81
N VAL K 243 4.27 -25.54 -51.99
CA VAL K 243 5.64 -25.75 -52.51
C VAL K 243 5.68 -27.06 -53.35
N ALA K 244 5.16 -28.13 -52.78
CA ALA K 244 5.10 -29.44 -53.44
C ALA K 244 4.29 -29.41 -54.74
N GLU K 245 3.19 -28.67 -54.73
CA GLU K 245 2.34 -28.48 -55.92
C GLU K 245 3.11 -27.90 -57.08
N TYR K 246 3.99 -26.94 -56.78
CA TYR K 246 4.82 -26.34 -57.81
C TYR K 246 5.71 -27.40 -58.46
N PHE K 247 6.43 -28.16 -57.62
CA PHE K 247 7.31 -29.21 -58.12
C PHE K 247 6.58 -30.35 -58.82
N ARG K 248 5.29 -30.50 -58.51
CA ARG K 248 4.48 -31.54 -59.14
C ARG K 248 4.08 -31.12 -60.55
N ASP K 249 3.63 -29.87 -60.68
CA ASP K 249 3.05 -29.38 -61.93
C ASP K 249 4.08 -28.65 -62.78
N GLN K 250 4.57 -27.53 -62.26
CA GLN K 250 5.48 -26.64 -62.98
C GLN K 250 6.86 -27.26 -63.24
N GLU K 251 7.02 -28.53 -62.85
CA GLU K 251 8.19 -29.31 -63.24
C GLU K 251 7.81 -30.74 -63.62
N GLY K 252 6.56 -31.11 -63.37
CA GLY K 252 6.05 -32.46 -63.67
C GLY K 252 6.73 -33.57 -62.88
N GLN K 253 7.40 -33.19 -61.79
CA GLN K 253 8.37 -34.05 -61.09
C GLN K 253 7.82 -35.04 -60.06
N ASP K 254 8.65 -36.04 -59.75
CA ASP K 254 8.36 -36.98 -58.68
C ASP K 254 8.65 -36.31 -57.35
N VAL K 255 7.57 -36.00 -56.61
CA VAL K 255 7.70 -35.26 -55.37
C VAL K 255 7.34 -36.12 -54.17
N LEU K 256 8.19 -36.07 -53.16
CA LEU K 256 7.82 -36.62 -51.87
C LEU K 256 7.34 -35.45 -51.00
N LEU K 257 6.21 -35.64 -50.31
CA LEU K 257 5.72 -34.66 -49.36
C LEU K 257 5.50 -35.32 -47.99
N PHE K 258 6.23 -34.82 -47.00
CA PHE K 258 6.12 -35.31 -45.65
C PHE K 258 5.46 -34.26 -44.77
N ILE K 259 4.50 -34.68 -43.95
CA ILE K 259 3.79 -33.75 -43.06
C ILE K 259 3.71 -34.34 -41.66
N ASP K 260 4.30 -33.63 -40.71
CA ASP K 260 4.20 -33.98 -39.31
C ASP K 260 3.85 -32.70 -38.56
N ASN K 261 2.62 -32.55 -38.06
CA ASN K 261 1.56 -33.53 -38.07
C ASN K 261 0.30 -32.88 -38.61
N ILE K 262 -0.38 -33.51 -39.55
CA ILE K 262 -1.52 -32.87 -40.22
C ILE K 262 -2.78 -32.69 -39.31
N PHE K 263 -2.79 -33.34 -38.15
CA PHE K 263 -3.86 -33.14 -37.18
C PHE K 263 -3.85 -31.69 -36.71
N ARG K 264 -2.65 -31.12 -36.65
CA ARG K 264 -2.44 -29.81 -36.07
C ARG K 264 -3.12 -28.69 -36.88
N PHE K 265 -3.34 -28.95 -38.17
CA PHE K 265 -4.18 -28.12 -39.04
C PHE K 265 -5.64 -28.07 -38.54
N THR K 266 -6.19 -29.23 -38.21
CA THR K 266 -7.56 -29.28 -37.71
C THR K 266 -7.64 -28.69 -36.34
N GLN K 267 -6.69 -29.02 -35.49
CA GLN K 267 -6.67 -28.53 -34.12
C GLN K 267 -6.62 -27.01 -34.08
N ALA K 268 -5.75 -26.43 -34.91
CA ALA K 268 -5.60 -24.97 -34.96
C ALA K 268 -6.94 -24.29 -35.26
N GLY K 269 -7.66 -24.84 -36.23
CA GLY K 269 -9.00 -24.35 -36.57
C GLY K 269 -9.98 -24.45 -35.41
N SER K 270 -9.97 -25.57 -34.69
CA SER K 270 -10.79 -25.70 -33.50
C SER K 270 -10.43 -24.68 -32.42
N GLU K 271 -9.15 -24.27 -32.37
CA GLU K 271 -8.70 -23.30 -31.39
C GLU K 271 -9.36 -21.94 -31.57
N VAL K 272 -9.60 -21.53 -32.82
CA VAL K 272 -10.20 -20.21 -33.14
C VAL K 272 -11.68 -20.28 -33.50
N SER K 273 -12.22 -21.48 -33.59
CA SER K 273 -13.58 -21.71 -34.11
C SER K 273 -14.65 -20.94 -33.35
N ALA K 274 -14.58 -20.95 -32.03
CA ALA K 274 -15.54 -20.21 -31.20
C ALA K 274 -15.48 -18.69 -31.41
N LEU K 275 -14.28 -18.16 -31.61
CA LEU K 275 -14.11 -16.73 -31.81
C LEU K 275 -14.53 -16.32 -33.22
N LEU K 276 -14.64 -17.30 -34.10
CA LEU K 276 -15.22 -17.08 -35.44
C LEU K 276 -16.74 -17.21 -35.43
N GLY K 277 -17.28 -17.49 -34.24
CA GLY K 277 -18.73 -17.52 -34.01
C GLY K 277 -19.42 -18.79 -34.47
N ARG K 278 -18.75 -19.93 -34.36
CA ARG K 278 -19.38 -21.19 -34.71
C ARG K 278 -19.99 -21.87 -33.49
N ILE K 279 -21.13 -22.53 -33.69
CA ILE K 279 -21.66 -23.49 -32.72
C ILE K 279 -20.69 -24.69 -32.77
N PRO K 280 -20.26 -25.22 -31.61
CA PRO K 280 -19.39 -26.38 -31.73
C PRO K 280 -20.12 -27.62 -32.29
N SER K 281 -19.40 -28.41 -33.08
CA SER K 281 -19.89 -29.72 -33.49
C SER K 281 -19.48 -30.72 -32.39
N ALA K 282 -19.69 -32.01 -32.63
CA ALA K 282 -19.34 -33.02 -31.63
C ALA K 282 -17.85 -32.99 -31.25
N VAL K 283 -17.59 -33.33 -29.99
CA VAL K 283 -16.21 -33.43 -29.43
C VAL K 283 -15.48 -32.09 -29.47
N GLY K 284 -16.23 -31.00 -29.55
CA GLY K 284 -15.63 -29.67 -29.51
C GLY K 284 -15.02 -29.13 -30.80
N TYR K 285 -15.24 -29.81 -31.91
CA TYR K 285 -14.66 -29.39 -33.20
C TYR K 285 -15.52 -28.38 -33.94
N GLN K 286 -14.86 -27.60 -34.79
CA GLN K 286 -15.52 -26.77 -35.79
C GLN K 286 -16.55 -27.60 -36.59
N PRO K 287 -17.72 -27.01 -36.91
CA PRO K 287 -18.67 -27.70 -37.82
C PRO K 287 -18.08 -27.99 -39.20
N THR K 288 -17.07 -27.23 -39.59
CA THR K 288 -16.48 -27.30 -40.93
C THR K 288 -15.27 -28.26 -40.99
N LEU K 289 -15.07 -29.06 -39.94
CA LEU K 289 -13.96 -30.02 -39.92
C LEU K 289 -13.76 -30.76 -41.27
N ALA K 290 -14.84 -31.35 -41.78
CA ALA K 290 -14.73 -32.27 -42.90
C ALA K 290 -14.49 -31.54 -44.23
N THR K 291 -15.14 -30.40 -44.43
CA THR K 291 -14.90 -29.57 -45.61
C THR K 291 -13.54 -28.87 -45.61
N ASP K 292 -13.14 -28.32 -44.45
CA ASP K 292 -11.79 -27.75 -44.24
C ASP K 292 -10.72 -28.73 -44.66
N MET K 293 -10.84 -29.94 -44.12
CA MET K 293 -9.94 -31.03 -44.43
C MET K 293 -10.02 -31.36 -45.91
N GLY K 294 -11.25 -31.34 -46.44
CA GLY K 294 -11.51 -31.71 -47.83
C GLY K 294 -10.77 -30.85 -48.82
N THR K 295 -11.02 -29.54 -48.79
CA THR K 295 -10.38 -28.60 -49.72
C THR K 295 -8.86 -28.56 -49.60
N MET K 296 -8.34 -28.99 -48.45
CA MET K 296 -6.90 -29.11 -48.23
C MET K 296 -6.37 -30.46 -48.74
N GLN K 297 -6.98 -31.55 -48.30
CA GLN K 297 -6.49 -32.89 -48.62
C GLN K 297 -6.51 -33.15 -50.12
N GLU K 298 -7.58 -32.72 -50.78
CA GLU K 298 -7.76 -32.94 -52.20
C GLU K 298 -6.71 -32.26 -53.07
N ARG K 299 -5.89 -31.41 -52.45
CA ARG K 299 -4.75 -30.81 -53.13
C ARG K 299 -3.47 -31.66 -52.97
N ILE K 300 -3.40 -32.41 -51.88
CA ILE K 300 -2.29 -33.33 -51.65
C ILE K 300 -2.55 -34.59 -52.47
N THR K 301 -2.23 -34.53 -53.76
CA THR K 301 -2.55 -35.63 -54.66
C THR K 301 -1.65 -35.71 -55.90
N THR K 302 -1.49 -36.94 -56.39
CA THR K 302 -0.94 -37.21 -57.68
C THR K 302 -1.98 -36.81 -58.74
N THR K 303 -1.51 -36.18 -59.81
CA THR K 303 -2.34 -35.86 -60.96
C THR K 303 -1.71 -36.51 -62.19
N LYS K 304 -2.31 -36.26 -63.35
CA LYS K 304 -1.71 -36.71 -64.61
C LYS K 304 -0.44 -35.91 -64.95
N LYS K 305 -0.34 -34.71 -64.40
CA LYS K 305 0.82 -33.86 -64.65
C LYS K 305 2.06 -34.24 -63.83
N GLY K 306 1.86 -34.93 -62.71
CA GLY K 306 2.97 -35.22 -61.80
C GLY K 306 2.56 -36.04 -60.59
N SER K 307 3.56 -36.52 -59.87
CA SER K 307 3.34 -37.50 -58.83
C SER K 307 3.79 -36.98 -57.47
N ILE K 308 2.88 -37.02 -56.50
CA ILE K 308 3.22 -36.73 -55.11
C ILE K 308 3.03 -37.99 -54.28
N THR K 309 4.11 -38.45 -53.65
CA THR K 309 3.99 -39.47 -52.64
C THR K 309 3.93 -38.72 -51.32
N SER K 310 2.78 -38.80 -50.66
CA SER K 310 2.55 -38.05 -49.44
C SER K 310 2.53 -38.98 -48.26
N VAL K 311 3.30 -38.61 -47.24
CA VAL K 311 3.31 -39.30 -45.94
C VAL K 311 2.95 -38.32 -44.83
N GLN K 312 1.80 -38.59 -44.22
CA GLN K 312 1.22 -37.68 -43.26
C GLN K 312 1.14 -38.34 -41.90
N ALA K 313 1.78 -37.73 -40.91
CA ALA K 313 1.69 -38.18 -39.55
C ALA K 313 0.40 -37.63 -38.95
N ILE K 314 -0.36 -38.48 -38.28
CA ILE K 314 -1.73 -38.13 -37.90
C ILE K 314 -1.99 -38.43 -36.44
N TYR K 315 -2.07 -37.37 -35.65
CA TYR K 315 -2.29 -37.50 -34.23
C TYR K 315 -3.70 -37.99 -33.99
N VAL K 316 -3.84 -38.85 -32.99
CA VAL K 316 -5.10 -39.46 -32.59
C VAL K 316 -5.39 -39.03 -31.16
N PRO K 317 -6.16 -37.96 -30.98
CA PRO K 317 -6.38 -37.45 -29.63
C PRO K 317 -6.97 -38.49 -28.67
N ALA K 318 -6.48 -38.47 -27.42
CA ALA K 318 -6.98 -39.34 -26.37
C ALA K 318 -6.91 -40.82 -26.74
N ASP K 319 -5.97 -41.16 -27.63
CA ASP K 319 -5.83 -42.51 -28.17
C ASP K 319 -7.05 -43.05 -28.95
N ASP K 320 -8.08 -42.23 -29.12
CA ASP K 320 -9.33 -42.67 -29.75
C ASP K 320 -9.38 -42.43 -31.26
N LEU K 321 -9.36 -43.50 -32.04
CA LEU K 321 -9.37 -43.43 -33.51
C LEU K 321 -10.71 -43.02 -34.08
N THR K 322 -11.73 -42.99 -33.22
CA THR K 322 -13.05 -42.60 -33.65
C THR K 322 -13.22 -41.09 -33.50
N ASP K 323 -12.24 -40.45 -32.88
CA ASP K 323 -12.22 -38.98 -32.75
C ASP K 323 -12.42 -38.36 -34.14
N PRO K 324 -13.35 -37.40 -34.27
CA PRO K 324 -13.67 -36.79 -35.56
C PRO K 324 -12.45 -36.52 -36.44
N ALA K 325 -11.38 -36.00 -35.85
CA ALA K 325 -10.18 -35.66 -36.60
C ALA K 325 -9.54 -36.86 -37.32
N PRO K 326 -8.97 -37.85 -36.58
CA PRO K 326 -8.42 -39.00 -37.32
C PRO K 326 -9.47 -39.74 -38.13
N ALA K 327 -10.66 -39.93 -37.55
CA ALA K 327 -11.75 -40.66 -38.21
C ALA K 327 -12.11 -40.09 -39.58
N THR K 328 -12.01 -38.77 -39.73
CA THR K 328 -12.35 -38.10 -40.99
C THR K 328 -11.17 -38.16 -41.97
N THR K 329 -9.99 -38.52 -41.45
CA THR K 329 -8.79 -38.51 -42.30
C THR K 329 -8.70 -39.80 -43.11
N PHE K 330 -9.14 -40.90 -42.50
CA PHE K 330 -9.00 -42.22 -43.11
C PHE K 330 -9.33 -42.24 -44.61
N ALA K 331 -10.46 -41.65 -44.99
CA ALA K 331 -10.92 -41.72 -46.37
C ALA K 331 -10.05 -40.96 -47.36
N HIS K 332 -9.05 -40.24 -46.84
CA HIS K 332 -8.19 -39.46 -47.72
C HIS K 332 -6.94 -40.21 -48.14
N LEU K 333 -6.81 -41.45 -47.69
CA LEU K 333 -5.57 -42.19 -47.82
C LEU K 333 -5.67 -43.43 -48.70
N ASP K 334 -4.53 -43.87 -49.21
CA ASP K 334 -4.45 -45.08 -50.02
C ASP K 334 -3.74 -46.18 -49.24
N ALA K 335 -2.91 -45.80 -48.27
CA ALA K 335 -2.39 -46.74 -47.29
C ALA K 335 -2.44 -46.11 -45.91
N THR K 336 -2.79 -46.92 -44.91
CA THR K 336 -2.84 -46.46 -43.52
C THR K 336 -1.96 -47.33 -42.63
N THR K 337 -1.04 -46.71 -41.89
CA THR K 337 -0.28 -47.40 -40.86
C THR K 337 -0.81 -46.95 -39.50
N VAL K 338 -1.42 -47.86 -38.75
CA VAL K 338 -1.96 -47.53 -37.45
C VAL K 338 -1.09 -48.03 -36.30
N LEU K 339 -0.55 -47.08 -35.53
CA LEU K 339 0.28 -47.39 -34.38
C LEU K 339 -0.58 -47.51 -33.13
N SER K 340 -0.20 -48.38 -32.21
CA SER K 340 -0.95 -48.57 -30.97
C SER K 340 -0.07 -48.52 -29.74
N ARG K 341 -0.56 -47.87 -28.68
CA ARG K 341 0.15 -47.77 -27.41
C ARG K 341 0.23 -49.11 -26.69
N ALA K 342 -0.81 -49.93 -26.84
CA ALA K 342 -0.85 -51.27 -26.26
C ALA K 342 0.26 -52.16 -26.81
N ILE K 343 0.62 -51.94 -28.06
CA ILE K 343 1.70 -52.68 -28.72
C ILE K 343 3.07 -52.09 -28.32
N ALA K 344 3.20 -50.76 -28.37
CA ALA K 344 4.43 -50.09 -27.92
C ALA K 344 4.76 -50.43 -26.46
N GLU K 345 3.73 -50.51 -25.64
CA GLU K 345 3.85 -50.88 -24.23
C GLU K 345 4.55 -52.23 -24.07
N LEU K 346 4.45 -53.07 -25.11
CA LEU K 346 5.05 -54.40 -25.10
C LEU K 346 6.51 -54.41 -25.59
N GLY K 347 7.01 -53.25 -26.00
CA GLY K 347 8.36 -53.14 -26.54
C GLY K 347 8.44 -53.49 -28.01
N ILE K 348 7.28 -53.66 -28.64
CA ILE K 348 7.22 -53.93 -30.07
C ILE K 348 7.22 -52.62 -30.84
N TYR K 349 8.32 -52.37 -31.56
CA TYR K 349 8.46 -51.20 -32.44
C TYR K 349 8.94 -51.61 -33.83
N PRO K 350 8.39 -51.00 -34.90
CA PRO K 350 7.31 -50.01 -34.87
C PRO K 350 6.04 -50.63 -34.27
N ALA K 351 5.30 -49.83 -33.51
CA ALA K 351 4.11 -50.31 -32.82
C ALA K 351 2.90 -50.39 -33.75
N VAL K 352 3.10 -50.93 -34.94
CA VAL K 352 2.03 -51.12 -35.93
C VAL K 352 1.04 -52.21 -35.54
N ASP K 353 -0.24 -51.83 -35.47
CA ASP K 353 -1.34 -52.77 -35.36
C ASP K 353 -1.50 -53.47 -36.70
N PRO K 354 -1.11 -54.76 -36.78
CA PRO K 354 -1.16 -55.51 -38.03
C PRO K 354 -2.59 -55.87 -38.44
N LEU K 355 -3.51 -55.75 -37.49
CA LEU K 355 -4.95 -55.99 -37.73
C LEU K 355 -5.72 -54.66 -37.71
N ASP K 356 -5.05 -53.58 -38.09
CA ASP K 356 -5.70 -52.29 -38.29
C ASP K 356 -5.00 -51.42 -39.33
N SER K 357 -4.01 -51.99 -40.01
CA SER K 357 -3.31 -51.27 -41.05
C SER K 357 -3.71 -51.84 -42.41
N THR K 358 -3.93 -50.96 -43.38
CA THR K 358 -4.54 -51.38 -44.64
C THR K 358 -3.87 -50.69 -45.80
N SER K 359 -4.01 -51.26 -46.99
CA SER K 359 -3.48 -50.65 -48.20
C SER K 359 -4.33 -51.02 -49.39
N ARG K 360 -4.56 -50.04 -50.25
CA ARG K 360 -5.30 -50.20 -51.50
C ARG K 360 -4.62 -51.18 -52.46
N ILE K 361 -3.29 -51.28 -52.36
CA ILE K 361 -2.53 -52.21 -53.21
C ILE K 361 -2.36 -53.61 -52.62
N MET K 362 -2.86 -53.83 -51.41
CA MET K 362 -2.90 -55.18 -50.85
C MET K 362 -3.95 -55.99 -51.61
N ASP K 363 -3.51 -56.51 -52.76
CA ASP K 363 -4.39 -57.13 -53.74
C ASP K 363 -3.54 -58.09 -54.58
N PRO K 364 -3.94 -59.39 -54.64
CA PRO K 364 -3.12 -60.40 -55.31
C PRO K 364 -2.79 -60.06 -56.77
N ASN K 365 -3.72 -59.38 -57.44
CA ASN K 365 -3.52 -58.92 -58.81
C ASN K 365 -2.46 -57.81 -58.94
N ILE K 366 -2.00 -57.28 -57.80
CA ILE K 366 -0.98 -56.23 -57.79
C ILE K 366 0.33 -56.69 -57.14
N VAL K 367 0.25 -57.24 -55.93
CA VAL K 367 1.44 -57.65 -55.20
C VAL K 367 1.85 -59.10 -55.51
N GLY K 368 1.03 -59.77 -56.32
CA GLY K 368 1.21 -61.20 -56.57
C GLY K 368 0.58 -61.98 -55.43
N SER K 369 0.14 -63.20 -55.75
CA SER K 369 -0.62 -64.01 -54.80
C SER K 369 0.22 -64.51 -53.62
N GLU K 370 1.53 -64.57 -53.80
CA GLU K 370 2.43 -65.01 -52.74
C GLU K 370 2.52 -63.97 -51.61
N HIS K 371 2.80 -62.72 -51.97
CA HIS K 371 2.81 -61.60 -51.04
C HIS K 371 1.47 -61.54 -50.31
N TYR K 372 0.38 -61.55 -51.09
CA TYR K 372 -0.98 -61.53 -50.54
C TYR K 372 -1.24 -62.65 -49.52
N ASP K 373 -1.00 -63.90 -49.94
CA ASP K 373 -1.38 -65.07 -49.16
C ASP K 373 -0.69 -65.11 -47.80
N VAL K 374 0.57 -64.68 -47.77
CA VAL K 374 1.35 -64.63 -46.53
C VAL K 374 0.82 -63.53 -45.61
N ALA K 375 0.52 -62.37 -46.20
CA ALA K 375 -0.02 -61.24 -45.45
C ALA K 375 -1.30 -61.71 -44.76
N ARG K 376 -2.22 -62.27 -45.54
CA ARG K 376 -3.49 -62.75 -45.01
C ARG K 376 -3.32 -63.87 -44.00
N GLY K 377 -2.29 -64.68 -44.19
CA GLY K 377 -1.98 -65.77 -43.27
C GLY K 377 -1.47 -65.26 -41.93
N VAL K 378 -0.56 -64.28 -42.00
CA VAL K 378 -0.04 -63.60 -40.82
C VAL K 378 -1.17 -62.98 -40.02
N GLN K 379 -2.06 -62.28 -40.72
CA GLN K 379 -3.17 -61.61 -40.07
C GLN K 379 -4.11 -62.61 -39.42
N LYS K 380 -4.42 -63.69 -40.14
CA LYS K 380 -5.32 -64.74 -39.63
C LYS K 380 -4.80 -65.33 -38.32
N ILE K 381 -3.52 -65.68 -38.28
CA ILE K 381 -2.94 -66.29 -37.08
C ILE K 381 -2.94 -65.31 -35.90
N LEU K 382 -2.71 -64.03 -36.19
CA LEU K 382 -2.74 -62.99 -35.19
C LEU K 382 -4.15 -62.74 -34.66
N GLN K 383 -5.14 -62.77 -35.56
CA GLN K 383 -6.54 -62.60 -35.17
C GLN K 383 -7.06 -63.80 -34.39
N ASP K 384 -6.53 -64.98 -34.74
CA ASP K 384 -6.87 -66.21 -34.05
C ASP K 384 -6.22 -66.26 -32.67
N TYR K 385 -4.98 -65.78 -32.57
CA TYR K 385 -4.33 -65.67 -31.28
C TYR K 385 -5.06 -64.65 -30.40
N LYS K 386 -5.45 -63.54 -31.01
CA LYS K 386 -6.19 -62.49 -30.31
C LYS K 386 -7.48 -63.06 -29.72
N SER K 387 -8.16 -63.89 -30.50
CA SER K 387 -9.43 -64.50 -30.11
C SER K 387 -9.28 -65.62 -29.08
N LEU K 388 -8.03 -65.94 -28.74
CA LEU K 388 -7.72 -66.90 -27.69
C LEU K 388 -7.13 -66.23 -26.46
N GLN K 389 -6.50 -65.07 -26.67
CA GLN K 389 -5.77 -64.35 -25.62
C GLN K 389 -6.48 -64.30 -24.28
N ASP K 390 -7.50 -63.46 -24.18
CA ASP K 390 -8.21 -63.20 -22.93
C ASP K 390 -8.94 -64.42 -22.39
N ILE K 391 -9.06 -65.45 -23.23
CA ILE K 391 -9.69 -66.71 -22.86
C ILE K 391 -8.73 -67.61 -22.07
N ILE K 392 -7.61 -68.00 -22.70
CA ILE K 392 -6.64 -68.89 -22.07
C ILE K 392 -5.85 -68.21 -20.96
N ALA K 393 -5.89 -66.87 -20.93
CA ALA K 393 -5.19 -66.07 -19.94
C ALA K 393 -5.71 -66.33 -18.52
N ILE K 394 -6.90 -66.93 -18.43
CA ILE K 394 -7.51 -67.27 -17.15
C ILE K 394 -7.88 -68.76 -17.07
N LEU K 395 -8.02 -69.40 -18.22
CA LEU K 395 -8.47 -70.80 -18.26
C LEU K 395 -7.37 -71.85 -18.47
N GLY K 396 -6.13 -71.40 -18.63
CA GLY K 396 -4.96 -72.29 -18.68
C GLY K 396 -4.46 -72.60 -20.08
N MET K 397 -3.14 -72.59 -20.23
CA MET K 397 -2.46 -72.87 -21.50
C MET K 397 -2.56 -74.34 -21.88
N ASP K 398 -2.50 -75.22 -20.89
CA ASP K 398 -2.45 -76.67 -21.11
C ASP K 398 -3.77 -77.28 -21.60
N GLU K 399 -4.86 -76.54 -21.44
CA GLU K 399 -6.20 -76.97 -21.88
C GLU K 399 -6.43 -76.74 -23.37
N LEU K 400 -5.34 -76.63 -24.14
CA LEU K 400 -5.44 -76.29 -25.55
C LEU K 400 -5.17 -77.45 -26.50
N SER K 401 -5.76 -77.38 -27.69
CA SER K 401 -5.47 -78.30 -28.78
C SER K 401 -3.99 -78.20 -29.15
N GLU K 402 -3.41 -79.33 -29.57
CA GLU K 402 -1.99 -79.39 -29.93
C GLU K 402 -1.64 -78.60 -31.20
N GLU K 403 -2.65 -78.08 -31.87
CA GLU K 403 -2.47 -77.21 -33.03
C GLU K 403 -2.93 -75.78 -32.73
N ASP K 404 -3.67 -75.62 -31.65
CA ASP K 404 -3.99 -74.29 -31.12
C ASP K 404 -2.75 -73.67 -30.48
N LYS K 405 -2.07 -74.43 -29.63
CA LYS K 405 -0.85 -73.96 -28.97
C LYS K 405 0.32 -73.85 -29.96
N LEU K 406 0.12 -74.36 -31.16
CA LEU K 406 1.07 -74.21 -32.25
C LEU K 406 0.84 -72.89 -32.96
N THR K 407 -0.43 -72.50 -33.12
CA THR K 407 -0.74 -71.15 -33.61
C THR K 407 -0.35 -70.11 -32.57
N VAL K 408 -0.56 -70.44 -31.29
CA VAL K 408 -0.20 -69.55 -30.19
C VAL K 408 1.29 -69.27 -30.14
N SER K 409 2.10 -70.30 -30.36
CA SER K 409 3.55 -70.14 -30.36
C SER K 409 3.99 -69.43 -31.63
N ARG K 410 3.38 -69.78 -32.76
CA ARG K 410 3.74 -69.19 -34.05
C ARG K 410 3.37 -67.71 -34.15
N ALA K 411 2.21 -67.36 -33.62
CA ALA K 411 1.72 -65.98 -33.62
C ALA K 411 2.60 -65.10 -32.77
N ARG K 412 2.91 -65.56 -31.56
CA ARG K 412 3.80 -64.86 -30.64
C ARG K 412 5.18 -64.59 -31.25
N LYS K 413 5.66 -65.54 -32.04
CA LYS K 413 6.88 -65.37 -32.83
C LYS K 413 6.68 -64.37 -33.97
N ILE K 414 5.56 -64.48 -34.69
CA ILE K 414 5.24 -63.53 -35.76
C ILE K 414 5.05 -62.11 -35.23
N GLN K 415 4.33 -61.98 -34.12
CA GLN K 415 4.26 -60.71 -33.38
C GLN K 415 5.64 -60.10 -33.16
N ARG K 416 6.63 -60.93 -32.85
CA ARG K 416 7.98 -60.46 -32.57
C ARG K 416 8.79 -60.20 -33.82
N PHE K 417 8.55 -60.99 -34.87
CA PHE K 417 9.30 -60.80 -36.11
C PHE K 417 8.80 -59.59 -36.88
N LEU K 418 7.67 -59.05 -36.45
CA LEU K 418 7.14 -57.79 -36.98
C LEU K 418 7.88 -56.59 -36.41
N SER K 419 8.49 -56.74 -35.24
CA SER K 419 9.30 -55.67 -34.65
C SER K 419 10.59 -55.56 -35.40
N GLN K 420 11.22 -54.39 -35.35
CA GLN K 420 12.41 -54.12 -36.14
C GLN K 420 13.23 -52.96 -35.53
N PRO K 421 14.55 -53.16 -35.41
CA PRO K 421 15.42 -52.04 -35.05
C PRO K 421 15.55 -51.05 -36.22
N PHE K 422 15.20 -49.78 -35.94
CA PHE K 422 15.24 -48.69 -36.92
C PHE K 422 16.58 -47.97 -36.86
N GLN K 423 17.07 -47.51 -38.02
CA GLN K 423 18.27 -46.68 -38.07
C GLN K 423 18.09 -45.43 -37.20
N VAL K 424 16.99 -44.72 -37.42
CA VAL K 424 16.71 -43.48 -36.70
C VAL K 424 16.47 -43.72 -35.20
N ALA K 425 16.20 -44.97 -34.82
CA ALA K 425 15.85 -45.31 -33.43
C ALA K 425 16.97 -45.94 -32.59
N GLU K 426 18.21 -45.82 -33.06
CA GLU K 426 19.36 -46.44 -32.37
C GLU K 426 19.55 -45.91 -30.95
N VAL K 427 19.21 -44.65 -30.72
CA VAL K 427 19.29 -44.04 -29.38
C VAL K 427 18.22 -44.54 -28.41
N PHE K 428 17.25 -45.30 -28.90
CA PHE K 428 16.17 -45.81 -28.07
C PHE K 428 16.28 -47.32 -27.87
N THR K 429 16.79 -48.01 -28.88
CA THR K 429 16.84 -49.46 -28.86
C THR K 429 18.17 -49.99 -28.33
N GLY K 430 19.24 -49.25 -28.59
CA GLY K 430 20.59 -49.76 -28.34
C GLY K 430 21.07 -50.72 -29.44
N HIS K 431 20.16 -51.10 -30.34
CA HIS K 431 20.45 -52.01 -31.45
C HIS K 431 20.78 -51.21 -32.70
N LEU K 432 21.65 -51.77 -33.53
CA LEU K 432 21.91 -51.20 -34.85
C LEU K 432 20.68 -51.35 -35.74
N GLY K 433 20.44 -50.36 -36.59
CA GLY K 433 19.28 -50.35 -37.47
C GLY K 433 19.32 -51.36 -38.60
N LYS K 434 18.17 -51.94 -38.91
CA LYS K 434 18.06 -52.94 -39.98
C LYS K 434 17.04 -52.55 -41.04
N LEU K 435 17.40 -52.82 -42.29
CA LEU K 435 16.53 -52.64 -43.43
C LEU K 435 16.36 -54.01 -44.11
N VAL K 436 15.12 -54.46 -44.24
CA VAL K 436 14.84 -55.79 -44.79
C VAL K 436 14.15 -55.66 -46.14
N PRO K 437 14.77 -56.19 -47.22
CA PRO K 437 14.17 -56.21 -48.56
C PRO K 437 12.86 -56.99 -48.59
N LEU K 438 12.01 -56.68 -49.56
CA LEU K 438 10.66 -57.25 -49.65
C LEU K 438 10.62 -58.79 -49.65
N LYS K 439 11.30 -59.42 -50.60
CA LYS K 439 11.30 -60.88 -50.75
C LYS K 439 11.72 -61.59 -49.46
N GLU K 440 12.68 -61.00 -48.78
CA GLU K 440 13.19 -61.47 -47.50
C GLU K 440 12.12 -61.41 -46.39
N THR K 441 11.32 -60.34 -46.39
CA THR K 441 10.20 -60.19 -45.45
C THR K 441 9.13 -61.26 -45.72
N ILE K 442 8.76 -61.39 -46.98
CA ILE K 442 7.82 -62.42 -47.44
C ILE K 442 8.30 -63.82 -47.02
N LYS K 443 9.52 -64.17 -47.42
CA LYS K 443 10.15 -65.45 -47.07
C LYS K 443 10.09 -65.75 -45.56
N GLY K 444 10.67 -64.86 -44.76
CA GLY K 444 10.72 -65.04 -43.31
C GLY K 444 9.38 -65.40 -42.68
N PHE K 445 8.36 -64.58 -42.95
CA PHE K 445 7.02 -64.82 -42.41
C PHE K 445 6.38 -66.09 -42.98
N GLN K 446 6.57 -66.30 -44.28
CA GLN K 446 6.11 -67.52 -44.95
C GLN K 446 6.62 -68.76 -44.21
N GLN K 447 7.89 -68.69 -43.81
CA GLN K 447 8.57 -69.78 -43.14
C GLN K 447 8.01 -70.06 -41.74
N ILE K 448 7.79 -69.01 -40.96
CA ILE K 448 7.26 -69.17 -39.60
C ILE K 448 5.85 -69.75 -39.62
N LEU K 449 5.10 -69.40 -40.66
CA LEU K 449 3.74 -69.92 -40.85
C LEU K 449 3.76 -71.42 -41.15
N ALA K 450 4.74 -71.85 -41.94
CA ALA K 450 4.88 -73.26 -42.32
C ALA K 450 5.40 -74.16 -41.19
N GLY K 451 5.84 -73.54 -40.09
CA GLY K 451 6.31 -74.29 -38.92
C GLY K 451 7.81 -74.50 -38.87
N GLU K 452 8.51 -73.87 -39.80
CA GLU K 452 9.95 -74.09 -39.96
C GLU K 452 10.81 -73.66 -38.76
N TYR K 453 10.24 -72.90 -37.83
CA TYR K 453 11.00 -72.41 -36.69
C TYR K 453 10.39 -72.70 -35.31
N ASP K 454 9.54 -73.72 -35.22
CA ASP K 454 8.92 -74.11 -33.96
C ASP K 454 9.95 -74.43 -32.87
N HIS K 455 11.14 -74.86 -33.31
CA HIS K 455 12.23 -75.21 -32.40
C HIS K 455 12.87 -73.97 -31.76
N LEU K 456 12.91 -72.87 -32.51
CA LEU K 456 13.49 -71.61 -32.02
C LEU K 456 12.59 -70.93 -30.99
N PRO K 457 13.20 -70.25 -29.99
CA PRO K 457 12.41 -69.57 -28.96
C PRO K 457 11.88 -68.21 -29.42
N GLU K 458 10.83 -67.72 -28.76
CA GLU K 458 10.22 -66.42 -29.07
C GLU K 458 11.26 -65.32 -29.24
N GLN K 459 12.06 -65.12 -28.19
CA GLN K 459 12.95 -63.98 -28.07
C GLN K 459 13.98 -63.86 -29.17
N ALA K 460 14.19 -64.94 -29.92
CA ALA K 460 15.12 -64.94 -31.04
C ALA K 460 14.57 -64.10 -32.19
N PHE K 461 13.25 -64.06 -32.30
CA PHE K 461 12.56 -63.31 -33.34
C PHE K 461 12.38 -61.82 -32.99
N TYR K 462 12.58 -61.49 -31.72
CA TYR K 462 12.39 -60.14 -31.21
C TYR K 462 13.51 -59.16 -31.58
N MET K 463 13.13 -58.01 -32.13
CA MET K 463 14.04 -56.90 -32.43
C MET K 463 15.22 -57.30 -33.32
N VAL K 464 14.89 -57.80 -34.50
CA VAL K 464 15.88 -58.20 -35.51
C VAL K 464 15.41 -57.79 -36.90
N GLY K 465 16.34 -57.84 -37.85
CA GLY K 465 16.02 -57.60 -39.25
C GLY K 465 15.51 -58.86 -39.91
N PRO K 466 16.27 -59.42 -40.88
CA PRO K 466 15.91 -60.63 -41.62
C PRO K 466 15.87 -61.90 -40.76
N ILE K 467 15.26 -62.96 -41.28
CA ILE K 467 15.06 -64.22 -40.55
C ILE K 467 16.38 -64.92 -40.13
N GLU K 468 17.43 -64.77 -40.95
CA GLU K 468 18.74 -65.32 -40.60
C GLU K 468 19.24 -64.80 -39.26
N GLU K 469 18.87 -63.57 -38.92
CA GLU K 469 19.24 -62.98 -37.63
C GLU K 469 18.49 -63.59 -36.45
N ALA K 470 17.25 -64.05 -36.69
CA ALA K 470 16.49 -64.81 -35.70
C ALA K 470 17.19 -66.13 -35.36
N VAL K 471 17.77 -66.74 -36.39
CA VAL K 471 18.53 -67.99 -36.24
C VAL K 471 19.85 -67.73 -35.48
N ALA K 472 20.55 -66.66 -35.85
CA ALA K 472 21.82 -66.27 -35.23
C ALA K 472 21.63 -65.98 -33.74
N LYS K 473 20.60 -65.20 -33.44
CA LYS K 473 20.26 -64.81 -32.06
C LYS K 473 19.85 -66.03 -31.22
N ALA K 474 19.20 -67.00 -31.86
CA ALA K 474 18.81 -68.24 -31.19
C ALA K 474 20.04 -69.01 -30.71
N ASP K 475 21.09 -69.01 -31.53
CA ASP K 475 22.37 -69.61 -31.16
C ASP K 475 23.02 -68.87 -29.99
N LYS K 476 23.00 -67.54 -30.06
CA LYS K 476 23.63 -66.71 -29.03
C LYS K 476 22.92 -66.79 -27.67
N LEU K 477 21.61 -67.06 -27.70
CA LEU K 477 20.81 -67.19 -26.48
C LEU K 477 21.03 -68.53 -25.76
N ALA K 478 21.49 -69.53 -26.50
CA ALA K 478 21.80 -70.85 -25.96
C ALA K 478 22.98 -70.80 -24.99
N GLU K 479 24.06 -70.14 -25.42
CA GLU K 479 25.23 -69.90 -24.57
C GLU K 479 26.04 -68.72 -25.09
N THR L 13 -59.16 -15.31 -38.26
CA THR L 13 -58.41 -14.28 -39.05
C THR L 13 -57.24 -14.85 -39.86
N THR L 14 -56.54 -13.96 -40.55
CA THR L 14 -55.45 -14.33 -41.45
C THR L 14 -54.12 -13.73 -41.01
N GLY L 15 -53.10 -14.57 -40.95
CA GLY L 15 -51.75 -14.14 -40.61
C GLY L 15 -50.81 -14.27 -41.78
N ARG L 16 -49.62 -13.70 -41.63
CA ARG L 16 -48.60 -13.75 -42.67
C ARG L 16 -47.37 -14.48 -42.15
N ILE L 17 -46.79 -15.32 -43.00
CA ILE L 17 -45.51 -15.96 -42.72
C ILE L 17 -44.39 -14.90 -42.60
N VAL L 18 -43.65 -14.92 -41.49
CA VAL L 18 -42.53 -14.01 -41.29
C VAL L 18 -41.17 -14.73 -41.18
N ALA L 19 -41.19 -16.05 -40.99
CA ALA L 19 -39.99 -16.88 -40.95
C ALA L 19 -40.27 -18.33 -41.33
N VAL L 20 -39.32 -18.92 -42.06
CA VAL L 20 -39.31 -20.33 -42.39
C VAL L 20 -37.90 -20.85 -42.16
N ILE L 21 -37.77 -21.80 -41.24
CA ILE L 21 -36.51 -22.48 -40.98
C ILE L 21 -36.81 -23.98 -40.88
N GLY L 22 -36.61 -24.68 -42.00
CA GLY L 22 -37.06 -26.07 -42.10
C GLY L 22 -38.52 -26.21 -41.73
N ALA L 23 -38.81 -27.16 -40.86
CA ALA L 23 -40.19 -27.48 -40.44
C ALA L 23 -40.77 -26.52 -39.37
N VAL L 24 -40.02 -25.48 -39.04
CA VAL L 24 -40.51 -24.44 -38.12
C VAL L 24 -40.87 -23.18 -38.90
N VAL L 25 -42.10 -22.71 -38.71
CA VAL L 25 -42.61 -21.55 -39.44
C VAL L 25 -43.16 -20.54 -38.45
N ASP L 26 -42.79 -19.29 -38.62
CA ASP L 26 -43.30 -18.21 -37.80
C ASP L 26 -44.36 -17.39 -38.54
N VAL L 27 -45.50 -17.21 -37.89
CA VAL L 27 -46.64 -16.50 -38.47
C VAL L 27 -47.03 -15.32 -37.59
N GLN L 28 -47.21 -14.16 -38.20
CA GLN L 28 -47.65 -12.94 -37.51
C GLN L 28 -49.10 -12.61 -37.86
N PHE L 29 -49.89 -12.34 -36.83
CA PHE L 29 -51.32 -12.02 -36.98
C PHE L 29 -51.61 -10.58 -36.55
N ASP L 30 -52.46 -9.90 -37.31
CA ASP L 30 -52.78 -8.49 -37.03
C ASP L 30 -53.67 -8.32 -35.80
N GLU L 31 -54.66 -9.19 -35.65
CA GLU L 31 -55.62 -9.08 -34.57
C GLU L 31 -55.34 -10.11 -33.49
N GLY L 32 -56.35 -10.92 -33.17
CA GLY L 32 -56.22 -11.98 -32.17
C GLY L 32 -55.30 -13.10 -32.60
N LEU L 33 -54.52 -13.61 -31.66
CA LEU L 33 -53.57 -14.67 -31.93
C LEU L 33 -54.19 -16.05 -31.74
N PRO L 34 -53.83 -17.02 -32.62
CA PRO L 34 -54.26 -18.39 -32.40
C PRO L 34 -53.60 -18.98 -31.16
N PRO L 35 -54.40 -19.53 -30.23
CA PRO L 35 -53.80 -20.17 -29.06
C PRO L 35 -52.88 -21.33 -29.41
N ILE L 36 -51.98 -21.66 -28.50
CA ILE L 36 -51.07 -22.79 -28.69
C ILE L 36 -51.88 -24.05 -28.98
N LEU L 37 -51.35 -24.89 -29.87
CA LEU L 37 -51.99 -26.14 -30.32
C LEU L 37 -53.00 -25.95 -31.43
N ASN L 38 -53.31 -24.71 -31.80
CA ASN L 38 -54.24 -24.46 -32.92
C ASN L 38 -53.64 -24.90 -34.23
N ALA L 39 -54.50 -25.38 -35.11
CA ALA L 39 -54.12 -25.73 -36.47
C ALA L 39 -54.26 -24.52 -37.37
N LEU L 40 -53.27 -24.31 -38.24
CA LEU L 40 -53.26 -23.19 -39.17
C LEU L 40 -53.15 -23.72 -40.59
N GLU L 41 -53.97 -23.19 -41.49
CA GLU L 41 -53.98 -23.61 -42.88
C GLU L 41 -53.19 -22.61 -43.72
N VAL L 42 -52.12 -23.10 -44.35
CA VAL L 42 -51.35 -22.26 -45.26
C VAL L 42 -52.09 -22.16 -46.60
N GLN L 43 -52.16 -20.93 -47.10
CA GLN L 43 -52.88 -20.62 -48.34
C GLN L 43 -51.95 -20.65 -49.55
N GLY L 44 -52.49 -20.99 -50.72
CA GLY L 44 -51.73 -20.97 -51.96
C GLY L 44 -50.81 -22.17 -52.18
N ARG L 45 -51.33 -23.36 -51.94
CA ARG L 45 -50.56 -24.59 -52.15
C ARG L 45 -51.34 -25.69 -52.85
N GLU L 46 -50.61 -26.63 -53.45
CA GLU L 46 -51.22 -27.75 -54.17
C GLU L 46 -51.93 -28.67 -53.19
N THR L 47 -51.27 -28.98 -52.08
CA THR L 47 -51.80 -29.85 -51.04
C THR L 47 -51.91 -29.09 -49.73
N ARG L 48 -52.61 -29.70 -48.77
CA ARG L 48 -52.84 -29.08 -47.48
C ARG L 48 -51.58 -29.05 -46.61
N LEU L 49 -51.29 -27.87 -46.07
CA LEU L 49 -50.16 -27.66 -45.20
C LEU L 49 -50.64 -27.07 -43.89
N VAL L 50 -50.75 -27.93 -42.87
CA VAL L 50 -51.13 -27.51 -41.55
C VAL L 50 -49.88 -27.16 -40.71
N LEU L 51 -49.95 -26.02 -40.03
CA LEU L 51 -48.96 -25.63 -39.02
C LEU L 51 -49.64 -25.67 -37.66
N GLU L 52 -48.99 -26.27 -36.68
CA GLU L 52 -49.53 -26.32 -35.33
C GLU L 52 -48.82 -25.30 -34.44
N VAL L 53 -49.59 -24.36 -33.89
CA VAL L 53 -49.05 -23.30 -33.03
C VAL L 53 -48.38 -23.90 -31.80
N ALA L 54 -47.13 -23.52 -31.56
CA ALA L 54 -46.35 -24.11 -30.47
C ALA L 54 -45.98 -23.10 -29.40
N GLN L 55 -45.67 -21.87 -29.80
CA GLN L 55 -45.37 -20.81 -28.84
C GLN L 55 -45.91 -19.47 -29.33
N HIS L 56 -46.15 -18.58 -28.37
CA HIS L 56 -46.34 -17.17 -28.64
C HIS L 56 -45.03 -16.45 -28.34
N LEU L 57 -44.39 -15.95 -29.38
CA LEU L 57 -43.07 -15.33 -29.29
C LEU L 57 -43.09 -13.90 -28.78
N GLY L 58 -44.28 -13.33 -28.67
CA GLY L 58 -44.43 -11.89 -28.47
C GLY L 58 -44.56 -11.20 -29.81
N GLU L 59 -44.96 -9.93 -29.79
CA GLU L 59 -45.06 -9.11 -31.00
C GLU L 59 -46.02 -9.70 -32.06
N SER L 60 -47.12 -10.27 -31.57
CA SER L 60 -48.19 -10.84 -32.40
C SER L 60 -47.70 -11.93 -33.36
N THR L 61 -46.59 -12.57 -32.99
CA THR L 61 -45.99 -13.64 -33.78
C THR L 61 -46.05 -14.98 -33.05
N VAL L 62 -46.51 -16.00 -33.77
CA VAL L 62 -46.55 -17.37 -33.26
C VAL L 62 -45.50 -18.25 -33.94
N ARG L 63 -44.98 -19.20 -33.20
CA ARG L 63 -44.06 -20.19 -33.76
C ARG L 63 -44.80 -21.50 -33.88
N THR L 64 -44.72 -22.10 -35.07
CA THR L 64 -45.49 -23.29 -35.40
C THR L 64 -44.60 -24.43 -35.88
N ILE L 65 -45.10 -25.67 -35.74
CA ILE L 65 -44.43 -26.85 -36.29
C ILE L 65 -45.23 -27.40 -37.48
N ALA L 66 -44.57 -27.52 -38.62
CA ALA L 66 -45.22 -27.91 -39.88
C ALA L 66 -45.55 -29.40 -39.93
N MET L 67 -46.72 -29.72 -40.50
CA MET L 67 -47.17 -31.12 -40.60
C MET L 67 -46.82 -31.73 -41.95
N ASP L 68 -46.20 -30.93 -42.81
CA ASP L 68 -45.66 -31.39 -44.08
C ASP L 68 -44.48 -30.49 -44.47
N GLY L 69 -43.92 -30.71 -45.66
CA GLY L 69 -42.77 -29.94 -46.14
C GLY L 69 -43.03 -28.46 -46.24
N THR L 70 -41.99 -27.66 -46.07
CA THR L 70 -42.10 -26.21 -46.09
C THR L 70 -41.44 -25.64 -47.32
N GLU L 71 -40.97 -26.50 -48.21
CA GLU L 71 -40.39 -26.06 -49.48
C GLU L 71 -41.41 -25.20 -50.21
N GLY L 72 -40.94 -24.11 -50.81
CA GLY L 72 -41.79 -23.23 -51.61
C GLY L 72 -42.45 -22.06 -50.89
N LEU L 73 -42.45 -22.09 -49.55
CA LEU L 73 -43.10 -21.04 -48.75
C LEU L 73 -42.40 -19.70 -48.91
N VAL L 74 -43.21 -18.64 -48.91
CA VAL L 74 -42.73 -17.26 -49.05
C VAL L 74 -43.09 -16.46 -47.81
N ARG L 75 -42.17 -15.60 -47.36
CA ARG L 75 -42.48 -14.63 -46.30
C ARG L 75 -43.59 -13.69 -46.79
N GLY L 76 -44.69 -13.67 -46.04
CA GLY L 76 -45.87 -12.91 -46.43
C GLY L 76 -47.03 -13.81 -46.85
N GLN L 77 -46.74 -15.06 -47.16
CA GLN L 77 -47.78 -16.02 -47.57
C GLN L 77 -48.87 -16.10 -46.50
N LYS L 78 -50.12 -16.07 -46.98
CA LYS L 78 -51.29 -15.98 -46.09
C LYS L 78 -51.54 -17.28 -45.35
N VAL L 79 -51.99 -17.14 -44.10
CA VAL L 79 -52.21 -18.28 -43.21
C VAL L 79 -53.51 -18.07 -42.43
N LEU L 80 -54.41 -19.04 -42.53
CA LEU L 80 -55.73 -18.96 -41.94
C LEU L 80 -55.77 -19.72 -40.61
N ASP L 81 -56.18 -19.03 -39.55
CA ASP L 81 -56.36 -19.67 -38.25
C ASP L 81 -57.66 -20.46 -38.30
N SER L 82 -57.57 -21.78 -38.13
CA SER L 82 -58.75 -22.64 -38.21
C SER L 82 -59.70 -22.48 -37.01
N GLY L 83 -59.18 -21.94 -35.90
CA GLY L 83 -59.97 -21.68 -34.70
C GLY L 83 -59.85 -22.75 -33.63
N ALA L 84 -59.30 -23.90 -34.02
CA ALA L 84 -59.19 -25.06 -33.15
C ALA L 84 -57.88 -25.81 -33.40
N PRO L 85 -57.53 -26.78 -32.53
CA PRO L 85 -56.47 -27.72 -32.86
C PRO L 85 -56.83 -28.52 -34.11
N ILE L 86 -55.93 -29.43 -34.51
CA ILE L 86 -56.18 -30.33 -35.62
C ILE L 86 -57.42 -31.18 -35.33
N ARG L 87 -58.42 -31.05 -36.20
CA ARG L 87 -59.65 -31.81 -36.07
C ARG L 87 -59.70 -32.85 -37.16
N ILE L 88 -60.00 -34.09 -36.78
CA ILE L 88 -60.00 -35.21 -37.70
C ILE L 88 -61.38 -35.90 -37.71
N PRO L 89 -61.76 -36.52 -38.85
CA PRO L 89 -62.98 -37.31 -38.90
C PRO L 89 -62.96 -38.43 -37.87
N VAL L 90 -64.00 -38.52 -37.05
CA VAL L 90 -64.17 -39.64 -36.14
C VAL L 90 -65.50 -40.33 -36.38
N GLY L 91 -65.54 -41.64 -36.16
CA GLY L 91 -66.78 -42.40 -36.27
C GLY L 91 -66.63 -43.72 -36.99
N PRO L 92 -67.74 -44.48 -37.10
CA PRO L 92 -67.74 -45.78 -37.77
C PRO L 92 -67.23 -45.73 -39.22
N GLU L 93 -67.18 -44.53 -39.80
CA GLU L 93 -66.83 -44.36 -41.20
C GLU L 93 -65.32 -44.38 -41.45
N THR L 94 -64.55 -44.18 -40.38
CA THR L 94 -63.10 -44.21 -40.46
C THR L 94 -62.59 -45.65 -40.48
N LEU L 95 -63.46 -46.58 -40.12
CA LEU L 95 -63.11 -47.99 -40.06
C LEU L 95 -62.77 -48.54 -41.45
N GLY L 96 -61.67 -49.29 -41.53
CA GLY L 96 -61.18 -49.84 -42.79
C GLY L 96 -60.51 -48.82 -43.69
N ARG L 97 -60.60 -47.55 -43.31
CA ARG L 97 -59.98 -46.45 -44.04
C ARG L 97 -58.60 -46.13 -43.45
N ILE L 98 -57.69 -45.68 -44.29
CA ILE L 98 -56.42 -45.15 -43.82
C ILE L 98 -56.43 -43.63 -43.91
N MET L 99 -56.07 -42.98 -42.80
CA MET L 99 -55.93 -41.54 -42.76
C MET L 99 -54.52 -41.15 -42.34
N ASN L 100 -54.15 -39.89 -42.56
CA ASN L 100 -52.88 -39.38 -42.05
C ASN L 100 -53.07 -38.59 -40.75
N VAL L 101 -52.03 -37.89 -40.32
CA VAL L 101 -52.06 -37.17 -39.05
C VAL L 101 -53.17 -36.11 -38.95
N ILE L 102 -53.42 -35.40 -40.06
CA ILE L 102 -54.41 -34.32 -40.08
C ILE L 102 -55.80 -34.75 -40.57
N GLY L 103 -56.03 -36.06 -40.69
CA GLY L 103 -57.36 -36.59 -40.95
C GLY L 103 -57.66 -36.98 -42.39
N GLU L 104 -56.89 -36.46 -43.33
CA GLU L 104 -57.04 -36.80 -44.75
C GLU L 104 -56.97 -38.31 -45.00
N PRO L 105 -57.85 -38.82 -45.87
CA PRO L 105 -57.64 -40.20 -46.32
C PRO L 105 -56.39 -40.30 -47.22
N ILE L 106 -55.66 -41.40 -47.08
CA ILE L 106 -54.50 -41.67 -47.93
C ILE L 106 -54.56 -43.06 -48.57
N ASP L 107 -55.78 -43.60 -48.64
CA ASP L 107 -56.04 -44.88 -49.27
C ASP L 107 -56.70 -44.75 -50.65
N GLU L 108 -56.80 -43.51 -51.14
CA GLU L 108 -57.37 -43.19 -52.47
C GLU L 108 -58.80 -43.71 -52.68
N ARG L 109 -59.52 -43.89 -51.59
CA ARG L 109 -60.91 -44.35 -51.65
C ARG L 109 -61.89 -43.22 -51.38
N GLY L 110 -61.47 -41.98 -51.66
CA GLY L 110 -62.32 -40.81 -51.51
C GLY L 110 -62.43 -40.28 -50.10
N PRO L 111 -63.30 -39.27 -49.88
CA PRO L 111 -63.47 -38.62 -48.58
C PRO L 111 -63.99 -39.56 -47.51
N ILE L 112 -63.62 -39.29 -46.25
CA ILE L 112 -64.16 -40.04 -45.13
C ILE L 112 -65.41 -39.30 -44.63
N LYS L 113 -66.58 -39.86 -44.95
CA LYS L 113 -67.87 -39.19 -44.72
C LYS L 113 -68.40 -39.39 -43.30
N THR L 114 -67.84 -38.63 -42.36
CA THR L 114 -68.28 -38.67 -40.95
C THR L 114 -69.13 -37.44 -40.62
N LYS L 115 -70.08 -37.62 -39.72
CA LYS L 115 -70.86 -36.50 -39.22
C LYS L 115 -70.08 -35.72 -38.16
N GLN L 116 -69.26 -36.42 -37.39
CA GLN L 116 -68.52 -35.81 -36.29
C GLN L 116 -67.07 -35.49 -36.68
N PHE L 117 -66.54 -34.45 -36.06
CA PHE L 117 -65.10 -34.12 -36.10
C PHE L 117 -64.60 -34.03 -34.66
N ALA L 118 -63.32 -34.34 -34.45
CA ALA L 118 -62.71 -34.25 -33.11
C ALA L 118 -61.29 -33.69 -33.12
N ALA L 119 -61.03 -32.76 -32.19
CA ALA L 119 -59.70 -32.18 -31.99
C ALA L 119 -58.76 -33.25 -31.47
N ILE L 120 -57.55 -33.31 -32.04
CA ILE L 120 -56.58 -34.33 -31.63
C ILE L 120 -55.95 -34.06 -30.26
N HIS L 121 -56.04 -32.81 -29.81
CA HIS L 121 -55.56 -32.43 -28.49
C HIS L 121 -56.73 -32.35 -27.53
N ALA L 122 -56.66 -33.15 -26.47
CA ALA L 122 -57.71 -33.23 -25.47
C ALA L 122 -57.06 -33.67 -24.18
N GLU L 123 -57.64 -33.22 -23.06
CA GLU L 123 -57.09 -33.56 -21.78
C GLU L 123 -57.54 -34.95 -21.36
N ALA L 124 -56.73 -35.62 -20.53
CA ALA L 124 -57.07 -36.93 -20.02
C ALA L 124 -58.34 -36.86 -19.14
N PRO L 125 -59.12 -37.96 -19.08
CA PRO L 125 -60.25 -38.07 -18.19
C PRO L 125 -59.93 -37.60 -16.76
N GLU L 126 -60.79 -36.75 -16.20
CA GLU L 126 -60.59 -36.22 -14.84
C GLU L 126 -60.64 -37.33 -13.79
N PHE L 127 -60.19 -36.99 -12.57
CA PHE L 127 -60.15 -37.95 -11.47
C PHE L 127 -61.48 -38.63 -11.16
N VAL L 128 -62.59 -37.87 -11.20
CA VAL L 128 -63.94 -38.42 -10.98
C VAL L 128 -64.39 -39.39 -12.08
N GLU L 129 -63.82 -39.24 -13.28
CA GLU L 129 -64.21 -40.04 -14.44
C GLU L 129 -63.51 -41.39 -14.48
N MET L 130 -62.65 -41.64 -13.50
CA MET L 130 -61.81 -42.84 -13.47
C MET L 130 -62.53 -44.05 -12.87
N SER L 131 -62.31 -45.22 -13.46
CA SER L 131 -62.80 -46.47 -12.89
C SER L 131 -61.86 -46.89 -11.76
N VAL L 132 -62.42 -47.07 -10.57
CA VAL L 132 -61.64 -47.40 -9.37
C VAL L 132 -61.21 -48.86 -9.31
N GLU L 133 -61.68 -49.66 -10.27
CA GLU L 133 -61.44 -51.10 -10.27
C GLU L 133 -60.69 -51.56 -11.51
N GLN L 134 -59.91 -52.62 -11.32
CA GLN L 134 -59.13 -53.22 -12.39
C GLN L 134 -59.79 -54.50 -12.91
N GLU L 135 -59.95 -54.56 -14.23
CA GLU L 135 -60.59 -55.68 -14.91
C GLU L 135 -59.68 -56.24 -15.97
N ILE L 136 -59.67 -57.56 -16.13
CA ILE L 136 -59.02 -58.19 -17.26
C ILE L 136 -59.82 -57.79 -18.51
N LEU L 137 -59.11 -57.57 -19.60
CA LEU L 137 -59.74 -57.56 -20.91
C LEU L 137 -59.33 -58.88 -21.56
N VAL L 138 -60.27 -59.84 -21.55
CA VAL L 138 -60.02 -61.19 -22.07
C VAL L 138 -59.78 -61.17 -23.59
N THR L 139 -58.67 -61.76 -24.00
CA THR L 139 -58.29 -61.76 -25.41
C THR L 139 -58.66 -63.07 -26.06
N GLY L 140 -58.92 -64.07 -25.24
CA GLY L 140 -59.19 -65.42 -25.73
C GLY L 140 -57.96 -66.11 -26.28
N ILE L 141 -56.78 -65.53 -26.00
CA ILE L 141 -55.49 -66.11 -26.33
C ILE L 141 -54.88 -66.67 -25.03
N LYS L 142 -54.63 -67.97 -25.03
CA LYS L 142 -54.32 -68.72 -23.81
C LYS L 142 -53.10 -68.23 -23.02
N VAL L 143 -51.98 -68.01 -23.71
CA VAL L 143 -50.74 -67.51 -23.08
C VAL L 143 -51.03 -66.21 -22.35
N VAL L 144 -51.66 -65.29 -23.08
CA VAL L 144 -51.94 -63.94 -22.60
C VAL L 144 -52.82 -64.02 -21.35
N ASP L 145 -54.05 -64.49 -21.54
CA ASP L 145 -55.07 -64.51 -20.48
C ASP L 145 -54.67 -65.28 -19.23
N LEU L 146 -53.98 -66.40 -19.40
CA LEU L 146 -53.53 -67.18 -18.23
C LEU L 146 -52.40 -66.49 -17.47
N LEU L 147 -51.32 -66.17 -18.18
CA LEU L 147 -50.04 -65.84 -17.56
C LEU L 147 -49.70 -64.36 -17.49
N ALA L 148 -49.97 -63.62 -18.56
CA ALA L 148 -49.70 -62.19 -18.62
C ALA L 148 -50.93 -61.43 -19.16
N PRO L 149 -52.07 -61.47 -18.43
CA PRO L 149 -53.33 -60.93 -18.95
C PRO L 149 -53.38 -59.41 -19.13
N TYR L 150 -54.09 -58.97 -20.16
CA TYR L 150 -54.30 -57.56 -20.45
C TYR L 150 -55.33 -56.96 -19.50
N ALA L 151 -55.14 -55.69 -19.14
CA ALA L 151 -56.02 -54.99 -18.23
C ALA L 151 -56.86 -53.97 -18.98
N LYS L 152 -58.17 -54.02 -18.78
CA LYS L 152 -59.11 -53.10 -19.42
C LYS L 152 -58.66 -51.66 -19.15
N GLY L 153 -58.32 -50.93 -20.22
CA GLY L 153 -57.87 -49.55 -20.10
C GLY L 153 -56.38 -49.41 -19.81
N GLY L 154 -55.66 -50.52 -19.90
CA GLY L 154 -54.23 -50.52 -19.64
C GLY L 154 -53.35 -50.36 -20.87
N LYS L 155 -52.04 -50.47 -20.63
CA LYS L 155 -51.03 -50.40 -21.69
C LYS L 155 -50.17 -51.67 -21.68
N ILE L 156 -49.99 -52.24 -22.86
CA ILE L 156 -49.22 -53.47 -23.01
C ILE L 156 -47.99 -53.20 -23.88
N GLY L 157 -46.83 -53.51 -23.33
CA GLY L 157 -45.58 -53.39 -24.08
C GLY L 157 -45.32 -54.62 -24.92
N LEU L 158 -45.42 -54.45 -26.23
CA LEU L 158 -45.22 -55.58 -27.14
C LEU L 158 -43.80 -55.61 -27.66
N PHE L 159 -43.03 -56.58 -27.20
CA PHE L 159 -41.66 -56.77 -27.64
C PHE L 159 -41.66 -57.85 -28.69
N GLY L 160 -40.98 -57.60 -29.82
CA GLY L 160 -41.01 -58.53 -30.93
C GLY L 160 -40.06 -58.27 -32.09
N GLY L 161 -40.53 -57.49 -33.06
CA GLY L 161 -39.82 -57.32 -34.32
C GLY L 161 -40.38 -58.21 -35.42
N ALA L 162 -39.56 -58.47 -36.44
CA ALA L 162 -39.99 -59.22 -37.61
C ALA L 162 -40.01 -60.74 -37.40
N GLY L 163 -40.88 -61.41 -38.16
CA GLY L 163 -40.90 -62.86 -38.26
C GLY L 163 -41.28 -63.64 -37.02
N VAL L 164 -41.85 -62.96 -36.03
CA VAL L 164 -42.28 -63.62 -34.80
C VAL L 164 -43.80 -63.74 -34.65
N GLY L 165 -44.53 -63.50 -35.74
CA GLY L 165 -45.99 -63.66 -35.76
C GLY L 165 -46.71 -62.45 -35.19
N LYS L 166 -46.09 -61.29 -35.35
CA LYS L 166 -46.51 -60.04 -34.74
C LYS L 166 -47.77 -59.47 -35.40
N THR L 167 -47.77 -59.36 -36.72
CA THR L 167 -48.92 -58.85 -37.46
C THR L 167 -50.14 -59.75 -37.29
N VAL L 168 -49.91 -61.07 -37.27
CA VAL L 168 -50.98 -62.04 -37.04
C VAL L 168 -51.55 -61.88 -35.62
N LEU L 169 -50.67 -61.62 -34.65
CA LEU L 169 -51.11 -61.41 -33.25
C LEU L 169 -51.99 -60.16 -33.13
N ILE L 170 -51.58 -59.10 -33.83
CA ILE L 170 -52.32 -57.85 -33.84
C ILE L 170 -53.70 -58.08 -34.47
N MET L 171 -53.69 -58.63 -35.67
CA MET L 171 -54.93 -58.87 -36.42
C MET L 171 -55.89 -59.82 -35.68
N GLU L 172 -55.34 -60.73 -34.89
CA GLU L 172 -56.17 -61.61 -34.05
C GLU L 172 -56.68 -60.88 -32.81
N LEU L 173 -55.88 -59.97 -32.26
CA LEU L 173 -56.35 -59.16 -31.12
C LEU L 173 -57.52 -58.27 -31.52
N ILE L 174 -57.41 -57.66 -32.71
CA ILE L 174 -58.50 -56.90 -33.32
C ILE L 174 -59.74 -57.79 -33.45
N ASN L 175 -59.53 -58.97 -34.02
CA ASN L 175 -60.60 -59.94 -34.23
C ASN L 175 -61.27 -60.35 -32.93
N ASN L 176 -60.45 -60.77 -31.95
CA ASN L 176 -60.94 -61.30 -30.68
C ASN L 176 -61.58 -60.26 -29.78
N VAL L 177 -61.16 -59.00 -29.91
CA VAL L 177 -61.77 -57.92 -29.14
C VAL L 177 -63.15 -57.56 -29.67
N ALA L 178 -63.30 -57.61 -31.00
CA ALA L 178 -64.58 -57.35 -31.65
C ALA L 178 -65.60 -58.44 -31.34
N LYS L 179 -65.16 -59.69 -31.37
CA LYS L 179 -66.02 -60.85 -31.19
C LYS L 179 -66.39 -61.05 -29.72
N ALA L 180 -65.45 -60.76 -28.82
CA ALA L 180 -65.65 -61.03 -27.40
C ALA L 180 -66.14 -59.83 -26.59
N HIS L 181 -65.79 -58.63 -27.05
CA HIS L 181 -66.11 -57.42 -26.30
C HIS L 181 -66.91 -56.40 -27.11
N GLY L 182 -67.12 -56.69 -28.39
CA GLY L 182 -67.82 -55.79 -29.30
C GLY L 182 -67.10 -54.48 -29.57
N GLY L 183 -65.83 -54.41 -29.15
CA GLY L 183 -65.00 -53.23 -29.37
C GLY L 183 -64.28 -53.21 -30.72
N TYR L 184 -64.17 -52.03 -31.30
CA TYR L 184 -63.39 -51.83 -32.53
C TYR L 184 -61.93 -51.49 -32.20
N SER L 185 -61.09 -51.47 -33.22
CA SER L 185 -59.67 -51.18 -33.03
C SER L 185 -59.17 -50.00 -33.85
N VAL L 186 -58.09 -49.38 -33.39
CA VAL L 186 -57.36 -48.38 -34.17
C VAL L 186 -55.89 -48.77 -34.22
N PHE L 187 -55.31 -48.69 -35.41
CA PHE L 187 -53.87 -48.87 -35.57
C PHE L 187 -53.20 -47.53 -35.83
N ALA L 188 -52.30 -47.15 -34.95
CA ALA L 188 -51.53 -45.93 -35.16
C ALA L 188 -50.10 -46.27 -35.58
N GLY L 189 -49.80 -46.01 -36.84
CA GLY L 189 -48.46 -46.23 -37.38
C GLY L 189 -47.66 -44.96 -37.21
N VAL L 190 -47.05 -44.80 -36.04
CA VAL L 190 -46.09 -43.73 -35.78
C VAL L 190 -44.76 -44.13 -36.39
N GLY L 191 -44.25 -43.34 -37.34
CA GLY L 191 -43.02 -43.70 -38.06
C GLY L 191 -43.16 -44.95 -38.91
N GLU L 192 -44.35 -45.15 -39.49
CA GLU L 192 -44.64 -46.30 -40.35
C GLU L 192 -43.78 -46.24 -41.60
N ARG L 193 -43.11 -47.35 -41.91
CA ARG L 193 -42.40 -47.49 -43.17
C ARG L 193 -43.43 -47.66 -44.28
N THR L 194 -43.35 -46.82 -45.31
CA THR L 194 -44.35 -46.84 -46.40
C THR L 194 -44.60 -48.26 -46.91
N ARG L 195 -43.52 -48.98 -47.22
CA ARG L 195 -43.62 -50.36 -47.71
C ARG L 195 -44.39 -51.26 -46.75
N GLU L 196 -44.10 -51.13 -45.45
CA GLU L 196 -44.71 -51.99 -44.45
C GLU L 196 -46.16 -51.61 -44.18
N GLY L 197 -46.48 -50.32 -44.37
CA GLY L 197 -47.85 -49.84 -44.25
C GLY L 197 -48.76 -50.42 -45.34
N ASN L 198 -48.27 -50.40 -46.58
CA ASN L 198 -48.95 -51.01 -47.72
C ASN L 198 -49.17 -52.51 -47.49
N ASP L 199 -48.14 -53.19 -46.98
CA ASP L 199 -48.22 -54.62 -46.71
C ASP L 199 -49.16 -54.93 -45.55
N LEU L 200 -49.11 -54.10 -44.52
CA LEU L 200 -50.02 -54.24 -43.39
C LEU L 200 -51.48 -54.08 -43.81
N TYR L 201 -51.71 -53.10 -44.67
CA TYR L 201 -53.02 -52.82 -45.26
C TYR L 201 -53.58 -54.06 -45.93
N HIS L 202 -52.82 -54.64 -46.85
CA HIS L 202 -53.29 -55.80 -47.61
C HIS L 202 -53.40 -57.09 -46.77
N GLU L 203 -52.53 -57.24 -45.78
CA GLU L 203 -52.61 -58.37 -44.84
C GLU L 203 -53.88 -58.34 -44.00
N MET L 204 -54.41 -57.14 -43.78
CA MET L 204 -55.64 -56.97 -43.01
C MET L 204 -56.86 -57.22 -43.86
N ILE L 205 -56.84 -56.67 -45.07
CA ILE L 205 -57.80 -56.96 -46.12
C ILE L 205 -57.92 -58.46 -46.33
N GLU L 206 -56.78 -59.11 -46.51
CA GLU L 206 -56.70 -60.57 -46.71
C GLU L 206 -57.23 -61.38 -45.53
N SER L 207 -57.05 -60.88 -44.30
CA SER L 207 -57.47 -61.60 -43.10
C SER L 207 -58.92 -61.34 -42.72
N GLY L 208 -59.50 -60.27 -43.26
CA GLY L 208 -60.91 -59.95 -43.07
C GLY L 208 -61.18 -58.78 -42.15
N VAL L 209 -60.19 -58.42 -41.31
CA VAL L 209 -60.37 -57.35 -40.31
C VAL L 209 -60.57 -55.97 -40.96
N ILE L 210 -60.09 -55.82 -42.20
CA ILE L 210 -60.52 -54.74 -43.07
C ILE L 210 -61.35 -55.36 -44.20
N ASN L 211 -62.43 -54.68 -44.57
CA ASN L 211 -63.26 -55.10 -45.69
C ASN L 211 -63.67 -53.92 -46.56
N LEU L 212 -63.26 -53.96 -47.83
CA LEU L 212 -63.55 -52.89 -48.79
C LEU L 212 -64.94 -53.02 -49.41
N LYS L 213 -65.45 -54.25 -49.46
CA LYS L 213 -66.73 -54.50 -50.11
C LYS L 213 -67.91 -54.08 -49.23
N ASP L 214 -68.06 -54.72 -48.07
CA ASP L 214 -69.14 -54.40 -47.14
C ASP L 214 -68.73 -53.36 -46.10
N ALA L 215 -69.24 -53.50 -44.88
CA ALA L 215 -68.88 -52.62 -43.78
C ALA L 215 -68.53 -53.38 -42.49
N THR L 216 -67.90 -54.55 -42.64
CA THR L 216 -67.48 -55.34 -41.48
C THR L 216 -66.19 -54.86 -40.81
N SER L 217 -65.45 -53.96 -41.48
CA SER L 217 -64.16 -53.43 -40.97
C SER L 217 -64.09 -53.27 -39.44
N LYS L 218 -63.09 -53.89 -38.82
CA LYS L 218 -62.94 -53.86 -37.36
C LYS L 218 -61.87 -52.86 -36.88
N VAL L 219 -61.03 -52.39 -37.80
CA VAL L 219 -59.92 -51.49 -37.49
C VAL L 219 -59.94 -50.20 -38.32
N ALA L 220 -59.56 -49.10 -37.69
CA ALA L 220 -59.28 -47.86 -38.41
C ALA L 220 -57.77 -47.72 -38.45
N LEU L 221 -57.25 -47.17 -39.54
CA LEU L 221 -55.82 -47.05 -39.72
C LEU L 221 -55.39 -45.59 -39.80
N VAL L 222 -54.37 -45.25 -38.99
CA VAL L 222 -53.78 -43.92 -38.97
C VAL L 222 -52.27 -44.05 -39.14
N TYR L 223 -51.75 -43.52 -40.25
CA TYR L 223 -50.33 -43.63 -40.56
C TYR L 223 -49.61 -42.28 -40.48
N GLY L 224 -48.50 -42.26 -39.76
CA GLY L 224 -47.56 -41.14 -39.78
C GLY L 224 -46.26 -41.70 -40.29
N GLN L 225 -46.05 -41.59 -41.59
CA GLN L 225 -44.96 -42.30 -42.26
C GLN L 225 -43.57 -41.67 -41.99
N MET L 226 -42.52 -42.47 -42.14
CA MET L 226 -41.15 -42.04 -41.79
C MET L 226 -40.68 -40.78 -42.49
N ASN L 227 -41.08 -40.62 -43.75
CA ASN L 227 -40.71 -39.45 -44.55
C ASN L 227 -41.46 -38.16 -44.22
N GLU L 228 -42.29 -38.20 -43.19
CA GLU L 228 -42.96 -36.99 -42.72
C GLU L 228 -42.11 -36.22 -41.70
N PRO L 229 -42.29 -34.89 -41.62
CA PRO L 229 -41.53 -34.10 -40.64
C PRO L 229 -41.86 -34.51 -39.19
N PRO L 230 -40.97 -34.13 -38.24
CA PRO L 230 -41.10 -34.50 -36.84
C PRO L 230 -42.49 -34.24 -36.27
N GLY L 231 -43.03 -33.05 -36.51
CA GLY L 231 -44.35 -32.68 -35.98
C GLY L 231 -45.40 -33.71 -36.36
N ALA L 232 -45.45 -34.07 -37.64
CA ALA L 232 -46.43 -35.03 -38.12
C ALA L 232 -46.31 -36.37 -37.37
N ARG L 233 -45.08 -36.90 -37.34
CA ARG L 233 -44.81 -38.16 -36.64
C ARG L 233 -45.04 -38.06 -35.13
N ALA L 234 -44.95 -36.85 -34.58
CA ALA L 234 -45.16 -36.62 -33.14
C ALA L 234 -46.64 -36.63 -32.76
N ARG L 235 -47.51 -36.21 -33.67
CA ARG L 235 -48.96 -36.09 -33.42
C ARG L 235 -49.86 -37.27 -33.82
N VAL L 236 -49.36 -38.14 -34.72
CA VAL L 236 -50.18 -39.26 -35.25
C VAL L 236 -50.77 -40.16 -34.19
N ALA L 237 -50.03 -40.33 -33.09
CA ALA L 237 -50.50 -41.13 -31.96
C ALA L 237 -51.78 -40.54 -31.42
N LEU L 238 -51.79 -39.21 -31.24
CA LEU L 238 -52.99 -38.50 -30.76
C LEU L 238 -54.14 -38.66 -31.76
N THR L 239 -53.84 -38.45 -33.05
CA THR L 239 -54.82 -38.63 -34.13
C THR L 239 -55.48 -40.01 -34.01
N GLY L 240 -54.68 -41.06 -33.98
CA GLY L 240 -55.16 -42.42 -33.76
C GLY L 240 -55.96 -42.56 -32.47
N LEU L 241 -55.44 -41.98 -31.39
CA LEU L 241 -56.05 -42.07 -30.07
C LEU L 241 -57.40 -41.37 -30.07
N THR L 242 -57.49 -40.27 -30.81
CA THR L 242 -58.72 -39.51 -30.91
C THR L 242 -59.80 -40.35 -31.60
N VAL L 243 -59.43 -40.99 -32.72
CA VAL L 243 -60.35 -41.91 -33.40
C VAL L 243 -60.86 -42.90 -32.36
N ALA L 244 -59.94 -43.51 -31.62
CA ALA L 244 -60.28 -44.46 -30.57
C ALA L 244 -61.20 -43.88 -29.47
N GLU L 245 -60.95 -42.62 -29.10
CA GLU L 245 -61.72 -41.94 -28.06
C GLU L 245 -63.18 -41.79 -28.42
N TYR L 246 -63.47 -41.56 -29.71
CA TYR L 246 -64.84 -41.55 -30.20
C TYR L 246 -65.58 -42.83 -29.79
N PHE L 247 -64.98 -43.97 -30.04
CA PHE L 247 -65.65 -45.25 -29.78
C PHE L 247 -65.83 -45.54 -28.29
N ARG L 248 -64.94 -45.03 -27.45
CA ARG L 248 -65.15 -45.16 -26.01
C ARG L 248 -66.24 -44.18 -25.58
N ASP L 249 -66.03 -42.91 -25.88
CA ASP L 249 -66.87 -41.84 -25.33
C ASP L 249 -68.28 -41.81 -25.91
N GLN L 250 -68.41 -42.02 -27.22
CA GLN L 250 -69.70 -41.87 -27.89
C GLN L 250 -70.48 -43.17 -27.99
N GLU L 251 -69.75 -44.29 -27.98
CA GLU L 251 -70.34 -45.60 -28.27
C GLU L 251 -70.15 -46.63 -27.16
N GLY L 252 -69.46 -46.23 -26.09
CA GLY L 252 -69.40 -47.02 -24.86
C GLY L 252 -68.59 -48.30 -24.92
N GLN L 253 -67.65 -48.36 -25.85
CA GLN L 253 -66.92 -49.60 -26.15
C GLN L 253 -65.60 -49.77 -25.39
N ASP L 254 -65.21 -51.03 -25.21
CA ASP L 254 -63.87 -51.37 -24.79
C ASP L 254 -63.04 -51.47 -26.07
N VAL L 255 -62.29 -50.41 -26.36
CA VAL L 255 -61.60 -50.24 -27.64
C VAL L 255 -60.14 -50.70 -27.56
N LEU L 256 -59.59 -51.11 -28.70
CA LEU L 256 -58.16 -51.39 -28.84
C LEU L 256 -57.41 -50.28 -29.58
N LEU L 257 -56.28 -49.87 -29.02
CA LEU L 257 -55.38 -48.93 -29.69
C LEU L 257 -53.99 -49.52 -29.86
N PHE L 258 -53.54 -49.65 -31.11
CA PHE L 258 -52.18 -50.07 -31.37
C PHE L 258 -51.29 -48.87 -31.68
N ILE L 259 -50.14 -48.82 -31.02
CA ILE L 259 -49.13 -47.81 -31.33
C ILE L 259 -47.88 -48.54 -31.77
N ASP L 260 -47.61 -48.47 -33.07
CA ASP L 260 -46.42 -49.06 -33.65
C ASP L 260 -45.62 -47.93 -34.34
N ASN L 261 -44.59 -47.45 -33.66
CA ASN L 261 -44.31 -47.84 -32.29
C ASN L 261 -43.94 -46.68 -31.36
N ILE L 262 -44.03 -46.96 -30.06
CA ILE L 262 -43.99 -45.94 -29.02
C ILE L 262 -42.64 -45.22 -28.93
N PHE L 263 -41.55 -45.91 -29.25
CA PHE L 263 -40.24 -45.27 -29.29
C PHE L 263 -40.18 -44.19 -30.37
N ARG L 264 -40.83 -44.44 -31.49
CA ARG L 264 -40.80 -43.47 -32.57
C ARG L 264 -41.64 -42.25 -32.25
N PHE L 265 -42.65 -42.42 -31.40
CA PHE L 265 -43.42 -41.31 -30.84
C PHE L 265 -42.49 -40.45 -29.98
N THR L 266 -41.73 -41.11 -29.11
CA THR L 266 -40.76 -40.43 -28.25
C THR L 266 -39.75 -39.69 -29.10
N GLN L 267 -39.19 -40.38 -30.09
CA GLN L 267 -38.15 -39.80 -30.95
C GLN L 267 -38.60 -38.58 -31.74
N ALA L 268 -39.83 -38.62 -32.25
CA ALA L 268 -40.39 -37.51 -33.00
C ALA L 268 -40.59 -36.34 -32.06
N GLY L 269 -40.91 -36.64 -30.80
CA GLY L 269 -41.02 -35.61 -29.77
C GLY L 269 -39.66 -34.99 -29.57
N SER L 270 -38.65 -35.84 -29.52
CA SER L 270 -37.26 -35.37 -29.36
C SER L 270 -36.81 -34.47 -30.50
N GLU L 271 -37.24 -34.81 -31.72
CA GLU L 271 -36.85 -34.06 -32.90
C GLU L 271 -37.53 -32.69 -32.90
N VAL L 272 -38.85 -32.67 -32.72
CA VAL L 272 -39.63 -31.45 -32.51
C VAL L 272 -39.01 -30.55 -31.44
N SER L 273 -38.76 -31.12 -30.26
CA SER L 273 -38.20 -30.34 -29.15
C SER L 273 -36.89 -29.69 -29.56
N ALA L 274 -36.07 -30.44 -30.29
CA ALA L 274 -34.79 -29.96 -30.79
C ALA L 274 -34.96 -28.84 -31.82
N LEU L 275 -35.99 -28.95 -32.65
CA LEU L 275 -36.28 -27.91 -33.65
C LEU L 275 -36.74 -26.60 -33.00
N LEU L 276 -37.35 -26.69 -31.82
CA LEU L 276 -37.86 -25.53 -31.11
C LEU L 276 -36.78 -24.83 -30.26
N GLY L 277 -35.55 -25.32 -30.33
CA GLY L 277 -34.41 -24.67 -29.67
C GLY L 277 -34.28 -24.97 -28.20
N ARG L 278 -35.09 -25.90 -27.71
CA ARG L 278 -35.09 -26.34 -26.32
C ARG L 278 -33.87 -27.17 -26.02
N ILE L 279 -33.22 -26.85 -24.90
CA ILE L 279 -32.07 -27.59 -24.43
C ILE L 279 -32.46 -29.06 -24.15
N PRO L 280 -31.72 -30.02 -24.74
CA PRO L 280 -31.99 -31.44 -24.51
C PRO L 280 -31.67 -31.85 -23.09
N SER L 281 -32.30 -32.94 -22.66
CA SER L 281 -32.10 -33.49 -21.32
C SER L 281 -31.14 -34.68 -21.42
N ALA L 282 -31.15 -35.57 -20.43
CA ALA L 282 -30.28 -36.74 -20.40
C ALA L 282 -30.37 -37.54 -21.70
N VAL L 283 -29.21 -38.03 -22.16
CA VAL L 283 -29.11 -38.91 -23.33
C VAL L 283 -29.73 -38.30 -24.58
N GLY L 284 -29.87 -36.97 -24.59
CA GLY L 284 -30.39 -36.24 -25.76
C GLY L 284 -31.91 -36.11 -25.92
N TYR L 285 -32.68 -36.67 -25.00
CA TYR L 285 -34.15 -36.57 -25.09
C TYR L 285 -34.70 -35.19 -24.73
N GLN L 286 -35.87 -34.88 -25.27
CA GLN L 286 -36.59 -33.65 -24.92
C GLN L 286 -36.66 -33.46 -23.41
N PRO L 287 -36.60 -32.21 -22.92
CA PRO L 287 -36.79 -32.00 -21.46
C PRO L 287 -38.20 -32.42 -21.02
N THR L 288 -39.13 -32.35 -21.97
CA THR L 288 -40.54 -32.71 -21.73
C THR L 288 -40.83 -34.19 -22.00
N LEU L 289 -39.80 -35.04 -21.96
CA LEU L 289 -39.99 -36.46 -22.22
C LEU L 289 -41.16 -37.06 -21.43
N ALA L 290 -41.17 -36.84 -20.11
CA ALA L 290 -42.18 -37.45 -19.22
C ALA L 290 -43.59 -36.91 -19.41
N THR L 291 -43.69 -35.62 -19.76
CA THR L 291 -44.97 -34.98 -19.91
C THR L 291 -45.56 -35.23 -21.29
N ASP L 292 -44.70 -35.19 -22.32
CA ASP L 292 -45.08 -35.62 -23.68
C ASP L 292 -45.71 -37.00 -23.64
N MET L 293 -45.15 -37.88 -22.79
CA MET L 293 -45.61 -39.25 -22.67
C MET L 293 -46.86 -39.26 -21.80
N GLY L 294 -46.80 -38.59 -20.66
CA GLY L 294 -47.93 -38.53 -19.73
C GLY L 294 -49.22 -37.99 -20.31
N THR L 295 -49.11 -36.90 -21.05
CA THR L 295 -50.28 -36.26 -21.65
C THR L 295 -50.99 -37.12 -22.69
N MET L 296 -50.24 -38.03 -23.33
CA MET L 296 -50.83 -38.95 -24.30
C MET L 296 -51.30 -40.24 -23.64
N GLN L 297 -50.46 -40.83 -22.80
CA GLN L 297 -50.78 -42.10 -22.15
C GLN L 297 -52.01 -42.04 -21.24
N GLU L 298 -52.21 -40.91 -20.56
CA GLU L 298 -53.27 -40.80 -19.55
C GLU L 298 -54.66 -40.79 -20.17
N ARG L 299 -54.71 -40.49 -21.47
CA ARG L 299 -55.94 -40.56 -22.26
C ARG L 299 -56.39 -42.01 -22.52
N ILE L 300 -55.43 -42.93 -22.42
CA ILE L 300 -55.69 -44.35 -22.60
C ILE L 300 -56.08 -44.95 -21.24
N THR L 301 -57.38 -45.13 -21.02
CA THR L 301 -57.86 -45.57 -19.73
C THR L 301 -59.32 -46.06 -19.73
N THR L 302 -59.76 -46.61 -18.60
CA THR L 302 -61.16 -46.94 -18.38
C THR L 302 -61.86 -45.73 -17.79
N THR L 303 -62.84 -45.22 -18.52
CA THR L 303 -63.74 -44.21 -17.97
C THR L 303 -65.01 -44.91 -17.50
N LYS L 304 -65.94 -44.15 -16.92
CA LYS L 304 -67.24 -44.68 -16.51
C LYS L 304 -68.08 -45.12 -17.72
N LYS L 305 -67.72 -44.59 -18.89
CA LYS L 305 -68.43 -44.81 -20.15
C LYS L 305 -67.90 -46.01 -20.93
N GLY L 306 -66.61 -46.27 -20.82
CA GLY L 306 -65.95 -47.36 -21.56
C GLY L 306 -64.46 -47.47 -21.26
N SER L 307 -63.70 -47.99 -22.21
CA SER L 307 -62.24 -48.11 -22.05
C SER L 307 -61.49 -48.14 -23.38
N ILE L 308 -60.26 -47.63 -23.34
CA ILE L 308 -59.30 -47.85 -24.42
C ILE L 308 -58.14 -48.64 -23.84
N THR L 309 -57.82 -49.77 -24.46
CA THR L 309 -56.67 -50.56 -24.09
C THR L 309 -55.66 -50.49 -25.23
N SER L 310 -54.42 -50.17 -24.91
CA SER L 310 -53.41 -49.95 -25.93
C SER L 310 -52.28 -50.97 -25.92
N VAL L 311 -52.04 -51.54 -27.10
CA VAL L 311 -50.88 -52.39 -27.32
C VAL L 311 -49.86 -51.51 -28.03
N GLN L 312 -48.66 -51.45 -27.47
CA GLN L 312 -47.64 -50.52 -27.92
C GLN L 312 -46.32 -51.26 -28.09
N ALA L 313 -45.91 -51.38 -29.35
CA ALA L 313 -44.66 -52.03 -29.69
C ALA L 313 -43.50 -51.17 -29.21
N ILE L 314 -42.53 -51.79 -28.53
CA ILE L 314 -41.43 -51.07 -27.90
C ILE L 314 -40.08 -51.41 -28.52
N TYR L 315 -39.38 -50.39 -29.00
CA TYR L 315 -37.97 -50.56 -29.33
C TYR L 315 -37.16 -50.09 -28.14
N VAL L 316 -36.14 -50.86 -27.77
CA VAL L 316 -35.28 -50.55 -26.65
C VAL L 316 -33.89 -50.15 -27.15
N PRO L 317 -33.64 -48.83 -27.26
CA PRO L 317 -32.35 -48.34 -27.77
C PRO L 317 -31.18 -49.00 -27.06
N ALA L 318 -30.22 -49.49 -27.84
CA ALA L 318 -28.99 -50.10 -27.33
C ALA L 318 -29.24 -51.26 -26.36
N ASP L 319 -30.45 -51.82 -26.43
CA ASP L 319 -30.90 -52.89 -25.53
C ASP L 319 -30.84 -52.49 -24.06
N ASP L 320 -30.94 -51.19 -23.80
CA ASP L 320 -30.77 -50.60 -22.47
C ASP L 320 -32.11 -50.24 -21.89
N LEU L 321 -32.63 -51.11 -21.02
CA LEU L 321 -33.95 -50.89 -20.39
C LEU L 321 -33.97 -49.67 -19.44
N THR L 322 -32.79 -49.14 -19.11
CA THR L 322 -32.68 -47.93 -18.29
C THR L 322 -32.49 -46.67 -19.13
N ASP L 323 -32.61 -46.80 -20.45
CA ASP L 323 -32.58 -45.64 -21.34
C ASP L 323 -33.85 -44.84 -21.04
N PRO L 324 -33.74 -43.50 -20.97
CA PRO L 324 -34.90 -42.64 -20.71
C PRO L 324 -36.17 -42.98 -21.49
N ALA L 325 -36.04 -43.37 -22.76
CA ALA L 325 -37.23 -43.70 -23.57
C ALA L 325 -38.02 -44.91 -23.04
N PRO L 326 -37.38 -46.09 -22.95
CA PRO L 326 -38.12 -47.22 -22.36
C PRO L 326 -38.46 -47.02 -20.88
N ALA L 327 -37.54 -46.45 -20.10
CA ALA L 327 -37.79 -46.21 -18.68
C ALA L 327 -39.09 -45.41 -18.46
N THR L 328 -39.26 -44.35 -19.25
CA THR L 328 -40.41 -43.47 -19.16
C THR L 328 -41.65 -44.23 -19.59
N THR L 329 -41.51 -45.08 -20.61
CA THR L 329 -42.64 -45.83 -21.12
C THR L 329 -43.09 -46.87 -20.10
N PHE L 330 -42.13 -47.57 -19.50
CA PHE L 330 -42.44 -48.62 -18.52
C PHE L 330 -43.30 -48.12 -17.36
N ALA L 331 -43.11 -46.84 -16.99
CA ALA L 331 -43.95 -46.20 -15.99
C ALA L 331 -45.45 -46.32 -16.30
N HIS L 332 -45.79 -46.53 -17.57
CA HIS L 332 -47.21 -46.55 -18.01
C HIS L 332 -47.75 -47.94 -18.40
N LEU L 333 -46.87 -48.94 -18.45
CA LEU L 333 -47.28 -50.28 -18.88
C LEU L 333 -47.85 -51.13 -17.75
N ASP L 334 -48.95 -51.80 -18.05
CA ASP L 334 -49.66 -52.69 -17.14
C ASP L 334 -49.32 -54.15 -17.38
N ALA L 335 -48.78 -54.43 -18.57
CA ALA L 335 -48.39 -55.76 -18.98
C ALA L 335 -47.35 -55.69 -20.09
N THR L 336 -46.72 -56.84 -20.36
CA THR L 336 -45.80 -56.98 -21.49
C THR L 336 -46.10 -58.28 -22.21
N THR L 337 -46.14 -58.21 -23.54
CA THR L 337 -46.20 -59.41 -24.37
C THR L 337 -44.88 -59.51 -25.13
N VAL L 338 -44.10 -60.54 -24.79
CA VAL L 338 -42.79 -60.77 -25.37
C VAL L 338 -42.85 -61.85 -26.46
N LEU L 339 -42.74 -61.45 -27.73
CA LEU L 339 -42.71 -62.40 -28.84
C LEU L 339 -41.29 -62.90 -29.06
N SER L 340 -41.12 -64.23 -29.05
CA SER L 340 -39.79 -64.83 -29.01
C SER L 340 -39.49 -65.66 -30.26
N ARG L 341 -38.36 -65.36 -30.89
CA ARG L 341 -37.89 -66.07 -32.08
C ARG L 341 -37.57 -67.53 -31.75
N ALA L 342 -36.98 -67.73 -30.57
CA ALA L 342 -36.71 -69.07 -30.04
C ALA L 342 -38.01 -69.88 -29.95
N ILE L 343 -39.05 -69.26 -29.42
CA ILE L 343 -40.36 -69.90 -29.25
C ILE L 343 -41.03 -70.28 -30.59
N ALA L 344 -40.91 -69.40 -31.59
CA ALA L 344 -41.52 -69.63 -32.91
C ALA L 344 -40.84 -70.79 -33.63
N GLU L 345 -39.53 -70.91 -33.44
CA GLU L 345 -38.74 -71.99 -34.02
C GLU L 345 -39.14 -73.37 -33.47
N LEU L 346 -39.73 -73.36 -32.28
CA LEU L 346 -40.30 -74.59 -31.69
C LEU L 346 -41.72 -74.86 -32.22
N GLY L 347 -42.16 -74.05 -33.18
CA GLY L 347 -43.46 -74.23 -33.81
C GLY L 347 -44.62 -73.71 -32.96
N ILE L 348 -44.31 -73.12 -31.82
CA ILE L 348 -45.32 -72.58 -30.90
C ILE L 348 -45.85 -71.24 -31.39
N TYR L 349 -47.11 -71.20 -31.78
CA TYR L 349 -47.78 -69.96 -32.17
C TYR L 349 -49.07 -69.78 -31.38
N PRO L 350 -49.29 -68.58 -30.81
CA PRO L 350 -48.45 -67.38 -30.91
C PRO L 350 -47.13 -67.58 -30.18
N ALA L 351 -46.07 -66.95 -30.69
CA ALA L 351 -44.71 -67.13 -30.15
C ALA L 351 -44.44 -66.29 -28.91
N VAL L 352 -45.38 -66.31 -27.97
CA VAL L 352 -45.24 -65.56 -26.72
C VAL L 352 -44.30 -66.28 -25.77
N ASP L 353 -43.31 -65.56 -25.24
CA ASP L 353 -42.46 -66.13 -24.21
C ASP L 353 -43.26 -66.15 -22.92
N PRO L 354 -43.54 -67.35 -22.38
CA PRO L 354 -44.48 -67.47 -21.26
C PRO L 354 -43.86 -67.10 -19.90
N LEU L 355 -42.52 -67.00 -19.86
CA LEU L 355 -41.81 -66.62 -18.64
C LEU L 355 -41.31 -65.17 -18.66
N ASP L 356 -41.15 -64.61 -19.86
CA ASP L 356 -40.71 -63.23 -20.01
C ASP L 356 -41.87 -62.24 -19.99
N SER L 357 -43.03 -62.67 -20.47
CA SER L 357 -44.23 -61.84 -20.47
C SER L 357 -44.78 -61.68 -19.04
N THR L 358 -45.05 -60.44 -18.65
CA THR L 358 -45.51 -60.16 -17.29
C THR L 358 -46.84 -59.41 -17.33
N SER L 359 -47.50 -59.35 -16.18
CA SER L 359 -48.67 -58.50 -16.00
C SER L 359 -48.76 -57.98 -14.56
N ARG L 360 -49.06 -56.69 -14.42
CA ARG L 360 -49.25 -56.04 -13.12
C ARG L 360 -50.50 -56.56 -12.40
N ILE L 361 -51.47 -57.03 -13.18
CA ILE L 361 -52.74 -57.53 -12.64
C ILE L 361 -52.75 -59.04 -12.33
N MET L 362 -51.63 -59.72 -12.60
CA MET L 362 -51.43 -61.09 -12.16
C MET L 362 -51.27 -61.08 -10.65
N ASP L 363 -52.41 -61.02 -9.97
CA ASP L 363 -52.50 -60.72 -8.55
C ASP L 363 -53.86 -61.27 -8.13
N PRO L 364 -53.88 -62.12 -7.08
CA PRO L 364 -55.15 -62.76 -6.72
C PRO L 364 -56.21 -61.72 -6.31
N ASN L 365 -55.76 -60.58 -5.79
CA ASN L 365 -56.64 -59.46 -5.45
C ASN L 365 -57.37 -58.88 -6.66
N ILE L 366 -56.92 -59.25 -7.86
CA ILE L 366 -57.48 -58.71 -9.10
C ILE L 366 -58.09 -59.79 -9.99
N VAL L 367 -57.34 -60.86 -10.24
CA VAL L 367 -57.79 -61.92 -11.14
C VAL L 367 -58.40 -63.14 -10.42
N GLY L 368 -58.25 -63.17 -9.10
CA GLY L 368 -58.74 -64.30 -8.28
C GLY L 368 -57.64 -65.28 -7.93
N SER L 369 -57.86 -65.99 -6.82
CA SER L 369 -56.86 -66.92 -6.27
C SER L 369 -56.68 -68.15 -7.16
N GLU L 370 -57.71 -68.46 -7.94
CA GLU L 370 -57.68 -69.63 -8.80
C GLU L 370 -56.90 -69.37 -10.08
N HIS L 371 -57.16 -68.22 -10.70
CA HIS L 371 -56.41 -67.78 -11.86
C HIS L 371 -54.92 -67.66 -11.50
N TYR L 372 -54.66 -67.08 -10.33
CA TYR L 372 -53.32 -66.82 -9.85
C TYR L 372 -52.49 -68.10 -9.71
N ASP L 373 -52.98 -69.04 -8.90
CA ASP L 373 -52.23 -70.25 -8.57
C ASP L 373 -51.99 -71.18 -9.76
N VAL L 374 -52.92 -71.18 -10.71
CA VAL L 374 -52.79 -71.97 -11.94
C VAL L 374 -51.70 -71.38 -12.82
N ALA L 375 -51.71 -70.06 -12.97
CA ALA L 375 -50.64 -69.32 -13.66
C ALA L 375 -49.28 -69.55 -12.98
N ARG L 376 -49.23 -69.35 -11.66
CA ARG L 376 -48.01 -69.58 -10.87
C ARG L 376 -47.49 -71.00 -11.05
N GLY L 377 -48.41 -71.98 -10.98
CA GLY L 377 -48.08 -73.38 -11.18
C GLY L 377 -47.55 -73.68 -12.57
N VAL L 378 -48.15 -73.04 -13.56
CA VAL L 378 -47.68 -73.14 -14.95
C VAL L 378 -46.28 -72.52 -15.07
N GLN L 379 -46.10 -71.34 -14.50
CA GLN L 379 -44.79 -70.68 -14.46
C GLN L 379 -43.78 -71.56 -13.75
N LYS L 380 -44.13 -72.00 -12.55
CA LYS L 380 -43.27 -72.88 -11.74
C LYS L 380 -42.78 -74.10 -12.53
N ILE L 381 -43.72 -74.79 -13.18
CA ILE L 381 -43.42 -76.03 -13.91
C ILE L 381 -42.50 -75.81 -15.13
N LEU L 382 -42.73 -74.71 -15.85
CA LEU L 382 -41.90 -74.34 -17.00
C LEU L 382 -40.53 -73.89 -16.55
N GLN L 383 -40.47 -73.30 -15.36
CA GLN L 383 -39.21 -72.93 -14.71
C GLN L 383 -38.46 -74.18 -14.29
N ASP L 384 -39.18 -75.13 -13.70
CA ASP L 384 -38.61 -76.40 -13.25
C ASP L 384 -38.09 -77.24 -14.41
N TYR L 385 -38.87 -77.27 -15.49
CA TYR L 385 -38.52 -78.01 -16.71
C TYR L 385 -37.19 -77.55 -17.30
N LYS L 386 -36.92 -76.25 -17.24
CA LYS L 386 -35.65 -75.70 -17.69
C LYS L 386 -34.46 -76.21 -16.86
N SER L 387 -34.64 -76.27 -15.54
CA SER L 387 -33.61 -76.74 -14.62
C SER L 387 -33.12 -78.13 -14.97
N LEU L 388 -34.04 -78.97 -15.42
CA LEU L 388 -33.77 -80.37 -15.72
C LEU L 388 -33.17 -80.57 -17.11
N GLN L 389 -33.27 -79.55 -17.97
CA GLN L 389 -32.81 -79.66 -19.36
C GLN L 389 -31.29 -79.80 -19.54
N ASP L 390 -30.53 -79.38 -18.54
CA ASP L 390 -29.08 -79.60 -18.51
C ASP L 390 -28.79 -81.05 -18.16
N ILE L 391 -29.65 -81.62 -17.32
CA ILE L 391 -29.55 -83.01 -16.89
C ILE L 391 -30.12 -83.94 -17.97
N ILE L 392 -30.98 -83.40 -18.83
CA ILE L 392 -31.55 -84.12 -19.97
C ILE L 392 -30.47 -84.50 -21.00
N ALA L 393 -29.65 -83.52 -21.38
CA ALA L 393 -28.60 -83.71 -22.37
C ALA L 393 -27.44 -84.54 -21.84
N ILE L 394 -27.37 -84.70 -20.53
CA ILE L 394 -26.27 -85.43 -19.88
C ILE L 394 -26.66 -86.85 -19.44
N LEU L 395 -27.65 -86.96 -18.56
CA LEU L 395 -28.07 -88.26 -18.03
C LEU L 395 -29.08 -88.98 -18.92
N GLY L 396 -29.72 -88.24 -19.83
CA GLY L 396 -30.81 -88.80 -20.63
C GLY L 396 -32.11 -88.78 -19.85
N MET L 397 -33.22 -89.11 -20.51
CA MET L 397 -34.54 -89.02 -19.88
C MET L 397 -34.87 -90.10 -18.85
N ASP L 398 -34.35 -91.31 -19.05
CA ASP L 398 -34.71 -92.44 -18.20
C ASP L 398 -33.83 -92.61 -16.95
N GLU L 399 -33.24 -91.49 -16.49
CA GLU L 399 -32.46 -91.48 -15.26
C GLU L 399 -33.11 -90.58 -14.20
N LEU L 400 -34.23 -89.96 -14.57
CA LEU L 400 -34.97 -89.04 -13.69
C LEU L 400 -35.84 -89.80 -12.70
N SER L 401 -36.17 -89.13 -11.59
CA SER L 401 -37.08 -89.69 -10.59
C SER L 401 -38.52 -89.68 -11.09
N GLU L 402 -39.37 -90.50 -10.48
CA GLU L 402 -40.77 -90.64 -10.91
C GLU L 402 -41.58 -89.35 -10.78
N GLU L 403 -41.10 -88.45 -9.91
CA GLU L 403 -41.66 -87.10 -9.80
C GLU L 403 -41.16 -86.24 -10.98
N ASP L 404 -39.86 -86.34 -11.26
CA ASP L 404 -39.20 -85.51 -12.27
C ASP L 404 -39.50 -85.94 -13.71
N LYS L 405 -39.81 -87.21 -13.92
CA LYS L 405 -40.26 -87.70 -15.21
C LYS L 405 -41.62 -87.07 -15.53
N LEU L 406 -42.45 -86.96 -14.51
CA LEU L 406 -43.81 -86.48 -14.63
C LEU L 406 -43.86 -84.96 -14.83
N THR L 407 -42.91 -84.25 -14.23
CA THR L 407 -42.75 -82.81 -14.41
C THR L 407 -42.42 -82.46 -15.87
N VAL L 408 -41.43 -83.17 -16.43
CA VAL L 408 -41.04 -83.03 -17.83
C VAL L 408 -42.22 -83.28 -18.77
N SER L 409 -42.93 -84.38 -18.53
CA SER L 409 -44.12 -84.74 -19.30
C SER L 409 -45.19 -83.65 -19.26
N ARG L 410 -45.50 -83.17 -18.06
CA ARG L 410 -46.52 -82.16 -17.84
C ARG L 410 -46.14 -80.79 -18.41
N ALA L 411 -44.87 -80.42 -18.25
CA ALA L 411 -44.35 -79.15 -18.75
C ALA L 411 -44.34 -79.11 -20.28
N ARG L 412 -43.96 -80.22 -20.91
CA ARG L 412 -43.97 -80.34 -22.37
C ARG L 412 -45.40 -80.29 -22.95
N LYS L 413 -46.36 -80.79 -22.17
CA LYS L 413 -47.77 -80.76 -22.55
C LYS L 413 -48.34 -79.35 -22.41
N ILE L 414 -47.94 -78.67 -21.35
CA ILE L 414 -48.37 -77.29 -21.09
C ILE L 414 -47.82 -76.33 -22.16
N GLN L 415 -46.55 -76.50 -22.53
CA GLN L 415 -45.93 -75.72 -23.60
C GLN L 415 -46.74 -75.77 -24.90
N ARG L 416 -47.25 -76.96 -25.22
CA ARG L 416 -48.00 -77.17 -26.44
C ARG L 416 -49.44 -76.69 -26.30
N PHE L 417 -49.97 -76.76 -25.09
CA PHE L 417 -51.31 -76.28 -24.83
C PHE L 417 -51.39 -74.74 -24.82
N LEU L 418 -50.23 -74.08 -24.76
CA LEU L 418 -50.17 -72.62 -24.86
C LEU L 418 -50.27 -72.14 -26.32
N SER L 419 -49.94 -73.02 -27.26
CA SER L 419 -50.10 -72.72 -28.68
C SER L 419 -51.59 -72.72 -29.04
N GLN L 420 -51.94 -71.92 -30.04
CA GLN L 420 -53.34 -71.68 -30.39
C GLN L 420 -53.47 -71.34 -31.86
N PRO L 421 -54.39 -72.01 -32.57
CA PRO L 421 -54.69 -71.62 -33.96
C PRO L 421 -55.48 -70.33 -33.96
N PHE L 422 -55.12 -69.41 -34.86
CA PHE L 422 -55.80 -68.12 -34.93
C PHE L 422 -56.75 -68.10 -36.11
N GLN L 423 -57.91 -67.45 -35.93
CA GLN L 423 -58.91 -67.32 -36.99
C GLN L 423 -58.33 -66.51 -38.14
N VAL L 424 -57.55 -65.50 -37.79
CA VAL L 424 -56.90 -64.61 -38.74
C VAL L 424 -55.89 -65.32 -39.67
N ALA L 425 -55.40 -66.48 -39.24
CA ALA L 425 -54.43 -67.25 -40.01
C ALA L 425 -55.02 -68.53 -40.63
N GLU L 426 -56.34 -68.59 -40.75
CA GLU L 426 -57.02 -69.74 -41.36
C GLU L 426 -56.68 -69.91 -42.84
N VAL L 427 -56.52 -68.79 -43.55
CA VAL L 427 -56.23 -68.80 -44.99
C VAL L 427 -54.85 -69.42 -45.27
N PHE L 428 -53.87 -69.07 -44.44
CA PHE L 428 -52.50 -69.59 -44.57
C PHE L 428 -52.38 -71.07 -44.18
N THR L 429 -53.24 -71.54 -43.28
CA THR L 429 -53.05 -72.87 -42.67
C THR L 429 -54.18 -73.88 -42.93
N GLY L 430 -55.40 -73.40 -43.21
CA GLY L 430 -56.56 -74.29 -43.35
C GLY L 430 -57.20 -74.64 -42.03
N HIS L 431 -56.38 -74.73 -40.97
CA HIS L 431 -56.84 -75.03 -39.61
C HIS L 431 -57.81 -73.99 -39.06
N LEU L 432 -58.87 -74.46 -38.42
CA LEU L 432 -59.92 -73.59 -37.88
C LEU L 432 -59.42 -72.86 -36.63
N GLY L 433 -59.70 -71.57 -36.57
CA GLY L 433 -59.25 -70.72 -35.47
C GLY L 433 -60.04 -70.91 -34.18
N LYS L 434 -59.44 -70.55 -33.06
CA LYS L 434 -60.05 -70.72 -31.75
C LYS L 434 -59.96 -69.45 -30.90
N LEU L 435 -61.05 -69.17 -30.19
CA LEU L 435 -61.10 -68.10 -29.20
C LEU L 435 -61.56 -68.73 -27.90
N VAL L 436 -60.60 -68.99 -27.01
CA VAL L 436 -60.84 -69.73 -25.78
C VAL L 436 -61.25 -68.79 -24.67
N PRO L 437 -62.45 -69.01 -24.09
CA PRO L 437 -62.89 -68.22 -22.93
C PRO L 437 -61.91 -68.41 -21.77
N LEU L 438 -61.85 -67.40 -20.90
CA LEU L 438 -60.96 -67.40 -19.73
C LEU L 438 -61.13 -68.60 -18.81
N LYS L 439 -62.40 -68.97 -18.55
CA LYS L 439 -62.69 -70.08 -17.63
C LYS L 439 -62.27 -71.44 -18.16
N GLU L 440 -62.30 -71.61 -19.48
CA GLU L 440 -61.81 -72.82 -20.13
C GLU L 440 -60.28 -72.84 -20.18
N THR L 441 -59.69 -71.66 -20.37
CA THR L 441 -58.24 -71.45 -20.31
C THR L 441 -57.71 -71.92 -18.96
N ILE L 442 -58.28 -71.38 -17.88
CA ILE L 442 -57.88 -71.76 -16.52
C ILE L 442 -58.15 -73.25 -16.26
N LYS L 443 -59.36 -73.73 -16.58
CA LYS L 443 -59.71 -75.14 -16.37
C LYS L 443 -58.73 -76.07 -17.07
N GLY L 444 -58.49 -75.82 -18.36
CA GLY L 444 -57.59 -76.64 -19.17
C GLY L 444 -56.22 -76.87 -18.53
N PHE L 445 -55.52 -75.78 -18.25
CA PHE L 445 -54.18 -75.80 -17.66
C PHE L 445 -54.19 -76.32 -16.22
N GLN L 446 -55.31 -76.10 -15.54
CA GLN L 446 -55.51 -76.57 -14.17
C GLN L 446 -55.38 -78.09 -14.11
N GLN L 447 -55.99 -78.75 -15.09
CA GLN L 447 -56.14 -80.21 -15.12
C GLN L 447 -54.90 -80.96 -15.62
N ILE L 448 -54.04 -80.28 -16.38
CA ILE L 448 -52.78 -80.87 -16.82
C ILE L 448 -51.83 -80.98 -15.63
N LEU L 449 -51.79 -79.93 -14.81
CA LEU L 449 -50.98 -79.89 -13.59
C LEU L 449 -51.40 -80.96 -12.58
N ALA L 450 -52.71 -81.18 -12.47
CA ALA L 450 -53.27 -82.18 -11.57
C ALA L 450 -52.88 -83.61 -11.95
N GLY L 451 -52.61 -83.82 -13.24
CA GLY L 451 -52.26 -85.14 -13.75
C GLY L 451 -53.48 -85.88 -14.26
N GLU L 452 -54.43 -85.14 -14.82
CA GLU L 452 -55.65 -85.71 -15.38
C GLU L 452 -55.46 -86.19 -16.81
N TYR L 453 -54.40 -85.73 -17.47
CA TYR L 453 -54.13 -86.07 -18.85
C TYR L 453 -52.71 -86.58 -19.06
N ASP L 454 -52.10 -87.12 -18.00
CA ASP L 454 -50.76 -87.71 -18.08
C ASP L 454 -50.71 -88.89 -19.06
N HIS L 455 -51.81 -89.63 -19.14
CA HIS L 455 -51.94 -90.77 -20.07
C HIS L 455 -52.02 -90.35 -21.54
N LEU L 456 -52.37 -89.08 -21.77
CA LEU L 456 -52.53 -88.56 -23.14
C LEU L 456 -51.20 -88.26 -23.81
N PRO L 457 -51.11 -88.49 -25.14
CA PRO L 457 -49.89 -88.18 -25.87
C PRO L 457 -49.63 -86.68 -25.93
N GLU L 458 -48.35 -86.30 -25.96
CA GLU L 458 -47.92 -84.91 -25.90
C GLU L 458 -48.43 -84.05 -27.08
N GLN L 459 -48.39 -84.60 -28.29
CA GLN L 459 -48.78 -83.85 -29.50
C GLN L 459 -50.28 -83.53 -29.60
N ALA L 460 -51.08 -84.10 -28.71
CA ALA L 460 -52.53 -83.89 -28.69
C ALA L 460 -52.93 -82.51 -28.17
N PHE L 461 -52.00 -81.87 -27.46
CA PHE L 461 -52.22 -80.56 -26.85
C PHE L 461 -51.78 -79.42 -27.76
N TYR L 462 -51.03 -79.77 -28.82
CA TYR L 462 -50.49 -78.81 -29.77
C TYR L 462 -51.56 -78.25 -30.69
N MET L 463 -51.49 -76.94 -30.94
CA MET L 463 -52.40 -76.23 -31.85
C MET L 463 -53.87 -76.61 -31.67
N VAL L 464 -54.34 -76.57 -30.42
CA VAL L 464 -55.77 -76.72 -30.13
C VAL L 464 -56.26 -75.54 -29.31
N GLY L 465 -57.58 -75.40 -29.25
CA GLY L 465 -58.23 -74.39 -28.44
C GLY L 465 -58.43 -74.90 -27.02
N PRO L 466 -59.70 -75.17 -26.65
CA PRO L 466 -60.03 -75.65 -25.31
C PRO L 466 -59.57 -77.09 -25.07
N ILE L 467 -59.47 -77.48 -23.80
CA ILE L 467 -58.97 -78.80 -23.41
C ILE L 467 -59.76 -79.98 -24.02
N GLU L 468 -61.03 -79.74 -24.36
CA GLU L 468 -61.89 -80.74 -25.02
C GLU L 468 -61.34 -81.17 -26.38
N GLU L 469 -60.71 -80.22 -27.07
CA GLU L 469 -60.09 -80.48 -28.37
C GLU L 469 -58.71 -81.14 -28.27
N ALA L 470 -58.12 -81.11 -27.08
CA ALA L 470 -56.92 -81.88 -26.79
C ALA L 470 -57.27 -83.37 -26.65
N VAL L 471 -58.49 -83.63 -26.16
CA VAL L 471 -59.02 -84.97 -25.98
C VAL L 471 -59.46 -85.54 -27.34
N ALA L 472 -60.20 -84.73 -28.09
CA ALA L 472 -60.69 -85.09 -29.43
C ALA L 472 -59.57 -85.39 -30.42
N LYS L 473 -58.43 -84.72 -30.23
CA LYS L 473 -57.24 -84.93 -31.07
C LYS L 473 -56.53 -86.22 -30.67
N ALA L 474 -56.48 -86.50 -29.38
CA ALA L 474 -55.82 -87.70 -28.85
C ALA L 474 -56.57 -88.98 -29.23
N ASP L 475 -57.90 -88.89 -29.28
CA ASP L 475 -58.76 -90.00 -29.69
C ASP L 475 -58.62 -90.28 -31.19
N LYS L 476 -58.36 -89.22 -31.97
CA LYS L 476 -58.29 -89.33 -33.43
C LYS L 476 -56.98 -89.97 -33.94
N LEU L 477 -55.94 -89.94 -33.11
CA LEU L 477 -54.64 -90.50 -33.51
C LEU L 477 -54.55 -92.02 -33.28
N ALA L 478 -54.72 -92.78 -34.37
CA ALA L 478 -54.66 -94.26 -34.39
C ALA L 478 -55.07 -94.93 -33.07
N THR M 13 -25.42 5.36 -0.81
CA THR M 13 -26.48 5.86 0.12
C THR M 13 -27.59 4.81 0.24
N THR M 14 -28.69 5.07 -0.46
CA THR M 14 -29.85 4.18 -0.46
C THR M 14 -30.10 3.69 -1.89
N GLY M 15 -30.40 2.40 -2.01
CA GLY M 15 -30.62 1.77 -3.30
C GLY M 15 -32.01 1.19 -3.45
N ARG M 16 -32.35 0.80 -4.68
CA ARG M 16 -33.65 0.21 -4.95
C ARG M 16 -33.49 -1.09 -5.71
N ILE M 17 -34.18 -2.14 -5.26
CA ILE M 17 -34.21 -3.42 -5.96
C ILE M 17 -34.76 -3.21 -7.37
N VAL M 18 -34.01 -3.66 -8.36
CA VAL M 18 -34.42 -3.59 -9.76
C VAL M 18 -34.70 -4.96 -10.35
N ALA M 19 -34.07 -6.01 -9.80
CA ALA M 19 -34.31 -7.39 -10.23
C ALA M 19 -34.18 -8.41 -9.09
N VAL M 20 -35.04 -9.43 -9.14
CA VAL M 20 -35.01 -10.55 -8.19
C VAL M 20 -35.18 -11.86 -8.94
N ILE M 21 -34.20 -12.76 -8.79
CA ILE M 21 -34.31 -14.16 -9.23
C ILE M 21 -33.65 -15.07 -8.19
N GLY M 22 -34.47 -15.77 -7.43
CA GLY M 22 -33.99 -16.64 -6.36
C GLY M 22 -33.13 -15.88 -5.38
N ALA M 23 -31.95 -16.41 -5.11
CA ALA M 23 -31.01 -15.81 -4.17
C ALA M 23 -30.38 -14.54 -4.73
N VAL M 24 -30.54 -14.31 -6.02
CA VAL M 24 -29.81 -13.22 -6.69
C VAL M 24 -30.64 -11.96 -6.90
N VAL M 25 -30.16 -10.86 -6.31
CA VAL M 25 -30.88 -9.60 -6.28
C VAL M 25 -30.00 -8.48 -6.82
N ASP M 26 -30.48 -7.79 -7.87
CA ASP M 26 -29.83 -6.60 -8.43
C ASP M 26 -30.38 -5.31 -7.80
N VAL M 27 -29.47 -4.40 -7.46
CA VAL M 27 -29.84 -3.16 -6.77
C VAL M 27 -29.23 -1.95 -7.46
N GLN M 28 -30.04 -0.92 -7.72
CA GLN M 28 -29.53 0.33 -8.29
C GLN M 28 -29.31 1.38 -7.20
N PHE M 29 -28.15 2.00 -7.21
CA PHE M 29 -27.86 3.11 -6.28
C PHE M 29 -27.66 4.41 -7.03
N ASP M 30 -28.26 5.48 -6.52
CA ASP M 30 -28.21 6.77 -7.20
C ASP M 30 -26.92 7.55 -6.99
N GLU M 31 -26.42 7.57 -5.76
CA GLU M 31 -25.19 8.31 -5.49
C GLU M 31 -23.99 7.38 -5.24
N GLY M 32 -23.94 6.79 -4.05
CA GLY M 32 -22.80 5.97 -3.65
C GLY M 32 -23.04 4.52 -3.97
N LEU M 33 -22.05 3.88 -4.61
CA LEU M 33 -22.12 2.47 -4.98
C LEU M 33 -21.35 1.62 -3.98
N PRO M 34 -22.03 0.63 -3.36
CA PRO M 34 -21.35 -0.19 -2.34
C PRO M 34 -20.31 -1.12 -2.96
N PRO M 35 -19.10 -1.16 -2.37
CA PRO M 35 -18.08 -2.08 -2.87
C PRO M 35 -18.53 -3.53 -2.85
N ILE M 36 -17.91 -4.32 -3.72
CA ILE M 36 -18.07 -5.76 -3.71
C ILE M 36 -17.71 -6.28 -2.31
N LEU M 37 -18.53 -7.21 -1.83
CA LEU M 37 -18.42 -7.85 -0.52
C LEU M 37 -19.19 -7.12 0.58
N ASN M 38 -19.71 -5.94 0.27
CA ASN M 38 -20.50 -5.21 1.26
C ASN M 38 -21.84 -5.85 1.53
N ALA M 39 -22.22 -5.82 2.79
CA ALA M 39 -23.53 -6.27 3.25
C ALA M 39 -24.53 -5.12 3.13
N LEU M 40 -25.63 -5.42 2.45
CA LEU M 40 -26.72 -4.47 2.29
C LEU M 40 -27.90 -4.95 3.10
N GLU M 41 -28.67 -4.01 3.63
CA GLU M 41 -29.83 -4.33 4.45
C GLU M 41 -31.07 -3.94 3.68
N VAL M 42 -31.89 -4.95 3.39
CA VAL M 42 -33.16 -4.72 2.73
C VAL M 42 -34.11 -4.13 3.74
N GLN M 43 -34.72 -2.99 3.36
CA GLN M 43 -35.70 -2.30 4.19
C GLN M 43 -37.09 -2.85 3.94
N GLY M 44 -37.96 -2.70 4.95
CA GLY M 44 -39.34 -3.17 4.88
C GLY M 44 -39.55 -4.66 5.15
N ARG M 45 -38.65 -5.28 5.92
CA ARG M 45 -38.74 -6.73 6.19
C ARG M 45 -38.83 -6.99 7.69
N GLU M 46 -39.61 -8.01 8.04
CA GLU M 46 -39.83 -8.40 9.44
C GLU M 46 -38.60 -9.01 10.12
N THR M 47 -37.83 -9.80 9.37
CA THR M 47 -36.54 -10.30 9.85
C THR M 47 -35.43 -9.77 8.96
N ARG M 48 -34.21 -9.68 9.50
CA ARG M 48 -33.11 -9.04 8.81
C ARG M 48 -32.76 -9.79 7.52
N LEU M 49 -32.77 -9.08 6.40
CA LEU M 49 -32.41 -9.69 5.11
C LEU M 49 -31.16 -9.01 4.53
N VAL M 50 -30.04 -9.71 4.60
CA VAL M 50 -28.77 -9.16 4.11
C VAL M 50 -28.57 -9.58 2.65
N LEU M 51 -28.02 -8.69 1.84
CA LEU M 51 -27.56 -9.01 0.50
C LEU M 51 -26.09 -8.69 0.47
N GLU M 52 -25.28 -9.64 0.03
CA GLU M 52 -23.85 -9.40 -0.13
C GLU M 52 -23.54 -9.06 -1.59
N VAL M 53 -22.82 -7.95 -1.78
CA VAL M 53 -22.49 -7.44 -3.10
C VAL M 53 -21.49 -8.37 -3.82
N ALA M 54 -21.92 -8.87 -4.98
CA ALA M 54 -21.10 -9.79 -5.76
C ALA M 54 -20.40 -9.11 -6.91
N GLN M 55 -21.13 -8.25 -7.63
CA GLN M 55 -20.63 -7.64 -8.86
C GLN M 55 -21.16 -6.20 -9.03
N HIS M 56 -20.36 -5.35 -9.66
CA HIS M 56 -20.82 -4.08 -10.21
C HIS M 56 -21.19 -4.31 -11.67
N LEU M 57 -22.47 -4.20 -11.98
CA LEU M 57 -22.99 -4.52 -13.32
C LEU M 57 -22.83 -3.39 -14.32
N GLY M 58 -22.47 -2.21 -13.84
CA GLY M 58 -22.51 -1.02 -14.65
C GLY M 58 -23.82 -0.29 -14.42
N GLU M 59 -23.94 0.91 -15.00
CA GLU M 59 -25.14 1.75 -14.90
C GLU M 59 -25.63 1.92 -13.45
N SER M 60 -24.70 2.07 -12.52
CA SER M 60 -25.01 2.30 -11.10
C SER M 60 -25.79 1.15 -10.44
N THR M 61 -25.69 -0.04 -11.04
CA THR M 61 -26.36 -1.24 -10.51
C THR M 61 -25.33 -2.24 -9.99
N VAL M 62 -25.63 -2.88 -8.86
CA VAL M 62 -24.81 -3.96 -8.33
C VAL M 62 -25.63 -5.24 -8.30
N ARG M 63 -24.99 -6.38 -8.56
CA ARG M 63 -25.60 -7.70 -8.36
C ARG M 63 -25.18 -8.24 -7.01
N THR M 64 -26.16 -8.79 -6.27
CA THR M 64 -25.95 -9.28 -4.91
C THR M 64 -26.53 -10.67 -4.73
N ILE M 65 -26.18 -11.29 -3.59
CA ILE M 65 -26.68 -12.62 -3.21
C ILE M 65 -27.33 -12.51 -1.83
N ALA M 66 -28.59 -12.94 -1.73
CA ALA M 66 -29.33 -12.88 -0.48
C ALA M 66 -28.87 -13.92 0.55
N MET M 67 -28.87 -13.54 1.82
CA MET M 67 -28.55 -14.52 2.89
C MET M 67 -29.79 -15.20 3.45
N ASP M 68 -30.95 -14.89 2.90
CA ASP M 68 -32.19 -15.53 3.30
C ASP M 68 -33.17 -15.52 2.12
N GLY M 69 -34.37 -16.04 2.34
CA GLY M 69 -35.42 -16.11 1.33
C GLY M 69 -35.75 -14.76 0.75
N THR M 70 -35.93 -14.72 -0.58
CA THR M 70 -36.25 -13.48 -1.28
C THR M 70 -37.72 -13.35 -1.58
N GLU M 71 -38.52 -14.32 -1.14
CA GLU M 71 -39.96 -14.21 -1.30
C GLU M 71 -40.44 -12.91 -0.66
N GLY M 72 -41.32 -12.21 -1.35
CA GLY M 72 -41.92 -10.98 -0.83
C GLY M 72 -41.25 -9.70 -1.28
N LEU M 73 -40.07 -9.83 -1.88
CA LEU M 73 -39.35 -8.67 -2.39
C LEU M 73 -40.09 -8.06 -3.56
N VAL M 74 -40.14 -6.73 -3.60
CA VAL M 74 -40.78 -6.00 -4.68
C VAL M 74 -39.75 -5.12 -5.36
N ARG M 75 -39.86 -4.97 -6.68
CA ARG M 75 -39.04 -3.98 -7.40
C ARG M 75 -39.31 -2.58 -6.86
N GLY M 76 -38.23 -1.83 -6.67
CA GLY M 76 -38.32 -0.49 -6.12
C GLY M 76 -38.01 -0.50 -4.64
N GLN M 77 -38.16 -1.67 -4.00
CA GLN M 77 -37.95 -1.78 -2.54
C GLN M 77 -36.58 -1.25 -2.17
N LYS M 78 -36.49 -0.55 -1.04
CA LYS M 78 -35.28 0.15 -0.69
C LYS M 78 -34.29 -0.77 0.00
N VAL M 79 -33.01 -0.43 -0.15
CA VAL M 79 -31.90 -1.22 0.39
C VAL M 79 -30.84 -0.23 0.87
N LEU M 80 -30.26 -0.47 2.05
CA LEU M 80 -29.21 0.39 2.60
C LEU M 80 -27.84 -0.28 2.69
N ASP M 81 -26.80 0.40 2.24
CA ASP M 81 -25.43 -0.03 2.45
C ASP M 81 -25.06 0.03 3.94
N SER M 82 -24.60 -1.10 4.50
CA SER M 82 -24.15 -1.13 5.89
C SER M 82 -22.75 -0.53 6.02
N GLY M 83 -22.05 -0.39 4.89
CA GLY M 83 -20.73 0.23 4.84
C GLY M 83 -19.60 -0.75 5.05
N ALA M 84 -19.95 -2.02 5.23
CA ALA M 84 -18.99 -3.10 5.47
C ALA M 84 -19.51 -4.48 5.02
N PRO M 85 -18.61 -5.49 4.93
CA PRO M 85 -19.05 -6.87 4.73
C PRO M 85 -19.80 -7.41 5.94
N ILE M 86 -20.50 -8.55 5.76
CA ILE M 86 -21.18 -9.21 6.88
C ILE M 86 -20.18 -9.30 8.03
N ARG M 87 -20.59 -8.78 9.18
CA ARG M 87 -19.73 -8.80 10.37
C ARG M 87 -20.45 -9.57 11.46
N ILE M 88 -19.69 -10.34 12.24
CA ILE M 88 -20.28 -11.27 13.20
C ILE M 88 -19.58 -11.19 14.57
N PRO M 89 -20.30 -11.59 15.65
CA PRO M 89 -19.63 -11.57 16.95
C PRO M 89 -18.49 -12.59 16.99
N VAL M 90 -17.35 -12.18 17.53
CA VAL M 90 -16.24 -13.11 17.81
C VAL M 90 -15.77 -12.94 19.25
N GLY M 91 -15.16 -13.99 19.80
CA GLY M 91 -14.67 -13.95 21.16
C GLY M 91 -15.38 -14.93 22.06
N PRO M 92 -15.12 -14.84 23.37
CA PRO M 92 -15.59 -15.79 24.37
C PRO M 92 -17.12 -15.97 24.40
N GLU M 93 -17.87 -14.90 24.13
CA GLU M 93 -19.32 -14.96 24.23
C GLU M 93 -19.99 -15.77 23.12
N THR M 94 -19.20 -16.24 22.15
CA THR M 94 -19.72 -17.12 21.11
C THR M 94 -19.79 -18.57 21.60
N LEU M 95 -18.94 -18.88 22.58
CA LEU M 95 -18.87 -20.22 23.16
C LEU M 95 -20.17 -20.58 23.86
N GLY M 96 -20.66 -21.79 23.59
CA GLY M 96 -21.94 -22.24 24.13
C GLY M 96 -23.12 -21.73 23.36
N ARG M 97 -22.90 -20.75 22.50
CA ARG M 97 -23.97 -20.17 21.67
C ARG M 97 -24.05 -20.83 20.31
N ILE M 98 -25.21 -20.69 19.66
CA ILE M 98 -25.36 -21.08 18.26
C ILE M 98 -25.74 -19.84 17.49
N MET M 99 -25.00 -19.55 16.42
CA MET M 99 -25.30 -18.43 15.55
C MET M 99 -25.51 -18.87 14.09
N ASN M 100 -26.05 -18.00 13.25
CA ASN M 100 -26.26 -18.31 11.84
C ASN M 100 -25.28 -17.54 10.92
N VAL M 101 -25.46 -17.64 9.59
CA VAL M 101 -24.54 -16.98 8.62
C VAL M 101 -24.18 -15.56 8.96
N ILE M 102 -25.19 -14.78 9.37
CA ILE M 102 -25.00 -13.34 9.63
C ILE M 102 -24.73 -13.01 11.10
N GLY M 103 -24.50 -14.06 11.91
CA GLY M 103 -24.05 -13.88 13.27
C GLY M 103 -25.13 -13.65 14.30
N GLU M 104 -26.39 -13.71 13.87
CA GLU M 104 -27.53 -13.66 14.78
C GLU M 104 -27.58 -14.94 15.61
N PRO M 105 -27.96 -14.85 16.90
CA PRO M 105 -28.08 -16.07 17.71
C PRO M 105 -29.32 -16.82 17.26
N ILE M 106 -29.26 -18.14 17.26
CA ILE M 106 -30.42 -18.94 16.87
C ILE M 106 -30.70 -19.99 17.92
N ASP M 107 -30.28 -19.71 19.16
CA ASP M 107 -30.50 -20.62 20.28
C ASP M 107 -31.51 -20.09 21.30
N GLU M 108 -32.15 -18.95 20.98
CA GLU M 108 -33.17 -18.32 21.84
C GLU M 108 -32.67 -17.97 23.25
N ARG M 109 -31.39 -17.60 23.34
CA ARG M 109 -30.81 -17.19 24.60
C ARG M 109 -30.40 -15.71 24.56
N GLY M 110 -31.06 -14.96 23.68
CA GLY M 110 -30.86 -13.51 23.59
C GLY M 110 -29.58 -13.09 22.89
N PRO M 111 -29.21 -11.80 23.02
CA PRO M 111 -28.09 -11.23 22.29
C PRO M 111 -26.77 -11.90 22.66
N ILE M 112 -25.88 -11.97 21.67
CA ILE M 112 -24.53 -12.44 21.90
C ILE M 112 -23.74 -11.18 22.10
N LYS M 113 -23.48 -10.85 23.36
CA LYS M 113 -22.86 -9.55 23.66
C LYS M 113 -21.33 -9.59 23.70
N THR M 114 -20.75 -9.32 22.54
CA THR M 114 -19.30 -9.30 22.34
C THR M 114 -18.78 -7.89 22.25
N LYS M 115 -17.49 -7.74 22.55
CA LYS M 115 -16.77 -6.47 22.40
C LYS M 115 -16.44 -6.26 20.93
N GLN M 116 -15.98 -7.34 20.28
CA GLN M 116 -15.48 -7.27 18.93
C GLN M 116 -16.41 -7.96 17.96
N PHE M 117 -16.41 -7.42 16.75
CA PHE M 117 -17.02 -8.06 15.60
C PHE M 117 -15.93 -8.25 14.56
N ALA M 118 -16.11 -9.23 13.69
CA ALA M 118 -15.16 -9.50 12.64
C ALA M 118 -15.92 -9.79 11.36
N ALA M 119 -15.39 -9.30 10.25
CA ALA M 119 -15.98 -9.52 8.94
C ALA M 119 -15.73 -10.94 8.50
N ILE M 120 -16.74 -11.57 7.90
CA ILE M 120 -16.61 -12.97 7.46
C ILE M 120 -15.67 -13.15 6.26
N HIS M 121 -15.46 -12.08 5.50
CA HIS M 121 -14.43 -12.10 4.47
C HIS M 121 -13.13 -11.51 5.00
N ALA M 122 -12.04 -12.17 4.67
CA ALA M 122 -10.71 -11.81 5.12
C ALA M 122 -9.73 -12.51 4.20
N GLU M 123 -8.54 -11.95 4.06
CA GLU M 123 -7.53 -12.53 3.19
C GLU M 123 -6.81 -13.66 3.92
N ALA M 124 -6.38 -14.66 3.17
CA ALA M 124 -5.72 -15.82 3.76
C ALA M 124 -4.36 -15.41 4.31
N PRO M 125 -3.94 -16.01 5.44
CA PRO M 125 -2.64 -15.73 6.02
C PRO M 125 -1.55 -15.84 4.95
N GLU M 126 -0.60 -14.92 4.96
CA GLU M 126 0.46 -14.89 3.97
C GLU M 126 1.42 -16.07 4.11
N PHE M 127 2.24 -16.27 3.09
CA PHE M 127 3.25 -17.34 3.06
C PHE M 127 4.15 -17.36 4.29
N VAL M 128 4.62 -16.18 4.71
CA VAL M 128 5.51 -16.06 5.86
C VAL M 128 4.85 -16.43 7.17
N GLU M 129 3.51 -16.44 7.19
CA GLU M 129 2.74 -16.80 8.38
C GLU M 129 2.62 -18.31 8.60
N MET M 130 3.09 -19.11 7.65
CA MET M 130 2.94 -20.56 7.69
C MET M 130 3.79 -21.24 8.77
N SER M 131 3.24 -22.30 9.36
CA SER M 131 3.98 -23.18 10.26
C SER M 131 4.37 -24.49 9.54
N VAL M 132 5.59 -24.94 9.75
CA VAL M 132 6.07 -26.17 9.11
C VAL M 132 6.27 -27.32 10.10
N GLU M 133 5.71 -27.18 11.29
CA GLU M 133 5.84 -28.19 12.33
C GLU M 133 4.89 -29.34 12.08
N GLN M 134 5.39 -30.55 12.25
CA GLN M 134 4.58 -31.74 12.03
C GLN M 134 4.63 -32.71 13.20
N GLU M 135 3.44 -33.08 13.67
CA GLU M 135 3.29 -33.84 14.89
C GLU M 135 2.03 -34.70 14.81
N ILE M 136 2.17 -35.98 15.11
CA ILE M 136 1.05 -36.89 15.01
C ILE M 136 -0.06 -36.52 15.99
N LEU M 137 -1.29 -36.54 15.51
CA LEU M 137 -2.45 -36.48 16.37
C LEU M 137 -3.02 -37.89 16.37
N VAL M 138 -2.83 -38.58 17.49
CA VAL M 138 -3.32 -39.96 17.64
C VAL M 138 -4.80 -39.91 17.95
N THR M 139 -5.58 -40.62 17.17
CA THR M 139 -7.03 -40.57 17.24
C THR M 139 -7.58 -41.76 18.00
N GLY M 140 -6.82 -42.85 18.05
CA GLY M 140 -7.31 -44.10 18.65
C GLY M 140 -8.06 -44.97 17.65
N ILE M 141 -8.20 -44.47 16.43
CA ILE M 141 -8.78 -45.25 15.33
C ILE M 141 -7.64 -45.93 14.56
N LYS M 142 -7.74 -47.25 14.43
CA LYS M 142 -6.67 -48.09 13.84
C LYS M 142 -6.28 -47.77 12.39
N VAL M 143 -7.21 -47.83 11.42
CA VAL M 143 -6.94 -47.44 10.02
C VAL M 143 -6.22 -46.11 9.91
N VAL M 144 -6.73 -45.11 10.62
CA VAL M 144 -6.22 -43.76 10.55
C VAL M 144 -4.83 -43.67 11.15
N ASP M 145 -4.70 -44.01 12.43
CA ASP M 145 -3.42 -43.90 13.12
C ASP M 145 -2.34 -44.75 12.44
N LEU M 146 -2.73 -45.88 11.87
CA LEU M 146 -1.77 -46.73 11.19
C LEU M 146 -1.36 -46.16 9.82
N LEU M 147 -2.32 -46.05 8.91
CA LEU M 147 -2.05 -45.85 7.47
C LEU M 147 -2.04 -44.40 6.97
N ALA M 148 -2.88 -43.55 7.56
CA ALA M 148 -2.95 -42.16 7.16
C ALA M 148 -3.17 -41.26 8.36
N PRO M 149 -2.16 -41.21 9.27
CA PRO M 149 -2.26 -40.53 10.55
C PRO M 149 -2.49 -39.00 10.47
N TYR M 150 -3.28 -38.49 11.42
CA TYR M 150 -3.62 -37.08 11.47
C TYR M 150 -2.49 -36.29 12.11
N ALA M 151 -2.42 -35.00 11.79
CA ALA M 151 -1.37 -34.13 12.31
C ALA M 151 -1.96 -33.02 13.16
N LYS M 152 -1.41 -32.81 14.36
CA LYS M 152 -1.82 -31.69 15.19
C LYS M 152 -1.69 -30.39 14.39
N GLY M 153 -2.79 -29.63 14.28
CA GLY M 153 -2.82 -28.37 13.53
C GLY M 153 -2.91 -28.56 12.01
N GLY M 154 -3.11 -29.81 11.59
CA GLY M 154 -3.20 -30.15 10.18
C GLY M 154 -4.61 -30.13 9.64
N LYS M 155 -4.73 -30.25 8.32
CA LYS M 155 -6.02 -30.27 7.68
C LYS M 155 -6.37 -31.70 7.39
N ILE M 156 -7.52 -32.14 7.89
CA ILE M 156 -8.00 -33.50 7.75
C ILE M 156 -9.31 -33.43 7.01
N GLY M 157 -9.45 -34.23 5.97
CA GLY M 157 -10.71 -34.30 5.22
C GLY M 157 -11.29 -35.69 5.15
N LEU M 158 -12.59 -35.82 5.44
CA LEU M 158 -13.26 -37.12 5.44
C LEU M 158 -14.21 -37.26 4.25
N PHE M 159 -13.79 -38.00 3.23
CA PHE M 159 -14.52 -38.12 1.97
C PHE M 159 -15.49 -39.26 2.03
N GLY M 160 -16.71 -39.05 1.57
CA GLY M 160 -17.63 -40.17 1.45
C GLY M 160 -18.88 -39.80 0.71
N GLY M 161 -19.38 -40.75 -0.08
CA GLY M 161 -20.70 -40.67 -0.71
C GLY M 161 -21.80 -40.73 0.33
N ALA M 162 -23.05 -40.72 -0.13
CA ALA M 162 -24.19 -40.65 0.79
C ALA M 162 -24.30 -41.87 1.72
N GLY M 163 -24.27 -41.61 3.02
CA GLY M 163 -24.63 -42.61 4.02
C GLY M 163 -23.54 -43.59 4.39
N VAL M 164 -22.31 -43.27 4.04
CA VAL M 164 -21.18 -44.20 4.22
C VAL M 164 -20.41 -44.04 5.55
N GLY M 165 -20.60 -42.91 6.23
CA GLY M 165 -20.05 -42.72 7.57
C GLY M 165 -19.29 -41.45 7.94
N LYS M 166 -19.46 -40.38 7.15
CA LYS M 166 -18.72 -39.11 7.36
C LYS M 166 -19.01 -38.51 8.72
N THR M 167 -20.29 -38.40 9.05
CA THR M 167 -20.75 -37.76 10.29
C THR M 167 -20.43 -38.60 11.52
N VAL M 168 -20.67 -39.92 11.45
CA VAL M 168 -20.34 -40.83 12.55
C VAL M 168 -18.85 -40.71 12.87
N LEU M 169 -18.02 -40.65 11.84
CA LEU M 169 -16.58 -40.53 12.02
C LEU M 169 -16.19 -39.18 12.59
N ILE M 170 -16.79 -38.11 12.08
CA ILE M 170 -16.57 -36.78 12.66
C ILE M 170 -16.98 -36.74 14.15
N MET M 171 -18.11 -37.36 14.48
CA MET M 171 -18.59 -37.39 15.86
C MET M 171 -17.69 -38.22 16.77
N GLU M 172 -17.22 -39.35 16.26
CA GLU M 172 -16.24 -40.16 16.99
C GLU M 172 -14.96 -39.37 17.25
N LEU M 173 -14.52 -38.60 16.26
CA LEU M 173 -13.34 -37.75 16.43
C LEU M 173 -13.54 -36.68 17.50
N ILE M 174 -14.74 -36.10 17.57
CA ILE M 174 -15.06 -35.16 18.65
C ILE M 174 -14.98 -35.89 19.99
N ASN M 175 -15.62 -37.05 20.07
CA ASN M 175 -15.48 -37.93 21.22
C ASN M 175 -14.01 -38.16 21.61
N ASN M 176 -13.24 -38.73 20.68
CA ASN M 176 -11.86 -39.16 20.95
C ASN M 176 -10.79 -38.07 21.04
N VAL M 177 -11.03 -36.93 20.40
CA VAL M 177 -10.00 -35.90 20.27
C VAL M 177 -10.38 -34.60 20.99
N ALA M 178 -11.65 -34.21 20.88
CA ALA M 178 -12.11 -32.96 21.49
C ALA M 178 -12.28 -33.06 23.02
N LYS M 179 -12.92 -34.12 23.51
CA LYS M 179 -13.15 -34.30 24.95
C LYS M 179 -11.92 -33.97 25.80
N ALA M 180 -10.77 -34.55 25.45
CA ALA M 180 -9.52 -34.29 26.16
C ALA M 180 -8.67 -33.27 25.39
N HIS M 181 -9.22 -32.08 25.19
CA HIS M 181 -8.52 -30.97 24.53
C HIS M 181 -8.59 -29.71 25.38
N GLY M 182 -7.41 -29.15 25.68
CA GLY M 182 -7.32 -27.99 26.57
C GLY M 182 -7.49 -26.65 25.88
N GLY M 183 -8.26 -26.63 24.80
CA GLY M 183 -8.52 -25.39 24.05
C GLY M 183 -9.97 -25.24 23.65
N TYR M 184 -10.19 -24.43 22.64
CA TYR M 184 -11.54 -24.17 22.16
C TYR M 184 -11.87 -24.97 20.90
N SER M 185 -13.16 -25.16 20.66
CA SER M 185 -13.64 -25.82 19.46
C SER M 185 -14.73 -25.03 18.78
N VAL M 186 -14.84 -25.20 17.45
CA VAL M 186 -15.90 -24.61 16.65
C VAL M 186 -16.51 -25.71 15.81
N PHE M 187 -17.83 -25.84 15.86
CA PHE M 187 -18.51 -26.70 14.92
C PHE M 187 -19.34 -25.89 13.95
N ALA M 188 -19.06 -26.07 12.67
CA ALA M 188 -19.85 -25.41 11.64
C ALA M 188 -20.66 -26.45 10.90
N GLY M 189 -21.98 -26.36 11.01
CA GLY M 189 -22.87 -27.21 10.21
C GLY M 189 -23.12 -26.45 8.93
N VAL M 190 -22.71 -27.02 7.81
CA VAL M 190 -22.87 -26.38 6.51
C VAL M 190 -23.67 -27.34 5.61
N GLY M 191 -24.92 -26.98 5.33
CA GLY M 191 -25.79 -27.70 4.42
C GLY M 191 -26.12 -29.13 4.79
N GLU M 192 -25.93 -29.48 6.06
CA GLU M 192 -26.31 -30.79 6.57
C GLU M 192 -27.67 -30.79 7.28
N ARG M 193 -27.96 -31.82 8.07
CA ARG M 193 -29.30 -31.96 8.68
C ARG M 193 -29.50 -31.04 9.89
N THR M 194 -30.65 -30.39 9.97
CA THR M 194 -30.97 -29.60 11.16
C THR M 194 -31.11 -30.49 12.40
N ARG M 195 -31.68 -31.69 12.26
CA ARG M 195 -31.81 -32.55 13.44
C ARG M 195 -30.46 -33.01 13.96
N GLU M 196 -29.45 -33.03 13.09
CA GLU M 196 -28.09 -33.34 13.53
C GLU M 196 -27.54 -32.23 14.40
N GLY M 197 -27.83 -30.98 14.03
CA GLY M 197 -27.51 -29.84 14.87
C GLY M 197 -28.20 -29.96 16.22
N ASN M 198 -29.48 -30.28 16.19
CA ASN M 198 -30.23 -30.56 17.42
C ASN M 198 -29.59 -31.68 18.24
N ASP M 199 -29.18 -32.75 17.55
CA ASP M 199 -28.52 -33.88 18.19
C ASP M 199 -27.20 -33.45 18.85
N LEU M 200 -26.37 -32.74 18.09
CA LEU M 200 -25.07 -32.28 18.56
C LEU M 200 -25.19 -31.36 19.79
N TYR M 201 -26.13 -30.44 19.72
CA TYR M 201 -26.33 -29.41 20.75
C TYR M 201 -26.68 -30.02 22.11
N HIS M 202 -27.71 -30.86 22.12
CA HIS M 202 -28.18 -31.50 23.34
C HIS M 202 -27.20 -32.53 23.88
N GLU M 203 -26.43 -33.15 22.98
CA GLU M 203 -25.38 -34.07 23.37
C GLU M 203 -24.26 -33.30 24.09
N MET M 204 -23.95 -32.11 23.60
CA MET M 204 -22.92 -31.28 24.20
C MET M 204 -23.37 -30.65 25.50
N ILE M 205 -24.67 -30.44 25.62
CA ILE M 205 -25.27 -29.98 26.86
C ILE M 205 -25.21 -31.09 27.91
N GLU M 206 -25.50 -32.33 27.50
CA GLU M 206 -25.43 -33.49 28.38
C GLU M 206 -24.01 -33.77 28.88
N SER M 207 -23.03 -33.61 28.00
CA SER M 207 -21.63 -33.87 28.35
C SER M 207 -20.99 -32.70 29.12
N GLY M 208 -21.48 -31.49 28.86
CA GLY M 208 -20.95 -30.32 29.57
C GLY M 208 -19.85 -29.58 28.85
N VAL M 209 -19.61 -29.88 27.57
CA VAL M 209 -18.73 -29.03 26.76
C VAL M 209 -19.48 -27.75 26.41
N ILE M 210 -20.80 -27.82 26.45
CA ILE M 210 -21.64 -26.63 26.48
C ILE M 210 -22.38 -26.58 27.82
N ASN M 211 -22.17 -25.47 28.54
CA ASN M 211 -22.83 -25.24 29.81
C ASN M 211 -23.74 -24.02 29.72
N LEU M 212 -25.01 -24.20 30.05
CA LEU M 212 -26.02 -23.14 29.90
C LEU M 212 -26.12 -22.18 31.11
N LYS M 213 -25.34 -22.45 32.16
CA LYS M 213 -25.30 -21.57 33.34
C LYS M 213 -23.94 -20.91 33.48
N ASP M 214 -22.88 -21.70 33.33
CA ASP M 214 -21.51 -21.24 33.49
C ASP M 214 -20.98 -20.49 32.28
N ALA M 215 -19.74 -20.05 32.39
CA ALA M 215 -18.97 -19.56 31.25
C ALA M 215 -17.91 -20.59 30.87
N THR M 216 -18.18 -21.87 31.17
CA THR M 216 -17.22 -22.95 30.92
C THR M 216 -17.39 -23.69 29.59
N SER M 217 -18.21 -23.16 28.68
CA SER M 217 -18.40 -23.78 27.37
C SER M 217 -17.12 -23.78 26.56
N LYS M 218 -16.80 -24.91 25.93
CA LYS M 218 -15.60 -25.03 25.13
C LYS M 218 -15.85 -24.91 23.62
N VAL M 219 -17.10 -25.09 23.19
CA VAL M 219 -17.45 -25.14 21.76
C VAL M 219 -18.34 -23.97 21.34
N ALA M 220 -18.03 -23.38 20.19
CA ALA M 220 -18.90 -22.39 19.56
C ALA M 220 -19.62 -23.06 18.38
N LEU M 221 -20.89 -22.75 18.19
CA LEU M 221 -21.66 -23.43 17.17
C LEU M 221 -22.19 -22.47 16.12
N VAL M 222 -22.01 -22.85 14.84
CA VAL M 222 -22.42 -22.03 13.70
C VAL M 222 -23.15 -22.93 12.71
N TYR M 223 -24.35 -22.54 12.30
CA TYR M 223 -25.19 -23.42 11.47
C TYR M 223 -25.88 -22.73 10.31
N GLY M 224 -25.81 -23.36 9.14
CA GLY M 224 -26.55 -22.94 7.95
C GLY M 224 -26.86 -24.17 7.13
N GLN M 225 -27.94 -24.87 7.51
CA GLN M 225 -28.18 -26.25 7.07
C GLN M 225 -28.96 -26.37 5.76
N MET M 226 -29.41 -27.57 5.42
CA MET M 226 -30.05 -27.80 4.09
C MET M 226 -31.50 -27.32 4.03
N ASN M 227 -31.92 -26.60 5.07
CA ASN M 227 -33.14 -25.77 5.04
C ASN M 227 -32.91 -24.32 4.57
N GLU M 228 -31.65 -23.96 4.33
CA GLU M 228 -31.28 -22.59 3.97
C GLU M 228 -31.12 -22.39 2.45
N PRO M 229 -31.40 -21.16 1.96
CA PRO M 229 -31.18 -20.88 0.56
C PRO M 229 -29.68 -20.80 0.28
N PRO M 230 -29.29 -20.93 -1.00
CA PRO M 230 -27.89 -21.16 -1.36
C PRO M 230 -26.94 -20.07 -0.86
N GLY M 231 -27.38 -18.81 -0.87
CA GLY M 231 -26.51 -17.72 -0.41
C GLY M 231 -26.05 -17.93 1.01
N ALA M 232 -26.95 -18.44 1.86
CA ALA M 232 -26.64 -18.68 3.26
C ALA M 232 -25.70 -19.86 3.37
N ARG M 233 -26.01 -20.93 2.64
CA ARG M 233 -25.16 -22.11 2.63
C ARG M 233 -23.78 -21.83 2.06
N ALA M 234 -23.68 -20.89 1.12
CA ALA M 234 -22.41 -20.54 0.50
C ALA M 234 -21.53 -19.67 1.41
N ARG M 235 -22.12 -19.12 2.49
CA ARG M 235 -21.37 -18.24 3.40
C ARG M 235 -21.17 -18.74 4.85
N VAL M 236 -22.03 -19.63 5.36
CA VAL M 236 -21.85 -20.14 6.74
C VAL M 236 -20.46 -20.61 7.06
N ALA M 237 -19.85 -21.34 6.11
CA ALA M 237 -18.49 -21.86 6.29
C ALA M 237 -17.52 -20.72 6.64
N LEU M 238 -17.61 -19.61 5.92
CA LEU M 238 -16.81 -18.41 6.23
C LEU M 238 -17.09 -17.87 7.65
N THR M 239 -18.37 -17.89 8.04
CA THR M 239 -18.81 -17.43 9.34
C THR M 239 -18.18 -18.29 10.44
N GLY M 240 -18.29 -19.62 10.27
CA GLY M 240 -17.79 -20.57 11.27
C GLY M 240 -16.28 -20.45 11.37
N LEU M 241 -15.66 -20.25 10.23
CA LEU M 241 -14.22 -20.16 10.11
C LEU M 241 -13.72 -18.86 10.74
N THR M 242 -14.51 -17.79 10.63
CA THR M 242 -14.19 -16.52 11.26
C THR M 242 -14.20 -16.64 12.79
N VAL M 243 -15.19 -17.37 13.32
CA VAL M 243 -15.20 -17.67 14.76
C VAL M 243 -13.89 -18.34 15.15
N ALA M 244 -13.43 -19.28 14.31
CA ALA M 244 -12.20 -20.05 14.57
C ALA M 244 -10.96 -19.17 14.49
N GLU M 245 -10.95 -18.24 13.54
CA GLU M 245 -9.80 -17.35 13.30
C GLU M 245 -9.53 -16.47 14.51
N TYR M 246 -10.58 -15.96 15.15
CA TYR M 246 -10.41 -15.19 16.37
C TYR M 246 -9.66 -15.99 17.41
N PHE M 247 -10.15 -17.18 17.71
CA PHE M 247 -9.53 -18.00 18.74
C PHE M 247 -8.08 -18.31 18.43
N ARG M 248 -7.79 -18.58 17.16
CA ARG M 248 -6.41 -18.81 16.73
C ARG M 248 -5.54 -17.60 17.06
N ASP M 249 -5.98 -16.43 16.63
CA ASP M 249 -5.13 -15.25 16.62
C ASP M 249 -5.16 -14.47 17.93
N GLN M 250 -6.36 -14.09 18.35
CA GLN M 250 -6.56 -13.20 19.49
C GLN M 250 -6.58 -13.97 20.81
N GLU M 251 -5.97 -15.15 20.80
CA GLU M 251 -5.84 -15.99 21.99
C GLU M 251 -4.55 -16.82 21.86
N GLY M 252 -3.96 -16.80 20.65
CA GLY M 252 -2.77 -17.58 20.30
C GLY M 252 -2.89 -19.07 20.63
N GLN M 253 -4.04 -19.67 20.32
CA GLN M 253 -4.42 -20.92 20.96
C GLN M 253 -4.59 -22.14 20.05
N ASP M 254 -4.71 -23.31 20.66
CA ASP M 254 -5.03 -24.56 19.95
C ASP M 254 -6.53 -24.62 19.75
N VAL M 255 -6.95 -24.54 18.48
CA VAL M 255 -8.35 -24.54 18.12
C VAL M 255 -8.66 -25.82 17.36
N LEU M 256 -9.83 -26.40 17.63
CA LEU M 256 -10.39 -27.45 16.79
C LEU M 256 -11.54 -26.88 15.96
N LEU M 257 -11.55 -27.23 14.68
CA LEU M 257 -12.60 -26.78 13.80
C LEU M 257 -13.13 -27.95 13.02
N PHE M 258 -14.38 -28.29 13.31
CA PHE M 258 -15.10 -29.33 12.59
C PHE M 258 -16.07 -28.66 11.64
N ILE M 259 -16.15 -29.18 10.41
CA ILE M 259 -17.11 -28.70 9.41
C ILE M 259 -17.83 -29.90 8.76
N ASP M 260 -19.14 -29.96 8.94
CA ASP M 260 -19.99 -30.94 8.26
C ASP M 260 -21.09 -30.12 7.57
N ASN M 261 -21.09 -29.98 6.24
CA ASN M 261 -20.20 -30.67 5.30
C ASN M 261 -19.68 -29.63 4.32
N ILE M 262 -18.37 -29.59 4.11
CA ILE M 262 -17.79 -28.52 3.28
C ILE M 262 -18.16 -28.60 1.78
N PHE M 263 -18.56 -29.76 1.29
CA PHE M 263 -19.07 -29.85 -0.08
C PHE M 263 -20.27 -28.94 -0.30
N ARG M 264 -21.15 -28.84 0.71
CA ARG M 264 -22.35 -28.04 0.63
C ARG M 264 -22.12 -26.57 0.24
N PHE M 265 -20.98 -26.02 0.67
CA PHE M 265 -20.48 -24.71 0.24
C PHE M 265 -20.29 -24.59 -1.29
N THR M 266 -19.65 -25.59 -1.89
CA THR M 266 -19.39 -25.61 -3.31
C THR M 266 -20.69 -25.87 -4.09
N GLN M 267 -21.53 -26.75 -3.55
CA GLN M 267 -22.86 -26.99 -4.13
C GLN M 267 -23.70 -25.72 -4.12
N ALA M 268 -23.69 -25.00 -2.99
CA ALA M 268 -24.40 -23.74 -2.86
C ALA M 268 -23.93 -22.73 -3.89
N GLY M 269 -22.61 -22.54 -3.99
CA GLY M 269 -22.03 -21.65 -4.98
C GLY M 269 -22.53 -22.00 -6.38
N SER M 270 -22.72 -23.29 -6.62
CA SER M 270 -23.24 -23.79 -7.88
C SER M 270 -24.68 -23.35 -8.16
N GLU M 271 -25.50 -23.28 -7.12
CA GLU M 271 -26.91 -22.93 -7.28
C GLU M 271 -27.12 -21.49 -7.75
N VAL M 272 -26.22 -20.59 -7.34
CA VAL M 272 -26.34 -19.18 -7.65
C VAL M 272 -25.54 -18.72 -8.88
N SER M 273 -24.64 -19.58 -9.36
CA SER M 273 -23.69 -19.24 -10.42
C SER M 273 -24.35 -18.88 -11.74
N ALA M 274 -25.35 -19.64 -12.15
CA ALA M 274 -26.06 -19.29 -13.39
C ALA M 274 -26.84 -17.99 -13.23
N LEU M 275 -27.42 -17.80 -12.04
CA LEU M 275 -28.16 -16.58 -11.72
C LEU M 275 -27.20 -15.38 -11.70
N LEU M 276 -25.93 -15.63 -11.39
CA LEU M 276 -24.90 -14.59 -11.47
C LEU M 276 -24.41 -14.31 -12.89
N GLY M 277 -24.93 -15.06 -13.87
CA GLY M 277 -24.61 -14.83 -15.27
C GLY M 277 -23.27 -15.38 -15.72
N ARG M 278 -22.78 -16.44 -15.06
CA ARG M 278 -21.54 -17.08 -15.51
C ARG M 278 -21.84 -18.16 -16.53
N ILE M 279 -20.97 -18.29 -17.53
CA ILE M 279 -20.97 -19.47 -18.37
C ILE M 279 -20.53 -20.61 -17.47
N PRO M 280 -21.25 -21.74 -17.48
CA PRO M 280 -20.87 -22.85 -16.61
C PRO M 280 -19.59 -23.59 -17.06
N SER M 281 -19.00 -24.29 -16.11
CA SER M 281 -17.80 -25.07 -16.32
C SER M 281 -18.16 -26.57 -16.35
N ALA M 282 -17.21 -27.44 -16.07
CA ALA M 282 -17.45 -28.88 -16.17
C ALA M 282 -18.53 -29.38 -15.19
N VAL M 283 -19.39 -30.28 -15.69
CA VAL M 283 -20.54 -30.83 -14.95
C VAL M 283 -21.54 -29.75 -14.45
N GLY M 284 -21.54 -28.58 -15.09
CA GLY M 284 -22.46 -27.49 -14.73
C GLY M 284 -22.08 -26.66 -13.50
N TYR M 285 -20.91 -26.94 -12.95
CA TYR M 285 -20.37 -26.17 -11.83
C TYR M 285 -19.96 -24.76 -12.25
N GLN M 286 -19.89 -23.85 -11.28
CA GLN M 286 -19.30 -22.51 -11.44
C GLN M 286 -17.89 -22.55 -12.00
N PRO M 287 -17.52 -21.55 -12.83
CA PRO M 287 -16.16 -21.62 -13.37
C PRO M 287 -15.12 -21.24 -12.34
N THR M 288 -15.58 -20.74 -11.20
CA THR M 288 -14.71 -20.20 -10.14
C THR M 288 -14.53 -21.16 -8.98
N LEU M 289 -14.97 -22.41 -9.18
CA LEU M 289 -15.00 -23.42 -8.13
C LEU M 289 -13.69 -23.52 -7.36
N ALA M 290 -12.58 -23.53 -8.08
CA ALA M 290 -11.27 -23.74 -7.50
C ALA M 290 -10.78 -22.54 -6.73
N THR M 291 -10.98 -21.34 -7.26
CA THR M 291 -10.56 -20.12 -6.54
C THR M 291 -11.47 -19.79 -5.36
N ASP M 292 -12.77 -20.06 -5.50
CA ASP M 292 -13.74 -19.87 -4.39
C ASP M 292 -13.30 -20.76 -3.23
N MET M 293 -13.08 -22.03 -3.53
CA MET M 293 -12.60 -22.97 -2.55
C MET M 293 -11.26 -22.54 -1.95
N GLY M 294 -10.36 -22.07 -2.81
CA GLY M 294 -9.03 -21.60 -2.42
C GLY M 294 -9.03 -20.49 -1.39
N THR M 295 -9.72 -19.39 -1.69
CA THR M 295 -9.75 -18.25 -0.75
C THR M 295 -10.45 -18.62 0.54
N MET M 296 -11.40 -19.56 0.47
CA MET M 296 -12.02 -20.11 1.67
C MET M 296 -11.09 -21.11 2.41
N GLN M 297 -10.56 -22.11 1.72
CA GLN M 297 -9.76 -23.16 2.39
C GLN M 297 -8.46 -22.62 2.97
N GLU M 298 -7.85 -21.66 2.29
CA GLU M 298 -6.57 -21.13 2.74
C GLU M 298 -6.66 -20.36 4.06
N ARG M 299 -7.86 -19.98 4.46
CA ARG M 299 -8.08 -19.37 5.77
C ARG M 299 -8.18 -20.42 6.87
N ILE M 300 -8.48 -21.67 6.48
CA ILE M 300 -8.58 -22.79 7.41
C ILE M 300 -7.19 -23.39 7.60
N THR M 301 -6.40 -22.75 8.44
CA THR M 301 -4.99 -23.11 8.58
C THR M 301 -4.38 -22.69 9.91
N THR M 302 -3.42 -23.50 10.35
CA THR M 302 -2.53 -23.16 11.44
C THR M 302 -1.56 -22.08 10.92
N THR M 303 -1.24 -21.11 11.79
CA THR M 303 -0.20 -20.12 11.49
C THR M 303 0.83 -20.10 12.61
N LYS M 304 1.90 -19.33 12.43
CA LYS M 304 2.90 -19.13 13.47
C LYS M 304 2.24 -18.61 14.76
N LYS M 305 1.21 -17.77 14.60
CA LYS M 305 0.41 -17.21 15.69
C LYS M 305 -0.42 -18.24 16.48
N GLY M 306 -0.91 -19.29 15.81
CA GLY M 306 -1.76 -20.28 16.46
C GLY M 306 -2.11 -21.47 15.60
N SER M 307 -2.48 -22.56 16.25
CA SER M 307 -2.79 -23.82 15.58
C SER M 307 -4.30 -24.08 15.42
N ILE M 308 -4.71 -24.39 14.19
CA ILE M 308 -6.06 -24.91 13.94
C ILE M 308 -5.93 -26.34 13.44
N THR M 309 -6.44 -27.28 14.21
CA THR M 309 -6.61 -28.66 13.77
C THR M 309 -8.01 -28.73 13.17
N SER M 310 -8.10 -28.93 11.86
CA SER M 310 -9.39 -28.92 11.17
C SER M 310 -9.80 -30.27 10.59
N VAL M 311 -11.07 -30.60 10.77
CA VAL M 311 -11.67 -31.84 10.28
C VAL M 311 -12.93 -31.48 9.49
N GLN M 312 -12.90 -31.79 8.20
CA GLN M 312 -13.93 -31.39 7.27
C GLN M 312 -14.56 -32.59 6.62
N ALA M 313 -15.83 -32.84 6.90
CA ALA M 313 -16.56 -33.89 6.19
C ALA M 313 -16.83 -33.38 4.77
N ILE M 314 -16.53 -34.21 3.78
CA ILE M 314 -16.61 -33.82 2.37
C ILE M 314 -17.51 -34.82 1.62
N TYR M 315 -18.70 -34.38 1.24
CA TYR M 315 -19.66 -35.22 0.47
C TYR M 315 -19.21 -35.44 -0.96
N VAL M 316 -19.40 -36.66 -1.44
CA VAL M 316 -18.98 -37.06 -2.78
C VAL M 316 -20.23 -37.36 -3.60
N PRO M 317 -20.57 -36.49 -4.56
CA PRO M 317 -21.77 -36.64 -5.37
C PRO M 317 -21.68 -37.90 -6.21
N ALA M 318 -22.77 -38.66 -6.23
CA ALA M 318 -22.88 -39.90 -7.00
C ALA M 318 -21.71 -40.85 -6.83
N ASP M 319 -21.09 -40.87 -5.65
CA ASP M 319 -19.92 -41.70 -5.34
C ASP M 319 -18.72 -41.42 -6.25
N ASP M 320 -18.80 -40.34 -7.01
CA ASP M 320 -17.79 -40.01 -8.00
C ASP M 320 -16.70 -39.10 -7.39
N LEU M 321 -15.52 -39.67 -7.13
CA LEU M 321 -14.40 -38.89 -6.56
C LEU M 321 -13.71 -37.97 -7.58
N THR M 322 -13.99 -38.20 -8.86
CA THR M 322 -13.44 -37.36 -9.92
C THR M 322 -14.32 -36.13 -10.11
N ASP M 323 -15.50 -36.13 -9.48
CA ASP M 323 -16.36 -34.95 -9.53
C ASP M 323 -15.56 -33.73 -9.12
N PRO M 324 -15.68 -32.63 -9.89
CA PRO M 324 -14.86 -31.43 -9.66
C PRO M 324 -14.80 -30.95 -8.20
N ALA M 325 -15.87 -31.15 -7.42
CA ALA M 325 -15.88 -30.63 -6.04
C ALA M 325 -14.97 -31.42 -5.10
N PRO M 326 -15.18 -32.75 -4.97
CA PRO M 326 -14.21 -33.48 -4.16
C PRO M 326 -12.82 -33.46 -4.81
N ALA M 327 -12.77 -33.64 -6.13
CA ALA M 327 -11.51 -33.67 -6.87
C ALA M 327 -10.61 -32.46 -6.58
N THR M 328 -11.21 -31.29 -6.44
CA THR M 328 -10.45 -30.07 -6.18
C THR M 328 -10.12 -29.90 -4.69
N THR M 329 -10.78 -30.67 -3.82
CA THR M 329 -10.60 -30.56 -2.36
C THR M 329 -9.33 -31.27 -1.84
N PHE M 330 -8.93 -32.36 -2.50
CA PHE M 330 -7.76 -33.15 -2.10
C PHE M 330 -6.52 -32.29 -1.83
N ALA M 331 -6.23 -31.36 -2.72
CA ALA M 331 -5.00 -30.56 -2.62
C ALA M 331 -4.98 -29.61 -1.41
N HIS M 332 -6.09 -29.56 -0.68
CA HIS M 332 -6.23 -28.69 0.48
C HIS M 332 -6.03 -29.43 1.80
N LEU M 333 -5.64 -30.70 1.73
CA LEU M 333 -5.58 -31.53 2.92
C LEU M 333 -4.18 -32.04 3.27
N ASP M 334 -3.94 -32.20 4.57
CA ASP M 334 -2.73 -32.85 5.08
C ASP M 334 -2.96 -34.34 5.34
N ALA M 335 -4.22 -34.71 5.52
CA ALA M 335 -4.59 -36.10 5.76
C ALA M 335 -5.96 -36.34 5.16
N THR M 336 -6.09 -37.36 4.33
CA THR M 336 -7.40 -37.69 3.76
C THR M 336 -7.89 -39.03 4.31
N THR M 337 -9.19 -39.10 4.58
CA THR M 337 -9.82 -40.35 4.96
C THR M 337 -10.95 -40.60 3.97
N VAL M 338 -10.68 -41.44 2.97
CA VAL M 338 -11.65 -41.73 1.93
C VAL M 338 -12.47 -42.95 2.32
N LEU M 339 -13.75 -42.72 2.60
CA LEU M 339 -14.70 -43.78 2.92
C LEU M 339 -15.27 -44.34 1.65
N SER M 340 -15.63 -45.62 1.69
CA SER M 340 -16.06 -46.34 0.51
C SER M 340 -17.40 -47.02 0.73
N ARG M 341 -18.30 -46.90 -0.24
CA ARG M 341 -19.56 -47.61 -0.15
C ARG M 341 -19.32 -49.12 -0.22
N ALA M 342 -18.49 -49.54 -1.16
CA ALA M 342 -18.16 -50.97 -1.31
C ALA M 342 -17.64 -51.57 0.00
N ILE M 343 -16.78 -50.83 0.70
CA ILE M 343 -16.23 -51.33 1.95
C ILE M 343 -17.32 -51.38 3.03
N ALA M 344 -18.18 -50.37 3.07
CA ALA M 344 -19.28 -50.30 4.03
C ALA M 344 -20.28 -51.45 3.84
N GLU M 345 -20.62 -51.73 2.58
CA GLU M 345 -21.53 -52.80 2.24
C GLU M 345 -21.01 -54.17 2.67
N LEU M 346 -19.69 -54.34 2.66
CA LEU M 346 -19.03 -55.53 3.20
C LEU M 346 -19.07 -55.56 4.74
N GLY M 347 -19.74 -54.58 5.34
CA GLY M 347 -19.84 -54.51 6.79
C GLY M 347 -18.63 -53.91 7.48
N ILE M 348 -17.61 -53.50 6.71
CA ILE M 348 -16.39 -52.94 7.32
C ILE M 348 -16.57 -51.49 7.75
N TYR M 349 -16.55 -51.26 9.06
CA TYR M 349 -16.67 -49.92 9.62
C TYR M 349 -15.55 -49.64 10.59
N PRO M 350 -14.92 -48.45 10.51
CA PRO M 350 -15.23 -47.38 9.58
C PRO M 350 -14.80 -47.76 8.16
N ALA M 351 -15.61 -47.40 7.18
CA ALA M 351 -15.45 -47.88 5.81
C ALA M 351 -14.31 -47.16 5.09
N VAL M 352 -13.12 -47.14 5.70
CA VAL M 352 -11.97 -46.44 5.15
C VAL M 352 -11.37 -47.25 4.03
N ASP M 353 -11.09 -46.59 2.90
CA ASP M 353 -10.34 -47.24 1.85
C ASP M 353 -8.86 -47.15 2.20
N PRO M 354 -8.24 -48.29 2.57
CA PRO M 354 -6.88 -48.29 3.09
C PRO M 354 -5.85 -47.91 2.04
N LEU M 355 -6.24 -47.98 0.78
CA LEU M 355 -5.33 -47.69 -0.32
C LEU M 355 -5.62 -46.35 -1.01
N ASP M 356 -6.57 -45.59 -0.47
CA ASP M 356 -6.94 -44.33 -1.10
C ASP M 356 -6.89 -43.19 -0.09
N SER M 357 -6.63 -43.53 1.17
CA SER M 357 -6.48 -42.54 2.23
C SER M 357 -4.99 -42.39 2.48
N THR M 358 -4.53 -41.15 2.54
CA THR M 358 -3.11 -40.81 2.65
C THR M 358 -2.90 -39.73 3.70
N SER M 359 -1.65 -39.48 4.06
CA SER M 359 -1.27 -38.50 5.07
C SER M 359 0.12 -37.99 4.81
N ARG M 360 0.29 -36.67 4.86
CA ARG M 360 1.58 -36.06 4.54
C ARG M 360 2.66 -36.33 5.59
N ILE M 361 2.25 -36.88 6.75
CA ILE M 361 3.23 -37.26 7.78
C ILE M 361 3.57 -38.76 7.81
N MET M 362 2.96 -39.55 6.92
CA MET M 362 3.40 -40.93 6.70
C MET M 362 4.80 -40.94 6.07
N ASP M 363 5.80 -40.93 6.94
CA ASP M 363 7.20 -40.70 6.63
C ASP M 363 7.98 -41.33 7.76
N PRO M 364 8.98 -42.17 7.44
CA PRO M 364 9.69 -42.84 8.54
C PRO M 364 10.40 -41.87 9.48
N ASN M 365 10.71 -40.65 9.02
CA ASN M 365 11.39 -39.66 9.84
C ASN M 365 10.49 -38.94 10.83
N ILE M 366 9.18 -39.08 10.62
CA ILE M 366 8.18 -38.45 11.48
C ILE M 366 7.55 -39.48 12.42
N VAL M 367 7.07 -40.59 11.85
CA VAL M 367 6.38 -41.61 12.65
C VAL M 367 7.32 -42.74 13.11
N GLY M 368 8.58 -42.68 12.69
CA GLY M 368 9.54 -43.74 12.99
C GLY M 368 9.42 -44.87 11.99
N SER M 369 10.49 -45.63 11.80
CA SER M 369 10.52 -46.61 10.72
C SER M 369 9.62 -47.84 10.96
N GLU M 370 9.37 -48.16 12.22
CA GLU M 370 8.54 -49.30 12.57
C GLU M 370 7.07 -49.07 12.16
N HIS M 371 6.51 -47.94 12.60
CA HIS M 371 5.17 -47.51 12.20
C HIS M 371 5.12 -47.50 10.68
N TYR M 372 6.11 -46.87 10.04
CA TYR M 372 6.17 -46.74 8.60
C TYR M 372 6.17 -48.08 7.85
N ASP M 373 6.99 -49.02 8.33
CA ASP M 373 7.14 -50.33 7.67
C ASP M 373 5.90 -51.20 7.75
N VAL M 374 5.30 -51.24 8.93
CA VAL M 374 4.05 -52.00 9.11
C VAL M 374 2.97 -51.44 8.19
N ALA M 375 2.84 -50.11 8.16
CA ALA M 375 1.90 -49.43 7.29
C ALA M 375 2.11 -49.78 5.81
N ARG M 376 3.35 -49.65 5.33
CA ARG M 376 3.68 -50.04 3.96
C ARG M 376 3.43 -51.52 3.71
N GLY M 377 3.81 -52.36 4.68
CA GLY M 377 3.55 -53.80 4.64
C GLY M 377 2.07 -54.15 4.55
N VAL M 378 1.26 -53.52 5.40
CA VAL M 378 -0.20 -53.70 5.38
C VAL M 378 -0.79 -53.31 4.03
N GLN M 379 -0.31 -52.21 3.46
CA GLN M 379 -0.85 -51.71 2.20
C GLN M 379 -0.42 -52.56 1.01
N LYS M 380 0.80 -53.11 1.08
CA LYS M 380 1.31 -53.96 0.01
C LYS M 380 0.50 -55.24 -0.09
N ILE M 381 0.25 -55.85 1.06
CA ILE M 381 -0.51 -57.08 1.11
C ILE M 381 -1.97 -56.84 0.66
N LEU M 382 -2.52 -55.67 0.99
CA LEU M 382 -3.86 -55.31 0.58
C LEU M 382 -3.93 -55.09 -0.93
N GLN M 383 -2.93 -54.43 -1.48
CA GLN M 383 -2.85 -54.19 -2.92
C GLN M 383 -2.66 -55.50 -3.69
N ASP M 384 -1.85 -56.40 -3.14
CA ASP M 384 -1.62 -57.71 -3.77
C ASP M 384 -2.89 -58.52 -3.80
N TYR M 385 -3.65 -58.47 -2.70
CA TYR M 385 -4.95 -59.11 -2.62
C TYR M 385 -5.87 -58.58 -3.72
N LYS M 386 -5.92 -57.25 -3.83
CA LYS M 386 -6.73 -56.52 -4.82
C LYS M 386 -6.44 -56.99 -6.26
N SER M 387 -5.16 -57.20 -6.54
CA SER M 387 -4.70 -57.67 -7.84
C SER M 387 -5.15 -59.10 -8.15
N LEU M 388 -5.47 -59.86 -7.11
CA LEU M 388 -5.86 -61.26 -7.27
C LEU M 388 -7.37 -61.46 -7.36
N GLN M 389 -8.13 -60.38 -7.19
CA GLN M 389 -9.58 -60.44 -7.05
C GLN M 389 -10.37 -60.75 -8.33
N ASP M 390 -9.84 -60.39 -9.50
CA ASP M 390 -10.51 -60.75 -10.77
C ASP M 390 -10.45 -62.27 -10.99
N ILE M 391 -9.28 -62.85 -10.75
CA ILE M 391 -9.10 -64.30 -10.79
C ILE M 391 -10.04 -65.01 -9.80
N ILE M 392 -10.08 -64.50 -8.57
CA ILE M 392 -10.94 -65.06 -7.51
C ILE M 392 -12.43 -65.00 -7.86
N ALA M 393 -12.85 -63.90 -8.48
CA ALA M 393 -14.26 -63.69 -8.80
C ALA M 393 -14.82 -64.70 -9.80
N ILE M 394 -14.02 -65.06 -10.80
CA ILE M 394 -14.44 -66.06 -11.77
C ILE M 394 -14.19 -67.50 -11.28
N LEU M 395 -12.92 -67.81 -11.04
CA LEU M 395 -12.47 -69.18 -10.73
C LEU M 395 -12.52 -69.54 -9.24
N GLY M 396 -12.37 -68.55 -8.37
CA GLY M 396 -12.43 -68.78 -6.92
C GLY M 396 -11.09 -69.10 -6.27
N MET M 397 -11.12 -69.27 -4.95
CA MET M 397 -9.93 -69.54 -4.13
C MET M 397 -9.05 -70.68 -4.60
N ASP M 398 -9.69 -71.74 -5.08
CA ASP M 398 -9.02 -73.01 -5.37
C ASP M 398 -8.00 -72.98 -6.51
N GLU M 399 -8.01 -71.94 -7.33
CA GLU M 399 -7.09 -71.88 -8.47
C GLU M 399 -5.84 -71.05 -8.17
N LEU M 400 -5.68 -70.68 -6.90
CA LEU M 400 -4.53 -69.90 -6.48
C LEU M 400 -3.43 -70.80 -5.97
N SER M 401 -2.18 -70.41 -6.23
CA SER M 401 -1.02 -71.04 -5.63
C SER M 401 -1.08 -70.91 -4.11
N GLU M 402 -0.22 -71.65 -3.42
CA GLU M 402 -0.18 -71.62 -1.96
C GLU M 402 0.22 -70.24 -1.44
N GLU M 403 1.13 -69.56 -2.16
CA GLU M 403 1.57 -68.21 -1.82
C GLU M 403 0.41 -67.24 -1.86
N ASP M 404 -0.36 -67.30 -2.94
CA ASP M 404 -1.50 -66.44 -3.16
C ASP M 404 -2.59 -66.65 -2.11
N LYS M 405 -2.86 -67.92 -1.78
CA LYS M 405 -3.82 -68.26 -0.72
C LYS M 405 -3.46 -67.66 0.65
N LEU M 406 -2.15 -67.54 0.91
CA LEU M 406 -1.64 -66.96 2.14
C LEU M 406 -1.83 -65.44 2.16
N THR M 407 -1.57 -64.79 1.04
CA THR M 407 -1.77 -63.36 0.93
C THR M 407 -3.25 -63.03 1.08
N VAL M 408 -4.10 -63.81 0.44
CA VAL M 408 -5.56 -63.68 0.57
C VAL M 408 -6.01 -63.80 2.02
N SER M 409 -5.60 -64.87 2.69
CA SER M 409 -6.03 -65.12 4.06
C SER M 409 -5.51 -64.06 5.03
N ARG M 410 -4.24 -63.69 4.91
CA ARG M 410 -3.66 -62.60 5.73
C ARG M 410 -4.27 -61.24 5.42
N ALA M 411 -4.44 -60.95 4.13
CA ALA M 411 -5.07 -59.69 3.71
C ALA M 411 -6.48 -59.57 4.26
N ARG M 412 -7.25 -60.66 4.21
CA ARG M 412 -8.63 -60.64 4.71
C ARG M 412 -8.72 -60.45 6.22
N LYS M 413 -7.75 -60.99 6.95
CA LYS M 413 -7.68 -60.80 8.41
C LYS M 413 -7.27 -59.35 8.73
N ILE M 414 -6.43 -58.79 7.88
CA ILE M 414 -5.98 -57.40 8.00
C ILE M 414 -7.14 -56.44 7.73
N GLN M 415 -7.92 -56.73 6.69
CA GLN M 415 -9.11 -55.93 6.36
C GLN M 415 -10.07 -55.83 7.53
N ARG M 416 -10.27 -56.97 8.21
CA ARG M 416 -11.17 -57.05 9.35
C ARG M 416 -10.59 -56.36 10.57
N PHE M 417 -9.27 -56.45 10.74
CA PHE M 417 -8.62 -55.83 11.88
C PHE M 417 -8.53 -54.30 11.73
N LEU M 418 -8.85 -53.80 10.53
CA LEU M 418 -8.93 -52.35 10.29
C LEU M 418 -10.29 -51.79 10.71
N SER M 419 -11.31 -52.65 10.74
CA SER M 419 -12.61 -52.29 11.29
C SER M 419 -12.50 -52.10 12.80
N GLN M 420 -13.41 -51.30 13.35
CA GLN M 420 -13.38 -50.90 14.74
C GLN M 420 -14.80 -50.54 15.18
N PRO M 421 -15.20 -50.97 16.40
CA PRO M 421 -16.45 -50.50 17.02
C PRO M 421 -16.27 -49.11 17.59
N PHE M 422 -17.12 -48.19 17.15
CA PHE M 422 -17.08 -46.80 17.59
C PHE M 422 -18.07 -46.60 18.70
N GLN M 423 -17.69 -45.82 19.71
CA GLN M 423 -18.59 -45.50 20.83
C GLN M 423 -19.89 -44.88 20.31
N VAL M 424 -19.73 -43.96 19.37
CA VAL M 424 -20.81 -43.25 18.72
C VAL M 424 -21.76 -44.14 17.88
N ALA M 425 -21.30 -45.32 17.48
CA ALA M 425 -22.11 -46.21 16.65
C ALA M 425 -22.47 -47.54 17.33
N GLU M 426 -22.51 -47.51 18.65
CA GLU M 426 -22.80 -48.71 19.45
C GLU M 426 -24.14 -49.35 19.07
N VAL M 427 -25.13 -48.51 18.78
CA VAL M 427 -26.46 -48.98 18.41
C VAL M 427 -26.44 -49.80 17.12
N PHE M 428 -25.46 -49.54 16.25
CA PHE M 428 -25.39 -50.17 14.94
C PHE M 428 -24.49 -51.38 14.90
N THR M 429 -23.42 -51.32 15.70
CA THR M 429 -22.42 -52.38 15.75
C THR M 429 -22.89 -53.50 16.66
N GLY M 430 -23.58 -53.13 17.75
CA GLY M 430 -23.95 -54.07 18.80
C GLY M 430 -22.74 -54.46 19.63
N HIS M 431 -21.66 -53.70 19.46
CA HIS M 431 -20.43 -53.86 20.22
C HIS M 431 -20.11 -52.58 20.97
N LEU M 432 -19.35 -52.72 22.05
CA LEU M 432 -18.94 -51.58 22.86
C LEU M 432 -17.84 -50.84 22.11
N GLY M 433 -17.92 -49.52 22.08
CA GLY M 433 -16.93 -48.70 21.38
C GLY M 433 -15.53 -48.89 21.95
N LYS M 434 -14.53 -48.84 21.09
CA LYS M 434 -13.14 -49.07 21.49
C LYS M 434 -12.19 -48.01 20.96
N LEU M 435 -11.14 -47.76 21.73
CA LEU M 435 -10.07 -46.85 21.36
C LEU M 435 -8.74 -47.57 21.53
N VAL M 436 -8.00 -47.71 20.44
CA VAL M 436 -6.73 -48.45 20.45
C VAL M 436 -5.53 -47.51 20.43
N PRO M 437 -4.67 -47.61 21.46
CA PRO M 437 -3.43 -46.81 21.48
C PRO M 437 -2.54 -47.16 20.29
N LEU M 438 -1.85 -46.16 19.75
CA LEU M 438 -1.01 -46.33 18.56
C LEU M 438 -0.05 -47.52 18.63
N LYS M 439 0.67 -47.65 19.74
CA LYS M 439 1.65 -48.73 19.90
C LYS M 439 1.00 -50.10 19.67
N GLU M 440 -0.24 -50.25 20.12
CA GLU M 440 -0.95 -51.52 20.05
C GLU M 440 -1.56 -51.76 18.68
N THR M 441 -1.81 -50.68 17.96
CA THR M 441 -2.23 -50.76 16.56
C THR M 441 -1.09 -51.31 15.69
N ILE M 442 0.10 -50.74 15.87
CA ILE M 442 1.28 -51.16 15.14
C ILE M 442 1.60 -52.64 15.39
N LYS M 443 1.60 -53.03 16.67
CA LYS M 443 1.85 -54.40 17.09
C LYS M 443 0.86 -55.39 16.45
N GLY M 444 -0.42 -55.16 16.65
CA GLY M 444 -1.48 -56.05 16.14
C GLY M 444 -1.34 -56.37 14.67
N PHE M 445 -1.04 -55.35 13.87
CA PHE M 445 -0.86 -55.50 12.44
C PHE M 445 0.50 -56.06 12.10
N GLN M 446 1.52 -55.65 12.87
CA GLN M 446 2.86 -56.22 12.77
C GLN M 446 2.80 -57.73 12.94
N GLN M 447 2.01 -58.19 13.91
CA GLN M 447 1.85 -59.63 14.20
C GLN M 447 1.04 -60.38 13.15
N ILE M 448 -0.01 -59.77 12.59
CA ILE M 448 -0.75 -60.42 11.52
C ILE M 448 0.15 -60.66 10.31
N LEU M 449 0.93 -59.63 9.96
CA LEU M 449 1.90 -59.68 8.87
C LEU M 449 2.99 -60.74 9.07
N ALA M 450 3.43 -60.94 10.31
CA ALA M 450 4.46 -61.92 10.61
C ALA M 450 3.97 -63.36 10.55
N GLY M 451 2.67 -63.54 10.29
CA GLY M 451 2.06 -64.86 10.18
C GLY M 451 1.69 -65.46 11.53
N GLU M 452 1.76 -64.64 12.58
CA GLU M 452 1.57 -65.10 13.94
C GLU M 452 0.16 -65.59 14.24
N TYR M 453 -0.80 -65.25 13.39
CA TYR M 453 -2.19 -65.68 13.58
C TYR M 453 -2.79 -66.34 12.35
N ASP M 454 -1.96 -67.00 11.56
CA ASP M 454 -2.43 -67.75 10.38
C ASP M 454 -3.38 -68.87 10.77
N HIS M 455 -3.30 -69.30 12.03
CA HIS M 455 -4.13 -70.36 12.57
C HIS M 455 -5.51 -69.89 13.02
N LEU M 456 -5.65 -68.59 13.27
CA LEU M 456 -6.92 -68.00 13.74
C LEU M 456 -7.92 -67.70 12.61
N PRO M 457 -9.23 -67.84 12.89
CA PRO M 457 -10.28 -67.60 11.88
C PRO M 457 -10.54 -66.12 11.57
N GLU M 458 -10.99 -65.85 10.35
CA GLU M 458 -11.24 -64.47 9.86
C GLU M 458 -12.07 -63.59 10.77
N GLN M 459 -13.27 -64.07 11.13
CA GLN M 459 -14.21 -63.25 11.89
C GLN M 459 -13.76 -62.89 13.30
N ALA M 460 -12.68 -63.51 13.76
CA ALA M 460 -12.10 -63.17 15.06
C ALA M 460 -11.42 -61.81 15.05
N PHE M 461 -11.15 -61.28 13.85
CA PHE M 461 -10.46 -60.01 13.69
C PHE M 461 -11.42 -58.86 13.42
N TYR M 462 -12.68 -59.21 13.16
CA TYR M 462 -13.70 -58.24 12.84
C TYR M 462 -14.22 -57.57 14.11
N MET M 463 -14.52 -56.27 14.00
CA MET M 463 -15.11 -55.47 15.09
C MET M 463 -14.47 -55.67 16.48
N VAL M 464 -13.16 -55.53 16.57
CA VAL M 464 -12.46 -55.60 17.84
C VAL M 464 -11.57 -54.37 18.05
N GLY M 465 -11.05 -54.22 19.26
CA GLY M 465 -10.08 -53.19 19.57
C GLY M 465 -8.68 -53.71 19.31
N PRO M 466 -7.89 -53.91 20.38
CA PRO M 466 -6.53 -54.43 20.27
C PRO M 466 -6.48 -55.89 19.83
N ILE M 467 -5.29 -56.38 19.45
CA ILE M 467 -5.14 -57.74 18.97
C ILE M 467 -5.54 -58.82 20.01
N GLU M 468 -5.34 -58.51 21.29
CA GLU M 468 -5.77 -59.39 22.39
C GLU M 468 -7.23 -59.79 22.27
N GLU M 469 -8.07 -58.84 21.87
CA GLU M 469 -9.51 -59.07 21.73
C GLU M 469 -9.80 -59.99 20.57
N ALA M 470 -8.93 -60.01 19.57
CA ALA M 470 -9.07 -60.89 18.42
C ALA M 470 -8.78 -62.34 18.81
N VAL M 471 -7.71 -62.51 19.59
CA VAL M 471 -7.32 -63.80 20.15
C VAL M 471 -8.44 -64.34 21.04
N ALA M 472 -8.84 -63.55 22.04
CA ALA M 472 -9.95 -63.89 22.93
C ALA M 472 -11.25 -64.22 22.18
N LYS M 473 -11.48 -63.56 21.04
CA LYS M 473 -12.67 -63.83 20.23
C LYS M 473 -12.55 -65.18 19.52
N ALA M 474 -11.33 -65.53 19.11
CA ALA M 474 -11.06 -66.82 18.47
C ALA M 474 -11.31 -67.99 19.43
N ASP M 475 -10.86 -67.84 20.68
CA ASP M 475 -11.07 -68.84 21.74
C ASP M 475 -12.55 -69.04 22.01
N LYS M 476 -13.30 -67.93 22.06
CA LYS M 476 -14.74 -67.95 22.32
C LYS M 476 -15.52 -68.65 21.20
N LEU M 477 -14.94 -68.67 19.99
CA LEU M 477 -15.53 -69.41 18.88
C LEU M 477 -15.33 -70.92 19.00
N ALA M 478 -14.84 -71.35 20.16
CA ALA M 478 -14.59 -72.77 20.53
C ALA M 478 -14.17 -73.67 19.38
N ALA N 1 -13.63 -48.09 -17.09
CA ALA N 1 -13.66 -46.60 -17.09
C ALA N 1 -14.23 -46.04 -18.40
N THR N 2 -13.50 -46.20 -19.50
CA THR N 2 -13.97 -45.76 -20.81
C THR N 2 -14.83 -46.85 -21.45
N LEU N 3 -15.68 -46.44 -22.38
CA LEU N 3 -16.52 -47.38 -23.12
C LEU N 3 -15.67 -48.44 -23.82
N LYS N 4 -14.47 -48.06 -24.24
CA LYS N 4 -13.55 -48.97 -24.91
C LYS N 4 -13.08 -50.07 -23.94
N ASP N 5 -12.77 -49.67 -22.70
CA ASP N 5 -12.34 -50.58 -21.64
C ASP N 5 -13.41 -51.60 -21.27
N ILE N 6 -14.65 -51.11 -21.10
CA ILE N 6 -15.80 -51.95 -20.76
C ILE N 6 -16.14 -52.91 -21.90
N THR N 7 -16.16 -52.40 -23.13
CA THR N 7 -16.46 -53.23 -24.30
C THR N 7 -15.50 -54.41 -24.39
N ARG N 8 -14.23 -54.16 -24.02
CA ARG N 8 -13.19 -55.17 -24.12
C ARG N 8 -13.33 -56.21 -23.01
N ARG N 9 -13.51 -55.74 -21.77
CA ARG N 9 -13.74 -56.64 -20.63
C ARG N 9 -15.01 -57.47 -20.79
N LEU N 10 -16.07 -56.85 -21.31
CA LEU N 10 -17.32 -57.56 -21.61
C LEU N 10 -17.14 -58.63 -22.67
N LYS N 11 -16.32 -58.34 -23.68
CA LYS N 11 -16.07 -59.25 -24.79
C LYS N 11 -15.38 -60.52 -24.30
N SER N 12 -14.46 -60.36 -23.34
CA SER N 12 -13.67 -61.46 -22.81
C SER N 12 -14.44 -62.33 -21.81
N ILE N 13 -15.21 -61.69 -20.93
CA ILE N 13 -15.98 -62.42 -19.91
C ILE N 13 -17.23 -63.11 -20.50
N LYS N 14 -17.72 -62.62 -21.64
CA LYS N 14 -18.81 -63.30 -22.35
C LYS N 14 -18.33 -64.63 -22.93
N ASN N 15 -17.09 -64.65 -23.38
CA ASN N 15 -16.43 -65.87 -23.85
C ASN N 15 -16.20 -66.87 -22.72
N ILE N 16 -15.47 -66.43 -21.70
CA ILE N 16 -15.21 -67.22 -20.50
C ILE N 16 -16.49 -67.90 -20.01
N GLN N 17 -17.60 -67.17 -20.04
CA GLN N 17 -18.89 -67.72 -19.61
C GLN N 17 -19.30 -68.92 -20.47
N LYS N 18 -19.14 -68.79 -21.78
CA LYS N 18 -19.51 -69.84 -22.74
C LYS N 18 -18.58 -71.06 -22.65
N ILE N 19 -17.30 -70.78 -22.35
CA ILE N 19 -16.29 -71.82 -22.19
C ILE N 19 -16.56 -72.64 -20.95
N THR N 20 -16.67 -71.96 -19.81
CA THR N 20 -16.88 -72.61 -18.52
C THR N 20 -18.17 -73.44 -18.49
N LYS N 21 -19.20 -73.01 -19.22
CA LYS N 21 -20.45 -73.75 -19.35
C LYS N 21 -20.25 -74.95 -20.26
N SER N 22 -19.43 -74.77 -21.30
CA SER N 22 -19.07 -75.85 -22.22
C SER N 22 -18.26 -76.94 -21.50
N MET N 23 -17.31 -76.50 -20.67
CA MET N 23 -16.49 -77.39 -19.87
C MET N 23 -17.33 -78.12 -18.83
N LYS N 24 -18.28 -77.42 -18.23
CA LYS N 24 -19.23 -78.03 -17.30
C LYS N 24 -19.91 -79.23 -17.94
N MET N 25 -20.31 -79.08 -19.21
CA MET N 25 -21.00 -80.12 -19.98
C MET N 25 -20.09 -81.31 -20.29
N VAL N 26 -18.84 -81.01 -20.65
CA VAL N 26 -17.82 -82.03 -20.89
C VAL N 26 -17.60 -82.85 -19.62
N ALA N 27 -17.38 -82.15 -18.51
CA ALA N 27 -17.15 -82.78 -17.21
C ALA N 27 -18.41 -83.45 -16.65
N ALA N 28 -19.58 -83.08 -17.18
CA ALA N 28 -20.84 -83.68 -16.72
C ALA N 28 -21.04 -85.08 -17.30
N ALA N 29 -20.71 -85.23 -18.59
CA ALA N 29 -20.83 -86.51 -19.30
C ALA N 29 -19.76 -87.52 -18.86
N LYS N 30 -18.59 -86.99 -18.50
CA LYS N 30 -17.49 -87.81 -17.98
C LYS N 30 -17.75 -88.30 -16.55
N TYR N 31 -18.49 -87.50 -15.78
CA TYR N 31 -18.83 -87.86 -14.40
C TYR N 31 -19.84 -89.00 -14.34
N ALA N 32 -20.91 -88.89 -15.12
CA ALA N 32 -22.00 -89.88 -15.13
C ALA N 32 -21.54 -91.29 -15.52
N ARG N 33 -20.55 -91.35 -16.42
CA ARG N 33 -19.91 -92.61 -16.78
C ARG N 33 -19.09 -93.14 -15.62
N ALA N 34 -18.32 -92.26 -14.99
CA ALA N 34 -17.49 -92.62 -13.84
C ALA N 34 -18.27 -92.89 -12.55
N GLU N 35 -19.54 -92.51 -12.53
CA GLU N 35 -20.40 -92.71 -11.36
C GLU N 35 -21.05 -94.10 -11.37
N ARG N 36 -21.53 -94.51 -12.55
CA ARG N 36 -22.07 -95.85 -12.75
C ARG N 36 -20.98 -96.91 -12.79
N GLU N 37 -19.77 -96.49 -13.17
CA GLU N 37 -18.61 -97.37 -13.25
C GLU N 37 -17.93 -97.55 -11.88
N LEU N 38 -18.32 -96.73 -10.91
CA LEU N 38 -17.78 -96.79 -9.55
C LEU N 38 -18.38 -97.94 -8.74
N LYS N 39 -19.70 -98.09 -8.83
CA LYS N 39 -20.46 -99.06 -8.03
C LYS N 39 -19.94 -100.53 -8.06
N PRO N 40 -19.68 -101.09 -9.26
CA PRO N 40 -19.08 -102.43 -9.31
C PRO N 40 -17.63 -102.49 -8.82
N ALA N 41 -16.91 -101.36 -8.92
CA ALA N 41 -15.52 -101.29 -8.52
C ALA N 41 -15.34 -100.87 -7.05
N ARG N 42 -16.45 -100.80 -6.31
CA ARG N 42 -16.44 -100.38 -4.91
C ARG N 42 -16.40 -101.57 -3.93
N VAL N 43 -17.40 -102.44 -4.01
CA VAL N 43 -17.45 -103.64 -3.16
C VAL N 43 -16.31 -104.60 -3.55
N TYR N 44 -15.87 -104.48 -4.81
CA TYR N 44 -14.69 -105.14 -5.34
C TYR N 44 -13.41 -104.67 -4.63
N GLY N 45 -13.45 -103.43 -4.13
CA GLY N 45 -12.29 -102.77 -3.55
C GLY N 45 -11.83 -103.24 -2.17
N VAL N 46 -12.73 -103.89 -1.43
CA VAL N 46 -12.40 -104.43 -0.09
C VAL N 46 -11.31 -105.50 -0.20
N GLY N 47 -11.38 -106.30 -1.26
CA GLY N 47 -10.36 -107.31 -1.54
C GLY N 47 -9.19 -106.72 -2.31
N SER N 72 -4.31 -88.19 -8.56
CA SER N 72 -5.29 -87.28 -9.15
C SER N 72 -5.34 -87.37 -10.68
N SER N 73 -4.66 -86.44 -11.36
CA SER N 73 -4.60 -86.40 -12.83
C SER N 73 -3.69 -85.29 -13.35
N ASP N 74 -3.71 -85.08 -14.67
CA ASP N 74 -2.99 -83.99 -15.31
C ASP N 74 -3.81 -82.70 -15.31
N ARG N 75 -5.11 -82.86 -15.57
CA ARG N 75 -6.03 -81.75 -15.77
C ARG N 75 -6.44 -81.05 -14.47
N GLY N 76 -6.25 -79.74 -14.43
CA GLY N 76 -6.65 -78.93 -13.27
C GLY N 76 -8.07 -78.39 -13.41
N LEU N 77 -8.29 -77.19 -12.87
CA LEU N 77 -9.60 -76.51 -12.86
C LEU N 77 -10.73 -77.34 -12.25
N CYS N 78 -10.42 -78.00 -11.13
CA CYS N 78 -11.38 -78.91 -10.52
C CYS N 78 -11.39 -78.78 -9.00
N GLY N 79 -11.40 -77.54 -8.52
CA GLY N 79 -11.43 -77.28 -7.08
C GLY N 79 -10.17 -77.74 -6.38
N ALA N 80 -10.33 -78.20 -5.14
CA ALA N 80 -9.21 -78.55 -4.27
C ALA N 80 -8.74 -80.01 -4.41
N ILE N 81 -9.11 -80.68 -5.51
CA ILE N 81 -8.71 -82.06 -5.79
C ILE N 81 -7.19 -82.23 -5.63
N HIS N 82 -6.43 -81.56 -6.51
CA HIS N 82 -4.99 -81.74 -6.56
C HIS N 82 -4.29 -81.18 -5.32
N SER N 83 -4.80 -80.07 -4.80
CA SER N 83 -4.21 -79.41 -3.64
C SER N 83 -4.37 -80.24 -2.36
N SER N 84 -5.53 -80.86 -2.21
CA SER N 84 -5.89 -81.58 -0.98
C SER N 84 -5.02 -82.81 -0.72
N VAL N 85 -4.71 -83.56 -1.77
CA VAL N 85 -3.82 -84.72 -1.66
C VAL N 85 -2.37 -84.30 -1.49
N ALA N 86 -2.01 -83.14 -2.05
CA ALA N 86 -0.66 -82.57 -1.96
C ALA N 86 -0.32 -82.12 -0.54
N LYS N 87 -1.36 -81.70 0.19
CA LYS N 87 -1.21 -81.27 1.59
C LYS N 87 -1.00 -82.47 2.50
N GLN N 88 -1.65 -83.58 2.15
CA GLN N 88 -1.49 -84.85 2.87
C GLN N 88 -0.13 -85.48 2.56
N MET N 89 0.34 -85.25 1.34
CA MET N 89 1.60 -85.79 0.83
C MET N 89 2.79 -85.04 1.43
N ILE N 106 6.90 -91.31 -5.31
CA ILE N 106 6.42 -91.55 -6.67
C ILE N 106 4.91 -91.31 -6.76
N GLY N 107 4.51 -90.49 -7.71
CA GLY N 107 3.11 -90.04 -7.83
C GLY N 107 2.42 -90.31 -9.14
N VAL N 108 1.09 -90.45 -9.06
CA VAL N 108 0.22 -90.65 -10.23
C VAL N 108 -0.54 -89.35 -10.53
N GLY N 109 -0.46 -88.90 -11.78
CA GLY N 109 -1.01 -87.60 -12.16
C GLY N 109 0.10 -86.58 -12.29
N ASP N 110 0.10 -85.86 -13.40
CA ASP N 110 1.18 -84.91 -13.68
C ASP N 110 1.09 -83.64 -12.84
N LYS N 111 -0.08 -83.42 -12.23
CA LYS N 111 -0.29 -82.30 -11.33
C LYS N 111 0.40 -82.54 -9.97
N ILE N 112 0.80 -83.78 -9.72
CA ILE N 112 1.52 -84.14 -8.51
C ILE N 112 3.02 -83.81 -8.63
N ARG N 113 3.60 -84.10 -9.80
CA ARG N 113 5.02 -83.81 -10.07
C ARG N 113 5.30 -82.30 -10.17
N SER N 114 4.32 -81.57 -10.72
CA SER N 114 4.44 -80.12 -10.92
C SER N 114 4.17 -79.34 -9.63
N ILE N 115 3.45 -79.96 -8.70
CA ILE N 115 3.15 -79.34 -7.40
C ILE N 115 3.99 -79.97 -6.29
N LYS N 129 1.77 -89.23 -16.17
CA LYS N 129 1.21 -88.43 -17.24
C LYS N 129 0.06 -89.17 -17.93
N GLU N 130 -0.69 -88.44 -18.77
CA GLU N 130 -1.83 -88.96 -19.54
C GLU N 130 -2.91 -89.69 -18.72
N VAL N 131 -3.03 -89.28 -17.45
CA VAL N 131 -4.05 -89.83 -16.55
C VAL N 131 -5.14 -88.78 -16.29
N GLY N 132 -6.38 -89.25 -16.20
CA GLY N 132 -7.55 -88.38 -16.03
C GLY N 132 -8.29 -88.20 -17.34
N ARG N 133 -7.55 -88.20 -18.44
CA ARG N 133 -8.12 -88.07 -19.79
C ARG N 133 -9.13 -89.17 -20.12
N ARG N 134 -8.70 -90.42 -19.99
CA ARG N 134 -9.55 -91.57 -20.26
C ARG N 134 -9.84 -92.34 -18.97
N PRO N 135 -11.10 -92.82 -18.80
CA PRO N 135 -11.52 -93.55 -17.60
C PRO N 135 -10.59 -94.73 -17.28
N PRO N 136 -10.12 -94.82 -16.03
CA PRO N 136 -9.13 -95.82 -15.62
C PRO N 136 -9.62 -97.26 -15.76
N THR N 137 -8.77 -98.12 -16.32
CA THR N 137 -9.00 -99.56 -16.38
C THR N 137 -8.09 -100.27 -15.38
N PHE N 138 -8.22 -101.59 -15.31
CA PHE N 138 -7.32 -102.41 -14.51
C PHE N 138 -5.91 -102.38 -15.12
N GLY N 139 -5.86 -102.15 -16.44
CA GLY N 139 -4.61 -102.02 -17.19
C GLY N 139 -3.79 -100.81 -16.78
N ASP N 140 -4.46 -99.76 -16.32
CA ASP N 140 -3.81 -98.57 -15.80
C ASP N 140 -3.43 -98.76 -14.33
N ILE N 161 -2.65 -92.05 -1.43
CA ILE N 161 -3.54 -90.93 -1.10
C ILE N 161 -4.43 -90.61 -2.30
N PHE N 162 -5.75 -90.63 -2.05
CA PHE N 162 -6.74 -90.48 -3.11
C PHE N 162 -8.01 -89.81 -2.58
N ASN N 163 -8.85 -89.35 -3.51
CA ASN N 163 -10.11 -88.66 -3.19
C ASN N 163 -11.34 -89.57 -3.23
N ARG N 164 -11.91 -89.87 -2.07
CA ARG N 164 -13.10 -90.71 -1.98
C ARG N 164 -14.38 -89.92 -2.24
N PHE N 165 -15.11 -90.33 -3.29
CA PHE N 165 -16.36 -89.70 -3.70
C PHE N 165 -17.48 -89.88 -2.67
N ARG N 166 -18.08 -88.76 -2.25
CA ARG N 166 -19.27 -88.78 -1.43
C ARG N 166 -20.50 -88.42 -2.27
N SER N 167 -20.47 -87.23 -2.84
CA SER N 167 -21.53 -86.70 -3.70
C SER N 167 -20.94 -85.78 -4.77
N VAL N 168 -21.81 -85.20 -5.60
CA VAL N 168 -21.39 -84.21 -6.61
C VAL N 168 -20.71 -83.00 -5.98
N ILE N 169 -21.08 -82.71 -4.73
CA ILE N 169 -20.66 -81.49 -4.04
C ILE N 169 -19.49 -81.72 -3.06
N SER N 170 -19.27 -82.97 -2.65
CA SER N 170 -18.23 -83.27 -1.65
C SER N 170 -17.41 -84.54 -1.91
N TYR N 171 -16.22 -84.57 -1.30
CA TYR N 171 -15.31 -85.71 -1.33
C TYR N 171 -14.36 -85.64 -0.13
N LYS N 172 -13.73 -86.76 0.21
CA LYS N 172 -12.76 -86.78 1.32
C LYS N 172 -11.39 -87.32 0.89
N THR N 173 -10.33 -86.67 1.36
CA THR N 173 -8.95 -87.08 1.08
C THR N 173 -8.45 -88.08 2.12
N GLU N 206 1.27 -108.91 -4.65
CA GLU N 206 1.47 -108.42 -6.02
C GLU N 206 0.14 -108.08 -6.69
N TYR N 207 -0.88 -108.88 -6.40
CA TYR N 207 -2.22 -108.68 -6.97
C TYR N 207 -3.08 -107.83 -6.04
N SER N 208 -2.84 -107.95 -4.73
CA SER N 208 -3.53 -107.12 -3.74
C SER N 208 -3.03 -105.67 -3.78
N LEU N 209 -1.88 -105.45 -4.43
CA LEU N 209 -1.35 -104.10 -4.66
C LEU N 209 -2.07 -103.42 -5.82
N ALA N 210 -2.21 -104.15 -6.93
CA ALA N 210 -2.89 -103.63 -8.12
C ALA N 210 -4.39 -103.49 -7.91
N ASN N 211 -4.93 -104.18 -6.91
CA ASN N 211 -6.34 -104.02 -6.51
C ASN N 211 -6.61 -102.67 -5.88
N ILE N 212 -5.64 -102.17 -5.10
CA ILE N 212 -5.73 -100.86 -4.45
C ILE N 212 -5.50 -99.73 -5.46
N ILE N 213 -4.51 -99.91 -6.34
CA ILE N 213 -4.19 -98.95 -7.41
C ILE N 213 -5.42 -98.60 -8.26
N TYR N 214 -6.12 -99.63 -8.73
CA TYR N 214 -7.33 -99.47 -9.55
C TYR N 214 -8.48 -98.85 -8.78
N TYR N 215 -8.67 -99.26 -7.52
CA TYR N 215 -9.76 -98.73 -6.70
C TYR N 215 -9.64 -97.23 -6.43
N SER N 216 -8.44 -96.80 -6.02
CA SER N 216 -8.17 -95.39 -5.77
C SER N 216 -8.30 -94.55 -7.05
N LEU N 217 -7.97 -95.15 -8.19
CA LEU N 217 -8.01 -94.49 -9.49
C LEU N 217 -9.45 -94.31 -9.96
N LYS N 218 -10.26 -95.35 -9.82
CA LYS N 218 -11.69 -95.31 -10.14
C LYS N 218 -12.42 -94.34 -9.23
N GLU N 219 -11.91 -94.17 -8.01
CA GLU N 219 -12.45 -93.21 -7.06
C GLU N 219 -12.05 -91.78 -7.43
N SER N 220 -10.81 -91.60 -7.89
CA SER N 220 -10.23 -90.28 -8.12
C SER N 220 -10.89 -89.50 -9.24
N THR N 221 -11.06 -90.12 -10.41
CA THR N 221 -11.69 -89.43 -11.54
C THR N 221 -13.21 -89.27 -11.38
N THR N 222 -13.83 -90.08 -10.53
CA THR N 222 -15.22 -89.89 -10.15
C THR N 222 -15.35 -88.61 -9.32
N SER N 223 -14.37 -88.38 -8.46
CA SER N 223 -14.30 -87.18 -7.63
C SER N 223 -13.88 -85.96 -8.44
N GLU N 224 -12.99 -86.18 -9.41
CA GLU N 224 -12.43 -85.11 -10.23
C GLU N 224 -13.46 -84.53 -11.21
N GLN N 225 -14.17 -85.41 -11.92
CA GLN N 225 -15.14 -84.98 -12.92
C GLN N 225 -16.38 -84.32 -12.32
N SER N 226 -16.63 -84.58 -11.05
CA SER N 226 -17.74 -83.96 -10.34
C SER N 226 -17.33 -82.59 -9.82
N ALA N 227 -16.12 -82.49 -9.30
CA ALA N 227 -15.56 -81.23 -8.79
C ALA N 227 -15.24 -80.24 -9.91
N ARG N 228 -14.82 -80.74 -11.07
CA ARG N 228 -14.62 -79.90 -12.26
C ARG N 228 -15.96 -79.46 -12.82
N MET N 229 -16.97 -80.32 -12.72
CA MET N 229 -18.34 -79.98 -13.13
C MET N 229 -18.89 -78.88 -12.23
N THR N 230 -18.59 -78.97 -10.94
CA THR N 230 -19.02 -77.96 -9.97
C THR N 230 -18.25 -76.65 -10.14
N ALA N 231 -16.92 -76.72 -10.21
CA ALA N 231 -16.09 -75.52 -10.38
C ALA N 231 -16.48 -74.75 -11.64
N MET N 232 -16.68 -75.48 -12.73
CA MET N 232 -17.02 -74.86 -14.02
C MET N 232 -18.45 -74.34 -14.03
N ASP N 233 -19.30 -74.97 -13.24
CA ASP N 233 -20.66 -74.51 -13.02
C ASP N 233 -20.62 -73.17 -12.28
N ASN N 234 -19.74 -73.08 -11.27
CA ASN N 234 -19.60 -71.87 -10.47
C ASN N 234 -18.93 -70.74 -11.23
N ALA N 235 -17.90 -71.07 -12.00
CA ALA N 235 -17.17 -70.10 -12.81
C ALA N 235 -18.07 -69.51 -13.90
N SER N 236 -19.01 -70.31 -14.37
CA SER N 236 -19.97 -69.90 -15.39
C SER N 236 -21.04 -69.00 -14.81
N LYS N 237 -21.47 -69.29 -13.58
CA LYS N 237 -22.46 -68.46 -12.86
C LYS N 237 -21.87 -67.10 -12.46
N ASN N 238 -20.63 -67.12 -11.98
CA ASN N 238 -19.91 -65.91 -11.60
C ASN N 238 -19.65 -65.02 -12.82
N ALA N 239 -19.25 -65.64 -13.92
CA ALA N 239 -19.05 -64.94 -15.18
C ALA N 239 -20.34 -64.25 -15.61
N SER N 240 -21.45 -64.95 -15.45
CA SER N 240 -22.76 -64.46 -15.88
C SER N 240 -23.22 -63.27 -15.03
N GLU N 241 -22.89 -63.28 -13.74
CA GLU N 241 -23.11 -62.15 -12.85
C GLU N 241 -22.25 -60.94 -13.26
N MET N 242 -20.97 -61.21 -13.53
CA MET N 242 -20.01 -60.17 -13.91
C MET N 242 -20.38 -59.51 -15.23
N ILE N 243 -21.03 -60.28 -16.12
CA ILE N 243 -21.51 -59.77 -17.40
C ILE N 243 -22.68 -58.82 -17.19
N ASP N 244 -23.66 -59.24 -16.40
CA ASP N 244 -24.81 -58.40 -16.10
C ASP N 244 -24.40 -57.08 -15.42
N LYS N 245 -23.44 -57.18 -14.51
CA LYS N 245 -22.90 -56.04 -13.77
C LYS N 245 -22.14 -55.06 -14.66
N LEU N 246 -21.28 -55.58 -15.55
CA LEU N 246 -20.57 -54.76 -16.53
C LEU N 246 -21.49 -54.24 -17.64
N THR N 247 -22.57 -54.97 -17.94
CA THR N 247 -23.55 -54.44 -18.88
C THR N 247 -24.22 -53.19 -18.29
N LEU N 248 -24.60 -53.26 -17.01
CA LEU N 248 -25.20 -52.10 -16.34
C LEU N 248 -24.24 -50.90 -16.34
N THR N 249 -22.95 -51.18 -16.12
CA THR N 249 -21.93 -50.14 -16.07
C THR N 249 -21.72 -49.49 -17.43
N PHE N 250 -21.72 -50.33 -18.46
CA PHE N 250 -21.55 -49.88 -19.83
C PHE N 250 -22.68 -48.96 -20.21
N ASN N 251 -23.90 -49.34 -19.88
CA ASN N 251 -25.07 -48.52 -20.16
C ASN N 251 -25.11 -47.20 -19.37
N ARG N 252 -24.60 -47.20 -18.13
CA ARG N 252 -24.45 -45.96 -17.35
C ARG N 252 -23.44 -45.02 -17.99
N THR N 253 -22.32 -45.59 -18.43
CA THR N 253 -21.25 -44.86 -19.08
C THR N 253 -21.75 -44.35 -20.43
N ARG N 254 -22.45 -45.22 -21.16
CA ARG N 254 -22.98 -44.87 -22.47
C ARG N 254 -23.89 -43.63 -22.37
N GLN N 255 -24.80 -43.63 -21.39
CA GLN N 255 -25.69 -42.48 -21.19
C GLN N 255 -24.95 -41.20 -20.78
N ALA N 256 -23.94 -41.34 -19.91
CA ALA N 256 -23.15 -40.16 -19.46
C ALA N 256 -22.31 -39.57 -20.60
N VAL N 257 -21.72 -40.41 -21.43
CA VAL N 257 -20.97 -39.93 -22.60
C VAL N 257 -21.84 -39.10 -23.57
N ILE N 258 -23.06 -39.55 -23.81
CA ILE N 258 -24.00 -38.83 -24.67
C ILE N 258 -24.42 -37.50 -24.05
N THR N 259 -24.86 -37.55 -22.78
CA THR N 259 -25.21 -36.35 -22.02
C THR N 259 -24.03 -35.35 -21.95
N LYS N 260 -22.87 -35.80 -21.45
CA LYS N 260 -21.66 -34.95 -21.40
C LYS N 260 -21.36 -34.27 -22.75
N GLU N 261 -21.32 -35.04 -23.83
CA GLU N 261 -21.08 -34.46 -25.14
C GLU N 261 -22.12 -33.41 -25.52
N LEU N 262 -23.38 -33.69 -25.25
CA LEU N 262 -24.46 -32.77 -25.57
C LEU N 262 -24.37 -31.45 -24.76
N ILE N 263 -24.05 -31.57 -23.46
CA ILE N 263 -23.83 -30.40 -22.59
C ILE N 263 -22.68 -29.53 -23.08
N GLU N 264 -21.58 -30.15 -23.53
CA GLU N 264 -20.46 -29.37 -24.10
C GLU N 264 -20.90 -28.57 -25.31
N ILE N 265 -21.72 -29.18 -26.15
CA ILE N 265 -22.22 -28.54 -27.36
C ILE N 265 -23.15 -27.39 -26.99
N ILE N 266 -24.12 -27.66 -26.10
CA ILE N 266 -25.06 -26.64 -25.62
C ILE N 266 -24.37 -25.42 -24.99
N SER N 267 -23.34 -25.67 -24.18
CA SER N 267 -22.61 -24.57 -23.54
C SER N 267 -21.89 -23.70 -24.55
N GLY N 268 -21.30 -24.33 -25.57
CA GLY N 268 -20.58 -23.58 -26.60
C GLY N 268 -21.52 -22.69 -27.41
N ALA N 269 -22.69 -23.22 -27.75
CA ALA N 269 -23.71 -22.50 -28.52
C ALA N 269 -24.33 -21.37 -27.72
N ALA N 270 -24.56 -21.61 -26.42
CA ALA N 270 -25.24 -20.64 -25.56
C ALA N 270 -24.33 -19.44 -25.22
N ALA N 271 -23.02 -19.66 -25.24
CA ALA N 271 -22.03 -18.61 -24.96
C ALA N 271 -21.76 -17.68 -26.15
N LEU N 272 -22.28 -18.03 -27.33
CA LEU N 272 -22.23 -17.17 -28.50
C LEU N 272 -23.19 -15.99 -28.36
PG ANP O . 32.73 53.46 42.03
O1G ANP O . 34.20 53.86 42.01
O2G ANP O . 32.45 52.41 43.06
O3G ANP O . 32.13 53.18 40.67
PB ANP O . 30.42 54.92 43.41
O1B ANP O . 29.28 54.59 42.48
O2B ANP O . 30.52 54.16 44.70
N3B ANP O . 31.92 54.90 42.55
PA ANP O . 31.28 57.15 44.98
O1A ANP O . 32.70 56.67 44.78
O2A ANP O . 30.70 57.03 46.36
O3A ANP O . 30.29 56.48 43.88
O5' ANP O . 31.25 58.70 44.55
C5' ANP O . 31.63 59.10 43.23
C4' ANP O . 32.21 60.52 43.24
O4' ANP O . 31.18 61.48 43.51
C3' ANP O . 33.27 60.68 44.33
O3' ANP O . 34.29 61.56 43.86
C2' ANP O . 32.47 61.29 45.47
O2' ANP O . 33.30 62.03 46.35
C1' ANP O . 31.45 62.16 44.75
N9 ANP O . 30.20 62.35 45.53
C8 ANP O . 29.43 61.40 46.09
N7 ANP O . 28.37 61.97 46.72
C5 ANP O . 28.44 63.32 46.58
C6 ANP O . 27.66 64.52 46.99
N6 ANP O . 26.53 64.44 47.71
N1 ANP O . 28.12 65.74 46.61
C2 ANP O . 29.25 65.87 45.88
N3 ANP O . 30.00 64.82 45.48
C4 ANP O . 29.66 63.56 45.79
MG MG P . 31.89 52.52 45.13
C1 GOL Q . 28.17 30.75 52.63
O1 GOL Q . 29.33 29.98 52.40
C2 GOL Q . 26.90 29.92 52.48
O2 GOL Q . 26.97 29.24 51.26
C3 GOL Q . 25.68 30.86 52.45
O3 GOL Q . 24.86 30.82 53.60
C1 GOL R . 21.19 31.66 34.69
O1 GOL R . 22.10 30.80 35.33
C2 GOL R . 20.22 30.73 33.96
O2 GOL R . 19.72 31.33 32.79
C3 GOL R . 19.11 30.30 34.93
O3 GOL R . 18.43 31.44 35.40
PG ANP S . -5.77 32.74 21.35
O1G ANP S . -6.24 32.45 22.76
O2G ANP S . -5.60 31.51 20.50
O3G ANP S . -4.58 33.66 21.32
PB ANP S . -7.17 33.66 18.83
O1B ANP S . -6.09 34.60 18.32
O2B ANP S . -7.23 32.28 18.27
N3B ANP S . -7.07 33.58 20.57
PA ANP S . -9.98 33.73 19.05
O1A ANP S . -9.76 32.94 20.32
O2A ANP S . -10.66 33.07 17.86
O3A ANP S . -8.59 34.34 18.50
O5' ANP S . -10.78 35.06 19.41
C5' ANP S . -10.46 35.78 20.61
C4' ANP S . -11.72 36.42 21.20
O4' ANP S . -12.32 37.28 20.23
C3' ANP S . -12.76 35.36 21.57
O3' ANP S . -13.04 35.45 22.98
C2' ANP S . -13.99 35.66 20.75
O2' ANP S . -15.15 35.81 21.58
C1' ANP S . -13.73 37.00 20.08
N9 ANP S . -14.11 36.98 18.65
C8 ANP S . -13.54 36.24 17.68
N7 ANP S . -14.13 36.47 16.47
C5 ANP S . -15.09 37.39 16.66
C6 ANP S . -16.08 38.09 15.82
N6 ANP S . -16.16 37.84 14.50
N1 ANP S . -16.92 38.98 16.41
C2 ANP S . -16.85 39.23 17.74
N3 ANP S . -15.97 38.63 18.57
C4 ANP S . -15.07 37.72 18.10
MG MG T . -6.81 30.33 19.12
C1 GOL U . 6.80 13.02 12.42
O1 GOL U . 7.68 12.05 12.90
C2 GOL U . 7.47 13.78 11.28
O2 GOL U . 8.86 13.64 11.37
C3 GOL U . 7.01 13.19 9.97
O3 GOL U . 7.48 13.99 8.90
C1 GOL V . 19.28 28.07 12.92
O1 GOL V . 18.00 28.66 13.12
C2 GOL V . 20.05 28.83 11.85
O2 GOL V . 19.76 30.22 11.86
C3 GOL V . 19.73 28.25 10.48
O3 GOL V . 20.61 27.17 10.24
PG ANP W . 32.18 44.90 -3.08
O1G ANP W . 31.60 44.12 -4.24
O2G ANP W . 33.60 44.60 -2.80
O3G ANP W . 31.35 44.90 -1.82
PB ANP W . 33.41 47.62 -2.98
O1B ANP W . 32.96 48.06 -1.61
O2B ANP W . 34.78 46.99 -3.08
N3B ANP W . 32.23 46.54 -3.63
PA ANP W . 33.74 48.85 -5.55
O1A ANP W . 33.41 47.54 -6.20
O2A ANP W . 35.14 49.45 -5.65
O3A ANP W . 33.35 48.89 -3.97
O5' ANP W . 32.79 49.96 -6.18
C5' ANP W . 31.37 49.97 -6.05
C4' ANP W . 30.83 50.78 -7.23
O4' ANP W . 31.09 52.17 -7.04
C3' ANP W . 31.52 50.39 -8.54
O3' ANP W . 30.53 50.27 -9.55
C2' ANP W . 32.49 51.54 -8.82
O2' ANP W . 32.72 51.79 -10.21
C1' ANP W . 31.78 52.70 -8.17
N9 ANP W . 32.75 53.73 -7.75
C8 ANP W . 33.80 53.56 -6.94
N7 ANP W . 34.47 54.73 -6.76
C5 ANP W . 33.82 55.66 -7.49
C6 ANP W . 34.00 57.10 -7.76
N6 ANP W . 35.01 57.78 -7.20
N1 ANP W . 33.10 57.70 -8.59
C2 ANP W . 32.06 57.04 -9.15
N3 ANP W . 31.85 55.73 -8.95
C4 ANP W . 32.68 55.00 -8.14
MG MG X . 35.59 45.02 -3.51
C1 GOL Y . 51.58 33.20 9.19
O1 GOL Y . 51.88 34.00 10.33
C2 GOL Y . 50.43 32.27 9.49
O2 GOL Y . 50.59 31.78 10.79
C3 GOL Y . 50.40 31.12 8.49
O3 GOL Y . 51.60 30.38 8.59
PB ADP Z . 44.21 55.29 20.07
O1B ADP Z . 43.13 55.75 21.04
O2B ADP Z . 45.59 55.17 20.69
O3B ADP Z . 43.82 54.13 19.22
PA ADP Z . 45.59 57.46 18.75
O1A ADP Z . 46.58 56.76 17.88
O2A ADP Z . 46.05 58.12 20.01
O3A ADP Z . 44.31 56.48 18.99
O5' ADP Z . 44.84 58.58 17.90
C5' ADP Z . 44.20 58.24 16.66
C4' ADP Z . 44.30 59.39 15.66
O4' ADP Z . 43.32 60.40 15.94
C3' ADP Z . 45.62 60.15 15.72
O3' ADP Z . 46.65 59.50 14.98
C2' ADP Z . 45.23 61.50 15.15
O2' ADP Z . 45.09 61.42 13.73
C1' ADP Z . 43.87 61.72 15.78
N9 ADP Z . 44.13 62.33 17.11
C8 ADP Z . 44.21 61.66 18.26
N7 ADP Z . 44.48 62.47 19.31
C5 ADP Z . 44.58 63.71 18.83
C6 ADP Z . 44.84 65.04 19.42
N6 ADP Z . 45.06 65.17 20.74
N1 ADP Z . 44.86 66.09 18.56
C2 ADP Z . 44.64 65.95 17.22
N3 ADP Z . 44.39 64.77 16.62
C4 ADP Z . 44.35 63.63 17.36
MG MG AA . 47.11 53.53 20.78
N1 AZI BA . 43.11 51.04 20.38
N2 AZI BA . 43.16 51.34 19.26
N3 AZI BA . 43.26 51.68 18.15
C1 GOL CA . 46.82 32.58 32.78
O1 GOL CA . 47.63 31.44 32.63
C2 GOL CA . 46.30 32.94 31.39
O2 GOL CA . 47.33 33.52 30.64
C3 GOL CA . 45.12 33.90 31.53
O3 GOL CA . 43.99 33.33 30.89
P PO4 DA . 0.77 45.71 49.44
O1 PO4 DA . -0.34 46.72 49.41
O2 PO4 DA . 0.78 44.90 48.17
O3 PO4 DA . 2.11 46.41 49.59
O4 PO4 DA . 0.57 44.79 50.62
PG ANP EA . 8.25 33.27 -0.77
O1G ANP EA . 7.07 32.73 -0.01
O2G ANP EA . 8.78 32.33 -1.84
O3G ANP EA . 9.34 33.85 0.10
PB ANP EA . 8.29 35.44 -2.92
O1B ANP EA . 9.42 36.28 -2.33
O2B ANP EA . 8.71 34.46 -3.99
N3B ANP EA . 7.54 34.62 -1.60
PA ANP EA . 6.06 35.96 -4.64
O1A ANP EA . 5.56 34.58 -4.35
O2A ANP EA . 6.73 36.26 -5.95
O3A ANP EA . 7.11 36.38 -3.48
O5' ANP EA . 4.85 36.98 -4.38
C5' ANP EA . 4.14 37.00 -3.14
C4' ANP EA . 2.90 37.86 -3.30
O4' ANP EA . 3.26 39.25 -3.31
C3' ANP EA . 2.15 37.63 -4.62
O3' ANP EA . 1.14 36.63 -4.50
C2' ANP EA . 1.54 38.98 -4.91
O2' ANP EA . 0.31 39.10 -4.18
C1' ANP EA . 2.54 39.96 -4.32
N9 ANP EA . 3.46 40.41 -5.40
C8 ANP EA . 4.74 40.01 -5.53
N7 ANP EA . 5.30 40.60 -6.63
C5 ANP EA . 4.37 41.38 -7.20
C6 ANP EA . 4.31 42.29 -8.39
N6 ANP EA . 5.37 42.48 -9.19
N1 ANP EA . 3.14 42.93 -8.63
C2 ANP EA . 2.07 42.75 -7.83
N3 ANP EA . 2.06 41.95 -6.75
C4 ANP EA . 3.16 41.25 -6.39
MG MG FA . 9.07 32.31 -3.98
C1 QUE GA . 17.45 36.18 17.65
C1 QUE GA . 17.66 36.31 17.45
C2 QUE GA . 18.26 36.70 16.64
C2 QUE GA . 18.46 36.81 16.41
C3 QUE GA . 19.69 36.29 16.59
C3 QUE GA . 19.91 36.42 16.40
C4 QUE GA . 20.20 35.34 17.62
C4 QUE GA . 20.43 35.53 17.46
C5 QUE GA . 19.31 34.87 18.58
C5 QUE GA . 19.54 35.10 18.46
C6 QUE GA . 17.97 35.29 18.58
C6 QUE GA . 18.20 35.48 18.44
C9 QUE GA . 20.63 36.80 15.55
C9 QUE GA . 20.84 36.89 15.34
C10 QUE GA . 22.04 36.31 15.61
C10 QUE GA . 22.25 36.43 15.42
C11 QUE GA . 22.44 35.34 16.68
C11 QUE GA . 22.67 35.54 16.55
C14 QUE GA . 23.85 34.85 16.79
C14 QUE GA . 24.08 35.05 16.68
C15 QUE GA . 24.13 33.64 17.45
C15 QUE GA . 25.15 35.77 16.13
C16 QUE GA . 25.45 33.19 17.58
C16 QUE GA . 26.47 35.33 16.25
C17 QUE GA . 26.51 33.93 17.06
C17 QUE GA . 26.74 34.17 16.96
C18 QUE GA . 26.22 35.21 16.37
C18 QUE GA . 25.61 33.41 17.57
C19 QUE GA . 24.89 35.63 16.27
C19 QUE GA . 24.31 33.88 17.41
O12 QUE GA . 21.52 34.91 17.61
O12 QUE GA . 21.74 35.15 17.49
O13 QUE GA . 20.26 37.61 14.67
O13 QUE GA . 20.45 37.63 14.41
O23 QUE GA . 27.23 35.97 15.84
O23 QUE GA . 25.85 32.26 18.26
O24 QUE GA . 27.79 33.49 17.18
O24 QUE GA . 28.02 33.72 17.10
O27 QUE GA . 22.92 36.77 14.66
O27 QUE GA . 23.13 36.86 14.45
O29 QUE GA . 17.14 34.81 19.54
O29 QUE GA . 17.38 35.03 19.43
O30 QUE GA . 17.72 37.57 15.74
O30 QUE GA . 17.93 37.61 15.46
PG ANP HA . -13.61 -47.43 -46.59
O1G ANP HA . -12.31 -46.84 -47.10
O2G ANP HA . -14.80 -46.93 -47.36
O3G ANP HA . -13.73 -47.34 -45.08
PB ANP HA . -15.11 -50.05 -47.10
O1B ANP HA . -15.68 -50.37 -45.75
O2B ANP HA . -16.01 -49.42 -48.11
N3B ANP HA . -13.62 -49.14 -46.88
PA ANP HA . -13.77 -51.64 -49.08
O1A ANP HA . -12.98 -50.39 -49.32
O2A ANP HA . -14.71 -52.16 -50.13
O3A ANP HA . -14.64 -51.45 -47.72
O5' ANP HA . -12.81 -52.85 -48.67
C5' ANP HA . -11.63 -52.67 -47.87
C4' ANP HA . -10.53 -53.57 -48.41
O4' ANP HA . -10.89 -54.95 -48.32
C3' ANP HA . -10.23 -53.29 -49.88
O3' ANP HA . -8.81 -53.42 -50.08
C2' ANP HA . -10.97 -54.40 -50.61
O2' ANP HA . -10.38 -54.71 -51.88
C1' ANP HA . -10.91 -55.56 -49.62
N9 ANP HA . -12.03 -56.50 -49.81
C8 ANP HA . -13.35 -56.20 -49.84
N7 ANP HA . -14.09 -57.32 -50.05
C5 ANP HA . -13.24 -58.37 -50.13
C6 ANP HA . -13.34 -59.85 -50.35
N6 ANP HA . -14.54 -60.47 -50.50
N1 ANP HA . -12.19 -60.56 -50.36
C2 ANP HA . -10.98 -59.99 -50.22
N3 ANP HA . -10.81 -58.66 -50.03
C4 ANP HA . -11.89 -57.81 -49.98
MG MG IA . -15.85 -47.53 -49.16
C1 GOL JA . -33.70 -32.36 -51.43
O1 GOL JA . -33.20 -31.05 -51.36
C2 GOL JA . -34.91 -32.48 -50.53
O2 GOL JA . -34.50 -32.31 -49.20
C3 GOL JA . -35.49 -33.88 -50.68
O3 GOL JA . -36.91 -33.84 -50.70
C1 GOL KA . -31.10 -34.77 -32.65
O1 GOL KA . -30.86 -33.51 -33.24
C2 GOL KA . -31.84 -34.55 -31.34
O2 GOL KA . -31.29 -35.35 -30.33
C3 GOL KA . -33.33 -34.83 -31.52
O3 GOL KA . -33.55 -36.12 -32.03
PG ANP LA . -44.37 -48.68 -9.31
O1G ANP LA . -45.52 -48.92 -10.25
O2G ANP LA . -44.44 -47.40 -8.51
O3G ANP LA . -43.02 -48.89 -9.96
PB ANP LA . -43.94 -49.93 -6.56
O1B ANP LA . -42.43 -50.01 -6.61
O2B ANP LA . -44.59 -48.82 -5.80
N3B ANP LA . -44.59 -49.97 -8.17
PA ANP LA . -46.03 -51.56 -5.66
O1A ANP LA . -46.89 -50.97 -6.75
O2A ANP LA . -46.25 -51.14 -4.23
O3A ANP LA . -44.47 -51.33 -5.97
O5' ANP LA . -46.13 -53.15 -5.75
C5' ANP LA . -45.82 -53.85 -6.95
C4' ANP LA . -46.71 -55.08 -7.04
O4' ANP LA . -46.28 -56.04 -6.09
C3' ANP LA . -48.16 -54.76 -6.72
O3' ANP LA . -48.98 -55.02 -7.86
C2' ANP LA . -48.57 -55.65 -5.58
O2' ANP LA . -49.66 -56.50 -5.97
C1' ANP LA . -47.37 -56.55 -5.33
N9 ANP LA . -47.01 -56.57 -3.90
C8 ANP LA . -46.53 -55.54 -3.20
N7 ANP LA . -46.28 -55.90 -1.91
C5 ANP LA . -46.61 -57.19 -1.79
C6 ANP LA . -46.58 -58.18 -0.68
N6 ANP LA . -46.15 -57.83 0.55
N1 ANP LA . -47.01 -59.44 -0.97
C2 ANP LA . -47.44 -59.79 -2.20
N3 ANP LA . -47.49 -58.94 -3.25
C4 ANP LA . -47.09 -57.64 -3.10
MG MG MA . -45.51 -47.03 -6.65
C1 GOL NA . -42.37 -24.43 -4.03
O1 GOL NA . -42.64 -23.10 -4.39
C2 GOL NA . -41.07 -24.53 -3.23
O2 GOL NA . -40.13 -23.57 -3.63
C3 GOL NA . -41.34 -24.37 -1.75
O3 GOL NA . -40.12 -24.24 -1.03
PG ANP OA . -0.15 -34.58 -4.54
O1G ANP OA . -0.54 -34.25 -3.13
O2G ANP OA . 0.58 -33.49 -5.27
O3G ANP OA . -1.26 -35.15 -5.40
PB ANP OA . 2.25 -36.25 -5.52
O1B ANP OA . 1.60 -37.02 -6.65
O2B ANP OA . 3.01 -34.99 -5.88
N3B ANP OA . 1.01 -35.86 -4.35
PA ANP OA . 4.21 -36.72 -3.51
O1A ANP OA . 3.48 -35.69 -2.69
O2A ANP OA . 5.56 -36.42 -4.10
O3A ANP OA . 3.20 -37.24 -4.69
O5' ANP OA . 4.40 -37.99 -2.58
C5' ANP OA . 3.31 -38.83 -2.19
C4' ANP OA . 3.83 -39.70 -1.04
O4' ANP OA . 4.75 -40.65 -1.56
C3' ANP OA . 4.61 -38.86 -0.03
O3' ANP OA . 4.24 -39.25 1.29
C2' ANP OA . 6.07 -39.16 -0.37
O2' ANP OA . 6.96 -38.97 0.73
C1' ANP OA . 5.97 -40.60 -0.85
N9 ANP OA . 7.11 -41.00 -1.72
C8 ANP OA . 7.51 -40.37 -2.83
N7 ANP OA . 8.58 -41.00 -3.39
C5 ANP OA . 8.86 -42.07 -2.62
C6 ANP OA . 9.86 -43.16 -2.63
N6 ANP OA . 10.79 -43.23 -3.60
N1 ANP OA . 9.81 -44.08 -1.64
C2 ANP OA . 8.87 -44.01 -0.65
N3 ANP OA . 7.94 -43.05 -0.58
C4 ANP OA . 7.87 -42.07 -1.52
MG MG PA . 2.61 -32.86 -5.63
C1 GOL QA . 2.64 -15.88 -22.31
O1 GOL QA . 2.86 -16.80 -23.36
C2 GOL QA . 1.19 -15.93 -21.86
O2 GOL QA . 0.38 -15.52 -22.93
C3 GOL QA . 1.01 -15.05 -20.63
O3 GOL QA . 0.88 -13.68 -20.95
PB ADP RA . 4.79 -39.80 -31.84
O1B ADP RA . 3.90 -40.98 -32.19
O2B ADP RA . 5.38 -39.06 -33.01
O3B ADP RA . 4.15 -38.88 -30.83
PA ADP RA . 7.57 -40.54 -31.41
O1A ADP RA . 8.23 -39.29 -30.89
O2A ADP RA . 7.76 -41.00 -32.83
O3A ADP RA . 6.00 -40.47 -31.01
O5' ADP RA . 8.03 -41.73 -30.45
C5' ADP RA . 7.84 -41.66 -29.05
C4' ADP RA . 8.98 -42.38 -28.34
O4' ADP RA . 8.74 -43.78 -28.35
C3' ADP RA . 10.31 -42.23 -29.05
O3' ADP RA . 10.96 -41.00 -28.72
C2' ADP RA . 11.05 -43.46 -28.58
O2' ADP RA . 11.48 -43.27 -27.22
C1' ADP RA . 9.96 -44.50 -28.64
N9 ADP RA . 9.92 -45.07 -30.01
C8 ADP RA . 9.10 -44.68 -31.01
N7 ADP RA . 9.32 -45.42 -32.14
C5 ADP RA . 10.31 -46.29 -31.87
C6 ADP RA . 11.03 -47.35 -32.62
N6 ADP RA . 10.74 -47.64 -33.92
N1 ADP RA . 11.99 -48.03 -31.94
C2 ADP RA . 12.29 -47.77 -30.65
N3 ADP RA . 11.68 -46.83 -29.91
C4 ADP RA . 10.70 -46.06 -30.46
MG MG SA . 5.56 -36.81 -33.43
N1 AZI TA . 1.56 -36.85 -30.99
N2 AZI TA . 2.23 -36.84 -30.03
N3 AZI TA . 2.93 -36.85 -29.09
C1 GOL UA . -10.86 -21.62 -41.13
O1 GOL UA . -10.88 -20.20 -41.17
C2 GOL UA . -10.66 -22.07 -39.69
O2 GOL UA . -9.31 -21.86 -39.36
C3 GOL UA . -11.00 -23.54 -39.56
O3 GOL UA . -12.26 -23.71 -38.92
C1 GOL VA . -3.84 -41.85 -56.31
O1 GOL VA . -3.60 -41.23 -57.55
C2 GOL VA . -4.00 -43.37 -56.47
O2 GOL VA . -4.83 -43.66 -57.58
C3 GOL VA . -2.62 -44.02 -56.62
O3 GOL VA . -2.18 -44.55 -55.39
P PO4 WA . -44.17 -59.76 -38.56
O1 PO4 WA . -44.21 -60.84 -37.50
O2 PO4 WA . -44.09 -58.41 -37.90
O3 PO4 WA . -42.98 -59.96 -39.46
O4 PO4 WA . -45.42 -59.85 -39.41
PG ANP XA . -24.92 -38.47 4.65
O1G ANP XA . -26.36 -38.90 4.47
O2G ANP XA . -24.63 -37.34 5.60
O3G ANP XA . -24.17 -38.36 3.35
PB ANP XA . -22.73 -39.90 6.28
O1B ANP XA . -21.63 -40.14 5.26
O2B ANP XA . -22.53 -38.78 7.28
N3B ANP XA . -24.26 -39.86 5.47
PA ANP XA . -23.25 -41.32 8.70
O1A ANP XA . -24.48 -40.50 9.00
O2A ANP XA . -21.96 -41.07 9.42
O3A ANP XA . -22.92 -41.26 7.13
O5' ANP XA . -23.67 -42.86 8.87
C5' ANP XA . -24.79 -43.41 8.17
C4' ANP XA . -25.14 -44.80 8.71
O4' ANP XA . -24.16 -45.76 8.29
C3' ANP XA . -25.16 -44.91 10.24
O3' ANP XA . -26.41 -44.59 10.82
C2' ANP XA . -24.79 -46.36 10.47
O2' ANP XA . -25.92 -47.19 10.31
C1' ANP XA . -23.80 -46.64 9.36
N9 ANP XA . -22.46 -46.30 9.89
C8 ANP XA . -21.73 -45.23 9.55
N7 ANP XA . -20.55 -45.20 10.21
C5 ANP XA . -20.50 -46.29 11.01
C6 ANP XA . -19.54 -46.87 11.96
N6 ANP XA . -18.35 -46.26 12.21
N1 ANP XA . -19.87 -48.02 12.59
C2 ANP XA . -21.04 -48.63 12.33
N3 ANP XA . -21.97 -48.16 11.48
C4 ANP XA . -21.77 -47.01 10.79
MG MG YA . -23.51 -36.84 7.39
C1 QUE ZA . -24.15 -38.53 -15.97
C1 QUE ZA . -24.14 -38.58 -15.89
C2 QUE ZA . -22.86 -38.34 -15.47
C2 QUE ZA . -22.92 -38.35 -15.28
C3 QUE ZA . -22.05 -37.19 -15.98
C3 QUE ZA . -22.07 -37.24 -15.79
C4 QUE ZA . -22.67 -36.29 -17.00
C4 QUE ZA . -22.57 -36.42 -16.91
C5 QUE ZA . -23.96 -36.56 -17.43
C5 QUE ZA . -23.82 -36.72 -17.45
C6 QUE ZA . -24.68 -37.66 -16.93
C6 QUE ZA . -24.59 -37.78 -16.95
C9 QUE ZA . -20.68 -36.92 -15.50
C9 QUE ZA . -20.74 -36.93 -15.21
C10 QUE ZA . -19.97 -35.75 -16.06
C10 QUE ZA . -19.98 -35.80 -15.79
C11 QUE ZA . -20.66 -34.89 -17.08
C11 QUE ZA . -20.58 -35.02 -16.93
C14 QUE ZA . -19.99 -33.70 -17.70
C14 QUE ZA . -19.85 -33.87 -17.55
C15 QUE ZA . -20.73 -32.67 -18.28
C15 QUE ZA . -18.45 -33.87 -17.64
C16 QUE ZA . -20.10 -31.56 -18.88
C16 QUE ZA . -17.75 -32.81 -18.22
C17 QUE ZA . -18.71 -31.47 -18.90
C17 QUE ZA . -18.44 -31.73 -18.73
C18 QUE ZA . -17.91 -32.57 -18.28
C18 QUE ZA . -19.92 -31.71 -18.65
C19 QUE ZA . -18.58 -33.65 -17.71
C19 QUE ZA . -20.58 -32.78 -18.06
O12 QUE ZA . -21.96 -35.20 -17.49
O12 QUE ZA . -21.82 -35.37 -17.42
O13 QUE ZA . -20.11 -37.64 -14.65
O13 QUE ZA . -20.26 -37.59 -14.26
O23 QUE ZA . -16.55 -32.52 -18.28
O23 QUE ZA . -20.62 -30.65 -19.15
O24 QUE ZA . -18.07 -30.41 -19.47
O24 QUE ZA . -17.76 -30.69 -19.31
O27 QUE ZA . -18.70 -35.49 -15.63
O27 QUE ZA . -18.75 -35.48 -15.27
O29 QUE ZA . -25.94 -37.92 -17.39
O29 QUE ZA . -25.81 -38.05 -17.50
O30 QUE ZA . -22.36 -39.21 -14.55
O30 QUE ZA . -22.50 -39.15 -14.25
#